data_6HV9
#
_entry.id   6HV9
#
loop_
_entity.id
_entity.type
_entity.pdbx_description
1 polymer 'DNA replication licensing factor MCM3'
2 polymer 'DNA replication licensing factor MCM4'
3 polymer 'DNA replication licensing factor MCM5'
4 polymer 'DNA replication licensing factor MCM6'
5 polymer 'DNA replication licensing factor MCM2'
6 polymer 'DNA replication licensing factor MCM7'
7 polymer 'DNA replication complex GINS protein PSF1'
8 polymer 'DNA replication complex GINS protein PSF2'
9 polymer 'DNA replication complex GINS protein PSF3'
10 polymer 'DNA replication complex GINS protein SLD5'
11 polymer 'Cell division control protein 45'
12 polymer "DNA (5'-D(*GP*CP*AP*GP*CP*CP*AP*CP*GP*CP*TP*GP*GP*CP*CP*GP*TP*TP*TP*TP*A)-3')"
13 polymer "DNA (5'-D(P*TP*AP*AP*AP*AP*CP*GP*GP*CP*CP*AP*GP*CP*GP*TP*GP*GP*CP*TP*GP*C)-3')"
14 polymer "DNA (5'-D(P*TP*TP*TP*TP*TP*TP*T)-3')"
15 polymer 'DNA polymerase epsilon subunit B'
16 polymer 'DNA polymerase epsilon catalytic subunit'
17 non-polymer 'PHOSPHOTHIOPHOSPHORIC ACID-ADENYLATE ESTER'
18 non-polymer 'ZINC ION'
#
loop_
_entity_poly.entity_id
_entity_poly.type
_entity_poly.pdbx_seq_one_letter_code
_entity_poly.pdbx_strand_id
1 'polypeptide(L)'
;MEGSTGFDGDATTFFAPDAVFGDRVRRFQEFLDTFTSYRDSVRSIQVYNSNNAANYNDDQDDADERDLLGDDDGDDLEKE
KKAASSTSLNILPHRIIISLDDLREFDRSFWSGILVEPAYFIPPAEKALTDLADSMDDVPHPNASAVSSRHPWKLSFKGS
FGAHALSPRTLTAQHLNKLVSVEGIVTKTSLVRPKLIRSVHYAAKTGRFHYRDYTDATTTLTTRIPTPAIYPTEDTEGNK
LTTEYGYSTFIDHQRITVQEMPEMAPAGQLPRSIDVILDDDLVDKTKPGDRVNVVGVFKSLGAGGMNQSNSNTLIGFKTL
ILGNTVYPLHARSTGVAARQMLTDFDIRNINKLSKKKDIFDILSQSLAPSIYGHDHIKKAILLMLMGGVEKNLENGSHLR
GDINILMVGDPSTAKSQLLRFVLNTASLAIATTGRGSSGVGLTAAVTTDRETGERRLEAGAMVLADRGVVCIDEFDKMTD
VDRVAIHEVMEQQTVTIAKAGIHTTLNARCSVIAAANPVFGQYDVNRDPHQNIALPDSLLSRFDLLFVVTDDINEIRDRS
ISEHVLRTHRYLPPGYLEGEPVRERLNLSLAVGEDADINPEEHSNSGAGVENEGEDDEDHVFEKFNPLLQAGAKLAKNKG
NYNGTEIPKLVTIPFLRKYVQYAKERVIPQLTQEAINVIVKNYTDLRNDDNTKKSPITARTLETLIRLATAHAKVRLSKT
VNKVDAKVAANLLRFALLGEDIGNDIDEEESEYEEALSKRSPQKSPKKRQRVRQPASNSGSPIKSTPRRSTASSVNATPS
SARRILRFQDDEQNAGEDDNDIMSPLPADEEAELQRRLQLGLRVSPRRREHLHAPEEGSSGPLTEVGTPRLPNVSSAGQD
DEQQQSVISFDNVEPGTISTGRLSLISGIIARLMQTEIFEEESYPVASLFERINEELPEEEKFSAQEYLAGLKIMSDRNN
LMVADDKVWRV
;
3
2 'polypeptide(L)'
;MSQQSSSPTKEDNNSSSPVVPNPDSVPPQLSSPALFYSSSSSQGDIYGRNNSQNLSQGEGNIRAAIGSSPLNFPSSSQRQ
NSDVFQSQGRQGRIRSSASASGRSRYHSDLRSDRALPTSSSSLGRNGQNRVHMRRNDIHTSDLSSPRRIVDFDTRSGVNT
LDTSSSSAPPSEASEPLRIIWGTNVSIQECTTNFRNFLMSFKYKFRKILDEREEFINNTTDEELYYIKQLNEMRELGTSN
LNLDARNLLAYKQTEDLYHQLLNYPQEVISIMDQTIKDCMVSLIVDNNLDYDLDEIETKFYKVRPYNVGSCKGMRELNPN
DIDKLINLKGLVLRSTPVIPDMKVAFFKCNVCDHTMAVEIDRGVIQEPARCERIDCNEPNSMSLIHNRCSFADKQVIKLQ
ETPDFVPDGQTPHSISLCVYDELVDSCRAGDRIEVTGTFRSIPIRANSRQRVLKSLYKTYVDVVHVKKVSDKRLDVDTST
IEQELMQNKVDHNEVEEVRQITDQDLAKIREVAAREDLYSLLARSIAPSIYELEDVKKGILLQLFGGTNKTFTKGGRYRG
DINILLCGDPSTSKSQILQYVHKITPRGVYTSGKGSSAVGLTAYITRDVDTKQLVLESGALVLSDGGVCCIDEFDKMSDS
TRSVLHEVMEQQTISIAKAGIITTLNARSSILASANPIGSRYNPNLPVTENIDLPPPLLSRFDLVYLVLDKVDEKNDREL
AKHLTNLYLEDKPEHISQDDVLPVEFLTMYISYAKEHIHPIITEAAKTELVRAYVGMRKMGDDSRSDEKRITATTRQLES
MIRLAEAHAKMKLKNVVELEDVQEAVRLIRSAIKDYATDPKTGKIDMNLVQTGKSVIQRKLQEDLSREIMNVLKDQASDS
MSFNELIKQINEHSQDRVESSDIQEALSRLQQEDKVIVLGEGVRRSVRLNNRV
;
4
3 'polypeptide(L)'
;MSFDRPEIYSAPVLQGESPNDDDNTEIIKSFKNFILEFRLDSQFIYRDQLRNNILVKNYSLTVNMEHLIGYNEDIYKKLS
DEPSDIIPLFETAITQVAKRISILSRAQSANNNDKDPENTSMDTDSLLLNSLPTFQLILNSNANQIPLRDLDSEHVSKIV
RLSGIIISTSVLSSRATYLSIMCRNCRHTTSITINNFNSITGNTVSLPRSCLSTIESESSMANESNIGDESTKKNCGPDP
YIIIHESSKFIDQQFLKLQEIPELVPVGEMPRNLTMTCDRYLTNKVIPGTRVTIVGIYSIYNSKNGAGSGRSGGGNGGSG
VAIRTPYIKILGIQSDVETSSIWNSVTMFTEEEEEEFLQLSRNPKLYEILTNSIAPSIFGNEDIKKAIVCLLMGGSKKIL
PDGMRLRGDINVLLLGDPGTAKSQLLKFVEKVSPIAVYTSGKGSSAAGLTASVQRDPMTREFYLEGGAMVLADGGVVCID
EFDKMRDEDRVAIHEAMEQQTISIAKAGITTVLNSRTSVLAAANPIYGRYDDLKSPGDNIDFQTTILSRFDMIFIVKDDH
NEERDISIANHVINIHTGNANAMQNQQEENGSEISIEKMKRYITYCRLKCAPRLSPQAAEKLSSNFVTIRKQLLINELES
TERSSIPITIRQLEAIIRITESLAKLELSPIAQERHVDEAIRLFQASTMDAASQDPIGGLNQASGTSLSEIRRFEQELKR
RLPIGWSTSYQTLRREFVDTHRFSQLALDKALYALEKHETIQLRHQGQNIYRSGV
;
5
4 'polypeptide(L)'
;MSSPFPADTPSSNRPSNSSPPPSSIGAGFGSSSGLDSQIGSRLHFPSSSQPHVSNSQTGPFVNDSTQFSSQRLQTDGSAT
NDMEGNEPARSFKSRALNHVKKVDDVTGEKVREAFEQFLEDFSVQSTDTGEVEKVYRAQIEFMKIYDLNTIYIDYQHLSM
RENGALAMAISEQYYRFLPFLQKGLRRVVRKYAPELLNTSDSLKRSEGDEGQADEDEQQDDDMNGSSLPRDSGSSAAPGN
GTSAMATRSITTSTSPEQTERVFQISFFNLPTVHRIRDIRSEKIGSLLSISGTVTRTSEVRPELYKASFTCDMCRAIVDN
VEQSFKYTEPTFCPNPSCENRAFWTLNVTRSRFLDWQKVRIQENANEIPTGSMPRTLDVILRGDSVERAKPGDRCKFTGV
EIVVPDVTQLGLPGVKPSSTLDTRGISKTTEGLNSGVTGLRSLGVRDLTYKISFLACHVISIGSNIGASSPDANSNNRET
ELQMAANLQANNVYQDNERDQEVFLNSLSSDEINELKEMVKDEHIYDKLVRSIAPAVFGHEAVKKGILLQMLGGVHKSTV
EGIKLRGDINICVVGDPSTSKSQFLKYVVGFAPRSVYTSGKASSAAGLTAAVVRDEEGGDYTIEAGALMLADNGICCIDE
FDKMDISDQVAIHEAMEQQTISIAKAGIHATLNARTSILAAANPVGGRYNRKLSLRGNLNMTAPIMSRFDLFFVILDDCN
EKIDTELASHIVDLHMKRDEAIEPPFSAEQLRRYIKYARTFKPILTKEARSYLVEKYKELRKDDAQGFSRSSYRITVRQL
ESMIRLSEAIARANCVDEITPSFIAEAYDLLRQSIIRVDVDDVEMDEEFDNIESQSHAASGNNDDNDDGTGSGVITSEPP
ADIEEGQSEATARPGTSEKKKTTVTYDKYVSMMNMIVRKIAEVDREGAEELTAVDIVDWYLLQKENDLGSLAEYWEERRL
AFKVIKRLVKDRILMEIHGTRHNLRDLENEENENNKTVYVIHPNCEVLDQLEPQDSS
;
6
5 'polypeptide(L)'
;MSDNRRRRREEDDSDSENELPPSSPQQHFRGGMNPVSSPIGSPDMINPEGDDNEVDDVPDIDEVEEQMNEVDLMDDNMYE
DYAADHNRDRYDPDQVDDREQQELSLSERRRIDAQLNERDRLLRNVAYIDDEDEEQEGAAQLDEMGLPVQRRRRRRQYED
LENSDDDLLSDMDIDPLREELTLESLSNVKANSYSEWITQPNVSRTIARELKSFLLEYTDETGRSVYGARIRTLGEMNSE
SLEVNYRHLAESKAILALFLAKCPEEMLKIFDLVAMEATELHYPDYARIHSEIHVRISDFPTIYSLRELRESNLSSLVRV
TGVVTRRTGVFPQLKYVKFNCLKCGSILGPFFQDSNEEIRISFCTNCKSKGPFRVNGEKTVYRNYQRVTLQEAPGTVPPG
RLPRHREVILLADLVDVSKPGEEVEVTGIYKNNYDGNLNAKNGFPVFATIIEANSIKRREGNTANEGEEGLDVFSWTEEE
EREFRKISRDRGIIDKIISSMAPSIYGHRDIKTAVACSLFGGVPKNVNGKHSIRGDINVLLLGDPGTAKSQILKYVEKTA
HRAVFATGQGASAVGLTASVRKDPITKEWTLEGGALVLADKGVCLIDEFDKMNDQDRTSIHEAMEQQSISISKAGIVTTL
QARCSIIAAANPNGGRYNSTLPLAQNVSLTEPILSRFDILCVVRDLVDEEADERLATFVVDSHVRSHPENDEDREGEELK
NNGESAIEQGEDEINEQLNARQRRLQRQRKKEEEISPIPQELLMKYIHYARTKIYPKLHQMDMDKVSRVYADLRRESIST
GSFPITVRHLESILRIAESFAKMRLSEFVSSYDLDRAIKVVVDSFVDAQKVSVRRQLRRSFAIYTLGH
;
2
6 'polypeptide(L)'
;MSAALPSIQLPVDYNNLFNEITDFLVTFKQDTLSSDATRNENEDENLDAENIEQHLLEKGPKYMAMLQKVANRELNSVII
DLDDILQYQNEKFLQGTQADDLVSAIQQNANHFTELFCRAIDNNMPLPTKEIDYKDDVLDVILNQRRLRNERMLSDRTNE
IRSENLMDTTMDPPSSMNDALREVVEDETELFPPNLTRRYFLYFKPLSQNCARRYRKKAISSKPLSVRQIKGDFLGQLIT
VRGIITRVSDVKPAVEVIAYTCDQCGYEVFQEVNSRTFTPLSECTSEECSQNQTKGQLFMSTRASKFSAFQECKIQELSQ
QVPVGHIPRSLNIHVNGTLVRSLSPGDIVDVTGIFLPAPYTGFKALKAGLLTETYLEAQFVRQHKKKFASFSLTSDVEER
VMELITSGDVYNRLAKSIAPEIYGNLDVKKALLLLLVGGVDKRVGDGMKIRGDINVCLMGDPGVAKSQLLKAICKISPRG
VYTTGKGSSGVGLTAAVMKDPVTDEMILEGGALVLADNGICCIDEFDKMDESDRTAIHEVMEQQTISISKAGINTTLNAR
TSILAAANPLYGRYNPRLSPLDNINLPAALLSRFDILFLMLDIPSRDDDEKLAEHVTYVHMHNKQPDLDFTPVEPSKMRE
YIAYAKTKRPVMSEAVNDYVVQAYIRLRQDSKREMDSKFSFGQATPRTLLGIIRLSQALAKLRLADMVDIDDVEEALRLV
RVSKESLYQETNKSKEDESPTTKIFTIIKKMLQETGKNTLSYENIVKTVRLRGFTMLQLSNCIQEYSYLNVWHLINEGNT
LKFVDDGTMDTDQEDSLVSTPKLAPQTTASANVSAQDSDIDLQDA
;
7
7 'polypeptide(L)'
;MYGDLGNKLVLEAKRTKQLYARSNQDVNLPMYHEDIIRNILKEVSNLRKNTEYLKEQQQLGMLDDKVAKCQYFVTLLCME
RNKRCLLAYQRLRTDILDSMAWNNNGLDLMSSITFSQQDTNNLSHQEQEYLKEYCDLITDLKSGDLVDIDLSGSLVPPSD
VFIDVRVLKDAGEIQTEYGVFNLIKDSQFFVRQSDVERLIQQGYLQKI
;
C
8 'polypeptide(L)'
;MSLPAHLQQTFSPEEIQFIVENEPIKIFPRITTRQKIRGDDRGTGNHTRWQLITTDDKALNNMVAMRSTEVVLWIALLLK
QQSKCSIVAPQWLTTKELDRKIQYEKTHPDRFSELPWNWLVLARILFNKAKDDFHDPIHELRGKIQDLREIRQIKVLKGL
KYLNESHLQLDNLSLLEINELRPFITEIMDKLREIHTASLTAGTENDEEEFNI
;
D
9 'polypeptide(L)'
;MGYYDIDDVLADGTEFPCKFQYDIPGLGYLENNPGRPITKNTKLSLPLWLARILAIVGGDEALVDEEPVPFVELLPPDMF
STKVMNAIKTDPVALDLHSINSHFFSLAIKWIMLFSEKELANVVSELLLQRAQELNHHASSLSIDLNADSTGKNSANTNI
ATSTFLLKLEEMEKEIYKKSHESYKDTKRWMFKK
;
E
10 'polypeptide(L)'
;MDINIDDILAELDKETTAVDSTKITQGSSSTTHRDANTIVGSSLDLNDKTQIYVSPQQDFSDLMKSWKNERCSPELLPYP
HQLMKRLLNRISMQSQLIENISMGFLDMQNASNANPPMPNESKLPLLCMETELERLKFVIRSYIRCRLSKIDKFSLYLRQ
LNEDENSLISLTDLLSKDEIKYHDTHSLIWLKLVNDSILKYMPEELQAINDTEGSVNMIDEPDWNKFVFIHVNGPPDGKW
NEDPLLQENEFGKPCYTVTIPDLKEEVELTIGSIYVMRYEVIRDLLRDDKVALI
;
F
11 'polypeptide(L)'
;MYYGISQFSEAYNKILRNSSSHSSCQLVIFVSCLNIDALCATKMLSLLFKKQLVQSQIVPIFGYSELRRHYSQLDDNINS
LLLVGFGGVIDLEAFLEIDPQEYVIDTDEKSGEQSFRRDIYVLDAHRPWNLDNIFGSQIIQCFDDGTVDDTLGEQKEAYY
KLLELDEESGDDELSGDENDNNGGDDEATDADEVTDEDEEDEDETISNKRGNSSIGPNDLSKRKQRKKQIHEYEGVLEEY
YSQGTTVVNSISAQIYSLLSAIGETNLSNLWLNILGTTSLDIAYAQVYNRLYPLLQDEVKRLTPSSRNSVKTPDTLTLNI
QPDYYLFLLRHSSLYDSFYYSNYVNAKLSLWNENGKKRLHKMFARMGIPLSTAQETWLYMDHSIKRELGIIFDKNLDRYG
LQDIIRDGFVRTLGYRGSISASEFVEALTALLEVGNSTDKDSVKINNDNNDDTDGEEEEDNSAQKLTNLRKRWVSNFWLS
WDALDDRKVELLNRGIQLAQDLQRAIFNTGVAILEKKLIKHLRIYRLCVLQDGPDLDLYRNPLTLLRLGNWLIECCAESE
DKQLLPMVLASIDENTDTYLVAGLTPRYPRGLDTIHTKKPILNNFSMAFQQITAETDAKVRIDNFESSIIEIRREDLSPF
LEKLTLSGLL
;
G
12 'polydeoxyribonucleotide'
;(DG)(DC)(DA)(DG)(DC)(DC)(DA)(DC)(DG)(DC)(DT)(DG)(DG)(DC)(DC)(DG)(DT)(DT)(DT)(DT)
(DA)
;
X
13 'polydeoxyribonucleotide'
;(DT)(DA)(DA)(DA)(DA)(DC)(DG)(DG)(DC)(DC)(DA)(DG)(DC)(DG)(DT)(DG)(DG)(DC)(DT)(DG)
(DC)
;
Y
14 'polydeoxyribonucleotide' (DT)(DT)(DT)(DT)(DT)(DT)(DT) J
15 'polypeptide(L)'
;MFGSGNVLPVKIQPPLLRPLAYRVLSRKYGLSIKSDGLSALAEFVGTNIGANWRQGPATIKFLEQFAAVWKQQERGLFID
QSGVKEVIQEMKEREKVEWSHEHPIQHEENILGRTDDDENNSDDEMPIAADSSLQNVSLSSPMRQPTERDEYKQPFKPES
SKALDWRDYFKVINASQQQRFSYNPHKMQFIFVPNKKQNGLGGIAGFLPDIEDKVQMFLTRYYLTNDRVMRNENFQNSDM
FNPLSSMVSLQNELSNTNRQQQSSSNSITPIKNLLGRDAQNFLLLGLLNKNFKGNWSLEDPSGSVEIDISQTIPTQGHYY
VPGCMVLVEGIYYSVGNKFHVTSMTLPPGERREITLETIGNLDLLGIHGISNNNFIARLDKDLKIRLHLLEKELTDHKFV
ILGANLFLDDLKIMTALSKILQKLNDDPPTLLIWQGSFTSVPVFASMSSRNISSSTQFKNNFDALATLLSRFDNLTENTT
MIFIPGPNDLWGSMVSLGASGTLPQDPIPSAFTKKINKVCKNVVWSSNPTRIAYLSQEIVIFRDDLSGRFKRHRLEFPFN
ESEDVYTENDNMMSKDTDIVPIDELVKEPDQLPQKVQETRKLVKTILDQGHLSPFLDSLRPISWDLDHTLTLCPIPSTMV
LCDTTSAQFDLTYNGCKVINPGSFIHNRRARYMEYVPSSKKTIQEEIYI
;
B
16 'polypeptide(L)'
;SMIRKQAESYANSTWEVLQYKDSGEPGVLEVFVTINGKVQNITFHIPKTIYMKFKSQTMPLQKIKNCLIEKSSASLPNNP
KTSNPAGGQLFKITLPESVFLEEKENCTSIFNDENVLGVFEGTITPHQRAIMDLGASVTFRSKAMGALGKGIQQGFEMKD
LSMAENERYLSGFSMDIGYLLHFPTSIGYEFFSLFKSWGDTITILVLKPSNQAQEINASSLGQIYKQMFEKKKGKIETYS
YLVDIKEDINFEFVYFTDISKLYRRLSQETTKLKEERGLQFLLLLQSPFITKLLGTIRLLNQMPIVKLSLNEVLLPQLNW
QPTLLKKLVNHVLSSGSWISHLIKLSQYSNIPICNLRLDSMDYIIDVLYARKLKKENIVLWWNEKAPLPDHGGIQNDFDL
NTSWIMNDSEFPKINNSGVYDNVVLDVGVDNLTVNTILTSALINDAEGSDLVNNNMGIDDKDAVINSPSEFVHDAFSNDA
LNVLRGMLKEWWDEALKENSTADLLVNSLASWVQNPNAKLFDGLLRYHVHNLTKKALLQLVNEFSALGSTIVYADRNQIL
IKTNKYSPENCYAYSQYMMKAVRTNPMFSYLDLNIKRYWDLLIWMDKFNFSGLACIEIEEKENQDYTAVSQWQLKKFLSP
IYQPEFEDWMMIILDSMLKTKQSYLKLNSGTQRPTQIVNVKKQDKEDSVENSLNGFSHLFSKPLMKRVKKLFKNQQEFIL
DPQYEADYVIPVLPGSHLNVKNPLLELVKSLCHVMLLSKSTILEIRTLRKELLKIFELREFAKVAEFKDPSLSLVVPDFL
CEYCFFISDIDFCKAAPESIFSCVRCHKAFNQVLLQEHLIQKLRSDIESYLIQDLRCSRCHKVKRDYMSAHCPCAGAWEG
TLPRESIVQKLNVFKQVAKYYGFDILLSCIADLT
;
A
#
# COMPACT_ATOMS: atom_id res chain seq x y z
N ALA A 19 22.73 36.18 54.31
CA ALA A 19 22.25 37.55 54.38
C ALA A 19 21.33 37.79 53.22
N VAL A 20 21.60 37.04 52.16
CA VAL A 20 20.81 37.13 50.93
C VAL A 20 19.41 36.61 51.18
N PHE A 21 19.29 35.51 51.93
CA PHE A 21 18.02 34.86 52.21
C PHE A 21 17.07 35.76 52.98
N GLY A 22 17.58 36.47 53.99
CA GLY A 22 16.72 37.35 54.76
C GLY A 22 16.31 38.59 53.98
N ASP A 23 17.12 38.99 53.03
CA ASP A 23 16.76 40.15 52.24
C ASP A 23 15.66 39.79 51.28
N ARG A 24 15.75 38.60 50.67
CA ARG A 24 14.66 38.17 49.82
C ARG A 24 13.40 37.92 50.64
N VAL A 25 13.57 37.42 51.87
CA VAL A 25 12.42 37.16 52.75
C VAL A 25 11.73 38.45 53.09
N ARG A 26 12.47 39.44 53.57
CA ARG A 26 11.88 40.70 53.98
C ARG A 26 11.32 41.45 52.79
N ARG A 27 11.96 41.33 51.62
CA ARG A 27 11.42 42.02 50.46
C ARG A 27 10.11 41.41 50.02
N PHE A 28 10.03 40.08 49.98
CA PHE A 28 8.75 39.52 49.56
C PHE A 28 7.72 39.68 50.65
N GLN A 29 8.15 39.70 51.91
CA GLN A 29 7.22 39.93 53.00
C GLN A 29 6.65 41.32 52.93
N GLU A 30 7.49 42.29 52.57
CA GLU A 30 7.02 43.64 52.40
C GLU A 30 6.05 43.71 51.25
N PHE A 31 6.33 42.94 50.20
CA PHE A 31 5.40 42.94 49.09
C PHE A 31 4.12 42.22 49.46
N LEU A 32 4.24 41.18 50.26
CA LEU A 32 3.02 40.50 50.66
C LEU A 32 2.33 41.35 51.68
N ASP A 33 3.09 42.19 52.38
CA ASP A 33 2.45 43.11 53.29
C ASP A 33 1.99 44.33 52.51
N THR A 34 2.47 44.47 51.27
CA THR A 34 2.04 45.60 50.45
C THR A 34 0.62 45.36 49.99
N PHE A 35 0.29 44.13 49.63
CA PHE A 35 -1.05 43.84 49.17
C PHE A 35 -1.71 42.97 50.20
N THR A 36 -2.77 43.50 50.79
CA THR A 36 -3.53 42.89 51.85
C THR A 36 -4.65 42.03 51.31
N SER A 37 -4.73 41.90 49.99
CA SER A 37 -5.79 41.11 49.40
C SER A 37 -5.65 39.64 49.78
N TYR A 38 -4.41 39.16 49.86
CA TYR A 38 -4.17 37.77 50.25
C TYR A 38 -4.22 37.60 51.75
N ARG A 39 -4.03 38.70 52.45
CA ARG A 39 -4.05 38.70 53.89
C ARG A 39 -5.43 38.37 54.43
N ASP A 40 -6.48 38.95 53.84
CA ASP A 40 -7.82 38.65 54.30
C ASP A 40 -8.22 37.24 53.91
N SER A 41 -7.55 36.69 52.89
CA SER A 41 -7.78 35.31 52.50
C SER A 41 -7.27 34.40 53.61
N VAL A 42 -6.04 34.66 54.07
CA VAL A 42 -5.46 33.86 55.16
C VAL A 42 -6.25 34.11 56.43
N ARG A 43 -6.83 35.30 56.56
CA ARG A 43 -7.69 35.61 57.69
C ARG A 43 -8.92 34.70 57.66
N SER A 44 -9.50 34.54 56.48
CA SER A 44 -10.65 33.66 56.36
C SER A 44 -10.25 32.20 56.57
N ILE A 45 -9.01 31.85 56.21
CA ILE A 45 -8.51 30.50 56.42
C ILE A 45 -8.41 30.19 57.90
N GLN A 46 -7.84 31.12 58.64
CA GLN A 46 -7.63 30.92 60.05
C GLN A 46 -8.94 30.98 60.81
N VAL A 47 -9.83 31.90 60.42
CA VAL A 47 -11.12 32.04 61.06
C VAL A 47 -11.99 30.83 60.78
N TYR A 48 -11.94 30.31 59.55
CA TYR A 48 -12.72 29.13 59.24
C TYR A 48 -12.20 27.90 59.97
N ASN A 49 -10.88 27.70 60.01
CA ASN A 49 -10.37 26.53 60.71
C ASN A 49 -10.61 26.65 62.21
N SER A 50 -10.62 27.88 62.71
CA SER A 50 -10.94 28.12 64.11
C SER A 50 -12.40 27.80 64.38
N ASN A 51 -13.29 28.23 63.49
CA ASN A 51 -14.71 27.96 63.69
C ASN A 51 -15.03 26.50 63.45
N ASN A 52 -14.26 25.83 62.60
CA ASN A 52 -14.48 24.43 62.35
C ASN A 52 -14.08 23.63 63.58
N ALA A 53 -12.98 24.06 64.23
CA ALA A 53 -12.58 23.38 65.45
C ALA A 53 -13.47 23.81 66.59
N ALA A 54 -14.15 24.95 66.44
CA ALA A 54 -15.07 25.42 67.45
C ALA A 54 -16.36 24.62 67.42
N ASN A 55 -16.86 24.30 66.22
CA ASN A 55 -18.09 23.53 66.14
C ASN A 55 -17.82 22.07 66.47
N TYR A 56 -16.60 21.61 66.21
CA TYR A 56 -16.17 20.26 66.49
C TYR A 56 -15.90 20.03 67.98
N ASN A 57 -15.84 21.08 68.78
CA ASN A 57 -15.52 20.94 70.20
C ASN A 57 -16.61 21.49 71.10
N ASP A 58 -17.78 21.80 70.56
CA ASP A 58 -18.87 22.29 71.39
C ASP A 58 -20.10 21.40 71.34
N ASP A 59 -20.51 20.96 70.15
CA ASP A 59 -21.68 20.10 70.06
C ASP A 59 -21.33 18.66 70.42
N GLN A 60 -20.17 18.19 69.94
CA GLN A 60 -19.71 16.83 70.17
C GLN A 60 -18.98 16.73 71.51
N ASP A 61 -19.76 16.57 72.57
CA ASP A 61 -19.20 16.41 73.91
C ASP A 61 -20.20 15.70 74.79
N ILE A 91 -8.58 21.02 58.60
CA ILE A 91 -8.89 20.53 57.26
C ILE A 91 -8.16 21.32 56.20
N LEU A 92 -8.30 22.63 56.22
CA LEU A 92 -7.64 23.41 55.19
C LEU A 92 -6.14 23.51 55.44
N PRO A 93 -5.34 23.39 54.41
CA PRO A 93 -3.88 23.48 54.56
C PRO A 93 -3.39 24.92 54.49
N HIS A 94 -2.06 25.03 54.53
CA HIS A 94 -1.32 26.29 54.44
C HIS A 94 -0.38 26.30 53.25
N ARG A 95 -0.97 26.72 52.15
CA ARG A 95 -0.38 26.94 50.84
C ARG A 95 -1.32 27.99 50.30
N ILE A 96 -0.79 28.92 49.54
CA ILE A 96 -1.61 30.03 49.06
C ILE A 96 -1.44 30.22 47.57
N ILE A 97 -2.58 30.34 46.88
CA ILE A 97 -2.60 30.58 45.46
C ILE A 97 -2.15 32.01 45.30
N ILE A 98 -1.07 32.22 44.57
CA ILE A 98 -0.60 33.57 44.33
C ILE A 98 -0.75 33.81 42.86
N SER A 99 -1.49 34.85 42.51
CA SER A 99 -1.63 35.14 41.11
C SER A 99 -0.33 35.73 40.59
N LEU A 100 -0.16 35.62 39.30
CA LEU A 100 0.97 36.22 38.63
C LEU A 100 0.63 37.63 38.21
N ASP A 101 -0.33 38.22 38.91
CA ASP A 101 -0.80 39.55 38.63
C ASP A 101 0.14 40.60 39.21
N ASP A 102 0.19 40.66 40.51
CA ASP A 102 0.91 41.71 41.19
C ASP A 102 2.41 41.51 41.18
N LEU A 103 2.88 40.31 40.92
CA LEU A 103 4.31 40.10 40.86
C LEU A 103 4.88 40.78 39.64
N ARG A 104 4.05 40.91 38.60
CA ARG A 104 4.47 41.59 37.40
C ARG A 104 4.47 43.09 37.63
N GLU A 105 3.50 43.62 38.39
CA GLU A 105 3.52 45.06 38.62
C GLU A 105 4.43 45.49 39.73
N PHE A 106 5.23 44.62 40.31
CA PHE A 106 6.07 45.12 41.38
C PHE A 106 7.54 45.09 40.99
N ASP A 107 8.06 43.94 40.62
CA ASP A 107 9.47 43.85 40.26
C ASP A 107 9.67 42.83 39.16
N ARG A 108 10.00 43.30 37.95
CA ARG A 108 10.29 42.35 36.89
C ARG A 108 11.58 41.61 37.16
N SER A 109 12.47 42.15 37.99
CA SER A 109 13.66 41.42 38.36
C SER A 109 13.25 40.21 39.16
N PHE A 110 12.36 40.43 40.12
CA PHE A 110 11.85 39.36 40.97
C PHE A 110 10.91 38.43 40.18
N TRP A 111 10.17 38.99 39.22
CA TRP A 111 9.34 38.22 38.32
C TRP A 111 10.18 37.20 37.55
N SER A 112 11.22 37.72 36.90
CA SER A 112 12.13 36.92 36.12
C SER A 112 12.82 35.91 37.00
N GLY A 113 13.10 36.29 38.25
CA GLY A 113 13.76 35.36 39.14
C GLY A 113 12.88 34.17 39.49
N ILE A 114 11.57 34.39 39.61
CA ILE A 114 10.70 33.25 39.91
C ILE A 114 10.63 32.32 38.71
N LEU A 115 10.32 32.85 37.53
CA LEU A 115 10.23 31.93 36.39
C LEU A 115 11.56 31.51 35.79
N VAL A 116 12.70 31.97 36.29
CA VAL A 116 14.01 31.55 35.76
C VAL A 116 14.74 30.70 36.79
N GLU A 117 14.95 31.22 38.00
CA GLU A 117 15.59 30.45 39.05
C GLU A 117 14.61 30.35 40.23
N PRO A 118 13.67 29.40 40.21
CA PRO A 118 12.71 29.29 41.32
C PRO A 118 13.29 28.68 42.57
N ALA A 119 14.46 28.10 42.49
CA ALA A 119 15.10 27.48 43.62
C ALA A 119 15.75 28.46 44.56
N TYR A 120 15.47 29.72 44.40
CA TYR A 120 16.01 30.74 45.26
C TYR A 120 14.94 31.60 45.81
N PHE A 121 13.77 31.65 45.17
CA PHE A 121 12.73 32.53 45.64
C PHE A 121 11.48 31.88 46.21
N ILE A 122 11.15 30.65 45.84
CA ILE A 122 9.94 30.07 46.43
C ILE A 122 10.15 29.73 47.92
N PRO A 123 11.25 29.08 48.35
CA PRO A 123 11.41 28.83 49.80
C PRO A 123 11.48 30.09 50.65
N PRO A 124 12.21 31.17 50.28
CA PRO A 124 12.18 32.33 51.16
C PRO A 124 10.83 33.01 51.15
N ALA A 125 10.09 32.93 50.05
CA ALA A 125 8.77 33.54 50.01
C ALA A 125 7.83 32.80 50.91
N GLU A 126 7.96 31.48 50.95
CA GLU A 126 7.12 30.72 51.85
C GLU A 126 7.56 30.98 53.27
N LYS A 127 8.87 31.16 53.48
CA LYS A 127 9.39 31.52 54.79
C LYS A 127 8.79 32.83 55.25
N ALA A 128 8.68 33.79 54.35
CA ALA A 128 8.07 35.06 54.68
C ALA A 128 6.60 34.87 54.97
N LEU A 129 5.98 33.90 54.31
CA LEU A 129 4.56 33.66 54.55
C LEU A 129 4.33 33.00 55.90
N THR A 130 5.20 32.05 56.25
CA THR A 130 5.06 31.40 57.54
C THR A 130 5.38 32.36 58.66
N ASP A 131 6.29 33.29 58.40
CA ASP A 131 6.60 34.32 59.37
C ASP A 131 5.38 35.20 59.54
N LEU A 132 4.70 35.49 58.43
CA LEU A 132 3.50 36.30 58.50
C LEU A 132 2.40 35.55 59.24
N ALA A 133 2.33 34.23 59.06
CA ALA A 133 1.34 33.43 59.75
C ALA A 133 1.59 33.44 61.25
N ASP A 134 2.86 33.46 61.64
CA ASP A 134 3.21 33.48 63.06
C ASP A 134 3.07 34.89 63.62
N SER A 135 3.28 35.89 62.79
CA SER A 135 3.12 37.26 63.25
C SER A 135 1.64 37.53 63.45
N MET A 136 0.81 36.90 62.62
CA MET A 136 -0.62 37.08 62.71
C MET A 136 -1.20 36.41 63.95
N ASP A 137 -0.56 35.33 64.39
CA ASP A 137 -0.99 34.65 65.58
C ASP A 137 0.25 34.18 66.34
N SER A 167 4.27 21.87 26.59
CA SER A 167 4.16 20.53 25.99
C SER A 167 5.28 19.61 26.36
N PRO A 168 5.00 18.33 26.50
CA PRO A 168 6.09 17.41 26.78
C PRO A 168 6.95 17.15 25.57
N ARG A 169 6.47 17.42 24.36
CA ARG A 169 7.28 17.15 23.17
C ARG A 169 8.49 18.06 23.04
N THR A 170 8.39 19.30 23.46
CA THR A 170 9.47 20.27 23.36
C THR A 170 9.95 20.67 24.74
N LEU A 171 9.85 19.75 25.66
CA LEU A 171 10.16 20.02 27.03
C LEU A 171 11.62 19.88 27.41
N THR A 172 12.35 18.99 26.79
CA THR A 172 13.73 18.84 27.19
C THR A 172 14.65 19.97 26.81
N ALA A 173 15.81 19.94 27.48
CA ALA A 173 17.01 20.78 27.50
C ALA A 173 16.83 22.27 27.76
N GLN A 174 15.86 22.86 27.12
CA GLN A 174 15.46 24.23 27.24
C GLN A 174 14.00 24.01 27.52
N HIS A 175 13.43 24.84 28.38
CA HIS A 175 12.06 24.97 28.87
C HIS A 175 12.28 24.10 30.12
N LEU A 176 13.57 23.90 30.45
CA LEU A 176 14.23 23.24 31.58
C LEU A 176 14.60 24.13 32.79
N ASN A 177 14.62 23.52 34.00
CA ASN A 177 15.02 24.13 35.29
C ASN A 177 14.21 25.39 35.59
N LYS A 178 12.96 25.37 35.17
CA LYS A 178 11.97 26.43 35.37
C LYS A 178 10.67 25.86 35.85
N LEU A 179 9.66 26.70 35.91
CA LEU A 179 8.35 26.29 36.33
C LEU A 179 7.64 26.06 35.02
N VAL A 180 7.06 24.89 34.86
CA VAL A 180 6.45 24.52 33.59
C VAL A 180 5.00 24.15 33.79
N SER A 181 4.15 24.60 32.87
CA SER A 181 2.72 24.29 32.87
C SER A 181 2.54 23.16 31.90
N VAL A 182 2.02 22.05 32.37
CA VAL A 182 1.89 20.88 31.52
C VAL A 182 0.44 20.47 31.48
N GLU A 183 0.02 20.01 30.32
CA GLU A 183 -1.32 19.52 30.12
C GLU A 183 -1.25 18.07 29.71
N GLY A 184 -2.34 17.35 29.93
CA GLY A 184 -2.37 15.97 29.51
C GLY A 184 -3.42 15.14 30.24
N ILE A 185 -3.21 13.82 30.17
CA ILE A 185 -4.11 12.79 30.68
C ILE A 185 -3.56 12.09 31.92
N VAL A 186 -4.43 11.88 32.89
CA VAL A 186 -4.06 11.18 34.11
C VAL A 186 -4.11 9.70 33.81
N THR A 187 -2.99 9.03 34.00
CA THR A 187 -2.95 7.59 33.73
C THR A 187 -1.99 6.91 34.70
N LYS A 188 -2.25 5.62 34.94
CA LYS A 188 -1.50 4.67 35.78
C LYS A 188 -1.04 5.24 37.13
N THR A 189 -2.00 5.56 37.99
CA THR A 189 -1.73 6.11 39.30
C THR A 189 -0.98 5.12 40.19
N SER A 190 0.12 5.56 40.80
CA SER A 190 0.92 4.66 41.63
C SER A 190 0.33 4.50 43.03
N LEU A 191 1.07 3.82 43.90
CA LEU A 191 0.66 3.48 45.25
C LEU A 191 1.04 4.54 46.28
N VAL A 192 0.25 4.61 47.35
CA VAL A 192 0.41 5.58 48.43
C VAL A 192 1.28 5.06 49.58
N ARG A 193 2.43 5.70 49.80
CA ARG A 193 3.31 5.36 50.91
C ARG A 193 3.60 6.62 51.71
N PRO A 194 3.63 6.56 53.03
CA PRO A 194 3.98 7.73 53.83
C PRO A 194 5.48 7.84 54.07
N LYS A 195 5.94 9.06 54.34
CA LYS A 195 7.35 9.33 54.57
C LYS A 195 7.60 10.13 55.85
N LEU A 196 8.64 9.76 56.62
CA LEU A 196 9.03 10.42 57.86
C LEU A 196 9.97 11.60 57.64
N ILE A 197 9.76 12.68 58.39
CA ILE A 197 10.58 13.88 58.30
C ILE A 197 11.18 14.31 59.64
N ARG A 198 10.36 14.50 60.66
CA ARG A 198 10.83 14.99 61.95
C ARG A 198 10.63 13.97 63.03
N SER A 199 11.75 13.55 63.60
CA SER A 199 11.80 12.56 64.66
C SER A 199 11.79 13.19 66.04
N VAL A 200 11.14 12.49 66.95
CA VAL A 200 11.05 12.88 68.34
C VAL A 200 11.65 11.73 69.13
N HIS A 201 12.60 12.02 70.01
CA HIS A 201 13.24 10.98 70.79
C HIS A 201 13.32 11.43 72.25
N TYR A 202 12.95 10.53 73.16
CA TYR A 202 12.97 10.79 74.60
C TYR A 202 14.11 10.05 75.29
N ALA A 203 14.86 10.77 76.11
CA ALA A 203 15.93 10.18 76.90
C ALA A 203 15.38 9.90 78.28
N ALA A 204 15.69 8.72 78.80
CA ALA A 204 15.16 8.28 80.09
C ALA A 204 15.71 9.08 81.26
N LYS A 205 17.03 9.07 81.44
CA LYS A 205 17.64 9.70 82.61
C LYS A 205 17.55 11.22 82.58
N THR A 206 17.78 11.85 81.43
CA THR A 206 17.66 13.31 81.42
C THR A 206 16.20 13.71 81.50
N GLY A 207 15.29 12.85 81.05
CA GLY A 207 13.89 13.15 81.11
C GLY A 207 13.51 14.21 80.09
N ARG A 208 14.29 14.33 79.03
CA ARG A 208 14.08 15.32 78.01
C ARG A 208 13.77 14.66 76.67
N PHE A 209 13.30 15.48 75.76
CA PHE A 209 12.99 15.06 74.41
C PHE A 209 14.21 15.37 73.58
N HIS A 210 14.13 15.13 72.28
CA HIS A 210 15.21 15.46 71.38
C HIS A 210 14.64 15.86 70.03
N TYR A 211 15.54 15.98 69.05
CA TYR A 211 15.13 16.45 67.74
C TYR A 211 16.10 15.99 66.66
N ARG A 212 15.57 15.48 65.56
CA ARG A 212 16.41 15.02 64.44
C ARG A 212 15.54 14.94 63.20
N ASP A 213 16.03 15.51 62.10
CA ASP A 213 15.33 15.52 60.84
C ASP A 213 16.14 14.80 59.77
N TYR A 214 15.48 14.51 58.66
CA TYR A 214 16.12 13.84 57.53
C TYR A 214 15.51 14.37 56.26
N THR A 215 16.33 14.56 55.23
CA THR A 215 15.84 15.08 53.95
C THR A 215 16.27 14.18 52.80
N ASP A 216 15.52 14.31 51.71
CA ASP A 216 15.73 13.60 50.46
C ASP A 216 15.56 14.59 49.33
N ALA A 217 15.83 14.15 48.10
CA ALA A 217 15.78 15.07 46.98
C ALA A 217 14.38 15.47 46.58
N THR A 218 13.34 14.84 47.09
CA THR A 218 12.00 15.26 46.72
C THR A 218 11.58 16.50 47.51
N THR A 219 11.95 16.56 48.77
CA THR A 219 11.50 17.61 49.68
C THR A 219 12.29 18.93 49.66
N THR A 220 13.62 18.92 49.51
CA THR A 220 14.35 20.17 49.71
C THR A 220 14.33 21.20 48.61
N LEU A 221 14.20 20.81 47.35
CA LEU A 221 14.20 21.68 46.16
C LEU A 221 15.57 22.35 45.95
N THR A 222 16.51 22.17 46.88
CA THR A 222 17.87 22.70 46.86
C THR A 222 18.84 21.56 47.10
N THR A 223 19.99 21.59 46.42
CA THR A 223 20.97 20.52 46.60
C THR A 223 21.69 20.65 47.94
N ARG A 224 21.16 20.00 48.98
CA ARG A 224 21.71 19.98 50.32
C ARG A 224 22.29 18.60 50.64
N ILE A 225 23.20 18.55 51.62
CA ILE A 225 23.84 17.33 52.09
C ILE A 225 22.80 16.40 52.70
N PRO A 226 22.60 15.20 52.16
CA PRO A 226 21.60 14.28 52.69
C PRO A 226 22.06 13.67 54.01
N THR A 227 21.15 13.63 54.97
CA THR A 227 21.40 13.09 56.32
C THR A 227 20.43 11.95 56.52
N PRO A 228 20.81 10.71 56.16
CA PRO A 228 19.94 9.53 56.30
C PRO A 228 19.68 9.14 57.73
N ILE A 230 21.00 7.12 59.71
CA ILE A 230 20.48 5.96 60.42
C ILE A 230 19.64 6.49 61.57
N TYR A 231 18.59 5.76 61.92
CA TYR A 231 17.69 6.14 62.99
C TYR A 231 18.49 6.17 64.30
N PRO A 232 18.55 7.30 64.99
CA PRO A 232 19.46 7.46 66.14
C PRO A 232 19.06 6.86 67.48
N THR A 233 20.09 6.40 68.21
CA THR A 233 20.02 5.84 69.56
C THR A 233 21.41 5.97 70.18
N GLU A 234 21.47 6.35 71.47
CA GLU A 234 22.68 6.47 72.29
C GLU A 234 23.67 7.49 71.69
N ASP A 235 23.24 8.74 71.70
CA ASP A 235 24.00 9.81 71.05
C ASP A 235 25.21 10.32 71.82
N THR A 236 25.00 10.92 72.99
CA THR A 236 26.05 11.61 73.72
C THR A 236 26.59 10.94 74.97
N GLU A 237 25.75 10.68 75.96
CA GLU A 237 26.25 10.17 77.23
C GLU A 237 26.02 8.70 77.45
N GLY A 238 24.95 8.15 76.94
CA GLY A 238 24.72 6.76 77.19
C GLY A 238 23.26 6.71 77.56
N ASN A 239 22.61 7.86 77.42
CA ASN A 239 21.20 7.93 77.71
C ASN A 239 20.45 7.19 76.63
N LYS A 240 19.43 6.44 77.02
CA LYS A 240 18.68 5.69 76.03
C LYS A 240 17.83 6.64 75.23
N LEU A 241 18.09 6.69 73.92
CA LEU A 241 17.28 7.54 73.10
C LEU A 241 16.02 6.80 72.73
N THR A 242 15.04 6.81 73.63
CA THR A 242 13.79 6.16 73.30
C THR A 242 13.07 7.06 72.32
N THR A 243 12.70 6.53 71.19
CA THR A 243 12.00 7.39 70.24
C THR A 243 10.55 7.49 70.67
N GLU A 244 9.89 8.54 70.21
CA GLU A 244 8.50 8.74 70.54
C GLU A 244 7.72 8.80 69.24
N TYR A 245 6.40 8.89 69.35
CA TYR A 245 5.61 8.92 68.14
C TYR A 245 4.51 9.93 68.35
N GLY A 246 3.56 9.97 67.42
CA GLY A 246 2.49 10.94 67.51
C GLY A 246 3.02 12.31 67.15
N TYR A 247 3.95 12.81 67.96
CA TYR A 247 4.61 14.09 67.77
C TYR A 247 5.60 14.04 66.62
N SER A 248 6.14 12.87 66.31
CA SER A 248 7.02 12.71 65.17
C SER A 248 6.18 12.88 63.91
N THR A 249 6.62 13.73 62.99
CA THR A 249 5.83 14.05 61.81
C THR A 249 6.05 13.12 60.62
N PHE A 250 5.04 13.13 59.75
CA PHE A 250 4.99 12.32 58.54
C PHE A 250 4.30 13.09 57.44
N ILE A 251 4.66 12.74 56.21
CA ILE A 251 4.10 13.30 54.99
C ILE A 251 4.00 12.19 53.94
N ASP A 252 2.85 12.08 53.27
CA ASP A 252 2.62 11.05 52.25
C ASP A 252 3.41 11.36 50.98
N HIS A 253 3.40 10.43 50.01
CA HIS A 253 4.23 10.63 48.83
C HIS A 253 3.65 9.86 47.66
N GLN A 254 3.73 10.39 46.45
CA GLN A 254 3.14 9.77 45.26
C GLN A 254 3.74 10.30 43.95
N ARG A 255 3.82 9.42 42.93
CA ARG A 255 4.30 9.77 41.59
C ARG A 255 3.30 9.25 40.54
N ILE A 256 3.04 10.04 39.49
CA ILE A 256 2.08 9.69 38.43
C ILE A 256 2.64 10.08 37.08
N THR A 257 2.09 9.49 36.03
CA THR A 257 2.55 9.79 34.67
C THR A 257 1.46 10.49 33.89
N VAL A 258 1.85 11.48 33.11
CA VAL A 258 0.94 12.23 32.28
C VAL A 258 1.53 12.34 30.90
N GLN A 259 0.88 11.71 29.93
CA GLN A 259 1.25 11.78 28.53
C GLN A 259 0.42 12.91 27.93
N GLU A 260 0.87 13.52 26.82
CA GLU A 260 0.06 14.63 26.33
C GLU A 260 -1.22 14.11 25.67
N MET A 261 -2.06 15.04 25.25
CA MET A 261 -3.31 14.68 24.62
C MET A 261 -3.00 14.05 23.27
N PRO A 262 -3.65 12.93 22.90
CA PRO A 262 -3.31 12.26 21.62
C PRO A 262 -3.69 13.00 20.32
N GLU A 263 -4.71 13.85 20.29
CA GLU A 263 -5.05 14.56 19.06
C GLU A 263 -4.03 15.60 18.65
N MET A 264 -3.27 16.09 19.60
CA MET A 264 -2.24 17.11 19.49
C MET A 264 -0.97 16.59 18.86
N ALA A 265 -0.83 15.29 18.76
CA ALA A 265 0.33 14.61 18.28
C ALA A 265 0.68 14.96 16.85
N PRO A 266 1.95 14.65 16.41
CA PRO A 266 2.37 14.87 15.01
C PRO A 266 1.66 13.96 14.03
N ALA A 267 2.17 13.85 12.78
CA ALA A 267 1.50 13.14 11.69
C ALA A 267 1.01 11.75 12.10
N GLY A 268 1.91 10.84 12.42
CA GLY A 268 1.35 9.63 12.98
C GLY A 268 2.37 9.05 13.92
N GLN A 269 2.13 9.06 15.23
CA GLN A 269 3.06 8.44 16.17
C GLN A 269 2.41 8.10 17.49
N LEU A 270 3.14 7.29 18.20
CA LEU A 270 2.82 6.88 19.53
C LEU A 270 3.19 8.05 20.40
N PRO A 271 2.30 8.57 21.22
CA PRO A 271 2.66 9.70 22.09
C PRO A 271 3.67 9.29 23.15
N ARG A 272 4.54 10.24 23.55
CA ARG A 272 5.64 9.99 24.48
C ARG A 272 5.40 10.82 25.73
N SER A 273 5.86 10.33 26.90
CA SER A 273 5.54 11.00 28.18
C SER A 273 6.64 11.09 29.23
N ILE A 274 6.31 11.90 30.27
CA ILE A 274 7.11 12.14 31.47
C ILE A 274 6.21 12.00 32.70
N ASP A 275 6.78 12.25 33.88
CA ASP A 275 6.07 12.10 35.14
C ASP A 275 6.26 13.29 36.08
N VAL A 276 5.31 13.48 36.99
CA VAL A 276 5.31 14.58 37.94
C VAL A 276 4.95 14.01 39.31
N ILE A 277 5.72 14.38 40.34
CA ILE A 277 5.54 13.90 41.72
C ILE A 277 4.74 14.89 42.54
N LEU A 278 3.75 14.39 43.29
CA LEU A 278 2.93 15.25 44.12
C LEU A 278 3.45 15.30 45.54
N ASP A 279 2.70 15.95 46.42
CA ASP A 279 3.06 16.07 47.83
C ASP A 279 1.87 15.76 48.73
N ASP A 280 2.01 16.15 49.98
CA ASP A 280 1.17 15.71 51.08
C ASP A 280 -0.32 15.97 50.91
N ASP A 281 -0.75 17.22 50.79
CA ASP A 281 -2.19 17.39 50.67
C ASP A 281 -2.78 17.06 49.31
N LEU A 282 -1.98 16.62 48.34
CA LEU A 282 -2.48 16.33 47.01
C LEU A 282 -2.41 14.89 46.62
N VAL A 283 -2.14 13.99 47.56
CA VAL A 283 -2.06 12.58 47.27
C VAL A 283 -3.47 12.07 46.92
N ASP A 284 -3.55 11.30 45.84
CA ASP A 284 -4.76 10.64 45.31
C ASP A 284 -5.83 11.63 44.90
N LYS A 285 -5.44 12.47 43.94
CA LYS A 285 -6.32 13.42 43.29
C LYS A 285 -6.51 13.11 41.81
N THR A 286 -5.68 12.24 41.23
CA THR A 286 -5.84 11.87 39.83
C THR A 286 -5.92 10.36 39.77
N LYS A 287 -6.91 9.88 39.26
CA LYS A 287 -7.19 8.51 38.94
C LYS A 287 -6.77 8.25 37.50
N PRO A 288 -6.46 7.02 37.08
CA PRO A 288 -6.04 6.84 35.68
C PRO A 288 -7.21 7.04 34.73
N GLY A 289 -7.11 8.05 33.88
CA GLY A 289 -8.19 8.27 32.94
C GLY A 289 -8.92 9.59 32.91
N ASP A 290 -8.30 10.69 33.32
CA ASP A 290 -9.03 11.96 33.28
C ASP A 290 -8.27 13.00 32.45
N ARG A 291 -8.77 14.24 32.47
CA ARG A 291 -8.19 15.37 31.76
C ARG A 291 -7.74 16.36 32.80
N VAL A 292 -6.43 16.60 32.87
CA VAL A 292 -5.83 17.42 33.92
C VAL A 292 -4.79 18.41 33.40
N ASN A 293 -4.88 19.67 33.82
CA ASN A 293 -3.86 20.68 33.56
C ASN A 293 -2.94 20.61 34.77
N VAL A 294 -1.62 20.68 34.56
CA VAL A 294 -0.64 20.59 35.65
C VAL A 294 0.35 21.75 35.61
N VAL A 295 0.55 22.37 36.78
CA VAL A 295 1.49 23.45 36.96
C VAL A 295 2.50 23.02 38.01
N GLY A 296 3.76 23.01 37.64
CA GLY A 296 4.76 22.62 38.58
C GLY A 296 6.13 23.01 38.13
N VAL A 297 7.13 22.44 38.80
CA VAL A 297 8.53 22.72 38.55
C VAL A 297 9.27 21.46 38.13
N PHE A 298 10.01 21.56 37.03
CA PHE A 298 10.76 20.50 36.39
C PHE A 298 11.99 20.20 37.24
N LYS A 299 11.99 19.06 37.93
CA LYS A 299 13.11 18.71 38.79
C LYS A 299 13.83 17.46 38.28
N SER A 300 15.15 17.54 38.17
CA SER A 300 15.96 16.43 37.70
C SER A 300 16.86 15.96 38.81
N LEU A 301 16.70 14.71 39.25
CA LEU A 301 17.53 14.14 40.30
C LEU A 301 18.39 12.98 39.85
N GLY A 302 19.25 12.54 40.75
CA GLY A 302 20.09 11.37 40.53
C GLY A 302 21.46 11.66 39.95
N ALA A 303 22.41 10.79 40.28
CA ALA A 303 23.76 10.88 39.75
C ALA A 303 23.70 10.28 38.35
N GLY A 304 23.87 11.12 37.35
CA GLY A 304 23.79 10.73 35.97
C GLY A 304 24.93 9.94 35.41
N GLY A 305 25.05 8.69 35.83
CA GLY A 305 26.06 7.83 35.35
C GLY A 305 27.46 8.14 35.84
N MET A 306 27.64 9.11 36.71
CA MET A 306 28.95 9.34 37.23
C MET A 306 29.09 8.63 38.55
N ASN A 307 28.14 7.73 38.84
CA ASN A 307 28.12 6.96 40.07
C ASN A 307 29.21 5.91 40.05
N GLN A 308 29.13 4.96 39.14
CA GLN A 308 30.16 3.94 39.09
C GLN A 308 31.17 4.25 37.99
N LEU A 314 23.99 3.17 30.03
CA LEU A 314 24.88 4.25 30.47
C LEU A 314 24.32 5.64 30.33
N ILE A 315 23.02 5.83 30.19
CA ILE A 315 22.48 7.17 30.02
C ILE A 315 21.61 7.48 31.21
N GLY A 316 22.02 8.48 31.99
CA GLY A 316 21.34 8.93 33.19
C GLY A 316 20.48 10.18 33.15
N PHE A 317 20.47 10.86 34.31
CA PHE A 317 19.79 12.11 34.59
C PHE A 317 18.30 12.03 34.29
N LYS A 318 17.69 11.04 34.90
CA LYS A 318 16.26 10.80 34.83
C LYS A 318 15.49 11.98 35.43
N THR A 319 14.27 12.23 34.91
CA THR A 319 13.48 13.41 35.27
C THR A 319 12.12 13.18 35.94
N LEU A 320 11.60 14.27 36.52
CA LEU A 320 10.31 14.36 37.20
C LEU A 320 9.93 15.83 37.41
N ILE A 321 8.76 16.07 38.00
CA ILE A 321 8.25 17.44 38.24
C ILE A 321 7.64 17.57 39.65
N LEU A 322 8.00 18.66 40.36
CA LEU A 322 7.63 19.03 41.74
C LEU A 322 6.97 20.41 41.86
N GLY A 323 6.54 20.77 43.09
CA GLY A 323 5.92 22.08 43.40
C GLY A 323 4.65 22.22 42.64
N ASN A 324 3.71 21.38 42.96
CA ASN A 324 2.55 21.17 42.14
C ASN A 324 1.19 21.62 42.65
N THR A 325 0.34 21.90 41.67
CA THR A 325 -1.05 22.28 41.78
C THR A 325 -1.90 21.43 40.84
N VAL A 326 -3.18 21.27 41.19
CA VAL A 326 -4.12 20.42 40.45
C VAL A 326 -5.17 21.25 39.73
N TYR A 327 -5.32 21.01 38.45
CA TYR A 327 -6.27 21.68 37.59
C TYR A 327 -7.01 20.74 36.65
N PRO A 328 -8.29 20.43 36.90
CA PRO A 328 -9.03 19.56 36.00
C PRO A 328 -9.37 20.20 34.67
N THR A 343 -23.29 30.39 36.42
CA THR A 343 -23.34 31.62 37.22
C THR A 343 -24.76 31.79 37.67
N ASP A 344 -24.98 32.80 38.52
CA ASP A 344 -26.33 33.07 38.98
C ASP A 344 -27.20 33.55 37.83
N PHE A 345 -26.65 34.36 36.93
CA PHE A 345 -27.40 34.76 35.76
C PHE A 345 -27.62 33.56 34.85
N ASP A 346 -26.60 32.71 34.77
CA ASP A 346 -26.67 31.52 33.95
C ASP A 346 -27.66 30.52 34.53
N ILE A 347 -27.58 30.28 35.85
CA ILE A 347 -28.51 29.33 36.43
C ILE A 347 -29.92 29.91 36.40
N ARG A 348 -30.04 31.24 36.43
CA ARG A 348 -31.36 31.84 36.32
C ARG A 348 -31.89 31.63 34.91
N ASN A 349 -30.98 31.64 33.92
CA ASN A 349 -31.38 31.38 32.55
C ASN A 349 -31.83 29.94 32.43
N ILE A 350 -31.19 29.07 33.19
CA ILE A 350 -31.53 27.66 33.17
C ILE A 350 -32.91 27.46 33.76
N ASN A 351 -33.19 28.11 34.88
CA ASN A 351 -34.50 28.00 35.50
C ASN A 351 -35.55 28.66 34.65
N LYS A 352 -35.18 29.71 33.93
CA LYS A 352 -36.09 30.42 33.08
C LYS A 352 -36.40 29.68 31.79
N LEU A 353 -35.40 29.03 31.20
CA LEU A 353 -35.60 28.30 29.95
C LEU A 353 -36.44 27.06 30.23
N SER A 354 -36.23 26.43 31.37
CA SER A 354 -36.92 25.22 31.75
C SER A 354 -38.39 25.41 32.03
N LYS A 355 -38.87 26.63 32.00
CA LYS A 355 -40.26 26.93 32.23
C LYS A 355 -41.10 26.79 30.98
N LYS A 356 -40.63 26.02 30.01
CA LYS A 356 -41.31 25.83 28.75
C LYS A 356 -41.91 24.44 28.68
N LYS A 357 -42.47 24.11 27.52
CA LYS A 357 -43.15 22.83 27.34
C LYS A 357 -42.67 22.02 26.14
N ASP A 358 -41.76 22.55 25.34
CA ASP A 358 -41.36 21.79 24.16
C ASP A 358 -39.86 21.79 23.98
N ILE A 359 -39.11 22.10 25.04
CA ILE A 359 -37.67 22.13 24.94
C ILE A 359 -37.10 20.75 24.74
N PHE A 360 -37.88 19.70 25.01
CA PHE A 360 -37.38 18.38 24.74
C PHE A 360 -37.22 18.22 23.25
N ASP A 361 -38.18 18.72 22.51
CA ASP A 361 -38.10 18.70 21.06
C ASP A 361 -37.01 19.63 20.57
N ILE A 362 -36.88 20.80 21.20
CA ILE A 362 -35.87 21.76 20.77
C ILE A 362 -34.48 21.21 21.00
N LEU A 363 -34.29 20.60 22.15
CA LEU A 363 -33.01 19.97 22.43
C LEU A 363 -32.85 18.73 21.56
N SER A 364 -33.96 18.14 21.14
CA SER A 364 -33.89 16.97 20.30
C SER A 364 -33.33 17.36 18.95
N GLN A 365 -33.83 18.46 18.41
CA GLN A 365 -33.30 18.91 17.13
C GLN A 365 -31.94 19.54 17.29
N SER A 366 -31.58 19.95 18.50
CA SER A 366 -30.30 20.59 18.72
C SER A 366 -29.17 19.60 18.62
N LEU A 367 -29.43 18.39 19.00
CA LEU A 367 -28.40 17.39 19.03
C LEU A 367 -28.14 16.76 17.69
N ALA A 368 -28.73 17.29 16.62
CA ALA A 368 -28.50 16.85 15.25
C ALA A 368 -27.85 18.04 14.57
N PRO A 369 -26.57 18.28 14.80
CA PRO A 369 -25.95 19.42 14.16
C PRO A 369 -25.65 19.12 12.71
N SER A 370 -25.53 17.84 12.33
CA SER A 370 -25.22 17.46 10.95
C SER A 370 -25.95 16.23 10.44
N ILE A 371 -27.00 15.74 11.09
CA ILE A 371 -27.68 14.54 10.63
C ILE A 371 -29.15 14.81 10.39
N TYR A 372 -29.63 14.43 9.21
CA TYR A 372 -31.03 14.63 8.89
C TYR A 372 -31.89 13.50 9.41
N GLY A 373 -33.03 13.87 9.96
CA GLY A 373 -34.00 12.92 10.45
C GLY A 373 -33.59 12.38 11.79
N HIS A 374 -34.14 11.20 12.09
CA HIS A 374 -33.87 10.42 13.30
C HIS A 374 -34.15 11.24 14.56
N ASP A 375 -35.39 11.73 14.58
CA ASP A 375 -35.86 12.61 15.63
C ASP A 375 -35.99 11.89 16.96
N HIS A 376 -36.61 10.73 16.94
CA HIS A 376 -36.83 10.05 18.20
C HIS A 376 -35.56 9.40 18.66
N ILE A 377 -34.61 9.21 17.75
CA ILE A 377 -33.33 8.67 18.12
C ILE A 377 -32.60 9.67 19.00
N LYS A 378 -32.71 10.96 18.63
CA LYS A 378 -32.09 11.98 19.45
C LYS A 378 -32.81 12.06 20.77
N LYS A 379 -34.13 11.79 20.75
CA LYS A 379 -34.89 11.80 21.99
C LYS A 379 -34.40 10.70 22.92
N ALA A 380 -34.05 9.56 22.33
CA ALA A 380 -33.53 8.48 23.17
C ALA A 380 -32.14 8.81 23.69
N ILE A 381 -31.33 9.59 22.94
CA ILE A 381 -30.01 9.91 23.50
C ILE A 381 -30.18 10.91 24.64
N LEU A 382 -31.19 11.79 24.56
CA LEU A 382 -31.50 12.67 25.69
C LEU A 382 -31.90 11.85 26.90
N LEU A 383 -32.70 10.80 26.68
CA LEU A 383 -33.12 10.05 27.84
C LEU A 383 -31.97 9.24 28.40
N MET A 384 -31.00 8.87 27.57
CA MET A 384 -29.87 8.14 28.13
C MET A 384 -29.01 9.09 28.93
N LEU A 385 -28.84 10.31 28.44
CA LEU A 385 -28.04 11.24 29.21
C LEU A 385 -28.75 11.68 30.48
N MET A 386 -30.08 11.51 30.55
CA MET A 386 -30.79 11.81 31.78
C MET A 386 -30.40 10.82 32.87
N GLY A 387 -30.23 9.56 32.50
CA GLY A 387 -29.77 8.50 33.37
C GLY A 387 -30.78 7.81 34.26
N GLY A 388 -32.01 8.30 34.37
CA GLY A 388 -33.00 7.63 35.20
C GLY A 388 -32.76 7.72 36.70
N VAL A 389 -33.63 7.04 37.45
CA VAL A 389 -33.59 7.00 38.90
C VAL A 389 -33.01 5.67 39.35
N GLU A 390 -32.43 5.68 40.53
CA GLU A 390 -31.85 4.51 41.15
C GLU A 390 -32.67 4.23 42.40
N LYS A 391 -33.27 3.04 42.48
CA LYS A 391 -34.06 2.69 43.66
C LYS A 391 -33.56 1.37 44.20
N ASN A 392 -32.70 1.43 45.22
CA ASN A 392 -32.22 0.22 45.85
C ASN A 392 -33.37 -0.29 46.72
N LEU A 393 -33.68 -1.56 46.59
CA LEU A 393 -34.77 -2.15 47.34
C LEU A 393 -34.39 -2.34 48.80
N GLU A 394 -35.42 -2.48 49.62
CA GLU A 394 -35.26 -2.76 51.04
C GLU A 394 -34.65 -4.15 51.14
N ASN A 395 -33.50 -4.19 51.82
CA ASN A 395 -32.61 -5.35 52.09
C ASN A 395 -32.54 -6.35 50.93
N GLY A 396 -32.39 -5.80 49.73
CA GLY A 396 -32.28 -6.63 48.56
C GLY A 396 -31.08 -6.20 47.77
N SER A 397 -31.28 -5.87 46.50
CA SER A 397 -30.20 -5.38 45.67
C SER A 397 -30.65 -4.13 44.93
N HIS A 398 -29.67 -3.41 44.41
CA HIS A 398 -29.96 -2.22 43.64
C HIS A 398 -30.55 -2.61 42.29
N LEU A 399 -31.28 -1.68 41.70
CA LEU A 399 -31.87 -1.87 40.39
C LEU A 399 -31.24 -0.86 39.45
N ARG A 400 -30.70 -1.35 38.34
CA ARG A 400 -30.01 -0.49 37.38
C ARG A 400 -30.97 0.53 36.80
N GLY A 401 -30.49 1.76 36.67
CA GLY A 401 -31.33 2.84 36.18
C GLY A 401 -30.97 3.42 34.85
N ASP A 402 -29.74 3.24 34.39
CA ASP A 402 -29.44 3.83 33.10
C ASP A 402 -29.99 2.93 32.00
N ILE A 403 -29.86 3.37 30.77
CA ILE A 403 -30.46 2.71 29.62
C ILE A 403 -29.38 2.47 28.56
N ASN A 404 -29.38 1.29 27.96
CA ASN A 404 -28.38 0.93 26.95
C ASN A 404 -29.03 0.53 25.63
N ILE A 405 -28.52 1.10 24.54
CA ILE A 405 -29.06 0.90 23.20
C ILE A 405 -27.93 0.50 22.27
N LEU A 406 -28.16 -0.56 21.48
CA LEU A 406 -27.25 -1.04 20.44
C LEU A 406 -27.93 -0.84 19.11
N MET A 407 -27.16 -0.52 18.08
CA MET A 407 -27.85 -0.31 16.82
C MET A 407 -27.54 -1.35 15.75
N VAL A 408 -28.48 -1.40 14.81
CA VAL A 408 -28.43 -2.22 13.61
C VAL A 408 -29.12 -1.40 12.52
N GLY A 409 -28.62 -1.48 11.31
CA GLY A 409 -29.25 -0.70 10.25
C GLY A 409 -28.47 -0.85 8.98
N ASP A 410 -28.99 -0.23 7.93
CA ASP A 410 -28.28 -0.25 6.65
C ASP A 410 -26.97 0.49 6.85
N PRO A 411 -25.91 0.05 6.26
CA PRO A 411 -24.62 0.69 6.50
C PRO A 411 -24.35 2.08 5.96
N SER A 412 -25.25 3.02 6.19
CA SER A 412 -25.08 4.39 5.73
C SER A 412 -25.99 5.32 6.48
N THR A 413 -26.26 5.08 7.74
CA THR A 413 -27.19 5.93 8.43
C THR A 413 -26.61 6.45 9.71
N ALA A 414 -25.40 6.99 9.58
CA ALA A 414 -24.62 7.55 10.66
C ALA A 414 -24.37 6.66 11.86
N LYS A 415 -24.61 5.34 11.70
CA LYS A 415 -24.37 4.31 12.71
C LYS A 415 -23.10 4.59 13.48
N SER A 416 -22.01 4.91 12.78
CA SER A 416 -20.79 5.29 13.45
C SER A 416 -20.66 6.81 13.62
N GLN A 417 -21.47 7.60 12.93
CA GLN A 417 -21.41 9.05 13.02
C GLN A 417 -22.34 9.61 14.10
N LEU A 418 -23.01 8.76 14.83
CA LEU A 418 -23.88 9.23 15.88
C LEU A 418 -23.09 9.13 17.15
N LEU A 419 -22.08 8.27 17.09
CA LEU A 419 -21.28 7.89 18.22
C LEU A 419 -20.40 9.01 18.69
N ARG A 420 -19.68 9.65 17.79
CA ARG A 420 -18.82 10.70 18.33
C ARG A 420 -19.61 11.90 18.86
N PHE A 421 -20.86 12.08 18.43
CA PHE A 421 -21.62 13.18 19.01
C PHE A 421 -21.90 12.88 20.48
N VAL A 422 -22.21 11.64 20.77
CA VAL A 422 -22.42 11.23 22.15
C VAL A 422 -21.09 11.24 22.89
N LEU A 423 -19.97 11.00 22.18
CA LEU A 423 -18.66 11.05 22.83
C LEU A 423 -18.34 12.43 23.35
N ASN A 424 -18.45 13.44 22.49
CA ASN A 424 -18.11 14.78 22.92
C ASN A 424 -19.14 15.41 23.85
N THR A 425 -20.43 15.16 23.62
CA THR A 425 -21.43 15.81 24.46
C THR A 425 -21.51 15.30 25.89
N ALA A 426 -21.33 14.01 26.12
CA ALA A 426 -21.45 13.54 27.50
C ALA A 426 -20.14 13.77 28.25
N SER A 427 -20.05 13.24 29.46
CA SER A 427 -18.87 13.41 30.28
C SER A 427 -18.32 12.08 30.79
N LEU A 428 -17.00 11.96 30.71
CA LEU A 428 -16.25 10.76 31.14
C LEU A 428 -16.68 9.48 30.42
N ALA A 429 -16.44 9.46 29.11
CA ALA A 429 -16.70 8.33 28.25
C ALA A 429 -15.44 7.81 27.57
N ILE A 430 -15.40 6.52 27.23
CA ILE A 430 -14.31 5.90 26.47
C ILE A 430 -14.87 5.03 25.36
N ALA A 431 -14.48 5.34 24.13
CA ALA A 431 -14.89 4.66 22.91
C ALA A 431 -14.08 3.40 22.63
N THR A 432 -14.76 2.26 22.45
CA THR A 432 -14.14 0.98 22.15
C THR A 432 -14.58 0.49 20.77
N THR A 433 -13.62 0.29 19.88
CA THR A 433 -13.88 -0.12 18.50
C THR A 433 -13.25 -1.46 18.23
N GLY A 434 -13.97 -2.34 17.55
CA GLY A 434 -13.39 -3.62 17.19
C GLY A 434 -13.18 -4.52 18.38
N ARG A 435 -11.96 -4.99 18.55
CA ARG A 435 -11.62 -5.85 19.67
C ARG A 435 -11.43 -5.11 20.98
N GLY A 436 -11.68 -5.85 22.07
CA GLY A 436 -11.56 -5.46 23.46
C GLY A 436 -10.95 -6.53 24.33
N SER A 437 -9.97 -7.29 23.86
CA SER A 437 -9.47 -8.41 24.65
C SER A 437 -8.53 -8.02 25.77
N SER A 438 -8.72 -8.69 26.92
CA SER A 438 -7.85 -8.59 28.09
C SER A 438 -7.81 -7.15 28.64
N GLY A 439 -8.93 -6.73 29.19
CA GLY A 439 -8.96 -5.39 29.77
C GLY A 439 -10.24 -4.60 29.62
N VAL A 440 -11.26 -5.15 28.98
CA VAL A 440 -12.54 -4.45 28.95
C VAL A 440 -13.29 -4.72 30.24
N GLY A 441 -13.61 -5.98 30.49
CA GLY A 441 -14.27 -6.45 31.69
C GLY A 441 -13.37 -6.78 32.87
N LEU A 442 -12.06 -6.78 32.71
CA LEU A 442 -11.15 -7.12 33.80
C LEU A 442 -10.14 -6.02 34.03
N THR A 443 -9.19 -6.30 34.92
CA THR A 443 -8.08 -5.41 35.21
C THR A 443 -6.73 -6.06 34.99
N ALA A 444 -6.66 -7.39 35.06
CA ALA A 444 -5.57 -8.31 34.80
C ALA A 444 -4.36 -8.32 35.74
N ALA A 445 -4.26 -7.30 36.60
CA ALA A 445 -3.24 -7.18 37.66
C ALA A 445 -1.78 -7.34 37.24
N VAL A 446 -1.39 -7.12 36.00
CA VAL A 446 0.02 -7.34 35.66
C VAL A 446 0.80 -6.08 36.00
N THR A 447 1.43 -6.06 37.18
CA THR A 447 2.25 -4.94 37.59
C THR A 447 3.65 -5.35 38.03
N THR A 452 8.84 -3.27 43.73
CA THR A 452 8.58 -4.25 44.78
C THR A 452 7.64 -5.37 44.33
N GLY A 453 7.82 -6.56 44.89
CA GLY A 453 6.99 -7.71 44.58
C GLY A 453 5.59 -7.58 45.15
N GLU A 454 4.63 -7.29 44.29
CA GLU A 454 3.25 -7.09 44.71
C GLU A 454 2.31 -7.24 43.53
N ARG A 455 1.03 -7.15 43.84
CA ARG A 455 -0.04 -7.27 42.87
C ARG A 455 -0.82 -5.97 42.96
N ARG A 456 -0.93 -5.27 41.84
CA ARG A 456 -1.66 -4.02 41.75
C ARG A 456 -2.73 -4.18 40.71
N LEU A 457 -3.56 -3.18 40.52
CA LEU A 457 -4.64 -3.27 39.54
C LEU A 457 -4.68 -2.03 38.66
N GLU A 458 -5.14 -2.20 37.41
CA GLU A 458 -5.36 -1.10 36.46
C GLU A 458 -6.80 -1.21 36.00
N ALA A 459 -7.62 -0.21 36.32
CA ALA A 459 -9.03 -0.23 36.00
C ALA A 459 -9.30 -0.32 34.50
N GLY A 460 -10.01 -1.37 34.13
CA GLY A 460 -10.36 -1.66 32.77
C GLY A 460 -11.38 -0.71 32.19
N ALA A 461 -11.73 -1.00 30.92
CA ALA A 461 -12.64 -0.15 30.18
C ALA A 461 -14.04 -0.09 30.78
N MET A 462 -14.61 -1.22 31.16
CA MET A 462 -15.94 -1.17 31.76
C MET A 462 -15.93 -0.51 33.14
N VAL A 463 -14.88 -0.70 33.92
CA VAL A 463 -14.82 -0.10 35.25
C VAL A 463 -14.57 1.40 35.19
N LEU A 464 -13.70 1.87 34.29
CA LEU A 464 -13.34 3.27 34.26
C LEU A 464 -14.47 4.15 33.79
N ALA A 465 -15.41 3.59 33.06
CA ALA A 465 -16.52 4.39 32.59
C ALA A 465 -17.65 4.45 33.58
N ASP A 466 -17.38 4.31 34.89
CA ASP A 466 -18.43 4.32 35.89
C ASP A 466 -19.11 5.67 35.90
N ARG A 467 -20.45 5.63 36.04
CA ARG A 467 -21.33 6.81 35.96
C ARG A 467 -21.11 7.56 34.66
N GLY A 468 -20.81 6.83 33.59
CA GLY A 468 -20.51 7.44 32.32
C GLY A 468 -21.06 6.74 31.10
N VAL A 469 -20.38 6.91 29.98
CA VAL A 469 -20.83 6.35 28.72
C VAL A 469 -19.78 5.44 28.12
N VAL A 470 -20.23 4.29 27.63
CA VAL A 470 -19.36 3.33 26.97
C VAL A 470 -19.73 3.31 25.51
N CYS A 471 -18.80 3.63 24.65
CA CYS A 471 -19.04 3.61 23.21
C CYS A 471 -18.44 2.34 22.62
N ILE A 472 -19.28 1.40 22.21
CA ILE A 472 -18.84 0.16 21.61
C ILE A 472 -19.08 0.14 20.12
N ASP A 473 -18.03 -0.06 19.36
CA ASP A 473 -18.15 -0.15 17.91
C ASP A 473 -17.91 -1.57 17.43
N GLU A 474 -18.72 -1.99 16.44
CA GLU A 474 -18.64 -3.30 15.79
C GLU A 474 -18.82 -4.44 16.81
N PHE A 475 -20.04 -4.54 17.35
CA PHE A 475 -20.28 -5.55 18.37
C PHE A 475 -20.22 -6.98 17.84
N ASP A 476 -20.65 -7.25 16.61
CA ASP A 476 -20.57 -8.62 16.13
C ASP A 476 -19.13 -8.99 15.77
N LYS A 477 -18.31 -8.01 15.43
CA LYS A 477 -16.91 -8.23 15.09
C LYS A 477 -16.05 -8.40 16.33
N MET A 478 -16.65 -8.29 17.50
CA MET A 478 -15.96 -8.53 18.75
C MET A 478 -15.75 -10.04 18.81
N THR A 479 -14.61 -10.49 19.32
CA THR A 479 -14.40 -11.94 19.38
C THR A 479 -15.35 -12.57 20.38
N ASP A 480 -15.49 -13.89 20.28
CA ASP A 480 -16.43 -14.57 21.17
C ASP A 480 -15.96 -14.71 22.61
N VAL A 481 -14.72 -14.35 22.91
CA VAL A 481 -14.21 -14.53 24.27
C VAL A 481 -14.88 -13.61 25.29
N ASP A 482 -14.88 -12.31 25.04
CA ASP A 482 -15.45 -11.38 26.03
C ASP A 482 -16.98 -11.38 26.08
N ARG A 483 -17.65 -12.00 25.09
CA ARG A 483 -19.11 -12.00 25.04
C ARG A 483 -19.75 -12.59 26.29
N VAL A 484 -19.06 -13.50 26.97
CA VAL A 484 -19.59 -14.04 28.20
C VAL A 484 -19.61 -12.98 29.30
N ALA A 485 -18.54 -12.19 29.42
CA ALA A 485 -18.44 -11.18 30.48
C ALA A 485 -19.36 -10.00 30.27
N ILE A 486 -19.80 -9.80 29.04
CA ILE A 486 -20.69 -8.66 28.82
C ILE A 486 -22.05 -8.84 29.52
N HIS A 487 -22.54 -10.08 29.63
CA HIS A 487 -23.80 -10.31 30.34
C HIS A 487 -23.69 -9.92 31.82
N GLU A 488 -22.57 -10.26 32.45
CA GLU A 488 -22.35 -9.92 33.86
C GLU A 488 -22.22 -8.43 34.07
N VAL A 489 -21.50 -7.74 33.18
CA VAL A 489 -21.34 -6.31 33.32
C VAL A 489 -22.68 -5.63 33.17
N MET A 490 -23.39 -5.99 32.11
CA MET A 490 -24.68 -5.37 31.86
C MET A 490 -25.79 -5.75 32.80
N GLU A 491 -25.68 -6.83 33.58
CA GLU A 491 -26.84 -7.12 34.41
C GLU A 491 -26.62 -6.98 35.91
N GLN A 492 -25.47 -7.38 36.44
CA GLN A 492 -25.33 -7.25 37.89
C GLN A 492 -24.60 -5.99 38.33
N GLN A 493 -24.11 -5.20 37.39
CA GLN A 493 -23.40 -3.92 37.60
C GLN A 493 -22.12 -4.10 38.40
N THR A 494 -21.57 -5.31 38.43
CA THR A 494 -20.37 -5.59 39.18
C THR A 494 -19.41 -6.38 38.33
N VAL A 495 -18.15 -6.33 38.74
CA VAL A 495 -17.08 -7.07 38.11
C VAL A 495 -16.32 -7.80 39.20
N THR A 496 -16.23 -9.12 39.08
CA THR A 496 -15.51 -9.96 40.01
C THR A 496 -14.32 -10.48 39.26
N ILE A 497 -13.13 -10.18 39.76
CA ILE A 497 -11.91 -10.60 39.11
C ILE A 497 -11.26 -11.59 40.05
N ALA A 498 -11.11 -12.83 39.58
CA ALA A 498 -10.55 -13.89 40.39
C ALA A 498 -9.39 -14.50 39.63
N LYS A 499 -8.24 -13.91 39.77
CA LYS A 499 -7.03 -14.43 39.18
C LYS A 499 -6.28 -15.02 40.36
N ALA A 500 -5.09 -15.55 40.09
CA ALA A 500 -4.31 -16.20 41.12
C ALA A 500 -3.86 -15.25 42.21
N GLY A 501 -3.84 -13.95 41.97
CA GLY A 501 -3.44 -13.08 43.03
C GLY A 501 -4.48 -12.92 44.12
N ILE A 502 -5.56 -12.18 43.86
CA ILE A 502 -6.59 -11.96 44.88
C ILE A 502 -7.95 -11.90 44.21
N HIS A 503 -8.92 -12.69 44.67
CA HIS A 503 -10.24 -12.52 44.08
C HIS A 503 -10.89 -11.32 44.77
N THR A 504 -11.48 -10.43 43.98
CA THR A 504 -12.10 -9.19 44.45
C THR A 504 -13.52 -9.05 43.87
N THR A 505 -14.19 -7.94 44.23
CA THR A 505 -15.54 -7.62 43.77
C THR A 505 -15.71 -6.11 43.90
N LEU A 506 -16.11 -5.44 42.80
CA LEU A 506 -16.25 -3.98 42.76
C LEU A 506 -17.49 -3.55 41.97
N ASN A 507 -17.67 -2.22 41.83
CA ASN A 507 -18.85 -1.61 41.19
C ASN A 507 -18.54 -0.72 40.00
N ALA A 508 -19.37 -0.86 38.95
CA ALA A 508 -19.35 -0.06 37.73
C ALA A 508 -20.77 -0.13 37.18
N ARG A 509 -21.45 1.02 37.09
CA ARG A 509 -22.84 1.11 36.65
C ARG A 509 -23.00 2.00 35.42
N CYS A 510 -22.14 1.72 34.44
CA CYS A 510 -21.95 2.42 33.18
C CYS A 510 -23.12 2.31 32.21
N SER A 511 -23.21 3.30 31.31
CA SER A 511 -24.17 3.32 30.22
C SER A 511 -23.40 2.87 28.99
N VAL A 512 -24.02 2.04 28.16
CA VAL A 512 -23.36 1.39 27.03
C VAL A 512 -24.14 1.57 25.73
N ILE A 513 -23.43 1.98 24.67
CA ILE A 513 -24.00 2.08 23.34
C ILE A 513 -23.16 1.27 22.36
N ALA A 514 -23.81 0.39 21.60
CA ALA A 514 -23.12 -0.42 20.62
C ALA A 514 -23.70 -0.19 19.22
N ALA A 515 -22.95 -0.61 18.20
CA ALA A 515 -23.40 -0.42 16.82
C ALA A 515 -22.89 -1.57 15.97
N ALA A 516 -23.83 -2.38 15.50
CA ALA A 516 -23.56 -3.54 14.67
C ALA A 516 -24.28 -3.49 13.33
N ASN A 517 -23.79 -4.31 12.41
CA ASN A 517 -24.25 -4.54 11.06
C ASN A 517 -25.16 -5.75 11.05
N PRO A 518 -25.98 -5.92 10.02
CA PRO A 518 -26.72 -7.17 9.85
C PRO A 518 -25.72 -8.28 9.47
N VAL A 519 -26.19 -9.54 9.44
CA VAL A 519 -25.28 -10.66 9.18
C VAL A 519 -24.66 -10.59 7.79
N PHE A 520 -25.49 -10.41 6.76
CA PHE A 520 -24.94 -10.36 5.42
C PHE A 520 -25.76 -9.37 4.60
N GLY A 521 -25.08 -8.44 3.96
CA GLY A 521 -25.83 -7.51 3.16
C GLY A 521 -26.80 -6.61 3.90
N GLN A 522 -27.75 -6.12 3.12
CA GLN A 522 -28.81 -5.25 3.59
C GLN A 522 -30.12 -5.96 3.90
N TYR A 523 -30.13 -7.29 3.99
CA TYR A 523 -31.39 -8.00 4.26
C TYR A 523 -31.75 -7.84 5.72
N ASP A 524 -32.34 -6.70 6.04
CA ASP A 524 -32.68 -6.49 7.43
C ASP A 524 -34.16 -6.75 7.73
N VAL A 525 -35.01 -6.78 6.71
CA VAL A 525 -36.44 -6.99 6.90
C VAL A 525 -36.91 -8.07 5.94
N ASN A 526 -36.00 -8.49 5.07
CA ASN A 526 -36.36 -9.45 4.04
C ASN A 526 -36.54 -10.87 4.57
N ARG A 527 -35.54 -11.39 5.27
CA ARG A 527 -35.56 -12.79 5.72
C ARG A 527 -36.55 -13.12 6.84
N ASP A 528 -36.31 -12.59 8.04
CA ASP A 528 -37.14 -12.80 9.23
C ASP A 528 -36.71 -11.76 10.24
N PRO A 529 -37.60 -11.28 11.12
CA PRO A 529 -37.17 -10.28 12.10
C PRO A 529 -36.19 -10.84 13.09
N HIS A 530 -36.24 -12.13 13.30
CA HIS A 530 -35.37 -12.80 14.22
C HIS A 530 -34.04 -13.21 13.60
N GLN A 531 -32.98 -12.99 14.36
CA GLN A 531 -31.61 -13.37 14.04
C GLN A 531 -31.06 -12.83 12.72
N ASN A 532 -31.28 -11.54 12.49
CA ASN A 532 -30.65 -10.86 11.37
C ASN A 532 -29.26 -10.41 11.79
N ILE A 533 -28.91 -10.71 13.04
CA ILE A 533 -27.69 -10.28 13.71
C ILE A 533 -26.82 -11.47 14.11
N ALA A 534 -27.47 -12.56 14.53
CA ALA A 534 -26.85 -13.79 15.03
C ALA A 534 -26.01 -13.49 16.28
N LEU A 535 -26.72 -13.00 17.27
CA LEU A 535 -26.32 -12.64 18.61
C LEU A 535 -26.93 -13.66 19.57
N PRO A 536 -26.39 -13.79 20.79
CA PRO A 536 -27.02 -14.68 21.77
C PRO A 536 -28.41 -14.17 22.14
N ASP A 537 -29.24 -15.10 22.61
CA ASP A 537 -30.64 -14.75 22.88
C ASP A 537 -30.77 -13.88 24.11
N SER A 538 -29.94 -14.10 25.13
CA SER A 538 -30.04 -13.29 26.33
C SER A 538 -29.65 -11.85 26.09
N LEU A 539 -28.82 -11.58 25.07
CA LEU A 539 -28.46 -10.19 24.82
C LEU A 539 -29.64 -9.40 24.29
N LEU A 540 -30.65 -10.07 23.70
CA LEU A 540 -31.86 -9.38 23.27
C LEU A 540 -32.60 -8.80 24.47
N SER A 541 -32.75 -9.57 25.52
CA SER A 541 -33.41 -9.04 26.69
C SER A 541 -32.49 -8.13 27.46
N ARG A 542 -31.16 -8.28 27.32
CA ARG A 542 -30.23 -7.41 28.05
C ARG A 542 -30.27 -5.97 27.56
N PHE A 543 -30.38 -5.75 26.25
CA PHE A 543 -30.39 -4.40 25.71
C PHE A 543 -31.78 -3.81 25.78
N ASP A 544 -31.84 -2.49 25.92
CA ASP A 544 -33.11 -1.80 26.07
C ASP A 544 -33.76 -1.46 24.73
N LEU A 545 -33.05 -0.74 23.86
CA LEU A 545 -33.66 -0.42 22.58
C LEU A 545 -32.84 -0.99 21.42
N LEU A 546 -33.56 -1.50 20.43
CA LEU A 546 -32.99 -2.10 19.25
C LEU A 546 -33.53 -1.42 18.02
N PHE A 547 -32.72 -0.58 17.43
CA PHE A 547 -33.13 0.15 16.25
C PHE A 547 -32.81 -0.61 15.00
N VAL A 548 -33.77 -0.60 14.08
CA VAL A 548 -33.64 -1.23 12.78
C VAL A 548 -33.70 -0.06 11.82
N VAL A 549 -32.62 0.20 11.11
CA VAL A 549 -32.59 1.34 10.21
C VAL A 549 -32.56 0.90 8.76
N THR A 550 -33.52 1.39 7.98
CA THR A 550 -33.53 1.02 6.58
C THR A 550 -32.80 2.10 5.78
N ASP A 551 -32.74 1.91 4.47
CA ASP A 551 -32.17 2.84 3.51
C ASP A 551 -33.19 3.06 2.42
N ASP A 552 -34.38 3.44 2.86
CA ASP A 552 -35.53 3.62 1.99
C ASP A 552 -35.23 4.73 0.97
N ILE A 553 -35.37 4.41 -0.31
CA ILE A 553 -35.09 5.33 -1.41
C ILE A 553 -36.37 6.02 -1.88
N ASN A 554 -36.36 7.34 -1.84
CA ASN A 554 -37.47 8.20 -2.24
C ASN A 554 -36.87 9.44 -2.88
N GLU A 555 -37.66 10.47 -3.01
CA GLU A 555 -37.15 11.66 -3.66
C GLU A 555 -37.17 12.91 -2.81
N ILE A 556 -38.21 13.12 -2.01
CA ILE A 556 -38.24 14.29 -1.13
C ILE A 556 -37.09 14.17 -0.17
N ARG A 557 -36.94 12.95 0.32
CA ARG A 557 -35.87 12.56 1.21
C ARG A 557 -34.53 12.70 0.51
N ASP A 558 -34.49 12.32 -0.77
CA ASP A 558 -33.26 12.37 -1.53
C ASP A 558 -32.78 13.80 -1.72
N ARG A 559 -33.71 14.69 -2.03
CA ARG A 559 -33.34 16.07 -2.18
C ARG A 559 -32.95 16.67 -0.85
N SER A 560 -33.67 16.34 0.22
CA SER A 560 -33.32 16.90 1.52
C SER A 560 -31.97 16.41 2.01
N ILE A 561 -31.60 15.17 1.67
CA ILE A 561 -30.28 14.68 2.04
C ILE A 561 -29.24 15.41 1.24
N SER A 562 -29.58 15.71 0.01
CA SER A 562 -28.66 16.40 -0.85
C SER A 562 -28.38 17.80 -0.31
N GLU A 563 -29.42 18.63 -0.09
CA GLU A 563 -29.08 19.96 0.40
C GLU A 563 -28.53 19.98 1.80
N HIS A 564 -28.80 18.96 2.62
CA HIS A 564 -28.21 18.98 3.95
C HIS A 564 -26.72 18.73 3.88
N VAL A 565 -26.31 17.68 3.17
CA VAL A 565 -24.89 17.39 3.10
C VAL A 565 -24.17 18.38 2.22
N LEU A 566 -24.85 18.93 1.23
CA LEU A 566 -24.18 19.90 0.37
C LEU A 566 -23.98 21.24 1.06
N ARG A 567 -24.99 21.77 1.76
CA ARG A 567 -24.68 23.00 2.44
C ARG A 567 -23.82 22.73 3.66
N THR A 568 -23.73 21.46 4.06
CA THR A 568 -22.88 21.08 5.16
C THR A 568 -21.44 21.35 4.78
N HIS A 569 -21.11 21.12 3.53
CA HIS A 569 -19.74 21.37 3.16
C HIS A 569 -19.41 22.82 2.99
N ARG A 570 -20.35 23.71 3.26
CA ARG A 570 -20.09 25.12 3.15
C ARG A 570 -20.60 25.83 4.41
N VAL A 651 -29.29 26.75 23.31
CA VAL A 651 -29.55 26.37 21.94
C VAL A 651 -28.33 25.59 21.49
N THR A 652 -27.18 25.95 22.05
CA THR A 652 -25.92 25.37 21.68
C THR A 652 -25.50 24.26 22.63
N ILE A 653 -24.42 23.60 22.22
CA ILE A 653 -23.86 22.48 22.97
C ILE A 653 -23.35 22.83 24.37
N PRO A 654 -22.54 23.89 24.58
CA PRO A 654 -22.08 24.15 25.97
C PRO A 654 -23.19 24.52 26.91
N PHE A 655 -24.32 24.99 26.41
CA PHE A 655 -25.42 25.24 27.33
C PHE A 655 -26.00 23.92 27.82
N LEU A 656 -25.93 22.90 26.98
CA LEU A 656 -26.56 21.63 27.31
C LEU A 656 -25.87 20.84 28.43
N ARG A 657 -24.54 20.65 28.43
CA ARG A 657 -24.01 19.80 29.52
C ARG A 657 -24.13 20.49 30.87
N LYS A 658 -24.14 21.82 30.88
CA LYS A 658 -24.41 22.52 32.12
C LYS A 658 -25.85 22.27 32.51
N TYR A 659 -26.76 22.25 31.53
CA TYR A 659 -28.15 21.93 31.81
C TYR A 659 -28.29 20.51 32.32
N VAL A 660 -27.37 19.64 31.94
CA VAL A 660 -27.41 18.25 32.38
C VAL A 660 -26.95 18.12 33.82
N GLN A 661 -25.74 18.59 34.14
CA GLN A 661 -25.30 18.36 35.52
C GLN A 661 -26.10 19.20 36.48
N TYR A 662 -26.71 20.30 36.03
CA TYR A 662 -27.60 21.00 36.93
C TYR A 662 -28.88 20.23 37.09
N ALA A 663 -29.33 19.55 36.03
CA ALA A 663 -30.57 18.80 36.17
C ALA A 663 -30.34 17.52 36.96
N LYS A 664 -29.08 17.20 37.28
CA LYS A 664 -28.78 15.99 38.04
C LYS A 664 -29.03 16.10 39.54
N GLU A 665 -28.77 17.26 40.15
CA GLU A 665 -28.84 17.32 41.60
C GLU A 665 -30.17 17.72 42.22
N ARG A 666 -31.12 18.29 41.50
CA ARG A 666 -32.37 18.64 42.17
C ARG A 666 -33.62 18.17 41.46
N VAL A 667 -33.47 17.58 40.29
CA VAL A 667 -34.61 17.16 39.51
C VAL A 667 -34.91 15.69 39.68
N ILE A 668 -34.32 15.03 40.67
CA ILE A 668 -34.56 13.60 40.86
C ILE A 668 -36.05 13.37 41.09
N PRO A 669 -36.67 12.47 40.38
CA PRO A 669 -38.12 12.32 40.54
C PRO A 669 -38.63 11.16 41.37
N GLN A 670 -39.95 11.17 41.53
CA GLN A 670 -40.69 10.15 42.26
C GLN A 670 -41.95 9.78 41.48
N LEU A 671 -42.21 8.49 41.44
CA LEU A 671 -43.34 7.93 40.72
C LEU A 671 -44.66 8.28 41.38
N THR A 672 -45.68 8.46 40.55
CA THR A 672 -47.03 8.80 40.96
C THR A 672 -47.99 7.71 40.52
N GLN A 673 -49.27 7.87 40.91
CA GLN A 673 -50.31 6.90 40.57
C GLN A 673 -50.59 6.90 39.08
N GLU A 674 -50.48 8.08 38.45
CA GLU A 674 -50.73 8.21 37.03
C GLU A 674 -49.74 7.43 36.18
N ALA A 675 -48.57 7.10 36.74
CA ALA A 675 -47.58 6.34 36.01
C ALA A 675 -47.94 4.87 35.91
N ILE A 676 -48.84 4.39 36.75
CA ILE A 676 -49.21 2.98 36.75
C ILE A 676 -50.20 2.62 35.66
N ASN A 677 -51.29 3.37 35.56
CA ASN A 677 -52.42 3.02 34.70
C ASN A 677 -52.08 2.94 33.22
N VAL A 678 -51.10 3.69 32.76
CA VAL A 678 -50.72 3.64 31.36
C VAL A 678 -49.81 2.45 31.08
N ILE A 679 -48.77 2.27 31.89
CA ILE A 679 -47.82 1.20 31.60
C ILE A 679 -48.40 -0.16 31.87
N VAL A 680 -49.48 -0.25 32.68
CA VAL A 680 -50.11 -1.56 32.88
C VAL A 680 -50.81 -1.99 31.60
N LYS A 681 -51.59 -1.07 31.04
CA LYS A 681 -52.27 -1.31 29.78
C LYS A 681 -51.25 -1.52 28.67
N ASN A 682 -50.09 -0.88 28.81
CA ASN A 682 -49.05 -0.99 27.82
C ASN A 682 -48.40 -2.36 27.89
N TYR A 683 -48.22 -2.91 29.09
CA TYR A 683 -47.60 -4.21 29.19
C TYR A 683 -48.58 -5.28 28.74
N THR A 684 -49.89 -4.99 28.89
CA THR A 684 -50.89 -5.92 28.37
C THR A 684 -50.83 -5.93 26.85
N ASP A 685 -50.56 -4.76 26.27
CA ASP A 685 -50.38 -4.68 24.82
C ASP A 685 -49.11 -5.41 24.42
N LEU A 686 -48.10 -5.39 25.28
CA LEU A 686 -46.86 -6.09 24.95
C LEU A 686 -47.04 -7.59 24.96
N ARG A 687 -47.96 -8.10 25.76
CA ARG A 687 -48.12 -9.54 25.73
C ARG A 687 -49.23 -10.02 24.84
N ASN A 688 -50.28 -9.23 24.62
CA ASN A 688 -51.38 -9.71 23.80
C ASN A 688 -51.16 -9.51 22.31
N ASP A 689 -50.45 -8.46 21.91
CA ASP A 689 -50.30 -8.19 20.47
C ASP A 689 -48.88 -7.98 19.97
N ASP A 690 -47.95 -7.55 20.83
CA ASP A 690 -46.56 -7.33 20.40
C ASP A 690 -45.88 -8.65 20.03
N ASN A 691 -46.24 -9.73 20.70
CA ASN A 691 -45.70 -11.04 20.38
C ASN A 691 -46.14 -11.53 19.02
N THR A 692 -47.24 -10.98 18.47
CA THR A 692 -47.68 -11.37 17.15
C THR A 692 -46.82 -10.77 16.04
N LYS A 693 -45.92 -9.86 16.36
CA LYS A 693 -45.06 -9.26 15.34
C LYS A 693 -43.60 -9.57 15.60
N LYS A 694 -43.07 -9.23 16.77
CA LYS A 694 -41.69 -9.49 17.13
C LYS A 694 -41.63 -10.00 18.56
N SER A 695 -40.42 -10.02 19.11
CA SER A 695 -40.13 -10.52 20.46
C SER A 695 -38.83 -9.86 20.92
N PRO A 696 -38.51 -9.90 22.24
CA PRO A 696 -39.13 -10.41 23.47
C PRO A 696 -39.90 -9.41 24.25
N ILE A 697 -40.61 -9.94 25.23
CA ILE A 697 -41.39 -9.14 26.15
C ILE A 697 -40.94 -9.59 27.52
N THR A 698 -40.15 -8.77 28.18
CA THR A 698 -39.65 -9.08 29.51
C THR A 698 -40.20 -8.08 30.52
N ALA A 699 -39.96 -8.38 31.78
CA ALA A 699 -40.35 -7.44 32.82
C ALA A 699 -39.38 -6.27 32.82
N ARG A 700 -38.18 -6.50 32.25
CA ARG A 700 -37.18 -5.45 32.10
C ARG A 700 -37.73 -4.34 31.22
N THR A 701 -38.59 -4.71 30.26
CA THR A 701 -39.24 -3.75 29.39
C THR A 701 -40.16 -2.86 30.23
N LEU A 702 -40.82 -3.45 31.22
CA LEU A 702 -41.67 -2.66 32.08
C LEU A 702 -40.81 -1.77 32.97
N GLU A 703 -39.60 -2.22 33.29
CA GLU A 703 -38.68 -1.38 34.06
C GLU A 703 -38.25 -0.19 33.21
N THR A 704 -38.07 -0.43 31.92
CA THR A 704 -37.76 0.67 31.03
C THR A 704 -38.97 1.59 30.90
N LEU A 705 -40.19 1.05 31.07
CA LEU A 705 -41.39 1.88 31.02
C LEU A 705 -41.38 2.84 32.18
N ILE A 706 -40.83 2.41 33.30
CA ILE A 706 -40.70 3.32 34.42
C ILE A 706 -39.55 4.29 34.19
N ARG A 707 -38.43 3.78 33.65
CA ARG A 707 -37.24 4.60 33.44
C ARG A 707 -37.44 5.72 32.43
N LEU A 708 -38.23 5.48 31.39
CA LEU A 708 -38.45 6.54 30.40
C LEU A 708 -39.26 7.69 30.98
N ALA A 709 -40.28 7.39 31.78
CA ALA A 709 -41.04 8.48 32.38
C ALA A 709 -40.17 9.21 33.39
N THR A 710 -39.23 8.47 33.97
CA THR A 710 -38.28 9.06 34.90
C THR A 710 -37.35 10.03 34.19
N ALA A 711 -36.77 9.57 33.08
CA ALA A 711 -35.84 10.41 32.33
C ALA A 711 -36.55 11.58 31.68
N HIS A 712 -37.83 11.41 31.31
CA HIS A 712 -38.58 12.51 30.76
C HIS A 712 -38.84 13.54 31.84
N ALA A 713 -39.03 13.06 33.08
CA ALA A 713 -39.23 13.99 34.17
C ALA A 713 -37.93 14.69 34.54
N LYS A 714 -36.78 14.05 34.32
CA LYS A 714 -35.51 14.73 34.57
C LYS A 714 -35.23 15.78 33.53
N VAL A 715 -35.62 15.53 32.30
CA VAL A 715 -35.37 16.50 31.25
C VAL A 715 -36.28 17.70 31.49
N ARG A 716 -37.54 17.46 31.83
CA ARG A 716 -38.41 18.59 32.12
C ARG A 716 -38.17 19.13 33.53
N LEU A 717 -37.29 18.48 34.29
CA LEU A 717 -36.93 18.82 35.68
C LEU A 717 -38.14 18.77 36.60
N SER A 718 -39.09 17.88 36.31
CA SER A 718 -40.24 17.75 37.18
C SER A 718 -39.87 16.89 38.37
N LYS A 719 -40.71 16.95 39.40
CA LYS A 719 -40.44 16.16 40.58
C LYS A 719 -41.32 14.93 40.63
N THR A 720 -42.56 15.05 40.17
CA THR A 720 -43.49 13.96 40.08
C THR A 720 -43.29 13.23 38.76
N VAL A 721 -44.11 12.22 38.49
CA VAL A 721 -44.10 11.47 37.24
C VAL A 721 -45.48 11.64 36.62
N ASN A 722 -45.52 12.19 35.40
CA ASN A 722 -46.75 12.48 34.68
C ASN A 722 -47.13 11.41 33.67
N LYS A 723 -48.44 11.39 33.39
CA LYS A 723 -49.03 10.50 32.40
C LYS A 723 -48.51 10.79 31.01
N VAL A 724 -48.18 12.05 30.75
CA VAL A 724 -47.72 12.48 29.45
C VAL A 724 -46.37 11.88 29.10
N ASP A 725 -45.50 11.70 30.09
CA ASP A 725 -44.21 11.08 29.84
C ASP A 725 -44.40 9.64 29.37
N ALA A 726 -45.40 8.96 29.93
CA ALA A 726 -45.72 7.60 29.51
C ALA A 726 -46.32 7.61 28.11
N LYS A 727 -47.07 8.66 27.78
CA LYS A 727 -47.64 8.77 26.45
C LYS A 727 -46.52 8.91 25.43
N VAL A 728 -45.44 9.58 25.83
CA VAL A 728 -44.25 9.72 25.00
C VAL A 728 -43.56 8.36 24.85
N ALA A 729 -43.47 7.63 25.96
CA ALA A 729 -42.80 6.34 25.94
C ALA A 729 -43.51 5.32 25.07
N ALA A 730 -44.83 5.46 24.89
CA ALA A 730 -45.55 4.51 24.02
C ALA A 730 -45.08 4.70 22.58
N ASN A 731 -44.84 5.95 22.20
CA ASN A 731 -44.33 6.22 20.88
C ASN A 731 -42.87 5.82 20.80
N LEU A 732 -42.18 5.84 21.93
CA LEU A 732 -40.78 5.44 21.90
C LEU A 732 -40.66 3.95 21.70
N LEU A 733 -41.63 3.20 22.19
CA LEU A 733 -41.57 1.77 21.97
C LEU A 733 -41.99 1.43 20.55
N ARG A 734 -42.96 2.19 20.02
CA ARG A 734 -43.39 1.92 18.65
C ARG A 734 -42.31 2.30 17.67
N PHE A 735 -41.63 3.42 17.87
CA PHE A 735 -40.59 3.84 16.96
C PHE A 735 -39.35 2.97 17.10
N ALA A 736 -39.08 2.45 18.30
CA ALA A 736 -37.90 1.62 18.42
C ALA A 736 -38.10 0.25 17.82
N LEU A 737 -39.32 -0.29 17.89
CA LEU A 737 -39.52 -1.61 17.34
C LEU A 737 -40.51 -1.69 16.19
N LEU A 738 -41.74 -1.21 16.37
CA LEU A 738 -42.75 -1.33 15.30
C LEU A 738 -42.88 -0.12 14.38
N LEU B 177 22.33 -37.29 96.71
CA LEU B 177 21.44 -37.52 95.57
C LEU B 177 22.04 -36.94 94.31
N ARG B 178 21.88 -37.65 93.20
CA ARG B 178 22.39 -37.15 91.93
C ARG B 178 21.39 -36.15 91.38
N ILE B 179 21.91 -35.14 90.68
CA ILE B 179 21.04 -34.10 90.15
C ILE B 179 21.76 -33.42 88.99
N ILE B 180 20.99 -32.99 88.01
CA ILE B 180 21.49 -32.25 86.87
C ILE B 180 21.23 -30.78 87.18
N TRP B 181 22.11 -29.90 86.68
CA TRP B 181 22.01 -28.48 86.97
C TRP B 181 20.74 -27.86 86.40
N GLY B 182 20.45 -28.10 85.12
CA GLY B 182 19.27 -27.53 84.54
C GLY B 182 17.95 -28.19 84.90
N THR B 183 17.97 -29.45 85.34
CA THR B 183 16.73 -30.15 85.63
C THR B 183 16.58 -30.42 87.11
N ASN B 184 15.46 -31.07 87.46
CA ASN B 184 15.19 -31.53 88.82
C ASN B 184 14.78 -33.01 88.79
N VAL B 185 15.78 -33.89 88.69
CA VAL B 185 15.58 -35.34 88.66
C VAL B 185 16.77 -35.98 89.35
N SER B 186 16.76 -37.31 89.44
CA SER B 186 17.88 -38.03 90.00
C SER B 186 18.05 -39.33 89.23
N ILE B 187 19.24 -39.90 89.37
CA ILE B 187 19.56 -41.15 88.68
C ILE B 187 18.89 -42.34 89.35
N GLN B 188 19.08 -42.47 90.66
CA GLN B 188 18.63 -43.66 91.38
C GLN B 188 17.13 -43.70 91.63
N GLU B 189 16.47 -42.57 91.89
CA GLU B 189 15.03 -42.65 92.11
C GLU B 189 14.33 -42.97 90.81
N CYS B 190 14.88 -42.49 89.71
CA CYS B 190 14.33 -42.80 88.40
C CYS B 190 14.59 -44.24 88.03
N THR B 191 15.79 -44.73 88.35
CA THR B 191 16.18 -46.10 88.02
C THR B 191 15.38 -47.10 88.83
N THR B 192 15.35 -46.92 90.15
CA THR B 192 14.61 -47.81 91.02
C THR B 192 13.11 -47.67 90.81
N ASN B 193 12.63 -46.48 90.46
CA ASN B 193 11.21 -46.34 90.24
C ASN B 193 10.82 -46.95 88.91
N PHE B 194 11.72 -46.94 87.93
CA PHE B 194 11.40 -47.56 86.66
C PHE B 194 11.48 -49.06 86.82
N ARG B 195 12.39 -49.54 87.67
CA ARG B 195 12.48 -50.96 87.97
C ARG B 195 11.23 -51.41 88.72
N ASN B 196 10.71 -50.53 89.57
CA ASN B 196 9.48 -50.77 90.31
C ASN B 196 8.34 -50.95 89.32
N PHE B 197 8.31 -50.11 88.30
CA PHE B 197 7.28 -50.25 87.27
C PHE B 197 7.50 -51.50 86.43
N LEU B 198 8.76 -51.86 86.21
CA LEU B 198 9.10 -53.05 85.42
C LEU B 198 8.98 -54.34 86.20
N MET B 199 8.66 -54.27 87.48
CA MET B 199 8.46 -55.47 88.28
C MET B 199 7.07 -55.48 88.88
N SER B 200 6.18 -54.60 88.43
CA SER B 200 4.84 -54.55 88.99
C SER B 200 3.83 -54.05 87.98
N PHE B 201 2.99 -54.96 87.50
CA PHE B 201 1.86 -54.65 86.63
C PHE B 201 0.96 -55.84 86.86
N LYS B 202 -0.28 -55.58 87.27
CA LYS B 202 -1.19 -56.67 87.53
C LYS B 202 -2.55 -56.31 86.98
N TYR B 203 -2.55 -55.86 85.73
CA TYR B 203 -3.76 -55.45 85.02
C TYR B 203 -4.46 -54.33 85.76
N LYS B 204 -3.67 -53.36 86.27
CA LYS B 204 -4.22 -52.23 87.03
C LYS B 204 -5.24 -51.45 86.22
N PHE B 205 -5.06 -51.41 84.89
CA PHE B 205 -6.02 -50.74 84.06
C PHE B 205 -7.34 -51.51 84.05
N ARG B 206 -7.27 -52.83 84.24
CA ARG B 206 -8.51 -53.59 84.36
C ARG B 206 -9.12 -53.37 85.73
N LYS B 207 -8.29 -53.01 86.72
CA LYS B 207 -8.83 -52.71 88.03
C LYS B 207 -9.58 -51.39 87.99
N ILE B 208 -9.16 -50.48 87.12
CA ILE B 208 -9.90 -49.23 86.96
C ILE B 208 -11.08 -49.48 86.04
N LEU B 209 -10.89 -50.35 85.05
CA LEU B 209 -11.89 -50.75 84.09
C LEU B 209 -12.95 -51.65 84.72
N ASP B 210 -12.63 -52.21 85.90
CA ASP B 210 -13.45 -53.09 86.72
C ASP B 210 -13.71 -54.42 86.04
N GLU B 211 -12.87 -54.76 85.05
CA GLU B 211 -12.78 -56.00 84.28
C GLU B 211 -13.99 -56.21 83.36
N ARG B 212 -15.01 -55.37 83.50
CA ARG B 212 -16.34 -55.39 82.86
C ARG B 212 -16.91 -56.79 82.55
N ASP B 221 -3.33 -65.35 84.13
CA ASP B 221 -2.87 -64.53 83.00
C ASP B 221 -2.53 -63.11 83.44
N GLU B 222 -2.62 -62.88 84.74
CA GLU B 222 -2.43 -61.57 85.37
C GLU B 222 -0.97 -61.17 85.51
N GLU B 223 -0.06 -61.93 84.89
CA GLU B 223 1.35 -61.61 84.92
C GLU B 223 1.61 -60.28 84.24
N LEU B 224 2.64 -59.58 84.69
CA LEU B 224 2.99 -58.30 84.15
C LEU B 224 3.47 -58.44 82.72
N TYR B 225 3.32 -57.36 81.99
CA TYR B 225 3.65 -57.28 80.57
C TYR B 225 5.13 -57.40 80.30
N TYR B 226 5.93 -56.66 81.06
CA TYR B 226 7.34 -56.49 80.79
C TYR B 226 8.18 -57.74 81.03
N ILE B 227 7.71 -58.74 81.77
CA ILE B 227 8.46 -59.99 81.88
C ILE B 227 8.46 -60.71 80.54
N LYS B 228 7.25 -60.95 80.01
CA LYS B 228 7.10 -61.63 78.73
C LYS B 228 7.68 -60.82 77.60
N GLN B 229 7.51 -59.50 77.64
CA GLN B 229 8.04 -58.66 76.59
C GLN B 229 9.56 -58.53 76.69
N LEU B 230 10.12 -58.65 77.90
CA LEU B 230 11.56 -58.60 78.03
C LEU B 230 12.15 -59.93 77.59
N ASN B 231 11.36 -61.00 77.69
CA ASN B 231 11.82 -62.28 77.18
C ASN B 231 11.79 -62.25 75.66
N GLU B 232 10.76 -61.59 75.08
CA GLU B 232 10.71 -61.49 73.63
C GLU B 232 11.80 -60.58 73.10
N MET B 233 12.25 -59.63 73.92
CA MET B 233 13.40 -58.82 73.56
C MET B 233 14.69 -59.62 73.70
N ARG B 234 14.71 -60.54 74.67
CA ARG B 234 15.87 -61.33 75.06
C ARG B 234 16.19 -62.51 74.15
N GLU B 235 15.30 -63.49 74.06
CA GLU B 235 15.63 -64.66 73.24
C GLU B 235 15.57 -64.38 71.76
N LEU B 236 14.84 -63.36 71.33
CA LEU B 236 14.80 -63.04 69.92
C LEU B 236 15.97 -62.15 69.52
N GLY B 237 16.60 -61.50 70.49
CA GLY B 237 17.71 -60.61 70.21
C GLY B 237 17.30 -59.28 69.63
N THR B 238 16.01 -58.94 69.70
CA THR B 238 15.49 -57.69 69.16
C THR B 238 15.48 -56.58 70.20
N LEU B 241 13.42 -46.82 71.78
CA LEU B 241 12.31 -47.58 72.33
C LEU B 241 11.16 -46.63 72.64
N ASN B 242 9.94 -47.15 72.64
CA ASN B 242 8.75 -46.35 72.88
C ASN B 242 7.70 -47.23 73.54
N LEU B 243 6.68 -46.58 74.08
CA LEU B 243 5.62 -47.31 74.77
C LEU B 243 4.37 -46.46 74.75
N ASP B 244 3.26 -47.07 75.15
CA ASP B 244 1.98 -46.40 75.16
C ASP B 244 1.81 -45.62 76.48
N ALA B 245 0.59 -45.14 76.71
CA ALA B 245 0.31 -44.33 77.90
C ALA B 245 -0.43 -45.00 79.04
N ARG B 246 -1.29 -45.99 78.81
CA ARG B 246 -2.09 -46.49 79.92
C ARG B 246 -1.36 -47.36 80.94
N ASN B 247 -0.14 -47.83 80.65
CA ASN B 247 0.53 -48.63 81.67
C ASN B 247 1.03 -47.77 82.82
N LEU B 248 1.38 -46.52 82.55
CA LEU B 248 1.84 -45.59 83.57
C LEU B 248 0.74 -44.82 84.27
N LEU B 249 -0.50 -44.86 83.76
CA LEU B 249 -1.59 -44.15 84.41
C LEU B 249 -2.23 -45.01 85.47
N ALA B 250 -2.51 -46.26 85.12
CA ALA B 250 -3.14 -47.16 86.06
C ALA B 250 -2.20 -47.55 87.18
N TYR B 251 -0.91 -47.65 86.88
CA TYR B 251 0.08 -47.94 87.91
C TYR B 251 0.23 -46.68 88.76
N LYS B 252 0.02 -46.82 90.07
CA LYS B 252 0.07 -45.67 90.97
C LYS B 252 1.47 -45.08 91.08
N GLN B 253 2.48 -45.93 91.19
CA GLN B 253 3.85 -45.46 91.26
C GLN B 253 4.29 -44.98 89.87
N THR B 254 5.43 -44.25 89.83
CA THR B 254 6.04 -43.64 88.64
C THR B 254 5.18 -42.57 88.00
N GLU B 255 4.25 -41.98 88.77
CA GLU B 255 3.42 -40.93 88.20
C GLU B 255 4.25 -39.67 87.99
N ASP B 256 5.20 -39.43 88.89
CA ASP B 256 6.12 -38.31 88.72
C ASP B 256 7.02 -38.56 87.52
N LEU B 257 7.33 -39.84 87.28
CA LEU B 257 8.19 -40.22 86.16
C LEU B 257 7.49 -39.93 84.84
N TYR B 258 6.16 -39.93 84.87
CA TYR B 258 5.36 -39.63 83.69
C TYR B 258 5.55 -38.19 83.28
N HIS B 259 5.47 -37.28 84.24
CA HIS B 259 5.64 -35.90 83.88
C HIS B 259 7.09 -35.54 83.68
N GLN B 260 8.03 -36.31 84.24
CA GLN B 260 9.43 -36.04 83.96
C GLN B 260 9.75 -36.40 82.53
N LEU B 261 9.22 -37.54 82.05
CA LEU B 261 9.42 -37.91 80.66
C LEU B 261 8.65 -36.96 79.75
N LEU B 262 7.50 -36.51 80.23
CA LEU B 262 6.69 -35.57 79.50
C LEU B 262 7.39 -34.23 79.37
N ASN B 263 8.24 -33.90 80.33
CA ASN B 263 8.94 -32.64 80.35
C ASN B 263 10.40 -32.76 79.95
N TYR B 264 10.98 -33.95 80.04
CA TYR B 264 12.37 -34.15 79.66
C TYR B 264 12.48 -35.48 78.93
N PRO B 265 11.98 -35.56 77.70
CA PRO B 265 12.03 -36.82 76.98
C PRO B 265 13.42 -37.15 76.49
N GLN B 266 14.29 -36.14 76.40
CA GLN B 266 15.62 -36.30 75.82
C GLN B 266 16.54 -37.20 76.64
N GLU B 267 16.51 -37.11 77.96
CA GLU B 267 17.41 -37.93 78.76
C GLU B 267 16.77 -39.11 79.46
N VAL B 268 15.47 -39.01 79.79
CA VAL B 268 14.78 -40.05 80.53
C VAL B 268 14.73 -41.35 79.74
N ILE B 269 14.54 -41.27 78.41
CA ILE B 269 14.51 -42.47 77.59
C ILE B 269 15.88 -43.15 77.59
N SER B 270 16.96 -42.36 77.60
CA SER B 270 18.30 -42.94 77.61
C SER B 270 18.56 -43.63 78.94
N ILE B 271 18.05 -43.05 80.02
CA ILE B 271 18.22 -43.68 81.33
C ILE B 271 17.36 -44.94 81.41
N MET B 272 16.17 -44.90 80.80
CA MET B 272 15.30 -46.09 80.78
C MET B 272 15.96 -47.22 80.00
N ASP B 273 16.61 -46.90 78.88
CA ASP B 273 17.26 -47.96 78.12
C ASP B 273 18.48 -48.48 78.86
N GLN B 274 19.13 -47.62 79.65
CA GLN B 274 20.26 -48.06 80.45
C GLN B 274 19.81 -49.05 81.52
N THR B 275 18.73 -48.71 82.24
CA THR B 275 18.29 -49.64 83.27
C THR B 275 17.55 -50.85 82.69
N ILE B 276 17.00 -50.75 81.47
CA ILE B 276 16.43 -51.93 80.82
C ILE B 276 17.58 -52.87 80.46
N LYS B 277 18.70 -52.31 79.99
CA LYS B 277 19.91 -53.06 79.72
C LYS B 277 20.41 -53.73 80.99
N ASP B 278 20.28 -53.03 82.11
CA ASP B 278 20.67 -53.60 83.39
C ASP B 278 19.70 -54.71 83.80
N CYS B 279 18.42 -54.60 83.41
CA CYS B 279 17.47 -55.66 83.74
C CYS B 279 17.75 -56.89 82.87
N MET B 280 18.23 -56.66 81.66
CA MET B 280 18.65 -57.75 80.78
C MET B 280 19.82 -58.48 81.40
N VAL B 281 20.72 -57.72 82.03
CA VAL B 281 21.86 -58.35 82.69
C VAL B 281 21.39 -59.03 83.97
N SER B 282 20.37 -58.49 84.64
CA SER B 282 19.86 -59.13 85.86
C SER B 282 19.15 -60.44 85.54
N LEU B 283 18.61 -60.56 84.34
CA LEU B 283 17.97 -61.80 83.96
C LEU B 283 18.97 -62.79 83.38
N ILE B 284 20.02 -62.28 82.72
CA ILE B 284 21.01 -63.14 82.07
C ILE B 284 21.96 -63.82 83.05
N VAL B 285 21.95 -63.46 84.33
CA VAL B 285 22.85 -64.10 85.29
C VAL B 285 22.28 -65.43 85.77
N ASP B 286 21.17 -65.87 85.19
CA ASP B 286 20.57 -67.14 85.56
C ASP B 286 21.28 -68.27 84.83
N ASN B 287 21.54 -68.10 83.53
CA ASN B 287 22.21 -69.09 82.70
C ASN B 287 23.64 -68.69 82.33
N ASN B 288 23.91 -67.39 82.22
CA ASN B 288 25.17 -66.70 81.95
C ASN B 288 25.71 -66.93 80.54
N LEU B 289 25.01 -67.69 79.69
CA LEU B 289 25.36 -67.90 78.28
C LEU B 289 24.05 -67.79 77.52
N ASP B 290 23.64 -66.56 77.18
CA ASP B 290 22.35 -66.33 76.55
C ASP B 290 22.48 -65.28 75.46
N TYR B 291 22.43 -65.74 74.21
CA TYR B 291 22.37 -64.90 73.01
C TYR B 291 23.63 -64.07 72.83
N ASP B 292 24.76 -64.56 73.37
CA ASP B 292 26.06 -63.90 73.32
C ASP B 292 25.98 -62.51 73.98
N LEU B 293 25.89 -62.57 75.31
CA LEU B 293 25.64 -61.46 76.23
C LEU B 293 26.34 -60.14 75.92
N ASP B 294 27.53 -60.20 75.33
CA ASP B 294 28.25 -58.97 75.00
C ASP B 294 27.63 -58.22 73.84
N GLU B 295 27.24 -58.93 72.76
CA GLU B 295 26.69 -58.21 71.62
C GLU B 295 25.25 -57.80 71.83
N ILE B 296 24.42 -58.65 72.46
CA ILE B 296 23.05 -58.23 72.73
C ILE B 296 23.08 -57.13 73.78
N GLU B 297 24.12 -57.15 74.63
CA GLU B 297 24.37 -56.10 75.59
C GLU B 297 24.77 -54.81 74.89
N THR B 298 25.53 -54.92 73.80
CA THR B 298 26.02 -53.76 73.05
C THR B 298 24.90 -53.02 72.34
N LYS B 299 23.79 -53.70 72.07
CA LYS B 299 22.65 -53.11 71.39
C LYS B 299 21.94 -52.08 72.25
N SER B 310 -5.20 -38.25 71.10
CA SER B 310 -5.49 -37.27 70.06
C SER B 310 -6.80 -36.57 70.42
N CYS B 311 -6.66 -35.42 71.07
CA CYS B 311 -7.78 -34.62 71.53
C CYS B 311 -8.18 -33.60 70.48
N LYS B 312 -7.25 -32.73 70.09
CA LYS B 312 -7.53 -31.66 69.13
C LYS B 312 -6.36 -31.60 68.15
N GLY B 313 -6.50 -30.74 67.14
CA GLY B 313 -5.55 -30.63 66.07
C GLY B 313 -4.35 -29.72 66.27
N MET B 314 -3.62 -29.55 65.17
CA MET B 314 -2.41 -28.75 65.12
C MET B 314 -2.73 -27.27 65.27
N ARG B 315 -3.87 -26.85 64.68
CA ARG B 315 -4.26 -25.45 64.74
C ARG B 315 -4.56 -25.03 66.17
N GLU B 316 -5.10 -25.94 66.98
CA GLU B 316 -5.41 -25.58 68.36
C GLU B 316 -4.14 -25.47 69.22
N LEU B 317 -3.03 -26.12 68.80
CA LEU B 317 -1.78 -26.18 69.57
C LEU B 317 -1.09 -24.84 69.80
N ASN B 318 -1.03 -24.41 71.06
CA ASN B 318 -0.39 -23.14 71.41
C ASN B 318 1.13 -23.22 71.30
N PRO B 319 1.80 -22.07 71.11
CA PRO B 319 3.27 -22.04 71.11
C PRO B 319 3.86 -22.22 72.49
N ASN B 320 3.01 -22.28 73.51
CA ASN B 320 3.42 -22.47 74.89
C ASN B 320 4.02 -23.86 75.06
N ASP B 321 3.54 -24.79 74.25
CA ASP B 321 3.92 -26.18 74.31
C ASP B 321 5.26 -26.29 73.59
N ILE B 322 6.32 -25.92 74.30
CA ILE B 322 7.64 -25.96 73.69
C ILE B 322 8.15 -27.38 73.62
N ASP B 323 8.34 -28.03 74.76
CA ASP B 323 8.84 -29.41 74.78
C ASP B 323 7.78 -30.23 75.49
N LYS B 324 6.77 -30.67 74.74
CA LYS B 324 5.69 -31.47 75.32
C LYS B 324 5.34 -32.66 74.44
N LEU B 325 4.47 -33.50 74.98
CA LEU B 325 3.96 -34.67 74.30
C LEU B 325 2.65 -34.28 73.64
N ILE B 326 2.52 -34.58 72.35
CA ILE B 326 1.36 -34.18 71.58
C ILE B 326 0.84 -35.41 70.85
N ASN B 327 -0.45 -35.68 71.01
CA ASN B 327 -1.08 -36.80 70.34
C ASN B 327 -1.84 -36.25 69.15
N LEU B 328 -1.43 -36.65 67.94
CA LEU B 328 -2.07 -36.21 66.70
C LEU B 328 -2.25 -37.34 65.70
N LYS B 329 -3.06 -37.05 64.67
CA LYS B 329 -3.44 -37.96 63.58
C LYS B 329 -3.24 -37.30 62.21
N GLY B 330 -3.78 -37.93 61.13
CA GLY B 330 -3.76 -37.44 59.77
C GLY B 330 -3.20 -38.44 58.75
N LEU B 331 -2.86 -37.88 57.58
CA LEU B 331 -2.38 -38.57 56.39
C LEU B 331 -0.96 -38.12 56.06
N VAL B 332 -0.36 -38.76 55.08
CA VAL B 332 1.02 -38.49 54.69
C VAL B 332 1.07 -37.98 53.26
N LEU B 333 1.74 -36.86 53.03
CA LEU B 333 1.79 -36.29 51.68
C LEU B 333 2.88 -36.94 50.81
N ARG B 334 4.14 -36.72 51.16
CA ARG B 334 5.22 -37.24 50.35
C ARG B 334 6.40 -37.58 51.23
N SER B 335 7.49 -38.03 50.58
CA SER B 335 8.68 -38.43 51.30
C SER B 335 9.93 -38.01 50.53
N THR B 336 10.73 -37.16 51.17
CA THR B 336 11.97 -36.69 50.62
C THR B 336 12.99 -37.83 50.59
N PRO B 337 14.09 -37.70 49.82
CA PRO B 337 15.09 -38.75 49.86
C PRO B 337 15.87 -38.79 51.16
N VAL B 338 16.82 -39.70 51.26
CA VAL B 338 17.59 -39.84 52.49
C VAL B 338 18.60 -38.71 52.64
N ILE B 339 18.63 -38.12 53.82
CA ILE B 339 19.58 -37.05 54.17
C ILE B 339 20.65 -37.65 55.07
N PRO B 340 21.92 -37.53 54.73
CA PRO B 340 22.96 -38.06 55.60
C PRO B 340 23.21 -37.10 56.74
N ASP B 341 23.88 -37.59 57.78
CA ASP B 341 24.14 -36.73 58.93
C ASP B 341 25.37 -37.22 59.64
N MET B 342 26.39 -36.38 59.73
CA MET B 342 27.65 -36.75 60.37
C MET B 342 27.53 -36.90 61.88
N LYS B 343 28.03 -38.01 62.40
CA LYS B 343 28.07 -38.23 63.84
C LYS B 343 29.49 -38.18 64.38
N VAL B 344 30.43 -38.73 63.63
CA VAL B 344 31.85 -38.70 63.96
C VAL B 344 32.57 -38.13 62.76
N ALA B 345 33.45 -37.15 62.98
CA ALA B 345 34.18 -36.54 61.87
C ALA B 345 35.41 -37.38 61.51
N PHE B 346 36.26 -36.81 60.67
CA PHE B 346 37.48 -37.48 60.20
C PHE B 346 38.47 -36.40 59.80
N PHE B 347 39.71 -36.56 60.24
CA PHE B 347 40.75 -35.58 59.98
C PHE B 347 42.03 -36.30 59.62
N LYS B 348 42.88 -35.63 58.85
CA LYS B 348 44.16 -36.18 58.45
C LYS B 348 45.17 -35.03 58.49
N CYS B 349 46.38 -35.29 58.04
CA CYS B 349 47.39 -34.24 57.96
C CYS B 349 48.24 -34.43 56.71
N ASN B 350 49.37 -33.72 56.67
CA ASN B 350 50.26 -33.75 55.53
C ASN B 350 51.62 -34.42 55.74
N VAL B 351 52.19 -34.40 56.93
CA VAL B 351 53.52 -34.96 57.16
C VAL B 351 53.34 -36.33 57.80
N CYS B 352 53.50 -37.39 57.00
CA CYS B 352 53.34 -38.82 57.29
C CYS B 352 51.87 -39.19 57.43
N ASP B 353 51.00 -38.17 57.40
CA ASP B 353 49.54 -38.26 57.30
C ASP B 353 48.84 -38.97 58.45
N HIS B 354 49.03 -38.49 59.69
CA HIS B 354 48.29 -39.05 60.81
C HIS B 354 46.82 -38.73 60.61
N THR B 355 45.95 -39.66 60.97
CA THR B 355 44.54 -39.50 60.66
C THR B 355 43.62 -39.65 61.88
N MET B 356 43.92 -38.93 62.97
CA MET B 356 43.00 -39.00 64.11
C MET B 356 41.69 -38.31 63.77
N ALA B 357 40.68 -38.55 64.59
CA ALA B 357 39.37 -37.98 64.35
C ALA B 357 38.76 -37.51 65.65
N VAL B 358 37.59 -36.90 65.52
CA VAL B 358 36.82 -36.37 66.63
C VAL B 358 35.38 -36.50 66.17
N GLU B 359 34.45 -36.40 67.09
CA GLU B 359 33.05 -36.59 66.73
C GLU B 359 32.33 -35.27 66.60
N ILE B 360 31.12 -35.36 66.04
CA ILE B 360 30.26 -34.21 65.88
C ILE B 360 29.72 -33.77 67.23
N ASP B 361 29.62 -32.47 67.43
CA ASP B 361 29.02 -31.99 68.66
C ASP B 361 27.54 -31.82 68.36
N ARG B 362 26.80 -31.14 69.22
CA ARG B 362 25.39 -30.96 68.94
C ARG B 362 25.20 -29.94 67.82
N GLY B 363 26.15 -29.02 67.64
CA GLY B 363 26.01 -28.05 66.58
C GLY B 363 27.14 -27.88 65.60
N VAL B 364 28.39 -28.14 66.00
CA VAL B 364 29.54 -27.90 65.14
C VAL B 364 30.58 -28.99 65.36
N ILE B 365 31.66 -28.90 64.60
CA ILE B 365 32.81 -29.80 64.71
C ILE B 365 34.06 -28.97 64.79
N GLN B 366 34.87 -29.21 65.81
CA GLN B 366 36.11 -28.49 66.01
C GLN B 366 37.26 -29.32 65.47
N GLU B 367 38.39 -28.66 65.23
CA GLU B 367 39.55 -29.29 64.71
C GLU B 367 40.77 -28.53 65.19
N PRO B 368 41.86 -29.16 65.54
CA PRO B 368 43.01 -28.40 66.02
C PRO B 368 43.76 -27.79 64.85
N ALA B 369 44.85 -27.11 65.20
CA ALA B 369 45.67 -26.48 64.18
C ALA B 369 46.73 -27.47 63.73
N ARG B 370 47.41 -28.08 64.68
CA ARG B 370 48.48 -29.01 64.40
C ARG B 370 48.18 -30.34 65.09
N CYS B 371 48.48 -31.42 64.41
CA CYS B 371 48.23 -32.78 64.87
C CYS B 371 49.49 -33.61 64.80
N GLU B 372 50.24 -33.52 63.69
CA GLU B 372 51.50 -34.23 63.59
C GLU B 372 52.40 -33.43 64.50
N ARG B 373 53.21 -34.10 65.35
CA ARG B 373 54.07 -33.40 66.31
C ARG B 373 53.18 -32.49 67.13
N ILE B 374 52.11 -33.11 67.68
CA ILE B 374 50.86 -32.64 68.28
C ILE B 374 50.52 -31.15 68.08
N ASP B 375 49.69 -30.58 68.94
CA ASP B 375 49.29 -29.18 68.73
C ASP B 375 50.37 -28.25 69.28
N CYS B 376 51.51 -28.26 68.60
CA CYS B 376 52.66 -27.46 68.93
C CYS B 376 53.58 -27.38 67.71
N ASN B 377 54.38 -26.33 67.69
CA ASN B 377 55.40 -25.99 66.70
C ASN B 377 54.90 -25.87 65.26
N GLU B 378 53.56 -25.80 65.04
CA GLU B 378 52.85 -25.65 63.76
C GLU B 378 53.50 -26.35 62.56
N PRO B 379 53.66 -27.69 62.57
CA PRO B 379 54.43 -28.35 61.50
C PRO B 379 53.77 -28.24 60.14
N ASN B 380 52.50 -28.61 60.02
CA ASN B 380 51.88 -28.57 58.71
C ASN B 380 50.39 -28.34 58.85
N SER B 381 49.71 -28.31 57.71
CA SER B 381 48.28 -28.11 57.66
C SER B 381 47.51 -29.40 57.86
N MET B 382 46.44 -29.30 58.63
CA MET B 382 45.57 -30.44 58.91
C MET B 382 44.72 -30.75 57.69
N SER B 383 44.54 -32.03 57.42
CA SER B 383 43.71 -32.40 56.29
C SER B 383 42.35 -32.76 56.85
N LEU B 384 41.34 -32.74 55.98
CA LEU B 384 39.98 -33.03 56.39
C LEU B 384 39.35 -33.86 55.29
N ILE B 385 38.84 -35.02 55.64
CA ILE B 385 38.17 -35.90 54.71
C ILE B 385 36.75 -36.06 55.19
N HIS B 386 35.80 -35.58 54.41
CA HIS B 386 34.40 -35.67 54.80
C HIS B 386 33.73 -36.89 54.18
N ASN B 387 34.50 -37.93 53.91
CA ASN B 387 33.98 -39.18 53.40
C ASN B 387 34.49 -40.39 54.18
N ARG B 388 35.51 -40.22 55.02
CA ARG B 388 36.01 -41.27 55.90
C ARG B 388 35.35 -41.19 57.25
N CYS B 389 34.52 -40.19 57.44
CA CYS B 389 33.85 -39.91 58.68
C CYS B 389 32.55 -40.69 58.78
N SER B 390 32.06 -40.79 59.99
CA SER B 390 30.83 -41.53 60.17
C SER B 390 29.65 -40.66 59.81
N PHE B 391 28.51 -41.31 59.70
CA PHE B 391 27.29 -40.62 59.33
C PHE B 391 26.11 -41.21 60.07
N ALA B 392 24.93 -40.69 59.72
CA ALA B 392 23.66 -41.16 60.26
C ALA B 392 22.65 -41.05 59.12
N ASP B 393 21.39 -41.29 59.43
CA ASP B 393 20.34 -41.24 58.42
C ASP B 393 19.18 -40.44 58.97
N LYS B 394 18.68 -39.54 58.14
CA LYS B 394 17.56 -38.69 58.53
C LYS B 394 16.72 -38.43 57.31
N GLN B 395 15.41 -38.39 57.48
CA GLN B 395 14.55 -38.12 56.34
C GLN B 395 13.41 -37.21 56.78
N VAL B 396 13.04 -36.28 55.93
CA VAL B 396 11.95 -35.36 56.21
C VAL B 396 10.72 -35.81 55.44
N ILE B 397 9.59 -35.85 56.13
CA ILE B 397 8.33 -36.26 55.52
C ILE B 397 7.27 -35.28 55.95
N LYS B 398 6.55 -34.73 54.99
CA LYS B 398 5.50 -33.76 55.23
C LYS B 398 4.15 -34.48 55.26
N LEU B 399 3.31 -34.12 56.23
CA LEU B 399 2.03 -34.77 56.47
C LEU B 399 0.87 -33.80 56.41
N GLN B 400 -0.28 -34.32 55.99
CA GLN B 400 -1.53 -33.58 55.91
C GLN B 400 -2.54 -34.25 56.82
N GLU B 401 -3.34 -33.47 57.50
CA GLU B 401 -4.30 -34.07 58.41
C GLU B 401 -5.68 -34.00 57.80
N THR B 402 -6.57 -34.75 58.41
CA THR B 402 -7.97 -34.88 58.04
C THR B 402 -8.63 -34.30 59.28
N PRO B 403 -8.91 -33.00 59.28
CA PRO B 403 -9.44 -32.39 60.49
C PRO B 403 -10.87 -32.74 60.84
N ASP B 404 -10.95 -33.90 61.47
CA ASP B 404 -12.17 -34.41 62.04
C ASP B 404 -12.65 -33.44 63.11
N PHE B 405 -13.98 -33.34 63.27
CA PHE B 405 -14.66 -32.37 64.14
C PHE B 405 -14.23 -30.91 63.91
N THR B 411 -9.55 -23.85 57.53
CA THR B 411 -8.63 -23.86 56.40
C THR B 411 -7.73 -25.09 56.50
N PRO B 412 -7.25 -25.61 55.36
CA PRO B 412 -6.35 -26.75 55.41
C PRO B 412 -4.96 -26.41 55.95
N HIS B 413 -4.32 -27.42 56.51
CA HIS B 413 -3.00 -27.30 57.10
C HIS B 413 -2.20 -28.58 56.88
N SER B 414 -0.89 -28.41 56.72
CA SER B 414 0.04 -29.51 56.53
C SER B 414 1.14 -29.43 57.57
N ILE B 415 1.62 -30.57 58.05
CA ILE B 415 2.69 -30.61 59.04
C ILE B 415 3.82 -31.45 58.44
N SER B 416 4.98 -31.43 59.09
CA SER B 416 6.14 -32.19 58.63
C SER B 416 6.83 -32.84 59.82
N LEU B 417 7.85 -33.65 59.53
CA LEU B 417 8.59 -34.36 60.58
C LEU B 417 10.00 -34.70 60.07
N CYS B 418 10.84 -35.14 61.00
CA CYS B 418 12.28 -35.38 60.76
C CYS B 418 12.82 -36.69 61.32
N VAL B 419 12.26 -37.83 60.89
CA VAL B 419 12.67 -39.16 61.33
C VAL B 419 14.16 -39.44 61.14
N TYR B 420 14.66 -40.44 61.86
CA TYR B 420 16.08 -40.76 61.91
C TYR B 420 16.37 -42.19 61.47
N ASP B 421 17.59 -42.65 61.80
CA ASP B 421 18.20 -43.91 61.41
C ASP B 421 17.28 -45.12 61.44
N GLU B 422 16.67 -45.38 62.60
CA GLU B 422 15.79 -46.53 62.73
C GLU B 422 14.41 -46.31 62.14
N LEU B 423 13.96 -45.06 62.04
CA LEU B 423 12.66 -44.77 61.48
C LEU B 423 12.70 -44.48 59.99
N VAL B 424 13.75 -44.92 59.29
CA VAL B 424 13.82 -44.69 57.86
C VAL B 424 12.78 -45.56 57.19
N ASP B 425 11.92 -44.92 56.39
CA ASP B 425 10.79 -45.53 55.70
C ASP B 425 9.90 -46.24 56.71
N SER B 426 9.63 -45.57 57.80
CA SER B 426 8.74 -46.11 58.80
C SER B 426 7.34 -45.63 58.55
N CYS B 427 7.12 -44.95 57.43
CA CYS B 427 5.85 -44.40 57.01
C CYS B 427 5.72 -44.52 55.51
N ARG B 428 4.49 -44.70 55.05
CA ARG B 428 4.23 -44.72 53.62
C ARG B 428 3.42 -43.49 53.30
N ALA B 429 3.19 -43.25 52.03
CA ALA B 429 2.48 -42.06 51.59
C ALA B 429 1.01 -42.36 51.33
N GLY B 430 0.13 -41.75 52.12
CA GLY B 430 -1.29 -41.89 51.97
C GLY B 430 -1.98 -42.63 53.10
N ASP B 431 -1.23 -43.18 54.03
CA ASP B 431 -1.79 -43.93 55.14
C ASP B 431 -2.42 -43.03 56.19
N ARG B 432 -3.39 -43.58 56.92
CA ARG B 432 -4.05 -42.88 58.03
C ARG B 432 -3.22 -43.25 59.25
N ILE B 433 -2.28 -42.38 59.57
CA ILE B 433 -1.35 -42.61 60.65
C ILE B 433 -1.54 -41.59 61.76
N GLU B 434 -1.63 -42.07 62.98
CA GLU B 434 -1.68 -41.22 64.16
C GLU B 434 -0.21 -40.94 64.47
N VAL B 435 0.08 -39.72 64.90
CA VAL B 435 1.46 -39.30 65.09
C VAL B 435 1.71 -38.84 66.51
N THR B 436 2.70 -39.46 67.15
CA THR B 436 3.13 -39.12 68.49
C THR B 436 4.45 -38.39 68.36
N GLY B 437 4.56 -37.22 68.96
CA GLY B 437 5.83 -36.52 68.83
C GLY B 437 5.96 -35.39 69.82
N THR B 438 7.12 -34.73 69.73
CA THR B 438 7.49 -33.61 70.57
C THR B 438 7.80 -32.41 69.67
N PHE B 439 7.34 -31.26 70.10
CA PHE B 439 7.49 -30.02 69.37
C PHE B 439 8.92 -29.45 69.45
N ARG B 440 9.34 -28.80 68.36
CA ARG B 440 10.64 -28.14 68.26
C ARG B 440 10.45 -26.78 67.61
N SER B 441 11.51 -25.97 67.67
CA SER B 441 11.51 -24.61 67.09
C SER B 441 12.96 -24.16 66.94
N ILE B 442 13.39 -23.86 65.72
CA ILE B 442 14.77 -23.46 65.46
C ILE B 442 14.86 -22.22 64.58
N PRO B 443 15.78 -21.30 64.89
CA PRO B 443 15.93 -20.09 64.07
C PRO B 443 16.39 -20.35 62.66
N ILE B 444 16.17 -19.34 61.83
CA ILE B 444 16.56 -19.38 60.42
C ILE B 444 17.36 -18.13 60.11
N ARG B 445 18.24 -18.25 59.13
CA ARG B 445 19.08 -17.17 58.66
C ARG B 445 18.26 -16.15 57.85
N ALA B 446 18.91 -15.06 57.50
CA ALA B 446 18.30 -14.03 56.66
C ALA B 446 18.99 -14.19 55.32
N ASN B 447 18.18 -14.20 54.25
CA ASN B 447 18.61 -14.35 52.86
C ASN B 447 19.52 -15.56 52.62
N SER B 448 19.42 -16.57 53.50
CA SER B 448 20.16 -17.85 53.48
C SER B 448 21.66 -17.66 53.41
N ARG B 449 22.16 -16.50 53.80
CA ARG B 449 23.58 -16.24 53.65
C ARG B 449 24.29 -15.83 54.93
N GLN B 450 23.72 -14.94 55.71
CA GLN B 450 24.48 -14.42 56.81
C GLN B 450 23.89 -14.94 58.14
N ARG B 451 24.45 -14.50 59.27
CA ARG B 451 24.08 -14.95 60.60
C ARG B 451 23.06 -14.05 61.27
N VAL B 452 22.51 -13.08 60.55
CA VAL B 452 21.49 -12.22 61.13
C VAL B 452 20.22 -13.06 61.19
N LEU B 453 19.88 -13.53 62.37
CA LEU B 453 18.71 -14.37 62.47
C LEU B 453 17.43 -13.55 62.54
N LYS B 454 16.50 -13.89 61.67
CA LYS B 454 15.18 -13.29 61.62
C LYS B 454 14.34 -13.78 62.78
N SER B 455 13.36 -12.97 63.19
CA SER B 455 12.48 -13.43 64.26
C SER B 455 11.55 -14.52 63.75
N LEU B 456 10.68 -14.99 64.64
CA LEU B 456 9.70 -16.03 64.35
C LEU B 456 10.40 -17.31 63.88
N TYR B 457 11.03 -17.99 64.85
CA TYR B 457 11.78 -19.21 64.56
C TYR B 457 10.91 -20.27 63.90
N LYS B 458 11.54 -21.06 63.03
CA LYS B 458 10.83 -22.10 62.31
C LYS B 458 10.73 -23.34 63.19
N THR B 459 9.53 -23.88 63.26
CA THR B 459 9.14 -25.01 64.10
C THR B 459 8.91 -26.31 63.34
N TYR B 460 9.14 -27.43 64.02
CA TYR B 460 8.94 -28.75 63.41
C TYR B 460 8.59 -29.77 64.48
N VAL B 461 8.43 -31.03 64.04
CA VAL B 461 8.04 -32.17 64.87
C VAL B 461 9.15 -33.22 64.81
N ASP B 462 9.41 -33.89 65.94
CA ASP B 462 10.47 -34.89 66.11
C ASP B 462 9.84 -36.17 66.68
N VAL B 463 8.97 -36.79 65.87
CA VAL B 463 8.09 -37.93 66.17
C VAL B 463 8.70 -39.09 66.92
N VAL B 464 7.84 -39.83 67.62
CA VAL B 464 8.23 -40.95 68.47
C VAL B 464 7.67 -42.28 67.97
N HIS B 465 6.35 -42.38 67.85
CA HIS B 465 5.71 -43.61 67.45
C HIS B 465 4.76 -43.38 66.29
N VAL B 466 4.69 -44.40 65.44
CA VAL B 466 3.94 -44.39 64.21
C VAL B 466 2.77 -45.37 64.28
N LYS B 467 1.62 -44.95 63.74
CA LYS B 467 0.42 -45.73 63.57
C LYS B 467 0.25 -46.14 62.10
N LYS B 468 1.37 -46.52 61.47
CA LYS B 468 1.35 -46.95 60.06
C LYS B 468 0.49 -48.19 59.85
N VAL B 469 0.39 -49.05 60.86
CA VAL B 469 -0.41 -50.25 60.80
C VAL B 469 -1.91 -49.92 60.75
N LEU B 485 9.73 -53.83 50.09
CA LEU B 485 10.12 -52.56 50.68
C LEU B 485 10.04 -52.62 52.20
N ILE B 501 -1.90 -56.28 70.46
CA ILE B 501 -2.69 -57.48 70.66
C ILE B 501 -1.93 -58.46 71.56
N ASP B 503 -3.56 -70.89 55.91
CA ASP B 503 -3.08 -72.26 55.77
C ASP B 503 -4.01 -73.24 56.48
N GLN B 504 -4.42 -72.87 57.68
CA GLN B 504 -5.30 -73.72 58.49
C GLN B 504 -6.70 -73.74 57.93
N ASP B 505 -7.11 -72.63 57.32
CA ASP B 505 -8.41 -72.43 56.68
C ASP B 505 -8.54 -73.14 55.34
N LEU B 506 -7.45 -73.76 54.88
CA LEU B 506 -7.44 -74.49 53.62
C LEU B 506 -8.39 -75.67 53.68
N ALA B 507 -8.48 -76.33 54.84
CA ALA B 507 -9.41 -77.46 54.95
C ALA B 507 -10.86 -76.98 54.82
N LYS B 508 -11.15 -75.76 55.27
CA LYS B 508 -12.49 -75.22 55.09
C LYS B 508 -12.69 -74.86 53.63
N ILE B 509 -11.60 -74.41 52.99
CA ILE B 509 -11.62 -74.13 51.56
C ILE B 509 -11.93 -75.40 50.79
N ARG B 510 -11.33 -76.51 51.19
CA ARG B 510 -11.61 -77.79 50.54
C ARG B 510 -12.98 -78.32 50.90
N GLU B 511 -13.53 -77.88 52.04
CA GLU B 511 -14.88 -78.27 52.43
C GLU B 511 -15.88 -77.60 51.50
N VAL B 512 -15.70 -76.30 51.30
CA VAL B 512 -16.56 -75.55 50.40
C VAL B 512 -16.27 -76.00 48.96
N ALA B 513 -15.02 -76.41 48.70
CA ALA B 513 -14.64 -76.89 47.38
C ALA B 513 -15.29 -78.23 47.08
N ALA B 514 -15.62 -78.99 48.12
CA ALA B 514 -16.28 -80.26 47.92
C ALA B 514 -17.79 -80.10 47.84
N ARG B 515 -18.29 -78.87 47.89
CA ARG B 515 -19.72 -78.64 47.79
C ARG B 515 -20.15 -78.81 46.35
N GLU B 516 -21.27 -79.50 46.16
CA GLU B 516 -21.78 -79.73 44.82
C GLU B 516 -22.31 -78.44 44.20
N ASP B 517 -22.96 -77.60 45.00
CA ASP B 517 -23.56 -76.36 44.53
C ASP B 517 -22.61 -75.17 44.52
N LEU B 518 -21.29 -75.41 44.39
CA LEU B 518 -20.30 -74.33 44.39
C LEU B 518 -20.53 -73.33 43.27
N TYR B 519 -20.98 -73.80 42.10
CA TYR B 519 -21.19 -72.93 40.94
C TYR B 519 -22.31 -71.93 41.13
N SER B 520 -23.18 -72.16 42.10
CA SER B 520 -24.25 -71.23 42.43
C SER B 520 -24.00 -70.52 43.74
N LEU B 521 -23.36 -71.19 44.69
CA LEU B 521 -23.07 -70.59 45.98
C LEU B 521 -21.98 -69.52 45.84
N LEU B 522 -20.96 -69.78 45.04
CA LEU B 522 -19.88 -68.82 44.90
C LEU B 522 -20.31 -67.62 44.09
N ALA B 523 -21.00 -67.85 42.99
CA ALA B 523 -21.45 -66.74 42.15
C ALA B 523 -22.59 -65.95 42.79
N ARG B 524 -23.52 -66.65 43.47
CA ARG B 524 -24.64 -65.97 44.12
C ARG B 524 -24.19 -65.07 45.26
N SER B 525 -23.12 -65.46 45.95
CA SER B 525 -22.61 -64.68 47.07
C SER B 525 -21.76 -63.49 46.64
N ILE B 526 -21.53 -63.28 45.35
CA ILE B 526 -20.69 -62.17 44.91
C ILE B 526 -21.42 -60.84 45.04
N ALA B 527 -22.51 -60.65 44.31
CA ALA B 527 -23.23 -59.37 44.35
C ALA B 527 -24.69 -59.57 44.73
N PRO B 528 -25.04 -59.33 45.99
CA PRO B 528 -26.44 -59.50 46.42
C PRO B 528 -27.35 -58.35 46.02
N SER B 529 -26.88 -57.46 45.17
CA SER B 529 -27.66 -56.33 44.71
C SER B 529 -28.49 -56.65 43.49
N ILE B 530 -28.06 -57.63 42.70
CA ILE B 530 -28.77 -58.00 41.48
C ILE B 530 -29.03 -59.50 41.51
N TYR B 531 -30.24 -59.90 41.15
CA TYR B 531 -30.64 -61.30 41.20
C TYR B 531 -30.92 -61.75 39.76
N GLU B 532 -29.86 -61.75 38.96
CA GLU B 532 -29.92 -62.06 37.53
C GLU B 532 -28.47 -62.05 37.07
N LEU B 533 -28.26 -62.24 35.75
CA LEU B 533 -26.94 -62.18 35.10
C LEU B 533 -25.98 -63.19 35.69
N GLU B 534 -26.53 -64.37 36.00
CA GLU B 534 -25.76 -65.45 36.60
C GLU B 534 -24.65 -65.92 35.68
N ASP B 535 -24.86 -65.81 34.39
CA ASP B 535 -23.85 -66.16 33.42
C ASP B 535 -22.78 -65.09 33.41
N VAL B 536 -23.21 -63.84 33.61
CA VAL B 536 -22.27 -62.74 33.63
C VAL B 536 -21.45 -62.81 34.89
N LYS B 537 -22.09 -63.17 35.99
CA LYS B 537 -21.38 -63.32 37.25
C LYS B 537 -20.40 -64.46 37.18
N LYS B 538 -20.76 -65.50 36.43
CA LYS B 538 -19.85 -66.62 36.25
C LYS B 538 -18.67 -66.20 35.41
N GLY B 539 -18.90 -65.36 34.40
CA GLY B 539 -17.81 -64.87 33.59
C GLY B 539 -16.88 -63.97 34.37
N ILE B 540 -17.46 -63.16 35.26
CA ILE B 540 -16.67 -62.29 36.13
C ILE B 540 -15.82 -63.15 37.07
N LEU B 541 -16.40 -64.25 37.54
CA LEU B 541 -15.65 -65.16 38.39
C LEU B 541 -14.51 -65.76 37.60
N LEU B 542 -14.77 -66.14 36.36
CA LEU B 542 -13.74 -66.69 35.52
C LEU B 542 -12.74 -65.66 35.04
N GLN B 543 -13.05 -64.37 35.18
CA GLN B 543 -12.10 -63.34 34.78
C GLN B 543 -10.83 -63.39 35.61
N LEU B 544 -10.93 -63.84 36.85
CA LEU B 544 -9.76 -63.95 37.68
C LEU B 544 -9.11 -65.30 37.52
N PHE B 545 -9.89 -66.30 37.10
CA PHE B 545 -9.42 -67.63 36.80
C PHE B 545 -9.19 -67.79 35.31
N GLY B 546 -8.95 -66.70 34.62
CA GLY B 546 -8.83 -66.70 33.18
C GLY B 546 -7.67 -67.39 32.52
N GLY B 547 -7.95 -68.52 31.88
CA GLY B 547 -7.00 -69.22 31.05
C GLY B 547 -5.74 -69.74 31.68
N THR B 548 -4.92 -70.35 30.84
CA THR B 548 -3.63 -70.87 31.24
C THR B 548 -2.63 -70.07 30.44
N ASN B 549 -1.69 -69.43 31.13
CA ASN B 549 -0.70 -68.61 30.45
C ASN B 549 0.27 -69.56 29.79
N LYS B 550 -0.03 -69.89 28.54
CA LYS B 550 0.72 -70.85 27.75
C LYS B 550 1.70 -70.17 26.79
N THR B 551 2.97 -70.41 27.00
CA THR B 551 4.01 -69.92 26.11
C THR B 551 4.57 -71.14 25.41
N PHE B 552 4.84 -71.01 24.12
CA PHE B 552 5.33 -72.15 23.36
C PHE B 552 6.84 -72.26 23.49
N THR B 553 7.42 -73.27 22.81
CA THR B 553 8.87 -73.46 22.80
C THR B 553 9.54 -72.31 22.07
N LYS B 554 9.03 -71.98 20.88
CA LYS B 554 9.48 -70.84 20.13
C LYS B 554 8.22 -70.07 19.76
N GLY B 555 8.18 -68.79 20.11
CA GLY B 555 7.00 -68.00 19.84
C GLY B 555 5.90 -68.37 20.81
N GLY B 556 4.66 -68.18 20.37
CA GLY B 556 3.52 -68.47 21.21
C GLY B 556 3.29 -67.30 22.13
N ARG B 557 3.56 -67.53 23.42
CA ARG B 557 3.45 -66.56 24.50
C ARG B 557 2.03 -65.99 24.52
N TYR B 558 1.12 -66.90 24.84
CA TYR B 558 -0.31 -66.66 24.88
C TYR B 558 -0.76 -66.59 26.33
N ARG B 559 -1.15 -65.40 26.76
CA ARG B 559 -1.54 -65.18 28.14
C ARG B 559 -2.92 -65.76 28.37
N GLY B 560 -3.45 -65.52 29.56
CA GLY B 560 -4.76 -66.02 29.88
C GLY B 560 -5.71 -64.85 29.97
N ASP B 561 -5.35 -63.72 29.35
CA ASP B 561 -6.21 -62.55 29.43
C ASP B 561 -7.48 -62.75 28.63
N ILE B 562 -8.58 -62.32 29.23
CA ILE B 562 -9.91 -62.28 28.65
C ILE B 562 -10.50 -60.91 28.97
N ASN B 563 -11.24 -60.34 28.03
CA ASN B 563 -11.83 -59.02 28.21
C ASN B 563 -13.28 -59.07 27.76
N ILE B 564 -14.19 -58.74 28.65
CA ILE B 564 -15.63 -58.82 28.39
C ILE B 564 -16.26 -57.48 28.71
N LEU B 565 -17.00 -56.94 27.76
CA LEU B 565 -17.77 -55.73 27.97
C LEU B 565 -19.25 -56.08 28.03
N LEU B 566 -19.97 -55.36 28.87
CA LEU B 566 -21.41 -55.51 29.01
C LEU B 566 -22.03 -54.14 28.75
N CYS B 567 -23.17 -54.13 28.10
CA CYS B 567 -23.83 -52.87 27.81
C CYS B 567 -25.31 -53.10 27.70
N GLY B 568 -26.04 -52.04 27.43
CA GLY B 568 -27.46 -52.16 27.27
C GLY B 568 -28.20 -50.98 27.84
N ASP B 569 -29.46 -51.24 28.17
CA ASP B 569 -30.37 -50.22 28.67
C ASP B 569 -30.02 -49.82 30.09
N PRO B 570 -30.41 -48.59 30.50
CA PRO B 570 -30.19 -48.13 31.88
C PRO B 570 -31.11 -48.78 32.91
N SER B 571 -31.10 -48.20 34.13
CA SER B 571 -31.81 -48.68 35.32
C SER B 571 -31.37 -50.08 35.69
N THR B 572 -30.07 -50.31 35.59
CA THR B 572 -29.47 -51.58 35.92
C THR B 572 -28.42 -51.43 37.01
N SER B 573 -28.03 -50.19 37.35
CA SER B 573 -26.97 -49.88 38.32
C SER B 573 -25.68 -50.58 37.93
N LYS B 574 -25.38 -50.51 36.63
CA LYS B 574 -24.19 -51.14 36.07
C LYS B 574 -22.92 -50.56 36.65
N SER B 575 -22.94 -49.26 36.91
CA SER B 575 -21.77 -48.60 37.47
C SER B 575 -21.48 -49.12 38.88
N GLN B 576 -22.53 -49.43 39.65
CA GLN B 576 -22.31 -49.96 40.99
C GLN B 576 -21.75 -51.37 40.91
N ILE B 577 -22.13 -52.10 39.87
CA ILE B 577 -21.58 -53.42 39.63
C ILE B 577 -20.09 -53.32 39.34
N LEU B 578 -19.71 -52.36 38.49
CA LEU B 578 -18.32 -52.22 38.09
C LEU B 578 -17.46 -51.75 39.25
N GLN B 579 -18.01 -50.87 40.09
CA GLN B 579 -17.29 -50.43 41.26
C GLN B 579 -17.13 -51.60 42.23
N TYR B 580 -18.13 -52.48 42.29
CA TYR B 580 -18.01 -53.64 43.14
C TYR B 580 -16.89 -54.55 42.62
N VAL B 581 -16.75 -54.63 41.29
CA VAL B 581 -15.67 -55.40 40.69
C VAL B 581 -14.33 -54.77 41.05
N HIS B 582 -14.33 -53.44 41.10
CA HIS B 582 -13.16 -52.67 41.48
C HIS B 582 -12.81 -52.95 42.94
N LYS B 583 -13.84 -53.23 43.75
CA LYS B 583 -13.62 -53.58 45.14
C LYS B 583 -13.10 -55.00 45.28
N ILE B 584 -13.51 -55.89 44.39
CA ILE B 584 -13.05 -57.27 44.47
C ILE B 584 -11.61 -57.36 44.00
N THR B 585 -11.24 -56.55 43.02
CA THR B 585 -9.90 -56.61 42.50
C THR B 585 -8.95 -56.04 43.55
N PRO B 586 -7.88 -56.76 43.91
CA PRO B 586 -6.95 -56.26 44.92
C PRO B 586 -6.12 -55.08 44.45
N ARG B 587 -6.02 -54.89 43.15
CA ARG B 587 -5.30 -53.77 42.56
C ARG B 587 -6.16 -53.19 41.46
N GLY B 588 -7.40 -52.92 41.82
CA GLY B 588 -8.36 -52.40 40.87
C GLY B 588 -8.15 -50.95 40.49
N VAL B 589 -8.39 -50.67 39.22
CA VAL B 589 -8.30 -49.33 38.64
C VAL B 589 -9.62 -49.04 37.97
N TYR B 590 -10.35 -48.02 38.45
CA TYR B 590 -11.65 -47.68 37.89
C TYR B 590 -11.53 -46.35 37.16
N THR B 591 -11.51 -46.40 35.83
CA THR B 591 -11.43 -45.20 35.02
C THR B 591 -12.80 -44.89 34.44
N SER B 592 -12.84 -43.91 33.56
CA SER B 592 -14.09 -43.52 32.93
C SER B 592 -13.80 -43.01 31.52
N GLY B 593 -14.78 -42.31 30.95
CA GLY B 593 -14.67 -41.76 29.62
C GLY B 593 -14.39 -40.27 29.57
N LYS B 594 -13.76 -39.87 28.47
CA LYS B 594 -13.40 -38.51 28.08
C LYS B 594 -12.41 -37.83 29.02
N GLY B 595 -11.81 -38.54 29.96
CA GLY B 595 -10.80 -37.95 30.82
C GLY B 595 -9.46 -38.57 30.57
N SER B 596 -9.31 -39.36 29.51
CA SER B 596 -8.09 -40.06 29.17
C SER B 596 -7.54 -39.60 27.83
N SER B 597 -6.30 -40.02 27.59
CA SER B 597 -5.60 -39.79 26.34
C SER B 597 -4.53 -40.87 26.24
N ALA B 598 -3.88 -40.93 25.06
CA ALA B 598 -2.79 -41.88 24.88
C ALA B 598 -1.60 -41.49 25.73
N VAL B 599 -1.29 -40.20 25.77
CA VAL B 599 -0.23 -39.61 26.58
C VAL B 599 -0.67 -39.52 28.04
N LEU B 601 -4.19 -43.05 30.78
CA LEU B 601 -4.02 -44.44 31.20
C LEU B 601 -2.63 -44.99 30.91
N THR B 602 -1.85 -44.21 30.16
CA THR B 602 -0.49 -44.59 29.82
C THR B 602 0.29 -43.32 29.53
N ALA B 603 1.61 -43.40 29.72
CA ALA B 603 2.57 -42.32 29.46
C ALA B 603 2.24 -41.06 30.27
N TYR B 604 2.40 -41.15 31.59
CA TYR B 604 2.09 -40.02 32.46
C TYR B 604 3.27 -39.08 32.67
N ILE B 605 4.14 -38.95 31.66
CA ILE B 605 5.32 -38.10 31.68
C ILE B 605 4.97 -36.67 32.07
N THR B 606 5.75 -36.11 33.01
CA THR B 606 5.50 -34.76 33.50
C THR B 606 6.78 -34.14 34.02
N ARG B 607 6.66 -32.90 34.51
CA ARG B 607 7.77 -32.11 35.01
C ARG B 607 7.90 -32.22 36.52
N ASP B 608 9.14 -32.25 37.01
CA ASP B 608 9.35 -32.30 38.44
C ASP B 608 9.28 -30.89 39.00
N VAL B 609 9.04 -30.81 40.30
CA VAL B 609 8.89 -29.55 41.00
C VAL B 609 10.16 -29.17 41.74
N ASP B 610 10.60 -30.01 42.68
CA ASP B 610 11.76 -29.67 43.50
C ASP B 610 13.09 -29.81 42.75
N THR B 611 13.25 -30.81 41.90
CA THR B 611 14.50 -30.92 41.17
C THR B 611 14.49 -30.14 39.87
N LYS B 612 13.32 -29.70 39.42
CA LYS B 612 13.11 -28.88 38.22
C LYS B 612 13.61 -29.62 36.97
N GLN B 613 13.06 -30.82 36.78
CA GLN B 613 13.37 -31.66 35.64
C GLN B 613 12.07 -32.23 35.07
N LEU B 614 12.21 -33.08 34.07
CA LEU B 614 11.11 -33.78 33.40
C LEU B 614 11.25 -35.27 33.72
N VAL B 615 10.35 -35.81 34.54
CA VAL B 615 10.40 -37.20 34.96
C VAL B 615 9.29 -37.96 34.25
N LEU B 616 9.62 -39.11 33.68
CA LEU B 616 8.64 -39.91 32.96
C LEU B 616 7.89 -40.80 33.93
N GLU B 617 6.56 -40.75 33.87
CA GLU B 617 5.73 -41.54 34.77
C GLU B 617 4.88 -42.56 34.05
N SER B 618 4.57 -43.62 34.79
CA SER B 618 3.69 -44.69 34.35
C SER B 618 2.24 -44.25 34.41
N GLY B 619 1.40 -44.86 33.56
CA GLY B 619 -0.01 -44.52 33.49
C GLY B 619 -0.90 -45.36 34.39
N ALA B 620 -2.21 -45.25 34.12
CA ALA B 620 -3.22 -45.95 34.92
C ALA B 620 -3.22 -47.45 34.65
N LEU B 621 -3.01 -47.85 33.40
CA LEU B 621 -2.97 -49.27 33.09
C LEU B 621 -1.74 -49.94 33.68
N VAL B 622 -0.68 -49.17 33.99
CA VAL B 622 0.47 -49.74 34.64
C VAL B 622 0.07 -50.09 36.07
N LEU B 623 -0.89 -49.35 36.63
CA LEU B 623 -1.45 -49.68 37.94
C LEU B 623 -2.34 -50.91 37.85
N SER B 624 -2.74 -51.28 36.64
CA SER B 624 -3.55 -52.46 36.39
C SER B 624 -2.68 -53.68 36.10
N ASP B 625 -1.36 -53.58 36.28
CA ASP B 625 -0.43 -54.67 35.99
C ASP B 625 -0.68 -55.79 36.98
N GLY B 626 -1.45 -56.77 36.53
CA GLY B 626 -1.84 -57.90 37.33
C GLY B 626 -3.19 -57.59 37.92
N GLY B 627 -4.24 -58.19 37.39
CA GLY B 627 -5.57 -57.96 37.91
C GLY B 627 -6.60 -57.53 36.89
N VAL B 628 -7.56 -56.69 37.30
CA VAL B 628 -8.66 -56.25 36.45
C VAL B 628 -8.81 -54.74 36.47
N CYS B 629 -8.89 -54.14 35.29
CA CYS B 629 -9.13 -52.72 35.10
C CYS B 629 -10.62 -52.46 34.85
N CYS B 630 -11.05 -51.24 35.17
CA CYS B 630 -12.45 -50.85 35.04
C CYS B 630 -12.50 -49.51 34.30
N ILE B 631 -13.29 -49.48 33.23
CA ILE B 631 -13.42 -48.34 32.34
C ILE B 631 -14.91 -48.02 32.16
N ASP B 632 -15.26 -46.73 32.23
CA ASP B 632 -16.66 -46.35 32.07
C ASP B 632 -16.87 -45.57 30.78
N GLU B 633 -18.05 -45.74 30.18
CA GLU B 633 -18.47 -45.10 28.92
C GLU B 633 -17.45 -45.37 27.82
N PHE B 634 -17.35 -46.65 27.45
CA PHE B 634 -16.36 -47.06 26.46
C PHE B 634 -16.66 -46.52 25.07
N ASP B 635 -17.93 -46.24 24.76
CA ASP B 635 -18.30 -45.67 23.46
C ASP B 635 -17.86 -44.23 23.31
N LYS B 636 -17.60 -43.55 24.42
CA LYS B 636 -17.26 -42.13 24.42
C LYS B 636 -15.75 -41.90 24.57
N MET B 637 -14.93 -42.69 23.89
CA MET B 637 -13.51 -42.40 24.00
C MET B 637 -13.10 -41.48 22.86
N SER B 638 -11.87 -40.98 22.94
CA SER B 638 -11.36 -40.05 21.93
C SER B 638 -10.78 -40.81 20.74
N ASP B 639 -9.97 -40.11 19.94
CA ASP B 639 -9.29 -40.75 18.82
C ASP B 639 -8.06 -41.50 19.31
N SER B 640 -7.28 -40.89 20.21
CA SER B 640 -6.10 -41.56 20.74
C SER B 640 -6.53 -42.65 21.70
N THR B 641 -7.41 -42.29 22.64
CA THR B 641 -8.03 -43.23 23.56
C THR B 641 -8.86 -44.22 22.75
N ARG B 642 -8.85 -45.49 23.17
CA ARG B 642 -9.46 -46.70 22.63
C ARG B 642 -8.67 -47.24 21.44
N SER B 643 -7.80 -46.45 20.85
CA SER B 643 -6.97 -46.96 19.77
C SER B 643 -5.70 -47.61 20.28
N VAL B 644 -5.26 -47.22 21.48
CA VAL B 644 -4.06 -47.80 22.07
C VAL B 644 -4.34 -49.22 22.52
N LEU B 645 -5.62 -49.52 22.78
CA LEU B 645 -6.07 -50.83 23.28
C LEU B 645 -5.78 -51.98 22.34
N HIS B 646 -5.55 -51.71 21.04
CA HIS B 646 -5.21 -52.76 20.10
C HIS B 646 -3.92 -53.47 20.50
N GLU B 647 -2.95 -52.68 20.99
CA GLU B 647 -1.67 -53.22 21.41
C GLU B 647 -1.85 -54.10 22.64
N VAL B 648 -2.78 -53.73 23.50
CA VAL B 648 -3.01 -54.49 24.72
C VAL B 648 -3.78 -55.76 24.43
N MET B 649 -4.80 -55.66 23.59
CA MET B 649 -5.59 -56.83 23.24
C MET B 649 -4.80 -57.82 22.41
N GLU B 650 -3.80 -57.35 21.67
CA GLU B 650 -3.01 -58.24 20.84
C GLU B 650 -1.63 -58.55 21.43
N GLN B 651 -0.81 -57.54 21.67
CA GLN B 651 0.52 -57.80 22.17
C GLN B 651 0.64 -57.74 23.67
N GLN B 652 -0.30 -57.04 24.34
CA GLN B 652 -0.29 -56.80 25.78
C GLN B 652 1.04 -56.14 26.15
N THR B 653 1.36 -55.07 25.42
CA THR B 653 2.58 -54.29 25.59
C THR B 653 2.24 -52.82 25.50
N ILE B 654 3.26 -51.99 25.78
CA ILE B 654 3.17 -50.54 25.71
C ILE B 654 4.43 -50.09 24.98
N SER B 655 4.28 -49.26 23.96
CA SER B 655 5.43 -48.82 23.16
C SER B 655 5.82 -47.37 23.42
N ILE B 656 6.90 -47.15 24.17
CA ILE B 656 7.42 -45.81 24.44
C ILE B 656 8.62 -45.61 23.54
N ALA B 657 8.58 -44.56 22.71
CA ALA B 657 9.68 -44.35 21.78
C ALA B 657 10.10 -42.91 21.49
N LYS B 658 9.80 -41.93 22.33
CA LYS B 658 10.18 -40.57 21.96
C LYS B 658 11.59 -40.21 22.42
N ALA B 659 11.91 -38.90 22.35
CA ALA B 659 13.26 -38.39 22.61
C ALA B 659 13.76 -38.71 24.01
N GLY B 660 12.87 -38.83 24.97
CA GLY B 660 13.31 -39.15 26.30
C GLY B 660 13.76 -40.58 26.49
N ILE B 661 12.82 -41.51 26.40
CA ILE B 661 13.09 -42.93 26.60
C ILE B 661 12.48 -43.70 25.44
N ILE B 662 13.27 -44.58 24.85
CA ILE B 662 12.80 -45.43 23.79
C ILE B 662 12.81 -46.81 24.39
N THR B 663 11.71 -47.23 25.03
CA THR B 663 11.66 -48.55 25.66
C THR B 663 10.25 -48.99 25.97
N THR B 664 9.91 -50.16 25.45
CA THR B 664 8.65 -50.85 25.63
C THR B 664 8.62 -51.66 26.92
N LEU B 665 7.41 -51.98 27.36
CA LEU B 665 7.19 -52.79 28.55
C LEU B 665 5.79 -53.38 28.48
N ASN B 666 5.59 -54.51 29.14
CA ASN B 666 4.29 -55.14 29.19
C ASN B 666 3.58 -54.82 30.50
N ALA B 667 2.26 -54.77 30.43
CA ALA B 667 1.44 -54.51 31.62
C ALA B 667 0.10 -55.21 31.39
N ARG B 668 0.00 -56.45 31.88
CA ARG B 668 -1.19 -57.26 31.70
C ARG B 668 -2.27 -57.00 32.75
N SER B 669 -3.53 -57.04 32.29
CA SER B 669 -4.68 -56.80 33.15
C SER B 669 -5.87 -57.51 32.57
N SER B 670 -7.01 -57.35 33.23
CA SER B 670 -8.28 -57.88 32.74
C SER B 670 -9.13 -56.63 32.46
N ILE B 671 -9.20 -56.24 31.21
CA ILE B 671 -9.96 -55.05 30.85
C ILE B 671 -11.43 -55.39 30.85
N LEU B 672 -12.22 -54.56 31.54
CA LEU B 672 -13.65 -54.78 31.60
C LEU B 672 -14.23 -53.37 31.59
N ALA B 673 -15.26 -53.18 30.77
CA ALA B 673 -15.85 -51.86 30.61
C ALA B 673 -17.33 -51.97 30.33
N SER B 674 -17.96 -50.81 30.17
CA SER B 674 -19.37 -50.70 29.89
C SER B 674 -19.59 -49.40 29.16
N ALA B 675 -20.66 -49.36 28.37
CA ALA B 675 -21.01 -48.17 27.62
C ALA B 675 -22.51 -48.20 27.36
N ASN B 676 -22.99 -47.16 26.71
CA ASN B 676 -24.41 -47.10 26.44
C ASN B 676 -24.65 -46.99 24.94
N PRO B 677 -25.70 -47.63 24.43
CA PRO B 677 -25.97 -47.59 22.99
C PRO B 677 -26.47 -46.24 22.50
N ILE B 678 -26.74 -46.18 21.20
CA ILE B 678 -27.23 -44.95 20.60
C ILE B 678 -28.66 -44.69 21.03
N GLY B 679 -29.56 -45.61 20.68
CA GLY B 679 -30.95 -45.52 21.11
C GLY B 679 -31.10 -45.79 22.59
N SER B 680 -32.05 -45.07 23.21
CA SER B 680 -32.30 -45.26 24.64
C SER B 680 -32.83 -46.66 24.92
N ARG B 681 -33.56 -47.24 23.98
CA ARG B 681 -34.04 -48.61 24.06
C ARG B 681 -33.41 -49.38 22.92
N TYR B 682 -32.79 -50.52 23.22
CA TYR B 682 -32.21 -51.35 22.18
C TYR B 682 -33.33 -51.99 21.36
N ASN B 683 -33.46 -51.59 20.12
CA ASN B 683 -34.51 -52.17 19.31
C ASN B 683 -34.10 -53.48 18.66
N PRO B 684 -35.05 -54.40 18.46
CA PRO B 684 -34.75 -55.65 17.75
C PRO B 684 -34.71 -55.38 16.26
N ASN B 685 -34.46 -56.46 15.49
CA ASN B 685 -34.37 -56.43 14.03
C ASN B 685 -33.35 -55.39 13.57
N LEU B 686 -32.22 -55.40 14.25
CA LEU B 686 -31.17 -54.43 14.02
C LEU B 686 -29.84 -55.01 14.46
N PRO B 687 -28.76 -54.74 13.72
CA PRO B 687 -27.46 -55.34 14.07
C PRO B 687 -26.86 -54.85 15.37
N VAL B 688 -26.24 -55.78 16.07
CA VAL B 688 -25.57 -55.51 17.33
C VAL B 688 -24.36 -54.61 17.09
N THR B 689 -23.66 -54.83 15.98
CA THR B 689 -22.51 -53.99 15.66
C THR B 689 -22.97 -52.58 15.30
N GLU B 690 -24.22 -52.46 14.85
CA GLU B 690 -24.79 -51.16 14.50
C GLU B 690 -25.19 -50.37 15.73
N ASN B 691 -25.84 -51.00 16.71
CA ASN B 691 -26.37 -50.27 17.86
C ASN B 691 -25.34 -50.10 18.96
N ILE B 692 -24.06 -50.22 18.65
CA ILE B 692 -22.97 -50.01 19.59
C ILE B 692 -21.87 -49.24 18.88
N ASP B 693 -21.42 -48.16 19.50
CA ASP B 693 -20.41 -47.28 18.92
C ASP B 693 -19.01 -47.86 19.12
N LEU B 694 -18.81 -49.06 18.58
CA LEU B 694 -17.51 -49.69 18.68
C LEU B 694 -16.96 -50.08 17.32
N PRO B 695 -15.64 -50.05 17.16
CA PRO B 695 -15.01 -50.54 15.94
C PRO B 695 -15.18 -52.05 15.84
N PRO B 696 -15.72 -52.55 14.74
CA PRO B 696 -15.98 -53.99 14.60
C PRO B 696 -14.73 -54.89 14.65
N PRO B 697 -13.49 -54.46 14.32
CA PRO B 697 -12.39 -55.42 14.56
C PRO B 697 -12.12 -55.61 16.03
N LEU B 698 -12.26 -54.54 16.80
CA LEU B 698 -12.08 -54.61 18.25
C LEU B 698 -13.29 -55.25 18.91
N LEU B 699 -14.48 -55.08 18.29
CA LEU B 699 -15.72 -55.64 18.83
C LEU B 699 -15.66 -57.15 18.91
N SER B 700 -15.22 -57.80 17.84
CA SER B 700 -15.11 -59.25 17.90
C SER B 700 -13.83 -59.69 18.58
N ARG B 701 -12.92 -58.75 18.83
CA ARG B 701 -11.68 -59.09 19.50
C ARG B 701 -11.92 -59.35 20.98
N PHE B 702 -12.98 -58.77 21.51
CA PHE B 702 -13.35 -58.94 22.91
C PHE B 702 -13.78 -60.38 23.15
N ASP B 703 -13.71 -60.82 24.41
CA ASP B 703 -14.09 -62.19 24.73
C ASP B 703 -15.58 -62.42 24.60
N LEU B 704 -16.37 -61.70 25.37
CA LEU B 704 -17.80 -61.91 25.33
C LEU B 704 -18.53 -60.59 25.46
N VAL B 705 -19.61 -60.43 24.71
CA VAL B 705 -20.38 -59.21 24.72
C VAL B 705 -21.75 -59.51 25.30
N TYR B 706 -22.18 -58.68 26.23
CA TYR B 706 -23.48 -58.82 26.88
C TYR B 706 -24.46 -57.74 26.48
N LEU B 707 -25.72 -58.08 26.68
CA LEU B 707 -26.85 -57.22 26.38
C LEU B 707 -27.79 -57.12 27.56
N VAL B 708 -28.05 -55.89 27.96
CA VAL B 708 -28.95 -55.59 29.06
C VAL B 708 -30.15 -54.96 28.42
N LEU B 709 -31.31 -55.58 28.58
CA LEU B 709 -32.49 -55.05 27.96
C LEU B 709 -33.51 -54.71 29.04
N ASP B 710 -34.50 -53.94 28.64
CA ASP B 710 -35.54 -53.58 29.58
C ASP B 710 -36.62 -54.62 29.45
N LYS B 711 -37.25 -54.93 30.56
CA LYS B 711 -38.30 -55.92 30.51
C LYS B 711 -39.61 -55.29 30.94
N VAL B 712 -40.69 -55.74 30.32
CA VAL B 712 -42.03 -55.24 30.56
C VAL B 712 -42.76 -56.09 31.58
N ASP B 713 -42.03 -56.91 32.34
CA ASP B 713 -42.69 -57.77 33.32
C ASP B 713 -43.15 -56.98 34.54
N GLU B 714 -43.63 -57.71 35.53
CA GLU B 714 -44.15 -57.10 36.74
C GLU B 714 -43.52 -57.86 37.90
N LYS B 715 -43.22 -59.13 37.64
CA LYS B 715 -42.65 -60.00 38.65
C LYS B 715 -41.22 -59.58 38.97
N ASN B 716 -40.47 -59.23 37.93
CA ASN B 716 -39.10 -58.81 38.17
C ASN B 716 -39.09 -57.41 38.74
N ASP B 717 -40.17 -56.67 38.51
CA ASP B 717 -40.22 -55.35 39.09
C ASP B 717 -40.65 -55.45 40.55
N ARG B 718 -41.42 -56.49 40.89
CA ARG B 718 -41.77 -56.65 42.30
C ARG B 718 -40.59 -57.17 43.10
N GLU B 719 -39.81 -58.11 42.56
CA GLU B 719 -38.67 -58.55 43.35
C GLU B 719 -37.59 -57.48 43.35
N LEU B 720 -37.57 -56.66 42.30
CA LEU B 720 -36.64 -55.54 42.21
C LEU B 720 -36.97 -54.54 43.30
N ALA B 721 -38.23 -54.08 43.35
CA ALA B 721 -38.59 -53.07 44.34
C ALA B 721 -38.63 -53.61 45.75
N LYS B 722 -38.93 -54.90 45.98
CA LYS B 722 -38.86 -55.39 47.36
C LYS B 722 -37.41 -55.52 47.80
N HIS B 723 -36.55 -55.95 46.88
CA HIS B 723 -35.15 -56.11 47.15
C HIS B 723 -34.50 -54.75 47.40
N LEU B 724 -34.78 -53.80 46.55
CA LEU B 724 -34.17 -52.49 46.69
C LEU B 724 -34.81 -51.71 47.82
N THR B 725 -36.08 -51.97 48.15
CA THR B 725 -36.68 -51.31 49.29
C THR B 725 -36.04 -51.83 50.57
N ASN B 726 -35.72 -53.12 50.61
CA ASN B 726 -35.05 -53.65 51.79
C ASN B 726 -33.61 -53.13 51.87
N LEU B 727 -32.96 -52.92 50.72
CA LEU B 727 -31.60 -52.36 50.71
C LEU B 727 -31.60 -50.88 51.06
N TYR B 728 -32.70 -50.18 50.80
CA TYR B 728 -32.78 -48.75 51.11
C TYR B 728 -33.26 -48.55 52.53
N LEU B 729 -34.19 -49.39 52.98
CA LEU B 729 -34.70 -49.34 54.34
C LEU B 729 -33.57 -49.81 55.23
N GLU B 730 -33.57 -49.37 56.49
CA GLU B 730 -32.57 -49.68 57.53
C GLU B 730 -31.12 -49.43 57.06
N ASP B 731 -30.96 -48.54 56.06
CA ASP B 731 -29.73 -48.04 55.45
C ASP B 731 -28.60 -49.03 55.20
N LYS B 732 -28.93 -50.22 54.70
CA LYS B 732 -27.90 -51.22 54.45
C LYS B 732 -28.27 -51.97 53.17
N ASP B 739 -31.11 -66.95 53.62
CA ASP B 739 -30.75 -68.35 53.76
C ASP B 739 -29.63 -68.70 52.79
N ASP B 740 -28.62 -67.86 52.74
CA ASP B 740 -27.50 -68.07 51.85
C ASP B 740 -26.20 -67.89 52.61
N VAL B 741 -25.20 -68.67 52.22
CA VAL B 741 -23.87 -68.57 52.79
C VAL B 741 -23.19 -67.49 51.97
N LEU B 742 -22.70 -66.45 52.63
CA LEU B 742 -22.08 -65.34 51.92
C LEU B 742 -20.63 -65.20 52.37
N PRO B 743 -19.71 -65.94 51.76
CA PRO B 743 -18.30 -65.80 52.14
C PRO B 743 -17.75 -64.50 51.57
N VAL B 744 -17.36 -63.61 52.46
CA VAL B 744 -16.86 -62.33 52.01
C VAL B 744 -15.41 -62.44 51.57
N GLU B 745 -14.62 -63.20 52.31
CA GLU B 745 -13.21 -63.30 52.02
C GLU B 745 -12.71 -64.69 51.70
N PHE B 746 -13.57 -65.71 51.71
CA PHE B 746 -13.10 -67.05 51.37
C PHE B 746 -12.70 -67.09 49.89
N LEU B 747 -13.56 -66.56 49.03
CA LEU B 747 -13.27 -66.50 47.61
C LEU B 747 -12.08 -65.61 47.28
N THR B 748 -11.88 -64.54 48.07
CA THR B 748 -10.77 -63.62 47.82
C THR B 748 -9.43 -64.31 48.00
N MET B 749 -9.31 -65.13 49.04
CA MET B 749 -8.07 -65.85 49.22
C MET B 749 -8.05 -67.11 48.38
N TYR B 750 -9.22 -67.62 48.00
CA TYR B 750 -9.29 -68.80 47.15
C TYR B 750 -8.72 -68.53 45.78
N ILE B 751 -9.02 -67.35 45.24
CA ILE B 751 -8.50 -67.00 43.93
C ILE B 751 -6.99 -66.79 44.00
N SER B 752 -6.52 -66.15 45.08
CA SER B 752 -5.09 -65.92 45.22
C SER B 752 -4.34 -67.23 45.40
N TYR B 753 -4.94 -68.15 46.15
CA TYR B 753 -4.34 -69.46 46.34
C TYR B 753 -4.38 -70.28 45.06
N ALA B 754 -5.49 -70.19 44.32
CA ALA B 754 -5.67 -70.90 43.07
C ALA B 754 -4.91 -70.30 41.91
N LYS B 755 -4.31 -69.11 42.08
CA LYS B 755 -3.60 -68.52 40.95
C LYS B 755 -2.29 -69.24 40.66
N GLU B 756 -1.54 -69.60 41.70
CA GLU B 756 -0.26 -70.25 41.49
C GLU B 756 -0.31 -71.75 41.68
N HIS B 757 -1.14 -72.21 42.61
CA HIS B 757 -1.24 -73.62 42.95
C HIS B 757 -2.16 -74.43 42.04
N ILE B 758 -2.78 -73.82 41.03
CA ILE B 758 -3.69 -74.53 40.14
C ILE B 758 -3.20 -74.31 38.72
N HIS B 759 -2.89 -75.39 38.02
CA HIS B 759 -2.45 -75.34 36.63
C HIS B 759 -3.30 -76.32 35.85
N PRO B 760 -4.40 -75.85 35.26
CA PRO B 760 -5.28 -76.76 34.51
C PRO B 760 -4.64 -77.23 33.21
N ILE B 761 -4.69 -78.54 32.98
CA ILE B 761 -4.13 -79.17 31.79
C ILE B 761 -5.30 -79.54 30.90
N ILE B 762 -5.09 -79.42 29.59
CA ILE B 762 -6.09 -79.52 28.53
C ILE B 762 -5.90 -80.71 27.59
N THR B 763 -5.56 -81.88 28.10
CA THR B 763 -5.22 -83.04 27.27
C THR B 763 -6.23 -83.57 26.25
N GLU B 764 -5.78 -84.61 25.54
CA GLU B 764 -6.34 -85.27 24.37
C GLU B 764 -7.84 -85.51 24.33
N ALA B 765 -8.41 -85.96 25.45
CA ALA B 765 -9.84 -86.31 25.51
C ALA B 765 -10.73 -85.11 25.20
N ALA B 766 -10.30 -83.91 25.55
CA ALA B 766 -11.11 -82.74 25.26
C ALA B 766 -11.06 -82.35 23.79
N LYS B 767 -10.01 -82.72 23.06
CA LYS B 767 -9.89 -82.32 21.66
C LYS B 767 -10.91 -83.01 20.78
N THR B 768 -11.35 -84.19 21.18
CA THR B 768 -12.36 -84.91 20.43
C THR B 768 -13.67 -84.15 20.47
N GLU B 769 -14.05 -83.74 21.68
CA GLU B 769 -15.25 -82.97 21.89
C GLU B 769 -15.08 -81.58 21.30
N LEU B 770 -13.84 -81.09 21.29
CA LEU B 770 -13.54 -79.76 20.78
C LEU B 770 -13.80 -79.68 19.29
N VAL B 771 -13.27 -80.65 18.55
CA VAL B 771 -13.51 -80.71 17.12
C VAL B 771 -14.97 -81.07 16.84
N ARG B 772 -15.55 -81.91 17.71
CA ARG B 772 -16.94 -82.33 17.60
C ARG B 772 -17.90 -81.16 17.71
N ALA B 773 -17.62 -80.24 18.62
CA ALA B 773 -18.41 -79.03 18.80
C ALA B 773 -18.05 -77.98 17.77
N TYR B 774 -16.79 -78.01 17.31
CA TYR B 774 -16.27 -77.01 16.40
C TYR B 774 -16.84 -77.14 15.00
N VAL B 775 -17.16 -78.36 14.57
CA VAL B 775 -17.74 -78.49 13.22
C VAL B 775 -19.17 -77.92 13.21
N GLY B 776 -19.94 -78.18 14.27
CA GLY B 776 -21.27 -77.62 14.37
C GLY B 776 -21.23 -76.13 14.56
N MET B 777 -20.17 -75.63 15.20
CA MET B 777 -19.99 -74.18 15.35
C MET B 777 -19.66 -73.54 14.01
N ARG B 778 -18.82 -74.20 13.22
CA ARG B 778 -18.45 -73.70 11.90
C ARG B 778 -19.62 -73.80 10.93
N LYS B 779 -20.62 -74.63 11.23
CA LYS B 779 -21.76 -74.78 10.34
C LYS B 779 -22.54 -73.48 10.17
N MET B 780 -22.59 -72.66 11.21
CA MET B 780 -23.21 -71.35 11.09
C MET B 780 -22.26 -70.42 10.34
N GLY B 781 -22.70 -69.80 9.25
CA GLY B 781 -21.85 -68.92 8.47
C GLY B 781 -22.55 -67.78 7.78
N ASP B 782 -22.14 -67.52 6.53
CA ASP B 782 -22.67 -66.45 5.66
C ASP B 782 -22.64 -65.07 6.30
N ALA B 793 -18.53 -67.91 12.14
CA ALA B 793 -17.67 -68.55 13.11
C ALA B 793 -16.27 -68.73 12.57
N THR B 794 -15.30 -68.14 13.26
CA THR B 794 -13.91 -68.19 12.85
C THR B 794 -13.07 -68.84 13.93
N THR B 795 -11.75 -68.78 13.75
CA THR B 795 -10.82 -69.33 14.72
C THR B 795 -10.78 -68.52 16.00
N ARG B 796 -11.32 -67.30 15.96
CA ARG B 796 -11.41 -66.44 17.12
C ARG B 796 -12.31 -67.08 18.18
N GLN B 797 -13.39 -67.71 17.72
CA GLN B 797 -14.31 -68.37 18.63
C GLN B 797 -13.71 -69.64 19.21
N LEU B 798 -12.82 -70.28 18.44
CA LEU B 798 -12.15 -71.48 18.94
C LEU B 798 -11.18 -71.12 20.04
N GLU B 799 -10.48 -69.99 19.87
CA GLU B 799 -9.56 -69.59 20.91
C GLU B 799 -10.35 -69.14 22.13
N SER B 800 -11.57 -68.62 21.90
CA SER B 800 -12.42 -68.22 23.00
C SER B 800 -12.88 -69.42 23.82
N MET B 801 -13.25 -70.50 23.14
CA MET B 801 -13.74 -71.66 23.87
C MET B 801 -12.60 -72.38 24.57
N ILE B 802 -11.41 -72.42 23.97
CA ILE B 802 -10.35 -73.12 24.65
C ILE B 802 -9.81 -72.30 25.82
N ARG B 803 -9.93 -70.97 25.77
CA ARG B 803 -9.46 -70.21 26.90
C ARG B 803 -10.53 -70.08 27.96
N LEU B 804 -11.78 -70.40 27.62
CA LEU B 804 -12.84 -70.31 28.61
C LEU B 804 -13.09 -71.64 29.29
N ALA B 805 -12.80 -72.74 28.59
CA ALA B 805 -12.99 -74.06 29.17
C ALA B 805 -11.96 -74.31 30.25
N GLU B 806 -10.70 -73.95 29.95
CA GLU B 806 -9.65 -74.10 30.94
C GLU B 806 -9.81 -73.09 32.05
N ALA B 807 -10.53 -71.99 31.78
CA ALA B 807 -10.82 -71.03 32.82
C ALA B 807 -11.76 -71.64 33.83
N HIS B 808 -12.78 -72.36 33.36
CA HIS B 808 -13.66 -73.04 34.30
C HIS B 808 -12.93 -74.18 34.97
N ALA B 809 -11.98 -74.79 34.27
CA ALA B 809 -11.23 -75.88 34.87
C ALA B 809 -10.32 -75.36 35.97
N LYS B 810 -9.91 -74.10 35.91
CA LYS B 810 -9.11 -73.54 37.01
C LYS B 810 -9.99 -73.40 38.25
N MET B 811 -11.27 -73.16 38.03
CA MET B 811 -12.24 -73.11 39.12
C MET B 811 -12.43 -74.53 39.64
N LYS B 812 -12.76 -74.59 40.93
CA LYS B 812 -13.01 -75.81 41.70
C LYS B 812 -11.77 -76.69 41.83
N LEU B 813 -10.59 -76.07 41.69
CA LEU B 813 -9.28 -76.69 41.93
C LEU B 813 -9.06 -77.92 41.06
N LYS B 814 -9.16 -77.74 39.75
CA LYS B 814 -8.99 -78.86 38.85
C LYS B 814 -7.76 -78.61 37.98
N ASN B 815 -6.72 -79.40 38.18
CA ASN B 815 -5.51 -79.27 37.39
C ASN B 815 -5.60 -79.95 36.02
N VAL B 816 -6.70 -80.61 35.71
CA VAL B 816 -6.88 -81.25 34.42
C VAL B 816 -8.16 -80.72 33.82
N VAL B 817 -8.36 -81.04 32.55
CA VAL B 817 -9.58 -80.65 31.89
C VAL B 817 -10.50 -81.82 32.03
N GLU B 818 -11.78 -81.57 31.87
CA GLU B 818 -12.77 -82.61 31.93
C GLU B 818 -13.63 -82.47 30.69
N LEU B 819 -14.19 -83.60 30.24
CA LEU B 819 -15.07 -83.59 29.09
C LEU B 819 -16.30 -82.75 29.40
N GLU B 820 -16.71 -82.75 30.66
CA GLU B 820 -17.75 -81.90 31.18
C GLU B 820 -17.10 -80.61 31.66
N ASP B 821 -17.89 -79.56 31.75
CA ASP B 821 -17.74 -78.10 31.96
C ASP B 821 -17.52 -77.42 30.62
N VAL B 822 -17.40 -78.19 29.55
CA VAL B 822 -17.20 -77.63 28.24
C VAL B 822 -18.54 -77.29 27.61
N GLN B 823 -19.63 -77.95 28.03
CA GLN B 823 -20.94 -77.74 27.42
C GLN B 823 -21.47 -76.37 27.79
N GLU B 824 -21.34 -75.99 29.05
CA GLU B 824 -21.79 -74.66 29.40
C GLU B 824 -20.77 -73.63 28.98
N ALA B 825 -19.50 -74.03 28.83
CA ALA B 825 -18.48 -73.11 28.36
C ALA B 825 -18.78 -72.65 26.95
N VAL B 826 -19.18 -73.58 26.09
CA VAL B 826 -19.60 -73.23 24.74
C VAL B 826 -20.93 -72.49 24.77
N ARG B 827 -21.86 -72.96 25.63
CA ARG B 827 -23.19 -72.39 25.69
C ARG B 827 -23.18 -70.94 26.18
N LEU B 828 -22.17 -70.55 26.97
CA LEU B 828 -22.08 -69.15 27.39
C LEU B 828 -21.85 -68.25 26.20
N ILE B 829 -21.03 -68.71 25.26
CA ILE B 829 -20.80 -67.96 24.04
C ILE B 829 -22.02 -68.06 23.13
N ARG B 830 -22.64 -69.23 23.09
CA ARG B 830 -23.82 -69.42 22.25
C ARG B 830 -25.03 -68.63 22.72
N SER B 831 -25.11 -68.27 24.00
CA SER B 831 -26.22 -67.45 24.45
C SER B 831 -26.15 -66.07 23.82
N ALA B 832 -24.93 -65.53 23.70
CA ALA B 832 -24.72 -64.25 23.03
C ALA B 832 -24.99 -64.40 21.55
N ILE B 833 -24.57 -65.54 20.98
CA ILE B 833 -24.72 -65.75 19.55
C ILE B 833 -26.20 -65.88 19.18
N LYS B 834 -27.02 -66.50 20.04
CA LYS B 834 -28.44 -66.61 19.74
C LYS B 834 -29.13 -65.26 19.88
N ASP B 835 -28.48 -64.32 20.54
CA ASP B 835 -28.93 -62.95 20.66
C ASP B 835 -28.54 -62.13 19.45
N TYR B 836 -27.86 -62.73 18.47
CA TYR B 836 -27.39 -62.03 17.29
C TYR B 836 -28.22 -62.41 16.07
N ALA B 837 -29.48 -62.78 16.27
CA ALA B 837 -30.36 -63.16 15.17
C ALA B 837 -31.06 -61.94 14.57
N THR B 838 -31.85 -61.25 15.40
CA THR B 838 -32.62 -60.05 15.08
C THR B 838 -33.48 -60.15 13.82
N ASP C 23 50.65 23.65 19.69
CA ASP C 23 49.84 22.98 20.70
C ASP C 23 48.35 23.14 20.53
N ASN C 24 47.69 22.94 21.67
CA ASN C 24 46.25 22.98 21.90
C ASN C 24 45.55 24.14 21.19
N THR C 25 46.04 25.34 21.47
CA THR C 25 45.48 26.57 20.92
C THR C 25 45.85 26.79 19.47
N GLU C 26 46.90 26.13 18.97
CA GLU C 26 47.29 26.33 17.58
C GLU C 26 46.21 25.83 16.65
N ILE C 27 45.53 24.76 17.05
CA ILE C 27 44.44 24.24 16.23
C ILE C 27 43.27 25.20 16.25
N ILE C 28 43.03 25.84 17.40
CA ILE C 28 41.95 26.80 17.52
C ILE C 28 42.27 28.00 16.66
N LYS C 29 43.56 28.34 16.63
CA LYS C 29 44.04 29.44 15.83
C LYS C 29 43.98 29.11 14.37
N SER C 30 44.13 27.84 14.03
CA SER C 30 44.06 27.46 12.63
C SER C 30 42.64 27.54 12.12
N PHE C 31 41.68 27.23 12.97
CA PHE C 31 40.36 27.33 12.40
C PHE C 31 39.78 28.72 12.52
N LYS C 32 40.29 29.52 13.46
CA LYS C 32 39.86 30.90 13.46
C LYS C 32 40.50 31.61 12.26
N ASN C 33 41.74 31.22 11.90
CA ASN C 33 42.42 31.70 10.70
C ASN C 33 41.83 31.10 9.46
N PHE C 34 40.92 30.16 9.62
CA PHE C 34 40.24 29.58 8.50
C PHE C 34 39.00 30.42 8.23
N ILE C 35 38.14 30.62 9.22
CA ILE C 35 36.92 31.37 8.96
C ILE C 35 37.24 32.83 8.66
N LEU C 36 38.06 33.45 9.49
CA LEU C 36 38.42 34.85 9.24
C LEU C 36 39.39 35.06 8.11
N GLU C 37 40.30 34.13 7.83
CA GLU C 37 41.30 34.42 6.81
C GLU C 37 41.27 33.50 5.63
N PHE C 38 40.08 33.23 5.14
CA PHE C 38 39.87 32.56 3.88
C PHE C 38 39.26 33.62 2.98
N ARG C 39 39.70 33.69 1.75
CA ARG C 39 39.01 34.61 0.86
C ARG C 39 39.19 34.08 -0.54
N LEU C 40 38.09 33.66 -1.11
CA LEU C 40 38.09 33.22 -2.49
C LEU C 40 37.98 34.48 -3.34
N ASP C 41 37.66 34.33 -4.60
CA ASP C 41 37.58 35.48 -5.48
C ASP C 41 36.43 36.41 -5.11
N SER C 42 36.81 37.58 -4.56
CA SER C 42 35.95 38.69 -4.15
C SER C 42 34.90 38.36 -3.08
N GLN C 43 34.99 37.24 -2.36
CA GLN C 43 33.94 36.98 -1.40
C GLN C 43 34.47 36.02 -0.35
N PHE C 44 34.13 36.28 0.90
CA PHE C 44 34.47 35.38 2.00
C PHE C 44 33.12 34.82 2.35
N ILE C 45 33.07 33.54 2.66
CA ILE C 45 31.82 32.83 2.82
C ILE C 45 31.48 32.40 4.24
N TYR C 46 32.41 31.86 5.00
CA TYR C 46 32.06 31.24 6.28
C TYR C 46 31.77 32.20 7.42
N ARG C 47 32.42 33.35 7.44
CA ARG C 47 32.09 34.34 8.44
C ARG C 47 30.69 34.84 8.20
N ASP C 48 30.28 34.83 6.93
CA ASP C 48 28.94 35.26 6.62
C ASP C 48 27.95 34.21 7.01
N GLN C 49 28.40 32.97 7.07
CA GLN C 49 27.54 31.90 7.51
C GLN C 49 27.25 32.07 8.99
N LEU C 50 28.28 32.38 9.75
CA LEU C 50 28.05 32.53 11.17
C LEU C 50 27.34 33.82 11.51
N ARG C 51 27.57 34.88 10.72
CA ARG C 51 26.90 36.13 10.99
C ARG C 51 25.44 36.02 10.65
N ASN C 52 25.10 35.10 9.76
CA ASN C 52 23.69 34.98 9.51
C ASN C 52 23.07 34.13 10.59
N ASN C 53 23.72 33.04 10.95
CA ASN C 53 23.14 32.12 11.91
C ASN C 53 22.96 32.66 13.32
N ILE C 54 23.75 33.63 13.79
CA ILE C 54 23.47 34.03 15.18
C ILE C 54 22.22 34.87 15.27
N LEU C 55 22.03 35.81 14.37
CA LEU C 55 20.84 36.64 14.43
C LEU C 55 19.58 35.82 14.22
N VAL C 56 19.67 34.78 13.41
CA VAL C 56 18.58 33.87 13.18
C VAL C 56 18.24 33.12 14.47
N LYS C 57 19.18 33.04 15.42
CA LYS C 57 19.14 32.22 16.64
C LYS C 57 19.21 30.74 16.23
N ASN C 58 20.27 30.42 15.48
CA ASN C 58 20.59 29.05 15.05
C ASN C 58 21.33 28.26 16.11
N TYR C 59 22.38 28.88 16.65
CA TYR C 59 23.28 28.32 17.63
C TYR C 59 24.00 27.12 17.05
N SER C 60 24.24 27.16 15.74
CA SER C 60 24.86 26.07 14.99
C SER C 60 25.60 26.60 13.79
N LEU C 61 26.32 25.71 13.11
CA LEU C 61 27.15 26.06 11.98
C LEU C 61 27.32 24.85 11.09
N THR C 62 27.35 25.04 9.77
CA THR C 62 27.57 23.93 8.84
C THR C 62 28.82 24.18 8.02
N VAL C 63 29.66 23.19 7.89
CA VAL C 63 30.88 23.32 7.12
C VAL C 63 30.97 22.15 6.16
N ASN C 64 31.20 22.46 4.89
CA ASN C 64 31.41 21.47 3.85
C ASN C 64 32.84 20.97 3.94
N MET C 65 32.99 19.69 4.28
CA MET C 65 34.30 19.11 4.45
C MET C 65 35.10 19.14 3.16
N GLU C 66 34.42 19.11 2.01
CA GLU C 66 35.17 19.20 0.78
C GLU C 66 35.76 20.58 0.61
N HIS C 67 35.17 21.57 1.24
CA HIS C 67 35.83 22.83 1.11
C HIS C 67 37.03 22.85 2.04
N LEU C 68 36.96 22.04 3.09
CA LEU C 68 38.05 22.03 4.03
C LEU C 68 39.24 21.35 3.43
N ILE C 69 38.97 20.33 2.60
CA ILE C 69 40.07 19.67 1.91
C ILE C 69 40.55 20.63 0.85
N GLY C 70 39.66 21.50 0.39
CA GLY C 70 40.12 22.47 -0.56
C GLY C 70 40.97 23.52 0.09
N TYR C 71 40.85 23.69 1.40
CA TYR C 71 41.63 24.73 2.06
C TYR C 71 43.07 24.33 2.31
N ASN C 72 43.29 23.32 3.11
CA ASN C 72 44.66 22.91 3.39
C ASN C 72 44.74 21.40 3.32
N GLU C 73 45.95 20.90 3.45
CA GLU C 73 46.30 19.49 3.38
C GLU C 73 46.67 18.91 4.74
N ASP C 74 47.38 19.66 5.56
CA ASP C 74 47.76 19.12 6.85
C ASP C 74 46.57 19.08 7.80
N ILE C 75 45.68 20.07 7.67
CA ILE C 75 44.48 20.15 8.50
C ILE C 75 43.57 18.94 8.31
N TYR C 76 43.39 18.54 7.06
CA TYR C 76 42.50 17.42 6.81
C TYR C 76 43.07 16.12 7.33
N LYS C 77 44.38 15.88 7.20
CA LYS C 77 44.91 14.63 7.73
C LYS C 77 44.88 14.66 9.24
N LYS C 78 44.92 15.87 9.82
CA LYS C 78 44.86 15.93 11.25
C LYS C 78 43.46 15.57 11.71
N LEU C 79 42.45 16.02 10.97
CA LEU C 79 41.08 15.65 11.29
C LEU C 79 40.87 14.17 11.02
N SER C 80 41.60 13.67 10.04
CA SER C 80 41.54 12.28 9.66
C SER C 80 42.05 11.36 10.74
N ASP C 81 43.06 11.78 11.49
CA ASP C 81 43.63 10.88 12.48
C ASP C 81 42.80 10.69 13.74
N GLU C 82 42.56 11.76 14.50
CA GLU C 82 41.87 11.64 15.78
C GLU C 82 40.61 12.48 15.91
N PRO C 83 39.44 11.96 15.53
CA PRO C 83 38.23 12.80 15.63
C PRO C 83 37.82 13.12 17.06
N SER C 84 37.90 12.16 17.97
CA SER C 84 37.48 12.37 19.35
C SER C 84 38.28 13.46 20.05
N ASP C 85 39.51 13.70 19.62
CA ASP C 85 40.35 14.74 20.20
C ASP C 85 40.17 16.10 19.55
N ILE C 86 39.86 16.15 18.26
CA ILE C 86 39.73 17.44 17.57
C ILE C 86 38.32 18.02 17.60
N ILE C 87 37.28 17.25 18.01
CA ILE C 87 35.94 17.85 18.18
C ILE C 87 35.94 19.08 19.11
N PRO C 88 36.60 19.08 20.28
CA PRO C 88 36.56 20.29 21.09
C PRO C 88 37.28 21.51 20.51
N LEU C 89 38.25 21.36 19.60
CA LEU C 89 38.87 22.59 19.12
C LEU C 89 37.93 23.34 18.20
N PHE C 90 37.04 22.61 17.52
CA PHE C 90 35.96 23.20 16.75
C PHE C 90 34.94 23.83 17.63
N GLU C 91 34.62 23.18 18.74
CA GLU C 91 33.63 23.79 19.61
C GLU C 91 34.19 25.09 20.19
N THR C 92 35.50 25.12 20.51
CA THR C 92 36.14 26.34 20.98
C THR C 92 36.23 27.43 19.91
N ALA C 93 36.59 27.05 18.69
CA ALA C 93 36.70 28.06 17.64
C ALA C 93 35.33 28.58 17.27
N ILE C 94 34.30 27.76 17.45
CA ILE C 94 32.94 28.20 17.21
C ILE C 94 32.54 29.22 18.26
N THR C 95 32.76 28.90 19.52
CA THR C 95 32.33 29.83 20.55
C THR C 95 33.18 31.10 20.63
N GLN C 96 34.49 31.10 20.28
CA GLN C 96 35.22 32.37 20.40
C GLN C 96 34.83 33.41 19.37
N VAL C 97 34.56 33.00 18.13
CA VAL C 97 34.05 33.91 17.12
C VAL C 97 32.63 34.30 17.50
N ALA C 98 31.91 33.32 18.04
CA ALA C 98 30.55 33.53 18.43
C ALA C 98 30.46 34.56 19.55
N LYS C 99 31.51 34.71 20.37
CA LYS C 99 31.42 35.76 21.37
C LYS C 99 31.51 37.17 20.77
N ARG C 100 32.29 37.41 19.68
CA ARG C 100 32.28 38.78 19.14
C ARG C 100 30.93 39.09 18.54
N ILE C 101 30.38 38.14 17.79
CA ILE C 101 29.06 38.43 17.29
C ILE C 101 28.02 38.35 18.42
N SER C 102 28.32 37.64 19.51
CA SER C 102 27.42 37.62 20.67
C SER C 102 27.35 38.99 21.31
N ILE C 103 28.47 39.72 21.31
CA ILE C 103 28.46 41.09 21.80
C ILE C 103 27.65 41.89 20.81
N LEU C 104 27.85 41.56 19.55
CA LEU C 104 27.14 42.14 18.43
C LEU C 104 25.68 41.73 18.40
N SER C 105 25.34 40.57 18.96
CA SER C 105 23.95 40.10 18.97
C SER C 105 22.99 40.86 19.84
N ASN C 130 24.64 36.73 27.47
CA ASN C 130 24.13 36.16 28.72
C ASN C 130 24.21 34.63 28.58
N SER C 131 23.09 34.00 28.24
CA SER C 131 23.07 32.56 28.08
C SER C 131 23.50 32.23 26.66
N LEU C 132 24.62 31.54 26.51
CA LEU C 132 25.17 31.16 25.22
C LEU C 132 26.08 29.96 25.35
N PRO C 133 25.63 28.80 24.99
CA PRO C 133 26.49 27.63 25.13
C PRO C 133 27.46 27.52 23.96
N THR C 134 28.18 26.41 23.95
CA THR C 134 29.13 26.10 22.92
C THR C 134 28.32 25.44 21.81
N PHE C 135 28.68 25.72 20.56
CA PHE C 135 27.94 25.21 19.42
C PHE C 135 28.24 23.73 19.19
N GLN C 136 27.87 23.24 18.03
CA GLN C 136 28.05 21.85 17.65
C GLN C 136 28.28 21.96 16.17
N LEU C 137 29.30 21.35 15.63
CA LEU C 137 29.35 21.56 14.20
C LEU C 137 28.65 20.39 13.59
N ILE C 138 28.08 20.64 12.43
CA ILE C 138 27.34 19.67 11.67
C ILE C 138 27.96 19.66 10.30
N LEU C 139 28.47 18.51 9.87
CA LEU C 139 29.12 18.46 8.57
C LEU C 139 28.50 17.42 7.66
N ASN C 140 28.69 17.63 6.36
CA ASN C 140 28.20 16.74 5.32
C ASN C 140 29.09 16.78 4.09
N ASP C 152 33.51 -2.78 11.44
CA ASP C 152 34.47 -3.48 10.64
C ASP C 152 35.85 -3.12 11.19
N SER C 153 36.91 -3.78 10.74
CA SER C 153 38.24 -3.44 11.22
C SER C 153 38.81 -2.19 10.63
N GLU C 154 38.38 -1.84 9.44
CA GLU C 154 38.84 -0.64 8.82
C GLU C 154 38.06 0.59 9.22
N HIS C 155 36.88 0.40 9.79
CA HIS C 155 36.01 1.50 10.16
C HIS C 155 35.97 1.89 11.64
N VAL C 156 36.88 1.43 12.50
CA VAL C 156 36.68 1.83 13.89
C VAL C 156 36.99 3.31 14.10
N SER C 157 35.97 4.07 14.55
CA SER C 157 36.10 5.49 14.91
C SER C 157 36.68 6.38 13.81
N LYS C 158 36.19 6.28 12.57
CA LYS C 158 36.75 7.11 11.52
C LYS C 158 35.71 7.88 10.73
N ILE C 159 36.21 8.88 10.02
CA ILE C 159 35.40 9.78 9.22
C ILE C 159 34.93 9.03 8.00
N VAL C 160 33.72 8.52 8.10
CA VAL C 160 33.11 7.72 7.05
C VAL C 160 31.71 8.22 6.76
N ARG C 161 31.36 8.38 5.48
CA ARG C 161 29.96 8.73 5.24
C ARG C 161 29.29 7.43 4.86
N LEU C 162 27.97 7.38 5.00
CA LEU C 162 27.29 6.12 4.68
C LEU C 162 25.83 6.39 4.40
N SER C 163 25.06 5.32 4.28
CA SER C 163 23.65 5.48 3.98
C SER C 163 22.86 4.26 4.35
N GLY C 164 21.66 4.47 4.82
CA GLY C 164 20.79 3.37 5.19
C GLY C 164 19.37 3.83 5.34
N ILE C 165 18.61 3.13 6.14
CA ILE C 165 17.19 3.38 6.42
C ILE C 165 16.95 3.35 7.92
N ILE C 166 16.13 4.26 8.45
CA ILE C 166 15.87 4.34 9.89
C ILE C 166 14.92 3.25 10.38
N ILE C 167 15.42 2.45 11.32
CA ILE C 167 14.67 1.34 11.91
C ILE C 167 13.72 1.87 12.96
N SER C 168 14.26 2.48 14.00
CA SER C 168 13.45 3.01 15.10
C SER C 168 14.26 4.02 15.91
N THR C 169 13.59 5.06 16.31
CA THR C 169 14.23 6.10 17.09
C THR C 169 14.02 5.81 18.56
N SER C 170 14.31 6.78 19.42
CA SER C 170 14.06 6.60 20.84
C SER C 170 13.28 7.84 21.27
N VAL C 171 13.08 8.06 22.57
CA VAL C 171 12.37 9.21 23.12
C VAL C 171 13.45 10.20 23.48
N LEU C 172 13.13 11.50 23.39
CA LEU C 172 14.12 12.54 23.59
C LEU C 172 14.65 12.43 25.01
N SER C 173 15.93 12.06 25.12
CA SER C 173 16.57 11.88 26.41
C SER C 173 17.53 13.02 26.77
N SER C 174 18.24 12.90 27.90
CA SER C 174 19.16 13.96 28.27
C SER C 174 20.36 13.58 29.12
N ARG C 175 21.54 13.93 28.65
CA ARG C 175 22.81 13.88 29.35
C ARG C 175 23.04 15.27 29.85
N ALA C 176 24.13 15.50 30.57
CA ALA C 176 24.42 16.80 31.13
C ALA C 176 25.63 17.40 30.46
N THR C 177 25.70 18.72 30.49
CA THR C 177 26.81 19.43 29.89
C THR C 177 27.70 20.15 30.89
N TYR C 178 27.18 21.07 31.70
CA TYR C 178 27.98 21.77 32.69
C TYR C 178 27.44 21.44 34.06
N LEU C 179 28.33 21.22 35.02
CA LEU C 179 27.86 20.83 36.33
C LEU C 179 28.90 21.13 37.37
N SER C 180 28.40 21.55 38.53
CA SER C 180 29.15 21.91 39.71
C SER C 180 28.90 20.94 40.85
N ILE C 181 29.96 20.61 41.58
CA ILE C 181 29.85 19.63 42.66
C ILE C 181 30.08 20.33 43.99
N MET C 182 30.00 19.58 45.09
CA MET C 182 30.12 20.15 46.43
C MET C 182 30.61 19.13 47.45
N CYS C 183 31.48 19.57 48.38
CA CYS C 183 31.93 18.70 49.47
C CYS C 183 30.89 18.82 50.57
N ARG C 184 30.28 17.71 50.97
CA ARG C 184 29.19 17.79 51.93
C ARG C 184 29.64 18.12 53.34
N ASN C 185 30.93 18.14 53.63
CA ASN C 185 31.33 18.49 54.98
C ASN C 185 32.03 19.84 55.04
N CYS C 186 33.09 20.00 54.26
CA CYS C 186 33.86 21.23 54.27
C CYS C 186 33.26 22.33 53.42
N ARG C 187 32.24 22.01 52.60
CA ARG C 187 31.59 22.94 51.67
C ARG C 187 32.63 23.47 50.67
N HIS C 188 33.09 22.56 49.82
CA HIS C 188 34.08 22.86 48.80
C HIS C 188 33.46 22.53 47.46
N THR C 189 33.36 23.54 46.60
CA THR C 189 32.70 23.42 45.30
C THR C 189 33.57 23.74 44.11
N THR C 190 33.46 22.93 43.06
CA THR C 190 34.14 23.16 41.79
C THR C 190 33.09 22.94 40.71
N SER C 191 33.47 22.98 39.43
CA SER C 191 32.53 22.76 38.34
C SER C 191 33.24 22.19 37.13
N ILE C 192 32.57 21.32 36.40
CA ILE C 192 33.10 20.66 35.21
C ILE C 192 32.09 20.68 34.08
N THR C 193 32.54 21.10 32.89
CA THR C 193 31.70 21.09 31.70
C THR C 193 32.09 19.85 30.91
N ILE C 194 31.12 19.19 30.29
CA ILE C 194 31.45 17.98 29.52
C ILE C 194 30.79 17.99 28.16
N ASN C 195 31.43 17.31 27.20
CA ASN C 195 30.95 17.22 25.82
C ASN C 195 30.74 15.81 25.29
N ASN C 196 31.72 14.94 25.41
CA ASN C 196 31.68 13.58 24.88
C ASN C 196 31.15 12.60 25.93
N PHE C 197 29.84 12.50 25.96
CA PHE C 197 29.01 11.67 26.82
C PHE C 197 28.92 10.20 26.39
N ASN C 198 29.79 9.72 25.48
CA ASN C 198 29.73 8.35 24.98
C ASN C 198 30.38 7.36 25.92
N ASN C 203 33.03 7.58 31.00
CA ASN C 203 33.99 6.52 30.71
C ASN C 203 35.44 6.99 30.90
N THR C 204 35.72 8.23 30.49
CA THR C 204 37.05 8.81 30.57
C THR C 204 37.39 9.30 31.97
N VAL C 205 36.47 10.04 32.60
CA VAL C 205 36.69 10.63 33.92
C VAL C 205 35.42 10.51 34.74
N SER C 206 35.61 10.59 36.05
CA SER C 206 34.54 10.52 37.01
C SER C 206 34.84 11.46 38.16
N LEU C 207 33.95 11.46 39.13
CA LEU C 207 34.05 12.34 40.27
C LEU C 207 35.17 11.86 41.19
N PRO C 208 35.97 12.77 41.73
CA PRO C 208 37.05 12.35 42.63
C PRO C 208 36.52 12.03 44.02
N ARG C 209 37.42 11.53 44.86
CA ARG C 209 37.08 11.08 46.21
C ARG C 209 37.89 11.81 47.27
N SER C 210 38.15 13.10 47.05
CA SER C 210 38.90 13.90 47.99
C SER C 210 38.28 15.28 48.08
N CYS C 211 38.40 15.91 49.26
CA CYS C 211 37.84 17.23 49.52
C CYS C 211 38.39 18.29 48.61
N LEU C 212 39.60 18.06 48.08
CA LEU C 212 40.38 18.81 47.11
C LEU C 212 40.91 20.11 47.71
N SER C 213 40.45 20.48 48.90
CA SER C 213 40.99 21.66 49.55
C SER C 213 42.40 21.37 50.04
N THR C 214 42.70 20.09 50.26
CA THR C 214 44.03 19.65 50.66
C THR C 214 44.99 19.80 49.50
N ILE C 215 44.50 19.61 48.28
CA ILE C 215 45.30 19.74 47.08
C ILE C 215 45.29 21.21 46.67
N ASN C 235 39.59 13.34 57.18
CA ASN C 235 39.57 12.95 55.78
C ASN C 235 38.15 12.76 55.27
N CYS C 236 37.72 13.64 54.37
CA CYS C 236 36.41 13.52 53.75
C CYS C 236 36.25 12.29 52.86
N GLY C 237 37.37 11.68 52.40
CA GLY C 237 37.35 10.52 51.52
C GLY C 237 36.57 9.33 52.05
N PRO C 238 35.86 8.58 51.16
CA PRO C 238 35.63 8.58 49.70
C PRO C 238 34.81 9.75 49.16
N ASP C 239 34.32 9.61 47.92
CA ASP C 239 33.63 10.64 47.14
C ASP C 239 32.57 11.48 47.85
N PRO C 240 32.92 12.73 48.13
CA PRO C 240 32.05 13.64 48.88
C PRO C 240 31.24 14.56 47.98
N TYR C 241 31.47 14.48 46.68
CA TYR C 241 30.89 15.39 45.71
C TYR C 241 29.45 15.04 45.41
N ILE C 242 28.60 16.03 45.54
CA ILE C 242 27.17 15.88 45.30
C ILE C 242 26.83 16.82 44.15
N ILE C 243 26.16 16.28 43.14
CA ILE C 243 25.83 17.04 41.94
C ILE C 243 24.71 18.02 42.24
N ILE C 244 25.02 19.31 42.11
CA ILE C 244 24.03 20.36 42.29
C ILE C 244 23.06 20.32 41.12
N HIS C 245 21.82 19.88 41.36
CA HIS C 245 20.87 19.79 40.25
C HIS C 245 20.15 21.10 39.93
N GLU C 246 20.18 22.06 40.84
CA GLU C 246 19.49 23.32 40.60
C GLU C 246 20.30 24.29 39.77
N SER C 247 21.57 24.01 39.51
CA SER C 247 22.40 24.94 38.76
C SER C 247 23.18 24.20 37.70
N SER C 248 22.48 23.36 36.94
CA SER C 248 23.09 22.59 35.88
C SER C 248 22.50 22.99 34.52
N LYS C 249 23.14 22.50 33.46
CA LYS C 249 22.73 22.78 32.10
C LYS C 249 22.63 21.48 31.31
N PHE C 250 21.67 21.42 30.41
CA PHE C 250 21.39 20.18 29.71
C PHE C 250 21.07 20.40 28.23
N ILE C 251 21.18 19.30 27.48
CA ILE C 251 20.91 19.21 26.06
C ILE C 251 19.99 18.02 25.86
N ASP C 252 19.67 17.72 24.60
CA ASP C 252 18.74 16.66 24.26
C ASP C 252 19.45 15.53 23.54
N GLN C 253 18.82 14.35 23.55
CA GLN C 253 19.44 13.20 22.93
C GLN C 253 18.32 12.33 22.35
N GLN C 254 18.60 11.76 21.17
CA GLN C 254 17.67 11.06 20.30
C GLN C 254 17.78 9.54 20.24
N PHE C 255 18.97 8.97 19.96
CA PHE C 255 19.22 7.52 19.85
C PHE C 255 18.41 6.81 18.76
N LEU C 256 18.79 7.04 17.50
CA LEU C 256 18.10 6.32 16.44
C LEU C 256 18.63 4.90 16.34
N LYS C 257 18.05 4.13 15.45
CA LYS C 257 18.43 2.76 15.16
C LYS C 257 18.03 2.64 13.71
N LEU C 258 18.91 2.06 12.91
CA LEU C 258 18.82 1.98 11.46
C LEU C 258 18.74 0.56 10.94
N GLN C 259 18.06 0.34 9.81
CA GLN C 259 17.86 -0.96 9.15
C GLN C 259 18.44 -0.96 7.74
N GLU C 260 19.02 -2.09 7.32
CA GLU C 260 19.63 -2.21 6.00
C GLU C 260 18.59 -2.02 4.88
N ILE C 261 19.09 -1.74 3.68
CA ILE C 261 18.39 -1.40 2.43
C ILE C 261 17.67 -2.63 1.88
N PRO C 262 16.42 -2.53 1.47
CA PRO C 262 15.75 -3.74 0.97
C PRO C 262 16.12 -4.12 -0.45
N GLU C 263 16.89 -3.35 -1.19
CA GLU C 263 17.25 -3.85 -2.51
C GLU C 263 18.56 -4.60 -2.58
N LEU C 264 19.55 -4.31 -1.75
CA LEU C 264 20.81 -4.98 -1.93
C LEU C 264 21.32 -5.77 -0.74
N VAL C 265 21.82 -6.95 -1.08
CA VAL C 265 22.46 -8.01 -0.30
C VAL C 265 21.65 -8.51 0.88
N PRO C 266 20.39 -8.94 0.75
CA PRO C 266 19.74 -9.48 1.93
C PRO C 266 19.78 -11.01 1.81
N VAL C 267 20.66 -11.53 0.94
CA VAL C 267 20.83 -12.96 0.62
C VAL C 267 21.19 -13.81 1.83
N GLU C 269 18.86 -13.44 3.98
CA GLU C 269 19.16 -13.20 5.38
C GLU C 269 18.02 -12.48 6.04
N MET C 270 18.21 -12.17 7.07
CA MET C 270 17.43 -11.33 7.92
C MET C 270 18.04 -9.95 7.94
N PRO C 271 17.27 -8.89 8.14
CA PRO C 271 17.89 -7.57 8.19
C PRO C 271 18.67 -7.38 9.49
N ARG C 272 19.82 -6.74 9.36
CA ARG C 272 20.74 -6.43 10.46
C ARG C 272 20.50 -4.98 10.86
N ASN C 273 21.10 -4.53 11.97
CA ASN C 273 20.85 -3.15 12.38
C ASN C 273 21.98 -2.64 13.25
N LEU C 274 21.95 -1.34 13.52
CA LEU C 274 22.94 -0.71 14.38
C LEU C 274 22.36 0.24 15.42
N THR C 275 23.20 1.02 16.08
CA THR C 275 22.72 1.94 17.08
C THR C 275 23.33 3.31 16.84
N MET C 276 22.48 4.32 16.81
CA MET C 276 22.82 5.69 16.52
C MET C 276 22.71 6.49 17.80
N THR C 277 23.20 7.73 17.75
CA THR C 277 23.15 8.56 18.94
C THR C 277 23.23 10.00 18.46
N CYS C 278 22.28 10.85 18.87
CA CYS C 278 22.35 12.22 18.41
C CYS C 278 22.52 13.29 19.47
N ASP C 279 23.15 14.36 18.98
CA ASP C 279 23.59 15.58 19.64
C ASP C 279 22.55 16.70 19.54
N ARG C 280 22.99 17.94 19.76
CA ARG C 280 22.16 19.12 19.92
C ARG C 280 21.12 19.61 18.94
N TYR C 281 21.47 20.16 17.80
CA TYR C 281 20.40 20.64 16.92
C TYR C 281 19.82 19.60 15.99
N LEU C 282 20.35 18.40 15.97
CA LEU C 282 19.91 17.32 15.11
C LEU C 282 18.68 16.58 15.63
N THR C 283 18.26 16.85 16.85
CA THR C 283 17.16 16.14 17.48
C THR C 283 15.81 16.35 16.83
N ASN C 284 14.96 15.35 17.00
CA ASN C 284 13.58 15.37 16.54
C ASN C 284 13.47 15.77 15.09
N LYS C 285 14.36 15.27 14.25
CA LYS C 285 14.24 15.77 12.89
C LYS C 285 13.48 14.86 11.94
N VAL C 286 13.80 13.56 11.80
CA VAL C 286 13.13 12.76 10.78
C VAL C 286 12.23 11.65 11.33
N ILE C 287 10.96 11.64 10.94
CA ILE C 287 10.03 10.55 11.26
C ILE C 287 10.47 9.35 10.44
N PRO C 288 10.55 8.15 11.01
CA PRO C 288 11.08 6.97 10.30
C PRO C 288 10.34 6.53 9.05
N GLY C 289 11.11 5.93 8.13
CA GLY C 289 10.65 5.46 6.84
C GLY C 289 11.44 5.99 5.66
N THR C 290 12.19 7.06 5.82
CA THR C 290 12.92 7.60 4.70
C THR C 290 14.14 6.78 4.37
N ARG C 291 14.64 7.00 3.17
CA ARG C 291 15.83 6.35 2.65
C ARG C 291 16.86 7.48 2.78
N VAL C 292 17.76 7.43 3.77
CA VAL C 292 18.69 8.55 4.00
C VAL C 292 20.15 8.18 4.08
N THR C 293 20.98 9.21 4.10
CA THR C 293 22.43 9.10 4.20
C THR C 293 22.84 9.74 5.51
N ILE C 294 23.81 9.14 6.20
CA ILE C 294 24.25 9.64 7.49
C ILE C 294 25.78 9.63 7.52
N VAL C 295 26.39 10.76 7.83
CA VAL C 295 27.83 10.81 7.99
C VAL C 295 28.09 10.41 9.42
N GLY C 296 29.08 9.53 9.66
CA GLY C 296 29.25 9.09 11.02
C GLY C 296 30.64 8.74 11.53
N ILE C 297 30.66 8.34 12.80
CA ILE C 297 31.84 7.89 13.51
C ILE C 297 31.50 6.52 14.04
N TYR C 298 32.19 5.49 13.55
CA TYR C 298 31.92 4.13 14.00
C TYR C 298 32.77 3.81 15.22
N SER C 299 32.25 4.08 16.40
CA SER C 299 32.95 3.88 17.66
C SER C 299 32.40 2.69 18.43
N ILE C 300 33.07 2.36 19.56
CA ILE C 300 32.80 1.16 20.35
C ILE C 300 32.52 1.47 21.82
N TYR C 301 31.47 0.84 22.37
CA TYR C 301 31.21 0.96 23.81
C TYR C 301 31.20 -0.46 24.40
N ASN C 302 31.04 -0.58 25.72
CA ASN C 302 31.19 -1.87 26.41
C ASN C 302 29.94 -2.46 27.08
N SER C 303 29.04 -1.64 27.60
CA SER C 303 27.91 -2.08 28.41
C SER C 303 26.91 -2.93 27.64
N LYS C 304 25.95 -3.46 28.39
CA LYS C 304 24.93 -4.38 27.90
C LYS C 304 23.89 -3.65 27.07
N GLY C 320 34.59 -11.44 30.17
CA GLY C 320 35.99 -11.69 29.90
C GLY C 320 36.28 -12.14 28.49
N VAL C 321 35.30 -11.99 27.59
CA VAL C 321 35.47 -12.40 26.20
C VAL C 321 35.60 -11.17 25.32
N ALA C 322 35.67 -9.99 25.93
CA ALA C 322 35.81 -8.68 25.29
C ALA C 322 34.70 -8.47 24.27
N ILE C 323 33.46 -8.63 24.72
CA ILE C 323 32.31 -8.45 23.85
C ILE C 323 31.90 -7.00 24.02
N ARG C 324 31.88 -6.25 22.94
CA ARG C 324 31.58 -4.82 22.95
C ARG C 324 30.57 -4.47 21.86
N THR C 325 29.46 -3.79 22.17
CA THR C 325 28.64 -3.50 20.98
C THR C 325 29.14 -2.23 20.28
N PRO C 326 29.30 -2.26 18.97
CA PRO C 326 29.72 -1.07 18.21
C PRO C 326 28.54 -0.17 17.87
N TYR C 327 28.85 1.09 17.57
CA TYR C 327 27.82 2.07 17.24
C TYR C 327 28.36 3.17 16.35
N ILE C 328 27.43 3.93 15.77
CA ILE C 328 27.78 5.06 14.92
C ILE C 328 27.14 6.31 15.48
N LYS C 329 27.98 7.24 15.89
CA LYS C 329 27.56 8.55 16.35
C LYS C 329 27.23 9.36 15.11
N ILE C 330 26.13 10.10 15.14
CA ILE C 330 25.64 10.82 13.97
C ILE C 330 26.10 12.27 13.96
N LEU C 331 26.70 12.69 12.86
CA LEU C 331 27.13 14.05 12.64
C LEU C 331 26.59 14.38 11.26
N GLY C 332 25.65 15.29 11.18
CA GLY C 332 25.15 15.71 9.88
C GLY C 332 24.17 14.88 9.08
N ILE C 333 22.96 14.74 9.60
CA ILE C 333 21.90 14.06 8.89
C ILE C 333 21.39 14.96 7.77
N GLN C 334 21.17 14.40 6.58
CA GLN C 334 20.54 15.15 5.50
C GLN C 334 19.33 14.31 5.06
N SER C 335 18.26 14.99 4.74
CA SER C 335 16.96 14.43 4.49
C SER C 335 16.72 14.00 3.06
N ASP C 336 15.46 13.64 2.85
CA ASP C 336 14.84 13.19 1.64
C ASP C 336 14.59 14.39 0.75
N GLU C 351 11.79 28.41 -3.03
CA GLU C 351 11.31 29.77 -3.27
C GLU C 351 11.19 30.00 -4.76
N GLU C 352 12.20 29.55 -5.49
CA GLU C 352 12.17 29.63 -6.94
C GLU C 352 11.26 28.55 -7.48
N GLU C 353 11.10 27.49 -6.70
CA GLU C 353 10.21 26.41 -7.11
C GLU C 353 8.79 26.89 -7.10
N GLU C 354 8.46 27.84 -6.21
CA GLU C 354 7.13 28.43 -6.17
C GLU C 354 6.83 29.12 -7.49
N GLU C 355 7.87 29.71 -8.09
CA GLU C 355 7.69 30.38 -9.37
C GLU C 355 7.32 29.37 -10.43
N GLU C 356 8.06 28.28 -10.49
CA GLU C 356 7.67 27.32 -11.51
C GLU C 356 6.41 26.54 -11.11
N PHE C 357 6.07 26.52 -9.81
CA PHE C 357 4.84 25.88 -9.35
C PHE C 357 3.64 26.66 -9.84
N LEU C 358 3.71 27.98 -9.73
CA LEU C 358 2.62 28.82 -10.21
C LEU C 358 2.52 28.71 -11.73
N GLN C 359 3.67 28.53 -12.40
CA GLN C 359 3.66 28.33 -13.83
C GLN C 359 2.96 27.03 -14.20
N LEU C 360 3.24 25.96 -13.46
CA LEU C 360 2.61 24.69 -13.75
C LEU C 360 1.17 24.62 -13.30
N SER C 361 0.76 25.46 -12.37
CA SER C 361 -0.61 25.40 -11.88
C SER C 361 -1.63 25.88 -12.89
N ARG C 362 -1.33 26.95 -13.62
CA ARG C 362 -2.31 27.55 -14.53
C ARG C 362 -2.39 26.98 -15.96
N ASN C 363 -1.61 25.98 -16.34
CA ASN C 363 -1.74 25.47 -17.71
C ASN C 363 -2.97 24.58 -17.81
N PRO C 364 -3.83 24.78 -18.81
CA PRO C 364 -5.03 23.94 -18.92
C PRO C 364 -4.77 22.50 -19.37
N LYS C 365 -3.54 22.15 -19.72
CA LYS C 365 -3.19 20.78 -20.13
C LYS C 365 -2.50 20.03 -19.01
N LEU C 366 -2.73 20.43 -17.77
CA LEU C 366 -2.04 19.84 -16.64
C LEU C 366 -2.59 18.47 -16.32
N TYR C 367 -3.90 18.31 -16.47
CA TYR C 367 -4.55 17.06 -16.15
C TYR C 367 -4.03 15.95 -17.06
N GLU C 368 -3.88 16.24 -18.33
CA GLU C 368 -3.38 15.23 -19.24
C GLU C 368 -1.88 15.01 -19.09
N ILE C 369 -1.10 16.08 -18.88
CA ILE C 369 0.34 15.91 -18.75
C ILE C 369 0.64 15.12 -17.47
N LEU C 370 -0.26 15.15 -16.48
CA LEU C 370 -0.06 14.27 -15.34
C LEU C 370 -0.49 12.86 -15.70
N THR C 371 -1.44 12.70 -16.62
CA THR C 371 -1.70 11.33 -17.01
C THR C 371 -0.69 10.85 -18.03
N ASN C 372 0.38 11.62 -18.24
CA ASN C 372 1.55 11.25 -19.03
C ASN C 372 2.73 11.10 -18.09
N SER C 373 2.49 11.21 -16.79
CA SER C 373 3.51 11.12 -15.77
C SER C 373 3.47 9.89 -14.88
N ILE C 374 2.31 9.22 -14.70
CA ILE C 374 2.23 8.11 -13.76
C ILE C 374 2.82 6.79 -14.23
N ALA C 375 2.27 6.17 -15.27
CA ALA C 375 2.78 4.86 -15.65
C ALA C 375 3.24 4.83 -17.09
N PRO C 376 4.49 5.21 -17.35
CA PRO C 376 5.03 5.13 -18.71
C PRO C 376 5.29 3.71 -19.14
N SER C 377 5.45 2.81 -18.21
CA SER C 377 5.63 1.43 -18.59
C SER C 377 4.33 0.78 -18.97
N ILE C 378 3.19 1.38 -18.63
CA ILE C 378 1.90 0.73 -18.88
C ILE C 378 1.02 1.51 -19.82
N PHE C 379 0.68 0.85 -20.91
CA PHE C 379 -0.20 1.33 -21.95
C PHE C 379 -1.62 0.99 -21.57
N GLY C 380 -2.51 1.89 -21.88
CA GLY C 380 -3.90 1.65 -21.61
C GLY C 380 -4.23 1.93 -20.16
N ASN C 381 -5.41 1.44 -19.79
CA ASN C 381 -5.97 1.55 -18.45
C ASN C 381 -6.01 3.00 -18.01
N GLU C 382 -6.46 3.85 -18.91
CA GLU C 382 -6.47 5.28 -18.65
C GLU C 382 -7.45 5.75 -17.59
N ASP C 383 -8.52 5.02 -17.27
CA ASP C 383 -9.38 5.52 -16.19
C ASP C 383 -8.68 5.31 -14.84
N ILE C 384 -7.98 4.19 -14.71
CA ILE C 384 -7.19 3.91 -13.52
C ILE C 384 -6.04 4.90 -13.43
N LYS C 385 -5.46 5.16 -14.60
CA LYS C 385 -4.34 6.06 -14.76
C LYS C 385 -4.75 7.45 -14.36
N LYS C 386 -6.04 7.78 -14.52
CA LYS C 386 -6.53 9.07 -14.08
C LYS C 386 -6.84 9.08 -12.59
N ALA C 387 -7.46 8.02 -12.04
CA ALA C 387 -7.83 8.05 -10.62
C ALA C 387 -6.64 8.09 -9.69
N ILE C 388 -5.48 7.63 -10.17
CA ILE C 388 -4.29 7.74 -9.34
C ILE C 388 -3.89 9.21 -9.16
N VAL C 389 -4.20 10.04 -10.16
CA VAL C 389 -3.85 11.45 -10.10
C VAL C 389 -4.62 12.09 -8.98
N CYS C 390 -5.92 11.82 -8.92
CA CYS C 390 -6.74 12.36 -7.85
C CYS C 390 -6.39 11.77 -6.47
N LEU C 391 -5.88 10.53 -6.39
CA LEU C 391 -5.51 10.02 -5.07
C LEU C 391 -4.30 10.69 -4.48
N LEU C 392 -3.31 11.01 -5.30
CA LEU C 392 -2.14 11.61 -4.64
C LEU C 392 -2.34 13.05 -4.15
N MET C 393 -3.49 13.69 -4.36
CA MET C 393 -3.61 15.05 -3.88
C MET C 393 -4.42 15.17 -2.58
N GLY C 394 -5.52 14.43 -2.44
CA GLY C 394 -6.26 14.57 -1.20
C GLY C 394 -7.26 15.71 -1.20
N GLY C 395 -8.49 15.43 -0.82
CA GLY C 395 -9.52 16.45 -0.81
C GLY C 395 -9.46 17.36 0.40
N SER C 396 -10.59 18.02 0.65
CA SER C 396 -10.79 18.99 1.73
C SER C 396 -10.76 18.30 3.10
N LYS C 397 -10.79 19.10 4.17
CA LYS C 397 -10.77 18.55 5.53
C LYS C 397 -11.58 19.54 6.36
N LYS C 398 -12.73 19.08 6.88
CA LYS C 398 -13.75 19.87 7.56
C LYS C 398 -13.67 19.76 9.09
N ILE C 399 -13.57 20.88 9.79
CA ILE C 399 -13.40 20.87 11.23
C ILE C 399 -14.64 21.45 11.92
N LEU C 400 -15.82 21.07 11.46
CA LEU C 400 -17.13 21.53 11.88
C LEU C 400 -17.47 21.60 13.36
N PRO C 401 -18.49 22.39 13.75
CA PRO C 401 -18.96 22.39 15.15
C PRO C 401 -19.51 21.02 15.56
N ASP C 402 -19.87 20.21 14.55
CA ASP C 402 -20.26 18.81 14.69
C ASP C 402 -19.14 18.07 15.42
N GLY C 403 -19.51 17.06 16.21
CA GLY C 403 -18.50 16.38 17.02
C GLY C 403 -17.43 15.66 16.24
N MET C 404 -17.69 15.34 14.98
CA MET C 404 -16.70 14.73 14.10
C MET C 404 -16.31 15.68 13.01
N ARG C 405 -15.22 15.27 12.44
CA ARG C 405 -14.58 15.79 11.28
C ARG C 405 -14.77 14.74 10.19
N LEU C 406 -14.68 15.18 8.93
CA LEU C 406 -14.88 14.24 7.84
C LEU C 406 -13.57 13.72 7.31
N ARG C 407 -13.62 13.00 6.20
CA ARG C 407 -12.44 12.38 5.62
C ARG C 407 -12.08 12.93 4.26
N GLY C 408 -10.77 13.04 4.01
CA GLY C 408 -10.24 13.61 2.80
C GLY C 408 -9.63 12.76 1.70
N ASP C 409 -8.79 11.80 2.06
CA ASP C 409 -8.13 10.99 1.06
C ASP C 409 -9.12 9.98 0.47
N ILE C 410 -8.76 9.43 -0.69
CA ILE C 410 -9.61 8.48 -1.44
C ILE C 410 -9.03 7.07 -1.54
N ASN C 411 -9.82 6.15 -2.10
CA ASN C 411 -9.51 4.72 -2.19
C ASN C 411 -9.56 4.16 -3.60
N VAL C 412 -8.62 3.28 -3.95
CA VAL C 412 -8.55 2.70 -5.30
C VAL C 412 -8.63 1.19 -5.29
N LEU C 413 -9.59 0.64 -6.07
CA LEU C 413 -9.80 -0.80 -6.28
C LEU C 413 -9.38 -1.23 -7.69
N LEU C 414 -8.81 -2.42 -7.81
CA LEU C 414 -8.44 -2.96 -9.10
C LEU C 414 -8.87 -4.42 -9.25
N LEU C 415 -10.10 -4.82 -8.88
CA LEU C 415 -10.51 -6.21 -9.08
C LEU C 415 -10.65 -6.49 -10.56
N GLY C 416 -10.17 -7.65 -10.99
CA GLY C 416 -10.23 -7.96 -12.39
C GLY C 416 -9.37 -9.15 -12.74
N ASP C 417 -9.35 -9.43 -14.03
CA ASP C 417 -8.68 -10.59 -14.57
C ASP C 417 -7.17 -10.50 -14.43
N PRO C 418 -6.53 -11.63 -14.23
CA PRO C 418 -5.09 -11.64 -14.07
C PRO C 418 -4.32 -11.36 -15.33
N GLY C 419 -3.07 -10.97 -15.12
CA GLY C 419 -2.15 -10.63 -16.17
C GLY C 419 -2.18 -9.16 -16.52
N THR C 420 -3.05 -8.40 -15.89
CA THR C 420 -3.20 -6.99 -16.18
C THR C 420 -2.00 -6.13 -15.76
N ALA C 421 -1.11 -6.64 -14.91
CA ALA C 421 0.00 -5.89 -14.32
C ALA C 421 -0.49 -4.72 -13.48
N LYS C 422 -1.64 -4.89 -12.82
CA LYS C 422 -2.10 -3.87 -11.91
C LYS C 422 -1.15 -3.83 -10.72
N SER C 423 -0.43 -4.94 -10.54
CA SER C 423 0.62 -5.09 -9.54
C SER C 423 1.74 -4.08 -9.76
N GLN C 424 2.20 -3.95 -11.01
CA GLN C 424 3.25 -2.97 -11.28
C GLN C 424 2.75 -1.56 -11.00
N LEU C 425 1.49 -1.31 -11.29
CA LEU C 425 0.89 -0.01 -11.04
C LEU C 425 0.86 0.29 -9.54
N LEU C 426 0.47 -0.68 -8.72
CA LEU C 426 0.44 -0.38 -7.27
C LEU C 426 1.86 -0.22 -6.72
N LYS C 427 2.86 -0.90 -7.30
CA LYS C 427 4.22 -0.64 -6.83
C LYS C 427 4.65 0.77 -7.15
N PHE C 428 4.28 1.25 -8.34
CA PHE C 428 4.75 2.58 -8.70
C PHE C 428 3.97 3.64 -7.90
N VAL C 429 2.76 3.30 -7.45
CA VAL C 429 2.00 4.20 -6.58
C VAL C 429 2.76 4.37 -5.27
N GLU C 430 3.32 3.28 -4.76
CA GLU C 430 4.10 3.43 -3.54
C GLU C 430 5.34 4.26 -3.77
N LYS C 431 5.99 4.11 -4.91
CA LYS C 431 7.16 4.95 -5.15
C LYS C 431 6.86 6.44 -5.34
N VAL C 432 5.67 6.81 -5.77
CA VAL C 432 5.48 8.24 -6.00
C VAL C 432 5.21 9.04 -4.73
N SER C 433 4.28 8.62 -3.89
CA SER C 433 3.92 9.40 -2.69
C SER C 433 5.06 9.46 -1.68
N PRO C 434 5.22 10.57 -0.95
CA PRO C 434 6.28 10.62 0.04
C PRO C 434 6.11 9.63 1.16
N ILE C 435 4.92 9.46 1.73
CA ILE C 435 4.77 8.43 2.75
C ILE C 435 3.61 7.56 2.33
N ALA C 436 3.85 6.25 2.32
CA ALA C 436 2.87 5.26 1.89
C ALA C 436 3.32 3.86 2.29
N VAL C 437 2.35 2.96 2.46
CA VAL C 437 2.60 1.58 2.80
C VAL C 437 2.02 0.66 1.74
N TYR C 438 2.89 -0.13 1.11
CA TYR C 438 2.52 -1.12 0.12
C TYR C 438 2.52 -2.50 0.77
N THR C 439 1.43 -3.24 0.62
CA THR C 439 1.36 -4.57 1.17
C THR C 439 0.89 -5.51 0.08
N SER C 440 1.59 -6.61 -0.05
CA SER C 440 1.22 -7.65 -0.99
C SER C 440 0.66 -8.80 -0.17
N GLY C 441 -0.66 -8.88 -0.14
CA GLY C 441 -1.44 -9.87 0.58
C GLY C 441 -1.55 -9.84 2.10
N LYS C 442 -2.18 -10.92 2.55
CA LYS C 442 -2.41 -11.25 3.94
C LYS C 442 -1.27 -12.02 4.59
N GLY C 443 -0.41 -12.70 3.82
CA GLY C 443 0.68 -13.48 4.39
C GLY C 443 2.08 -12.99 4.02
N SER C 444 2.85 -12.47 4.98
CA SER C 444 4.24 -12.03 4.91
C SER C 444 5.24 -12.99 5.43
N SER C 445 6.47 -12.57 5.17
CA SER C 445 7.72 -13.00 5.71
C SER C 445 7.94 -12.16 6.95
N ALA C 446 7.74 -10.84 6.80
CA ALA C 446 7.97 -9.91 7.90
C ALA C 446 7.11 -8.65 8.04
N ALA C 447 6.02 -8.40 7.30
CA ALA C 447 5.27 -7.13 7.44
C ALA C 447 3.93 -7.25 8.17
N GLY C 448 3.86 -6.62 9.35
CA GLY C 448 2.72 -6.48 10.25
C GLY C 448 1.72 -5.38 9.89
N LEU C 449 0.68 -5.26 10.73
CA LEU C 449 -0.39 -4.24 10.57
C LEU C 449 -0.32 -3.26 11.69
N ALA C 451 -2.13 -1.25 15.41
CA ALA C 451 -2.17 -1.47 16.85
C ALA C 451 -1.27 -2.59 17.29
N SER C 452 -0.05 -2.26 17.69
CA SER C 452 0.90 -3.26 18.15
C SER C 452 0.81 -3.45 19.64
N VAL C 453 0.92 -4.70 20.10
CA VAL C 453 0.87 -4.95 21.52
C VAL C 453 2.21 -5.57 21.90
N GLN C 454 3.02 -4.81 22.62
CA GLN C 454 4.30 -5.30 23.09
C GLN C 454 4.14 -5.30 24.61
N ARG C 455 4.42 -6.42 25.26
CA ARG C 455 4.28 -6.44 26.72
C ARG C 455 5.43 -5.78 27.40
N PRO C 457 8.72 -5.49 28.32
CA PRO C 457 9.11 -6.79 28.84
C PRO C 457 10.37 -6.61 29.67
N MET C 458 11.27 -5.73 29.24
CA MET C 458 12.41 -5.40 30.06
C MET C 458 11.79 -4.43 31.05
N THR C 459 12.18 -4.51 32.33
CA THR C 459 11.67 -3.66 33.43
C THR C 459 10.21 -4.06 33.75
N ARG C 460 9.64 -5.03 33.00
CA ARG C 460 8.29 -5.54 33.06
C ARG C 460 7.30 -4.40 32.91
N GLU C 461 7.44 -3.78 31.75
CA GLU C 461 6.67 -2.65 31.27
C GLU C 461 5.96 -2.96 29.95
N PHE C 462 4.70 -2.57 29.84
CA PHE C 462 3.95 -2.71 28.60
C PHE C 462 4.18 -1.48 27.72
N TYR C 463 4.49 -1.65 26.44
CA TYR C 463 4.59 -0.42 25.68
C TYR C 463 4.08 -0.65 24.28
N LEU C 464 3.69 0.45 23.66
CA LEU C 464 3.13 0.48 22.32
C LEU C 464 4.18 0.62 21.25
N GLU C 465 4.36 -0.41 20.41
CA GLU C 465 5.36 -0.35 19.35
C GLU C 465 4.94 0.34 18.03
N GLY C 466 3.83 -0.05 17.41
CA GLY C 466 3.50 0.50 16.10
C GLY C 466 2.60 -0.33 15.22
N GLY C 467 2.95 -0.44 13.96
CA GLY C 467 2.15 -1.22 13.04
C GLY C 467 2.31 -0.77 11.60
N ALA C 468 1.22 -0.69 10.88
CA ALA C 468 1.32 -0.27 9.49
C ALA C 468 0.44 0.93 9.19
N MET C 469 -0.77 0.97 9.75
CA MET C 469 -1.63 2.12 9.52
C MET C 469 -1.06 3.32 10.25
N VAL C 470 -0.29 3.05 11.29
CA VAL C 470 0.34 4.09 12.04
C VAL C 470 1.40 4.80 11.21
N LEU C 471 2.15 4.06 10.41
CA LEU C 471 3.15 4.70 9.54
C LEU C 471 2.44 5.47 8.45
N ALA C 472 1.38 4.92 7.93
CA ALA C 472 0.70 5.58 6.83
C ALA C 472 -0.42 6.53 7.26
N ASP C 473 -0.36 7.13 8.44
CA ASP C 473 -1.39 8.11 8.80
C ASP C 473 -1.20 9.29 7.87
N GLY C 474 -2.19 9.61 7.07
CA GLY C 474 -2.03 10.70 6.14
C GLY C 474 -1.26 10.29 4.90
N GLY C 475 -1.48 9.07 4.40
CA GLY C 475 -0.79 8.57 3.24
C GLY C 475 -1.56 7.52 2.47
N VAL C 476 -0.82 6.65 1.79
CA VAL C 476 -1.42 5.67 0.91
C VAL C 476 -1.16 4.27 1.46
N VAL C 477 -2.21 3.46 1.51
CA VAL C 477 -2.10 2.07 1.93
C VAL C 477 -2.44 1.21 0.72
N CYS C 478 -1.55 0.29 0.36
CA CYS C 478 -1.78 -0.62 -0.76
C CYS C 478 -1.99 -2.03 -0.24
N ILE C 479 -3.13 -2.61 -0.55
CA ILE C 479 -3.45 -3.95 -0.14
C ILE C 479 -3.65 -4.79 -1.36
N ASP C 480 -2.80 -5.81 -1.51
CA ASP C 480 -2.93 -6.75 -2.60
C ASP C 480 -3.68 -7.92 -2.02
N GLU C 481 -4.28 -8.69 -2.91
CA GLU C 481 -4.98 -9.91 -2.57
C GLU C 481 -6.11 -9.63 -1.59
N PHE C 482 -7.07 -8.84 -2.06
CA PHE C 482 -8.21 -8.50 -1.23
C PHE C 482 -9.07 -9.70 -0.87
N ASP C 483 -9.05 -10.76 -1.66
CA ASP C 483 -9.89 -11.89 -1.32
C ASP C 483 -9.07 -12.98 -0.65
N LYS C 484 -7.73 -12.88 -0.66
CA LYS C 484 -6.91 -13.86 0.02
C LYS C 484 -6.68 -13.49 1.46
N MET C 485 -7.56 -12.70 2.06
CA MET C 485 -7.28 -12.22 3.39
C MET C 485 -8.32 -12.72 4.40
N ARG C 486 -7.79 -13.05 5.56
CA ARG C 486 -8.34 -13.49 6.84
C ARG C 486 -9.16 -12.39 7.52
N ASP C 487 -9.86 -12.75 8.60
CA ASP C 487 -10.77 -11.87 9.37
C ASP C 487 -10.25 -11.79 10.79
N GLU C 488 -8.93 -11.64 10.95
CA GLU C 488 -8.35 -11.62 12.28
C GLU C 488 -8.16 -10.22 12.88
N ASP C 489 -7.80 -9.21 12.08
CA ASP C 489 -7.67 -7.84 12.56
C ASP C 489 -8.22 -6.95 11.44
N ARG C 490 -8.98 -7.59 10.53
CA ARG C 490 -9.63 -6.96 9.39
C ARG C 490 -10.59 -5.86 9.82
N VAL C 491 -11.12 -5.99 11.03
CA VAL C 491 -12.06 -5.03 11.55
C VAL C 491 -11.41 -3.67 11.73
N ALA C 492 -10.12 -3.65 12.11
CA ALA C 492 -9.39 -2.40 12.23
C ALA C 492 -9.32 -1.71 10.89
N ILE C 493 -9.20 -2.51 9.85
CA ILE C 493 -9.22 -1.96 8.52
C ILE C 493 -10.65 -1.61 8.12
N HIS C 494 -11.67 -2.28 8.69
CA HIS C 494 -13.05 -1.94 8.34
C HIS C 494 -13.47 -0.63 8.95
N GLU C 495 -12.66 -0.08 9.84
CA GLU C 495 -12.92 1.20 10.51
C GLU C 495 -11.91 2.31 10.22
N ALA C 496 -10.63 1.96 10.01
CA ALA C 496 -9.56 2.94 9.80
C ALA C 496 -9.81 3.85 8.61
N MET C 497 -10.48 3.38 7.60
CA MET C 497 -10.78 4.22 6.47
C MET C 497 -12.11 4.96 6.61
N GLU C 498 -12.74 4.92 7.77
CA GLU C 498 -14.01 5.63 7.71
C GLU C 498 -14.19 6.64 8.82
N GLN C 499 -13.71 6.35 10.01
CA GLN C 499 -13.90 7.33 11.06
C GLN C 499 -12.59 7.80 11.65
N GLN C 500 -11.45 7.26 11.16
CA GLN C 500 -10.09 7.62 11.53
C GLN C 500 -9.83 7.39 13.02
N THR C 501 -10.50 6.43 13.68
CA THR C 501 -10.40 6.25 15.15
C THR C 501 -10.20 4.82 15.65
N ILE C 502 -8.94 4.47 15.88
CA ILE C 502 -8.51 3.16 16.39
C ILE C 502 -8.59 3.13 17.90
N SER C 503 -9.44 2.25 18.47
CA SER C 503 -9.45 2.15 19.92
C SER C 503 -8.68 0.94 20.42
N ILE C 504 -8.04 1.08 21.57
CA ILE C 504 -7.30 0.00 22.20
C ILE C 504 -7.74 -0.07 23.66
N ALA C 505 -8.28 -1.21 24.10
CA ALA C 505 -8.72 -1.38 25.49
C ALA C 505 -8.15 -2.66 26.09
N LYS C 506 -6.87 -2.92 25.82
CA LYS C 506 -6.14 -4.09 26.33
C LYS C 506 -5.49 -3.98 27.72
N ALA C 507 -4.61 -4.95 28.01
CA ALA C 507 -3.94 -5.06 29.31
C ALA C 507 -2.94 -3.97 29.59
N GLY C 508 -2.38 -3.35 28.57
CA GLY C 508 -1.40 -2.32 28.79
C GLY C 508 -1.89 -0.89 28.86
N ILE C 509 -2.60 -0.50 27.80
CA ILE C 509 -3.09 0.84 27.53
C ILE C 509 -4.59 0.91 27.28
N THR C 510 -5.16 2.11 27.39
CA THR C 510 -6.61 2.34 27.13
C THR C 510 -6.88 3.64 26.33
N THR C 511 -6.14 3.90 25.26
CA THR C 511 -6.25 5.13 24.46
C THR C 511 -7.13 4.97 23.22
N VAL C 512 -7.44 6.12 22.62
CA VAL C 512 -8.16 6.25 21.35
C VAL C 512 -7.22 7.04 20.46
N LEU C 513 -6.66 6.43 19.44
CA LEU C 513 -5.69 7.14 18.62
C LEU C 513 -6.21 7.50 17.22
N ASN C 514 -5.35 8.21 16.45
CA ASN C 514 -5.62 8.70 15.11
C ASN C 514 -4.97 7.92 14.00
N SER C 515 -5.68 7.86 12.89
CA SER C 515 -5.21 7.14 11.72
C SER C 515 -5.82 7.83 10.50
N ARG C 516 -5.07 8.68 9.80
CA ARG C 516 -5.55 9.43 8.64
C ARG C 516 -5.21 8.78 7.30
N THR C 517 -5.24 7.47 7.19
CA THR C 517 -4.87 6.71 5.99
C THR C 517 -5.86 6.72 4.82
N SER C 518 -5.39 6.13 3.70
CA SER C 518 -6.11 5.91 2.43
C SER C 518 -5.67 4.56 1.88
N VAL C 519 -6.61 3.64 1.67
CA VAL C 519 -6.34 2.29 1.21
C VAL C 519 -6.56 2.08 -0.28
N LEU C 520 -5.59 1.42 -0.96
CA LEU C 520 -5.60 1.06 -2.38
C LEU C 520 -5.68 -0.45 -2.58
N ALA C 521 -6.79 -0.95 -3.16
CA ALA C 521 -7.04 -2.37 -3.40
C ALA C 521 -6.68 -2.92 -4.78
N ALA C 522 -6.40 -4.25 -4.82
CA ALA C 522 -6.09 -4.98 -6.06
C ALA C 522 -6.53 -6.44 -5.87
N ALA C 523 -7.79 -6.72 -6.20
CA ALA C 523 -8.41 -8.03 -6.07
C ALA C 523 -8.41 -8.89 -7.34
N ASN C 524 -8.91 -10.10 -7.18
CA ASN C 524 -9.13 -11.15 -8.16
C ASN C 524 -10.43 -11.88 -7.83
N PRO C 525 -11.40 -11.86 -8.71
CA PRO C 525 -12.63 -12.60 -8.47
C PRO C 525 -12.36 -14.07 -8.63
N ILE C 526 -13.29 -14.87 -8.23
CA ILE C 526 -13.13 -16.30 -8.37
C ILE C 526 -13.35 -16.72 -9.82
N TYR C 527 -12.49 -17.63 -10.29
CA TYR C 527 -12.43 -18.20 -11.63
C TYR C 527 -12.05 -17.22 -12.74
N GLY C 528 -11.40 -16.11 -12.42
CA GLY C 528 -10.96 -15.17 -13.43
C GLY C 528 -11.95 -14.37 -14.25
N ARG C 529 -11.96 -14.54 -15.57
CA ARG C 529 -12.86 -13.74 -16.41
C ARG C 529 -14.28 -14.24 -16.50
N TYR C 530 -14.57 -15.41 -16.00
CA TYR C 530 -15.92 -15.95 -16.03
C TYR C 530 -16.89 -15.32 -15.04
N ASP C 531 -16.39 -14.57 -14.02
CA ASP C 531 -17.27 -13.97 -13.00
C ASP C 531 -18.26 -12.99 -13.61
N ASP C 532 -17.94 -12.44 -14.75
CA ASP C 532 -18.87 -11.56 -15.41
C ASP C 532 -19.79 -12.29 -16.38
N LEU C 533 -19.64 -13.61 -16.56
CA LEU C 533 -20.53 -14.34 -17.48
C LEU C 533 -21.79 -14.87 -16.82
N LYS C 534 -21.79 -15.01 -15.51
CA LYS C 534 -22.93 -15.38 -14.67
C LYS C 534 -23.57 -14.05 -14.25
N SER C 535 -24.32 -14.01 -13.13
CA SER C 535 -24.87 -12.74 -12.66
C SER C 535 -23.69 -11.81 -12.34
N PRO C 536 -23.84 -10.50 -12.58
CA PRO C 536 -22.71 -9.57 -12.38
C PRO C 536 -22.27 -9.36 -10.96
N GLY C 537 -22.92 -9.95 -9.97
CA GLY C 537 -22.44 -9.83 -8.61
C GLY C 537 -21.49 -10.99 -8.46
N ASP C 538 -21.71 -11.79 -7.43
CA ASP C 538 -20.99 -13.03 -7.22
C ASP C 538 -19.50 -12.82 -7.06
N ASN C 539 -19.06 -11.71 -6.44
CA ASN C 539 -17.63 -11.51 -6.29
C ASN C 539 -17.18 -11.55 -4.83
N ILE C 540 -17.57 -10.63 -3.94
CA ILE C 540 -17.19 -10.78 -2.53
C ILE C 540 -18.18 -11.71 -1.85
N ASP C 541 -17.67 -12.78 -1.25
CA ASP C 541 -18.51 -13.77 -0.60
C ASP C 541 -19.12 -13.26 0.71
N PHE C 542 -18.47 -12.33 1.43
CA PHE C 542 -19.06 -11.87 2.69
C PHE C 542 -20.29 -11.00 2.49
N GLN C 543 -20.08 -9.82 1.92
CA GLN C 543 -21.14 -8.86 1.61
C GLN C 543 -20.51 -7.74 0.82
N THR C 544 -21.34 -6.78 0.46
CA THR C 544 -20.97 -5.63 -0.32
C THR C 544 -20.87 -4.36 0.52
N THR C 545 -20.89 -4.49 1.84
CA THR C 545 -20.76 -3.27 2.61
C THR C 545 -19.34 -2.72 2.64
N ILE C 546 -18.31 -3.57 2.50
CA ILE C 546 -16.94 -3.06 2.42
C ILE C 546 -16.78 -2.23 1.17
N LEU C 547 -17.33 -2.70 0.04
CA LEU C 547 -17.23 -1.92 -1.19
C LEU C 547 -18.04 -0.65 -1.08
N SER C 548 -19.11 -0.67 -0.29
CA SER C 548 -19.85 0.56 -0.11
C SER C 548 -19.00 1.52 0.71
N ARG C 549 -18.12 1.00 1.54
CA ARG C 549 -17.23 1.86 2.27
C ARG C 549 -15.95 2.20 1.49
N PHE C 550 -15.87 1.85 0.22
CA PHE C 550 -14.77 2.28 -0.61
C PHE C 550 -15.30 3.43 -1.44
N ASP C 551 -14.47 3.91 -2.36
CA ASP C 551 -14.82 5.06 -3.19
C ASP C 551 -14.99 4.71 -4.65
N MET C 552 -13.99 4.10 -5.25
CA MET C 552 -13.98 3.76 -6.66
C MET C 552 -13.82 2.27 -6.87
N ILE C 553 -14.65 1.71 -7.75
CA ILE C 553 -14.64 0.29 -8.06
C ILE C 553 -14.45 0.20 -9.58
N PHE C 554 -13.38 -0.44 -10.03
CA PHE C 554 -13.12 -0.60 -11.45
C PHE C 554 -13.05 -2.06 -11.83
N ILE C 555 -13.58 -2.36 -12.99
CA ILE C 555 -13.57 -3.72 -13.52
C ILE C 555 -12.70 -3.71 -14.75
N VAL C 556 -11.67 -4.54 -14.76
CA VAL C 556 -10.76 -4.66 -15.89
C VAL C 556 -11.21 -5.85 -16.74
N LYS C 557 -11.46 -5.61 -18.01
CA LYS C 557 -11.95 -6.58 -18.98
C LYS C 557 -10.78 -7.01 -19.88
N ASP C 558 -11.06 -7.89 -20.83
CA ASP C 558 -10.03 -8.37 -21.77
C ASP C 558 -10.65 -8.69 -23.14
N ASP C 559 -10.66 -7.70 -24.02
CA ASP C 559 -11.22 -7.79 -25.37
C ASP C 559 -10.18 -7.74 -26.47
N HIS C 560 -10.27 -8.68 -27.40
CA HIS C 560 -9.34 -8.75 -28.50
C HIS C 560 -9.55 -7.63 -29.53
N ASN C 561 -8.49 -6.92 -29.84
CA ASN C 561 -8.50 -5.93 -30.91
C ASN C 561 -7.13 -6.15 -31.48
N GLU C 562 -7.07 -6.57 -32.74
CA GLU C 562 -5.81 -6.96 -33.32
C GLU C 562 -4.87 -5.78 -33.41
N GLU C 563 -5.36 -4.60 -33.74
CA GLU C 563 -4.46 -3.46 -33.77
C GLU C 563 -4.02 -3.10 -32.36
N ARG C 564 -4.94 -3.21 -31.41
CA ARG C 564 -4.58 -2.94 -30.03
C ARG C 564 -3.66 -4.03 -29.53
N ASP C 565 -3.86 -5.24 -30.02
CA ASP C 565 -3.04 -6.35 -29.59
C ASP C 565 -1.62 -6.21 -30.15
N ILE C 566 -1.50 -5.78 -31.40
CA ILE C 566 -0.18 -5.60 -31.98
C ILE C 566 0.49 -4.41 -31.35
N SER C 567 -0.29 -3.40 -31.02
CA SER C 567 0.28 -2.23 -30.41
C SER C 567 0.75 -2.53 -29.01
N ILE C 568 0.00 -3.35 -28.26
CA ILE C 568 0.41 -3.69 -26.92
C ILE C 568 1.55 -4.68 -26.98
N ALA C 569 1.68 -5.33 -28.12
CA ALA C 569 2.79 -6.24 -28.25
C ALA C 569 4.06 -5.46 -28.50
N ASN C 570 4.11 -4.74 -29.61
CA ASN C 570 5.33 -4.06 -29.95
C ASN C 570 5.63 -2.93 -29.01
N HIS C 571 4.62 -2.43 -28.29
CA HIS C 571 4.89 -1.46 -27.27
C HIS C 571 5.68 -2.10 -26.15
N VAL C 572 5.44 -3.38 -25.90
CA VAL C 572 6.11 -3.98 -24.75
C VAL C 572 7.44 -4.53 -25.16
N ILE C 573 7.57 -4.92 -26.42
CA ILE C 573 8.88 -5.32 -26.90
C ILE C 573 9.79 -4.10 -26.92
N ASN C 574 9.25 -2.95 -27.29
CA ASN C 574 10.04 -1.75 -27.26
C ASN C 574 10.38 -1.38 -25.83
N ILE C 575 9.53 -1.77 -24.88
CA ILE C 575 9.88 -1.51 -23.48
C ILE C 575 11.05 -2.38 -23.08
N HIS C 576 11.00 -3.67 -23.40
CA HIS C 576 12.12 -4.53 -23.03
C HIS C 576 13.37 -4.13 -23.80
N THR C 577 13.34 -4.28 -25.12
CA THR C 577 14.49 -4.07 -25.96
C THR C 577 14.47 -2.83 -26.84
N GLY C 578 15.69 -2.35 -27.07
CA GLY C 578 16.02 -1.25 -27.93
C GLY C 578 15.60 0.11 -27.50
N ASN C 579 15.24 0.25 -26.22
CA ASN C 579 14.80 1.41 -25.48
C ASN C 579 13.99 2.42 -26.30
N ALA C 580 13.04 1.91 -27.10
CA ALA C 580 12.27 2.82 -27.95
C ALA C 580 11.33 3.67 -27.11
N ASN C 581 10.55 3.06 -26.22
CA ASN C 581 9.69 3.86 -25.35
C ASN C 581 10.52 4.59 -24.31
N ALA C 582 11.61 3.97 -23.87
CA ALA C 582 12.53 4.54 -22.91
C ALA C 582 13.30 5.71 -23.50
N GLN C 584 13.86 8.27 -26.09
CA GLN C 584 12.79 9.14 -26.58
C GLN C 584 12.19 9.89 -25.39
N ASN C 585 12.25 9.22 -24.23
CA ASN C 585 11.79 9.86 -23.01
C ASN C 585 12.63 11.07 -22.67
N GLN C 586 13.92 11.08 -23.00
CA GLN C 586 14.71 12.26 -22.63
C GLN C 586 14.29 13.49 -23.43
N GLN C 587 13.82 13.32 -24.67
CA GLN C 587 13.33 14.49 -25.36
C GLN C 587 11.95 14.80 -24.83
N GLU C 588 11.29 13.76 -24.32
CA GLU C 588 10.01 13.99 -23.69
C GLU C 588 10.23 14.73 -22.37
N GLU C 589 11.34 14.45 -21.68
CA GLU C 589 11.68 15.16 -20.45
C GLU C 589 11.90 16.61 -20.81
N ASN C 590 12.50 16.82 -21.98
CA ASN C 590 12.75 18.15 -22.49
C ASN C 590 11.43 18.82 -22.83
N GLY C 591 10.37 18.02 -23.07
CA GLY C 591 9.08 18.59 -23.39
C GLY C 591 7.95 18.31 -22.41
N SER C 592 8.05 17.29 -21.55
CA SER C 592 6.95 16.98 -20.63
C SER C 592 7.40 16.13 -19.44
N GLU C 593 7.02 16.55 -18.23
CA GLU C 593 7.19 15.81 -16.96
C GLU C 593 8.66 15.49 -16.69
N ILE C 594 9.46 16.51 -16.32
CA ILE C 594 10.90 16.29 -16.23
C ILE C 594 11.31 15.29 -15.16
N SER C 595 10.50 15.04 -14.13
CA SER C 595 10.91 14.05 -13.15
C SER C 595 9.77 13.62 -12.25
N ILE C 596 9.99 12.45 -11.65
CA ILE C 596 9.11 11.90 -10.62
C ILE C 596 9.34 12.65 -9.31
N GLU C 597 10.61 12.89 -8.94
CA GLU C 597 10.90 13.59 -7.69
C GLU C 597 10.35 15.00 -7.73
N LYS C 598 10.19 15.54 -8.93
CA LYS C 598 9.59 16.83 -9.13
C LYS C 598 8.12 16.75 -8.73
N MET C 599 7.46 15.66 -9.12
CA MET C 599 6.05 15.44 -8.79
C MET C 599 5.88 15.30 -7.29
N LYS C 600 6.84 14.68 -6.65
CA LYS C 600 6.74 14.54 -5.20
C LYS C 600 6.85 15.90 -4.49
N ARG C 601 7.86 16.70 -4.87
CA ARG C 601 8.04 18.02 -4.26
C ARG C 601 6.81 18.89 -4.51
N TYR C 602 6.19 18.70 -5.67
CA TYR C 602 5.00 19.44 -6.01
C TYR C 602 3.82 19.02 -5.12
N ILE C 603 3.69 17.73 -4.82
CA ILE C 603 2.57 17.32 -3.96
C ILE C 603 2.76 17.84 -2.53
N THR C 604 4.03 17.89 -2.08
CA THR C 604 4.30 18.42 -0.74
C THR C 604 3.90 19.87 -0.66
N TYR C 605 4.17 20.60 -1.72
CA TYR C 605 3.80 22.00 -1.78
C TYR C 605 2.28 22.16 -1.90
N CYS C 606 1.63 21.27 -2.65
CA CYS C 606 0.20 21.33 -2.89
C CYS C 606 -0.70 20.98 -1.75
N ARG C 607 -0.30 20.08 -0.88
CA ARG C 607 -1.26 19.64 0.12
C ARG C 607 -1.56 20.71 1.17
N LEU C 608 -0.55 21.23 1.85
CA LEU C 608 -0.83 22.23 2.89
C LEU C 608 -1.13 23.64 2.39
N LYS C 609 -0.86 24.01 1.14
CA LYS C 609 -1.11 25.40 0.78
C LYS C 609 -2.55 25.68 0.40
N CYS C 610 -3.09 24.97 -0.58
CA CYS C 610 -4.43 25.34 -0.98
C CYS C 610 -5.44 24.87 0.02
N ALA C 611 -6.54 25.61 0.08
CA ALA C 611 -7.65 25.29 0.97
C ALA C 611 -8.84 25.17 0.04
N PRO C 612 -9.01 24.04 -0.59
CA PRO C 612 -10.09 23.89 -1.54
C PRO C 612 -11.42 23.72 -0.84
N ARG C 613 -12.48 24.01 -1.59
CA ARG C 613 -13.89 24.05 -1.26
C ARG C 613 -14.66 24.09 -2.56
N LEU C 614 -15.89 23.57 -2.57
CA LEU C 614 -16.59 23.61 -3.85
C LEU C 614 -17.15 25.01 -4.10
N SER C 615 -17.79 25.19 -5.25
CA SER C 615 -18.37 26.47 -5.59
C SER C 615 -19.89 26.39 -5.54
N PRO C 616 -20.56 27.45 -5.09
CA PRO C 616 -22.03 27.39 -4.93
C PRO C 616 -22.81 27.22 -6.20
N GLN C 617 -22.31 27.63 -7.33
CA GLN C 617 -23.07 27.41 -8.53
C GLN C 617 -22.95 25.99 -9.03
N ALA C 618 -21.94 25.26 -8.59
CA ALA C 618 -21.76 23.87 -8.97
C ALA C 618 -22.48 22.88 -8.06
N ALA C 619 -22.93 23.33 -6.89
CA ALA C 619 -23.57 22.41 -5.95
C ALA C 619 -24.93 21.91 -6.44
N GLU C 620 -25.70 22.76 -7.10
CA GLU C 620 -27.00 22.33 -7.58
C GLU C 620 -26.87 21.27 -8.68
N LYS C 621 -25.75 21.24 -9.38
CA LYS C 621 -25.48 20.22 -10.40
C LYS C 621 -25.35 18.84 -9.77
N LEU C 622 -24.60 18.76 -8.67
CA LEU C 622 -24.42 17.47 -8.01
C LEU C 622 -25.68 17.04 -7.34
N SER C 623 -26.45 18.00 -6.83
CA SER C 623 -27.71 17.65 -6.19
C SER C 623 -28.67 17.08 -7.21
N SER C 624 -28.67 17.64 -8.41
CA SER C 624 -29.52 17.07 -9.43
C SER C 624 -28.94 15.75 -9.99
N ASN C 625 -27.65 15.45 -9.76
CA ASN C 625 -27.03 14.24 -10.33
C ASN C 625 -27.13 13.02 -9.44
N PHE C 626 -27.10 13.24 -8.14
CA PHE C 626 -27.19 12.11 -7.23
C PHE C 626 -28.57 11.49 -7.38
N VAL C 627 -29.56 12.31 -7.78
CA VAL C 627 -30.91 11.85 -8.04
C VAL C 627 -30.89 10.87 -9.21
N THR C 628 -30.14 11.21 -10.26
CA THR C 628 -30.10 10.34 -11.43
C THR C 628 -29.38 9.03 -11.17
N ILE C 629 -28.35 9.04 -10.33
CA ILE C 629 -27.67 7.77 -10.05
C ILE C 629 -28.56 6.88 -9.20
N ARG C 630 -29.22 7.45 -8.20
CA ARG C 630 -30.09 6.65 -7.35
C ARG C 630 -31.27 6.12 -8.18
N LYS C 631 -31.75 6.90 -9.16
CA LYS C 631 -32.78 6.43 -10.07
C LYS C 631 -32.26 5.30 -10.96
N GLN C 632 -30.97 5.36 -11.33
CA GLN C 632 -30.36 4.32 -12.15
C GLN C 632 -30.36 3.00 -11.40
N LEU C 633 -30.08 3.08 -10.11
CA LEU C 633 -30.12 1.87 -9.31
C LEU C 633 -31.57 1.41 -9.12
N LEU C 634 -32.53 2.34 -9.13
CA LEU C 634 -33.93 1.92 -9.03
C LEU C 634 -34.33 1.13 -10.25
N ILE C 635 -33.85 1.55 -11.42
CA ILE C 635 -34.18 0.89 -12.67
C ILE C 635 -33.58 -0.50 -12.72
N ASN C 636 -32.31 -0.62 -12.34
CA ASN C 636 -31.72 -1.95 -12.38
C ASN C 636 -32.20 -2.86 -11.25
N GLU C 637 -32.66 -2.30 -10.13
CA GLU C 637 -33.11 -3.10 -8.99
C GLU C 637 -34.57 -3.52 -8.92
N LEU C 638 -35.51 -2.57 -8.96
CA LEU C 638 -36.92 -2.91 -8.71
C LEU C 638 -37.56 -3.73 -9.80
N GLU C 639 -37.19 -3.52 -11.03
CA GLU C 639 -37.82 -4.31 -12.06
C GLU C 639 -37.17 -5.68 -12.14
N SER C 640 -35.92 -5.80 -11.71
CA SER C 640 -35.21 -7.07 -11.68
C SER C 640 -35.34 -7.77 -10.32
N PRO C 647 -23.53 -0.87 -4.43
CA PRO C 647 -24.54 -0.26 -3.56
C PRO C 647 -24.32 1.22 -3.36
N ILE C 648 -25.26 2.05 -3.73
CA ILE C 648 -25.07 3.47 -3.55
C ILE C 648 -25.50 3.94 -2.17
N THR C 649 -24.70 4.80 -1.61
CA THR C 649 -24.91 5.45 -0.34
C THR C 649 -24.61 6.90 -0.58
N ILE C 650 -24.68 7.68 0.48
CA ILE C 650 -24.25 9.05 0.32
C ILE C 650 -22.73 9.12 0.34
N ARG C 651 -22.06 8.03 0.76
CA ARG C 651 -20.60 8.01 0.74
C ARG C 651 -20.10 8.01 -0.69
N GLN C 652 -20.95 7.58 -1.62
CA GLN C 652 -20.60 7.66 -3.02
C GLN C 652 -20.56 9.12 -3.46
N LEU C 653 -21.49 9.94 -2.94
CA LEU C 653 -21.48 11.37 -3.24
C LEU C 653 -20.25 11.99 -2.62
N GLU C 654 -19.86 11.44 -1.48
CA GLU C 654 -18.67 11.89 -0.79
C GLU C 654 -17.43 11.57 -1.58
N ALA C 655 -17.48 10.50 -2.35
CA ALA C 655 -16.33 10.19 -3.18
C ALA C 655 -16.27 11.10 -4.40
N ILE C 656 -17.43 11.39 -4.99
CA ILE C 656 -17.51 12.24 -6.19
C ILE C 656 -16.98 13.62 -5.90
N ILE C 657 -17.42 14.15 -4.77
CA ILE C 657 -17.11 15.50 -4.40
C ILE C 657 -15.65 15.75 -4.06
N ARG C 658 -14.85 14.73 -3.74
CA ARG C 658 -13.48 15.03 -3.34
C ARG C 658 -12.50 15.07 -4.48
N ILE C 659 -12.89 14.49 -5.60
CA ILE C 659 -12.01 14.46 -6.76
C ILE C 659 -11.90 15.85 -7.34
N THR C 660 -12.94 16.64 -7.12
CA THR C 660 -13.02 18.00 -7.57
C THR C 660 -11.92 18.82 -6.96
N GLU C 661 -11.76 18.67 -5.67
CA GLU C 661 -10.72 19.43 -5.03
C GLU C 661 -9.36 18.88 -5.37
N SER C 662 -9.26 17.59 -5.69
CA SER C 662 -7.94 17.07 -6.05
C SER C 662 -7.40 17.70 -7.32
N LEU C 663 -8.27 17.80 -8.33
CA LEU C 663 -7.80 18.46 -9.55
C LEU C 663 -7.65 19.95 -9.30
N ALA C 664 -8.40 20.46 -8.31
CA ALA C 664 -8.26 21.85 -7.95
C ALA C 664 -6.94 22.08 -7.27
N LYS C 665 -6.46 21.07 -6.54
CA LYS C 665 -5.16 21.18 -5.88
C LYS C 665 -4.08 21.20 -6.94
N LEU C 666 -4.33 20.56 -8.08
CA LEU C 666 -3.41 20.71 -9.20
C LEU C 666 -3.43 22.15 -9.70
N GLU C 667 -4.63 22.71 -9.87
CA GLU C 667 -4.69 24.09 -10.38
C GLU C 667 -4.23 25.12 -9.37
N LEU C 668 -4.11 24.75 -8.09
CA LEU C 668 -3.61 25.57 -7.00
C LEU C 668 -4.57 26.73 -6.66
N SER C 669 -5.74 26.86 -7.34
CA SER C 669 -6.70 27.94 -7.12
C SER C 669 -7.59 27.65 -5.92
N PRO C 670 -8.00 28.68 -5.18
CA PRO C 670 -8.82 28.46 -4.00
C PRO C 670 -10.30 28.23 -4.21
N ILE C 671 -10.82 28.37 -5.39
CA ILE C 671 -12.25 28.14 -5.52
C ILE C 671 -12.42 26.94 -6.41
N ALA C 672 -13.68 26.60 -6.68
CA ALA C 672 -14.01 25.49 -7.55
C ALA C 672 -14.86 26.08 -8.66
N GLN C 673 -14.97 25.36 -9.75
CA GLN C 673 -15.70 25.91 -10.87
C GLN C 673 -16.72 24.89 -11.36
N GLU C 674 -17.51 25.31 -12.33
CA GLU C 674 -18.52 24.42 -12.89
C GLU C 674 -17.87 23.40 -13.80
N ARG C 675 -17.13 23.90 -14.77
CA ARG C 675 -16.43 23.04 -15.70
C ARG C 675 -15.29 22.28 -15.04
N HIS C 676 -14.72 22.81 -13.96
CA HIS C 676 -13.64 22.11 -13.32
C HIS C 676 -14.10 20.91 -12.51
N VAL C 677 -15.37 20.90 -12.10
CA VAL C 677 -15.95 19.83 -11.29
C VAL C 677 -16.66 18.78 -12.12
N ASP C 678 -17.32 19.18 -13.21
CA ASP C 678 -18.09 18.18 -13.94
C ASP C 678 -17.29 17.04 -14.61
N GLU C 679 -15.96 17.18 -14.77
CA GLU C 679 -15.11 16.12 -15.33
C GLU C 679 -15.15 14.86 -14.45
N ALA C 680 -15.31 15.08 -13.17
CA ALA C 680 -15.36 13.99 -12.22
C ALA C 680 -16.59 13.13 -12.43
N ILE C 681 -17.68 13.71 -12.94
CA ILE C 681 -18.88 12.90 -13.19
C ILE C 681 -18.57 11.80 -14.20
N ARG C 682 -17.79 12.12 -15.23
CA ARG C 682 -17.39 11.09 -16.19
C ARG C 682 -16.55 10.01 -15.55
N LEU C 683 -15.60 10.43 -14.70
CA LEU C 683 -14.73 9.40 -14.12
C LEU C 683 -15.47 8.52 -13.13
N PHE C 684 -16.35 9.08 -12.33
CA PHE C 684 -17.10 8.24 -11.41
C PHE C 684 -18.20 7.44 -12.06
N GLN C 685 -18.79 7.97 -13.12
CA GLN C 685 -19.85 7.20 -13.73
C GLN C 685 -19.26 5.99 -14.40
N ALA C 686 -18.02 6.14 -14.89
CA ALA C 686 -17.31 5.02 -15.46
C ALA C 686 -17.01 3.98 -14.41
N SER C 687 -16.79 4.39 -13.17
CA SER C 687 -16.55 3.33 -12.20
C SER C 687 -17.81 2.67 -11.65
N THR C 688 -18.98 3.26 -11.72
CA THR C 688 -20.11 2.52 -11.13
C THR C 688 -21.13 1.96 -12.09
N MET C 689 -21.14 2.37 -13.35
CA MET C 689 -22.09 1.73 -14.23
C MET C 689 -21.66 0.29 -14.48
N ASP C 690 -20.36 0.02 -14.39
CA ASP C 690 -19.90 -1.35 -14.51
C ASP C 690 -20.29 -2.13 -13.28
N ALA C 691 -20.59 -1.44 -12.19
CA ALA C 691 -21.00 -2.07 -10.94
C ALA C 691 -22.46 -2.46 -11.04
N ALA C 692 -23.30 -1.54 -11.52
CA ALA C 692 -24.73 -1.83 -11.63
C ALA C 692 -24.96 -2.85 -12.73
N SER C 693 -24.49 -2.55 -13.94
CA SER C 693 -24.66 -3.45 -15.05
C SER C 693 -23.76 -4.67 -14.93
N GLN C 716 -47.70 -7.04 -26.74
CA GLN C 716 -48.58 -8.18 -26.54
C GLN C 716 -48.15 -9.38 -27.39
N GLU C 717 -47.72 -9.10 -28.62
CA GLU C 717 -47.24 -10.12 -29.55
C GLU C 717 -46.06 -10.89 -28.98
N LEU C 718 -44.95 -10.18 -28.74
CA LEU C 718 -43.71 -10.71 -28.16
C LEU C 718 -43.97 -11.54 -26.91
N LYS C 719 -44.64 -10.93 -25.93
CA LYS C 719 -44.92 -11.52 -24.62
C LYS C 719 -45.64 -12.87 -24.73
N ARG C 720 -46.75 -12.91 -25.46
CA ARG C 720 -47.57 -14.12 -25.56
C ARG C 720 -47.17 -14.98 -26.75
N ARG C 721 -46.09 -14.63 -27.43
CA ARG C 721 -45.60 -15.35 -28.60
C ARG C 721 -44.28 -16.02 -28.26
N LEU C 722 -43.28 -15.24 -27.85
CA LEU C 722 -41.97 -15.77 -27.52
C LEU C 722 -41.49 -15.14 -26.21
N PRO C 723 -41.66 -15.84 -25.07
CA PRO C 723 -41.22 -15.27 -23.78
C PRO C 723 -39.74 -14.98 -23.77
N ILE C 724 -38.92 -15.90 -24.28
CA ILE C 724 -37.49 -15.69 -24.45
C ILE C 724 -37.25 -14.52 -25.40
N GLY C 725 -38.16 -14.33 -26.38
CA GLY C 725 -38.11 -13.27 -27.35
C GLY C 725 -37.22 -13.47 -28.55
N TRP C 726 -36.20 -14.33 -28.44
CA TRP C 726 -35.29 -14.60 -29.56
C TRP C 726 -36.00 -15.22 -30.76
N SER C 727 -35.51 -14.85 -31.95
CA SER C 727 -35.94 -15.29 -33.28
C SER C 727 -37.29 -14.79 -33.74
N THR C 728 -38.05 -14.11 -32.89
CA THR C 728 -39.39 -13.65 -33.21
C THR C 728 -39.43 -12.22 -33.69
N SER C 729 -38.27 -11.64 -33.99
CA SER C 729 -38.18 -10.24 -34.38
C SER C 729 -38.58 -9.98 -35.83
N TYR C 730 -38.20 -8.81 -36.35
CA TYR C 730 -38.62 -8.20 -37.63
C TYR C 730 -38.69 -9.13 -38.83
N GLN C 731 -37.81 -10.12 -38.91
CA GLN C 731 -37.96 -11.11 -39.97
C GLN C 731 -39.20 -11.93 -39.68
N THR C 732 -39.22 -12.58 -38.51
CA THR C 732 -40.35 -13.41 -38.11
C THR C 732 -41.57 -12.54 -37.82
N LEU C 733 -41.38 -11.40 -37.17
CA LEU C 733 -42.50 -10.49 -36.91
C LEU C 733 -43.11 -9.98 -38.20
N ARG C 734 -42.25 -9.63 -39.18
CA ARG C 734 -42.73 -9.20 -40.48
C ARG C 734 -43.45 -10.33 -41.18
N ARG C 735 -43.01 -11.57 -40.95
CA ARG C 735 -43.65 -12.73 -41.54
C ARG C 735 -45.02 -12.97 -40.91
N GLU C 736 -45.06 -13.03 -39.58
CA GLU C 736 -46.28 -13.24 -38.80
C GLU C 736 -47.34 -12.20 -39.14
N PHE C 737 -46.97 -10.92 -39.06
CA PHE C 737 -47.90 -9.84 -39.39
C PHE C 737 -48.29 -9.90 -40.87
N VAL C 738 -47.33 -10.20 -41.75
CA VAL C 738 -47.56 -10.36 -43.19
C VAL C 738 -48.62 -11.43 -43.44
N ASP C 739 -48.46 -12.59 -42.81
CA ASP C 739 -49.40 -13.69 -42.98
C ASP C 739 -50.70 -13.40 -42.21
N HIS C 741 -52.17 -6.04 -41.32
CA HIS C 741 -51.88 -5.54 -42.65
C HIS C 741 -51.52 -4.07 -42.61
N ARG C 742 -51.18 -3.59 -41.42
CA ARG C 742 -50.78 -2.20 -41.23
C ARG C 742 -49.29 -2.04 -41.05
N PHE C 743 -48.53 -3.14 -40.98
CA PHE C 743 -47.10 -3.06 -40.77
C PHE C 743 -46.37 -2.65 -42.04
N SER C 744 -45.54 -1.62 -41.91
CA SER C 744 -44.60 -1.16 -42.92
C SER C 744 -43.23 -1.18 -42.27
N GLN C 745 -42.20 -1.56 -43.03
CA GLN C 745 -40.82 -1.63 -42.53
C GLN C 745 -40.41 -0.34 -41.83
N LEU C 746 -40.70 0.78 -42.47
CA LEU C 746 -40.46 2.08 -41.86
C LEU C 746 -41.32 2.25 -40.61
N ALA C 747 -42.59 1.84 -40.71
CA ALA C 747 -43.51 1.91 -39.57
C ALA C 747 -43.06 0.96 -38.50
N LEU C 748 -42.51 -0.19 -38.91
CA LEU C 748 -41.96 -1.18 -38.00
C LEU C 748 -40.91 -0.53 -37.11
N ASP C 749 -39.84 -0.02 -37.73
CA ASP C 749 -38.78 0.65 -36.97
C ASP C 749 -39.28 1.88 -36.20
N LYS C 750 -40.37 2.52 -36.64
CA LYS C 750 -40.85 3.68 -35.89
C LYS C 750 -41.70 3.32 -34.67
N ALA C 751 -42.79 2.56 -34.89
CA ALA C 751 -43.69 2.14 -33.83
C ALA C 751 -43.01 1.22 -32.84
N LEU C 752 -42.10 0.39 -33.35
CA LEU C 752 -41.38 -0.55 -32.52
C LEU C 752 -40.47 0.16 -31.53
N TYR C 753 -39.61 1.05 -32.04
CA TYR C 753 -38.68 1.84 -31.23
C TYR C 753 -39.35 2.62 -30.10
N GLU C 759 -43.47 -1.03 -21.65
CA GLU C 759 -42.05 -1.11 -21.35
C GLU C 759 -41.56 -2.54 -21.48
N THR C 760 -41.69 -3.09 -22.68
CA THR C 760 -41.13 -4.40 -22.96
C THR C 760 -39.62 -4.26 -23.07
N ILE C 761 -38.91 -4.77 -22.06
CA ILE C 761 -37.46 -4.71 -22.04
C ILE C 761 -36.87 -5.72 -23.00
N GLN C 762 -37.70 -6.65 -23.44
CA GLN C 762 -37.31 -7.65 -24.43
C GLN C 762 -36.91 -6.99 -25.73
N LEU C 763 -37.58 -5.90 -26.10
CA LEU C 763 -37.20 -5.24 -27.32
C LEU C 763 -35.85 -4.56 -27.17
N ARG C 764 -35.59 -3.97 -25.99
CA ARG C 764 -34.28 -3.39 -25.67
C ARG C 764 -33.16 -4.43 -25.80
N HIS C 765 -33.35 -5.57 -25.14
CA HIS C 765 -32.35 -6.64 -25.17
C HIS C 765 -32.19 -7.21 -26.57
N GLN C 766 -33.31 -7.36 -27.30
CA GLN C 766 -33.28 -7.87 -28.66
C GLN C 766 -32.48 -6.92 -29.53
N GLY C 767 -32.73 -5.62 -29.35
CA GLY C 767 -31.96 -4.59 -30.04
C GLY C 767 -30.48 -4.77 -29.79
N GLN C 768 -30.10 -5.01 -28.54
CA GLN C 768 -28.71 -5.24 -28.22
C GLN C 768 -28.14 -6.48 -28.91
N ASN C 769 -28.95 -7.52 -29.10
CA ASN C 769 -28.47 -8.77 -29.68
C ASN C 769 -29.07 -9.11 -31.04
N ILE C 770 -30.39 -9.33 -31.11
CA ILE C 770 -31.10 -9.81 -32.30
C ILE C 770 -30.94 -8.92 -33.53
N TYR C 771 -30.59 -7.65 -33.33
CA TYR C 771 -30.42 -6.69 -34.43
C TYR C 771 -29.40 -7.17 -35.45
N ARG C 772 -28.15 -7.33 -35.04
CA ARG C 772 -27.14 -7.83 -35.97
C ARG C 772 -27.24 -9.32 -36.16
N SER C 773 -28.08 -9.98 -35.37
CA SER C 773 -28.37 -11.38 -35.58
C SER C 773 -29.24 -11.58 -36.81
N GLY C 774 -29.96 -10.54 -37.25
CA GLY C 774 -30.75 -10.59 -38.46
C GLY C 774 -32.21 -10.96 -38.27
N VAL C 775 -32.53 -11.66 -37.19
CA VAL C 775 -33.88 -12.10 -36.91
C VAL C 775 -34.03 -12.43 -35.43
N VAL D 103 47.50 -47.77 60.28
CA VAL D 103 46.30 -48.43 60.77
C VAL D 103 45.55 -48.98 59.58
N ASP D 104 44.96 -48.07 58.81
CA ASP D 104 44.23 -48.48 57.62
C ASP D 104 45.20 -48.89 56.55
N ASP D 105 46.41 -48.31 56.60
CA ASP D 105 47.48 -48.67 55.69
C ASP D 105 47.92 -50.11 55.91
N VAL D 106 47.88 -50.57 57.17
CA VAL D 106 48.30 -51.92 57.47
C VAL D 106 47.20 -52.91 57.13
N THR D 107 45.95 -52.56 57.42
CA THR D 107 44.85 -53.45 57.12
C THR D 107 44.68 -53.57 55.62
N GLY D 108 44.70 -52.43 54.93
CA GLY D 108 44.62 -52.42 53.49
C GLY D 108 45.84 -53.01 52.82
N GLU D 109 47.00 -52.94 53.47
CA GLU D 109 48.18 -53.54 52.89
C GLU D 109 48.13 -55.06 53.00
N LYS D 110 47.58 -55.57 54.10
CA LYS D 110 47.44 -57.01 54.22
C LYS D 110 46.37 -57.54 53.28
N VAL D 111 45.26 -56.80 53.16
CA VAL D 111 44.19 -57.16 52.22
C VAL D 111 44.73 -57.06 50.79
N ARG D 112 45.56 -56.05 50.55
CA ARG D 112 46.17 -55.80 49.25
C ARG D 112 47.11 -56.92 48.85
N GLU D 113 47.94 -57.38 49.79
CA GLU D 113 48.88 -58.44 49.45
C GLU D 113 48.16 -59.77 49.31
N ALA D 114 47.13 -60.00 50.12
CA ALA D 114 46.37 -61.25 49.99
C ALA D 114 45.59 -61.28 48.70
N PHE D 115 45.04 -60.14 48.26
CA PHE D 115 44.32 -60.13 47.00
C PHE D 115 45.29 -60.20 45.82
N GLU D 116 46.49 -59.62 45.96
CA GLU D 116 47.48 -59.74 44.89
C GLU D 116 47.91 -61.18 44.73
N GLN D 117 48.04 -61.87 45.86
CA GLN D 117 48.35 -63.29 45.83
C GLN D 117 47.17 -64.06 45.25
N PHE D 118 45.95 -63.59 45.53
CA PHE D 118 44.72 -64.25 45.07
C PHE D 118 44.64 -64.21 43.56
N LEU D 119 44.76 -63.01 42.98
CA LEU D 119 44.74 -62.88 41.54
C LEU D 119 45.95 -63.58 40.93
N GLU D 120 47.07 -63.63 41.67
CA GLU D 120 48.24 -64.32 41.17
C GLU D 120 48.07 -65.83 41.27
N ASP D 121 47.10 -66.29 42.06
CA ASP D 121 46.76 -67.70 42.18
C ASP D 121 45.78 -68.04 41.07
N PHE D 122 45.14 -69.20 41.19
CA PHE D 122 44.13 -69.60 40.23
C PHE D 122 42.94 -68.66 40.31
N SER D 123 42.28 -68.51 39.18
CA SER D 123 41.08 -67.69 39.09
C SER D 123 39.85 -68.58 38.96
N VAL D 124 39.89 -69.51 38.01
CA VAL D 124 38.79 -70.42 37.71
C VAL D 124 39.30 -71.84 37.90
N GLN D 125 38.50 -72.66 38.57
CA GLN D 125 38.78 -74.05 38.90
C GLN D 125 38.75 -74.99 37.69
N SER D 126 38.20 -74.55 36.56
CA SER D 126 38.02 -75.41 35.39
C SER D 126 39.33 -75.98 34.84
N THR D 127 39.20 -77.13 34.18
CA THR D 127 40.30 -77.93 33.64
C THR D 127 40.80 -77.49 32.26
N ASP D 128 41.56 -78.37 31.62
CA ASP D 128 42.09 -78.09 30.28
C ASP D 128 40.96 -77.93 29.27
N THR D 129 39.85 -78.63 29.48
CA THR D 129 38.66 -78.46 28.65
C THR D 129 38.14 -77.11 29.10
N GLY D 130 38.53 -76.06 28.40
CA GLY D 130 38.19 -74.73 28.81
C GLY D 130 39.42 -74.04 29.36
N GLU D 131 39.18 -73.05 30.21
CA GLU D 131 40.28 -72.32 30.82
C GLU D 131 40.78 -73.10 32.03
N VAL D 132 42.10 -73.09 32.22
CA VAL D 132 42.70 -73.86 33.30
C VAL D 132 42.92 -73.00 34.54
N GLU D 133 43.81 -72.02 34.41
CA GLU D 133 44.23 -71.14 35.48
C GLU D 133 44.61 -69.82 34.85
N LYS D 134 44.88 -68.84 35.72
CA LYS D 134 45.43 -67.53 35.37
C LYS D 134 44.45 -66.78 34.46
N VAL D 135 43.15 -66.92 34.77
CA VAL D 135 42.10 -66.30 33.97
C VAL D 135 42.18 -64.80 34.07
N TYR D 136 42.42 -64.26 35.27
CA TYR D 136 42.62 -62.83 35.33
C TYR D 136 43.96 -62.46 34.73
N ARG D 137 44.94 -63.37 34.73
CA ARG D 137 46.19 -63.05 34.06
C ARG D 137 45.97 -63.05 32.56
N ALA D 138 45.06 -63.90 32.10
CA ALA D 138 44.72 -63.90 30.69
C ALA D 138 43.83 -62.72 30.39
N GLN D 139 43.13 -62.20 31.41
CA GLN D 139 42.31 -61.02 31.25
C GLN D 139 43.20 -59.82 31.00
N ILE D 140 44.29 -59.72 31.74
CA ILE D 140 45.23 -58.62 31.51
C ILE D 140 45.93 -58.83 30.17
N GLU D 141 46.22 -60.08 29.79
CA GLU D 141 46.83 -60.26 28.48
C GLU D 141 45.82 -59.95 27.36
N PHE D 142 44.54 -60.17 27.65
CA PHE D 142 43.46 -59.85 26.74
C PHE D 142 43.32 -58.35 26.65
N MET D 143 43.60 -57.69 27.77
CA MET D 143 43.63 -56.25 27.83
C MET D 143 44.82 -55.73 27.05
N LYS D 144 45.94 -56.45 27.07
CA LYS D 144 47.11 -56.05 26.29
C LYS D 144 46.80 -56.14 24.81
N ILE D 145 45.94 -57.09 24.45
CA ILE D 145 45.50 -57.20 23.07
C ILE D 145 44.59 -56.02 22.70
N TYR D 146 43.74 -55.59 23.64
CA TYR D 146 42.82 -54.50 23.31
C TYR D 146 43.21 -53.12 23.83
N ASP D 147 43.93 -53.02 24.96
CA ASP D 147 44.42 -51.74 25.54
C ASP D 147 43.29 -50.78 25.89
N LEU D 148 42.45 -51.21 26.83
CA LEU D 148 41.35 -50.42 27.31
C LEU D 148 41.67 -49.85 28.68
N THR D 150 41.42 -51.77 31.23
CA THR D 150 40.30 -51.99 32.14
C THR D 150 40.38 -53.33 32.83
N ILE D 151 39.44 -53.59 33.73
CA ILE D 151 39.39 -54.85 34.47
C ILE D 151 37.94 -55.32 34.46
N TYR D 152 37.78 -56.62 34.38
CA TYR D 152 36.48 -57.28 34.40
C TYR D 152 36.53 -58.23 35.59
N ILE D 153 35.99 -57.84 36.73
CA ILE D 153 36.06 -58.74 37.87
C ILE D 153 34.69 -59.23 38.30
N ASP D 154 34.70 -60.48 38.74
CA ASP D 154 33.55 -61.20 39.23
C ASP D 154 33.48 -61.03 40.74
N TYR D 155 32.28 -61.11 41.27
CA TYR D 155 32.18 -61.07 42.73
C TYR D 155 32.47 -62.46 43.29
N GLN D 156 32.17 -63.49 42.51
CA GLN D 156 32.39 -64.85 42.97
C GLN D 156 33.87 -65.20 42.95
N HIS D 157 34.60 -64.75 41.92
CA HIS D 157 36.02 -65.07 41.83
C HIS D 157 36.83 -64.40 42.92
N LEU D 158 36.42 -63.21 43.33
CA LEU D 158 37.10 -62.58 44.45
C LEU D 158 36.69 -63.30 45.73
N SER D 159 35.49 -63.87 45.72
CA SER D 159 34.95 -64.64 46.83
C SER D 159 35.45 -66.08 46.86
N MET D 160 36.31 -66.48 45.94
CA MET D 160 36.76 -67.88 45.90
C MET D 160 37.95 -68.20 46.80
N ARG D 161 38.97 -67.35 46.86
CA ARG D 161 40.17 -67.78 47.58
C ARG D 161 40.08 -67.70 49.10
N GLU D 162 39.76 -66.55 49.67
CA GLU D 162 39.75 -66.47 51.12
C GLU D 162 38.45 -66.91 51.76
N ASN D 163 37.55 -67.53 50.98
CA ASN D 163 36.24 -68.01 51.45
C ASN D 163 35.44 -66.85 52.04
N GLY D 164 35.51 -65.71 51.37
CA GLY D 164 34.85 -64.52 51.80
C GLY D 164 35.57 -63.72 52.88
N ALA D 165 36.73 -64.17 53.35
CA ALA D 165 37.46 -63.39 54.37
C ALA D 165 37.97 -62.11 53.75
N LEU D 166 38.47 -62.20 52.52
CA LEU D 166 38.94 -61.03 51.82
C LEU D 166 37.77 -60.30 51.19
N ALA D 167 36.70 -61.03 50.85
CA ALA D 167 35.52 -60.41 50.30
C ALA D 167 34.80 -59.58 51.35
N MET D 168 34.79 -60.05 52.60
CA MET D 168 34.17 -59.31 53.68
C MET D 168 35.13 -58.33 54.31
N ALA D 169 36.17 -57.99 53.59
CA ALA D 169 37.15 -56.98 53.93
C ALA D 169 37.01 -55.80 52.99
N ILE D 170 36.74 -56.12 51.74
CA ILE D 170 36.56 -55.15 50.67
C ILE D 170 35.13 -54.64 50.57
N SER D 171 34.16 -55.51 50.83
CA SER D 171 32.74 -55.20 50.66
C SER D 171 32.20 -54.19 51.66
N GLU D 172 33.02 -53.68 52.57
CA GLU D 172 32.61 -52.73 53.60
C GLU D 172 33.20 -51.34 53.38
N GLN D 173 34.52 -51.25 53.19
CA GLN D 173 35.18 -49.98 52.93
C GLN D 173 35.97 -50.13 51.64
N TYR D 174 35.30 -50.01 50.50
CA TYR D 174 36.07 -50.11 49.26
C TYR D 174 36.73 -48.79 48.96
N TYR D 175 36.07 -47.70 49.34
CA TYR D 175 36.58 -46.35 49.13
C TYR D 175 37.88 -46.19 49.89
N ARG D 176 37.98 -46.86 51.03
CA ARG D 176 39.19 -46.90 51.80
C ARG D 176 40.28 -47.64 51.03
N PHE D 177 39.90 -48.61 50.21
CA PHE D 177 40.88 -49.46 49.55
C PHE D 177 41.02 -49.24 48.05
N LEU D 178 40.76 -48.04 47.56
CA LEU D 178 41.01 -47.78 46.14
C LEU D 178 42.49 -47.72 45.79
N PRO D 179 43.34 -46.88 46.43
CA PRO D 179 44.73 -46.81 45.98
C PRO D 179 45.51 -48.06 46.27
N PHE D 180 45.07 -48.85 47.24
CA PHE D 180 45.76 -50.08 47.53
C PHE D 180 45.49 -51.06 46.40
N LEU D 181 44.26 -51.05 45.90
CA LEU D 181 43.89 -51.89 44.78
C LEU D 181 44.53 -51.42 43.50
N GLN D 182 44.83 -50.13 43.39
CA GLN D 182 45.49 -49.71 42.15
C GLN D 182 46.98 -50.01 42.24
N LYS D 183 47.57 -49.85 43.42
CA LYS D 183 49.00 -50.07 43.58
C LYS D 183 49.35 -51.55 43.45
N GLY D 184 48.49 -52.43 43.95
CA GLY D 184 48.77 -53.85 43.79
C GLY D 184 48.70 -54.27 42.35
N LEU D 185 47.71 -53.76 41.61
CA LEU D 185 47.60 -54.06 40.19
C LEU D 185 48.77 -53.47 39.44
N ARG D 186 49.23 -52.29 39.87
CA ARG D 186 50.38 -51.63 39.27
C ARG D 186 51.63 -52.45 39.49
N ARG D 187 51.74 -53.08 40.66
CA ARG D 187 52.92 -53.89 40.89
C ARG D 187 52.80 -55.19 40.11
N VAL D 188 51.58 -55.63 39.82
CA VAL D 188 51.41 -56.81 38.97
C VAL D 188 51.85 -56.47 37.55
N VAL D 189 51.55 -55.24 37.13
CA VAL D 189 51.94 -54.76 35.81
C VAL D 189 53.46 -54.71 35.69
N ARG D 190 54.13 -54.08 36.66
CA ARG D 190 55.59 -54.03 36.59
C ARG D 190 56.22 -55.40 36.84
N LYS D 191 55.51 -56.31 37.49
CA LYS D 191 56.00 -57.66 37.70
C LYS D 191 55.97 -58.47 36.43
N TYR D 192 55.01 -58.20 35.54
CA TYR D 192 54.88 -58.97 34.31
C TYR D 192 55.16 -58.19 33.05
N ALA D 193 55.21 -56.87 33.10
CA ALA D 193 55.41 -56.06 31.90
C ALA D 193 56.02 -54.71 32.27
N VAL D 273 21.61 -57.98 44.61
CA VAL D 273 21.10 -56.79 43.93
C VAL D 273 20.00 -56.17 44.76
N HIS D 274 20.11 -54.88 45.03
CA HIS D 274 19.11 -54.19 45.84
C HIS D 274 18.48 -53.04 45.07
N ARG D 275 17.71 -52.23 45.80
CA ARG D 275 16.99 -51.10 45.24
C ARG D 275 17.42 -49.83 45.95
N ILE D 276 16.73 -48.73 45.61
CA ILE D 276 17.02 -47.43 46.21
C ILE D 276 16.68 -47.41 47.69
N ARG D 277 15.74 -48.25 48.12
CA ARG D 277 15.31 -48.24 49.50
C ARG D 277 16.38 -48.86 50.41
N ASP D 278 17.29 -49.63 49.83
CA ASP D 278 18.34 -50.30 50.57
C ASP D 278 19.61 -49.46 50.68
N ILE D 279 19.48 -48.14 50.73
CA ILE D 279 20.65 -47.27 50.85
C ILE D 279 20.59 -46.59 52.20
N ARG D 280 21.64 -46.78 52.98
CA ARG D 280 21.83 -46.21 54.29
C ARG D 280 23.19 -45.56 54.37
N SER D 281 23.46 -44.94 55.52
CA SER D 281 24.76 -44.32 55.72
C SER D 281 25.84 -45.35 55.96
N GLU D 282 25.46 -46.57 56.37
CA GLU D 282 26.44 -47.63 56.54
C GLU D 282 26.84 -48.19 55.21
N LYS D 283 26.13 -47.81 54.17
CA LYS D 283 26.41 -48.31 52.86
C LYS D 283 27.49 -47.51 52.17
N ILE D 284 28.04 -46.51 52.83
CA ILE D 284 29.10 -45.75 52.19
C ILE D 284 30.36 -46.61 52.24
N GLY D 285 31.11 -46.61 51.15
CA GLY D 285 32.32 -47.41 51.08
C GLY D 285 32.09 -48.88 50.80
N SER D 286 30.88 -49.40 51.04
CA SER D 286 30.55 -50.79 50.88
C SER D 286 30.10 -51.10 49.47
N LEU D 287 29.78 -52.36 49.23
CA LEU D 287 29.35 -52.80 47.91
C LEU D 287 27.90 -53.27 47.87
N LEU D 288 27.10 -52.63 47.03
CA LEU D 288 25.70 -53.00 46.83
C LEU D 288 25.31 -52.78 45.38
N SER D 289 24.64 -53.77 44.79
CA SER D 289 24.19 -53.73 43.40
C SER D 289 22.76 -53.21 43.32
N ILE D 290 22.52 -52.27 42.41
CA ILE D 290 21.20 -51.66 42.24
C ILE D 290 20.78 -51.71 40.77
N SER D 291 19.53 -52.10 40.54
CA SER D 291 18.96 -52.11 39.20
C SER D 291 17.93 -51.00 39.08
N GLY D 292 17.55 -50.65 37.86
CA GLY D 292 16.55 -49.60 37.70
C GLY D 292 16.11 -49.21 36.30
N THR D 293 15.82 -47.92 36.11
CA THR D 293 15.32 -47.36 34.85
C THR D 293 16.14 -46.12 34.49
N VAL D 294 16.87 -46.17 33.37
CA VAL D 294 17.73 -45.08 32.95
C VAL D 294 16.90 -43.94 32.35
N THR D 295 17.15 -42.70 32.80
CA THR D 295 16.42 -41.54 32.31
C THR D 295 17.38 -40.34 32.26
N ARG D 296 17.25 -39.53 31.21
CA ARG D 296 18.01 -38.29 31.02
C ARG D 296 19.53 -38.51 30.97
N THR D 297 19.95 -39.03 29.83
CA THR D 297 21.37 -39.18 29.60
C THR D 297 21.99 -37.79 29.52
N SER D 298 23.30 -37.72 29.72
CA SER D 298 23.94 -36.42 29.70
C SER D 298 25.13 -36.42 28.77
N GLU D 299 25.69 -35.22 28.60
CA GLU D 299 26.78 -35.07 27.68
C GLU D 299 28.08 -35.65 28.22
N VAL D 300 29.11 -35.48 27.41
CA VAL D 300 30.45 -35.91 27.71
C VAL D 300 31.24 -34.69 28.15
N ARG D 301 31.87 -34.78 29.29
CA ARG D 301 32.62 -33.66 29.75
C ARG D 301 33.90 -34.26 30.28
N PRO D 302 35.04 -33.61 30.11
CA PRO D 302 36.29 -34.19 30.60
C PRO D 302 36.44 -33.97 32.10
N GLU D 303 37.55 -34.46 32.66
CA GLU D 303 37.68 -34.24 34.09
C GLU D 303 38.99 -33.47 34.33
N LEU D 304 39.75 -33.74 35.39
CA LEU D 304 40.97 -33.03 35.70
C LEU D 304 41.98 -33.94 36.38
N TYR D 305 41.85 -34.02 37.71
CA TYR D 305 42.66 -34.81 38.64
C TYR D 305 44.15 -34.82 38.33
N LYS D 306 44.70 -33.64 38.08
CA LYS D 306 46.11 -33.48 37.72
C LYS D 306 46.59 -32.06 37.82
N ALA D 307 46.21 -31.37 38.88
CA ALA D 307 46.55 -29.97 39.06
C ALA D 307 48.05 -29.67 39.13
N SER D 308 48.57 -29.03 38.09
CA SER D 308 49.97 -28.62 37.93
C SER D 308 49.89 -27.10 38.01
N PHE D 309 49.95 -26.58 39.23
CA PHE D 309 49.77 -25.18 39.54
C PHE D 309 50.84 -24.71 40.51
N THR D 310 51.66 -23.76 40.09
CA THR D 310 52.70 -23.24 40.96
C THR D 310 52.81 -21.75 40.71
N CYS D 311 53.47 -21.07 41.64
CA CYS D 311 53.55 -19.62 41.69
C CYS D 311 54.43 -19.01 40.60
N ASP D 312 54.62 -17.69 40.74
CA ASP D 312 55.39 -16.84 39.84
C ASP D 312 56.87 -17.11 39.91
N MET D 313 57.33 -17.84 40.93
CA MET D 313 58.73 -18.21 41.04
C MET D 313 59.15 -19.07 39.85
N CYS D 314 60.45 -19.03 39.55
CA CYS D 314 61.04 -19.70 38.39
C CYS D 314 60.60 -21.16 38.27
N ARG D 315 60.73 -21.92 39.35
CA ARG D 315 60.36 -23.33 39.33
C ARG D 315 58.83 -23.46 39.45
N ALA D 316 58.15 -23.12 38.37
CA ALA D 316 56.70 -23.24 38.28
C ALA D 316 56.33 -24.56 37.62
N ILE D 317 56.83 -25.67 38.12
CA ILE D 317 56.58 -26.95 37.47
C ILE D 317 56.09 -28.02 38.41
N VAL D 318 55.39 -27.62 39.48
CA VAL D 318 54.89 -28.58 40.44
C VAL D 318 53.68 -29.28 39.83
N ASP D 319 53.09 -30.22 40.55
CA ASP D 319 51.91 -30.93 40.06
C ASP D 319 51.26 -31.55 41.29
N ASN D 320 50.29 -30.82 41.84
CA ASN D 320 49.55 -31.24 43.02
C ASN D 320 48.94 -32.62 42.91
N VAL D 321 49.25 -33.43 43.91
CA VAL D 321 48.77 -34.79 44.03
C VAL D 321 47.55 -34.64 44.93
N GLU D 322 46.52 -33.92 44.49
CA GLU D 322 45.36 -33.77 45.35
C GLU D 322 44.11 -34.30 44.69
N GLN D 323 43.69 -33.73 43.55
CA GLN D 323 42.53 -34.21 42.81
C GLN D 323 41.21 -34.44 43.54
N SER D 324 41.00 -33.93 44.74
CA SER D 324 39.75 -34.22 45.44
C SER D 324 38.57 -33.43 44.89
N PHE D 325 37.42 -33.55 45.55
CA PHE D 325 36.21 -32.87 45.08
C PHE D 325 36.27 -31.42 45.57
N LYS D 326 37.26 -30.71 45.04
CA LYS D 326 37.53 -29.31 45.30
C LYS D 326 38.36 -28.77 44.15
N TYR D 327 38.02 -27.57 43.70
CA TYR D 327 38.76 -26.94 42.63
C TYR D 327 39.85 -26.05 43.23
N THR D 328 40.73 -26.67 43.99
CA THR D 328 41.81 -25.96 44.65
C THR D 328 43.06 -26.36 43.91
N GLU D 329 43.36 -25.58 42.88
CA GLU D 329 44.49 -25.87 42.00
C GLU D 329 45.84 -25.55 42.63
N PRO D 330 46.10 -24.32 43.07
CA PRO D 330 47.45 -23.98 43.57
C PRO D 330 47.70 -24.45 44.98
N THR D 331 48.82 -25.13 45.16
CA THR D 331 49.23 -25.58 46.48
C THR D 331 49.82 -24.44 47.27
N PHE D 332 49.68 -24.54 48.58
CA PHE D 332 50.18 -23.50 49.47
C PHE D 332 51.68 -23.56 49.62
N CYS D 333 52.19 -24.66 50.12
CA CYS D 333 53.60 -24.70 50.40
C CYS D 333 54.50 -25.30 49.33
N PRO D 334 55.03 -24.48 48.44
CA PRO D 334 56.00 -24.99 47.49
C PRO D 334 57.35 -24.80 48.13
N ASN D 335 58.45 -25.14 47.49
CA ASN D 335 59.68 -24.83 48.21
C ASN D 335 60.54 -23.91 47.37
N PRO D 336 59.91 -22.99 46.68
CA PRO D 336 60.64 -21.97 45.94
C PRO D 336 60.79 -20.77 46.85
N SER D 337 61.27 -19.65 46.33
CA SER D 337 61.31 -18.44 47.14
C SER D 337 59.91 -17.87 47.32
N CYS D 338 58.96 -18.31 46.50
CA CYS D 338 57.57 -17.89 46.55
C CYS D 338 56.90 -18.45 47.80
N GLU D 339 55.92 -17.71 48.29
CA GLU D 339 55.18 -18.09 49.47
C GLU D 339 53.84 -18.72 49.07
N ASN D 340 52.99 -18.97 50.06
CA ASN D 340 51.69 -19.56 49.79
C ASN D 340 50.76 -18.59 49.08
N ARG D 341 50.88 -17.30 49.35
CA ARG D 341 50.03 -16.35 48.66
C ARG D 341 50.44 -16.18 47.22
N ALA D 342 51.71 -16.46 46.89
CA ALA D 342 52.13 -16.38 45.51
C ALA D 342 51.47 -17.56 44.82
N PHE D 343 50.61 -17.26 43.87
CA PHE D 343 49.89 -18.30 43.18
C PHE D 343 49.69 -17.94 41.72
N TRP D 344 49.50 -18.98 40.91
CA TRP D 344 49.27 -18.82 39.49
C TRP D 344 48.32 -19.94 39.08
N THR D 345 47.95 -19.95 37.80
CA THR D 345 46.98 -20.90 37.27
C THR D 345 47.53 -22.31 37.12
N LEU D 346 46.60 -23.25 36.99
CA LEU D 346 46.94 -24.65 36.83
C LEU D 346 47.25 -24.93 35.38
N ASN D 347 48.28 -25.74 35.14
CA ASN D 347 48.68 -26.09 33.79
C ASN D 347 47.69 -27.07 33.17
N VAL D 348 47.00 -26.63 32.13
CA VAL D 348 46.00 -27.44 31.45
C VAL D 348 46.61 -28.16 30.27
N THR D 349 47.93 -28.24 30.22
CA THR D 349 48.59 -28.86 29.10
C THR D 349 49.47 -30.05 29.45
N ARG D 350 49.79 -30.24 30.72
CA ARG D 350 50.63 -31.35 31.13
C ARG D 350 49.80 -32.10 32.16
N SER D 351 48.89 -32.96 31.68
CA SER D 351 48.03 -33.73 32.57
C SER D 351 47.39 -34.91 31.84
N ARG D 352 46.68 -35.73 32.61
CA ARG D 352 45.92 -36.87 32.12
C ARG D 352 44.49 -36.65 32.60
N PHE D 353 43.55 -36.57 31.68
CA PHE D 353 42.16 -36.33 32.03
C PHE D 353 41.35 -37.58 31.70
N LEU D 354 40.05 -37.51 31.96
CA LEU D 354 39.15 -38.57 31.56
C LEU D 354 37.81 -37.92 31.30
N ASP D 355 36.99 -38.59 30.51
CA ASP D 355 35.67 -38.05 30.22
C ASP D 355 34.67 -38.85 31.03
N TRP D 356 33.47 -38.29 31.18
CA TRP D 356 32.40 -38.93 31.92
C TRP D 356 31.10 -38.19 31.69
N GLN D 357 30.00 -38.87 32.01
CA GLN D 357 28.67 -38.31 31.95
C GLN D 357 28.02 -38.52 33.30
N LYS D 358 26.85 -37.93 33.48
CA LYS D 358 26.15 -38.00 34.75
C LYS D 358 24.67 -38.18 34.47
N VAL D 359 24.19 -39.40 34.61
CA VAL D 359 22.81 -39.71 34.36
C VAL D 359 22.07 -39.90 35.67
N ARG D 360 20.75 -39.77 35.62
CA ARG D 360 19.94 -39.91 36.82
C ARG D 360 18.98 -41.07 36.61
N ILE D 361 19.22 -42.16 37.31
CA ILE D 361 18.39 -43.34 37.14
C ILE D 361 17.07 -43.21 37.89
N GLN D 362 16.03 -43.80 37.29
CA GLN D 362 14.67 -43.84 37.79
C GLN D 362 14.41 -45.23 38.34
N GLU D 363 13.50 -45.33 39.29
CA GLU D 363 13.17 -46.62 39.87
C GLU D 363 12.14 -47.32 38.99
N ASN D 364 12.21 -48.66 38.96
CA ASN D 364 11.27 -49.47 38.21
C ASN D 364 9.83 -49.22 38.63
N ALA D 365 8.93 -49.38 37.68
CA ALA D 365 7.52 -49.22 37.96
C ALA D 365 6.87 -50.52 38.37
N ASN D 366 7.63 -51.61 38.31
CA ASN D 366 7.13 -52.91 38.66
C ASN D 366 7.40 -53.28 40.10
N GLU D 367 7.84 -52.33 40.92
CA GLU D 367 8.14 -52.63 42.30
C GLU D 367 7.55 -51.57 43.19
N ILE D 368 7.17 -50.43 42.63
CA ILE D 368 6.53 -49.35 43.38
C ILE D 368 5.14 -49.80 43.78
N PRO D 369 4.66 -49.48 44.96
CA PRO D 369 3.32 -49.93 45.35
C PRO D 369 2.26 -49.02 44.72
N THR D 370 1.00 -49.31 45.03
CA THR D 370 -0.09 -48.53 44.49
C THR D 370 -0.15 -47.15 45.15
N GLY D 371 -0.61 -46.17 44.38
CA GLY D 371 -0.67 -44.84 44.94
C GLY D 371 0.67 -44.18 45.15
N SER D 372 1.76 -44.76 44.65
CA SER D 372 3.08 -44.23 44.88
C SER D 372 3.74 -43.76 43.60
N MET D 373 4.34 -42.59 43.69
CA MET D 373 5.05 -41.98 42.60
C MET D 373 6.45 -42.54 42.57
N PRO D 374 7.12 -42.49 41.42
CA PRO D 374 8.49 -42.98 41.33
C PRO D 374 9.48 -42.15 42.12
N ARG D 375 10.60 -42.78 42.41
CA ARG D 375 11.65 -42.17 43.19
C ARG D 375 12.84 -41.98 42.28
N THR D 376 13.67 -41.02 42.63
CA THR D 376 14.82 -40.73 41.80
C THR D 376 16.11 -40.93 42.57
N LEU D 377 17.17 -41.11 41.81
CA LEU D 377 18.49 -41.29 42.38
C LEU D 377 19.53 -40.99 41.32
N ASP D 378 20.57 -40.30 41.73
CA ASP D 378 21.66 -39.95 40.84
C ASP D 378 22.69 -41.07 40.82
N VAL D 379 23.38 -41.17 39.70
CA VAL D 379 24.39 -42.19 39.50
C VAL D 379 25.45 -41.58 38.58
N ILE D 380 26.70 -41.88 38.87
CA ILE D 380 27.80 -41.32 38.12
C ILE D 380 28.49 -42.43 37.36
N LEU D 381 28.71 -42.20 36.08
CA LEU D 381 29.36 -43.15 35.21
C LEU D 381 30.76 -42.63 34.95
N ARG D 382 31.78 -43.32 35.45
CA ARG D 382 33.14 -42.86 35.30
C ARG D 382 33.97 -43.67 34.32
N GLY D 383 34.75 -42.94 33.52
CA GLY D 383 35.74 -43.42 32.57
C GLY D 383 35.55 -44.14 31.26
N ASP D 384 36.04 -45.38 31.22
CA ASP D 384 36.06 -46.19 30.02
C ASP D 384 34.67 -46.73 29.65
N SER D 385 33.82 -46.99 30.63
CA SER D 385 32.50 -47.55 30.41
C SER D 385 31.47 -46.51 30.04
N VAL D 386 31.94 -45.37 29.57
CA VAL D 386 31.10 -44.26 29.16
C VAL D 386 30.32 -44.64 27.90
N GLU D 387 29.15 -44.01 27.73
CA GLU D 387 28.20 -44.09 26.62
C GLU D 387 27.45 -45.41 26.58
N ARG D 388 27.75 -46.35 27.49
CA ARG D 388 27.03 -47.61 27.53
C ARG D 388 25.58 -47.46 27.93
N ALA D 389 25.23 -46.33 28.52
CA ALA D 389 23.87 -46.11 28.93
C ALA D 389 22.95 -45.96 27.74
N LYS D 390 21.71 -46.18 28.02
CA LYS D 390 20.57 -46.11 27.14
C LYS D 390 19.34 -45.86 27.99
N PRO D 391 18.62 -44.78 27.75
CA PRO D 391 17.42 -44.48 28.52
C PRO D 391 16.35 -45.53 28.34
N GLY D 392 15.91 -46.10 29.47
CA GLY D 392 14.93 -47.15 29.40
C GLY D 392 15.58 -48.51 29.38
N ASP D 393 16.37 -48.81 30.40
CA ASP D 393 17.09 -50.07 30.42
C ASP D 393 17.26 -50.56 31.86
N ARG D 394 17.44 -51.88 31.97
CA ARG D 394 17.67 -52.55 33.22
C ARG D 394 19.15 -52.89 33.24
N CYS D 395 19.84 -52.51 34.31
CA CYS D 395 21.27 -52.71 34.38
C CYS D 395 21.66 -53.12 35.78
N LYS D 396 22.87 -53.66 35.90
CA LYS D 396 23.43 -54.04 37.19
C LYS D 396 24.62 -53.13 37.38
N PHE D 397 24.88 -52.74 38.61
CA PHE D 397 25.90 -51.75 38.86
C PHE D 397 27.03 -52.24 39.74
N THR D 398 28.07 -51.42 39.78
CA THR D 398 29.19 -51.65 40.67
C THR D 398 28.70 -51.44 42.09
N GLY D 399 29.27 -52.19 43.02
CA GLY D 399 28.80 -52.04 44.38
C GLY D 399 29.18 -50.75 45.10
N VAL D 400 30.21 -50.03 44.65
CA VAL D 400 30.68 -48.85 45.40
C VAL D 400 29.65 -47.69 45.35
N GLU D 401 29.85 -46.74 46.27
CA GLU D 401 28.98 -45.59 46.53
C GLU D 401 29.77 -44.43 47.13
N ILE D 402 29.43 -43.20 46.74
CA ILE D 402 30.07 -42.00 47.28
C ILE D 402 29.00 -40.99 47.67
N VAL D 403 29.46 -39.88 48.22
CA VAL D 403 28.65 -38.76 48.67
C VAL D 403 29.39 -37.52 48.19
N VAL D 404 28.70 -36.63 47.48
CA VAL D 404 29.34 -35.44 46.90
C VAL D 404 29.09 -34.22 47.79
N PRO D 405 30.13 -33.43 48.07
CA PRO D 405 29.97 -32.21 48.86
C PRO D 405 29.17 -31.14 48.14
N ASP D 406 28.30 -30.48 48.88
CA ASP D 406 27.43 -29.40 48.37
C ASP D 406 27.98 -28.04 48.81
N THR D 408 19.60 -26.02 47.21
CA THR D 408 18.33 -25.62 47.81
C THR D 408 18.23 -26.15 49.23
N GLN D 409 19.22 -26.95 49.65
CA GLN D 409 19.18 -27.53 50.99
C GLN D 409 19.70 -26.54 52.04
N LEU D 410 18.93 -25.47 52.23
CA LEU D 410 19.21 -24.43 53.22
C LEU D 410 17.91 -24.25 53.99
N GLY D 411 17.97 -24.25 55.31
CA GLY D 411 16.75 -24.15 56.08
C GLY D 411 15.99 -25.44 55.84
N LEU D 412 16.69 -26.56 55.83
CA LEU D 412 16.11 -27.84 55.45
C LEU D 412 14.96 -28.33 56.33
N PRO D 413 15.05 -28.35 57.66
CA PRO D 413 16.04 -28.03 58.67
C PRO D 413 16.85 -29.24 59.00
N GLY D 414 17.87 -29.02 59.77
CA GLY D 414 18.75 -30.05 60.24
C GLY D 414 19.92 -29.31 60.84
N VAL D 415 20.71 -29.97 61.69
CA VAL D 415 21.86 -29.30 62.26
C VAL D 415 22.88 -29.18 61.15
N LYS D 416 23.06 -28.02 60.70
CA LYS D 416 23.98 -27.95 59.62
C LYS D 416 25.37 -27.67 60.19
N PRO D 417 26.34 -28.50 59.85
CA PRO D 417 27.70 -28.30 60.34
C PRO D 417 28.38 -27.12 59.69
N SER D 418 29.41 -26.66 60.37
CA SER D 418 30.21 -25.52 59.96
C SER D 418 31.65 -25.97 60.17
N SER D 419 32.59 -25.13 59.77
CA SER D 419 33.97 -25.60 59.88
C SER D 419 34.79 -24.75 60.82
N THR D 420 34.21 -24.52 61.99
CA THR D 420 34.89 -23.76 63.02
C THR D 420 35.90 -24.71 63.64
N LEU D 421 37.17 -24.54 63.28
CA LEU D 421 38.15 -25.44 63.85
C LEU D 421 38.45 -25.03 65.29
N ASP D 422 39.09 -25.94 66.03
CA ASP D 422 39.43 -25.68 67.43
C ASP D 422 40.64 -24.76 67.47
N THR D 423 40.63 -23.83 68.41
CA THR D 423 41.74 -22.90 68.57
C THR D 423 42.34 -23.02 69.97
N SER D 442 38.45 -14.20 61.39
CA SER D 442 37.39 -14.07 62.38
C SER D 442 36.37 -15.21 62.26
N LEU D 443 35.44 -15.08 61.31
CA LEU D 443 34.41 -16.10 61.10
C LEU D 443 34.41 -16.61 59.66
N VAL D 445 34.47 -19.19 56.05
CA VAL D 445 33.87 -20.52 56.16
C VAL D 445 32.42 -20.48 55.70
N ARG D 446 31.88 -21.66 55.49
CA ARG D 446 30.52 -21.88 55.00
C ARG D 446 29.93 -23.04 55.80
N ASP D 447 28.69 -23.39 55.50
CA ASP D 447 28.03 -24.50 56.18
C ASP D 447 27.70 -25.57 55.13
N LEU D 448 27.08 -26.67 55.53
CA LEU D 448 26.84 -27.74 54.56
C LEU D 448 25.71 -28.69 54.93
N THR D 449 25.09 -29.23 53.88
CA THR D 449 24.01 -30.22 53.96
C THR D 449 24.12 -31.05 52.68
N TYR D 450 24.43 -32.34 52.83
CA TYR D 450 24.71 -33.20 51.69
C TYR D 450 23.56 -34.14 51.36
N LYS D 451 23.81 -35.02 50.40
CA LYS D 451 22.86 -36.02 49.93
C LYS D 451 23.60 -37.23 49.39
N ILE D 452 22.91 -38.36 49.41
CA ILE D 452 23.46 -39.63 48.93
C ILE D 452 23.54 -39.67 47.41
N SER D 453 24.74 -39.97 46.90
CA SER D 453 25.03 -40.11 45.48
C SER D 453 25.50 -41.53 45.17
N PHE D 454 25.96 -41.76 43.93
CA PHE D 454 26.42 -43.09 43.55
C PHE D 454 27.57 -42.99 42.54
N LEU D 455 28.52 -43.93 42.63
CA LEU D 455 29.69 -44.00 41.74
C LEU D 455 29.93 -45.44 41.33
N ALA D 456 30.55 -45.65 40.15
CA ALA D 456 30.80 -47.00 39.66
C ALA D 456 32.05 -47.10 38.78
N CYS D 457 32.59 -48.32 38.66
CA CYS D 457 33.74 -48.55 37.78
C CYS D 457 33.44 -49.68 36.80
N HIS D 458 32.70 -50.70 37.23
CA HIS D 458 32.30 -51.79 36.35
C HIS D 458 30.77 -51.79 36.29
N VAL D 459 30.21 -51.58 35.11
CA VAL D 459 28.76 -51.60 34.94
C VAL D 459 28.39 -52.45 33.75
N ILE D 460 27.69 -53.52 34.00
CA ILE D 460 27.19 -54.31 32.90
C ILE D 460 25.80 -53.76 32.61
N SER D 461 25.32 -53.94 31.39
CA SER D 461 24.03 -53.38 31.02
C SER D 461 23.05 -54.45 30.62
N ILE D 462 23.09 -55.59 31.30
CA ILE D 462 22.20 -56.71 31.01
C ILE D 462 20.80 -56.43 31.54
N GLY D 463 19.81 -56.53 30.67
CA GLY D 463 18.44 -56.29 31.03
C GLY D 463 17.83 -55.18 30.20
N GLU D 512 30.77 -72.83 14.16
CA GLU D 512 29.43 -72.75 13.59
C GLU D 512 29.55 -72.75 12.09
N ILE D 513 30.80 -72.77 11.61
CA ILE D 513 31.05 -72.74 10.18
C ILE D 513 30.63 -74.04 9.51
N ASN D 514 30.70 -75.15 10.23
CA ASN D 514 30.30 -76.42 9.66
C ASN D 514 28.78 -76.54 9.53
N GLU D 515 28.02 -75.88 10.40
CA GLU D 515 26.57 -75.92 10.27
C GLU D 515 26.13 -75.15 9.03
N LEU D 516 26.79 -74.02 8.75
CA LEU D 516 26.46 -73.27 7.56
C LEU D 516 26.88 -74.04 6.32
N LYS D 517 27.96 -74.83 6.41
CA LYS D 517 28.33 -75.68 5.30
C LYS D 517 27.27 -76.74 5.06
N GLU D 518 26.67 -77.25 6.14
CA GLU D 518 25.60 -78.23 5.99
C GLU D 518 24.37 -77.57 5.40
N MET D 519 24.17 -76.30 5.69
CA MET D 519 23.03 -75.59 5.18
C MET D 519 23.23 -75.01 3.79
N VAL D 520 24.44 -75.08 3.23
CA VAL D 520 24.65 -74.54 1.90
C VAL D 520 25.05 -75.60 0.88
N LYS D 521 25.64 -76.72 1.30
CA LYS D 521 25.99 -77.74 0.33
C LYS D 521 24.77 -78.53 -0.13
N ASP D 522 23.64 -78.42 0.56
CA ASP D 522 22.46 -79.16 0.18
C ASP D 522 21.75 -78.47 -0.98
N GLU D 523 20.69 -79.09 -1.44
CA GLU D 523 19.92 -78.59 -2.56
C GLU D 523 18.46 -78.34 -2.22
N HIS D 524 17.88 -79.17 -1.36
CA HIS D 524 16.50 -79.09 -0.92
C HIS D 524 16.23 -77.96 0.04
N ILE D 525 17.27 -77.20 0.41
CA ILE D 525 17.20 -76.15 1.41
C ILE D 525 16.18 -75.07 1.09
N TYR D 526 15.87 -74.85 -0.17
CA TYR D 526 14.82 -73.88 -0.50
C TYR D 526 13.48 -74.44 -0.02
N ASP D 527 13.20 -75.68 -0.39
CA ASP D 527 11.98 -76.33 0.01
C ASP D 527 11.97 -76.56 1.52
N LYS D 528 13.15 -76.73 2.11
CA LYS D 528 13.21 -76.87 3.56
C LYS D 528 12.85 -75.55 4.21
N LEU D 529 13.27 -74.45 3.60
CA LEU D 529 12.93 -73.15 4.13
C LEU D 529 11.47 -72.80 3.91
N VAL D 530 10.78 -73.53 3.03
CA VAL D 530 9.37 -73.21 2.78
C VAL D 530 8.52 -73.54 4.01
N ARG D 531 8.57 -74.77 4.49
CA ARG D 531 7.76 -75.14 5.65
C ARG D 531 8.36 -74.73 6.99
N SER D 532 9.57 -74.17 7.02
CA SER D 532 10.22 -73.85 8.29
C SER D 532 10.10 -72.37 8.64
N ILE D 533 8.98 -71.74 8.38
CA ILE D 533 8.80 -70.33 8.67
C ILE D 533 7.77 -70.09 9.78
N ALA D 534 6.51 -70.43 9.51
CA ALA D 534 5.45 -70.20 10.49
C ALA D 534 4.75 -71.49 10.84
N PRO D 535 5.33 -72.27 11.76
CA PRO D 535 4.67 -73.50 12.19
C PRO D 535 3.42 -73.23 13.00
N ALA D 536 3.34 -72.05 13.61
CA ALA D 536 2.15 -71.69 14.37
C ALA D 536 0.97 -71.49 13.47
N VAL D 537 1.21 -71.13 12.27
CA VAL D 537 0.13 -70.92 11.34
C VAL D 537 -0.06 -72.25 10.63
N PHE D 538 -1.31 -72.65 10.48
CA PHE D 538 -1.65 -73.88 9.80
C PHE D 538 -2.49 -73.46 8.62
N GLY D 539 -1.96 -73.66 7.42
CA GLY D 539 -2.66 -73.28 6.20
C GLY D 539 -1.75 -73.15 4.99
N HIS D 540 -1.98 -72.12 4.18
CA HIS D 540 -1.20 -71.91 2.97
C HIS D 540 0.23 -71.48 3.29
N GLU D 541 1.05 -71.46 2.24
CA GLU D 541 2.47 -71.19 2.36
C GLU D 541 3.06 -70.15 1.42
N ALA D 542 2.34 -69.72 0.38
CA ALA D 542 2.91 -68.78 -0.59
C ALA D 542 3.18 -67.41 0.01
N VAL D 543 2.42 -67.07 1.06
CA VAL D 543 2.68 -65.82 1.72
C VAL D 543 4.02 -65.90 2.43
N LYS D 544 4.39 -67.11 2.86
CA LYS D 544 5.68 -67.30 3.50
C LYS D 544 6.78 -67.23 2.46
N LYS D 545 6.46 -67.50 1.20
CA LYS D 545 7.45 -67.39 0.14
C LYS D 545 7.82 -65.93 -0.04
N GLY D 546 6.79 -65.09 -0.11
CA GLY D 546 7.07 -63.67 -0.30
C GLY D 546 7.76 -63.08 0.91
N ILE D 547 7.43 -63.59 2.09
CA ILE D 547 8.11 -63.13 3.30
C ILE D 547 9.59 -63.51 3.28
N LEU D 548 9.89 -64.75 2.87
CA LEU D 548 11.27 -65.20 2.80
C LEU D 548 12.07 -64.40 1.80
N LEU D 549 11.47 -64.08 0.67
CA LEU D 549 12.20 -63.28 -0.29
C LEU D 549 12.36 -61.87 0.21
N GLN D 550 11.46 -61.44 1.08
CA GLN D 550 11.58 -60.11 1.64
C GLN D 550 12.71 -60.07 2.64
N MET D 551 13.05 -61.22 3.19
CA MET D 551 14.14 -61.27 4.15
C MET D 551 15.50 -61.03 3.51
N LEU D 552 15.63 -61.19 2.22
CA LEU D 552 16.92 -60.98 1.58
C LEU D 552 16.88 -59.72 0.75
N GLY D 553 17.83 -58.84 1.00
CA GLY D 553 17.88 -57.59 0.28
C GLY D 553 18.27 -57.76 -1.17
N GLY D 554 18.07 -56.70 -1.93
CA GLY D 554 18.38 -56.67 -3.35
C GLY D 554 19.86 -56.42 -3.60
N VAL D 555 20.18 -55.58 -4.57
CA VAL D 555 21.56 -55.29 -4.90
C VAL D 555 21.95 -53.86 -4.53
N HIS D 556 21.02 -52.90 -4.70
CA HIS D 556 21.12 -51.46 -4.48
C HIS D 556 22.47 -50.89 -4.92
N LYS D 557 22.98 -51.33 -6.09
CA LYS D 557 24.30 -50.88 -6.49
C LYS D 557 24.31 -49.39 -6.90
N SER D 558 25.53 -48.86 -6.96
CA SER D 558 25.83 -47.50 -7.33
C SER D 558 25.93 -47.33 -8.84
N THR D 559 25.98 -46.07 -9.24
CA THR D 559 26.10 -45.66 -10.63
C THR D 559 27.07 -44.50 -10.61
N VAL D 560 27.02 -43.67 -11.65
CA VAL D 560 27.78 -42.44 -11.68
C VAL D 560 27.10 -41.56 -10.64
N GLU D 561 27.68 -40.39 -10.32
CA GLU D 561 27.15 -39.55 -9.24
C GLU D 561 25.68 -39.10 -9.38
N GLY D 562 25.02 -39.31 -10.52
CA GLY D 562 23.64 -38.89 -10.59
C GLY D 562 22.65 -39.70 -9.76
N ILE D 563 22.30 -40.94 -10.13
CA ILE D 563 21.30 -41.68 -9.36
C ILE D 563 21.72 -43.13 -9.18
N LYS D 564 21.76 -43.59 -7.93
CA LYS D 564 22.05 -44.98 -7.60
C LYS D 564 20.74 -45.75 -7.54
N LEU D 565 20.82 -47.05 -7.77
CA LEU D 565 19.63 -47.89 -7.73
C LEU D 565 19.44 -48.41 -6.32
N ARG D 566 18.18 -48.44 -5.86
CA ARG D 566 17.76 -48.98 -4.56
C ARG D 566 17.60 -50.50 -4.61
N GLY D 567 17.66 -51.12 -3.44
CA GLY D 567 17.56 -52.55 -3.34
C GLY D 567 16.50 -53.14 -2.42
N ASP D 568 15.26 -52.66 -2.41
CA ASP D 568 14.29 -53.19 -1.46
C ASP D 568 13.03 -53.62 -2.20
N ILE D 569 12.22 -54.42 -1.50
CA ILE D 569 11.01 -55.05 -1.98
C ILE D 569 9.85 -54.68 -1.07
N ASN D 570 8.65 -54.60 -1.63
CA ASN D 570 7.50 -54.16 -0.86
C ASN D 570 6.33 -55.13 -1.00
N ILE D 571 5.94 -55.79 0.09
CA ILE D 571 4.84 -56.76 0.05
C ILE D 571 3.68 -56.29 0.91
N CYS D 572 2.49 -56.29 0.33
CA CYS D 572 1.27 -55.84 0.99
C CYS D 572 0.19 -56.90 0.82
N VAL D 573 -0.33 -57.44 1.93
CA VAL D 573 -1.32 -58.52 1.88
C VAL D 573 -2.65 -58.08 2.47
N VAL D 574 -3.73 -58.26 1.73
CA VAL D 574 -5.08 -57.94 2.20
C VAL D 574 -5.88 -59.23 2.30
N GLY D 575 -6.60 -59.41 3.41
CA GLY D 575 -7.38 -60.62 3.61
C GLY D 575 -8.73 -60.42 4.29
N ASP D 576 -9.45 -61.56 4.40
CA ASP D 576 -10.78 -61.69 5.01
C ASP D 576 -10.71 -61.46 6.53
N PRO D 577 -11.64 -60.68 7.11
CA PRO D 577 -11.70 -60.52 8.57
C PRO D 577 -11.90 -61.82 9.33
N SER D 578 -11.39 -61.83 10.57
CA SER D 578 -11.44 -62.97 11.48
C SER D 578 -10.77 -64.18 10.85
N THR D 579 -9.47 -64.04 10.67
CA THR D 579 -8.66 -65.08 10.05
C THR D 579 -7.37 -65.27 10.84
N SER D 580 -7.26 -64.60 12.00
CA SER D 580 -6.09 -64.63 12.88
C SER D 580 -4.90 -64.09 12.11
N LYS D 581 -5.19 -63.04 11.35
CA LYS D 581 -4.20 -62.35 10.58
C LYS D 581 -3.23 -61.59 11.45
N SER D 582 -3.65 -61.26 12.67
CA SER D 582 -2.76 -60.55 13.55
C SER D 582 -1.69 -61.49 14.03
N GLN D 583 -1.97 -62.79 14.03
CA GLN D 583 -0.97 -63.76 14.37
C GLN D 583 0.10 -63.79 13.31
N PHE D 584 -0.30 -63.56 12.06
CA PHE D 584 0.63 -63.58 10.95
C PHE D 584 1.57 -62.42 11.13
N LEU D 585 0.96 -61.28 11.44
CA LEU D 585 1.67 -60.03 11.65
C LEU D 585 2.58 -60.14 12.83
N LYS D 586 2.08 -60.78 13.87
CA LYS D 586 2.80 -60.93 15.10
C LYS D 586 3.98 -61.81 14.90
N TYR D 587 3.88 -62.81 14.03
CA TYR D 587 5.05 -63.64 13.79
C TYR D 587 6.07 -62.87 13.00
N VAL D 588 5.58 -62.01 12.10
CA VAL D 588 6.49 -61.21 11.29
C VAL D 588 7.29 -60.28 12.18
N VAL D 589 6.60 -59.56 13.05
CA VAL D 589 7.29 -58.68 13.95
C VAL D 589 8.01 -59.47 15.03
N GLY D 590 7.55 -60.67 15.32
CA GLY D 590 8.16 -61.50 16.34
C GLY D 590 9.43 -62.15 15.91
N PHE D 591 9.65 -62.25 14.61
CA PHE D 591 10.84 -62.92 14.16
C PHE D 591 11.79 -61.96 13.51
N ALA D 592 11.28 -61.08 12.69
CA ALA D 592 12.17 -60.22 11.96
C ALA D 592 12.80 -59.16 12.84
N PRO D 593 14.09 -58.90 12.63
CA PRO D 593 14.79 -57.83 13.34
C PRO D 593 14.38 -56.47 12.78
N ARG D 594 14.62 -55.43 13.58
CA ARG D 594 14.32 -54.03 13.27
C ARG D 594 12.84 -53.90 12.92
N SER D 595 12.01 -54.47 13.76
CA SER D 595 10.58 -54.51 13.52
C SER D 595 9.80 -53.69 14.52
N VAL D 596 8.86 -52.90 14.00
CA VAL D 596 7.98 -52.06 14.81
C VAL D 596 6.58 -52.36 14.31
N TYR D 597 5.73 -52.83 15.21
CA TYR D 597 4.36 -53.14 14.86
C TYR D 597 3.44 -52.02 15.26
N THR D 598 2.57 -51.63 14.34
CA THR D 598 1.58 -50.61 14.66
C THR D 598 0.40 -50.57 13.71
N SER D 599 -0.78 -50.52 14.29
CA SER D 599 -2.01 -50.26 13.57
C SER D 599 -2.29 -48.81 13.94
N GLY D 600 -1.44 -47.94 13.43
CA GLY D 600 -1.49 -46.56 13.87
C GLY D 600 -2.59 -45.60 13.52
N LYS D 601 -3.42 -45.36 14.52
CA LYS D 601 -4.53 -44.42 14.55
C LYS D 601 -4.45 -43.50 15.76
N ALA D 602 -3.98 -44.00 16.92
CA ALA D 602 -3.83 -43.16 18.10
C ALA D 602 -2.63 -42.23 18.00
N SER D 603 -1.69 -42.55 17.11
CA SER D 603 -0.51 -41.74 16.89
C SER D 603 -0.88 -40.43 16.24
N SER D 604 -0.05 -39.42 16.47
CA SER D 604 -0.28 -38.10 15.91
C SER D 604 0.02 -38.10 14.41
N ALA D 605 -0.14 -36.93 13.80
CA ALA D 605 0.15 -36.76 12.38
C ALA D 605 1.63 -37.01 12.11
N ALA D 606 2.47 -36.77 13.11
CA ALA D 606 3.89 -37.05 13.04
C ALA D 606 4.19 -38.50 13.41
N GLY D 607 3.14 -39.28 13.70
CA GLY D 607 3.31 -40.70 14.03
C GLY D 607 3.71 -41.50 12.81
N LEU D 608 3.14 -41.16 11.65
CA LEU D 608 3.45 -41.81 10.39
C LEU D 608 4.72 -41.29 9.75
N THR D 609 5.41 -40.34 10.38
CA THR D 609 6.65 -39.82 9.84
C THR D 609 7.82 -40.19 10.74
N GLY D 618 16.29 -23.92 24.95
CA GLY D 618 16.68 -22.88 24.02
C GLY D 618 17.23 -23.40 22.70
N GLY D 619 16.35 -23.89 21.84
CA GLY D 619 16.75 -24.41 20.55
C GLY D 619 16.98 -25.92 20.51
N ASP D 620 15.97 -26.67 20.94
CA ASP D 620 16.04 -28.13 20.99
C ASP D 620 15.89 -28.78 19.62
N TYR D 621 15.00 -28.23 18.78
CA TYR D 621 14.59 -28.64 17.43
C TYR D 621 14.36 -30.14 17.24
N THR D 622 14.03 -30.88 18.30
CA THR D 622 13.90 -32.33 18.18
C THR D 622 12.54 -32.71 17.58
N ILE D 623 12.55 -33.25 16.36
CA ILE D 623 11.37 -33.74 15.67
C ILE D 623 11.23 -35.16 16.18
N GLU D 624 10.01 -35.66 16.45
CA GLU D 624 9.97 -37.00 16.99
C GLU D 624 10.33 -38.04 15.92
N ALA D 625 10.41 -39.28 16.36
CA ALA D 625 10.80 -40.36 15.45
C ALA D 625 9.67 -40.80 14.53
N GLY D 626 8.49 -41.08 15.08
CA GLY D 626 7.40 -41.57 14.27
C GLY D 626 7.58 -43.06 14.04
N ALA D 627 6.51 -43.83 14.17
CA ALA D 627 6.61 -45.29 14.07
C ALA D 627 7.01 -45.76 12.68
N LEU D 628 6.90 -44.90 11.68
CA LEU D 628 7.28 -45.24 10.32
C LEU D 628 8.74 -44.93 10.04
N MET D 629 9.24 -43.76 10.44
CA MET D 629 10.61 -43.42 10.09
C MET D 629 11.62 -44.27 10.83
N LEU D 630 11.30 -44.73 12.03
CA LEU D 630 12.28 -45.49 12.78
C LEU D 630 12.50 -46.93 12.30
N ALA D 631 11.88 -47.37 11.21
CA ALA D 631 12.14 -48.75 10.76
C ALA D 631 13.25 -48.84 9.74
N ASP D 632 14.41 -48.26 10.03
CA ASP D 632 15.52 -48.29 9.07
C ASP D 632 16.05 -49.70 8.95
N ASN D 633 16.18 -50.14 7.71
CA ASN D 633 16.57 -51.48 7.31
C ASN D 633 15.64 -52.50 7.96
N GLY D 634 14.35 -52.17 8.00
CA GLY D 634 13.38 -53.05 8.62
C GLY D 634 12.02 -52.89 7.99
N ILE D 635 11.13 -53.79 8.36
CA ILE D 635 9.76 -53.83 7.86
C ILE D 635 8.83 -53.16 8.85
N CYS D 636 8.11 -52.16 8.40
CA CYS D 636 7.13 -51.50 9.25
C CYS D 636 5.80 -52.00 8.72
N CYS D 637 5.13 -52.85 9.48
CA CYS D 637 3.87 -53.42 9.06
C CYS D 637 2.75 -52.62 9.70
N ILE D 638 1.78 -52.21 8.90
CA ILE D 638 0.69 -51.39 9.38
C ILE D 638 -0.64 -52.03 9.02
N ASP D 639 -1.56 -52.06 9.97
CA ASP D 639 -2.86 -52.65 9.81
C ASP D 639 -3.91 -51.56 9.70
N GLU D 640 -5.07 -51.93 9.12
CA GLU D 640 -6.27 -51.11 9.03
C GLU D 640 -6.01 -49.78 8.30
N PHE D 641 -5.69 -49.89 7.01
CA PHE D 641 -5.44 -48.68 6.22
C PHE D 641 -6.67 -47.79 6.13
N ASP D 642 -7.87 -48.37 6.20
CA ASP D 642 -9.11 -47.60 6.13
C ASP D 642 -9.27 -46.66 7.31
N LYS D 643 -8.62 -46.94 8.44
CA LYS D 643 -8.72 -46.06 9.59
C LYS D 643 -7.85 -44.81 9.47
N MET D 644 -7.03 -44.72 8.43
CA MET D 644 -6.13 -43.60 8.18
C MET D 644 -6.59 -42.79 6.96
N ASP D 645 -6.05 -41.58 6.81
CA ASP D 645 -6.45 -40.69 5.73
C ASP D 645 -5.56 -40.81 4.49
N ILE D 646 -5.84 -39.93 3.54
CA ILE D 646 -5.18 -39.89 2.25
C ILE D 646 -3.82 -39.20 2.29
N SER D 647 -3.62 -38.26 3.23
CA SER D 647 -2.34 -37.56 3.29
C SER D 647 -1.25 -38.52 3.73
N ASP D 648 -1.64 -39.47 4.59
CA ASP D 648 -0.74 -40.51 5.02
C ASP D 648 -0.33 -41.35 3.82
N GLN D 649 -1.28 -41.58 2.92
CA GLN D 649 -1.02 -42.36 1.72
C GLN D 649 -0.04 -41.62 0.83
N VAL D 650 -0.12 -40.29 0.85
CA VAL D 650 0.82 -39.49 0.09
C VAL D 650 2.20 -39.62 0.70
N ALA D 651 2.26 -39.61 2.03
CA ALA D 651 3.53 -39.77 2.72
C ALA D 651 4.10 -41.15 2.49
N ILE D 652 3.21 -42.13 2.28
CA ILE D 652 3.66 -43.47 1.92
C ILE D 652 4.37 -43.41 0.59
N HIS D 653 3.80 -42.65 -0.35
CA HIS D 653 4.43 -42.54 -1.66
C HIS D 653 5.73 -41.76 -1.58
N GLU D 654 5.80 -40.84 -0.61
CA GLU D 654 7.02 -40.07 -0.36
C GLU D 654 8.15 -40.98 0.07
N ALA D 655 7.89 -41.82 1.05
CA ALA D 655 8.91 -42.74 1.54
C ALA D 655 9.21 -43.82 0.54
N MET D 656 8.26 -44.17 -0.29
CA MET D 656 8.45 -45.24 -1.24
C MET D 656 9.12 -44.79 -2.51
N GLU D 657 9.32 -43.50 -2.72
CA GLU D 657 10.00 -43.10 -3.95
C GLU D 657 11.32 -42.42 -3.71
N GLN D 658 11.34 -41.38 -2.90
CA GLN D 658 12.58 -40.68 -2.62
C GLN D 658 13.44 -41.45 -1.65
N GLN D 659 12.79 -42.29 -0.83
CA GLN D 659 13.38 -43.06 0.26
C GLN D 659 13.93 -42.11 1.30
N THR D 660 13.43 -40.88 1.27
CA THR D 660 13.78 -39.81 2.17
C THR D 660 12.51 -39.03 2.50
N ILE D 661 12.60 -38.19 3.51
CA ILE D 661 11.56 -37.25 3.93
C ILE D 661 12.32 -35.97 4.20
N SER D 662 11.99 -34.92 3.46
CA SER D 662 12.65 -33.64 3.64
C SER D 662 11.82 -32.67 4.45
N ILE D 663 12.47 -31.95 5.35
CA ILE D 663 11.81 -30.96 6.18
C ILE D 663 12.74 -29.76 6.25
N ALA D 674 13.95 -42.49 5.99
CA ALA D 674 13.12 -43.69 5.90
C ALA D 674 13.54 -44.59 4.75
N ARG D 675 14.18 -45.69 5.11
CA ARG D 675 14.68 -46.74 4.22
C ARG D 675 13.96 -47.96 4.74
N THR D 676 12.71 -48.10 4.30
CA THR D 676 11.86 -49.17 4.79
C THR D 676 11.08 -49.85 3.71
N SER D 677 10.61 -51.03 4.08
CA SER D 677 9.70 -51.86 3.33
C SER D 677 8.46 -51.92 4.19
N ILE D 678 7.28 -51.82 3.59
CA ILE D 678 6.02 -51.77 4.33
C ILE D 678 5.16 -52.97 4.06
N LEU D 679 4.65 -53.58 5.12
CA LEU D 679 3.76 -54.70 5.02
C LEU D 679 2.37 -54.21 5.37
N ALA D 680 1.38 -54.69 4.62
CA ALA D 680 0.01 -54.25 4.79
C ALA D 680 -0.89 -55.38 5.21
N ALA D 681 -2.02 -54.97 5.77
CA ALA D 681 -3.07 -55.87 6.23
C ALA D 681 -4.38 -55.09 6.03
N ALA D 682 -5.07 -55.34 4.92
CA ALA D 682 -6.30 -54.60 4.72
C ALA D 682 -7.50 -55.53 4.75
N ASN D 683 -8.68 -54.93 4.62
CA ASN D 683 -9.95 -55.61 4.72
C ASN D 683 -10.96 -55.17 3.67
N PRO D 684 -11.93 -56.03 3.35
CA PRO D 684 -12.97 -55.65 2.38
C PRO D 684 -13.95 -54.61 2.92
N VAL D 685 -14.69 -54.02 1.97
CA VAL D 685 -15.69 -53.02 2.31
C VAL D 685 -16.88 -53.66 2.99
N GLY D 686 -17.48 -54.65 2.33
CA GLY D 686 -18.57 -55.44 2.81
C GLY D 686 -18.14 -56.55 3.72
N GLY D 687 -16.84 -56.66 3.98
CA GLY D 687 -16.30 -57.69 4.81
C GLY D 687 -15.89 -58.91 4.01
N ARG D 688 -16.52 -59.13 2.88
CA ARG D 688 -16.22 -60.25 2.03
C ARG D 688 -15.90 -59.71 0.64
N TYR D 689 -15.34 -60.56 -0.20
CA TYR D 689 -15.01 -60.18 -1.57
C TYR D 689 -16.15 -60.67 -2.43
N ASN D 690 -16.65 -59.82 -3.31
CA ASN D 690 -17.69 -60.21 -4.23
C ASN D 690 -16.99 -60.68 -5.48
N ARG D 691 -17.18 -61.96 -5.83
CA ARG D 691 -16.48 -62.53 -6.97
C ARG D 691 -17.00 -61.98 -8.29
N LYS D 692 -18.24 -61.52 -8.33
CA LYS D 692 -18.74 -60.92 -9.55
C LYS D 692 -18.16 -59.52 -9.73
N LEU D 693 -17.70 -58.91 -8.66
CA LEU D 693 -17.08 -57.60 -8.70
C LEU D 693 -15.59 -57.74 -8.96
N SER D 694 -14.98 -56.65 -9.35
CA SER D 694 -13.56 -56.68 -9.63
C SER D 694 -12.75 -56.50 -8.36
N LEU D 695 -11.45 -56.79 -8.48
CA LEU D 695 -10.55 -56.61 -7.34
C LEU D 695 -10.26 -55.15 -7.04
N ARG D 696 -10.30 -54.25 -8.05
CA ARG D 696 -10.01 -52.84 -7.79
C ARG D 696 -11.04 -52.19 -6.90
N GLY D 697 -12.27 -52.71 -6.88
CA GLY D 697 -13.30 -52.15 -6.02
C GLY D 697 -13.31 -52.75 -4.62
N ASN D 698 -12.19 -53.33 -4.20
CA ASN D 698 -12.13 -53.95 -2.90
C ASN D 698 -10.87 -53.62 -2.13
N LEU D 699 -9.84 -53.06 -2.78
CA LEU D 699 -8.62 -52.71 -2.05
C LEU D 699 -8.82 -51.43 -1.27
N ASN D 700 -9.68 -50.54 -1.77
CA ASN D 700 -9.98 -49.23 -1.18
C ASN D 700 -8.72 -48.38 -1.09
N MET D 701 -8.03 -48.25 -2.23
CA MET D 701 -6.85 -47.43 -2.27
C MET D 701 -6.79 -46.77 -3.63
N THR D 702 -5.85 -45.85 -3.79
CA THR D 702 -5.72 -45.14 -5.04
C THR D 702 -4.84 -45.91 -5.99
N ALA D 703 -4.71 -45.39 -7.20
CA ALA D 703 -3.92 -46.08 -8.21
C ALA D 703 -2.43 -46.05 -7.95
N PRO D 704 -1.76 -44.91 -7.64
CA PRO D 704 -0.31 -45.00 -7.47
C PRO D 704 0.16 -45.73 -6.25
N ILE D 705 -0.55 -45.68 -5.12
CA ILE D 705 -0.05 -46.46 -4.00
C ILE D 705 -0.27 -47.94 -4.26
N MET D 706 -1.29 -48.28 -5.05
CA MET D 706 -1.52 -49.68 -5.37
C MET D 706 -0.45 -50.14 -6.32
N SER D 707 -0.10 -49.30 -7.27
CA SER D 707 0.95 -49.63 -8.22
C SER D 707 2.31 -49.64 -7.55
N ARG D 708 2.47 -48.91 -6.45
CA ARG D 708 3.76 -48.92 -5.78
C ARG D 708 3.96 -50.26 -5.07
N PHE D 709 2.86 -50.92 -4.74
CA PHE D 709 2.89 -52.19 -4.03
C PHE D 709 3.37 -53.23 -5.02
N ASP D 710 4.14 -54.22 -4.55
CA ASP D 710 4.66 -55.22 -5.49
C ASP D 710 3.74 -56.43 -5.56
N LEU D 711 3.47 -57.06 -4.42
CA LEU D 711 2.67 -58.26 -4.37
C LEU D 711 1.40 -58.01 -3.57
N PHE D 712 0.35 -58.79 -3.83
CA PHE D 712 -0.95 -58.58 -3.19
C PHE D 712 -1.41 -59.68 -2.23
N PHE D 713 -1.34 -60.95 -2.63
CA PHE D 713 -1.70 -62.09 -1.78
C PHE D 713 -3.14 -62.00 -1.27
N VAL D 714 -4.06 -62.15 -2.20
CA VAL D 714 -5.46 -62.16 -1.82
C VAL D 714 -5.76 -63.51 -1.23
N ILE D 715 -6.32 -63.54 -0.03
CA ILE D 715 -6.71 -64.79 0.63
C ILE D 715 -8.16 -64.70 1.05
N LEU D 716 -8.94 -65.70 0.61
CA LEU D 716 -10.33 -65.83 0.98
C LEU D 716 -10.59 -67.31 1.25
N ASP D 717 -11.38 -67.57 2.28
CA ASP D 717 -11.67 -68.93 2.70
C ASP D 717 -13.15 -69.25 2.61
N ASP D 718 -13.41 -70.54 2.57
CA ASP D 718 -14.73 -71.15 2.51
C ASP D 718 -14.87 -72.10 3.71
N CYS D 719 -15.95 -72.87 3.75
CA CYS D 719 -16.14 -73.85 4.80
C CYS D 719 -16.02 -75.25 4.22
N ASN D 720 -15.16 -76.06 4.84
CA ASN D 720 -14.96 -77.45 4.48
C ASN D 720 -14.45 -78.15 5.70
N GLU D 721 -15.11 -79.24 6.09
CA GLU D 721 -14.77 -79.92 7.34
C GLU D 721 -13.38 -80.55 7.29
N LYS D 722 -12.88 -80.92 6.11
CA LYS D 722 -11.56 -81.52 6.05
C LYS D 722 -10.45 -80.53 6.34
N ILE D 723 -10.45 -79.40 5.66
CA ILE D 723 -9.38 -78.42 5.87
C ILE D 723 -9.55 -77.72 7.22
N ASP D 724 -10.79 -77.47 7.63
CA ASP D 724 -11.02 -76.82 8.92
C ASP D 724 -10.62 -77.71 10.08
N THR D 725 -10.90 -79.01 9.98
CA THR D 725 -10.49 -79.89 11.06
C THR D 725 -8.99 -80.15 11.04
N GLU D 726 -8.35 -80.25 9.87
CA GLU D 726 -6.91 -80.51 9.90
C GLU D 726 -6.12 -79.31 10.39
N LEU D 727 -6.49 -78.10 9.97
CA LEU D 727 -5.75 -76.94 10.44
C LEU D 727 -6.09 -76.65 11.89
N ALA D 728 -7.36 -76.87 12.28
CA ALA D 728 -7.78 -76.65 13.65
C ALA D 728 -7.11 -77.66 14.56
N SER D 729 -6.96 -78.89 14.07
CA SER D 729 -6.31 -79.92 14.85
C SER D 729 -4.84 -79.60 15.02
N HIS D 730 -4.23 -78.99 14.01
CA HIS D 730 -2.82 -78.65 14.12
C HIS D 730 -2.61 -77.51 15.11
N ILE D 731 -3.48 -76.52 15.07
CA ILE D 731 -3.33 -75.39 15.98
C ILE D 731 -3.70 -75.79 17.42
N VAL D 732 -4.73 -76.62 17.59
CA VAL D 732 -5.09 -77.07 18.93
C VAL D 732 -3.98 -77.96 19.48
N ASP D 733 -3.32 -78.74 18.62
CA ASP D 733 -2.20 -79.54 19.10
C ASP D 733 -1.01 -78.65 19.42
N LEU D 734 -0.98 -77.44 18.87
CA LEU D 734 0.04 -76.50 19.29
C LEU D 734 -0.29 -76.01 20.68
N HIS D 735 -1.60 -75.74 20.95
CA HIS D 735 -1.98 -75.35 22.31
C HIS D 735 -1.87 -76.53 23.25
N MET D 736 -1.91 -77.75 22.72
CA MET D 736 -1.63 -78.93 23.50
C MET D 736 -0.18 -78.84 23.84
N LYS D 737 0.14 -78.68 25.13
CA LYS D 737 1.56 -78.60 25.48
C LYS D 737 2.25 -79.92 25.17
N ARG D 738 1.48 -81.01 25.15
CA ARG D 738 1.95 -82.28 24.66
C ARG D 738 2.00 -82.13 23.14
N ASP D 739 3.10 -82.59 22.54
CA ASP D 739 3.35 -82.57 21.09
C ASP D 739 3.31 -81.16 20.49
N GLU D 740 3.69 -80.13 21.25
CA GLU D 740 3.75 -78.79 20.69
C GLU D 740 5.14 -78.49 20.17
N ALA D 741 6.01 -79.50 20.15
CA ALA D 741 7.39 -79.39 19.70
C ALA D 741 7.57 -79.84 18.27
N ILE D 742 6.62 -79.48 17.37
CA ILE D 742 6.73 -79.83 15.96
C ILE D 742 8.04 -79.29 15.39
N GLU D 743 8.66 -80.06 14.54
CA GLU D 743 9.99 -79.66 14.10
C GLU D 743 10.09 -79.19 12.67
N PRO D 744 10.41 -77.91 12.47
CA PRO D 744 10.73 -77.46 11.16
C PRO D 744 12.08 -78.05 10.81
N PRO D 745 12.42 -78.19 9.53
CA PRO D 745 13.73 -78.79 9.20
C PRO D 745 14.91 -77.95 9.62
N PHE D 746 14.73 -76.64 9.80
CA PHE D 746 15.80 -75.78 10.28
C PHE D 746 15.39 -75.14 11.59
N SER D 747 16.39 -74.83 12.41
CA SER D 747 16.07 -74.13 13.63
C SER D 747 15.99 -72.65 13.31
N ALA D 748 15.53 -71.87 14.27
CA ALA D 748 15.42 -70.44 14.04
C ALA D 748 16.78 -69.77 14.02
N GLU D 749 17.73 -70.31 14.77
CA GLU D 749 19.02 -69.63 14.86
C GLU D 749 19.95 -70.00 13.75
N GLN D 750 19.86 -71.21 13.25
CA GLN D 750 20.68 -71.52 12.11
C GLN D 750 20.08 -70.86 10.88
N LEU D 751 18.75 -70.64 10.91
CA LEU D 751 18.09 -69.94 9.83
C LEU D 751 18.51 -68.49 9.80
N ARG D 752 18.53 -67.83 10.97
CA ARG D 752 18.96 -66.43 10.99
C ARG D 752 20.44 -66.30 10.65
N ARG D 753 21.25 -67.29 11.04
CA ARG D 753 22.66 -67.28 10.67
C ARG D 753 22.78 -67.43 9.16
N TYR D 754 21.88 -68.20 8.58
CA TYR D 754 21.85 -68.44 7.16
C TYR D 754 21.41 -67.20 6.42
N ILE D 755 20.53 -66.40 7.03
CA ILE D 755 20.11 -65.15 6.40
C ILE D 755 21.26 -64.14 6.45
N LYS D 756 22.02 -64.16 7.55
CA LYS D 756 23.12 -63.22 7.67
C LYS D 756 24.21 -63.54 6.65
N TYR D 757 24.46 -64.82 6.45
CA TYR D 757 25.42 -65.17 5.42
C TYR D 757 24.83 -64.94 4.03
N ALA D 758 23.51 -65.07 3.91
CA ALA D 758 22.86 -64.92 2.61
C ALA D 758 22.81 -63.49 2.11
N ARG D 759 22.81 -62.51 3.01
CA ARG D 759 22.80 -61.14 2.49
C ARG D 759 24.18 -60.75 1.97
N THR D 760 25.20 -61.54 2.26
CA THR D 760 26.55 -61.25 1.83
C THR D 760 26.87 -61.90 0.50
N PHE D 761 25.91 -61.94 -0.44
CA PHE D 761 26.14 -62.59 -1.74
C PHE D 761 26.50 -61.66 -2.90
N LYS D 762 25.75 -60.54 -3.12
CA LYS D 762 25.98 -59.55 -4.18
C LYS D 762 26.02 -60.21 -5.56
N PRO D 763 24.86 -60.55 -6.13
CA PRO D 763 24.82 -61.26 -7.42
C PRO D 763 25.08 -60.34 -8.61
N ILE D 764 25.95 -60.79 -9.52
CA ILE D 764 26.20 -60.05 -10.75
C ILE D 764 25.59 -60.88 -11.84
N LEU D 765 24.46 -60.45 -12.39
CA LEU D 765 23.84 -61.17 -13.48
C LEU D 765 24.57 -60.81 -14.77
N THR D 766 25.08 -61.81 -15.47
CA THR D 766 25.81 -61.64 -16.72
C THR D 766 25.26 -62.65 -17.73
N LYS D 767 23.93 -62.67 -17.88
CA LYS D 767 23.24 -63.62 -18.73
C LYS D 767 22.49 -62.97 -19.88
N GLU D 768 22.58 -63.63 -21.03
CA GLU D 768 21.97 -63.22 -22.28
C GLU D 768 20.44 -63.23 -22.20
N ALA D 769 19.86 -63.95 -21.25
CA ALA D 769 18.41 -64.05 -21.07
C ALA D 769 17.75 -62.78 -20.61
N ARG D 770 18.53 -61.71 -20.52
CA ARG D 770 18.02 -60.40 -20.22
C ARG D 770 17.08 -59.95 -21.34
N SER D 771 17.34 -60.41 -22.56
CA SER D 771 16.47 -60.08 -23.66
C SER D 771 15.24 -60.93 -23.57
N TYR D 772 15.40 -62.16 -23.09
CA TYR D 772 14.26 -63.04 -22.91
C TYR D 772 13.34 -62.45 -21.86
N LEU D 773 13.93 -61.74 -20.91
CA LEU D 773 13.16 -61.02 -19.92
C LEU D 773 12.46 -59.85 -20.57
N VAL D 774 13.05 -59.28 -21.62
CA VAL D 774 12.42 -58.13 -22.27
C VAL D 774 11.19 -58.57 -23.07
N GLU D 775 11.31 -59.63 -23.90
CA GLU D 775 10.09 -60.08 -24.58
C GLU D 775 9.12 -60.67 -23.61
N LYS D 776 9.63 -61.14 -22.47
CA LYS D 776 8.78 -61.61 -21.43
C LYS D 776 7.99 -60.43 -20.87
N TYR D 777 8.61 -59.26 -20.83
CA TYR D 777 7.87 -58.08 -20.42
C TYR D 777 6.87 -57.66 -21.50
N LYS D 778 7.22 -57.91 -22.75
CA LYS D 778 6.30 -57.52 -23.80
C LYS D 778 5.06 -58.38 -23.78
N GLU D 779 5.25 -59.67 -23.55
CA GLU D 779 4.11 -60.54 -23.46
C GLU D 779 3.42 -60.36 -22.13
N LEU D 780 4.09 -59.73 -21.17
CA LEU D 780 3.48 -59.38 -19.92
C LEU D 780 2.58 -58.18 -20.11
N ARG D 781 2.83 -57.40 -21.14
CA ARG D 781 1.99 -56.24 -21.31
C ARG D 781 0.96 -56.44 -22.39
N LYS D 782 1.21 -57.32 -23.35
CA LYS D 782 0.22 -57.55 -24.41
C LYS D 782 -1.01 -58.26 -23.87
N ASP D 783 -0.82 -59.21 -22.96
CA ASP D 783 -1.99 -59.87 -22.43
C ASP D 783 -2.71 -58.96 -21.46
N ASP D 784 -1.96 -58.10 -20.79
CA ASP D 784 -2.58 -57.15 -19.89
C ASP D 784 -3.20 -56.00 -20.67
N ALA D 785 -2.84 -55.88 -21.94
CA ALA D 785 -3.44 -54.91 -22.83
C ALA D 785 -4.82 -55.37 -23.24
N GLN D 786 -5.11 -56.65 -23.03
CA GLN D 786 -6.39 -57.25 -23.33
C GLN D 786 -7.17 -57.47 -22.04
N GLY D 787 -8.49 -57.26 -22.13
CA GLY D 787 -9.41 -57.45 -21.02
C GLY D 787 -9.37 -56.49 -19.86
N PHE D 788 -9.81 -55.25 -20.08
CA PHE D 788 -9.89 -54.26 -19.02
C PHE D 788 -11.23 -54.28 -18.29
N SER D 789 -11.95 -55.39 -18.35
CA SER D 789 -13.26 -55.47 -17.70
C SER D 789 -13.12 -55.73 -16.21
N ARG D 790 -12.46 -56.83 -15.85
CA ARG D 790 -12.28 -57.21 -14.45
C ARG D 790 -10.96 -56.62 -13.99
N SER D 791 -11.04 -55.50 -13.26
CA SER D 791 -9.90 -54.75 -12.71
C SER D 791 -8.89 -54.33 -13.77
N TYR D 793 -5.36 -54.29 -15.65
CA TYR D 793 -4.54 -53.24 -15.07
C TYR D 793 -3.66 -52.56 -16.01
N ARG D 794 -3.59 -51.25 -15.85
CA ARG D 794 -2.72 -50.44 -16.67
C ARG D 794 -1.31 -50.57 -16.08
N ILE D 795 -0.70 -51.70 -16.44
CA ILE D 795 0.59 -52.18 -15.96
C ILE D 795 1.66 -51.13 -16.07
N THR D 796 2.34 -50.93 -14.97
CA THR D 796 3.28 -49.88 -14.71
C THR D 796 4.70 -50.33 -14.99
N VAL D 797 5.54 -49.36 -15.38
CA VAL D 797 6.97 -49.55 -15.57
C VAL D 797 7.59 -50.14 -14.31
N ARG D 798 7.07 -49.71 -13.16
CA ARG D 798 7.48 -50.17 -11.85
C ARG D 798 7.31 -51.67 -11.70
N GLN D 799 6.29 -52.24 -12.34
CA GLN D 799 6.06 -53.67 -12.26
C GLN D 799 7.25 -54.41 -12.85
N LEU D 800 7.77 -53.90 -13.96
CA LEU D 800 8.95 -54.47 -14.61
C LEU D 800 10.20 -54.32 -13.76
N GLU D 801 10.37 -53.16 -13.14
CA GLU D 801 11.57 -53.00 -12.32
C GLU D 801 11.49 -53.88 -11.08
N SER D 802 10.28 -54.08 -10.58
CA SER D 802 10.08 -54.96 -9.45
C SER D 802 10.32 -56.39 -9.86
N MET D 803 10.03 -56.73 -11.12
CA MET D 803 10.29 -58.06 -11.62
C MET D 803 11.78 -58.32 -11.66
N ILE D 804 12.55 -57.27 -11.95
CA ILE D 804 14.00 -57.40 -11.96
C ILE D 804 14.50 -57.74 -10.58
N ARG D 805 14.11 -56.94 -9.59
CA ARG D 805 14.58 -57.20 -8.24
C ARG D 805 14.02 -58.51 -7.64
N LEU D 806 12.86 -58.97 -8.12
CA LEU D 806 12.36 -60.24 -7.60
C LEU D 806 13.20 -61.39 -8.13
N SER D 807 13.62 -61.28 -9.40
CA SER D 807 14.46 -62.33 -9.93
C SER D 807 15.84 -62.28 -9.32
N GLU D 808 16.23 -61.12 -8.81
CA GLU D 808 17.49 -61.00 -8.10
C GLU D 808 17.42 -61.80 -6.79
N ALA D 809 16.42 -61.47 -5.96
CA ALA D 809 16.32 -62.08 -4.64
C ALA D 809 15.90 -63.55 -4.62
N ILE D 810 15.27 -64.08 -5.66
CA ILE D 810 14.98 -65.53 -5.64
C ILE D 810 16.27 -66.31 -5.70
N ALA D 811 17.16 -65.92 -6.61
CA ALA D 811 18.45 -66.57 -6.72
C ALA D 811 19.30 -66.26 -5.51
N ARG D 812 19.02 -65.12 -4.86
CA ARG D 812 19.72 -64.85 -3.61
C ARG D 812 19.26 -65.86 -2.55
N ALA D 813 17.99 -66.24 -2.60
CA ALA D 813 17.49 -67.24 -1.69
C ALA D 813 18.00 -68.61 -2.05
N ASN D 814 18.45 -68.77 -3.29
CA ASN D 814 18.97 -70.03 -3.75
C ASN D 814 20.48 -70.10 -3.66
N CYS D 815 21.15 -69.02 -3.21
CA CYS D 815 22.61 -68.92 -3.14
C CYS D 815 23.20 -69.12 -4.51
N VAL D 816 22.64 -68.41 -5.48
CA VAL D 816 23.04 -68.54 -6.87
C VAL D 816 23.32 -67.17 -7.47
N ASP D 817 24.53 -66.99 -8.00
CA ASP D 817 24.86 -65.76 -8.70
C ASP D 817 24.57 -66.04 -10.17
N GLU D 818 24.56 -64.98 -10.99
CA GLU D 818 24.30 -65.08 -12.44
C GLU D 818 22.95 -65.75 -12.71
N ILE D 819 21.90 -64.99 -12.43
CA ILE D 819 20.51 -65.48 -12.44
C ILE D 819 20.15 -66.12 -13.76
N THR D 820 19.68 -67.35 -13.68
CA THR D 820 19.27 -68.19 -14.79
C THR D 820 17.93 -67.74 -15.36
N PRO D 821 17.66 -68.04 -16.64
CA PRO D 821 16.34 -67.70 -17.19
C PRO D 821 15.25 -68.52 -16.59
N SER D 822 15.59 -69.64 -15.96
CA SER D 822 14.60 -70.41 -15.26
C SER D 822 14.11 -69.63 -14.07
N PHE D 823 15.01 -68.90 -13.40
CA PHE D 823 14.64 -68.08 -12.27
C PHE D 823 13.83 -66.92 -12.74
N ILE D 824 14.12 -66.46 -13.94
CA ILE D 824 13.37 -65.38 -14.54
C ILE D 824 11.96 -65.85 -14.77
N ALA D 825 11.83 -67.06 -15.31
CA ALA D 825 10.52 -67.64 -15.58
C ALA D 825 9.77 -67.91 -14.29
N GLU D 826 10.50 -68.23 -13.23
CA GLU D 826 9.84 -68.45 -11.94
C GLU D 826 9.30 -67.14 -11.39
N ALA D 827 10.10 -66.08 -11.48
CA ALA D 827 9.63 -64.78 -11.02
C ALA D 827 8.52 -64.29 -11.94
N TYR D 828 8.59 -64.68 -13.20
CA TYR D 828 7.58 -64.29 -14.16
C TYR D 828 6.27 -64.97 -13.85
N ASP D 829 6.33 -66.26 -13.54
CA ASP D 829 5.12 -66.95 -13.19
C ASP D 829 4.65 -66.49 -11.84
N LEU D 830 5.57 -66.00 -11.04
CA LEU D 830 5.20 -65.46 -9.75
C LEU D 830 4.35 -64.23 -9.95
N LEU D 831 4.82 -63.30 -10.77
CA LEU D 831 4.00 -62.12 -11.00
C LEU D 831 2.85 -62.40 -11.94
N ARG D 832 2.98 -63.44 -12.77
CA ARG D 832 1.91 -63.81 -13.66
C ARG D 832 0.72 -64.32 -12.89
N GLN D 833 0.91 -65.35 -12.08
CA GLN D 833 -0.24 -65.79 -11.31
C GLN D 833 -0.54 -64.83 -10.17
N SER D 834 0.39 -63.94 -9.81
CA SER D 834 0.09 -62.94 -8.81
C SER D 834 -0.94 -61.97 -9.35
N ILE D 835 -0.85 -61.66 -10.63
CA ILE D 835 -1.84 -60.74 -11.19
C ILE D 835 -3.06 -61.50 -11.69
N ILE D 836 -2.92 -62.78 -12.04
CA ILE D 836 -4.11 -63.55 -12.44
C ILE D 836 -5.00 -63.81 -11.24
N ARG D 837 -4.42 -63.92 -10.04
CA ARG D 837 -5.21 -64.03 -8.82
C ARG D 837 -6.00 -62.77 -8.52
N VAL D 838 -5.69 -61.68 -9.20
CA VAL D 838 -6.32 -60.39 -9.04
C VAL D 838 -7.29 -60.27 -10.23
N ASP D 839 -6.92 -60.90 -11.34
CA ASP D 839 -7.68 -60.86 -12.59
C ASP D 839 -8.98 -61.63 -12.54
N VAL D 840 -9.16 -62.50 -11.55
CA VAL D 840 -10.37 -63.33 -11.34
C VAL D 840 -10.61 -64.27 -12.52
N PRO E 201 58.65 -27.53 20.99
CA PRO E 201 59.44 -27.94 19.82
C PRO E 201 60.01 -26.75 19.02
N ASN E 202 61.33 -26.60 19.10
CA ASN E 202 62.09 -25.53 18.46
C ASN E 202 62.63 -25.90 17.09
N VAL E 203 62.45 -27.14 16.66
CA VAL E 203 62.95 -27.62 15.38
C VAL E 203 62.16 -27.05 14.19
N SER E 204 60.97 -26.48 14.45
CA SER E 204 60.14 -25.89 13.41
C SER E 204 60.83 -24.72 12.71
N ARG E 205 61.86 -24.17 13.35
CA ARG E 205 62.74 -23.18 12.74
C ARG E 205 63.35 -23.73 11.47
N THR E 206 63.95 -24.91 11.58
CA THR E 206 64.52 -25.58 10.42
C THR E 206 63.42 -26.15 9.52
N ILE E 207 62.25 -26.46 10.09
CA ILE E 207 61.18 -27.03 9.26
C ILE E 207 60.51 -25.97 8.38
N ALA E 208 60.65 -24.69 8.75
CA ALA E 208 60.06 -23.64 7.93
C ALA E 208 60.72 -23.52 6.57
N ARG E 209 62.01 -23.83 6.48
CA ARG E 209 62.71 -23.81 5.21
C ARG E 209 62.22 -24.92 4.29
N GLU E 210 62.00 -26.08 4.86
CA GLU E 210 61.60 -27.26 4.12
C GLU E 210 60.12 -27.34 3.81
N LEU E 211 59.27 -26.60 4.54
CA LEU E 211 57.84 -26.72 4.26
C LEU E 211 57.44 -25.94 3.01
N LYS E 212 58.34 -25.14 2.47
CA LYS E 212 58.08 -24.45 1.22
C LYS E 212 58.58 -25.25 0.04
N SER E 213 59.28 -26.35 0.33
CA SER E 213 59.68 -27.29 -0.70
C SER E 213 58.48 -28.10 -1.18
N PHE E 214 57.36 -27.97 -0.47
CA PHE E 214 56.05 -28.53 -0.76
C PHE E 214 55.15 -27.48 -1.35
N LEU E 215 55.39 -26.25 -0.97
CA LEU E 215 54.53 -25.17 -1.40
C LEU E 215 54.72 -24.83 -2.88
N LEU E 216 55.90 -24.34 -3.25
CA LEU E 216 56.08 -23.85 -4.61
C LEU E 216 56.60 -24.88 -5.63
N GLU E 217 56.73 -26.16 -5.27
CA GLU E 217 57.17 -27.09 -6.31
C GLU E 217 56.41 -28.41 -6.19
N TYR E 218 55.15 -28.33 -5.80
CA TYR E 218 54.27 -29.47 -5.70
C TYR E 218 53.96 -29.93 -7.11
N THR E 219 54.70 -30.92 -7.57
CA THR E 219 54.58 -31.41 -8.93
C THR E 219 53.59 -32.56 -8.95
N ASP E 220 52.41 -32.30 -9.52
CA ASP E 220 51.35 -33.29 -9.63
C ASP E 220 50.63 -33.00 -10.93
N GLU E 221 50.38 -34.04 -11.73
CA GLU E 221 49.80 -33.97 -13.06
C GLU E 221 50.68 -33.07 -13.94
N THR E 222 51.90 -33.55 -14.16
CA THR E 222 52.94 -32.90 -14.97
C THR E 222 53.29 -31.51 -14.41
N GLY E 223 53.92 -31.54 -13.24
CA GLY E 223 54.31 -30.30 -12.59
C GLY E 223 53.09 -29.65 -11.98
N ARG E 224 52.72 -28.45 -12.44
CA ARG E 224 51.51 -27.75 -12.00
C ARG E 224 51.51 -27.50 -10.50
N SER E 225 52.42 -26.61 -10.07
CA SER E 225 52.46 -26.22 -8.66
C SER E 225 51.20 -25.42 -8.38
N VAL E 226 50.17 -26.12 -7.86
CA VAL E 226 48.88 -25.50 -7.62
C VAL E 226 48.98 -24.46 -6.54
N TYR E 227 49.87 -24.67 -5.58
CA TYR E 227 50.09 -23.66 -4.57
C TYR E 227 50.83 -22.47 -5.17
N GLY E 228 51.95 -22.72 -5.87
CA GLY E 228 52.70 -21.62 -6.45
C GLY E 228 51.94 -20.87 -7.53
N ALA E 229 51.11 -21.58 -8.31
CA ALA E 229 50.28 -20.89 -9.28
C ALA E 229 49.12 -20.21 -8.61
N ARG E 230 48.74 -20.70 -7.45
CA ARG E 230 47.62 -20.15 -6.72
C ARG E 230 47.98 -18.85 -6.00
N ILE E 231 49.21 -18.73 -5.48
CA ILE E 231 49.63 -17.58 -4.67
C ILE E 231 49.53 -16.27 -5.43
N ARG E 232 49.89 -16.29 -6.70
CA ARG E 232 49.79 -15.09 -7.49
C ARG E 232 48.34 -14.68 -7.68
N THR E 233 47.44 -15.67 -7.65
CA THR E 233 46.02 -15.37 -7.76
C THR E 233 45.42 -14.99 -6.41
N LEU E 234 46.05 -15.47 -5.32
CA LEU E 234 45.58 -15.14 -3.98
C LEU E 234 45.87 -13.68 -3.69
N GLY E 235 47.13 -13.27 -3.92
CA GLY E 235 47.44 -11.88 -3.72
C GLY E 235 46.84 -11.01 -4.78
N GLU E 236 46.51 -11.61 -5.93
CA GLU E 236 45.81 -10.90 -6.97
C GLU E 236 44.43 -10.49 -6.52
N MET E 237 43.71 -11.39 -5.89
CA MET E 237 42.38 -11.07 -5.41
C MET E 237 42.35 -10.49 -3.99
N ASN E 238 43.48 -10.52 -3.26
CA ASN E 238 43.61 -10.11 -1.84
C ASN E 238 42.66 -10.89 -0.93
N SER E 239 42.60 -12.18 -1.14
CA SER E 239 41.71 -13.05 -0.40
C SER E 239 42.18 -13.36 1.02
N GLU E 240 43.47 -13.15 1.34
CA GLU E 240 44.14 -13.44 2.61
C GLU E 240 43.81 -14.82 3.17
N SER E 241 43.72 -15.79 2.26
CA SER E 241 43.40 -17.17 2.56
C SER E 241 44.09 -18.08 1.56
N LEU E 242 44.57 -19.22 2.02
CA LEU E 242 45.22 -20.19 1.17
C LEU E 242 44.58 -21.52 1.55
N GLU E 243 44.31 -22.35 0.58
CA GLU E 243 43.65 -23.62 0.89
C GLU E 243 44.67 -24.74 0.87
N VAL E 244 44.57 -25.66 1.84
CA VAL E 244 45.43 -26.82 1.88
C VAL E 244 44.57 -28.09 1.99
N ASN E 245 44.67 -28.94 0.98
CA ASN E 245 44.02 -30.24 0.95
C ASN E 245 44.74 -31.22 1.86
N TYR E 246 43.99 -31.91 2.70
CA TYR E 246 44.58 -32.90 3.57
C TYR E 246 45.14 -34.07 2.76
N ARG E 247 44.67 -34.27 1.52
CA ARG E 247 45.20 -35.30 0.65
C ARG E 247 46.63 -35.02 0.25
N HIS E 248 46.91 -33.77 -0.14
CA HIS E 248 48.22 -33.42 -0.65
C HIS E 248 49.24 -33.39 0.46
N LEU E 249 48.82 -32.96 1.63
CA LEU E 249 49.74 -32.92 2.74
C LEU E 249 49.98 -34.31 3.26
N ALA E 250 48.96 -35.16 3.19
CA ALA E 250 49.13 -36.54 3.63
C ALA E 250 49.93 -37.31 2.61
N GLU E 251 49.84 -36.90 1.35
CA GLU E 251 50.54 -37.55 0.26
C GLU E 251 52.01 -37.21 0.26
N SER E 252 52.37 -35.94 0.44
CA SER E 252 53.77 -35.60 0.36
C SER E 252 54.52 -35.92 1.63
N LYS E 253 54.18 -35.26 2.73
CA LYS E 253 54.86 -35.45 4.01
C LYS E 253 53.85 -35.57 5.14
N ALA E 254 53.59 -36.82 5.55
CA ALA E 254 52.63 -37.12 6.60
C ALA E 254 53.17 -36.86 7.99
N ILE E 255 54.42 -36.41 8.12
CA ILE E 255 54.96 -36.04 9.42
C ILE E 255 54.22 -34.82 9.89
N LEU E 256 53.77 -34.01 8.94
CA LEU E 256 52.97 -32.84 9.26
C LEU E 256 51.56 -33.26 9.62
N ALA E 257 51.10 -34.43 9.13
CA ALA E 257 49.76 -34.90 9.52
C ALA E 257 49.81 -35.30 10.98
N LEU E 258 50.94 -35.88 11.38
CA LEU E 258 51.19 -36.15 12.77
C LEU E 258 51.30 -34.84 13.53
N PHE E 259 51.86 -33.83 12.87
CA PHE E 259 51.98 -32.52 13.49
C PHE E 259 50.64 -31.80 13.53
N LEU E 260 49.63 -32.35 12.88
CA LEU E 260 48.27 -31.82 12.87
C LEU E 260 47.50 -32.42 14.02
N ALA E 261 47.50 -33.74 14.08
CA ALA E 261 46.75 -34.39 15.14
C ALA E 261 47.44 -34.17 16.49
N LYS E 262 48.77 -34.15 16.54
CA LYS E 262 49.38 -33.94 17.85
C LYS E 262 49.37 -32.47 18.28
N CYS E 263 49.90 -31.57 17.45
CA CYS E 263 49.96 -30.14 17.78
C CYS E 263 49.47 -29.24 16.65
N PRO E 264 48.14 -29.05 16.52
CA PRO E 264 47.63 -28.17 15.47
C PRO E 264 47.73 -26.71 15.80
N GLU E 265 48.02 -26.38 17.06
CA GLU E 265 48.03 -25.00 17.49
C GLU E 265 49.24 -24.22 16.98
N GLU E 266 50.46 -24.59 17.37
CA GLU E 266 51.59 -23.77 16.92
C GLU E 266 52.02 -24.05 15.51
N MET E 267 51.57 -25.16 14.91
CA MET E 267 51.96 -25.48 13.55
C MET E 267 51.39 -24.44 12.59
N LEU E 268 50.19 -23.93 12.86
CA LEU E 268 49.62 -22.92 11.99
C LEU E 268 50.33 -21.61 12.17
N LYS E 269 50.81 -21.35 13.39
CA LYS E 269 51.50 -20.11 13.67
C LYS E 269 52.86 -20.10 13.00
N ILE E 270 53.41 -21.28 12.78
CA ILE E 270 54.66 -21.34 12.05
C ILE E 270 54.42 -21.40 10.55
N PHE E 271 53.32 -22.00 10.12
CA PHE E 271 53.02 -22.19 8.70
C PHE E 271 52.51 -20.93 8.00
N ASP E 272 51.67 -20.14 8.66
CA ASP E 272 51.10 -18.98 7.97
C ASP E 272 52.12 -17.86 7.78
N LEU E 273 53.04 -17.69 8.73
CA LEU E 273 54.02 -16.62 8.63
C LEU E 273 55.04 -16.92 7.55
N VAL E 274 55.36 -18.19 7.38
CA VAL E 274 56.28 -18.51 6.31
C VAL E 274 55.52 -18.41 4.99
N ALA E 275 54.19 -18.64 5.01
CA ALA E 275 53.41 -18.46 3.78
C ALA E 275 53.35 -16.98 3.42
N MET E 276 53.36 -16.12 4.44
CA MET E 276 53.37 -14.68 4.26
C MET E 276 54.67 -14.23 3.62
N GLU E 277 55.80 -14.67 4.17
CA GLU E 277 57.08 -14.28 3.60
C GLU E 277 57.30 -14.96 2.25
N ALA E 278 56.70 -16.12 2.04
CA ALA E 278 56.79 -16.81 0.76
C ALA E 278 55.90 -16.17 -0.28
N THR E 279 54.93 -15.40 0.17
CA THR E 279 54.06 -14.71 -0.76
C THR E 279 54.67 -13.36 -1.08
N GLU E 280 55.34 -12.76 -0.10
CA GLU E 280 55.95 -11.46 -0.28
C GLU E 280 57.20 -11.55 -1.14
N LEU E 281 57.81 -12.74 -1.27
CA LEU E 281 58.91 -12.84 -2.21
C LEU E 281 58.40 -12.80 -3.64
N HIS E 282 57.11 -13.10 -3.81
CA HIS E 282 56.44 -13.08 -5.09
C HIS E 282 55.87 -11.70 -5.37
N TYR E 283 55.19 -11.08 -4.40
CA TYR E 283 54.69 -9.72 -4.59
C TYR E 283 55.54 -8.82 -3.73
N PRO E 284 56.23 -7.84 -4.32
CA PRO E 284 57.13 -6.99 -3.54
C PRO E 284 56.43 -6.00 -2.66
N ASP E 285 55.17 -5.69 -2.93
CA ASP E 285 54.48 -4.68 -2.15
C ASP E 285 53.16 -5.21 -1.59
N TYR E 286 53.06 -6.51 -1.36
CA TYR E 286 51.82 -7.06 -0.86
C TYR E 286 51.58 -6.70 0.61
N ALA E 287 52.63 -6.34 1.36
CA ALA E 287 52.47 -5.99 2.76
C ALA E 287 51.58 -4.78 3.00
N ARG E 288 51.32 -4.00 1.97
CA ARG E 288 50.41 -2.87 2.06
C ARG E 288 48.96 -3.29 2.02
N ILE E 289 48.66 -4.58 1.91
CA ILE E 289 47.27 -4.98 1.81
C ILE E 289 46.77 -5.37 3.17
N HIS E 290 47.25 -6.40 3.64
CA HIS E 290 46.93 -6.91 4.95
C HIS E 290 48.17 -7.21 5.75
N SER E 291 49.21 -7.71 5.09
CA SER E 291 50.52 -8.11 5.61
C SER E 291 50.45 -9.33 6.51
N GLU E 292 49.33 -10.07 6.48
CA GLU E 292 49.19 -11.31 7.24
C GLU E 292 48.17 -12.20 6.54
N ILE E 293 48.56 -13.44 6.27
CA ILE E 293 47.68 -14.39 5.61
C ILE E 293 47.55 -15.55 6.55
N HIS E 294 46.33 -15.86 6.92
CA HIS E 294 46.04 -16.99 7.75
C HIS E 294 45.61 -18.09 6.81
N VAL E 295 45.96 -19.32 7.14
CA VAL E 295 45.79 -20.43 6.24
C VAL E 295 44.60 -21.29 6.62
N ARG E 296 44.28 -22.22 5.76
CA ARG E 296 43.17 -23.12 5.92
C ARG E 296 43.63 -24.57 5.81
N ILE E 297 42.92 -25.45 6.51
CA ILE E 297 43.25 -26.86 6.48
C ILE E 297 42.03 -27.65 6.01
N GLU E 311 38.38 -37.50 24.79
CA GLU E 311 39.54 -37.12 25.60
C GLU E 311 40.70 -37.28 24.66
N SER E 312 40.47 -38.10 23.66
CA SER E 312 41.37 -38.37 22.56
C SER E 312 41.24 -37.31 21.51
N ASN E 313 40.47 -36.28 21.84
CA ASN E 313 40.14 -35.20 20.95
C ASN E 313 40.89 -33.93 21.30
N LEU E 314 41.57 -33.88 22.44
CA LEU E 314 42.29 -32.67 22.82
C LEU E 314 43.52 -32.46 21.96
N SER E 315 43.83 -31.19 21.72
CA SER E 315 45.00 -30.76 20.95
C SER E 315 45.09 -31.43 19.58
N SER E 316 43.97 -31.52 18.86
CA SER E 316 43.98 -32.14 17.53
C SER E 316 43.00 -31.42 16.62
N LEU E 317 43.17 -31.60 15.31
CA LEU E 317 42.25 -31.01 14.34
C LEU E 317 41.17 -32.05 14.05
N VAL E 318 39.90 -31.66 14.15
CA VAL E 318 38.78 -32.59 13.95
C VAL E 318 37.86 -32.17 12.81
N ARG E 319 37.50 -33.13 11.96
CA ARG E 319 36.56 -32.98 10.85
C ARG E 319 35.18 -33.15 11.51
N VAL E 320 34.35 -32.10 11.57
CA VAL E 320 33.09 -32.15 12.31
C VAL E 320 31.89 -31.76 11.45
N THR E 321 30.78 -32.46 11.62
CA THR E 321 29.53 -32.15 10.95
C THR E 321 28.53 -31.48 11.87
N GLY E 322 27.48 -30.94 11.27
CA GLY E 322 26.42 -30.33 12.05
C GLY E 322 25.48 -29.41 11.28
N VAL E 323 24.58 -28.81 12.07
CA VAL E 323 23.54 -27.85 11.67
C VAL E 323 23.64 -26.61 12.54
N VAL E 324 23.55 -25.45 11.89
CA VAL E 324 23.65 -24.13 12.49
C VAL E 324 22.40 -23.72 13.28
N THR E 325 22.56 -23.52 14.59
CA THR E 325 21.49 -23.05 15.47
C THR E 325 21.64 -21.52 15.47
N ARG E 326 21.01 -20.79 16.40
CA ARG E 326 21.11 -19.34 16.41
C ARG E 326 22.54 -18.88 16.74
N ARG E 327 22.83 -17.62 16.46
CA ARG E 327 24.17 -17.09 16.68
C ARG E 327 24.11 -15.63 17.11
N THR E 328 25.26 -14.99 17.20
CA THR E 328 25.35 -13.61 17.60
C THR E 328 25.89 -12.75 16.48
N GLY E 329 26.07 -11.47 16.78
CA GLY E 329 26.61 -10.49 15.85
C GLY E 329 28.12 -10.56 15.77
N VAL E 330 28.72 -9.51 15.21
CA VAL E 330 30.16 -9.44 15.05
C VAL E 330 30.71 -8.31 15.88
N PHE E 331 31.65 -8.61 16.74
CA PHE E 331 32.22 -7.56 17.55
C PHE E 331 33.72 -7.56 17.30
N PRO E 332 34.40 -6.46 17.50
CA PRO E 332 35.84 -6.47 17.33
C PRO E 332 36.45 -6.95 18.63
N GLN E 333 37.61 -7.55 18.51
CA GLN E 333 38.34 -8.10 19.62
C GLN E 333 39.78 -7.66 19.52
N LEU E 334 40.35 -7.32 20.68
CA LEU E 334 41.71 -6.88 20.75
C LEU E 334 42.69 -7.93 20.25
N LYS E 335 43.70 -7.47 19.54
CA LYS E 335 44.76 -8.29 18.96
C LYS E 335 46.13 -7.89 19.46
N TYR E 336 46.40 -6.60 19.56
CA TYR E 336 47.65 -6.08 20.07
C TYR E 336 47.43 -5.41 21.40
N VAL E 337 48.17 -5.86 22.41
CA VAL E 337 48.03 -5.34 23.75
C VAL E 337 49.33 -4.65 24.15
N LYS E 338 49.21 -3.37 24.49
CA LYS E 338 50.29 -2.52 24.98
C LYS E 338 49.85 -2.00 26.33
N PHE E 339 50.75 -1.89 27.28
CA PHE E 339 50.30 -1.36 28.57
C PHE E 339 50.86 0.02 28.89
N LEU E 342 52.01 2.67 33.95
CA LEU E 342 52.08 3.87 34.77
C LEU E 342 53.01 3.59 35.96
N LYS E 343 53.22 2.30 36.25
CA LYS E 343 54.11 1.89 37.33
C LYS E 343 55.55 2.24 36.99
N CYS E 344 56.06 1.67 35.90
CA CYS E 344 57.44 1.88 35.49
C CYS E 344 57.52 3.06 34.52
N GLY E 345 57.01 4.21 34.95
CA GLY E 345 57.08 5.39 34.13
C GLY E 345 56.12 5.29 32.97
N SER E 346 56.67 5.04 31.78
CA SER E 346 55.90 4.99 30.55
C SER E 346 55.18 3.65 30.41
N ILE E 347 54.73 3.33 29.20
CA ILE E 347 53.96 2.12 28.95
C ILE E 347 54.88 0.92 29.08
N LEU E 348 54.28 -0.27 29.13
CA LEU E 348 55.10 -1.48 29.26
C LEU E 348 55.71 -1.89 27.92
N GLY E 349 54.87 -2.17 26.94
CA GLY E 349 55.33 -2.62 25.65
C GLY E 349 54.28 -3.51 25.03
N PRO E 350 54.47 -3.90 23.76
CA PRO E 350 53.46 -4.74 23.12
C PRO E 350 53.52 -6.16 23.66
N PHE E 351 52.35 -6.78 23.72
CA PHE E 351 52.20 -8.14 24.16
C PHE E 351 51.12 -8.78 23.33
N PHE E 352 51.03 -10.10 23.42
CA PHE E 352 50.06 -10.81 22.62
C PHE E 352 48.73 -10.99 23.35
N GLN E 353 47.67 -10.79 22.60
CA GLN E 353 46.31 -10.95 23.08
C GLN E 353 45.97 -12.41 22.92
N ASP E 354 45.97 -13.17 24.02
CA ASP E 354 45.61 -14.57 23.93
C ASP E 354 44.14 -14.73 23.54
N SER E 355 43.84 -15.83 22.87
CA SER E 355 42.48 -16.10 22.42
C SER E 355 41.67 -16.52 23.62
N ASN E 356 40.62 -15.76 23.92
CA ASN E 356 39.71 -15.99 25.04
C ASN E 356 40.44 -15.97 26.39
N GLU E 357 41.56 -15.25 26.46
CA GLU E 357 42.35 -15.12 27.68
C GLU E 357 43.00 -13.74 27.75
N GLU E 358 43.25 -13.28 28.97
CA GLU E 358 43.86 -11.98 29.24
C GLU E 358 45.39 -12.08 29.23
N ILE E 359 46.05 -10.92 29.28
CA ILE E 359 47.51 -10.84 29.26
C ILE E 359 48.04 -10.90 30.69
N ARG E 360 47.69 -9.90 31.49
CA ARG E 360 48.07 -9.74 32.89
C ARG E 360 49.59 -9.73 33.08
N ILE E 361 50.21 -8.68 32.54
CA ILE E 361 51.64 -8.49 32.64
C ILE E 361 52.03 -8.15 34.08
N PRO E 372 51.42 -1.00 39.12
CA PRO E 372 50.09 -0.77 38.54
C PRO E 372 50.13 -0.07 37.19
N PHE E 373 49.30 -0.54 36.27
CA PHE E 373 49.17 -0.02 34.90
C PHE E 373 47.77 -0.37 34.40
N ARG E 374 47.44 0.10 33.20
CA ARG E 374 46.11 -0.21 32.65
C ARG E 374 46.13 -0.03 31.14
N VAL E 375 45.28 -0.80 30.46
CA VAL E 375 45.12 -0.69 29.02
C VAL E 375 44.33 0.56 28.68
N ASN E 376 44.89 1.41 27.82
CA ASN E 376 44.27 2.63 27.32
C ASN E 376 43.36 2.32 26.13
N GLY E 377 42.46 3.27 25.84
CA GLY E 377 41.53 3.09 24.72
C GLY E 377 42.20 3.12 23.35
N GLU E 378 43.05 4.11 23.10
CA GLU E 378 43.74 4.22 21.82
C GLU E 378 44.90 3.22 21.74
N LYS E 379 45.60 3.21 20.57
CA LYS E 379 46.76 2.37 20.25
C LYS E 379 46.41 0.87 20.23
N THR E 380 45.15 0.52 19.99
CA THR E 380 44.69 -0.87 20.03
C THR E 380 44.19 -1.42 18.70
N VAL E 381 44.97 -2.31 18.10
CA VAL E 381 44.56 -2.94 16.84
C VAL E 381 43.55 -4.02 17.16
N TYR E 382 42.39 -3.99 16.51
CA TYR E 382 41.38 -4.98 16.83
C TYR E 382 41.30 -6.10 15.80
N ARG E 383 40.29 -6.96 15.98
CA ARG E 383 40.04 -8.09 15.11
C ARG E 383 38.58 -8.46 15.27
N ASN E 384 37.84 -8.65 14.19
CA ASN E 384 36.43 -8.99 14.32
C ASN E 384 36.22 -10.41 14.80
N TYR E 385 35.23 -10.57 15.66
CA TYR E 385 34.89 -11.79 16.37
C TYR E 385 33.43 -12.17 16.29
N GLN E 386 33.19 -13.49 16.33
CA GLN E 386 31.86 -14.06 16.35
C GLN E 386 31.98 -15.49 16.82
N ARG E 387 31.04 -15.91 17.64
CA ARG E 387 30.94 -17.23 18.17
C ARG E 387 29.68 -17.78 17.52
N VAL E 388 29.69 -19.07 17.19
CA VAL E 388 28.55 -19.64 16.51
C VAL E 388 28.12 -20.87 17.26
N THR E 389 26.83 -20.93 17.59
CA THR E 389 26.38 -22.13 18.23
C THR E 389 26.18 -23.13 17.13
N LEU E 390 26.45 -24.40 17.43
CA LEU E 390 26.27 -25.47 16.47
C LEU E 390 25.66 -26.62 17.23
N GLN E 391 24.69 -27.27 16.62
CA GLN E 391 24.05 -28.37 17.27
C GLN E 391 24.10 -29.51 16.27
N GLU E 392 23.73 -30.69 16.72
CA GLU E 392 23.83 -31.86 15.88
C GLU E 392 22.77 -31.86 14.77
N ALA E 393 23.17 -32.44 13.64
CA ALA E 393 22.36 -32.53 12.42
C ALA E 393 21.22 -33.53 12.56
N PRO E 394 19.95 -33.14 12.33
CA PRO E 394 18.85 -34.10 12.49
C PRO E 394 18.84 -35.24 11.48
N GLY E 395 19.69 -35.19 10.46
CA GLY E 395 19.72 -36.24 9.48
C GLY E 395 20.43 -37.52 9.91
N THR E 396 21.59 -37.45 10.56
CA THR E 396 22.30 -38.66 10.95
C THR E 396 22.17 -38.95 12.45
N VAL E 397 21.03 -38.57 13.02
CA VAL E 397 20.71 -38.82 14.41
C VAL E 397 20.29 -40.27 14.44
N PRO E 398 20.69 -41.07 15.43
CA PRO E 398 20.12 -42.38 15.51
C PRO E 398 18.65 -42.18 15.79
N PRO E 399 17.77 -42.96 15.15
CA PRO E 399 16.34 -42.65 15.20
C PRO E 399 15.68 -42.75 16.56
N GLY E 400 15.15 -41.61 17.02
CA GLY E 400 14.46 -41.48 18.29
C GLY E 400 15.21 -40.77 19.39
N ARG E 401 16.54 -40.72 19.34
CA ARG E 401 17.35 -40.09 20.38
C ARG E 401 17.32 -38.56 20.24
N LEU E 402 18.09 -37.87 21.10
CA LEU E 402 18.03 -36.41 21.04
C LEU E 402 19.42 -35.83 20.76
N PRO E 403 19.47 -34.73 20.01
CA PRO E 403 20.74 -34.09 19.66
C PRO E 403 21.38 -33.33 20.80
N ARG E 404 22.69 -33.09 20.65
CA ARG E 404 23.46 -32.36 21.65
C ARG E 404 24.20 -31.19 21.00
N HIS E 405 24.84 -30.37 21.84
CA HIS E 405 25.44 -29.13 21.40
C HIS E 405 26.94 -29.10 21.58
N ARG E 406 27.56 -28.12 20.91
CA ARG E 406 28.99 -27.87 21.02
C ARG E 406 29.28 -26.47 20.46
N GLU E 407 30.31 -25.82 20.98
CA GLU E 407 30.63 -24.45 20.58
C GLU E 407 31.61 -24.30 19.43
N VAL E 408 31.32 -23.34 18.54
CA VAL E 408 32.18 -23.00 17.40
C VAL E 408 32.42 -21.49 17.40
N ILE E 409 33.67 -21.08 17.33
CA ILE E 409 34.02 -19.67 17.31
C ILE E 409 34.62 -19.28 15.97
N LEU E 410 34.13 -18.20 15.37
CA LEU E 410 34.67 -17.69 14.12
C LEU E 410 35.80 -16.70 14.33
N LEU E 411 36.58 -16.52 13.27
CA LEU E 411 37.70 -15.60 13.19
C LEU E 411 37.54 -14.82 11.89
N ALA E 412 38.63 -14.23 11.42
CA ALA E 412 38.62 -13.21 10.39
C ALA E 412 37.96 -13.37 9.02
N ASP E 413 38.42 -14.23 8.14
CA ASP E 413 37.70 -14.22 6.87
C ASP E 413 36.39 -14.98 6.89
N LEU E 414 36.15 -15.76 7.91
CA LEU E 414 34.98 -16.59 8.04
C LEU E 414 33.84 -15.93 8.76
N VAL E 415 33.86 -14.61 8.88
CA VAL E 415 32.86 -13.91 9.66
C VAL E 415 31.50 -14.04 9.02
N ASP E 416 30.58 -14.65 9.78
CA ASP E 416 29.17 -14.83 9.42
C ASP E 416 29.03 -15.54 8.08
N VAL E 417 29.56 -16.76 8.02
CA VAL E 417 29.46 -17.54 6.81
C VAL E 417 28.25 -18.44 6.80
N SER E 418 27.86 -18.97 7.93
CA SER E 418 26.72 -19.82 7.81
C SER E 418 25.47 -18.96 7.93
N LYS E 419 24.33 -19.63 8.00
CA LYS E 419 23.05 -18.98 8.01
C LYS E 419 22.06 -20.00 8.56
N PRO E 420 21.07 -19.59 9.34
CA PRO E 420 20.17 -20.58 9.96
C PRO E 420 19.37 -21.38 8.94
N GLY E 421 19.33 -22.69 9.17
CA GLY E 421 18.65 -23.61 8.28
C GLY E 421 19.57 -24.35 7.35
N GLU E 422 20.84 -24.49 7.70
CA GLU E 422 21.83 -25.16 6.87
C GLU E 422 22.52 -26.31 7.59
N GLU E 423 23.27 -27.07 6.82
CA GLU E 423 24.15 -28.10 7.35
C GLU E 423 25.56 -27.53 7.18
N VAL E 424 26.57 -28.13 7.80
CA VAL E 424 27.93 -27.59 7.62
C VAL E 424 28.97 -28.63 8.01
N GLU E 425 30.16 -28.51 7.44
CA GLU E 425 31.31 -29.36 7.72
C GLU E 425 32.50 -28.50 8.06
N VAL E 426 32.92 -28.50 9.31
CA VAL E 426 34.01 -27.63 9.73
C VAL E 426 35.23 -28.43 10.17
N THR E 427 36.38 -27.80 10.00
CA THR E 427 37.68 -28.34 10.37
C THR E 427 38.16 -27.55 11.59
N GLY E 428 37.92 -28.11 12.77
CA GLY E 428 38.22 -27.47 14.04
C GLY E 428 39.34 -28.04 14.90
N ILE E 429 40.01 -27.16 15.65
CA ILE E 429 41.00 -27.55 16.64
C ILE E 429 40.22 -27.53 17.95
N TYR E 430 40.51 -28.47 18.84
CA TYR E 430 39.71 -28.69 20.03
C TYR E 430 40.44 -28.32 21.31
N LYS E 431 39.85 -27.41 22.08
CA LYS E 431 40.46 -26.98 23.34
C LYS E 431 39.44 -27.10 24.46
N ASN E 432 39.82 -26.64 25.65
CA ASN E 432 38.92 -26.64 26.79
C ASN E 432 39.20 -25.43 27.65
N ASN E 433 38.30 -25.13 28.56
CA ASN E 433 38.52 -24.03 29.47
C ASN E 433 39.65 -24.34 30.45
N TYR E 434 40.18 -23.26 31.01
CA TYR E 434 41.30 -23.33 31.94
C TYR E 434 40.89 -23.85 33.32
N ASP E 435 39.97 -23.14 33.97
CA ASP E 435 39.43 -23.41 35.29
C ASP E 435 38.23 -22.49 35.51
N GLY E 436 37.30 -22.92 36.34
CA GLY E 436 36.20 -22.03 36.60
C GLY E 436 36.25 -21.76 38.09
N ASN E 437 36.69 -20.54 38.41
CA ASN E 437 36.80 -19.94 39.76
C ASN E 437 37.64 -20.79 40.70
N PHE E 447 35.29 -29.38 33.10
CA PHE E 447 35.79 -28.56 32.01
C PHE E 447 34.98 -28.41 30.73
N ALA E 448 34.56 -27.19 30.41
CA ALA E 448 33.84 -26.95 29.18
C ALA E 448 34.84 -26.84 28.03
N THR E 449 34.50 -27.44 26.90
CA THR E 449 35.37 -27.46 25.74
C THR E 449 34.86 -26.53 24.66
N ILE E 450 35.79 -25.88 23.98
CA ILE E 450 35.46 -24.94 22.94
C ILE E 450 36.19 -25.33 21.67
N ILE E 451 35.48 -25.34 20.55
CA ILE E 451 36.10 -25.66 19.27
C ILE E 451 36.33 -24.37 18.53
N GLU E 452 37.58 -24.11 18.20
CA GLU E 452 37.96 -23.00 17.38
C GLU E 452 38.05 -23.64 16.01
N ALA E 453 37.53 -22.97 14.98
CA ALA E 453 37.52 -23.58 13.66
C ALA E 453 38.43 -22.91 12.65
N ASN E 454 38.97 -23.74 11.77
CA ASN E 454 39.85 -23.23 10.75
C ASN E 454 39.22 -23.18 9.36
N SER E 455 38.81 -24.31 8.81
CA SER E 455 38.31 -24.38 7.45
C SER E 455 36.86 -24.80 7.30
N ILE E 456 35.97 -23.88 6.94
CA ILE E 456 34.57 -24.23 6.73
C ILE E 456 34.37 -24.65 5.27
N LYS E 457 33.78 -25.83 5.05
CA LYS E 457 33.47 -26.35 3.73
C LYS E 457 32.01 -26.72 3.82
N ARG E 458 31.26 -26.46 2.77
CA ARG E 458 29.85 -26.79 2.83
C ARG E 458 29.63 -28.20 2.31
N ARG E 459 28.65 -28.89 2.89
CA ARG E 459 28.33 -30.24 2.45
C ARG E 459 27.71 -30.19 1.05
N GLU E 460 28.11 -31.13 0.19
CA GLU E 460 27.61 -31.21 -1.20
C GLU E 460 26.13 -31.59 -1.38
N THR E 477 39.90 -22.34 -11.91
CA THR E 477 41.24 -21.81 -12.09
C THR E 477 41.27 -21.22 -13.51
N GLU E 478 42.37 -20.52 -13.85
CA GLU E 478 42.51 -19.88 -15.14
C GLU E 478 42.43 -20.87 -16.29
N GLU E 479 43.21 -21.95 -16.21
CA GLU E 479 43.10 -22.94 -17.25
C GLU E 479 41.78 -23.68 -17.16
N GLU E 480 41.11 -23.62 -16.00
CA GLU E 480 39.86 -24.32 -15.91
C GLU E 480 38.73 -23.57 -16.58
N GLU E 481 38.85 -22.28 -16.81
CA GLU E 481 37.78 -21.70 -17.57
C GLU E 481 38.21 -21.47 -19.00
N ARG E 482 39.51 -21.52 -19.31
CA ARG E 482 39.80 -21.28 -20.71
C ARG E 482 39.80 -22.56 -21.49
N GLU E 483 40.14 -23.69 -20.86
CA GLU E 483 40.01 -24.94 -21.55
C GLU E 483 38.54 -25.21 -21.72
N PHE E 484 37.75 -24.74 -20.75
CA PHE E 484 36.30 -24.76 -20.82
C PHE E 484 35.81 -23.98 -22.03
N ARG E 485 36.39 -22.79 -22.26
CA ARG E 485 35.96 -22.03 -23.42
C ARG E 485 36.44 -22.62 -24.73
N LYS E 486 37.43 -23.53 -24.71
CA LYS E 486 37.82 -24.14 -25.97
C LYS E 486 36.76 -25.08 -26.47
N ILE E 487 36.02 -25.70 -25.57
CA ILE E 487 34.92 -26.59 -25.92
C ILE E 487 33.62 -25.84 -26.14
N SER E 488 33.32 -24.82 -25.33
CA SER E 488 32.04 -24.13 -25.43
C SER E 488 31.77 -23.40 -26.73
N ARG E 489 32.76 -23.30 -27.61
CA ARG E 489 32.62 -22.63 -28.90
C ARG E 489 31.87 -23.43 -29.96
N ASP E 490 31.48 -24.66 -29.71
CA ASP E 490 30.88 -25.45 -30.77
C ASP E 490 29.42 -25.06 -31.02
N ARG E 491 28.83 -25.69 -32.03
CA ARG E 491 27.47 -25.41 -32.45
C ARG E 491 26.44 -26.39 -31.96
N GLY E 492 26.71 -27.69 -32.02
CA GLY E 492 25.70 -28.66 -31.65
C GLY E 492 25.53 -28.95 -30.18
N ILE E 493 25.74 -27.95 -29.33
CA ILE E 493 25.55 -28.19 -27.91
C ILE E 493 24.09 -28.17 -27.51
N ILE E 494 23.19 -27.79 -28.43
CA ILE E 494 21.77 -27.69 -28.11
C ILE E 494 21.18 -29.06 -27.80
N ASP E 495 21.24 -29.98 -28.75
CA ASP E 495 20.73 -31.31 -28.48
C ASP E 495 21.61 -32.04 -27.49
N LYS E 496 22.90 -31.69 -27.44
CA LYS E 496 23.80 -32.37 -26.54
C LYS E 496 23.48 -32.07 -25.08
N ILE E 497 22.98 -30.87 -24.78
CA ILE E 497 22.60 -30.58 -23.39
C ILE E 497 21.50 -31.49 -22.92
N ILE E 498 20.48 -31.67 -23.74
CA ILE E 498 19.42 -32.58 -23.37
C ILE E 498 19.97 -34.00 -23.36
N SER E 499 20.90 -34.31 -24.26
CA SER E 499 21.51 -35.62 -24.26
C SER E 499 22.45 -35.80 -23.08
N SER E 500 22.91 -34.71 -22.47
CA SER E 500 23.78 -34.79 -21.31
C SER E 500 23.05 -34.39 -20.05
N MET E 501 21.74 -34.18 -20.14
CA MET E 501 21.00 -33.75 -18.98
C MET E 501 20.70 -34.91 -18.02
N ALA E 502 19.99 -35.93 -18.46
CA ALA E 502 19.63 -37.02 -17.55
C ALA E 502 19.62 -38.38 -18.24
N PRO E 503 20.75 -39.08 -18.20
CA PRO E 503 20.84 -40.39 -18.84
C PRO E 503 20.06 -41.49 -18.14
N SER E 504 19.37 -41.31 -17.00
CA SER E 504 18.68 -42.48 -16.46
C SER E 504 17.50 -42.87 -17.34
N ILE E 505 16.45 -42.09 -17.43
CA ILE E 505 15.43 -42.42 -18.41
C ILE E 505 15.97 -41.78 -19.69
N TYR E 506 16.02 -42.58 -20.75
CA TYR E 506 16.70 -42.22 -21.99
C TYR E 506 15.99 -41.15 -22.82
N GLY E 507 14.75 -41.35 -23.22
CA GLY E 507 14.19 -40.32 -24.07
C GLY E 507 13.64 -39.03 -23.48
N HIS E 508 12.55 -38.52 -24.09
CA HIS E 508 11.82 -37.32 -23.67
C HIS E 508 12.71 -36.07 -23.76
N ARG E 509 13.23 -35.80 -24.97
CA ARG E 509 14.12 -34.65 -25.19
C ARG E 509 13.46 -33.30 -25.02
N ASP E 510 12.17 -33.18 -25.33
CA ASP E 510 11.51 -31.88 -25.26
C ASP E 510 11.32 -31.39 -23.83
N ILE E 511 10.80 -32.25 -22.97
CA ILE E 511 10.54 -31.79 -21.63
C ILE E 511 11.85 -31.70 -20.87
N LYS E 512 12.84 -32.50 -21.26
CA LYS E 512 14.14 -32.41 -20.62
C LYS E 512 14.86 -31.15 -21.05
N THR E 513 14.66 -30.70 -22.29
CA THR E 513 15.29 -29.45 -22.70
C THR E 513 14.62 -28.28 -22.00
N ALA E 514 13.28 -28.36 -21.78
CA ALA E 514 12.59 -27.27 -21.11
C ALA E 514 13.00 -27.16 -19.64
N VAL E 515 13.21 -28.30 -18.99
CA VAL E 515 13.66 -28.28 -17.61
C VAL E 515 15.10 -27.81 -17.55
N ALA E 516 15.93 -28.22 -18.51
CA ALA E 516 17.31 -27.76 -18.56
C ALA E 516 17.38 -26.27 -18.81
N CYS E 517 16.39 -25.72 -19.48
CA CYS E 517 16.34 -24.29 -19.73
C CYS E 517 15.88 -23.54 -18.49
N SER E 518 15.04 -24.20 -17.68
CA SER E 518 14.47 -23.55 -16.51
C SER E 518 15.51 -23.21 -15.48
N LEU E 519 16.30 -24.20 -15.06
CA LEU E 519 17.33 -23.92 -14.09
C LEU E 519 18.41 -23.04 -14.65
N PHE E 520 18.51 -22.95 -15.97
CA PHE E 520 19.59 -22.15 -16.48
C PHE E 520 19.30 -20.66 -16.29
N GLY E 521 18.04 -20.27 -16.07
CA GLY E 521 17.73 -18.91 -15.68
C GLY E 521 17.22 -17.97 -16.74
N GLY E 522 16.68 -16.86 -16.23
CA GLY E 522 16.18 -15.77 -17.05
C GLY E 522 16.72 -14.49 -16.42
N VAL E 523 16.43 -13.36 -17.05
CA VAL E 523 16.89 -12.05 -16.58
C VAL E 523 15.69 -11.15 -16.33
N PRO E 524 15.58 -10.53 -15.15
CA PRO E 524 14.47 -9.60 -14.90
C PRO E 524 14.64 -8.26 -15.62
N LYS E 525 15.89 -7.81 -15.78
CA LYS E 525 16.34 -6.57 -16.43
C LYS E 525 15.62 -5.29 -16.00
N ASN E 526 15.90 -4.88 -14.77
CA ASN E 526 15.38 -3.63 -14.23
C ASN E 526 15.85 -2.46 -15.08
N VAL E 527 14.88 -1.70 -15.59
CA VAL E 527 15.17 -0.51 -16.37
C VAL E 527 15.79 0.52 -15.44
N ASN E 528 16.76 1.31 -15.94
CA ASN E 528 17.45 2.29 -15.09
C ASN E 528 16.48 3.33 -14.56
N GLY E 529 16.09 3.17 -13.29
CA GLY E 529 15.19 4.09 -12.67
C GLY E 529 13.71 3.79 -12.87
N LYS E 530 13.35 3.13 -13.96
CA LYS E 530 11.92 2.97 -14.23
C LYS E 530 11.22 1.82 -13.49
N HIS E 531 11.52 0.57 -13.85
CA HIS E 531 10.80 -0.59 -13.29
C HIS E 531 11.45 -1.90 -13.69
N SER E 532 11.22 -2.95 -12.89
CA SER E 532 11.66 -4.31 -13.14
C SER E 532 10.45 -5.20 -13.47
N ILE E 533 10.60 -6.07 -14.46
CA ILE E 533 9.49 -6.88 -14.91
C ILE E 533 9.25 -8.23 -14.25
N ARG E 534 10.14 -9.21 -14.48
CA ARG E 534 10.12 -10.59 -13.95
C ARG E 534 11.38 -11.33 -14.38
N GLY E 535 11.94 -12.16 -13.49
CA GLY E 535 13.13 -12.91 -13.84
C GLY E 535 13.16 -14.42 -13.69
N ASP E 536 12.02 -15.11 -13.77
CA ASP E 536 12.00 -16.56 -13.56
C ASP E 536 11.21 -17.29 -14.64
N ILE E 537 11.48 -18.57 -14.78
CA ILE E 537 10.80 -19.44 -15.74
C ILE E 537 9.97 -20.42 -14.93
N ASN E 538 8.69 -20.50 -15.25
CA ASN E 538 7.73 -21.31 -14.51
C ASN E 538 7.45 -22.64 -15.21
N VAL E 539 7.75 -23.75 -14.56
CA VAL E 539 7.57 -25.06 -15.17
C VAL E 539 6.51 -25.87 -14.43
N LEU E 540 5.54 -26.35 -15.19
CA LEU E 540 4.53 -27.27 -14.70
C LEU E 540 4.71 -28.55 -15.48
N LEU E 541 4.61 -29.67 -14.82
CA LEU E 541 4.75 -30.95 -15.50
C LEU E 541 3.63 -31.83 -14.94
N LEU E 542 2.53 -31.93 -15.69
CA LEU E 542 1.39 -32.76 -15.31
C LEU E 542 1.77 -34.23 -15.44
N GLY E 543 1.92 -34.90 -14.32
CA GLY E 543 2.32 -36.29 -14.28
C GLY E 543 1.29 -37.33 -14.66
N ASP E 544 1.59 -38.55 -14.23
CA ASP E 544 0.92 -39.83 -14.35
C ASP E 544 1.52 -40.80 -13.36
N PRO E 545 0.70 -41.51 -12.59
CA PRO E 545 1.26 -42.55 -11.74
C PRO E 545 1.84 -43.55 -12.70
N GLY E 546 3.07 -43.91 -12.48
CA GLY E 546 3.62 -44.77 -13.47
C GLY E 546 4.65 -43.96 -14.20
N THR E 547 5.24 -43.01 -13.50
CA THR E 547 6.24 -42.21 -14.17
C THR E 547 7.35 -41.95 -13.16
N ALA E 548 8.56 -41.88 -13.68
CA ALA E 548 9.73 -41.57 -12.87
C ALA E 548 10.07 -40.10 -12.98
N LYS E 549 9.04 -39.27 -13.11
CA LYS E 549 9.17 -37.83 -13.22
C LYS E 549 9.80 -37.23 -11.97
N SER E 550 9.66 -37.92 -10.85
CA SER E 550 10.23 -37.48 -9.61
C SER E 550 11.74 -37.70 -9.61
N GLN E 551 12.19 -38.68 -10.39
CA GLN E 551 13.61 -38.97 -10.45
C GLN E 551 14.32 -37.83 -11.15
N ILE E 552 13.63 -37.20 -12.10
CA ILE E 552 14.19 -36.06 -12.82
C ILE E 552 14.43 -34.89 -11.88
N LEU E 553 13.41 -34.55 -11.10
CA LEU E 553 13.55 -33.45 -10.18
C LEU E 553 14.56 -33.76 -9.09
N LYS E 554 14.80 -35.04 -8.78
CA LYS E 554 15.88 -35.33 -7.84
C LYS E 554 17.21 -35.00 -8.51
N TYR E 555 17.31 -35.22 -9.82
CA TYR E 555 18.55 -34.84 -10.50
C TYR E 555 18.73 -33.34 -10.49
N VAL E 556 17.60 -32.65 -10.52
CA VAL E 556 17.62 -31.20 -10.47
C VAL E 556 18.18 -30.75 -9.14
N GLU E 557 17.73 -31.37 -8.06
CA GLU E 557 18.20 -30.98 -6.74
C GLU E 557 19.68 -31.29 -6.51
N LYS E 558 20.19 -32.39 -7.05
CA LYS E 558 21.61 -32.63 -6.81
C LYS E 558 22.50 -31.76 -7.68
N THR E 559 22.08 -31.45 -8.89
CA THR E 559 23.01 -30.68 -9.71
C THR E 559 22.98 -29.19 -9.41
N ALA E 560 21.78 -28.64 -9.15
CA ALA E 560 21.54 -27.22 -8.92
C ALA E 560 22.09 -26.74 -7.59
N HIS E 561 22.04 -25.42 -7.40
CA HIS E 561 22.55 -24.78 -6.21
C HIS E 561 21.80 -24.93 -4.89
N ARG E 562 20.64 -24.36 -4.80
CA ARG E 562 19.92 -24.41 -3.55
C ARG E 562 18.55 -25.03 -3.71
N ALA E 563 18.36 -26.24 -3.29
CA ALA E 563 17.05 -26.82 -3.51
C ALA E 563 16.51 -27.49 -2.27
N VAL E 564 15.31 -27.11 -1.87
CA VAL E 564 14.64 -27.67 -0.72
C VAL E 564 13.38 -28.32 -1.27
N PHE E 565 13.24 -29.61 -1.04
CA PHE E 565 12.08 -30.33 -1.55
C PHE E 565 10.87 -30.03 -0.70
N ALA E 566 9.91 -29.37 -1.30
CA ALA E 566 8.67 -29.03 -0.65
C ALA E 566 7.73 -30.21 -0.77
N THR E 567 7.27 -30.70 0.37
CA THR E 567 6.43 -31.88 0.48
C THR E 567 5.07 -31.72 -0.15
N GLY E 568 4.38 -32.86 -0.17
CA GLY E 568 3.06 -32.92 -0.75
C GLY E 568 2.03 -32.18 0.09
N GLN E 569 1.97 -32.48 1.38
CA GLN E 569 0.93 -31.83 2.19
C GLN E 569 1.37 -31.64 3.64
N GLY E 570 1.95 -30.48 3.94
CA GLY E 570 2.19 -30.17 5.33
C GLY E 570 3.17 -31.05 6.08
N ALA E 571 3.90 -31.93 5.41
CA ALA E 571 4.79 -32.80 6.16
C ALA E 571 6.06 -32.10 6.58
N SER E 572 6.38 -31.00 5.95
CA SER E 572 7.56 -30.31 6.36
C SER E 572 7.10 -29.06 7.10
N VAL E 574 9.83 -27.51 6.88
CA VAL E 574 9.83 -26.22 6.25
C VAL E 574 8.48 -25.91 5.64
N GLY E 575 8.16 -24.62 5.46
CA GLY E 575 6.86 -24.26 4.90
C GLY E 575 6.72 -23.12 3.91
N LEU E 576 7.85 -22.65 3.39
CA LEU E 576 7.97 -21.65 2.35
C LEU E 576 7.42 -20.27 2.66
N THR E 577 6.83 -20.09 3.82
CA THR E 577 6.30 -18.81 4.18
C THR E 577 6.99 -18.54 5.49
N ALA E 578 7.74 -17.45 5.53
CA ALA E 578 8.46 -17.14 6.74
C ALA E 578 7.47 -16.60 7.73
N SER E 579 7.59 -17.01 8.98
CA SER E 579 6.63 -16.50 9.93
C SER E 579 7.28 -16.51 11.28
N VAL E 580 6.96 -15.51 12.10
CA VAL E 580 7.55 -15.49 13.41
C VAL E 580 6.76 -16.43 14.30
N ARG E 581 7.42 -17.50 14.71
CA ARG E 581 6.92 -18.57 15.55
C ARG E 581 7.93 -18.80 16.68
N LYS E 582 7.49 -19.48 17.73
CA LYS E 582 8.42 -19.77 18.81
C LYS E 582 9.26 -21.01 18.48
N GLU E 592 12.98 -14.99 11.08
CA GLU E 592 12.89 -16.40 10.71
C GLU E 592 12.44 -16.58 9.30
N GLY E 593 13.39 -16.73 8.37
CA GLY E 593 13.03 -16.95 6.98
C GLY E 593 12.57 -18.37 6.67
N GLY E 594 11.75 -18.46 5.63
CA GLY E 594 11.21 -19.70 5.12
C GLY E 594 12.25 -20.38 4.26
N ALA E 595 11.87 -21.51 3.66
CA ALA E 595 12.79 -22.19 2.76
C ALA E 595 13.02 -21.39 1.49
N LEU E 596 12.05 -20.55 1.10
CA LEU E 596 12.23 -19.72 -0.09
C LEU E 596 13.32 -18.69 0.11
N VAL E 597 13.56 -18.28 1.35
CA VAL E 597 14.64 -17.34 1.61
C VAL E 597 15.97 -18.01 1.37
N LEU E 598 16.04 -19.32 1.61
CA LEU E 598 17.29 -20.04 1.41
C LEU E 598 17.61 -20.12 -0.07
N ALA E 599 16.59 -20.21 -0.89
CA ALA E 599 16.79 -20.39 -2.32
C ALA E 599 16.88 -19.10 -3.09
N ASP E 600 17.44 -18.03 -2.52
CA ASP E 600 17.58 -16.80 -3.30
C ASP E 600 18.59 -17.03 -4.42
N LYS E 601 18.23 -16.60 -5.64
CA LYS E 601 19.04 -16.81 -6.83
C LYS E 601 19.33 -18.30 -6.99
N GLY E 602 18.29 -19.10 -6.84
CA GLY E 602 18.37 -20.53 -6.91
C GLY E 602 17.05 -21.07 -7.41
N VAL E 603 16.93 -22.39 -7.42
CA VAL E 603 15.73 -23.04 -7.90
C VAL E 603 15.11 -23.85 -6.77
N CYS E 604 13.85 -23.61 -6.50
CA CYS E 604 13.13 -24.35 -5.48
C CYS E 604 12.37 -25.48 -6.13
N LEU E 605 12.07 -26.52 -5.36
CA LEU E 605 11.37 -27.68 -5.90
C LEU E 605 10.12 -27.91 -5.08
N ILE E 606 8.98 -27.54 -5.65
CA ILE E 606 7.68 -27.65 -5.01
C ILE E 606 6.78 -28.50 -5.87
N ASP E 607 6.14 -29.50 -5.29
CA ASP E 607 5.30 -30.36 -6.10
C ASP E 607 4.07 -30.84 -5.34
N GLU E 608 3.28 -31.63 -6.04
CA GLU E 608 2.01 -32.22 -5.63
C GLU E 608 1.05 -31.13 -5.17
N PHE E 609 0.68 -30.32 -6.15
CA PHE E 609 -0.20 -29.20 -5.91
C PHE E 609 -1.60 -29.65 -5.54
N ASP E 610 -1.95 -30.90 -5.88
CA ASP E 610 -3.27 -31.41 -5.58
C ASP E 610 -3.55 -31.44 -4.09
N LYS E 611 -2.52 -31.67 -3.30
CA LYS E 611 -2.67 -31.70 -1.85
C LYS E 611 -2.01 -30.54 -1.14
N MET E 612 -2.06 -29.35 -1.71
CA MET E 612 -1.47 -28.22 -1.00
C MET E 612 -2.59 -27.22 -0.76
N ASN E 613 -2.57 -26.68 0.45
CA ASN E 613 -3.56 -25.74 0.97
C ASN E 613 -3.29 -24.31 0.49
N ASP E 614 -4.12 -23.40 0.97
CA ASP E 614 -4.05 -22.00 0.58
C ASP E 614 -2.78 -21.27 1.01
N GLN E 615 -2.08 -21.74 2.06
CA GLN E 615 -0.81 -21.11 2.46
C GLN E 615 0.15 -21.12 1.31
N ASP E 616 0.25 -22.29 0.70
CA ASP E 616 1.10 -22.47 -0.44
C ASP E 616 0.55 -21.70 -1.62
N ARG E 617 -0.77 -21.51 -1.67
CA ARG E 617 -1.35 -20.84 -2.82
C ARG E 617 -0.96 -19.37 -2.81
N THR E 618 -0.92 -18.76 -1.64
CA THR E 618 -0.47 -17.37 -1.57
C THR E 618 1.03 -17.23 -1.77
N SER E 619 1.81 -18.16 -1.22
CA SER E 619 3.27 -18.03 -1.32
C SER E 619 3.77 -18.21 -2.73
N ILE E 620 3.30 -19.26 -3.38
CA ILE E 620 3.70 -19.54 -4.74
C ILE E 620 3.14 -18.48 -5.69
N HIS E 621 1.96 -17.95 -5.36
CA HIS E 621 1.29 -16.94 -6.16
C HIS E 621 2.13 -15.69 -6.28
N GLU E 622 2.54 -15.17 -5.15
CA GLU E 622 3.30 -13.94 -5.17
C GLU E 622 4.74 -14.12 -5.58
N ALA E 623 5.34 -15.25 -5.22
CA ALA E 623 6.75 -15.48 -5.53
C ALA E 623 6.98 -15.63 -7.01
N MET E 624 6.14 -16.37 -7.73
CA MET E 624 6.43 -16.42 -9.16
C MET E 624 5.92 -15.21 -9.90
N GLU E 625 5.06 -14.38 -9.30
CA GLU E 625 4.67 -13.22 -10.10
C GLU E 625 5.65 -12.08 -10.01
N GLN E 626 5.82 -11.49 -8.82
CA GLN E 626 6.66 -10.30 -8.70
C GLN E 626 7.64 -10.26 -7.54
N GLN E 627 7.89 -11.41 -6.90
CA GLN E 627 8.82 -11.79 -5.83
C GLN E 627 8.59 -11.30 -4.38
N SER E 628 7.44 -10.83 -3.86
CA SER E 628 7.46 -10.41 -2.44
C SER E 628 6.11 -10.49 -1.75
N ILE E 629 6.03 -11.14 -0.59
CA ILE E 629 4.79 -11.39 0.16
C ILE E 629 4.68 -10.60 1.47
N SER E 630 3.60 -9.83 1.64
CA SER E 630 3.27 -9.06 2.85
C SER E 630 2.05 -9.61 3.63
N ILE E 631 1.96 -9.30 4.97
CA ILE E 631 0.95 -9.72 5.98
C ILE E 631 0.28 -8.68 6.87
N SER E 632 -0.41 -9.26 7.84
CA SER E 632 -1.18 -8.75 8.94
C SER E 632 -0.65 -9.37 10.23
N LYS E 633 0.69 -9.33 10.38
CA LYS E 633 1.44 -9.80 11.55
C LYS E 633 1.45 -8.79 12.66
N GLY E 635 4.33 -7.79 14.22
CA GLY E 635 4.51 -6.51 14.84
C GLY E 635 5.81 -5.94 14.35
N ILE E 636 6.18 -6.39 13.18
CA ILE E 636 7.42 -6.05 12.49
C ILE E 636 7.00 -5.79 11.04
N VAL E 637 7.61 -4.82 10.36
CA VAL E 637 7.22 -4.52 8.97
C VAL E 637 8.43 -4.45 8.05
N THR E 638 8.68 -5.52 7.31
CA THR E 638 9.78 -5.53 6.36
C THR E 638 9.25 -6.05 5.03
N THR E 639 10.07 -5.97 4.00
CA THR E 639 9.70 -6.46 2.68
C THR E 639 10.82 -7.35 2.24
N LEU E 640 10.68 -8.65 2.44
CA LEU E 640 11.71 -9.55 1.98
C LEU E 640 11.21 -10.10 0.68
N GLN E 641 12.09 -10.16 -0.29
CA GLN E 641 11.73 -10.65 -1.58
C GLN E 641 12.10 -12.11 -1.70
N ALA E 642 11.75 -12.70 -2.83
CA ALA E 642 12.07 -14.10 -3.07
C ALA E 642 12.23 -14.30 -4.56
N ARG E 643 13.43 -14.72 -4.97
CA ARG E 643 13.76 -14.91 -6.37
C ARG E 643 13.95 -16.38 -6.64
N CYS E 644 13.01 -17.16 -6.14
CA CYS E 644 13.11 -18.58 -6.35
C CYS E 644 12.62 -18.91 -7.75
N SER E 645 12.81 -20.15 -8.16
CA SER E 645 12.33 -20.65 -9.43
C SER E 645 11.54 -21.88 -9.05
N ILE E 646 10.29 -21.95 -9.46
CA ILE E 646 9.43 -23.03 -9.04
C ILE E 646 9.22 -24.06 -10.15
N ILE E 647 9.52 -25.34 -9.85
CA ILE E 647 9.33 -26.48 -10.74
C ILE E 647 8.37 -27.41 -10.04
N ALA E 648 7.25 -27.69 -10.70
CA ALA E 648 6.16 -28.49 -10.19
C ALA E 648 6.08 -29.86 -10.82
N ALA E 649 5.22 -30.70 -10.24
CA ALA E 649 4.98 -32.03 -10.74
C ALA E 649 3.57 -32.37 -10.31
N ALA E 650 2.61 -32.25 -11.20
CA ALA E 650 1.23 -32.48 -10.81
C ALA E 650 0.77 -33.91 -11.05
N ASN E 651 -0.53 -34.14 -10.88
CA ASN E 651 -1.19 -35.41 -10.98
C ASN E 651 -2.64 -35.26 -11.41
N PRO E 652 -3.05 -35.94 -12.46
CA PRO E 652 -4.42 -35.83 -12.96
C PRO E 652 -5.46 -36.43 -12.03
N ASN E 653 -6.68 -35.92 -12.21
CA ASN E 653 -7.85 -36.32 -11.43
C ASN E 653 -8.49 -37.57 -12.01
N GLY E 654 -8.56 -38.62 -11.20
CA GLY E 654 -9.14 -39.86 -11.64
C GLY E 654 -8.20 -40.48 -12.65
N GLY E 655 -8.62 -40.51 -13.91
CA GLY E 655 -7.77 -41.07 -14.94
C GLY E 655 -6.57 -40.19 -15.20
N ARG E 656 -5.57 -40.78 -15.83
CA ARG E 656 -4.37 -40.03 -16.17
C ARG E 656 -4.65 -39.00 -17.26
N TYR E 657 -5.65 -39.29 -18.09
CA TYR E 657 -6.12 -38.40 -19.13
C TYR E 657 -7.56 -38.82 -19.35
N ASN E 658 -8.49 -37.95 -19.03
CA ASN E 658 -9.89 -38.35 -19.08
C ASN E 658 -10.40 -38.63 -20.47
N SER E 659 -10.50 -37.59 -21.27
CA SER E 659 -11.02 -37.74 -22.61
C SER E 659 -10.49 -36.58 -23.43
N THR E 660 -11.18 -36.32 -24.53
CA THR E 660 -10.95 -35.20 -25.41
C THR E 660 -11.27 -33.87 -24.74
N LEU E 661 -11.93 -33.89 -23.57
CA LEU E 661 -12.29 -32.73 -22.77
C LEU E 661 -11.02 -31.93 -22.46
N PRO E 662 -11.12 -30.60 -22.31
CA PRO E 662 -9.88 -29.81 -22.15
C PRO E 662 -9.00 -29.96 -20.93
N LEU E 663 -7.88 -29.23 -20.96
CA LEU E 663 -6.88 -29.29 -19.90
C LEU E 663 -7.39 -28.67 -18.62
N ALA E 664 -8.11 -27.57 -18.74
CA ALA E 664 -8.68 -26.94 -17.56
C ALA E 664 -9.76 -27.81 -16.97
N GLN E 665 -10.42 -28.60 -17.81
CA GLN E 665 -11.42 -29.52 -17.32
C GLN E 665 -10.74 -30.72 -16.71
N ASN E 666 -9.59 -31.08 -17.25
CA ASN E 666 -8.82 -32.21 -16.75
C ASN E 666 -8.20 -31.92 -15.39
N VAL E 667 -7.59 -30.75 -15.25
CA VAL E 667 -6.94 -30.40 -13.99
C VAL E 667 -7.97 -29.85 -13.00
N SER E 668 -7.63 -29.89 -11.71
CA SER E 668 -8.50 -29.38 -10.67
C SER E 668 -8.09 -28.01 -10.17
N LEU E 669 -7.13 -27.36 -10.80
CA LEU E 669 -6.74 -26.05 -10.32
C LEU E 669 -7.61 -24.98 -10.98
N THR E 670 -7.25 -23.73 -10.77
CA THR E 670 -7.98 -22.60 -11.32
C THR E 670 -7.13 -21.95 -12.39
N GLU E 671 -7.74 -21.02 -13.06
CA GLU E 671 -7.06 -20.37 -14.16
C GLU E 671 -5.90 -19.43 -13.78
N PRO E 672 -5.97 -18.56 -12.76
CA PRO E 672 -4.82 -17.68 -12.49
C PRO E 672 -3.57 -18.40 -12.02
N ILE E 673 -3.71 -19.50 -11.30
CA ILE E 673 -2.50 -20.21 -10.87
C ILE E 673 -1.81 -20.80 -12.09
N LEU E 674 -2.59 -21.20 -13.09
CA LEU E 674 -2.02 -21.67 -14.32
C LEU E 674 -1.41 -20.49 -15.06
N SER E 675 -2.02 -19.31 -14.90
CA SER E 675 -1.51 -18.11 -15.55
C SER E 675 -0.13 -17.78 -15.07
N ARG E 676 0.17 -18.10 -13.81
CA ARG E 676 1.52 -17.85 -13.33
C ARG E 676 2.53 -18.74 -14.05
N PHE E 677 2.09 -19.87 -14.54
CA PHE E 677 2.93 -20.80 -15.26
C PHE E 677 3.22 -20.43 -16.70
N ASP E 678 4.44 -20.77 -17.11
CA ASP E 678 4.97 -20.51 -18.44
C ASP E 678 4.88 -21.71 -19.41
N ILE E 679 5.60 -22.78 -19.13
CA ILE E 679 5.66 -23.99 -19.95
C ILE E 679 4.82 -25.13 -19.39
N LEU E 680 4.21 -25.93 -20.26
CA LEU E 680 3.41 -27.08 -19.85
C LEU E 680 3.87 -28.30 -20.62
N CYS E 681 4.76 -29.10 -20.04
CA CYS E 681 5.24 -30.32 -20.67
C CYS E 681 4.32 -31.43 -20.24
N VAL E 682 3.70 -32.13 -21.18
CA VAL E 682 2.76 -33.20 -20.87
C VAL E 682 3.23 -34.51 -21.49
N VAL E 683 3.27 -35.57 -20.69
CA VAL E 683 3.64 -36.88 -21.20
C VAL E 683 2.36 -37.63 -21.47
N ARG E 684 2.49 -38.66 -22.29
CA ARG E 684 1.41 -39.49 -22.75
C ARG E 684 1.67 -40.96 -22.48
N ASP E 685 0.59 -41.70 -22.23
CA ASP E 685 0.63 -43.13 -21.95
C ASP E 685 -0.25 -43.87 -22.95
N LEU E 686 0.39 -44.58 -23.89
CA LEU E 686 -0.28 -45.36 -24.91
C LEU E 686 0.61 -46.58 -25.15
N VAL E 687 -0.02 -47.69 -25.56
CA VAL E 687 0.66 -48.96 -25.76
C VAL E 687 1.56 -49.01 -26.99
N ASP E 688 2.86 -48.77 -26.78
CA ASP E 688 3.88 -48.88 -27.82
C ASP E 688 4.75 -50.07 -27.50
N GLU E 689 4.86 -50.98 -28.46
CA GLU E 689 5.64 -52.18 -28.22
C GLU E 689 7.14 -51.90 -28.22
N GLU E 690 7.62 -51.13 -29.19
CA GLU E 690 9.05 -50.85 -29.30
C GLU E 690 9.53 -49.90 -28.21
N ALA E 691 8.66 -49.01 -27.74
CA ALA E 691 9.10 -48.10 -26.69
C ALA E 691 9.30 -48.88 -25.41
N ASP E 692 8.51 -49.92 -25.23
CA ASP E 692 8.69 -50.76 -24.06
C ASP E 692 9.95 -51.59 -24.23
N GLU E 693 10.26 -51.97 -25.47
CA GLU E 693 11.48 -52.73 -25.72
C GLU E 693 12.72 -51.92 -25.42
N ARG E 694 12.73 -50.68 -25.91
CA ARG E 694 13.83 -49.76 -25.69
C ARG E 694 13.93 -49.43 -24.21
N LEU E 695 12.79 -49.33 -23.56
CA LEU E 695 12.73 -48.97 -22.15
C LEU E 695 13.32 -50.06 -21.30
N ALA E 696 12.94 -51.30 -21.57
CA ALA E 696 13.46 -52.41 -20.78
C ALA E 696 14.94 -52.61 -21.06
N THR E 697 15.37 -52.48 -22.32
CA THR E 697 16.78 -52.66 -22.63
C THR E 697 17.65 -51.55 -22.09
N PHE E 698 17.14 -50.31 -22.06
CA PHE E 698 18.00 -49.28 -21.51
C PHE E 698 18.01 -49.41 -20.00
N VAL E 699 16.96 -50.01 -19.40
CA VAL E 699 16.92 -50.27 -17.96
C VAL E 699 18.01 -51.28 -17.62
N VAL E 700 18.16 -52.30 -18.48
CA VAL E 700 19.21 -53.29 -18.30
C VAL E 700 20.57 -52.62 -18.39
N ASP E 701 20.71 -51.70 -19.35
CA ASP E 701 21.93 -50.92 -19.49
C ASP E 701 22.15 -50.05 -18.26
N SER E 702 21.05 -49.58 -17.67
CA SER E 702 21.06 -48.76 -16.47
C SER E 702 21.48 -49.56 -15.25
N HIS E 703 21.44 -50.87 -15.33
CA HIS E 703 21.83 -51.68 -14.20
C HIS E 703 23.16 -52.32 -14.46
N VAL E 704 23.67 -52.19 -15.68
CA VAL E 704 25.00 -52.64 -16.04
C VAL E 704 26.00 -51.75 -15.32
N SER E 756 30.59 -38.54 -25.50
CA SER E 756 29.78 -37.50 -26.15
C SER E 756 28.94 -36.59 -25.22
N PRO E 757 28.25 -37.10 -24.19
CA PRO E 757 27.56 -36.18 -23.29
C PRO E 757 28.60 -35.54 -22.39
N ILE E 758 28.25 -34.36 -21.91
CA ILE E 758 29.15 -33.64 -21.03
C ILE E 758 29.18 -34.34 -19.66
N PRO E 759 30.37 -34.58 -19.08
CA PRO E 759 30.46 -35.13 -17.72
C PRO E 759 29.87 -34.15 -16.73
N GLN E 760 29.30 -34.68 -15.63
CA GLN E 760 28.56 -33.81 -14.73
C GLN E 760 29.39 -32.75 -14.02
N GLU E 761 30.71 -32.90 -13.94
CA GLU E 761 31.52 -31.85 -13.31
C GLU E 761 31.63 -30.63 -14.22
N LEU E 762 31.69 -30.85 -15.52
CA LEU E 762 31.81 -29.72 -16.41
C LEU E 762 30.48 -29.00 -16.55
N LEU E 763 29.37 -29.73 -16.51
CA LEU E 763 28.09 -29.04 -16.60
C LEU E 763 27.81 -28.26 -15.33
N MET E 764 28.32 -28.71 -14.17
CA MET E 764 28.04 -27.86 -13.02
C MET E 764 28.90 -26.61 -13.06
N LYS E 765 30.13 -26.69 -13.62
CA LYS E 765 30.88 -25.44 -13.74
C LYS E 765 30.25 -24.55 -14.81
N TYR E 766 29.59 -25.19 -15.78
CA TYR E 766 28.92 -24.48 -16.85
C TYR E 766 27.78 -23.62 -16.32
N ILE E 767 26.87 -24.22 -15.54
CA ILE E 767 25.74 -23.37 -15.14
C ILE E 767 26.16 -22.36 -14.08
N HIS E 768 27.11 -22.70 -13.18
CA HIS E 768 27.50 -21.70 -12.19
C HIS E 768 28.29 -20.58 -12.80
N TYR E 769 29.15 -20.89 -13.74
CA TYR E 769 29.93 -19.84 -14.33
C TYR E 769 29.08 -19.02 -15.26
N ALA E 770 28.05 -19.63 -15.84
CA ALA E 770 27.25 -18.87 -16.78
C ALA E 770 26.33 -17.90 -16.08
N ARG E 771 25.59 -18.36 -15.07
CA ARG E 771 24.63 -17.46 -14.45
C ARG E 771 25.25 -16.28 -13.74
N THR E 772 26.51 -16.36 -13.33
CA THR E 772 27.06 -15.16 -12.74
C THR E 772 27.52 -14.18 -13.79
N LYS E 773 27.80 -14.63 -15.00
CA LYS E 773 28.39 -13.77 -16.03
C LYS E 773 27.53 -13.49 -17.27
N ILE E 774 26.90 -14.47 -17.92
CA ILE E 774 26.21 -14.17 -19.16
C ILE E 774 24.98 -13.30 -18.91
N TYR E 775 24.97 -12.14 -19.57
CA TYR E 775 23.97 -11.07 -19.51
C TYR E 775 23.35 -10.78 -20.87
N PRO E 776 22.26 -11.45 -21.23
CA PRO E 776 21.68 -11.27 -22.56
C PRO E 776 20.95 -9.95 -22.72
N LYS E 777 20.98 -9.48 -23.96
CA LYS E 777 20.35 -8.26 -24.44
C LYS E 777 19.74 -8.61 -25.78
N LEU E 778 19.10 -7.65 -26.44
CA LEU E 778 18.54 -8.00 -27.73
C LEU E 778 18.47 -6.77 -28.61
N HIS E 779 18.46 -6.98 -29.93
CA HIS E 779 18.41 -5.85 -30.85
C HIS E 779 16.96 -5.66 -31.32
N GLN E 780 16.72 -4.57 -32.01
CA GLN E 780 15.36 -4.25 -32.43
C GLN E 780 14.99 -4.70 -33.83
N MET E 781 15.79 -5.49 -34.51
CA MET E 781 15.41 -5.83 -35.87
C MET E 781 14.80 -7.21 -36.01
N ASP E 782 14.90 -8.04 -35.01
CA ASP E 782 14.39 -9.38 -35.12
C ASP E 782 13.12 -9.66 -34.36
N MET E 783 12.65 -8.72 -33.57
CA MET E 783 11.49 -8.97 -32.78
C MET E 783 10.21 -8.69 -33.54
N ASP E 784 10.29 -8.25 -34.78
CA ASP E 784 9.07 -7.99 -35.51
C ASP E 784 8.39 -9.27 -35.92
N LYS E 785 9.17 -10.30 -36.19
CA LYS E 785 8.60 -11.59 -36.48
C LYS E 785 7.90 -12.09 -35.23
N VAL E 786 8.54 -11.83 -34.10
CA VAL E 786 8.03 -12.25 -32.81
C VAL E 786 6.75 -11.51 -32.50
N SER E 787 6.68 -10.25 -32.91
CA SER E 787 5.48 -9.48 -32.69
C SER E 787 4.37 -10.04 -33.53
N ARG E 788 4.72 -10.51 -34.71
CA ARG E 788 3.75 -11.11 -35.57
C ARG E 788 3.32 -12.45 -35.00
N VAL E 789 4.24 -13.14 -34.33
CA VAL E 789 3.94 -14.41 -33.70
C VAL E 789 2.96 -14.23 -32.57
N TYR E 790 3.18 -13.20 -31.76
CA TYR E 790 2.23 -12.98 -30.68
C TYR E 790 0.92 -12.53 -31.25
N ALA E 791 0.96 -11.74 -32.33
CA ALA E 791 -0.30 -11.26 -32.87
C ALA E 791 -1.12 -12.35 -33.48
N ASP E 792 -0.49 -13.24 -34.19
CA ASP E 792 -1.24 -14.33 -34.75
C ASP E 792 -1.61 -15.33 -33.68
N LEU E 793 -0.75 -15.55 -32.71
CA LEU E 793 -1.06 -16.53 -31.70
C LEU E 793 -2.15 -16.06 -30.78
N ARG E 794 -2.23 -14.78 -30.53
CA ARG E 794 -3.29 -14.34 -29.66
C ARG E 794 -4.56 -14.22 -30.49
N ARG E 795 -4.45 -13.51 -31.62
CA ARG E 795 -5.60 -13.22 -32.48
C ARG E 795 -6.18 -14.44 -33.14
N GLU E 796 -5.40 -15.48 -33.32
CA GLU E 796 -5.97 -16.65 -33.93
C GLU E 796 -6.51 -17.58 -32.87
N SER E 797 -5.96 -17.53 -31.65
CA SER E 797 -6.45 -18.37 -30.58
C SER E 797 -7.66 -17.77 -29.89
N ILE E 798 -8.26 -16.75 -30.49
CA ILE E 798 -9.47 -16.16 -29.95
C ILE E 798 -10.58 -17.19 -30.02
N SER E 799 -10.64 -17.92 -31.14
CA SER E 799 -11.66 -18.92 -31.32
C SER E 799 -11.42 -20.10 -30.42
N THR E 800 -10.21 -20.24 -29.92
CA THR E 800 -9.95 -21.34 -29.02
C THR E 800 -10.47 -21.00 -27.64
N GLY E 801 -10.39 -19.74 -27.27
CA GLY E 801 -10.86 -19.27 -25.99
C GLY E 801 -10.93 -17.77 -26.04
N ILE E 805 -4.32 -18.44 -23.42
CA ILE E 805 -3.88 -17.16 -23.94
C ILE E 805 -3.05 -16.54 -22.85
N THR E 806 -1.84 -16.05 -23.12
CA THR E 806 -1.15 -15.47 -21.98
C THR E 806 -0.30 -14.29 -22.41
N VAL E 807 -0.52 -13.14 -21.76
CA VAL E 807 0.28 -11.97 -22.03
C VAL E 807 1.62 -12.08 -21.38
N ARG E 808 1.70 -12.89 -20.33
CA ARG E 808 2.96 -13.10 -19.67
C ARG E 808 3.82 -13.96 -20.53
N HIS E 809 3.18 -14.75 -21.40
CA HIS E 809 3.95 -15.59 -22.28
C HIS E 809 4.64 -14.74 -23.30
N LEU E 810 4.18 -13.51 -23.47
CA LEU E 810 4.86 -12.59 -24.36
C LEU E 810 6.20 -12.22 -23.75
N GLU E 811 6.21 -11.99 -22.43
CA GLU E 811 7.49 -11.68 -21.79
C GLU E 811 8.35 -12.93 -21.70
N SER E 812 7.69 -14.08 -21.64
CA SER E 812 8.40 -15.35 -21.58
C SER E 812 9.19 -15.57 -22.83
N ILE E 813 8.73 -14.99 -23.94
CA ILE E 813 9.44 -15.19 -25.19
C ILE E 813 10.87 -14.69 -25.07
N LEU E 814 11.03 -13.47 -24.60
CA LEU E 814 12.39 -12.96 -24.45
C LEU E 814 13.10 -13.64 -23.31
N ARG E 815 12.37 -13.91 -22.23
CA ARG E 815 13.03 -14.49 -21.08
C ARG E 815 13.42 -15.95 -21.29
N ILE E 816 12.79 -16.65 -22.22
CA ILE E 816 13.22 -18.00 -22.55
C ILE E 816 14.28 -17.94 -23.60
N ALA E 817 14.08 -17.09 -24.58
CA ALA E 817 15.00 -16.99 -25.67
C ALA E 817 16.34 -16.43 -25.24
N GLU E 818 16.36 -15.71 -24.14
CA GLU E 818 17.64 -15.20 -23.69
C GLU E 818 18.49 -16.30 -23.12
N SER E 819 17.89 -17.40 -22.74
CA SER E 819 18.69 -18.46 -22.22
C SER E 819 19.42 -19.21 -23.30
N PHE E 820 18.99 -19.08 -24.52
CA PHE E 820 19.70 -19.83 -25.54
C PHE E 820 20.97 -19.07 -25.87
N ALA E 821 20.90 -17.75 -25.73
CA ALA E 821 22.12 -16.97 -25.88
C ALA E 821 22.98 -17.21 -24.66
N LYS E 822 22.33 -17.56 -23.54
CA LYS E 822 23.12 -17.92 -22.38
C LYS E 822 23.78 -19.26 -22.62
N MET E 823 23.17 -20.07 -23.45
CA MET E 823 23.76 -21.34 -23.77
C MET E 823 25.02 -21.13 -24.59
N ARG E 824 24.98 -20.22 -25.55
CA ARG E 824 26.20 -20.05 -26.33
C ARG E 824 27.21 -19.11 -25.73
N LEU E 825 26.86 -18.43 -24.66
CA LEU E 825 27.66 -17.38 -24.03
C LEU E 825 28.16 -16.38 -25.05
N SER E 826 27.24 -15.93 -25.90
CA SER E 826 27.55 -14.99 -26.95
C SER E 826 27.11 -13.56 -26.65
N GLU E 827 26.19 -13.36 -25.69
CA GLU E 827 25.62 -12.09 -25.23
C GLU E 827 24.70 -11.45 -26.28
N PHE E 828 24.62 -12.01 -27.48
CA PHE E 828 23.74 -11.50 -28.49
C PHE E 828 22.80 -12.59 -28.90
N VAL E 829 21.53 -12.22 -29.02
CA VAL E 829 20.51 -13.18 -29.39
C VAL E 829 20.46 -13.31 -30.91
N SER E 830 20.94 -14.44 -31.41
CA SER E 830 20.85 -14.69 -32.83
C SER E 830 19.42 -15.10 -33.16
N SER E 831 19.15 -15.18 -34.46
CA SER E 831 17.83 -15.58 -34.92
C SER E 831 17.53 -17.01 -34.51
N TYR E 832 18.57 -17.83 -34.38
CA TYR E 832 18.40 -19.22 -34.00
C TYR E 832 17.79 -19.34 -32.62
N ASP E 833 18.11 -18.42 -31.72
CA ASP E 833 17.56 -18.51 -30.40
C ASP E 833 16.07 -18.23 -30.39
N LEU E 834 15.66 -17.27 -31.20
CA LEU E 834 14.24 -16.98 -31.27
C LEU E 834 13.52 -18.10 -31.96
N ASP E 835 14.17 -18.74 -32.92
CA ASP E 835 13.50 -19.81 -33.64
C ASP E 835 13.33 -21.02 -32.74
N ARG E 836 14.31 -21.30 -31.90
CA ARG E 836 14.14 -22.41 -30.98
C ARG E 836 13.10 -22.07 -29.94
N ALA E 837 13.04 -20.81 -29.53
CA ALA E 837 12.06 -20.45 -28.53
C ALA E 837 10.64 -20.53 -29.09
N ILE E 838 10.47 -20.23 -30.36
CA ILE E 838 9.15 -20.32 -30.94
C ILE E 838 8.79 -21.77 -31.12
N LYS E 839 9.74 -22.56 -31.60
CA LYS E 839 9.46 -23.96 -31.87
C LYS E 839 9.31 -24.75 -30.58
N VAL E 840 9.61 -24.16 -29.43
CA VAL E 840 9.39 -24.87 -28.19
C VAL E 840 8.10 -24.40 -27.54
N VAL E 841 7.80 -23.12 -27.67
CA VAL E 841 6.61 -22.65 -26.99
C VAL E 841 5.31 -22.92 -27.75
N VAL E 842 5.32 -22.73 -29.07
CA VAL E 842 4.09 -22.82 -29.84
C VAL E 842 3.49 -24.21 -29.83
N ASP E 843 4.30 -25.20 -30.17
CA ASP E 843 3.82 -26.57 -30.20
C ASP E 843 3.46 -27.06 -28.82
N SER E 844 4.09 -26.48 -27.80
CA SER E 844 3.75 -26.85 -26.45
C SER E 844 2.34 -26.39 -26.16
N PHE E 845 1.98 -25.19 -26.62
CA PHE E 845 0.60 -24.76 -26.43
C PHE E 845 -0.35 -25.56 -27.29
N VAL E 846 0.16 -26.04 -28.41
CA VAL E 846 -0.65 -26.85 -29.32
C VAL E 846 -1.06 -28.14 -28.65
N ASP E 847 -0.13 -28.78 -27.96
CA ASP E 847 -0.35 -30.10 -27.38
C ASP E 847 -1.46 -30.16 -26.35
N ALA E 848 -1.91 -29.05 -25.82
CA ALA E 848 -2.94 -29.12 -24.80
C ALA E 848 -4.36 -29.31 -25.32
N GLN E 849 -4.61 -29.27 -26.61
CA GLN E 849 -5.99 -29.39 -27.01
C GLN E 849 -6.49 -30.78 -27.32
N LYS E 850 -7.70 -30.79 -27.87
CA LYS E 850 -8.55 -31.88 -28.30
C LYS E 850 -8.04 -32.46 -29.62
N VAL E 851 -8.70 -33.51 -30.10
CA VAL E 851 -8.39 -34.17 -31.35
C VAL E 851 -8.56 -33.20 -32.53
N SER E 852 -9.40 -32.18 -32.37
CA SER E 852 -9.67 -31.14 -33.37
C SER E 852 -8.52 -30.17 -33.54
N VAL E 853 -7.35 -30.49 -32.99
CA VAL E 853 -6.12 -29.75 -33.09
C VAL E 853 -5.52 -29.83 -34.49
N ARG E 854 -6.12 -30.64 -35.36
CA ARG E 854 -5.66 -30.76 -36.74
C ARG E 854 -5.66 -29.42 -37.45
N ARG E 855 -6.65 -28.57 -37.15
CA ARG E 855 -6.68 -27.23 -37.71
C ARG E 855 -5.49 -26.42 -37.22
N GLN E 856 -5.20 -26.53 -35.93
CA GLN E 856 -4.07 -25.82 -35.38
C GLN E 856 -2.77 -26.36 -35.95
N LEU E 857 -2.78 -27.63 -36.29
CA LEU E 857 -1.64 -28.21 -36.97
C LEU E 857 -1.54 -27.60 -38.35
N ARG E 858 -2.69 -27.33 -38.97
CA ARG E 858 -2.79 -26.78 -40.31
C ARG E 858 -2.65 -25.28 -40.33
N ARG E 859 -2.34 -24.65 -39.22
CA ARG E 859 -2.05 -23.23 -39.20
C ARG E 859 -0.71 -23.01 -38.54
N SER E 860 -0.02 -24.07 -38.15
CA SER E 860 1.26 -23.90 -37.50
C SER E 860 2.39 -23.99 -38.48
N PHE E 861 2.09 -23.79 -39.75
CA PHE E 861 3.11 -23.85 -40.77
C PHE E 861 3.68 -22.47 -40.94
N ALA E 862 2.78 -21.49 -40.95
CA ALA E 862 3.16 -20.09 -41.02
C ALA E 862 3.88 -19.69 -39.76
N ILE E 863 3.64 -20.43 -38.69
CA ILE E 863 4.34 -20.24 -37.45
C ILE E 863 5.83 -20.52 -37.65
N TYR E 864 6.16 -21.54 -38.43
CA TYR E 864 7.56 -21.78 -38.69
C TYR E 864 8.04 -20.71 -39.65
N ALA F 4 24.77 18.87 67.73
CA ALA F 4 24.09 17.75 67.08
C ALA F 4 23.06 17.16 67.99
N LEU F 5 21.94 16.75 67.40
CA LEU F 5 20.79 16.14 68.05
C LEU F 5 20.31 17.05 69.17
N PRO F 6 19.64 18.14 68.85
CA PRO F 6 19.18 19.07 69.89
C PRO F 6 17.99 18.52 70.64
N SER F 7 17.43 19.33 71.52
CA SER F 7 16.29 18.91 72.30
C SER F 7 15.23 19.99 72.31
N ILE F 8 13.98 19.58 72.50
CA ILE F 8 12.85 20.50 72.55
C ILE F 8 12.02 20.19 73.77
N GLN F 9 11.70 21.21 74.54
CA GLN F 9 10.83 21.02 75.68
C GLN F 9 9.40 21.17 75.19
N LEU F 10 8.51 20.40 75.78
CA LEU F 10 7.11 20.35 75.39
C LEU F 10 6.27 20.23 76.65
N PRO F 11 5.00 20.63 76.61
CA PRO F 11 4.15 20.56 77.81
C PRO F 11 3.82 19.16 78.31
N VAL F 12 4.21 18.10 77.64
CA VAL F 12 3.90 16.75 78.09
C VAL F 12 4.84 16.34 79.22
N ASP F 13 4.27 15.89 80.34
CA ASP F 13 5.04 15.43 81.49
C ASP F 13 4.88 13.92 81.60
N TYR F 14 5.88 13.29 82.24
CA TYR F 14 5.86 11.85 82.43
C TYR F 14 5.81 11.42 83.89
N ASN F 15 6.01 12.33 84.83
CA ASN F 15 6.03 11.96 86.24
C ASN F 15 4.64 11.99 86.89
N ASN F 16 4.01 13.16 86.87
CA ASN F 16 2.70 13.29 87.51
C ASN F 16 1.62 12.54 86.76
N LEU F 17 1.79 12.33 85.45
CA LEU F 17 0.83 11.50 84.73
C LEU F 17 0.92 10.09 85.25
N PHE F 18 2.14 9.65 85.55
CA PHE F 18 2.35 8.35 86.16
C PHE F 18 1.80 8.30 87.55
N ASN F 19 1.81 9.43 88.24
CA ASN F 19 1.27 9.47 89.58
C ASN F 19 -0.23 9.30 89.54
N GLU F 20 -0.89 9.98 88.61
CA GLU F 20 -2.34 9.84 88.51
C GLU F 20 -2.72 8.46 87.98
N ILE F 21 -1.90 7.87 87.09
CA ILE F 21 -2.25 6.55 86.61
C ILE F 21 -1.96 5.52 87.69
N THR F 22 -1.00 5.83 88.57
CA THR F 22 -0.71 4.96 89.68
C THR F 22 -1.84 5.06 90.68
N ASP F 23 -2.37 6.26 90.84
CA ASP F 23 -3.48 6.50 91.73
C ASP F 23 -4.72 5.80 91.20
N PHE F 24 -4.95 5.87 89.90
CA PHE F 24 -6.11 5.17 89.34
C PHE F 24 -5.98 3.68 89.46
N LEU F 25 -4.76 3.16 89.37
CA LEU F 25 -4.57 1.74 89.56
C LEU F 25 -4.77 1.36 91.00
N VAL F 26 -4.52 2.30 91.91
CA VAL F 26 -4.72 2.02 93.33
C VAL F 26 -6.09 2.52 93.79
N THR F 27 -6.34 3.81 93.66
CA THR F 27 -7.58 4.42 94.15
C THR F 27 -8.64 4.22 93.10
N PHE F 28 -9.39 3.14 93.28
CA PHE F 28 -10.54 2.89 92.43
C PHE F 28 -11.53 2.22 93.35
N LYS F 29 -12.70 2.81 93.45
CA LYS F 29 -13.73 2.37 94.36
C LYS F 29 -15.06 2.09 93.67
N GLN F 30 -15.25 2.60 92.46
CA GLN F 30 -16.51 2.50 91.73
C GLN F 30 -16.93 1.06 91.49
N ASP F 31 -16.06 0.28 90.87
CA ASP F 31 -16.44 -1.09 90.60
C ASP F 31 -15.46 -2.04 91.22
N LYS F 59 -17.24 -6.58 94.10
CA LYS F 59 -17.86 -5.97 95.28
C LYS F 59 -17.10 -4.73 95.68
N GLY F 60 -15.82 -4.89 95.96
CA GLY F 60 -15.00 -3.77 96.34
C GLY F 60 -14.39 -3.16 95.10
N PRO F 61 -13.08 -2.98 95.09
CA PRO F 61 -12.42 -2.42 93.90
C PRO F 61 -12.34 -3.41 92.76
N LYS F 62 -12.43 -2.86 91.55
CA LYS F 62 -12.39 -3.63 90.32
C LYS F 62 -11.00 -4.13 90.02
N TYR F 63 -10.06 -3.19 89.90
CA TYR F 63 -8.71 -3.52 89.46
C TYR F 63 -7.92 -4.25 90.51
N MET F 64 -8.28 -4.14 91.80
CA MET F 64 -7.58 -4.92 92.79
C MET F 64 -8.01 -6.38 92.73
N ALA F 65 -9.31 -6.63 92.54
CA ALA F 65 -9.80 -8.00 92.39
C ALA F 65 -9.28 -8.59 91.08
N MET F 66 -9.18 -7.75 90.07
CA MET F 66 -8.62 -8.17 88.78
C MET F 66 -7.15 -8.51 88.93
N LEU F 67 -6.44 -7.70 89.69
CA LEU F 67 -5.03 -7.91 89.93
C LEU F 67 -4.84 -9.16 90.76
N GLN F 68 -5.79 -9.44 91.65
CA GLN F 68 -5.74 -10.66 92.45
C GLN F 68 -5.97 -11.88 91.58
N LYS F 69 -6.88 -11.76 90.61
CA LYS F 69 -7.16 -12.88 89.71
C LYS F 69 -6.00 -13.12 88.75
N VAL F 70 -5.32 -12.05 88.32
CA VAL F 70 -4.14 -12.21 87.48
C VAL F 70 -3.00 -12.77 88.31
N ALA F 71 -2.86 -12.24 89.53
CA ALA F 71 -1.86 -12.67 90.50
C ALA F 71 -2.11 -14.07 90.98
N ASN F 72 -3.33 -14.57 90.79
CA ASN F 72 -3.72 -15.94 91.11
C ASN F 72 -3.06 -16.92 90.14
N ARG F 73 -2.40 -16.40 89.10
CA ARG F 73 -1.67 -17.15 88.08
C ARG F 73 -2.66 -18.00 87.31
N GLU F 74 -3.76 -17.34 86.94
CA GLU F 74 -4.87 -17.93 86.22
C GLU F 74 -5.29 -17.04 85.06
N LEU F 75 -4.52 -16.00 84.77
CA LEU F 75 -4.81 -15.07 83.69
C LEU F 75 -3.50 -14.39 83.31
N ASN F 76 -3.37 -14.09 82.01
CA ASN F 76 -2.18 -13.46 81.48
C ASN F 76 -2.44 -12.07 80.94
N SER F 77 -3.68 -11.65 80.82
CA SER F 77 -3.96 -10.32 80.27
C SER F 77 -4.46 -9.34 81.33
N ASP F 83 -13.44 4.20 79.67
CA ASP F 83 -14.61 4.93 80.15
C ASP F 83 -14.44 5.27 81.62
N ASP F 84 -13.94 4.29 82.38
CA ASP F 84 -13.67 4.51 83.80
C ASP F 84 -12.54 5.50 83.98
N ILE F 85 -11.64 5.57 82.99
CA ILE F 85 -10.54 6.53 83.00
C ILE F 85 -11.10 7.95 83.03
N LEU F 86 -12.01 8.24 82.11
CA LEU F 86 -12.60 9.56 82.05
C LEU F 86 -13.52 9.82 83.23
N GLN F 87 -14.20 8.80 83.74
CA GLN F 87 -15.04 8.98 84.92
C GLN F 87 -14.20 9.30 86.15
N TYR F 88 -13.06 8.62 86.28
CA TYR F 88 -12.12 8.86 87.37
C TYR F 88 -11.55 10.25 87.26
N GLN F 89 -11.31 10.69 86.03
CA GLN F 89 -10.78 12.03 85.82
C GLN F 89 -11.86 13.07 86.08
N ASN F 90 -13.14 12.72 85.86
CA ASN F 90 -14.24 13.63 86.18
C ASN F 90 -14.35 13.80 87.68
N GLU F 91 -14.14 12.71 88.40
CA GLU F 91 -14.25 12.74 89.85
C GLU F 91 -13.06 13.48 90.45
N LYS F 92 -11.89 13.31 89.85
CA LYS F 92 -10.70 13.98 90.36
C LYS F 92 -10.78 15.47 90.08
N PHE F 93 -11.32 15.84 88.92
CA PHE F 93 -11.48 17.26 88.60
C PHE F 93 -12.54 17.92 89.45
N LEU F 94 -13.66 17.24 89.69
CA LEU F 94 -14.73 17.81 90.50
C LEU F 94 -14.45 17.77 91.98
N GLN F 95 -13.52 16.93 92.43
CA GLN F 95 -13.26 16.82 93.85
C GLN F 95 -11.88 17.29 94.27
N GLY F 96 -10.86 17.16 93.41
CA GLY F 96 -9.52 17.56 93.76
C GLY F 96 -9.04 18.77 92.98
N THR F 97 -7.76 19.08 93.20
CA THR F 97 -7.14 20.28 92.62
C THR F 97 -7.02 20.19 91.11
N GLN F 98 -6.26 19.21 90.61
CA GLN F 98 -6.03 19.13 89.18
C GLN F 98 -5.66 17.71 88.79
N ALA F 99 -6.23 17.26 87.68
CA ALA F 99 -5.91 15.95 87.15
C ALA F 99 -5.20 16.14 85.83
N ASP F 100 -4.16 15.34 85.63
CA ASP F 100 -3.42 15.32 84.39
C ASP F 100 -4.24 14.61 83.32
N ASP F 101 -4.17 15.11 82.09
CA ASP F 101 -4.90 14.45 81.02
C ASP F 101 -4.26 13.11 80.77
N LEU F 102 -5.09 12.10 80.61
CA LEU F 102 -4.57 10.77 80.42
C LEU F 102 -5.23 10.04 79.27
N VAL F 103 -6.45 10.42 78.88
CA VAL F 103 -7.07 9.78 77.73
C VAL F 103 -6.39 10.22 76.45
N SER F 104 -6.42 11.53 76.20
CA SER F 104 -5.80 12.07 75.02
C SER F 104 -4.28 12.02 75.10
N ALA F 105 -3.73 11.96 76.32
CA ALA F 105 -2.28 11.85 76.48
C ALA F 105 -1.80 10.56 75.88
N ILE F 106 -2.48 9.46 76.23
CA ILE F 106 -2.15 8.16 75.65
C ILE F 106 -2.49 8.19 74.18
N GLN F 107 -3.56 8.90 73.81
CA GLN F 107 -3.97 8.98 72.42
C GLN F 107 -2.90 9.64 71.54
N GLN F 108 -2.07 10.52 72.12
CA GLN F 108 -1.03 11.18 71.34
C GLN F 108 0.11 10.24 70.97
N ASN F 109 0.85 9.75 71.97
CA ASN F 109 2.03 8.95 71.67
C ASN F 109 1.77 7.46 71.70
N ALA F 110 1.13 6.96 72.76
CA ALA F 110 0.65 5.59 72.96
C ALA F 110 1.70 4.50 73.08
N ASN F 111 2.97 4.80 72.86
CA ASN F 111 3.97 3.76 72.98
C ASN F 111 4.68 3.82 74.31
N HIS F 112 4.93 5.02 74.79
CA HIS F 112 5.58 5.18 76.08
C HIS F 112 4.58 4.87 77.19
N PHE F 113 3.29 4.95 76.87
CA PHE F 113 2.19 4.70 77.78
C PHE F 113 1.93 3.21 77.96
N THR F 114 2.67 2.36 77.27
CA THR F 114 2.50 0.92 77.42
C THR F 114 3.25 0.32 78.62
N GLU F 115 4.58 0.41 78.58
CA GLU F 115 5.45 -0.26 79.55
C GLU F 115 5.71 0.48 80.83
N LEU F 116 5.80 1.80 80.82
CA LEU F 116 6.03 2.50 82.07
C LEU F 116 4.74 2.48 82.90
N PHE F 117 3.61 2.34 82.21
CA PHE F 117 2.30 2.18 82.79
C PHE F 117 2.07 0.75 83.24
N CYS F 118 2.64 -0.19 82.51
CA CYS F 118 2.43 -1.58 82.84
C CYS F 118 3.31 -2.03 84.00
N ARG F 119 4.47 -1.40 84.18
CA ARG F 119 5.37 -1.76 85.26
C ARG F 119 4.86 -1.33 86.64
N ALA F 120 3.94 -0.37 86.71
CA ALA F 120 3.43 0.03 88.01
C ALA F 120 2.53 -1.02 88.61
N ILE F 121 1.93 -1.85 87.76
CA ILE F 121 1.09 -2.93 88.25
C ILE F 121 1.96 -3.95 88.95
N ASP F 122 3.16 -4.18 88.42
CA ASP F 122 4.06 -5.15 89.02
C ASP F 122 4.64 -4.68 90.35
N ASN F 123 4.37 -3.44 90.76
CA ASN F 123 4.81 -2.99 92.06
C ASN F 123 4.00 -3.68 93.15
N ASN F 124 2.69 -3.71 92.98
CA ASN F 124 1.78 -4.34 93.94
C ASN F 124 1.15 -5.59 93.34
N MET F 125 1.36 -6.75 93.99
CA MET F 125 0.81 -8.00 93.48
C MET F 125 0.76 -9.13 94.50
N PRO F 126 -0.40 -9.73 94.78
CA PRO F 126 -0.43 -10.88 95.69
C PRO F 126 0.07 -12.15 95.00
N LEU F 127 1.39 -12.28 94.92
CA LEU F 127 1.98 -13.41 94.21
C LEU F 127 1.80 -14.75 94.92
N PRO F 128 2.17 -14.92 96.23
CA PRO F 128 2.02 -16.27 96.82
C PRO F 128 0.61 -16.61 97.28
N THR F 129 -0.42 -15.91 96.76
CA THR F 129 -1.81 -16.08 97.18
C THR F 129 -2.34 -17.51 97.08
N LYS F 130 -1.68 -18.40 96.34
CA LYS F 130 -2.10 -19.78 96.26
C LYS F 130 -0.86 -20.64 96.05
N GLU F 131 -0.81 -21.77 96.74
CA GLU F 131 0.27 -22.74 96.63
C GLU F 131 0.40 -23.27 95.21
N ILE F 132 1.66 -23.39 94.75
CA ILE F 132 1.87 -23.87 93.39
C ILE F 132 1.54 -25.36 93.34
N ASP F 133 0.91 -25.75 92.26
CA ASP F 133 0.50 -27.09 91.91
C ASP F 133 1.62 -27.78 91.14
N TYR F 134 1.62 -29.12 91.15
CA TYR F 134 2.64 -29.81 90.37
C TYR F 134 2.46 -29.57 88.89
N LYS F 135 1.24 -29.27 88.46
CA LYS F 135 0.98 -28.95 87.07
C LYS F 135 0.72 -27.46 86.91
N ASP F 136 1.20 -26.66 87.87
CA ASP F 136 1.02 -25.21 87.81
C ASP F 136 1.97 -24.60 86.79
N ASP F 137 3.27 -24.71 87.05
CA ASP F 137 4.26 -24.13 86.15
C ASP F 137 5.64 -24.69 86.45
N VAL F 138 6.30 -25.16 85.40
CA VAL F 138 7.67 -25.64 85.48
C VAL F 138 8.65 -24.49 85.54
N LEU F 139 8.25 -23.31 85.08
CA LEU F 139 9.12 -22.14 85.09
C LEU F 139 9.43 -21.68 86.50
N ASP F 140 8.48 -21.88 87.42
CA ASP F 140 8.69 -21.47 88.79
C ASP F 140 9.75 -22.34 89.45
N VAL F 141 9.75 -23.65 89.15
CA VAL F 141 10.78 -24.50 89.73
C VAL F 141 12.11 -24.30 88.99
N ILE F 142 12.11 -23.80 87.75
CA ILE F 142 13.38 -23.59 87.06
C ILE F 142 14.11 -22.37 87.62
N LEU F 143 13.39 -21.29 87.87
CA LEU F 143 14.05 -20.13 88.44
C LEU F 143 14.50 -20.37 89.87
N ASN F 144 13.81 -21.25 90.59
CA ASN F 144 14.19 -21.59 91.95
C ASN F 144 15.49 -22.39 91.95
N PHE F 192 18.67 -10.48 86.95
CA PHE F 192 17.70 -10.66 85.90
C PHE F 192 16.84 -9.41 85.74
N PRO F 193 16.58 -9.00 84.50
CA PRO F 193 15.72 -7.85 84.30
C PRO F 193 14.27 -8.26 84.53
N PRO F 194 13.41 -7.35 84.96
CA PRO F 194 12.01 -7.73 85.18
C PRO F 194 11.25 -7.94 83.91
N ASN F 195 11.80 -7.47 82.79
CA ASN F 195 11.19 -7.70 81.50
C ASN F 195 11.39 -9.14 81.08
N LEU F 196 12.38 -9.79 81.66
CA LEU F 196 12.69 -11.16 81.33
C LEU F 196 11.75 -12.10 82.04
N THR F 197 11.15 -11.65 83.12
CA THR F 197 10.25 -12.45 83.92
C THR F 197 8.93 -11.71 83.97
N ARG F 198 8.04 -11.99 83.02
CA ARG F 198 6.77 -11.27 83.06
C ARG F 198 5.58 -12.19 83.30
N ARG F 199 5.32 -13.13 82.38
CA ARG F 199 4.24 -14.13 82.40
C ARG F 199 2.87 -13.48 82.15
N TYR F 200 2.78 -12.16 82.12
CA TYR F 200 1.52 -11.49 81.90
C TYR F 200 1.57 -10.53 80.71
N PHE F 201 0.42 -9.92 80.45
CA PHE F 201 0.20 -8.93 79.40
C PHE F 201 -0.78 -7.87 79.90
N LEU F 202 -0.81 -6.75 79.18
CA LEU F 202 -1.66 -5.59 79.49
C LEU F 202 -2.37 -5.17 78.24
N TYR F 203 -3.68 -4.95 78.35
CA TYR F 203 -4.48 -4.48 77.24
C TYR F 203 -5.09 -3.14 77.57
N PHE F 204 -5.10 -2.26 76.58
CA PHE F 204 -5.68 -0.95 76.75
C PHE F 204 -7.18 -1.08 76.55
N LYS F 205 -7.89 0.02 76.74
CA LYS F 205 -9.29 -0.11 76.57
C LYS F 205 -9.87 1.15 75.94
N PRO F 206 -10.57 0.99 74.83
CA PRO F 206 -11.16 2.15 74.14
C PRO F 206 -12.43 2.67 74.81
N LEU F 207 -12.68 3.95 74.57
CA LEU F 207 -13.85 4.65 75.07
C LEU F 207 -15.05 4.48 74.14
N SER F 208 -16.24 4.33 74.72
CA SER F 208 -17.43 4.22 73.89
C SER F 208 -17.86 5.60 73.39
N GLN F 209 -18.64 5.61 72.31
CA GLN F 209 -19.14 6.87 71.78
C GLN F 209 -20.30 7.46 72.58
N ASN F 210 -20.96 6.67 73.45
CA ASN F 210 -22.09 7.18 74.21
C ASN F 210 -21.63 8.20 75.24
N CYS F 211 -20.56 7.89 75.98
CA CYS F 211 -20.06 8.84 76.95
C CYS F 211 -19.39 10.01 76.26
N ALA F 212 -18.85 9.78 75.05
CA ALA F 212 -18.27 10.88 74.28
C ALA F 212 -19.38 11.81 73.81
N ARG F 213 -20.55 11.23 73.59
CA ARG F 213 -21.75 11.99 73.25
C ARG F 213 -22.22 12.77 74.46
N ARG F 214 -22.12 12.14 75.63
CA ARG F 214 -22.53 12.76 76.88
C ARG F 214 -21.48 13.74 77.38
N TYR F 215 -20.23 13.32 77.44
CA TYR F 215 -19.16 14.19 77.94
C TYR F 215 -18.06 14.41 76.91
N LYS F 223 -14.44 4.94 66.21
CA LYS F 223 -14.65 6.04 65.30
C LYS F 223 -14.85 5.42 63.91
N PRO F 224 -15.81 5.91 63.13
CA PRO F 224 -16.04 5.35 61.78
C PRO F 224 -15.06 5.79 60.68
N LEU F 225 -13.87 5.20 60.64
CA LEU F 225 -12.90 5.60 59.63
C LEU F 225 -12.82 4.62 58.46
N SER F 226 -12.39 5.15 57.32
CA SER F 226 -12.21 4.41 56.08
C SER F 226 -10.70 4.25 55.87
N VAL F 227 -10.32 3.31 55.01
CA VAL F 227 -8.89 3.12 54.71
C VAL F 227 -8.34 4.32 53.97
N ARG F 228 -9.15 4.94 53.10
CA ARG F 228 -8.75 6.16 52.43
C ARG F 228 -8.62 7.29 53.44
N GLN F 229 -9.42 7.23 54.51
CA GLN F 229 -9.35 8.23 55.54
C GLN F 229 -8.15 8.00 56.43
N ILE F 230 -7.50 6.85 56.32
CA ILE F 230 -6.32 6.58 57.10
C ILE F 230 -5.20 7.30 56.39
N LYS F 231 -4.94 8.50 56.83
CA LYS F 231 -3.84 9.26 56.29
C LYS F 231 -2.57 8.66 56.83
N GLY F 232 -1.48 8.73 56.06
CA GLY F 232 -0.23 8.21 56.57
C GLY F 232 0.51 9.18 57.47
N ASP F 233 -0.23 10.04 58.16
CA ASP F 233 0.34 11.01 59.08
C ASP F 233 -0.12 10.82 60.51
N PHE F 234 -0.99 9.85 60.77
CA PHE F 234 -1.54 9.60 62.08
C PHE F 234 -0.78 8.53 62.84
N LEU F 235 0.50 8.36 62.56
CA LEU F 235 1.29 7.32 63.19
C LEU F 235 1.57 7.66 64.65
N GLY F 236 1.29 6.71 65.53
CA GLY F 236 1.45 6.89 66.95
C GLY F 236 0.17 7.27 67.62
N GLN F 237 -0.84 7.64 66.85
CA GLN F 237 -2.14 8.00 67.37
C GLN F 237 -2.95 6.75 67.68
N LEU F 238 -4.17 6.99 68.15
CA LEU F 238 -5.13 5.95 68.47
C LEU F 238 -6.25 5.98 67.46
N ILE F 239 -6.50 4.86 66.79
CA ILE F 239 -7.52 4.83 65.76
C ILE F 239 -8.50 3.70 66.04
N THR F 240 -9.51 3.63 65.18
CA THR F 240 -10.56 2.63 65.20
C THR F 240 -11.01 2.44 63.76
N VAL F 241 -10.87 1.24 63.22
CA VAL F 241 -11.23 0.97 61.83
C VAL F 241 -12.28 -0.14 61.76
N ARG F 242 -12.76 -0.36 60.54
CA ARG F 242 -13.74 -1.40 60.28
C ARG F 242 -13.49 -1.90 58.87
N GLY F 243 -13.87 -3.13 58.60
CA GLY F 243 -13.64 -3.67 57.27
C GLY F 243 -13.96 -5.14 57.12
N ILE F 244 -13.18 -5.84 56.29
CA ILE F 244 -13.39 -7.25 56.02
C ILE F 244 -12.08 -8.00 56.15
N ILE F 245 -12.08 -9.03 57.00
CA ILE F 245 -10.89 -9.85 57.18
C ILE F 245 -10.67 -10.64 55.91
N THR F 246 -9.48 -10.53 55.33
CA THR F 246 -9.22 -11.21 54.08
C THR F 246 -7.82 -11.79 54.08
N ARG F 247 -7.71 -13.07 53.73
CA ARG F 247 -6.46 -13.82 53.70
C ARG F 247 -5.80 -13.80 55.08
N VAL F 248 -6.46 -14.48 56.00
CA VAL F 248 -5.91 -14.56 57.33
C VAL F 248 -4.74 -15.52 57.30
N SER F 249 -3.64 -15.14 57.92
CA SER F 249 -2.49 -16.02 57.92
C SER F 249 -2.63 -16.97 59.09
N ASP F 250 -1.57 -17.69 59.41
CA ASP F 250 -1.60 -18.61 60.53
C ASP F 250 -0.74 -18.07 61.66
N VAL F 251 -1.01 -18.56 62.87
CA VAL F 251 -0.29 -18.14 64.07
C VAL F 251 1.00 -18.96 64.21
N LYS F 252 2.11 -18.26 64.40
CA LYS F 252 3.43 -18.86 64.52
C LYS F 252 4.15 -18.14 65.66
N PRO F 253 5.05 -18.83 66.35
CA PRO F 253 5.67 -18.22 67.54
C PRO F 253 6.65 -17.12 67.23
N ALA F 254 6.63 -16.10 68.09
CA ALA F 254 7.51 -14.94 67.99
C ALA F 254 8.54 -14.97 69.11
N VAL F 255 9.82 -14.97 68.74
CA VAL F 255 10.90 -14.96 69.72
C VAL F 255 11.01 -13.59 70.37
N GLU F 256 11.18 -13.56 71.71
CA GLU F 256 11.28 -12.30 72.43
C GLU F 256 12.64 -12.06 73.07
N VAL F 257 13.11 -12.98 73.89
CA VAL F 257 14.39 -12.83 74.57
C VAL F 257 15.18 -14.10 74.33
N ILE F 258 16.50 -13.95 74.31
CA ILE F 258 17.37 -15.08 74.04
C ILE F 258 18.22 -15.35 75.26
N ALA F 259 18.21 -16.58 75.71
CA ALA F 259 19.04 -17.00 76.82
C ALA F 259 20.34 -17.51 76.24
N TYR F 260 21.40 -17.42 77.03
CA TYR F 260 22.69 -17.90 76.56
C TYR F 260 23.37 -18.58 77.74
N THR F 261 23.58 -19.87 77.61
CA THR F 261 24.20 -20.67 78.65
C THR F 261 25.70 -20.49 78.60
N CYS F 262 26.30 -20.27 79.76
CA CYS F 262 27.75 -20.05 79.81
C CYS F 262 28.51 -21.32 79.51
N ASP F 263 28.11 -22.41 80.17
CA ASP F 263 28.62 -23.78 80.09
C ASP F 263 30.02 -23.94 80.69
N GLN F 264 30.67 -22.85 81.09
CA GLN F 264 31.97 -22.94 81.74
C GLN F 264 31.90 -22.37 83.14
N CYS F 265 31.50 -21.12 83.26
CA CYS F 265 31.37 -20.47 84.55
C CYS F 265 29.98 -20.70 85.15
N GLY F 266 29.05 -21.19 84.36
CA GLY F 266 27.70 -21.48 84.82
C GLY F 266 26.77 -20.31 84.95
N TYR F 267 27.02 -19.21 84.26
CA TYR F 267 26.13 -18.08 84.31
C TYR F 267 25.15 -18.16 83.14
N GLU F 268 24.26 -17.19 83.06
CA GLU F 268 23.30 -17.13 81.97
C GLU F 268 23.29 -15.73 81.40
N VAL F 269 23.60 -15.62 80.12
CA VAL F 269 23.63 -14.36 79.40
C VAL F 269 22.28 -14.22 78.71
N PHE F 270 21.75 -13.00 78.67
CA PHE F 270 20.44 -12.80 78.07
C PHE F 270 20.44 -11.71 77.02
N GLN F 271 19.81 -12.01 75.91
CA GLN F 271 19.72 -11.12 74.77
C GLN F 271 18.26 -10.88 74.50
N GLU F 272 17.82 -9.65 74.66
CA GLU F 272 16.44 -9.29 74.41
C GLU F 272 16.36 -8.72 73.01
N VAL F 273 15.44 -9.22 72.21
CA VAL F 273 15.29 -8.79 70.82
C VAL F 273 13.88 -8.25 70.62
N ASN F 274 13.77 -7.00 70.18
CA ASN F 274 12.48 -6.39 69.87
C ASN F 274 12.36 -6.04 68.39
N SER F 275 13.41 -6.26 67.62
CA SER F 275 13.47 -6.01 66.20
C SER F 275 13.12 -7.29 65.45
N ARG F 276 13.12 -7.21 64.14
CA ARG F 276 12.86 -8.40 63.36
C ARG F 276 14.08 -9.31 63.37
N THR F 277 15.24 -8.76 63.08
CA THR F 277 16.48 -9.51 63.09
C THR F 277 17.39 -8.98 64.19
N PHE F 278 18.54 -9.64 64.32
CA PHE F 278 19.54 -9.30 65.32
C PHE F 278 20.85 -9.89 64.80
N THR F 279 21.83 -10.01 65.67
CA THR F 279 23.12 -10.53 65.28
C THR F 279 23.63 -11.49 66.34
N PRO F 280 24.45 -12.47 65.98
CA PRO F 280 25.02 -13.36 66.99
C PRO F 280 26.03 -12.60 67.84
N LEU F 281 26.23 -13.11 69.03
CA LEU F 281 27.11 -12.50 70.00
C LEU F 281 28.36 -13.36 70.15
N SER F 282 29.19 -13.04 71.14
CA SER F 282 30.46 -13.73 71.30
C SER F 282 30.32 -15.12 71.93
N GLU F 283 31.45 -15.67 72.33
CA GLU F 283 31.50 -17.02 72.87
C GLU F 283 30.90 -17.10 74.27
N CYS F 284 31.00 -16.04 75.06
CA CYS F 284 30.47 -16.01 76.41
C CYS F 284 30.53 -14.58 76.89
N THR F 285 29.62 -14.26 77.79
CA THR F 285 29.57 -12.94 78.40
C THR F 285 29.35 -13.15 79.89
N SER F 286 30.10 -14.09 80.44
CA SER F 286 29.97 -14.32 81.86
C SER F 286 30.82 -13.32 82.59
N GLU F 287 30.60 -13.23 83.90
CA GLU F 287 31.41 -12.34 84.68
C GLU F 287 32.71 -13.01 85.07
N GLU F 288 32.73 -14.34 85.06
CA GLU F 288 33.90 -15.12 85.39
C GLU F 288 34.70 -15.56 84.17
N CYS F 289 34.04 -15.83 83.02
CA CYS F 289 34.77 -16.15 81.79
C CYS F 289 35.70 -15.04 81.37
N SER F 290 35.29 -13.79 81.63
CA SER F 290 36.13 -12.64 81.37
C SER F 290 37.35 -12.67 82.29
N GLN F 291 38.33 -11.81 81.99
CA GLN F 291 39.63 -11.69 82.67
C GLN F 291 40.31 -13.05 82.89
N ASN F 292 40.10 -13.95 81.93
CA ASN F 292 40.64 -15.30 81.98
C ASN F 292 41.05 -15.70 80.58
N GLN F 293 42.01 -16.63 80.52
CA GLN F 293 42.53 -17.08 79.24
C GLN F 293 41.48 -17.90 78.49
N THR F 294 40.86 -18.84 79.18
CA THR F 294 39.88 -19.72 78.58
C THR F 294 38.48 -19.18 78.80
N LYS F 295 37.94 -18.55 77.76
CA LYS F 295 36.58 -18.07 77.80
C LYS F 295 35.64 -19.25 77.58
N GLY F 296 34.37 -19.05 77.84
CA GLY F 296 33.41 -20.11 77.68
C GLY F 296 32.99 -20.24 76.24
N GLN F 297 31.89 -20.94 76.05
CA GLN F 297 31.34 -21.11 74.71
C GLN F 297 29.85 -21.20 74.91
N LEU F 298 29.11 -20.26 74.35
CA LEU F 298 27.69 -20.30 74.61
C LEU F 298 26.92 -20.87 73.44
N PHE F 299 25.62 -20.94 73.66
CA PHE F 299 24.60 -21.40 72.75
C PHE F 299 23.28 -20.99 73.37
N MET F 300 22.28 -20.88 72.52
CA MET F 300 20.98 -20.46 73.00
C MET F 300 20.27 -21.64 73.64
N SER F 301 19.08 -21.36 74.15
CA SER F 301 18.27 -22.38 74.79
C SER F 301 16.83 -22.06 74.46
N THR F 302 16.01 -23.11 74.41
CA THR F 302 14.62 -22.94 74.05
C THR F 302 13.73 -22.74 75.26
N ARG F 303 13.91 -23.59 76.27
CA ARG F 303 13.06 -23.51 77.44
C ARG F 303 13.30 -22.28 78.28
N ALA F 304 14.44 -21.63 78.14
CA ALA F 304 14.66 -20.44 78.93
C ALA F 304 14.26 -19.18 78.18
N SER F 305 14.05 -19.27 76.88
CA SER F 305 13.62 -18.11 76.12
C SER F 305 12.13 -17.88 76.34
N LYS F 306 11.67 -16.67 76.04
CA LYS F 306 10.26 -16.33 76.17
C LYS F 306 9.65 -16.04 74.81
N PHE F 307 8.46 -16.57 74.54
CA PHE F 307 7.79 -16.32 73.27
C PHE F 307 6.52 -15.50 73.45
N SER F 308 5.85 -15.27 72.33
CA SER F 308 4.62 -14.51 72.28
C SER F 308 3.84 -14.88 71.03
N ALA F 309 2.52 -14.87 71.15
CA ALA F 309 1.65 -15.17 70.01
C ALA F 309 1.75 -14.08 68.95
N PHE F 310 1.94 -14.48 67.69
CA PHE F 310 2.06 -13.56 66.56
C PHE F 310 1.30 -14.07 65.36
N GLN F 311 0.55 -13.19 64.69
CA GLN F 311 -0.23 -13.50 63.50
C GLN F 311 -0.71 -12.19 62.88
N GLU F 312 -0.84 -12.17 61.55
CA GLU F 312 -1.32 -11.00 60.83
C GLU F 312 -2.29 -11.44 59.74
N CYS F 313 -2.95 -10.47 59.12
CA CYS F 313 -3.95 -10.69 58.06
C CYS F 313 -4.13 -9.39 57.27
N LYS F 314 -5.10 -9.38 56.34
CA LYS F 314 -5.38 -8.19 55.53
C LYS F 314 -6.85 -7.79 55.64
N ILE F 315 -7.08 -6.47 55.59
CA ILE F 315 -8.43 -5.91 55.70
C ILE F 315 -8.79 -5.18 54.42
N GLN F 316 -9.85 -5.64 53.77
CA GLN F 316 -10.32 -5.03 52.55
C GLN F 316 -11.39 -3.98 52.87
N GLU F 317 -11.50 -2.98 51.98
CA GLU F 317 -12.46 -1.89 52.12
C GLU F 317 -13.91 -2.40 52.01
N LEU F 318 -14.81 -1.63 52.60
CA LEU F 318 -16.24 -1.93 52.70
C LEU F 318 -16.97 -1.94 51.37
N SER F 319 -16.38 -1.39 50.31
CA SER F 319 -16.94 -1.34 48.96
C SER F 319 -18.29 -0.65 48.93
N GLN F 320 -18.51 0.26 49.86
CA GLN F 320 -19.76 0.99 49.87
C GLN F 320 -19.30 2.43 50.05
N GLN F 321 -18.12 2.58 50.65
CA GLN F 321 -17.50 3.87 50.90
C GLN F 321 -16.42 4.17 49.86
N VAL F 322 -16.29 3.31 48.87
CA VAL F 322 -15.32 3.46 47.79
C VAL F 322 -15.78 4.54 46.82
N PRO F 323 -14.91 5.43 46.34
CA PRO F 323 -15.33 6.44 45.36
C PRO F 323 -15.76 5.80 44.04
N VAL F 324 -16.38 6.62 43.19
CA VAL F 324 -16.94 6.10 41.95
C VAL F 324 -15.89 5.74 40.91
N GLY F 325 -14.66 6.21 41.04
CA GLY F 325 -13.69 5.83 40.03
C GLY F 325 -12.37 5.35 40.58
N HIS F 326 -12.40 4.73 41.74
CA HIS F 326 -11.18 4.26 42.36
C HIS F 326 -11.24 2.75 42.54
N ILE F 327 -10.09 2.22 42.89
CA ILE F 327 -9.92 0.79 43.13
C ILE F 327 -9.71 0.65 44.63
N PRO F 328 -10.41 -0.27 45.29
CA PRO F 328 -10.26 -0.36 46.75
C PRO F 328 -8.91 -0.91 47.16
N ARG F 329 -8.39 -0.37 48.23
CA ARG F 329 -7.10 -0.78 48.74
C ARG F 329 -7.32 -1.77 49.87
N SER F 330 -6.24 -2.19 50.50
CA SER F 330 -6.30 -3.10 51.62
C SER F 330 -5.24 -2.66 52.61
N LEU F 331 -5.14 -3.33 53.78
CA LEU F 331 -4.15 -2.94 54.76
C LEU F 331 -3.86 -4.07 55.74
N ASN F 332 -2.60 -4.17 56.17
CA ASN F 332 -2.12 -5.20 57.09
C ASN F 332 -2.29 -4.82 58.54
N ILE F 333 -2.79 -5.76 59.34
CA ILE F 333 -3.03 -5.57 60.77
C ILE F 333 -2.40 -6.73 61.54
N HIS F 334 -1.49 -6.43 62.47
CA HIS F 334 -0.86 -7.44 63.29
C HIS F 334 -1.72 -7.79 64.50
N VAL F 335 -1.73 -9.08 64.87
CA VAL F 335 -2.49 -9.59 66.00
C VAL F 335 -1.53 -10.33 66.93
N ASN F 336 -1.58 -10.01 68.22
CA ASN F 336 -0.70 -10.64 69.19
C ASN F 336 -1.38 -11.03 70.48
N GLY F 337 -0.95 -12.14 71.05
CA GLY F 337 -1.41 -12.56 72.38
C GLY F 337 -2.71 -13.34 72.45
N THR F 338 -3.61 -12.87 73.31
CA THR F 338 -4.87 -13.56 73.57
C THR F 338 -5.84 -13.48 72.40
N LEU F 339 -5.90 -12.33 71.75
CA LEU F 339 -6.84 -12.13 70.66
C LEU F 339 -6.50 -12.92 69.40
N VAL F 340 -5.40 -13.68 69.39
CA VAL F 340 -5.03 -14.46 68.21
C VAL F 340 -6.05 -15.59 68.01
N ARG F 341 -6.08 -16.12 66.77
CA ARG F 341 -6.97 -17.21 66.34
C ARG F 341 -8.44 -16.87 66.62
N SER F 342 -8.81 -15.62 66.42
CA SER F 342 -10.17 -15.19 66.70
C SER F 342 -10.80 -14.39 65.56
N LEU F 343 -10.18 -14.32 64.40
CA LEU F 343 -10.70 -13.52 63.28
C LEU F 343 -10.87 -14.35 62.02
N SER F 344 -12.10 -14.73 61.73
CA SER F 344 -12.37 -15.48 60.52
C SER F 344 -12.30 -14.52 59.32
N PRO F 345 -11.88 -15.00 58.15
CA PRO F 345 -11.83 -14.12 56.99
C PRO F 345 -13.22 -13.88 56.42
N GLY F 346 -13.38 -12.75 55.75
CA GLY F 346 -14.63 -12.40 55.11
C GLY F 346 -15.79 -12.09 56.04
N ASP F 347 -15.55 -11.22 57.02
CA ASP F 347 -16.58 -10.84 57.98
C ASP F 347 -16.69 -9.33 58.07
N ILE F 348 -17.45 -8.84 59.04
CA ILE F 348 -17.61 -7.41 59.30
C ILE F 348 -17.28 -7.25 60.77
N VAL F 349 -16.23 -6.48 61.06
CA VAL F 349 -15.74 -6.35 62.41
C VAL F 349 -15.22 -4.94 62.69
N ASP F 350 -15.36 -4.51 63.94
CA ASP F 350 -14.85 -3.23 64.37
C ASP F 350 -13.48 -3.50 64.99
N VAL F 351 -12.44 -2.97 64.35
CA VAL F 351 -11.05 -3.15 64.78
C VAL F 351 -10.52 -1.83 65.32
N THR F 352 -9.97 -1.86 66.52
CA THR F 352 -9.41 -0.68 67.14
C THR F 352 -7.93 -0.87 67.35
N GLY F 353 -7.19 0.22 67.23
CA GLY F 353 -5.77 0.05 67.44
C GLY F 353 -4.98 1.34 67.36
N ILE F 354 -3.68 1.12 67.28
CA ILE F 354 -2.67 2.16 67.21
C ILE F 354 -1.92 1.92 65.92
N PHE F 355 -1.51 3.00 65.33
CA PHE F 355 -0.98 2.97 63.99
C PHE F 355 0.53 3.11 64.00
N LEU F 356 1.23 2.02 63.71
CA LEU F 356 2.67 2.14 63.76
C LEU F 356 3.33 1.72 62.45
N PRO F 357 4.39 2.43 62.06
CA PRO F 357 5.14 2.09 60.85
C PRO F 357 6.15 0.99 61.10
N ALA F 358 6.75 0.50 60.01
CA ALA F 358 7.77 -0.52 60.17
C ALA F 358 9.08 -0.07 59.52
N PRO F 359 10.20 -0.22 60.21
CA PRO F 359 11.51 0.22 59.67
C PRO F 359 12.27 -0.61 58.64
N TYR F 360 12.25 -0.18 57.38
CA TYR F 360 13.03 -0.81 56.30
C TYR F 360 13.02 0.12 55.11
N ALA F 368 14.07 2.14 48.75
CA ALA F 368 14.85 3.18 48.09
C ALA F 368 15.56 4.03 49.13
N GLY F 369 15.35 3.68 50.38
CA GLY F 369 15.98 4.34 51.50
C GLY F 369 15.05 4.97 52.50
N LEU F 370 14.01 5.72 52.13
CA LEU F 370 13.13 6.20 53.20
C LEU F 370 11.70 5.94 52.77
N LEU F 371 11.32 4.69 52.87
CA LEU F 371 9.99 4.20 52.59
C LEU F 371 9.46 3.60 53.87
N THR F 372 8.33 4.09 54.36
CA THR F 372 7.79 3.59 55.60
C THR F 372 6.56 2.74 55.30
N GLU F 373 6.62 1.47 55.66
CA GLU F 373 5.51 0.58 55.41
C GLU F 373 4.73 0.50 56.71
N THR F 374 3.45 0.75 56.62
CA THR F 374 2.66 0.77 57.84
C THR F 374 1.89 -0.51 58.09
N TYR F 375 1.33 -0.56 59.29
CA TYR F 375 0.47 -1.61 59.77
C TYR F 375 -0.37 -1.07 60.92
N LEU F 376 -1.14 -1.97 61.53
CA LEU F 376 -2.01 -1.68 62.65
C LEU F 376 -1.90 -2.77 63.69
N GLU F 377 -1.86 -2.39 64.95
CA GLU F 377 -1.87 -3.37 66.02
C GLU F 377 -3.29 -3.37 66.55
N ALA F 378 -3.91 -4.54 66.59
CA ALA F 378 -5.29 -4.66 67.05
C ALA F 378 -5.44 -4.44 68.54
N GLN F 379 -6.52 -3.83 68.91
CA GLN F 379 -6.74 -3.62 70.34
C GLN F 379 -8.08 -4.17 70.77
N PHE F 380 -9.11 -4.08 69.95
CA PHE F 380 -10.40 -4.61 70.34
C PHE F 380 -11.12 -5.10 69.11
N VAL F 381 -11.85 -6.19 69.30
CA VAL F 381 -12.62 -6.84 68.26
C VAL F 381 -14.10 -6.81 68.60
N ARG F 382 -14.89 -6.24 67.70
CA ARG F 382 -16.35 -6.27 67.81
C ARG F 382 -16.82 -6.82 66.49
N GLN F 383 -17.31 -8.05 66.50
CA GLN F 383 -17.75 -8.67 65.26
C GLN F 383 -19.24 -8.49 65.04
N HIS F 384 -19.57 -7.96 63.87
CA HIS F 384 -20.90 -7.89 63.33
C HIS F 384 -21.21 -9.29 62.81
N LYS F 385 -22.50 -9.60 62.67
CA LYS F 385 -22.97 -10.90 62.17
C LYS F 385 -22.49 -12.06 63.05
N LYS F 386 -23.08 -12.10 64.24
CA LYS F 386 -22.80 -13.08 65.27
C LYS F 386 -22.99 -14.51 64.76
N LYS F 387 -21.97 -15.35 64.96
CA LYS F 387 -21.99 -16.73 64.48
C LYS F 387 -22.97 -17.59 65.27
N PHE F 388 -23.72 -18.44 64.55
CA PHE F 388 -24.69 -19.34 65.15
C PHE F 388 -23.97 -20.52 65.83
N ALA F 389 -24.80 -21.39 66.43
CA ALA F 389 -24.38 -22.61 67.14
C ALA F 389 -23.40 -22.33 68.28
N SER F 390 -23.50 -21.15 68.87
CA SER F 390 -22.60 -20.77 69.95
C SER F 390 -23.37 -20.19 71.12
N THR F 394 -30.86 -22.71 72.60
CA THR F 394 -32.03 -23.52 72.36
C THR F 394 -33.25 -22.85 73.00
N SER F 395 -32.97 -21.98 73.97
CA SER F 395 -34.03 -21.27 74.70
C SER F 395 -34.70 -20.26 73.79
N ASP F 396 -33.90 -19.31 73.28
CA ASP F 396 -34.39 -18.31 72.34
C ASP F 396 -34.78 -18.94 71.01
N VAL F 397 -34.23 -20.12 70.74
CA VAL F 397 -34.58 -20.86 69.54
C VAL F 397 -36.02 -21.34 69.62
N GLU F 398 -36.36 -22.07 70.70
CA GLU F 398 -37.72 -22.54 70.81
C GLU F 398 -38.69 -21.44 71.23
N GLU F 399 -38.17 -20.27 71.64
CA GLU F 399 -39.00 -19.12 71.96
C GLU F 399 -39.79 -18.66 70.74
N ARG F 400 -39.23 -18.85 69.55
CA ARG F 400 -39.88 -18.54 68.30
C ARG F 400 -40.29 -19.78 67.53
N VAL F 401 -39.60 -20.91 67.74
CA VAL F 401 -39.97 -22.14 67.03
C VAL F 401 -41.30 -22.68 67.54
N MET F 402 -41.51 -22.69 68.87
CA MET F 402 -42.78 -23.18 69.41
C MET F 402 -43.92 -22.27 69.00
N GLU F 403 -43.64 -20.98 68.86
CA GLU F 403 -44.66 -20.05 68.41
C GLU F 403 -44.90 -20.23 66.92
N LEU F 404 -43.86 -20.61 66.19
CA LEU F 404 -43.97 -20.88 64.76
C LEU F 404 -44.80 -22.13 64.52
N ILE F 405 -44.67 -23.12 65.38
CA ILE F 405 -45.41 -24.37 65.24
C ILE F 405 -46.89 -24.12 65.55
N THR F 406 -47.16 -23.41 66.64
CA THR F 406 -48.52 -23.11 67.04
C THR F 406 -49.14 -21.96 66.24
N SER F 407 -48.44 -21.44 65.23
CA SER F 407 -48.98 -20.36 64.41
C SER F 407 -50.10 -20.82 63.49
N GLY F 408 -50.09 -22.09 63.10
CA GLY F 408 -51.11 -22.63 62.20
C GLY F 408 -50.73 -22.36 60.76
N ASP F 409 -50.90 -23.38 59.90
CA ASP F 409 -50.52 -23.37 58.48
C ASP F 409 -49.04 -23.00 58.36
N VAL F 410 -48.24 -23.86 58.98
CA VAL F 410 -46.81 -23.64 59.07
C VAL F 410 -46.12 -24.09 57.78
N TYR F 411 -46.59 -25.19 57.20
CA TYR F 411 -45.96 -25.76 56.03
C TYR F 411 -46.08 -24.85 54.82
N ASN F 412 -47.22 -24.19 54.64
CA ASN F 412 -47.30 -23.28 53.52
C ASN F 412 -46.56 -21.98 53.81
N ARG F 413 -46.50 -21.59 55.09
CA ARG F 413 -45.82 -20.35 55.45
C ARG F 413 -44.32 -20.48 55.36
N LEU F 414 -43.78 -21.68 55.59
CA LEU F 414 -42.33 -21.87 55.52
C LEU F 414 -41.86 -21.73 54.10
N ALA F 415 -42.43 -22.50 53.18
CA ALA F 415 -42.01 -22.38 51.79
C ALA F 415 -42.42 -21.06 51.18
N LYS F 416 -43.51 -20.44 51.67
CA LYS F 416 -43.91 -19.13 51.21
C LYS F 416 -42.94 -18.05 51.67
N SER F 417 -42.25 -18.31 52.77
CA SER F 417 -41.37 -17.32 53.37
C SER F 417 -40.00 -17.26 52.71
N ILE F 418 -39.50 -18.34 52.12
CA ILE F 418 -38.19 -18.25 51.47
C ILE F 418 -38.38 -17.49 50.17
N ALA F 419 -37.65 -16.37 50.04
CA ALA F 419 -37.63 -15.41 48.95
C ALA F 419 -39.02 -14.99 48.46
N PRO F 420 -39.82 -14.28 49.26
CA PRO F 420 -41.17 -13.91 48.82
C PRO F 420 -41.21 -12.75 47.83
N GLU F 421 -40.06 -12.29 47.34
CA GLU F 421 -39.96 -11.13 46.48
C GLU F 421 -40.34 -11.38 45.03
N ILE F 422 -40.84 -12.56 44.67
CA ILE F 422 -41.32 -12.80 43.32
C ILE F 422 -42.81 -13.10 43.40
N TYR F 423 -43.45 -13.21 42.24
CA TYR F 423 -44.86 -13.54 42.20
C TYR F 423 -45.00 -14.94 41.61
N GLY F 424 -45.90 -15.75 42.19
CA GLY F 424 -46.11 -17.08 41.67
C GLY F 424 -44.99 -18.01 42.07
N ASN F 425 -44.86 -19.13 41.33
CA ASN F 425 -43.81 -20.14 41.53
C ASN F 425 -43.87 -20.76 42.92
N LEU F 426 -45.08 -21.17 43.32
CA LEU F 426 -45.30 -21.74 44.65
C LEU F 426 -44.59 -23.08 44.81
N ASP F 427 -44.73 -23.96 43.82
CA ASP F 427 -44.05 -25.24 43.86
C ASP F 427 -42.54 -25.05 43.77
N VAL F 428 -42.10 -23.97 43.12
CA VAL F 428 -40.68 -23.66 43.04
C VAL F 428 -40.17 -23.34 44.43
N LYS F 429 -40.95 -22.59 45.22
CA LYS F 429 -40.55 -22.32 46.59
C LYS F 429 -40.59 -23.60 47.41
N LYS F 430 -41.44 -24.56 47.03
CA LYS F 430 -41.50 -25.84 47.74
C LYS F 430 -40.20 -26.60 47.51
N ALA F 431 -39.72 -26.56 46.28
CA ALA F 431 -38.47 -27.20 45.94
C ALA F 431 -37.30 -26.51 46.60
N LEU F 432 -37.38 -25.18 46.76
CA LEU F 432 -36.29 -24.48 47.43
C LEU F 432 -36.24 -24.82 48.91
N LEU F 433 -37.41 -24.98 49.53
CA LEU F 433 -37.46 -25.40 50.93
C LEU F 433 -36.88 -26.79 51.11
N LEU F 434 -37.22 -27.70 50.19
CA LEU F 434 -36.70 -29.06 50.30
C LEU F 434 -35.21 -29.13 50.00
N LEU F 435 -34.69 -28.21 49.17
CA LEU F 435 -33.25 -28.16 48.96
C LEU F 435 -32.58 -27.66 50.24
N LEU F 436 -33.23 -26.73 50.93
CA LEU F 436 -32.71 -26.23 52.18
C LEU F 436 -32.71 -27.28 53.28
N VAL F 437 -33.53 -28.33 53.16
CA VAL F 437 -33.53 -29.32 54.24
C VAL F 437 -32.29 -30.20 54.19
N GLY F 438 -32.17 -31.06 53.17
CA GLY F 438 -31.10 -32.04 52.99
C GLY F 438 -30.87 -32.88 54.23
N GLY F 439 -29.65 -32.92 54.75
CA GLY F 439 -29.39 -33.55 56.03
C GLY F 439 -29.54 -35.05 56.23
N VAL F 440 -29.18 -35.88 55.26
CA VAL F 440 -29.34 -37.31 55.47
C VAL F 440 -28.00 -38.03 55.33
N ASP F 441 -27.91 -39.18 56.00
CA ASP F 441 -26.72 -40.02 56.03
C ASP F 441 -27.02 -41.45 56.50
N GLY F 445 -23.41 -49.86 56.96
CA GLY F 445 -22.31 -50.70 57.42
C GLY F 445 -21.79 -51.64 56.36
N ASP F 446 -20.47 -51.53 56.11
CA ASP F 446 -19.73 -52.25 55.07
C ASP F 446 -20.45 -52.16 53.72
N GLY F 447 -20.76 -50.93 53.34
CA GLY F 447 -21.47 -50.66 52.13
C GLY F 447 -21.33 -49.19 51.86
N MET F 448 -22.42 -48.54 51.50
CA MET F 448 -22.39 -47.12 51.23
C MET F 448 -23.40 -46.40 52.11
N LYS F 449 -23.08 -45.14 52.38
CA LYS F 449 -23.93 -44.21 53.11
C LYS F 449 -24.88 -43.57 52.09
N ILE F 450 -25.74 -42.67 52.55
CA ILE F 450 -26.62 -41.94 51.65
C ILE F 450 -26.31 -40.46 51.75
N ARG F 451 -26.24 -39.82 50.60
CA ARG F 451 -25.94 -38.40 50.53
C ARG F 451 -27.24 -37.62 50.65
N GLY F 452 -27.30 -36.72 51.63
CA GLY F 452 -28.49 -35.93 51.81
C GLY F 452 -28.38 -34.59 51.11
N ASP F 453 -28.17 -34.65 49.80
CA ASP F 453 -28.03 -33.47 48.97
C ASP F 453 -29.00 -33.60 47.82
N ILE F 454 -29.55 -32.46 47.40
CA ILE F 454 -30.52 -32.42 46.31
C ILE F 454 -29.91 -31.61 45.17
N ASN F 455 -30.10 -32.08 43.95
CA ASN F 455 -29.58 -31.41 42.76
C ASN F 455 -30.69 -31.28 41.71
N VAL F 456 -31.44 -30.19 41.78
CA VAL F 456 -32.54 -29.91 40.87
C VAL F 456 -32.05 -28.89 39.84
N CYS F 457 -32.22 -29.18 38.57
CA CYS F 457 -31.79 -28.24 37.54
C CYS F 457 -32.98 -27.41 37.09
N LEU F 458 -32.66 -26.27 36.48
CA LEU F 458 -33.68 -25.34 36.03
C LEU F 458 -33.49 -25.00 34.57
N MET F 459 -34.58 -25.11 33.81
CA MET F 459 -34.56 -24.82 32.40
C MET F 459 -35.75 -23.91 32.11
N GLY F 460 -35.57 -22.96 31.21
CA GLY F 460 -36.65 -22.03 30.92
C GLY F 460 -36.13 -20.61 30.80
N ASP F 461 -36.94 -19.66 30.32
CA ASP F 461 -36.44 -18.30 30.13
C ASP F 461 -37.61 -17.33 30.09
N PRO F 462 -37.36 -16.04 30.38
CA PRO F 462 -36.20 -15.38 30.98
C PRO F 462 -36.39 -14.62 32.30
N GLY F 463 -37.62 -14.36 32.70
CA GLY F 463 -37.86 -13.54 33.86
C GLY F 463 -37.91 -14.23 35.20
N VAL F 464 -37.29 -15.40 35.28
CA VAL F 464 -37.29 -16.13 36.53
C VAL F 464 -36.08 -15.77 37.36
N LYS F 466 -33.63 -13.63 35.19
CA LYS F 466 -33.37 -15.06 35.30
C LYS F 466 -32.61 -15.39 36.58
N SER F 467 -31.76 -14.45 36.99
CA SER F 467 -30.91 -14.44 38.16
C SER F 467 -31.62 -14.04 39.44
N GLN F 468 -32.87 -13.56 39.33
CA GLN F 468 -33.65 -13.08 40.46
C GLN F 468 -33.76 -14.13 41.56
N LEU F 469 -33.92 -15.39 41.18
CA LEU F 469 -33.99 -16.50 42.12
C LEU F 469 -32.62 -17.10 42.40
N LEU F 470 -31.74 -17.02 41.40
CA LEU F 470 -30.41 -17.63 41.48
C LEU F 470 -29.52 -16.96 42.51
N LYS F 471 -29.56 -15.65 42.59
CA LYS F 471 -28.75 -15.01 43.62
C LYS F 471 -29.47 -15.12 44.97
N ALA F 472 -30.80 -15.23 44.92
CA ALA F 472 -31.63 -15.32 46.12
C ALA F 472 -31.40 -16.63 46.85
N ILE F 473 -31.01 -17.68 46.13
CA ILE F 473 -30.74 -18.95 46.78
C ILE F 473 -29.55 -18.80 47.70
N CYS F 474 -28.46 -18.20 47.20
CA CYS F 474 -27.31 -17.94 48.08
C CYS F 474 -27.61 -16.85 49.09
N LYS F 475 -28.70 -16.09 48.91
CA LYS F 475 -29.04 -15.10 49.91
C LYS F 475 -29.68 -15.79 51.11
N ILE F 476 -30.68 -16.65 50.86
CA ILE F 476 -31.34 -17.35 51.95
C ILE F 476 -30.39 -18.40 52.56
N SER F 477 -29.71 -19.18 51.72
CA SER F 477 -28.79 -20.21 52.24
C SER F 477 -27.55 -19.62 52.92
N GLY F 480 -22.38 -19.09 50.77
CA GLY F 480 -22.75 -19.06 49.37
C GLY F 480 -21.85 -18.17 48.53
N VAL F 481 -21.11 -18.77 47.61
CA VAL F 481 -20.19 -18.05 46.74
C VAL F 481 -20.77 -18.12 45.33
N TYR F 482 -20.98 -16.96 44.73
CA TYR F 482 -21.55 -16.88 43.40
C TYR F 482 -20.42 -16.88 42.38
N THR F 483 -20.42 -17.85 41.49
CA THR F 483 -19.38 -17.98 40.47
C THR F 483 -20.00 -18.02 39.09
N THR F 484 -19.20 -17.66 38.10
CA THR F 484 -19.61 -17.65 36.70
C THR F 484 -18.71 -18.58 35.90
N GLY F 485 -18.85 -18.51 34.58
CA GLY F 485 -18.08 -19.34 33.67
C GLY F 485 -16.62 -18.95 33.52
N LYS F 486 -16.35 -17.75 33.03
CA LYS F 486 -14.98 -17.31 32.78
C LYS F 486 -14.31 -16.70 34.00
N GLY F 487 -15.09 -16.25 34.98
CA GLY F 487 -14.51 -15.66 36.17
C GLY F 487 -13.72 -16.62 37.03
N SER F 488 -13.92 -17.92 36.83
CA SER F 488 -13.14 -18.92 37.53
C SER F 488 -12.38 -19.70 36.48
N SER F 489 -11.08 -19.87 36.71
CA SER F 489 -10.24 -20.63 35.80
C SER F 489 -10.19 -22.07 36.27
N GLY F 490 -9.25 -22.84 35.73
CA GLY F 490 -9.10 -24.23 36.11
C GLY F 490 -8.58 -24.41 37.53
N VAL F 491 -7.95 -23.37 38.08
CA VAL F 491 -7.44 -23.39 39.45
C VAL F 491 -8.39 -22.66 40.36
N GLY F 492 -9.35 -21.93 39.80
CA GLY F 492 -10.28 -21.16 40.57
C GLY F 492 -11.32 -21.99 41.31
N LEU F 493 -12.08 -22.82 40.62
CA LEU F 493 -13.09 -23.61 41.32
C LEU F 493 -12.53 -24.80 42.11
N THR F 494 -11.32 -25.26 41.81
CA THR F 494 -10.75 -26.35 42.58
C THR F 494 -9.81 -25.87 43.68
N VAL F 497 -3.03 -23.46 43.19
CA VAL F 497 -1.64 -23.49 43.61
C VAL F 497 -1.03 -22.11 43.54
N MET F 498 -0.58 -21.61 44.68
CA MET F 498 0.05 -20.30 44.74
C MET F 498 1.26 -20.34 45.64
N LYS F 499 2.01 -19.24 45.56
CA LYS F 499 3.18 -19.07 46.40
C LYS F 499 2.65 -18.81 47.81
N ASP F 500 3.24 -19.45 48.79
CA ASP F 500 2.77 -19.31 50.15
C ASP F 500 3.09 -17.93 50.71
N PRO F 501 2.11 -17.25 51.36
CA PRO F 501 2.40 -15.97 52.01
C PRO F 501 3.20 -16.12 53.31
N VAL F 502 3.34 -15.00 54.04
CA VAL F 502 4.17 -14.76 55.24
C VAL F 502 4.21 -15.90 56.24
N THR F 503 3.05 -16.48 56.53
CA THR F 503 2.99 -17.59 57.44
C THR F 503 3.43 -18.90 56.79
N MET F 506 3.96 -23.54 49.16
CA MET F 506 3.52 -24.68 48.36
C MET F 506 2.21 -25.23 48.90
N ILE F 507 1.30 -24.33 49.25
CA ILE F 507 0.03 -24.76 49.80
C ILE F 507 -0.92 -25.25 48.73
N LEU F 508 -1.99 -25.92 49.14
CA LEU F 508 -3.01 -26.41 48.24
C LEU F 508 -4.10 -25.36 48.27
N GLU F 509 -4.19 -24.54 47.23
CA GLU F 509 -5.23 -23.53 47.23
C GLU F 509 -6.54 -24.15 46.77
N GLY F 510 -7.55 -24.07 47.63
CA GLY F 510 -8.85 -24.64 47.34
C GLY F 510 -9.71 -23.66 46.59
N GLY F 511 -10.83 -24.15 46.08
CA GLY F 511 -11.72 -23.32 45.31
C GLY F 511 -12.91 -22.79 46.06
N ALA F 512 -13.86 -22.28 45.28
CA ALA F 512 -15.06 -21.69 45.87
C ALA F 512 -15.99 -22.78 46.38
N LEU F 513 -16.21 -23.81 45.57
CA LEU F 513 -17.05 -24.93 46.00
C LEU F 513 -16.40 -25.70 47.12
N VAL F 514 -15.06 -25.72 47.13
CA VAL F 514 -14.35 -26.36 48.22
C VAL F 514 -14.57 -25.59 49.51
N LEU F 515 -14.57 -24.26 49.42
CA LEU F 515 -14.78 -23.38 50.57
C LEU F 515 -16.25 -23.28 50.99
N ALA F 516 -17.15 -23.11 50.02
CA ALA F 516 -18.58 -22.85 50.20
C ALA F 516 -19.41 -24.13 50.32
N ASP F 517 -19.09 -24.96 51.29
CA ASP F 517 -19.86 -26.18 51.48
C ASP F 517 -21.09 -25.91 52.35
N ASN F 518 -22.14 -26.69 52.08
CA ASN F 518 -23.48 -26.59 52.68
C ASN F 518 -24.05 -25.16 52.55
N CYS F 522 -24.18 -21.73 43.25
CA CYS F 522 -24.99 -21.33 42.10
C CYS F 522 -24.17 -21.17 40.84
N ILE F 523 -24.62 -21.85 39.80
CA ILE F 523 -23.95 -21.90 38.51
C ILE F 523 -24.94 -21.43 37.45
N ASP F 524 -24.51 -20.46 36.65
CA ASP F 524 -25.32 -19.91 35.60
C ASP F 524 -24.81 -20.45 34.28
N GLU F 525 -25.73 -20.87 33.41
CA GLU F 525 -25.45 -21.35 32.06
C GLU F 525 -24.45 -22.51 32.05
N PHE F 526 -24.91 -23.65 32.58
CA PHE F 526 -24.04 -24.81 32.57
C PHE F 526 -23.82 -25.31 31.14
N ASP F 527 -24.72 -24.94 30.23
CA ASP F 527 -24.61 -25.29 28.83
C ASP F 527 -23.35 -24.69 28.19
N LYS F 528 -22.85 -23.57 28.72
CA LYS F 528 -21.67 -22.94 28.14
C LYS F 528 -20.41 -23.20 28.95
N MET F 529 -20.41 -24.23 29.78
CA MET F 529 -19.22 -24.54 30.53
C MET F 529 -18.24 -25.34 29.67
N ASP F 530 -17.05 -25.54 30.22
CA ASP F 530 -16.04 -26.37 29.60
C ASP F 530 -16.42 -27.82 29.77
N GLU F 531 -15.99 -28.67 28.83
CA GLU F 531 -16.29 -30.10 28.94
C GLU F 531 -15.62 -30.71 30.17
N SER F 532 -14.48 -30.14 30.58
CA SER F 532 -13.83 -30.59 31.80
C SER F 532 -14.67 -30.23 33.00
N ASP F 533 -15.41 -29.13 32.89
CA ASP F 533 -16.31 -28.75 33.96
C ASP F 533 -17.52 -29.68 33.99
N ARG F 534 -17.91 -30.21 32.83
CA ARG F 534 -19.01 -31.18 32.77
C ARG F 534 -18.58 -32.46 33.46
N THR F 535 -17.34 -32.88 33.22
CA THR F 535 -16.83 -34.08 33.85
C THR F 535 -16.65 -33.86 35.35
N ALA F 536 -16.29 -32.63 35.73
CA ALA F 536 -16.14 -32.33 37.15
C ALA F 536 -17.49 -32.38 37.85
N ILE F 537 -18.56 -31.93 37.19
CA ILE F 537 -19.87 -31.98 37.82
C ILE F 537 -20.35 -33.43 37.92
N HIS F 538 -20.07 -34.25 36.91
CA HIS F 538 -20.45 -35.65 37.05
C HIS F 538 -19.62 -36.36 38.12
N GLU F 539 -18.36 -35.95 38.32
CA GLU F 539 -17.55 -36.57 39.37
C GLU F 539 -17.83 -36.02 40.76
N VAL F 540 -18.46 -34.85 40.86
CA VAL F 540 -18.84 -34.31 42.16
C VAL F 540 -20.25 -34.80 42.46
N MET F 541 -21.02 -35.17 41.43
CA MET F 541 -22.37 -35.69 41.60
C MET F 541 -22.36 -37.00 42.38
N GLU F 542 -21.24 -37.72 42.35
CA GLU F 542 -21.04 -38.85 43.23
C GLU F 542 -20.40 -38.13 44.42
N GLN F 543 -20.95 -38.33 45.62
CA GLN F 543 -20.50 -37.53 46.75
C GLN F 543 -19.11 -37.84 47.26
N GLN F 544 -18.44 -36.76 47.67
CA GLN F 544 -17.15 -36.67 48.33
C GLN F 544 -15.97 -37.11 47.47
N THR F 545 -16.18 -37.38 46.19
CA THR F 545 -15.11 -37.87 45.33
C THR F 545 -14.64 -36.72 44.47
N ILE F 546 -13.41 -36.26 44.73
CA ILE F 546 -12.78 -35.21 43.96
C ILE F 546 -11.34 -35.66 43.72
N SER F 547 -11.02 -36.07 42.50
CA SER F 547 -9.67 -36.54 42.23
C SER F 547 -8.80 -35.39 41.76
N ILE F 548 -7.55 -35.38 42.22
CA ILE F 548 -6.56 -34.36 41.90
C ILE F 548 -5.26 -35.04 41.54
N SER F 549 -4.68 -34.66 40.40
CA SER F 549 -3.41 -35.15 39.87
C SER F 549 -2.50 -33.98 39.50
N LYS F 550 -2.28 -33.04 40.44
CA LYS F 550 -1.48 -31.87 40.13
C LYS F 550 0.02 -32.19 40.16
N ALA F 551 0.83 -31.11 40.15
CA ALA F 551 2.28 -31.21 40.04
C ALA F 551 2.93 -31.92 41.22
N GLY F 552 2.35 -31.82 42.40
CA GLY F 552 2.91 -32.51 43.54
C GLY F 552 1.77 -32.95 44.43
N ILE F 553 0.56 -32.78 43.92
CA ILE F 553 -0.64 -33.07 44.69
C ILE F 553 -1.41 -34.22 44.05
N ASN F 554 -1.68 -35.26 44.85
CA ASN F 554 -2.44 -36.42 44.45
C ASN F 554 -3.57 -36.69 45.45
N THR F 555 -3.99 -35.64 46.15
CA THR F 555 -5.01 -35.68 47.20
C THR F 555 -6.41 -35.85 46.63
N THR F 556 -7.29 -36.36 47.47
CA THR F 556 -8.70 -36.53 47.17
C THR F 556 -9.44 -35.73 48.23
N LEU F 557 -9.61 -34.43 47.97
CA LEU F 557 -10.24 -33.54 48.94
C LEU F 557 -11.77 -33.63 48.88
N ASN F 558 -12.40 -33.21 49.97
CA ASN F 558 -13.83 -33.23 50.20
C ASN F 558 -14.52 -31.87 50.06
N ALA F 559 -15.84 -31.93 49.86
CA ALA F 559 -16.69 -30.75 49.71
C ALA F 559 -18.10 -31.17 50.11
N ARG F 560 -18.65 -30.49 51.10
CA ARG F 560 -19.98 -30.76 51.66
C ARG F 560 -21.06 -29.85 51.09
N THR F 561 -21.02 -29.48 49.82
CA THR F 561 -22.02 -28.55 49.27
C THR F 561 -23.39 -29.18 49.09
N ILE F 563 -25.12 -27.75 45.36
CA ILE F 563 -24.87 -27.08 44.09
C ILE F 563 -26.11 -27.16 43.20
N LEU F 564 -26.55 -26.00 42.73
CA LEU F 564 -27.67 -25.88 41.80
C LEU F 564 -27.18 -25.19 40.54
N ALA F 565 -27.57 -25.74 39.39
CA ALA F 565 -27.16 -25.21 38.11
C ALA F 565 -28.39 -24.86 37.30
N ALA F 566 -28.17 -23.97 36.35
CA ALA F 566 -29.25 -23.49 35.51
C ALA F 566 -28.61 -23.06 34.19
N ALA F 567 -28.97 -23.77 33.14
CA ALA F 567 -28.45 -23.50 31.81
C ALA F 567 -29.58 -22.90 30.99
N ASN F 568 -29.21 -22.28 29.95
CA ASN F 568 -30.31 -21.70 29.23
C ASN F 568 -30.79 -22.61 28.13
N PRO F 569 -32.07 -22.54 27.79
CA PRO F 569 -32.59 -23.36 26.71
C PRO F 569 -32.11 -22.90 25.36
N LEU F 570 -32.58 -23.58 24.34
CA LEU F 570 -32.23 -23.25 22.98
C LEU F 570 -33.09 -22.05 22.59
N TYR F 571 -32.95 -21.60 21.36
CA TYR F 571 -33.75 -20.52 20.83
C TYR F 571 -35.23 -20.90 20.85
N GLY F 572 -36.07 -19.91 21.09
CA GLY F 572 -37.49 -20.17 21.18
C GLY F 572 -37.90 -20.73 22.53
N ARG F 573 -39.16 -21.15 22.59
CA ARG F 573 -39.74 -21.66 23.82
C ARG F 573 -40.85 -22.66 23.52
N TYR F 574 -40.66 -23.92 23.94
CA TYR F 574 -41.64 -24.99 23.82
C TYR F 574 -42.15 -25.17 22.39
N ASN F 575 -41.31 -25.72 21.56
CA ASN F 575 -41.73 -25.98 20.22
C ASN F 575 -42.47 -27.30 20.27
N PRO F 576 -43.75 -27.37 19.88
CA PRO F 576 -44.46 -28.66 19.94
C PRO F 576 -43.89 -29.69 19.00
N ARG F 577 -43.20 -29.27 17.95
CA ARG F 577 -42.51 -30.21 17.08
C ARG F 577 -41.34 -30.85 17.82
N LEU F 578 -40.65 -30.07 18.64
CA LEU F 578 -39.54 -30.57 19.44
C LEU F 578 -40.05 -31.37 20.64
N SER F 579 -39.27 -32.34 21.03
CA SER F 579 -39.40 -33.31 22.09
C SER F 579 -38.56 -32.89 23.29
N PRO F 580 -38.81 -33.47 24.46
CA PRO F 580 -37.90 -33.26 25.59
C PRO F 580 -36.53 -33.80 25.25
N LEU F 581 -35.50 -33.04 25.65
CA LEU F 581 -34.07 -33.25 25.45
C LEU F 581 -33.67 -32.95 24.01
N ASP F 582 -34.65 -32.71 23.14
CA ASP F 582 -34.35 -32.35 21.76
C ASP F 582 -33.80 -30.94 21.76
N ASN F 583 -34.40 -30.09 22.58
CA ASN F 583 -33.94 -28.72 22.76
C ASN F 583 -32.87 -28.62 23.82
N ILE F 584 -32.25 -29.74 24.21
CA ILE F 584 -31.21 -29.75 25.23
C ILE F 584 -29.93 -30.29 24.62
N ASN F 585 -28.83 -29.58 24.86
CA ASN F 585 -27.49 -29.93 24.39
C ASN F 585 -26.70 -30.64 25.47
N LEU F 586 -27.37 -31.35 26.36
CA LEU F 586 -26.69 -32.00 27.47
C LEU F 586 -27.09 -33.47 27.56
N PRO F 587 -26.19 -34.34 28.02
CA PRO F 587 -26.49 -35.77 28.07
C PRO F 587 -27.51 -36.16 29.13
N ALA F 588 -28.19 -37.28 28.86
CA ALA F 588 -29.23 -37.81 29.73
C ALA F 588 -28.66 -38.39 31.02
N ALA F 589 -27.35 -38.63 31.10
CA ALA F 589 -26.76 -39.13 32.34
C ALA F 589 -26.88 -38.08 33.43
N LEU F 590 -26.75 -36.82 33.03
CA LEU F 590 -26.95 -35.71 33.92
C LEU F 590 -28.41 -35.64 34.35
N LEU F 591 -29.32 -36.03 33.46
CA LEU F 591 -30.74 -36.06 33.80
C LEU F 591 -31.05 -37.19 34.78
N SER F 592 -30.30 -38.29 34.67
CA SER F 592 -30.47 -39.39 35.60
C SER F 592 -29.93 -39.01 36.96
N ARG F 593 -28.89 -38.18 36.99
CA ARG F 593 -28.36 -37.73 38.27
C ARG F 593 -29.23 -36.68 38.92
N PHE F 594 -30.07 -36.00 38.15
CA PHE F 594 -30.97 -34.98 38.65
C PHE F 594 -32.33 -35.56 39.01
N ASP F 595 -32.69 -35.49 40.29
CA ASP F 595 -33.95 -36.03 40.80
C ASP F 595 -35.20 -35.25 40.38
N ILE F 596 -35.12 -33.93 40.33
CA ILE F 596 -36.26 -33.09 40.04
C ILE F 596 -35.99 -32.27 38.81
N LEU F 597 -36.96 -32.19 37.92
CA LEU F 597 -36.81 -31.43 36.69
C LEU F 597 -38.01 -30.53 36.53
N PHE F 598 -37.73 -29.30 36.15
CA PHE F 598 -38.72 -28.28 35.93
C PHE F 598 -38.69 -27.73 34.52
N LEU F 599 -39.79 -27.09 34.15
CA LEU F 599 -39.95 -26.41 32.87
C LEU F 599 -40.51 -25.03 33.18
N MET F 600 -39.96 -24.00 32.56
CA MET F 600 -40.44 -22.64 32.79
C MET F 600 -41.16 -22.14 31.54
N LEU F 601 -42.45 -22.43 31.49
CA LEU F 601 -43.34 -22.04 30.41
C LEU F 601 -43.52 -20.53 30.36
N ASP F 602 -43.92 -20.05 29.19
CA ASP F 602 -44.21 -18.63 29.03
C ASP F 602 -45.48 -18.49 28.20
N ILE F 603 -46.62 -18.58 28.87
CA ILE F 603 -47.91 -18.38 28.23
C ILE F 603 -48.36 -16.95 28.52
N PRO F 604 -48.48 -16.10 27.54
CA PRO F 604 -48.97 -14.75 27.79
C PRO F 604 -50.47 -14.82 28.03
N SER F 605 -50.90 -14.71 29.26
CA SER F 605 -52.31 -14.80 29.58
C SER F 605 -52.79 -13.42 29.97
N ARG F 606 -53.99 -13.06 29.51
CA ARG F 606 -54.51 -11.73 29.73
C ARG F 606 -54.84 -11.49 31.21
N ASP F 607 -55.41 -12.47 31.89
CA ASP F 607 -55.77 -12.24 33.28
C ASP F 607 -54.57 -12.35 34.21
N ASP F 608 -53.52 -13.05 33.80
CA ASP F 608 -52.35 -13.18 34.66
C ASP F 608 -51.44 -11.96 34.64
N ASP F 609 -51.64 -11.03 33.71
CA ASP F 609 -50.75 -9.89 33.60
C ASP F 609 -51.07 -8.78 34.59
N GLU F 610 -52.36 -8.56 34.89
CA GLU F 610 -52.73 -7.45 35.76
C GLU F 610 -52.18 -7.63 37.15
N LYS F 611 -52.19 -8.86 37.64
CA LYS F 611 -51.67 -9.13 38.97
C LYS F 611 -50.15 -8.94 39.02
N LEU F 612 -49.43 -9.36 37.98
CA LEU F 612 -47.98 -9.16 37.97
C LEU F 612 -47.65 -7.69 37.80
N ALA F 613 -48.49 -6.97 37.08
CA ALA F 613 -48.27 -5.55 36.91
C ALA F 613 -48.47 -4.82 38.22
N GLU F 614 -49.54 -5.18 38.94
CA GLU F 614 -49.80 -4.59 40.24
C GLU F 614 -48.72 -4.99 41.22
N HIS F 615 -48.13 -6.16 40.98
CA HIS F 615 -47.06 -6.69 41.79
C HIS F 615 -45.83 -5.80 41.65
N VAL F 616 -45.40 -5.54 40.41
CA VAL F 616 -44.20 -4.73 40.20
C VAL F 616 -44.46 -3.28 40.58
N THR F 617 -45.69 -2.80 40.40
CA THR F 617 -45.95 -1.43 40.81
C THR F 617 -45.97 -1.31 42.33
N TYR F 618 -46.29 -2.40 43.03
CA TYR F 618 -46.23 -2.34 44.47
C TYR F 618 -44.79 -2.47 44.92
N VAL F 619 -43.95 -3.06 44.06
CA VAL F 619 -42.51 -3.15 44.32
C VAL F 619 -41.87 -1.79 44.22
N HIS F 620 -42.27 -1.00 43.25
CA HIS F 620 -41.64 0.30 43.13
C HIS F 620 -42.41 1.39 43.83
N MET F 621 -43.64 1.10 44.25
CA MET F 621 -44.48 2.03 44.99
C MET F 621 -44.06 2.09 46.44
N HIS F 622 -43.52 0.99 46.93
CA HIS F 622 -43.14 0.82 48.31
C HIS F 622 -41.82 0.06 48.28
N ASN F 623 -41.46 -0.59 49.37
CA ASN F 623 -40.28 -1.44 49.38
C ASN F 623 -40.59 -2.83 49.93
N LYS F 624 -41.86 -3.25 49.86
CA LYS F 624 -42.30 -4.57 50.32
C LYS F 624 -43.47 -5.04 49.48
N GLN F 625 -43.42 -6.30 49.06
CA GLN F 625 -44.42 -6.96 48.22
C GLN F 625 -45.74 -7.45 48.80
N PRO F 626 -45.79 -8.22 49.89
CA PRO F 626 -47.08 -8.77 50.31
C PRO F 626 -48.01 -7.68 50.80
N ASP F 627 -49.29 -7.95 50.67
CA ASP F 627 -50.27 -6.94 51.02
C ASP F 627 -51.48 -7.59 51.66
N LEU F 628 -51.58 -7.39 52.97
CA LEU F 628 -52.70 -7.74 53.85
C LEU F 628 -53.04 -9.23 53.95
N ASP F 629 -52.23 -10.13 53.40
CA ASP F 629 -52.59 -11.55 53.46
C ASP F 629 -51.57 -12.50 54.06
N PHE F 630 -50.32 -12.11 54.28
CA PHE F 630 -49.34 -13.06 54.77
C PHE F 630 -48.21 -12.37 55.50
N THR F 631 -47.69 -13.03 56.53
CA THR F 631 -46.57 -12.46 57.23
C THR F 631 -45.34 -13.32 57.03
N PRO F 632 -44.23 -12.72 56.64
CA PRO F 632 -43.01 -13.47 56.36
C PRO F 632 -42.20 -13.79 57.61
N VAL F 633 -41.37 -14.80 57.45
CA VAL F 633 -40.47 -15.26 58.48
C VAL F 633 -39.13 -14.58 58.29
N GLU F 634 -38.61 -14.00 59.36
CA GLU F 634 -37.32 -13.34 59.37
C GLU F 634 -36.24 -14.39 59.07
N PRO F 635 -35.15 -14.00 58.40
CA PRO F 635 -34.15 -15.00 58.00
C PRO F 635 -33.33 -15.62 59.12
N SER F 636 -33.05 -14.92 60.22
CA SER F 636 -32.25 -15.53 61.28
C SER F 636 -32.99 -16.67 61.97
N LYS F 637 -34.27 -16.46 62.31
CA LYS F 637 -35.06 -17.53 62.92
C LYS F 637 -35.34 -18.61 61.90
N MET F 638 -35.38 -18.25 60.62
CA MET F 638 -35.63 -19.23 59.58
C MET F 638 -34.44 -20.17 59.48
N ARG F 639 -33.22 -19.62 59.49
CA ARG F 639 -32.03 -20.46 59.43
C ARG F 639 -31.88 -21.29 60.68
N GLU F 640 -32.31 -20.72 61.82
CA GLU F 640 -32.23 -21.47 63.06
C GLU F 640 -33.24 -22.61 63.10
N TYR F 641 -34.45 -22.37 62.57
CA TYR F 641 -35.48 -23.40 62.53
C TYR F 641 -35.10 -24.51 61.56
N ILE F 642 -34.43 -24.16 60.47
CA ILE F 642 -33.97 -25.16 59.51
C ILE F 642 -32.87 -26.00 60.14
N ALA F 643 -31.88 -25.34 60.78
CA ALA F 643 -30.77 -26.07 61.39
C ALA F 643 -31.26 -26.96 62.52
N TYR F 644 -32.27 -26.51 63.26
CA TYR F 644 -32.84 -27.36 64.29
C TYR F 644 -33.63 -28.50 63.66
N ALA F 645 -34.28 -28.24 62.51
CA ALA F 645 -35.04 -29.25 61.82
C ALA F 645 -34.14 -30.28 61.14
N LYS F 646 -32.87 -29.94 60.91
CA LYS F 646 -31.90 -30.85 60.30
C LYS F 646 -31.37 -31.88 61.28
N THR F 647 -31.82 -31.84 62.53
CA THR F 647 -31.34 -32.74 63.56
C THR F 647 -32.42 -33.69 64.02
N LYS F 648 -33.14 -34.28 63.08
CA LYS F 648 -34.22 -35.21 63.37
C LYS F 648 -33.88 -36.64 62.95
N ARG F 649 -33.44 -36.82 61.70
CA ARG F 649 -33.10 -38.07 61.04
C ARG F 649 -34.25 -39.07 61.18
N PRO F 650 -35.31 -38.88 60.41
CA PRO F 650 -36.45 -39.80 60.49
C PRO F 650 -36.14 -41.18 59.94
N VAL F 651 -36.85 -42.15 60.47
CA VAL F 651 -36.71 -43.54 60.08
C VAL F 651 -38.06 -43.93 59.49
N MET F 652 -38.04 -44.72 58.42
CA MET F 652 -39.27 -45.08 57.74
C MET F 652 -40.10 -46.07 58.57
N SER F 653 -41.23 -46.46 58.00
CA SER F 653 -42.15 -47.37 58.64
C SER F 653 -42.56 -48.50 57.69
N GLU F 654 -43.57 -49.27 58.09
CA GLU F 654 -44.03 -50.39 57.28
C GLU F 654 -45.14 -49.98 56.32
N ALA F 655 -45.94 -48.97 56.68
CA ALA F 655 -46.98 -48.55 55.75
C ALA F 655 -46.36 -47.87 54.55
N VAL F 656 -45.25 -47.15 54.76
CA VAL F 656 -44.57 -46.54 53.65
C VAL F 656 -43.81 -47.61 52.87
N ASN F 657 -43.51 -48.74 53.51
CA ASN F 657 -42.87 -49.85 52.80
C ASN F 657 -43.86 -50.41 51.77
N ASP F 658 -45.14 -50.49 52.13
CA ASP F 658 -46.16 -50.96 51.21
C ASP F 658 -46.51 -49.92 50.15
N TYR F 659 -46.48 -48.63 50.50
CA TYR F 659 -46.85 -47.59 49.54
C TYR F 659 -45.74 -47.26 48.54
N VAL F 660 -44.47 -47.43 48.93
CA VAL F 660 -43.38 -47.05 48.02
C VAL F 660 -43.20 -48.12 46.96
N VAL F 661 -43.45 -49.39 47.30
CA VAL F 661 -43.34 -50.46 46.32
C VAL F 661 -44.39 -50.28 45.24
N GLN F 662 -45.65 -50.08 45.65
CA GLN F 662 -46.72 -49.89 44.68
C GLN F 662 -46.56 -48.60 43.91
N ALA F 663 -46.00 -47.56 44.55
CA ALA F 663 -45.80 -46.33 43.83
C ALA F 663 -44.67 -46.46 42.82
N TYR F 664 -43.67 -47.27 43.10
CA TYR F 664 -42.63 -47.40 42.10
C TYR F 664 -43.08 -48.34 40.99
N ILE F 665 -43.99 -49.29 41.29
CA ILE F 665 -44.47 -50.14 40.20
C ILE F 665 -45.33 -49.29 39.29
N ARG F 666 -46.07 -48.35 39.87
CA ARG F 666 -46.81 -47.39 39.05
C ARG F 666 -45.85 -46.54 38.24
N LEU F 667 -44.73 -46.11 38.87
CA LEU F 667 -43.75 -45.28 38.17
C LEU F 667 -43.08 -46.06 37.05
N ARG F 668 -42.76 -47.32 37.30
CA ARG F 668 -42.15 -48.14 36.29
C ARG F 668 -43.15 -48.42 35.17
N GLN F 669 -44.43 -48.46 35.52
CA GLN F 669 -45.49 -48.74 34.57
C GLN F 669 -45.76 -47.57 33.64
N ASP F 670 -45.97 -46.38 34.20
CA ASP F 670 -46.28 -45.27 33.32
C ASP F 670 -45.03 -44.67 32.71
N SER F 671 -43.87 -44.90 33.30
CA SER F 671 -42.65 -44.41 32.69
C SER F 671 -42.24 -45.35 31.59
N LYS F 672 -42.45 -46.65 31.79
CA LYS F 672 -42.06 -47.66 30.82
C LYS F 672 -43.27 -48.17 30.05
N ARG F 673 -44.31 -47.36 29.87
CA ARG F 673 -45.41 -47.81 29.07
C ARG F 673 -45.44 -47.07 27.75
N GLU F 674 -44.61 -46.03 27.61
CA GLU F 674 -44.52 -45.29 26.37
C GLU F 674 -43.32 -45.75 25.56
N MET F 675 -42.11 -45.59 26.13
CA MET F 675 -40.83 -45.99 25.53
C MET F 675 -40.64 -45.37 24.15
N ASP F 676 -41.14 -44.15 23.98
CA ASP F 676 -41.13 -43.43 22.73
C ASP F 676 -40.46 -42.09 22.95
N SER F 677 -40.35 -41.32 21.87
CA SER F 677 -39.76 -39.99 21.92
C SER F 677 -40.81 -38.92 22.16
N LYS F 678 -41.84 -39.27 22.93
CA LYS F 678 -42.94 -38.39 23.27
C LYS F 678 -42.45 -37.54 24.47
N PHE F 679 -43.34 -36.79 25.09
CA PHE F 679 -42.98 -35.96 26.24
C PHE F 679 -42.48 -36.81 27.40
N SER F 680 -43.07 -37.98 27.60
CA SER F 680 -42.65 -38.91 28.63
C SER F 680 -41.39 -39.66 28.22
N PHE F 681 -40.55 -39.97 29.21
CA PHE F 681 -39.33 -40.71 28.97
C PHE F 681 -39.60 -42.21 28.91
N GLY F 682 -38.57 -42.94 28.50
CA GLY F 682 -38.56 -44.36 28.28
C GLY F 682 -38.55 -45.24 29.52
N GLN F 683 -37.50 -45.13 30.33
CA GLN F 683 -37.30 -45.97 31.50
C GLN F 683 -37.25 -45.17 32.79
N ALA F 684 -37.53 -45.88 33.89
CA ALA F 684 -37.51 -45.31 35.23
C ALA F 684 -36.39 -45.98 36.00
N THR F 685 -35.40 -45.20 36.39
CA THR F 685 -34.25 -45.74 37.07
C THR F 685 -34.58 -45.98 38.54
N PRO F 686 -33.82 -46.83 39.24
CA PRO F 686 -34.07 -47.00 40.67
C PRO F 686 -33.61 -45.79 41.46
N ARG F 687 -32.78 -44.92 40.87
CA ARG F 687 -32.37 -43.71 41.55
C ARG F 687 -33.53 -42.76 41.69
N THR F 688 -34.55 -42.90 40.83
CA THR F 688 -35.76 -42.12 40.97
C THR F 688 -36.43 -42.46 42.28
N LEU F 689 -36.42 -43.75 42.59
CA LEU F 689 -37.01 -44.19 43.84
C LEU F 689 -36.13 -43.79 45.02
N LEU F 690 -34.81 -43.83 44.84
CA LEU F 690 -33.90 -43.41 45.91
C LEU F 690 -34.07 -41.93 46.22
N GLY F 691 -34.29 -41.15 45.17
CA GLY F 691 -34.48 -39.73 45.35
C GLY F 691 -35.79 -39.44 46.03
N ILE F 692 -36.87 -40.13 45.62
CA ILE F 692 -38.17 -39.84 46.23
C ILE F 692 -38.21 -40.32 47.68
N ILE F 693 -37.40 -41.32 48.03
CA ILE F 693 -37.31 -41.73 49.42
C ILE F 693 -36.63 -40.65 50.24
N ARG F 694 -35.50 -40.12 49.73
CA ARG F 694 -34.82 -39.04 50.42
C ARG F 694 -35.67 -37.77 50.49
N LEU F 695 -36.50 -37.55 49.45
CA LEU F 695 -37.38 -36.39 49.44
C LEU F 695 -38.45 -36.52 50.51
N SER F 696 -39.08 -37.69 50.62
CA SER F 696 -40.08 -37.88 51.66
C SER F 696 -39.41 -37.87 53.04
N GLN F 697 -38.13 -38.25 53.10
CA GLN F 697 -37.36 -38.17 54.33
C GLN F 697 -37.23 -36.73 54.77
N ALA F 698 -36.92 -35.83 53.83
CA ALA F 698 -36.81 -34.42 54.16
C ALA F 698 -38.17 -33.83 54.49
N LEU F 699 -39.22 -34.38 53.88
CA LEU F 699 -40.58 -33.95 54.19
C LEU F 699 -40.92 -34.33 55.63
N ALA F 700 -40.40 -35.47 56.07
CA ALA F 700 -40.58 -35.86 57.46
C ALA F 700 -39.71 -35.01 58.36
N LYS F 701 -38.62 -34.48 57.82
CA LYS F 701 -37.75 -33.62 58.62
C LYS F 701 -38.43 -32.29 58.85
N LEU F 702 -39.33 -31.91 57.95
CA LEU F 702 -40.05 -30.66 58.15
C LEU F 702 -41.20 -30.81 59.11
N ARG F 703 -41.49 -32.03 59.52
CA ARG F 703 -42.50 -32.27 60.53
C ARG F 703 -41.86 -32.24 61.90
N LEU F 704 -40.54 -32.47 61.94
CA LEU F 704 -39.67 -32.45 63.14
C LEU F 704 -40.15 -33.43 64.19
N ALA F 705 -40.68 -34.57 63.74
CA ALA F 705 -41.24 -35.54 64.67
C ALA F 705 -40.94 -37.00 64.39
N ASP F 706 -40.34 -37.35 63.23
CA ASP F 706 -40.07 -38.74 62.82
C ASP F 706 -41.39 -39.51 62.78
N MET F 707 -42.31 -38.97 62.00
CA MET F 707 -43.69 -39.44 61.84
C MET F 707 -43.96 -39.69 60.37
N VAL F 708 -43.12 -40.53 59.76
CA VAL F 708 -43.19 -40.92 58.36
C VAL F 708 -44.52 -41.61 58.11
N ASP F 709 -45.39 -40.95 57.33
CA ASP F 709 -46.74 -41.43 57.08
C ASP F 709 -47.09 -41.56 55.59
N ILE F 710 -48.38 -41.75 55.31
CA ILE F 710 -48.85 -41.91 53.94
C ILE F 710 -48.78 -40.59 53.17
N ASP F 711 -49.14 -39.48 53.80
CA ASP F 711 -49.09 -38.20 53.11
C ASP F 711 -47.65 -37.70 52.98
N ASP F 712 -46.77 -38.21 53.84
CA ASP F 712 -45.35 -37.87 53.78
C ASP F 712 -44.76 -38.29 52.45
N VAL F 713 -45.09 -39.49 52.01
CA VAL F 713 -44.58 -39.96 50.73
C VAL F 713 -45.48 -39.45 49.61
N GLU F 714 -46.77 -39.23 49.91
CA GLU F 714 -47.71 -38.73 48.90
C GLU F 714 -47.31 -37.34 48.41
N GLU F 715 -46.72 -36.52 49.28
CA GLU F 715 -46.26 -35.21 48.85
C GLU F 715 -45.02 -35.37 47.99
N ALA F 716 -44.24 -36.41 48.27
CA ALA F 716 -43.04 -36.67 47.50
C ALA F 716 -43.44 -37.12 46.10
N LEU F 717 -44.53 -37.86 45.99
CA LEU F 717 -45.00 -38.27 44.66
C LEU F 717 -45.68 -37.12 43.95
N ARG F 718 -46.23 -36.17 44.72
CA ARG F 718 -46.91 -35.05 44.10
C ARG F 718 -45.92 -34.12 43.42
N LEU F 719 -44.76 -33.90 44.05
CA LEU F 719 -43.82 -33.02 43.39
C LEU F 719 -43.13 -33.69 42.21
N VAL F 720 -43.26 -35.00 42.08
CA VAL F 720 -42.70 -35.68 40.92
C VAL F 720 -43.69 -35.62 39.77
N ARG F 721 -44.96 -35.94 40.04
CA ARG F 721 -45.93 -35.92 38.96
C ARG F 721 -46.25 -34.50 38.52
N VAL F 722 -46.03 -33.52 39.38
CA VAL F 722 -46.26 -32.14 39.01
C VAL F 722 -44.99 -31.49 38.47
N SER F 723 -43.81 -31.91 38.97
CA SER F 723 -42.54 -31.37 38.49
C SER F 723 -42.39 -31.63 37.01
N LYS F 724 -42.65 -32.86 36.61
CA LYS F 724 -42.62 -33.25 35.23
C LYS F 724 -43.98 -32.99 34.57
N GLU F 725 -43.93 -32.77 33.25
CA GLU F 725 -45.10 -32.60 32.39
C GLU F 725 -45.97 -31.40 32.77
N SER F 726 -45.32 -30.34 33.21
CA SER F 726 -46.04 -29.12 33.55
C SER F 726 -46.27 -28.24 32.33
N LEU F 727 -45.97 -28.76 31.13
CA LEU F 727 -46.12 -28.08 29.85
C LEU F 727 -47.50 -28.25 29.24
N TYR F 728 -48.50 -28.56 30.05
CA TYR F 728 -49.83 -28.80 29.50
C TYR F 728 -50.51 -27.52 29.04
N GLN F 729 -50.29 -26.43 29.78
CA GLN F 729 -50.89 -25.17 29.40
C GLN F 729 -50.02 -24.45 28.40
N MET G 1 -22.29 38.93 4.19
CA MET G 1 -23.55 38.48 3.62
C MET G 1 -24.26 39.63 2.93
N TYR G 2 -23.84 40.85 3.20
CA TYR G 2 -24.57 41.98 2.67
C TYR G 2 -23.68 42.75 1.71
N GLY G 3 -22.54 43.24 2.18
CA GLY G 3 -21.53 43.97 1.44
C GLY G 3 -20.47 42.97 1.02
N ASP G 4 -20.91 41.72 1.06
CA ASP G 4 -20.10 40.55 0.79
C ASP G 4 -19.44 40.55 -0.56
N LEU G 5 -20.14 41.00 -1.62
CA LEU G 5 -19.54 41.00 -2.94
C LEU G 5 -18.37 41.94 -2.96
N GLY G 6 -18.48 43.01 -2.18
CA GLY G 6 -17.40 43.95 -2.04
C GLY G 6 -16.21 43.29 -1.38
N ASN G 7 -16.47 42.43 -0.41
CA ASN G 7 -15.37 41.76 0.26
C ASN G 7 -14.65 40.84 -0.70
N LYS G 8 -15.40 40.13 -1.54
CA LYS G 8 -14.76 39.22 -2.49
C LYS G 8 -13.92 39.95 -3.51
N LEU G 9 -14.43 41.07 -4.00
CA LEU G 9 -13.71 41.79 -5.02
C LEU G 9 -12.50 42.52 -4.45
N VAL G 10 -12.66 43.15 -3.29
CA VAL G 10 -11.54 43.84 -2.66
C VAL G 10 -10.45 42.85 -2.33
N LEU G 11 -10.87 41.66 -1.93
CA LEU G 11 -9.94 40.60 -1.60
C LEU G 11 -9.18 40.16 -2.83
N GLU G 12 -9.89 39.98 -3.95
CA GLU G 12 -9.24 39.60 -5.21
C GLU G 12 -8.22 40.66 -5.60
N ALA G 13 -8.53 41.90 -5.31
CA ALA G 13 -7.59 42.95 -5.62
C ALA G 13 -6.35 42.78 -4.76
N LYS G 14 -6.59 42.50 -3.48
CA LYS G 14 -5.51 42.31 -2.52
C LYS G 14 -4.62 41.17 -2.95
N ARG G 15 -5.22 40.09 -3.43
CA ARG G 15 -4.41 38.97 -3.88
C ARG G 15 -3.66 39.34 -5.14
N THR G 16 -4.29 40.14 -6.02
CA THR G 16 -3.68 40.52 -7.28
C THR G 16 -2.43 41.33 -7.06
N LYS G 17 -2.38 42.03 -5.93
CA LYS G 17 -1.16 42.76 -5.58
C LYS G 17 -0.02 41.79 -5.38
N GLN G 18 -0.25 40.80 -4.53
CA GLN G 18 0.73 39.80 -4.21
C GLN G 18 1.02 38.94 -5.43
N LEU G 19 0.04 38.79 -6.31
CA LEU G 19 0.20 38.05 -7.56
C LEU G 19 1.22 38.76 -8.44
N TYR G 20 1.29 40.08 -8.28
CA TYR G 20 2.16 40.99 -8.97
C TYR G 20 3.42 41.33 -8.19
N ALA G 21 3.58 40.79 -6.99
CA ALA G 21 4.70 41.15 -6.12
C ALA G 21 6.11 41.05 -6.69
N ARG G 22 6.69 39.86 -6.92
CA ARG G 22 8.03 39.85 -7.53
C ARG G 22 7.99 40.31 -8.99
N SER G 23 7.16 39.73 -9.87
CA SER G 23 6.43 38.47 -9.82
C SER G 23 6.87 37.26 -10.72
N ASN G 24 7.63 37.34 -11.84
CA ASN G 24 8.13 38.49 -12.64
C ASN G 24 6.89 39.16 -13.19
N GLN G 25 7.00 40.39 -13.69
CA GLN G 25 5.78 41.08 -14.06
C GLN G 25 5.35 40.59 -15.45
N ASP G 26 4.51 39.58 -15.37
CA ASP G 26 3.80 38.87 -16.42
C ASP G 26 2.32 39.17 -16.33
N VAL G 27 1.94 39.98 -15.34
CA VAL G 27 0.60 40.37 -14.94
C VAL G 27 -0.37 40.58 -16.09
N ASN G 28 -1.32 39.67 -16.16
CA ASN G 28 -2.39 39.68 -17.12
C ASN G 28 -3.60 39.40 -16.26
N LEU G 29 -4.25 40.47 -15.88
CA LEU G 29 -5.41 40.49 -15.02
C LEU G 29 -6.43 39.46 -15.49
N PRO G 30 -6.90 38.59 -14.62
CA PRO G 30 -7.80 37.52 -15.03
C PRO G 30 -9.08 37.91 -15.73
N MET G 31 -9.83 38.83 -15.15
CA MET G 31 -11.08 39.27 -15.75
C MET G 31 -11.75 40.29 -14.86
N TYR G 32 -12.69 40.98 -15.48
CA TYR G 32 -13.60 41.90 -14.84
C TYR G 32 -14.88 41.13 -14.57
N HIS G 33 -15.21 40.95 -13.31
CA HIS G 33 -16.42 40.22 -12.99
C HIS G 33 -17.50 41.28 -12.97
N GLU G 34 -18.31 41.31 -14.00
CA GLU G 34 -19.35 42.31 -14.01
C GLU G 34 -20.62 41.77 -13.44
N ASP G 35 -20.71 40.44 -13.34
CA ASP G 35 -21.85 39.76 -12.78
C ASP G 35 -22.00 40.16 -11.33
N ILE G 36 -20.89 40.21 -10.61
CA ILE G 36 -20.94 40.58 -9.22
C ILE G 36 -21.28 42.05 -9.14
N ILE G 37 -20.79 42.84 -10.10
CA ILE G 37 -21.10 44.26 -10.15
C ILE G 37 -22.58 44.44 -10.36
N ARG G 38 -23.18 43.59 -11.19
CA ARG G 38 -24.62 43.61 -11.43
C ARG G 38 -25.37 43.33 -10.15
N ASN G 39 -24.88 42.37 -9.38
CA ASN G 39 -25.51 42.07 -8.10
C ASN G 39 -25.49 43.28 -7.18
N ILE G 40 -24.37 44.01 -7.16
CA ILE G 40 -24.28 45.23 -6.38
C ILE G 40 -25.33 46.21 -6.82
N LEU G 41 -25.40 46.40 -8.14
CA LEU G 41 -26.37 47.33 -8.72
C LEU G 41 -27.80 46.94 -8.38
N LYS G 42 -28.11 45.65 -8.39
CA LYS G 42 -29.46 45.22 -8.07
C LYS G 42 -29.78 45.50 -6.61
N GLU G 43 -28.80 45.31 -5.72
CA GLU G 43 -29.06 45.55 -4.31
C GLU G 43 -29.23 47.03 -4.03
N VAL G 44 -28.36 47.87 -4.59
CA VAL G 44 -28.46 49.30 -4.36
C VAL G 44 -29.77 49.81 -4.96
N SER G 45 -30.09 49.37 -6.19
CA SER G 45 -31.32 49.78 -6.86
C SER G 45 -32.55 49.43 -6.04
N ASN G 46 -32.60 48.22 -5.49
CA ASN G 46 -33.69 47.82 -4.63
C ASN G 46 -33.74 48.71 -3.39
N LEU G 47 -32.58 48.88 -2.76
CA LEU G 47 -32.45 49.69 -1.55
C LEU G 47 -32.89 51.12 -1.75
N ARG G 48 -32.33 51.81 -2.75
CA ARG G 48 -32.74 53.19 -2.95
C ARG G 48 -34.14 53.29 -3.50
N LYS G 49 -34.70 52.22 -4.08
CA LYS G 49 -36.08 52.32 -4.55
C LYS G 49 -37.02 52.24 -3.36
N ASN G 50 -36.64 51.45 -2.38
CA ASN G 50 -37.46 51.38 -1.18
C ASN G 50 -37.24 52.63 -0.38
N THR G 51 -36.02 53.14 -0.42
CA THR G 51 -35.64 54.34 0.31
C THR G 51 -36.44 55.54 -0.18
N GLU G 52 -36.49 55.73 -1.49
CA GLU G 52 -37.31 56.80 -2.06
C GLU G 52 -38.78 56.55 -1.77
N TYR G 53 -39.21 55.28 -1.77
CA TYR G 53 -40.58 54.92 -1.45
C TYR G 53 -40.97 55.36 -0.05
N LEU G 54 -40.16 55.00 0.95
CA LEU G 54 -40.41 55.44 2.32
C LEU G 54 -40.27 56.94 2.44
N LYS G 55 -39.38 57.54 1.65
CA LYS G 55 -39.19 58.98 1.67
C LYS G 55 -40.45 59.70 1.21
N GLU G 56 -41.20 59.08 0.31
CA GLU G 56 -42.47 59.63 -0.13
C GLU G 56 -43.56 59.35 0.90
N GLN G 57 -43.58 58.12 1.41
CA GLN G 57 -44.56 57.68 2.38
C GLN G 57 -44.42 58.40 3.71
N GLN G 58 -43.25 59.02 3.95
CA GLN G 58 -42.98 59.77 5.17
C GLN G 58 -43.97 60.90 5.40
N GLN G 59 -44.57 61.42 4.35
CA GLN G 59 -45.54 62.47 4.52
C GLN G 59 -46.94 61.92 4.83
N LEU G 60 -47.17 60.62 4.61
CA LEU G 60 -48.49 60.04 4.81
C LEU G 60 -48.56 59.08 6.00
N GLY G 61 -47.89 57.94 5.93
CA GLY G 61 -48.00 57.01 7.03
C GLY G 61 -46.85 56.89 8.01
N MET G 62 -45.67 57.35 7.61
CA MET G 62 -44.52 57.29 8.51
C MET G 62 -44.55 58.49 9.45
N LEU G 63 -44.98 59.63 8.91
CA LEU G 63 -45.12 60.91 9.61
C LEU G 63 -43.79 61.44 10.10
N ASP G 64 -42.74 61.18 9.30
CA ASP G 64 -41.36 61.63 9.52
C ASP G 64 -40.83 61.24 10.91
N ASP G 65 -40.94 59.97 11.24
CA ASP G 65 -40.45 59.55 12.55
C ASP G 65 -38.92 59.61 12.58
N LYS G 66 -38.38 59.94 13.76
CA LYS G 66 -36.94 60.07 13.95
C LYS G 66 -36.18 58.79 13.68
N VAL G 67 -36.79 57.64 14.00
CA VAL G 67 -36.13 56.37 13.79
C VAL G 67 -36.05 56.06 12.30
N ALA G 68 -37.05 56.51 11.53
CA ALA G 68 -37.08 56.25 10.11
C ALA G 68 -35.90 56.84 9.36
N LYS G 69 -35.36 57.97 9.84
CA LYS G 69 -34.22 58.60 9.18
C LYS G 69 -32.94 57.79 9.29
N CYS G 70 -32.88 56.93 10.30
CA CYS G 70 -31.71 56.10 10.55
C CYS G 70 -31.42 55.20 9.38
N GLN G 71 -32.45 54.52 8.86
CA GLN G 71 -32.25 53.60 7.74
C GLN G 71 -31.72 54.31 6.51
N TYR G 72 -32.15 55.56 6.28
CA TYR G 72 -31.59 56.32 5.17
C TYR G 72 -30.12 56.54 5.42
N PHE G 73 -29.82 57.01 6.63
CA PHE G 73 -28.44 57.21 7.03
C PHE G 73 -27.61 55.94 6.97
N VAL G 74 -28.23 54.78 7.15
CA VAL G 74 -27.52 53.51 7.11
C VAL G 74 -27.17 53.16 5.68
N THR G 75 -28.21 53.08 4.85
CA THR G 75 -28.07 52.72 3.45
C THR G 75 -27.14 53.66 2.73
N LEU G 76 -27.12 54.94 3.14
CA LEU G 76 -26.21 55.90 2.52
C LEU G 76 -24.76 55.50 2.74
N LEU G 77 -24.45 55.08 3.95
CA LEU G 77 -23.11 54.61 4.27
C LEU G 77 -22.80 53.34 3.52
N CYS G 78 -23.75 52.40 3.55
CA CYS G 78 -23.61 51.15 2.82
C CYS G 78 -23.32 51.40 1.36
N MET G 79 -24.03 52.37 0.80
CA MET G 79 -23.83 52.81 -0.56
C MET G 79 -22.40 53.27 -0.76
N GLU G 80 -21.91 54.10 0.15
CA GLU G 80 -20.53 54.58 0.11
C GLU G 80 -19.56 53.42 0.18
N ARG G 81 -19.88 52.44 1.01
CA ARG G 81 -19.06 51.26 1.16
C ARG G 81 -18.92 50.54 -0.16
N ASN G 82 -20.07 50.30 -0.82
CA ASN G 82 -20.10 49.65 -2.12
C ASN G 82 -19.27 50.41 -3.09
N LYS G 83 -19.56 51.71 -3.14
CA LYS G 83 -18.87 52.65 -3.98
C LYS G 83 -17.39 52.56 -3.76
N ARG G 84 -16.99 52.69 -2.50
CA ARG G 84 -15.62 52.64 -2.04
C ARG G 84 -14.90 51.41 -2.52
N CYS G 85 -15.57 50.27 -2.46
CA CYS G 85 -14.97 49.04 -2.92
C CYS G 85 -14.72 49.08 -4.42
N LEU G 86 -15.73 49.49 -5.18
CA LEU G 86 -15.55 49.53 -6.62
C LEU G 86 -14.53 50.57 -7.03
N LEU G 87 -14.58 51.75 -6.41
CA LEU G 87 -13.61 52.82 -6.68
C LEU G 87 -12.20 52.32 -6.50
N ALA G 88 -11.89 51.83 -5.30
CA ALA G 88 -10.54 51.35 -5.02
C ALA G 88 -10.14 50.22 -5.95
N TYR G 89 -11.08 49.31 -6.19
CA TYR G 89 -10.87 48.19 -7.08
C TYR G 89 -10.45 48.64 -8.45
N GLN G 90 -11.23 49.56 -8.99
CA GLN G 90 -10.98 50.06 -10.31
C GLN G 90 -9.72 50.89 -10.33
N ARG G 91 -9.50 51.68 -9.29
CA ARG G 91 -8.30 52.49 -9.20
C ARG G 91 -7.05 51.63 -9.26
N LEU G 92 -7.06 50.48 -8.59
CA LEU G 92 -5.89 49.61 -8.67
C LEU G 92 -5.87 48.90 -10.01
N ARG G 93 -7.05 48.46 -10.42
CA ARG G 93 -7.27 47.83 -11.70
C ARG G 93 -6.79 48.73 -12.82
N THR G 94 -7.01 50.00 -12.67
CA THR G 94 -6.58 50.98 -13.64
C THR G 94 -5.08 51.18 -13.54
N ASP G 95 -4.60 51.31 -12.31
CA ASP G 95 -3.20 51.55 -11.99
C ASP G 95 -2.28 50.52 -12.60
N ILE G 96 -2.64 49.26 -12.46
CA ILE G 96 -1.81 48.20 -13.00
C ILE G 96 -1.72 48.32 -14.52
N LEU G 97 -2.84 48.66 -15.17
CA LEU G 97 -2.80 48.86 -16.61
C LEU G 97 -1.93 50.04 -16.96
N ASP G 98 -2.05 51.10 -16.19
CA ASP G 98 -1.26 52.30 -16.39
C ASP G 98 0.21 51.97 -16.36
N SER G 99 0.61 51.15 -15.37
CA SER G 99 2.00 50.68 -15.28
C SER G 99 2.37 49.92 -16.54
N MET G 100 1.45 49.08 -17.01
CA MET G 100 1.70 48.33 -18.22
C MET G 100 1.69 49.24 -19.43
N ALA G 101 1.10 50.40 -19.31
CA ALA G 101 1.12 51.32 -20.41
C ALA G 101 2.45 52.04 -20.45
N TRP G 102 3.04 52.25 -19.28
CA TRP G 102 4.32 52.94 -19.19
C TRP G 102 5.53 52.10 -19.55
N ASN G 103 5.73 51.01 -18.85
CA ASN G 103 6.92 50.17 -18.99
C ASN G 103 7.29 49.76 -20.42
N ASN G 104 6.37 49.18 -21.18
CA ASN G 104 6.65 48.62 -22.50
C ASN G 104 6.36 49.52 -23.68
N ASN G 105 6.05 50.79 -23.49
CA ASN G 105 5.85 51.71 -24.59
C ASN G 105 7.01 52.70 -24.73
N GLY G 106 8.08 52.34 -25.45
CA GLY G 106 8.34 51.10 -26.15
C GLY G 106 8.72 50.90 -27.61
N LEU G 107 9.30 51.83 -28.39
CA LEU G 107 9.44 53.28 -28.22
C LEU G 107 9.64 53.96 -29.57
N THR G 120 -5.83 40.76 -21.80
CA THR G 120 -5.96 41.94 -22.65
C THR G 120 -7.37 42.00 -23.18
N ASN G 121 -7.59 41.05 -24.08
CA ASN G 121 -8.86 40.81 -24.74
C ASN G 121 -9.97 40.52 -23.74
N ASN G 122 -9.65 39.76 -22.71
CA ASN G 122 -10.59 39.37 -21.66
C ASN G 122 -10.99 40.56 -20.81
N LEU G 123 -10.16 41.59 -20.70
CA LEU G 123 -10.50 42.73 -19.86
C LEU G 123 -11.58 43.59 -20.51
N SER G 124 -12.37 44.23 -19.64
CA SER G 124 -13.50 45.07 -20.01
C SER G 124 -13.15 46.23 -20.92
N HIS G 125 -14.00 46.42 -21.93
CA HIS G 125 -13.84 47.42 -22.98
C HIS G 125 -13.58 48.84 -22.49
N GLN G 126 -14.23 49.21 -21.39
CA GLN G 126 -14.04 50.54 -20.81
C GLN G 126 -12.57 50.78 -20.49
N GLU G 127 -11.86 49.71 -20.10
CA GLU G 127 -10.45 49.82 -19.77
C GLU G 127 -9.65 50.14 -21.03
N GLN G 128 -9.91 49.40 -22.10
CA GLN G 128 -9.21 49.64 -23.36
C GLN G 128 -9.50 51.04 -23.89
N GLU G 129 -10.74 51.52 -23.71
CA GLU G 129 -11.09 52.88 -24.14
C GLU G 129 -10.23 53.88 -23.38
N TYR G 130 -10.21 53.73 -22.06
CA TYR G 130 -9.40 54.59 -21.22
C TYR G 130 -7.93 54.43 -21.59
N LEU G 131 -7.52 53.19 -21.83
CA LEU G 131 -6.15 52.84 -22.17
C LEU G 131 -5.67 53.53 -23.43
N LYS G 132 -6.46 53.41 -24.50
CA LYS G 132 -6.11 54.03 -25.76
C LYS G 132 -6.07 55.55 -25.62
N GLU G 133 -6.94 56.10 -24.80
CA GLU G 133 -6.89 57.53 -24.63
C GLU G 133 -5.71 57.92 -23.76
N TYR G 134 -5.35 57.04 -22.83
CA TYR G 134 -4.23 57.28 -21.94
C TYR G 134 -2.94 57.24 -22.71
N CYS G 135 -2.77 56.22 -23.54
CA CYS G 135 -1.55 56.12 -24.32
C CYS G 135 -1.50 57.25 -25.33
N ASP G 136 -2.65 57.67 -25.87
CA ASP G 136 -2.61 58.80 -26.79
C ASP G 136 -2.22 60.06 -26.04
N LEU G 137 -2.67 60.16 -24.82
CA LEU G 137 -2.37 61.31 -24.00
C LEU G 137 -0.89 61.33 -23.64
N ILE G 138 -0.33 60.17 -23.30
CA ILE G 138 1.07 60.16 -22.94
C ILE G 138 1.91 60.44 -24.17
N THR G 139 1.44 60.03 -25.35
CA THR G 139 2.18 60.40 -26.54
C THR G 139 2.10 61.89 -26.79
N ASP G 140 1.02 62.53 -26.33
CA ASP G 140 0.93 63.98 -26.45
C ASP G 140 1.98 64.63 -25.58
N LEU G 141 2.17 64.08 -24.39
CA LEU G 141 3.23 64.63 -23.54
C LEU G 141 4.60 64.32 -24.11
N LYS G 142 4.77 63.16 -24.76
CA LYS G 142 6.05 62.86 -25.41
C LYS G 142 6.30 63.84 -26.53
N SER G 143 5.23 64.29 -27.17
CA SER G 143 5.37 65.29 -28.21
C SER G 143 5.76 66.62 -27.60
N GLY G 144 5.25 66.89 -26.39
CA GLY G 144 5.59 68.14 -25.73
C GLY G 144 7.05 68.26 -25.38
N ASP G 145 7.72 67.14 -25.12
CA ASP G 145 9.13 67.15 -24.78
C ASP G 145 9.84 66.14 -25.69
N LEU G 146 10.62 66.59 -26.70
CA LEU G 146 11.07 67.93 -27.20
C LEU G 146 11.94 68.49 -26.08
N VAL G 147 12.61 67.53 -25.49
CA VAL G 147 13.58 67.68 -24.42
C VAL G 147 14.89 66.96 -24.78
N ASP G 148 14.93 65.64 -25.08
CA ASP G 148 13.86 64.65 -25.28
C ASP G 148 13.59 63.67 -24.16
N ILE G 149 12.30 63.37 -24.02
CA ILE G 149 11.76 62.45 -23.03
C ILE G 149 10.72 61.64 -23.78
N ASP G 150 10.87 60.30 -23.91
CA ASP G 150 11.84 59.25 -23.44
C ASP G 150 11.74 59.15 -21.97
N LEU G 151 10.59 59.59 -21.47
CA LEU G 151 10.31 59.54 -20.06
C LEU G 151 9.70 58.23 -19.62
N SER G 152 9.15 57.47 -20.54
CA SER G 152 8.56 56.20 -20.12
C SER G 152 9.61 55.12 -19.89
N GLY G 153 10.73 55.14 -20.62
CA GLY G 153 11.79 54.17 -20.44
C GLY G 153 13.08 54.73 -19.87
N SER G 154 14.19 54.01 -20.15
CA SER G 154 15.56 54.37 -19.72
C SER G 154 15.64 54.58 -18.22
N LEU G 155 15.02 53.67 -17.48
CA LEU G 155 14.95 53.72 -16.03
C LEU G 155 16.29 53.49 -15.33
N VAL G 156 17.15 52.65 -15.86
CA VAL G 156 18.44 52.40 -15.20
C VAL G 156 19.53 53.36 -15.67
N PRO G 157 20.30 53.93 -14.77
CA PRO G 157 21.38 54.80 -15.15
C PRO G 157 22.45 54.06 -15.92
N PRO G 158 22.93 54.68 -16.97
CA PRO G 158 23.92 54.10 -17.86
C PRO G 158 25.35 54.02 -17.37
N SER G 159 26.02 52.95 -17.80
CA SER G 159 27.45 52.66 -17.67
C SER G 159 27.80 51.35 -18.36
N ASP G 160 29.01 51.18 -18.89
CA ASP G 160 30.00 52.21 -19.27
C ASP G 160 30.84 51.97 -20.55
N VAL G 161 30.52 52.55 -21.70
CA VAL G 161 29.27 52.99 -22.24
C VAL G 161 28.65 51.82 -23.00
N PHE G 162 29.57 50.95 -23.47
CA PHE G 162 29.32 49.78 -24.31
C PHE G 162 28.95 48.55 -23.49
N ILE G 163 28.16 47.66 -24.10
CA ILE G 163 27.68 46.43 -23.45
C ILE G 163 27.65 45.33 -24.52
N ASP G 164 27.61 44.07 -24.08
CA ASP G 164 27.54 42.93 -24.97
C ASP G 164 26.13 42.34 -24.88
N VAL G 165 25.36 42.44 -25.96
CA VAL G 165 23.99 41.90 -26.01
C VAL G 165 23.89 40.76 -27.02
N ARG G 166 23.03 39.79 -26.71
CA ARG G 166 22.77 38.66 -27.60
C ARG G 166 21.34 38.75 -28.14
N VAL G 167 21.17 38.35 -29.39
CA VAL G 167 19.88 38.36 -30.07
C VAL G 167 18.86 37.41 -29.46
N LEU G 168 17.61 37.89 -29.34
CA LEU G 168 16.47 37.11 -28.86
C LEU G 168 15.44 37.01 -29.99
N LYS G 169 15.48 35.89 -30.71
CA LYS G 169 14.62 35.54 -31.85
C LYS G 169 14.35 36.65 -32.86
N ASP G 170 15.37 37.46 -33.16
CA ASP G 170 15.21 38.59 -34.06
C ASP G 170 16.13 38.56 -35.27
N ALA G 171 15.57 38.27 -36.44
CA ALA G 171 16.33 38.34 -37.68
C ALA G 171 15.28 38.54 -38.77
N GLY G 172 15.09 39.77 -39.24
CA GLY G 172 15.75 41.00 -38.84
C GLY G 172 16.79 41.38 -39.87
N GLU G 173 17.03 42.68 -40.07
CA GLU G 173 16.38 43.75 -39.30
C GLU G 173 15.48 44.58 -40.20
N THR G 176 18.66 49.41 -37.32
CA THR G 176 18.50 50.25 -38.50
C THR G 176 18.80 51.71 -38.21
N GLU G 177 18.50 52.16 -36.97
CA GLU G 177 18.76 53.55 -36.58
C GLU G 177 20.22 53.89 -36.75
N TYR G 178 20.47 55.05 -37.35
CA TYR G 178 21.76 55.64 -37.72
C TYR G 178 22.52 54.80 -38.75
N GLY G 179 22.49 53.48 -38.61
CA GLY G 179 23.09 52.57 -39.57
C GLY G 179 22.30 51.30 -39.48
N VAL G 180 22.27 50.53 -40.55
CA VAL G 180 21.57 49.26 -40.53
C VAL G 180 22.59 48.24 -40.02
N PHE G 181 22.28 47.61 -38.90
CA PHE G 181 23.24 46.67 -38.33
C PHE G 181 23.03 45.20 -38.69
N ASN G 182 22.02 44.88 -39.51
CA ASN G 182 21.76 43.53 -40.00
C ASN G 182 21.57 42.50 -38.88
N LEU G 183 20.43 42.63 -38.19
CA LEU G 183 20.07 41.74 -37.09
C LEU G 183 20.09 40.30 -37.57
N ILE G 184 20.82 39.46 -36.83
CA ILE G 184 21.01 38.06 -37.16
C ILE G 184 20.73 37.24 -35.92
N LYS G 185 19.89 36.23 -36.09
CA LYS G 185 19.47 35.36 -35.02
C LYS G 185 20.64 34.63 -34.39
N ASP G 186 20.63 34.62 -33.06
CA ASP G 186 21.64 33.98 -32.23
C ASP G 186 23.06 34.49 -32.49
N SER G 187 23.21 35.81 -32.59
CA SER G 187 24.52 36.40 -32.82
C SER G 187 24.70 37.47 -31.75
N GLN G 188 25.66 37.31 -30.84
CA GLN G 188 25.88 38.30 -29.79
C GLN G 188 26.85 39.35 -30.29
N PHE G 189 26.62 40.59 -29.88
CA PHE G 189 27.42 41.74 -30.25
C PHE G 189 28.07 42.35 -29.01
N PHE G 190 28.80 43.44 -29.26
CA PHE G 190 29.43 44.31 -28.27
C PHE G 190 29.09 45.69 -28.85
N VAL G 191 28.15 46.43 -28.20
CA VAL G 191 27.58 47.68 -28.72
C VAL G 191 27.21 48.63 -27.56
N ARG G 192 27.11 49.94 -27.87
CA ARG G 192 26.72 50.92 -26.88
C ARG G 192 25.25 50.72 -26.52
N GLN G 193 24.90 51.22 -25.33
CA GLN G 193 23.57 51.09 -24.77
C GLN G 193 22.42 51.61 -25.64
N SER G 194 22.66 52.64 -26.43
CA SER G 194 21.67 53.34 -27.22
C SER G 194 20.68 52.55 -28.06
N ASP G 195 21.13 51.86 -29.09
CA ASP G 195 20.21 51.11 -29.94
C ASP G 195 19.62 49.92 -29.21
N VAL G 196 20.38 49.41 -28.26
CA VAL G 196 19.95 48.30 -27.43
C VAL G 196 18.69 48.66 -26.69
N GLU G 197 18.61 49.91 -26.22
CA GLU G 197 17.45 50.41 -25.50
C GLU G 197 16.18 50.31 -26.33
N ARG G 198 16.29 50.52 -27.62
CA ARG G 198 15.11 50.45 -28.46
C ARG G 198 14.72 49.01 -28.74
N LEU G 199 15.72 48.20 -29.09
CA LEU G 199 15.41 46.82 -29.44
C LEU G 199 14.96 46.00 -28.23
N ILE G 200 15.45 46.33 -27.03
CA ILE G 200 15.06 45.61 -25.82
C ILE G 200 13.58 45.82 -25.56
N GLN G 201 13.01 46.96 -25.99
CA GLN G 201 11.60 47.22 -25.79
C GLN G 201 10.75 46.22 -26.55
N GLN G 202 11.26 45.69 -27.65
CA GLN G 202 10.55 44.68 -28.38
C GLN G 202 10.97 43.29 -27.93
N GLY G 203 11.83 43.19 -26.92
CA GLY G 203 12.24 41.87 -26.49
C GLY G 203 13.21 41.19 -27.41
N TYR G 204 13.66 41.87 -28.46
CA TYR G 204 14.58 41.28 -29.44
C TYR G 204 15.99 41.04 -28.92
N LEU G 205 16.39 41.65 -27.82
CA LEU G 205 17.73 41.43 -27.28
C LEU G 205 17.61 40.70 -25.96
N GLN G 206 18.60 39.88 -25.61
CA GLN G 206 18.53 39.12 -24.37
C GLN G 206 19.56 39.48 -23.32
N LYS G 207 20.85 39.24 -23.54
CA LYS G 207 21.75 39.53 -22.43
C LYS G 207 21.99 41.02 -22.37
N ILE G 208 22.16 41.50 -21.15
CA ILE G 208 22.40 42.89 -20.88
C ILE G 208 23.81 43.03 -20.33
N LEU H 3 5.94 55.10 -14.44
CA LEU H 3 5.90 55.14 -12.99
C LEU H 3 6.79 54.03 -12.50
N PRO H 4 8.03 54.32 -12.16
CA PRO H 4 8.96 53.26 -11.72
C PRO H 4 8.51 52.47 -10.50
N ALA H 5 7.77 53.08 -9.58
CA ALA H 5 7.27 52.59 -8.29
C ALA H 5 8.36 52.21 -7.29
N HIS H 6 9.51 51.73 -7.77
CA HIS H 6 10.62 51.47 -6.90
C HIS H 6 11.46 52.72 -6.71
N LEU H 7 11.93 52.94 -5.49
CA LEU H 7 11.53 52.17 -4.30
C LEU H 7 10.13 52.40 -3.64
N GLN H 8 9.42 53.54 -3.69
CA GLN H 8 9.77 54.83 -4.25
C GLN H 8 10.43 55.72 -3.24
N GLN H 9 10.35 55.31 -1.97
CA GLN H 9 10.94 56.15 -0.95
C GLN H 9 12.46 56.01 -0.95
N THR H 10 12.97 54.79 -1.02
CA THR H 10 14.40 54.67 -1.04
C THR H 10 14.98 54.94 -2.40
N PHE H 11 16.24 55.31 -2.39
CA PHE H 11 16.95 55.46 -3.64
C PHE H 11 17.48 54.07 -3.98
N SER H 12 17.55 53.73 -5.28
CA SER H 12 18.09 52.43 -5.64
C SER H 12 19.59 52.43 -5.37
N PRO H 13 20.16 51.27 -5.03
CA PRO H 13 21.62 51.21 -4.77
C PRO H 13 22.44 51.67 -5.93
N GLU H 14 22.00 51.29 -7.09
CA GLU H 14 22.66 51.77 -8.27
C GLU H 14 22.44 53.29 -8.41
N GLU H 15 21.30 53.81 -7.91
CA GLU H 15 21.05 55.25 -7.98
C GLU H 15 22.00 55.99 -7.05
N ILE H 16 22.21 55.47 -5.85
CA ILE H 16 23.16 56.15 -5.00
C ILE H 16 24.55 56.04 -5.61
N GLN H 17 24.81 54.94 -6.34
CA GLN H 17 26.07 54.83 -7.05
C GLN H 17 26.16 55.94 -8.10
N PHE H 18 25.02 56.24 -8.71
CA PHE H 18 24.94 57.31 -9.66
C PHE H 18 25.23 58.65 -8.98
N ILE H 19 24.88 58.75 -7.70
CA ILE H 19 25.14 59.98 -6.96
C ILE H 19 26.61 60.10 -6.65
N VAL H 20 27.23 59.02 -6.18
CA VAL H 20 28.65 59.06 -5.83
C VAL H 20 29.51 59.29 -7.09
N GLU H 21 28.96 59.09 -8.31
CA GLU H 21 29.69 59.41 -9.55
C GLU H 21 30.28 60.81 -9.57
N ASN H 22 29.63 61.73 -8.87
CA ASN H 22 29.95 63.15 -8.77
C ASN H 22 31.22 63.43 -7.98
N GLU H 23 31.81 62.46 -7.35
CA GLU H 23 32.95 62.74 -6.51
C GLU H 23 34.25 63.03 -7.25
N PRO H 24 34.92 64.12 -6.90
CA PRO H 24 36.19 64.43 -7.53
C PRO H 24 37.30 63.59 -6.91
N ILE H 25 38.32 63.29 -7.71
CA ILE H 25 39.44 62.48 -7.23
C ILE H 25 40.70 62.85 -7.99
N LYS H 26 41.83 62.64 -7.34
CA LYS H 26 43.13 62.94 -7.92
C LYS H 26 43.58 61.79 -8.81
N ILE H 27 44.31 62.11 -9.90
CA ILE H 27 44.81 61.10 -10.83
C ILE H 27 46.20 61.47 -11.34
N PHE H 28 46.81 60.53 -12.07
CA PHE H 28 48.14 60.68 -12.69
C PHE H 28 48.04 60.28 -14.15
N PRO H 29 47.60 61.19 -15.02
CA PRO H 29 47.44 60.86 -16.45
C PRO H 29 48.71 60.48 -17.20
N ARG H 30 48.55 59.68 -18.26
CA ARG H 30 49.67 59.28 -19.12
C ARG H 30 50.10 60.37 -20.08
N ILE H 31 49.21 61.31 -20.40
CA ILE H 31 49.53 62.38 -21.35
C ILE H 31 50.53 63.35 -20.72
N THR H 32 51.19 64.13 -21.57
CA THR H 32 52.14 65.12 -21.09
C THR H 32 51.68 66.55 -21.34
N TRP H 50 40.59 68.67 -25.66
CA TRP H 50 39.70 68.49 -24.53
C TRP H 50 38.54 69.50 -24.68
N GLN H 51 38.44 70.37 -23.67
CA GLN H 51 37.48 71.46 -23.52
C GLN H 51 36.04 70.96 -23.66
N LEU H 52 35.74 70.04 -22.76
CA LEU H 52 34.42 69.48 -22.56
C LEU H 52 33.46 70.63 -22.32
N ILE H 53 32.45 70.76 -23.15
CA ILE H 53 31.57 71.90 -22.94
C ILE H 53 30.38 71.58 -22.04
N THR H 54 30.05 70.29 -21.88
CA THR H 54 28.97 69.71 -21.08
C THR H 54 28.47 70.48 -19.86
N THR H 55 29.02 70.23 -18.67
CA THR H 55 28.53 71.02 -17.54
C THR H 55 29.49 71.71 -16.59
N ASP H 56 30.08 70.91 -15.70
CA ASP H 56 30.91 71.43 -14.62
C ASP H 56 32.41 71.23 -14.61
N ASP H 57 33.06 70.49 -15.53
CA ASP H 57 34.51 70.36 -15.36
C ASP H 57 35.24 71.68 -15.59
N LYS H 58 35.11 72.26 -16.80
CA LYS H 58 35.69 73.54 -17.22
C LYS H 58 37.24 73.51 -17.23
N ALA H 59 37.83 72.44 -16.74
CA ALA H 59 39.26 72.30 -16.63
C ALA H 59 39.68 71.00 -17.29
N LEU H 60 40.90 70.94 -17.86
CA LEU H 60 41.93 71.99 -17.87
C LEU H 60 42.86 71.59 -19.03
N ASN H 61 43.93 72.35 -19.23
CA ASN H 61 45.00 72.13 -20.20
C ASN H 61 45.63 70.75 -20.01
N ASN H 62 46.25 70.24 -21.09
CA ASN H 62 46.86 68.90 -21.09
C ASN H 62 47.85 68.75 -19.96
N MET H 63 47.57 67.77 -19.11
CA MET H 63 48.30 67.54 -17.89
C MET H 63 49.61 66.79 -18.11
N VAL H 64 50.62 67.14 -17.29
CA VAL H 64 51.94 66.51 -17.32
C VAL H 64 51.83 65.09 -16.77
N ALA H 65 52.52 64.13 -17.40
CA ALA H 65 52.49 62.74 -16.99
C ALA H 65 52.95 62.51 -15.56
N MET H 66 52.21 61.62 -14.88
CA MET H 66 52.46 61.20 -13.50
C MET H 66 52.39 62.38 -12.55
N ARG H 67 51.40 63.24 -12.76
CA ARG H 67 51.22 64.40 -11.92
C ARG H 67 49.80 64.44 -11.43
N SER H 68 49.67 64.77 -10.16
CA SER H 68 48.40 64.80 -9.45
C SER H 68 47.47 65.89 -9.93
N THR H 69 46.26 65.49 -10.32
CA THR H 69 45.22 66.42 -10.73
C THR H 69 43.86 65.85 -10.32
N GLU H 70 43.05 66.69 -9.69
CA GLU H 70 41.73 66.32 -9.20
C GLU H 70 40.71 66.28 -10.32
N VAL H 71 39.98 65.16 -10.45
CA VAL H 71 38.96 65.01 -11.47
C VAL H 71 37.80 64.20 -10.90
N VAL H 72 36.61 64.39 -11.48
CA VAL H 72 35.41 63.66 -11.02
C VAL H 72 35.60 62.15 -11.24
N LEU H 73 34.86 61.36 -10.46
CA LEU H 73 35.00 59.89 -10.40
C LEU H 73 34.78 59.17 -11.74
N TRP H 74 33.62 59.34 -12.36
CA TRP H 74 33.29 58.58 -13.57
C TRP H 74 34.22 58.84 -14.75
N ILE H 75 34.75 60.06 -14.89
CA ILE H 75 35.71 60.27 -15.98
C ILE H 75 36.99 59.50 -15.69
N ALA H 76 37.37 59.43 -14.42
CA ALA H 76 38.54 58.66 -14.03
C ALA H 76 38.31 57.20 -14.33
N LEU H 77 37.06 56.75 -14.16
CA LEU H 77 36.69 55.37 -14.47
C LEU H 77 36.89 55.10 -15.94
N LEU H 78 36.52 56.08 -16.77
CA LEU H 78 36.71 56.00 -18.20
C LEU H 78 38.19 55.88 -18.53
N LEU H 79 38.97 56.85 -18.07
CA LEU H 79 40.40 56.89 -18.34
C LEU H 79 41.11 55.66 -17.82
N LYS H 80 40.64 55.12 -16.70
CA LYS H 80 41.19 53.89 -16.17
C LYS H 80 40.84 52.72 -17.07
N GLN H 81 39.63 52.75 -17.67
CA GLN H 81 39.23 51.71 -18.59
C GLN H 81 40.11 51.74 -19.83
N GLN H 82 40.58 52.92 -20.21
CA GLN H 82 41.50 52.99 -21.33
C GLN H 82 42.92 53.00 -20.81
N SER H 83 43.09 52.98 -19.48
CA SER H 83 44.38 52.96 -18.78
C SER H 83 45.20 54.21 -19.08
N LYS H 84 44.54 55.32 -19.33
CA LYS H 84 45.27 56.55 -19.61
C LYS H 84 45.60 57.35 -18.36
N CYS H 85 45.25 56.87 -17.18
CA CYS H 85 45.54 57.61 -15.99
C CYS H 85 46.05 56.65 -14.94
N SER H 86 46.81 57.18 -13.99
CA SER H 86 47.34 56.40 -12.89
C SER H 86 46.66 56.98 -11.67
N ILE H 87 45.72 56.23 -11.12
CA ILE H 87 44.98 56.72 -9.97
C ILE H 87 45.83 56.62 -8.72
N VAL H 88 45.87 57.70 -7.97
CA VAL H 88 46.56 57.69 -6.69
C VAL H 88 45.58 57.12 -5.67
N ALA H 89 46.09 56.35 -4.74
CA ALA H 89 45.23 55.80 -3.71
C ALA H 89 44.88 56.88 -2.69
N PRO H 90 43.63 56.93 -2.21
CA PRO H 90 43.26 57.93 -1.19
C PRO H 90 44.07 57.71 0.07
N GLN H 91 44.68 58.80 0.53
CA GLN H 91 45.53 58.81 1.71
C GLN H 91 44.82 58.38 2.98
N TRP H 92 43.53 58.69 3.11
CA TRP H 92 42.81 58.29 4.31
C TRP H 92 42.68 56.80 4.44
N LEU H 93 42.72 56.07 3.34
CA LEU H 93 42.57 54.63 3.39
C LEU H 93 43.96 54.02 3.52
N THR H 94 44.32 53.71 4.77
CA THR H 94 45.57 53.11 5.21
C THR H 94 45.19 52.22 6.39
N THR H 95 45.65 50.97 6.37
CA THR H 95 45.27 49.96 7.37
C THR H 95 45.45 50.42 8.81
N LYS H 96 46.60 51.01 9.12
CA LYS H 96 46.86 51.55 10.47
C LYS H 96 45.79 52.54 10.91
N GLU H 97 45.29 53.35 9.98
CA GLU H 97 44.22 54.27 10.32
C GLU H 97 42.94 53.52 10.63
N LEU H 98 42.68 52.42 9.93
CA LEU H 98 41.47 51.68 10.26
C LEU H 98 41.64 50.96 11.58
N ASP H 99 42.89 50.69 11.94
CA ASP H 99 43.13 50.03 13.20
C ASP H 99 42.82 50.98 14.33
N ARG H 100 43.22 52.25 14.17
CA ARG H 100 42.91 53.22 15.20
C ARG H 100 41.42 53.50 15.23
N LYS H 101 40.75 53.40 14.07
CA LYS H 101 39.29 53.54 14.04
C LYS H 101 38.62 52.43 14.83
N ILE H 102 39.01 51.18 14.57
CA ILE H 102 38.45 50.04 15.29
C ILE H 102 38.76 50.13 16.77
N GLN H 103 39.93 50.67 17.10
CA GLN H 103 40.32 50.91 18.49
C GLN H 103 39.32 51.85 19.12
N TYR H 104 39.10 52.98 18.45
CA TYR H 104 38.16 54.01 18.91
C TYR H 104 36.76 53.43 19.01
N GLU H 105 36.45 52.44 18.16
CA GLU H 105 35.14 51.81 18.18
C GLU H 105 34.94 50.92 19.38
N LYS H 106 35.97 50.13 19.76
CA LYS H 106 35.81 49.25 20.92
C LYS H 106 35.60 50.04 22.20
N THR H 107 36.11 51.26 22.26
CA THR H 107 35.96 52.10 23.44
C THR H 107 34.81 53.10 23.37
N HIS H 108 34.06 53.14 22.27
CA HIS H 108 32.95 54.08 22.14
C HIS H 108 31.65 53.34 21.84
N PRO H 109 30.93 52.89 22.88
CA PRO H 109 29.67 52.18 22.66
C PRO H 109 28.61 53.00 21.94
N ASP H 110 28.65 54.32 22.07
CA ASP H 110 27.69 55.21 21.43
C ASP H 110 28.19 55.84 20.14
N ARG H 111 29.30 56.59 20.17
CA ARG H 111 29.75 57.29 18.96
C ARG H 111 30.24 56.38 17.83
N PHE H 112 29.79 56.71 16.63
CA PHE H 112 30.03 56.10 15.33
C PHE H 112 31.08 56.87 14.53
N SER H 113 31.87 57.68 15.22
CA SER H 113 32.93 58.59 14.80
C SER H 113 33.24 58.91 13.34
N GLU H 114 34.27 58.33 12.74
CA GLU H 114 34.65 58.77 11.41
C GLU H 114 34.48 57.70 10.37
N LEU H 115 33.95 58.15 9.24
CA LEU H 115 33.71 57.44 8.05
C LEU H 115 33.83 58.48 6.96
N PRO H 116 34.42 58.14 5.82
CA PRO H 116 34.40 59.07 4.69
C PRO H 116 33.01 59.32 4.16
N TRP H 117 32.03 58.45 4.52
CA TRP H 117 30.60 58.42 4.22
C TRP H 117 30.25 57.87 2.85
N ASN H 118 31.18 57.91 1.92
CA ASN H 118 31.00 57.31 0.61
C ASN H 118 31.93 56.12 0.40
N TRP H 119 32.79 55.86 1.39
CA TRP H 119 33.90 54.91 1.36
C TRP H 119 33.55 53.50 0.92
N LEU H 120 32.33 53.02 1.23
CA LEU H 120 31.88 51.68 0.87
C LEU H 120 31.95 51.41 -0.63
N VAL H 121 31.24 52.23 -1.39
CA VAL H 121 31.20 52.09 -2.83
C VAL H 121 32.57 52.35 -3.43
N LEU H 122 33.34 53.29 -2.85
CA LEU H 122 34.70 53.58 -3.29
C LEU H 122 35.51 52.32 -3.30
N ALA H 123 35.71 51.74 -2.11
CA ALA H 123 36.46 50.51 -1.92
C ALA H 123 36.00 49.41 -2.86
N ARG H 124 34.68 49.29 -3.05
CA ARG H 124 34.20 48.32 -4.02
C ARG H 124 34.73 48.62 -5.41
N ILE H 125 34.75 49.88 -5.78
CA ILE H 125 35.22 50.25 -7.11
C ILE H 125 36.75 50.22 -7.22
N LEU H 126 37.45 50.76 -6.23
CA LEU H 126 38.91 50.78 -6.20
C LEU H 126 39.49 49.38 -6.23
N PHE H 127 38.78 48.41 -5.69
CA PHE H 127 39.37 47.08 -5.72
C PHE H 127 39.10 46.42 -7.05
N ASN H 128 38.16 46.96 -7.83
CA ASN H 128 37.91 46.42 -9.15
C ASN H 128 39.09 46.67 -10.06
N LYS H 129 39.54 47.91 -10.13
CA LYS H 129 40.60 48.28 -11.05
C LYS H 129 41.84 48.83 -10.36
N ALA H 130 41.67 49.88 -9.55
CA ALA H 130 42.73 50.59 -8.84
C ALA H 130 43.55 49.72 -7.89
N LYS H 131 43.14 48.47 -7.71
CA LYS H 131 43.82 47.47 -6.90
C LYS H 131 45.32 47.38 -7.17
N ASP H 132 45.74 47.55 -8.44
CA ASP H 132 47.14 47.41 -8.81
C ASP H 132 48.09 48.45 -8.20
N ASP H 133 47.59 49.65 -7.93
CA ASP H 133 48.43 50.72 -7.38
C ASP H 133 48.71 50.60 -5.88
N PHE H 134 47.77 50.07 -5.11
CA PHE H 134 47.89 49.98 -3.66
C PHE H 134 49.01 49.02 -3.27
N HIS H 135 49.57 49.15 -2.07
CA HIS H 135 50.60 48.23 -1.60
C HIS H 135 49.98 47.17 -0.67
N ASP H 136 49.89 45.94 -1.18
CA ASP H 136 49.33 44.75 -0.55
C ASP H 136 47.99 44.96 0.19
N PRO H 137 46.94 45.44 -0.50
CA PRO H 137 45.65 45.59 0.19
C PRO H 137 44.96 44.25 0.36
N ILE H 138 45.35 43.36 -0.56
CA ILE H 138 44.87 42.00 -0.66
C ILE H 138 45.03 41.29 0.65
N HIS H 139 43.95 40.61 1.05
CA HIS H 139 43.78 39.86 2.29
C HIS H 139 44.21 40.67 3.51
N GLU H 140 44.18 42.00 3.39
CA GLU H 140 44.65 42.86 4.47
C GLU H 140 43.60 43.87 4.91
N LEU H 141 43.33 44.90 4.12
CA LEU H 141 42.36 45.89 4.54
C LEU H 141 40.96 45.44 4.31
N ARG H 142 40.79 44.58 3.30
CA ARG H 142 39.48 44.04 2.95
C ARG H 142 38.83 43.40 4.16
N GLY H 143 39.61 42.67 4.93
CA GLY H 143 39.10 42.07 6.13
C GLY H 143 38.76 43.14 7.16
N LYS H 144 39.66 44.11 7.31
CA LYS H 144 39.45 45.21 8.23
C LYS H 144 38.17 45.98 7.95
N ILE H 145 37.93 46.36 6.70
CA ILE H 145 36.73 47.10 6.36
C ILE H 145 35.49 46.27 6.65
N GLN H 146 35.57 44.96 6.38
CA GLN H 146 34.42 44.12 6.67
C GLN H 146 34.14 44.02 8.16
N ASP H 147 35.20 43.81 8.92
CA ASP H 147 35.12 43.67 10.38
C ASP H 147 34.52 44.92 10.99
N LEU H 148 35.11 46.07 10.65
CA LEU H 148 34.66 47.34 11.15
C LEU H 148 33.24 47.63 10.68
N ARG H 149 32.91 47.16 9.47
CA ARG H 149 31.58 47.34 8.95
C ARG H 149 30.55 46.66 9.81
N GLU H 150 30.78 45.39 10.11
CA GLU H 150 29.77 44.67 10.85
C GLU H 150 29.67 45.16 12.29
N ILE H 151 30.81 45.50 12.91
CA ILE H 151 30.73 46.02 14.28
C ILE H 151 29.98 47.34 14.26
N ARG H 152 30.08 48.09 13.17
CA ARG H 152 29.31 49.31 13.07
C ARG H 152 27.83 48.99 12.98
N GLN H 153 27.48 47.97 12.19
CA GLN H 153 26.09 47.57 12.01
C GLN H 153 25.42 47.18 13.32
N ILE H 154 26.12 46.40 14.11
CA ILE H 154 25.56 46.01 15.38
C ILE H 154 25.49 47.18 16.34
N LYS H 155 26.45 48.10 16.27
CA LYS H 155 26.35 49.26 17.16
C LYS H 155 25.14 50.09 16.75
N VAL H 156 24.77 50.02 15.47
CA VAL H 156 23.54 50.63 15.01
C VAL H 156 22.37 49.94 15.67
N LEU H 157 22.43 48.61 15.71
CA LEU H 157 21.35 47.83 16.33
C LEU H 157 21.22 48.13 17.82
N LYS H 158 22.34 48.28 18.52
CA LYS H 158 22.27 48.58 19.95
C LYS H 158 21.67 49.96 20.16
N GLY H 159 21.97 50.92 19.30
CA GLY H 159 21.32 52.19 19.48
C GLY H 159 19.92 52.19 18.97
N LEU H 160 19.63 51.26 18.07
CA LEU H 160 18.34 51.09 17.44
C LEU H 160 17.29 50.52 18.36
N LYS H 161 17.70 49.87 19.44
CA LYS H 161 16.66 49.34 20.31
C LYS H 161 15.97 50.45 21.10
N TYR H 162 16.64 51.59 21.27
CA TYR H 162 16.23 52.78 22.00
C TYR H 162 15.22 53.64 21.26
N LEU H 163 14.97 53.34 20.00
CA LEU H 163 14.14 54.16 19.14
C LEU H 163 12.71 54.43 19.58
N ASN H 164 12.39 55.73 19.69
CA ASN H 164 11.11 56.33 20.06
C ASN H 164 11.05 57.74 19.51
N GLU H 165 9.84 58.27 19.43
CA GLU H 165 9.76 59.64 18.94
C GLU H 165 10.26 60.53 20.09
N SER H 166 10.74 61.73 19.78
CA SER H 166 10.92 62.29 18.46
C SER H 166 12.31 62.30 17.96
N HIS H 167 13.24 61.79 18.74
CA HIS H 167 14.62 61.84 18.31
C HIS H 167 15.15 60.50 17.83
N LEU H 168 16.01 60.58 16.81
CA LEU H 168 16.70 59.46 16.21
C LEU H 168 18.15 59.92 16.08
N GLN H 169 19.08 59.15 16.66
CA GLN H 169 20.49 59.51 16.60
C GLN H 169 21.04 59.00 15.28
N LEU H 170 21.30 59.92 14.39
CA LEU H 170 21.81 59.63 13.05
C LEU H 170 23.32 59.67 12.91
N ASP H 171 24.01 60.27 13.88
CA ASP H 171 25.44 60.58 13.97
C ASP H 171 26.35 60.27 12.78
N ASN H 172 27.16 59.22 12.72
CA ASN H 172 27.96 59.11 11.51
C ASN H 172 27.80 57.75 10.86
N LEU H 173 27.43 57.75 9.58
CA LEU H 173 27.27 56.48 8.90
C LEU H 173 27.43 56.70 7.40
N SER H 174 27.78 55.63 6.71
CA SER H 174 27.89 55.68 5.26
C SER H 174 26.47 55.66 4.73
N LEU H 175 26.22 56.51 3.73
CA LEU H 175 24.88 56.72 3.18
C LEU H 175 24.18 55.45 2.70
N LEU H 176 24.95 54.47 2.22
CA LEU H 176 24.39 53.22 1.70
C LEU H 176 23.55 52.46 2.72
N GLU H 177 24.13 52.21 3.89
CA GLU H 177 23.41 51.50 4.93
C GLU H 177 22.21 52.27 5.42
N ILE H 178 22.33 53.59 5.48
CA ILE H 178 21.22 54.45 5.90
C ILE H 178 20.06 54.28 4.94
N ASN H 179 20.41 54.16 3.66
CA ASN H 179 19.39 54.01 2.65
C ASN H 179 18.68 52.68 2.79
N GLU H 180 19.44 51.59 2.95
CA GLU H 180 18.70 50.33 3.06
C GLU H 180 17.92 50.22 4.36
N LEU H 181 18.38 50.83 5.45
CA LEU H 181 17.60 50.68 6.66
C LEU H 181 16.41 51.61 6.69
N ARG H 182 16.37 52.60 5.80
CA ARG H 182 15.29 53.57 5.73
C ARG H 182 13.84 53.07 5.85
N PRO H 183 13.36 52.08 5.07
CA PRO H 183 11.93 51.71 5.17
C PRO H 183 11.43 51.31 6.53
N PHE H 184 12.25 50.58 7.27
CA PHE H 184 11.93 50.11 8.60
C PHE H 184 11.55 51.20 9.59
N ILE H 185 12.54 52.01 9.92
CA ILE H 185 12.37 53.02 10.94
C ILE H 185 11.42 54.09 10.48
N THR H 186 11.53 54.48 9.21
CA THR H 186 10.65 55.49 8.69
C THR H 186 9.19 55.10 8.77
N GLU H 187 8.86 53.88 8.37
CA GLU H 187 7.46 53.51 8.46
C GLU H 187 6.98 53.19 9.87
N ILE H 188 7.87 52.85 10.79
CA ILE H 188 7.41 52.51 12.14
C ILE H 188 7.08 53.75 12.97
N MET H 189 8.06 54.67 13.08
CA MET H 189 7.89 55.89 13.89
C MET H 189 6.59 56.64 13.64
N ASP H 190 6.12 56.65 12.38
CA ASP H 190 4.85 57.29 12.03
C ASP H 190 3.69 56.69 12.79
N LYS H 191 3.70 55.36 12.91
CA LYS H 191 2.68 54.65 13.65
C LYS H 191 2.71 55.09 15.09
N LEU H 192 3.92 55.12 15.68
CA LEU H 192 4.07 55.55 17.09
C LEU H 192 3.50 56.92 17.34
N ARG H 193 3.93 57.89 16.53
CA ARG H 193 3.45 59.26 16.67
C ARG H 193 1.96 59.35 16.51
N GLU H 194 1.42 58.65 15.50
CA GLU H 194 -0.01 58.66 15.25
C GLU H 194 -0.78 58.17 16.45
N ILE H 195 -0.48 56.96 16.94
CA ILE H 195 -1.21 56.39 18.08
C ILE H 195 -1.09 57.29 19.31
N HIS H 196 0.10 57.85 19.54
CA HIS H 196 0.35 58.67 20.72
C HIS H 196 -0.43 59.98 20.68
N THR H 197 -0.17 60.78 19.66
CA THR H 197 -0.84 62.06 19.52
C THR H 197 -2.32 61.88 19.35
N ALA H 198 -2.70 60.84 18.60
CA ALA H 198 -4.07 60.52 18.33
C ALA H 198 -4.82 60.19 19.61
N SER H 199 -4.14 59.56 20.57
CA SER H 199 -4.78 59.21 21.83
C SER H 199 -5.32 60.41 22.60
N LEU H 200 -4.69 61.58 22.43
CA LEU H 200 -5.12 62.80 23.07
C LEU H 200 -6.53 63.20 22.67
N TYR I 3 -11.73 54.71 2.57
CA TYR I 3 -10.75 55.29 1.66
C TYR I 3 -10.21 54.23 0.68
N TYR I 4 -9.34 54.64 -0.23
CA TYR I 4 -8.74 53.82 -1.27
C TYR I 4 -7.74 52.80 -0.78
N ASP I 5 -7.30 52.87 0.47
CA ASP I 5 -6.39 51.85 0.96
C ASP I 5 -7.19 50.59 1.25
N ILE I 6 -6.68 49.47 0.73
CA ILE I 6 -7.26 48.16 0.93
C ILE I 6 -7.42 47.83 2.42
N ASP I 7 -6.51 48.32 3.23
CA ASP I 7 -6.56 48.08 4.65
C ASP I 7 -7.72 48.78 5.30
N ASP I 8 -8.13 49.93 4.75
CA ASP I 8 -9.27 50.68 5.30
C ASP I 8 -10.55 49.89 5.23
N VAL I 9 -10.92 49.44 4.04
CA VAL I 9 -12.12 48.64 3.90
C VAL I 9 -11.95 47.33 4.64
N LEU I 10 -10.72 46.84 4.66
CA LEU I 10 -10.41 45.62 5.36
C LEU I 10 -10.56 45.80 6.86
N ALA I 11 -10.19 46.97 7.36
CA ALA I 11 -10.26 47.29 8.76
C ALA I 11 -11.68 47.53 9.20
N ASP I 12 -12.46 48.11 8.33
CA ASP I 12 -13.83 48.39 8.73
C ASP I 12 -14.69 47.16 8.58
N GLY I 13 -14.19 46.14 7.89
CA GLY I 13 -14.95 44.94 7.68
C GLY I 13 -15.25 44.11 8.92
N THR I 14 -14.39 44.15 9.94
CA THR I 14 -14.62 43.31 11.11
C THR I 14 -15.87 43.72 11.88
N GLU I 15 -16.64 42.71 12.29
CA GLU I 15 -17.88 42.88 13.03
C GLU I 15 -17.63 43.03 14.53
N PHE I 16 -18.23 44.05 15.16
CA PHE I 16 -18.08 44.32 16.60
C PHE I 16 -19.37 44.23 17.42
N PRO I 17 -19.41 43.40 18.43
CA PRO I 17 -20.61 43.20 19.26
C PRO I 17 -21.00 44.36 20.16
N CYS I 18 -21.65 45.37 19.62
CA CYS I 18 -22.05 46.53 20.41
C CYS I 18 -23.58 46.65 20.35
N LYS I 19 -24.22 46.59 21.52
CA LYS I 19 -25.67 46.67 21.60
C LYS I 19 -26.20 48.10 21.50
N PHE I 20 -27.31 48.25 20.79
CA PHE I 20 -27.91 49.57 20.60
C PHE I 20 -28.73 49.97 21.81
N GLN I 21 -28.84 51.27 22.02
CA GLN I 21 -29.59 51.80 23.15
C GLN I 21 -31.09 51.93 22.88
N TYR I 22 -31.51 51.89 21.63
CA TYR I 22 -32.90 52.12 21.27
C TYR I 22 -33.50 50.98 20.46
N ASP I 23 -34.81 51.10 20.27
CA ASP I 23 -35.58 50.16 19.48
C ASP I 23 -35.17 50.33 18.02
N ILE I 24 -35.02 49.20 17.32
CA ILE I 24 -34.55 49.26 15.93
C ILE I 24 -35.39 48.54 14.87
N PRO I 25 -36.45 49.18 14.37
CA PRO I 25 -37.21 48.59 13.27
C PRO I 25 -36.33 48.42 12.02
N GLY I 26 -36.64 47.40 11.24
CA GLY I 26 -35.83 47.16 10.05
C GLY I 26 -34.48 46.55 10.30
N LEU I 27 -34.46 45.37 10.93
CA LEU I 27 -33.22 44.65 11.21
C LEU I 27 -32.43 44.40 9.93
N GLY I 28 -31.17 44.83 9.91
CA GLY I 28 -30.47 44.59 8.69
C GLY I 28 -29.87 43.23 8.59
N TYR I 29 -30.03 42.43 9.64
CA TYR I 29 -29.51 41.09 9.71
C TYR I 29 -30.58 40.11 10.14
N ASN I 33 -35.12 36.71 12.78
CA ASN I 33 -34.87 37.96 12.07
C ASN I 33 -36.15 38.77 11.74
N PRO I 34 -37.22 38.19 11.05
CA PRO I 34 -38.40 39.04 10.75
C PRO I 34 -39.23 39.42 11.96
N GLY I 35 -38.70 40.30 12.81
CA GLY I 35 -39.40 40.77 14.00
C GLY I 35 -40.72 41.51 13.82
N ARG I 36 -40.77 42.65 13.11
CA ARG I 36 -39.61 43.36 12.56
C ARG I 36 -38.69 44.17 13.54
N PRO I 37 -39.21 45.03 14.44
CA PRO I 37 -38.28 45.76 15.32
C PRO I 37 -37.66 44.90 16.41
N ILE I 38 -36.37 45.12 16.65
CA ILE I 38 -35.60 44.46 17.69
C ILE I 38 -35.52 45.34 18.92
N THR I 39 -35.84 44.78 20.09
CA THR I 39 -35.79 45.52 21.34
C THR I 39 -34.37 46.01 21.64
N LYS I 40 -34.32 47.14 22.35
CA LYS I 40 -33.06 47.79 22.74
C LYS I 40 -32.18 46.88 23.58
N ASN I 41 -30.88 47.13 23.47
CA ASN I 41 -29.75 46.44 24.13
C ASN I 41 -29.53 45.04 23.61
N THR I 42 -29.85 44.82 22.35
CA THR I 42 -29.56 43.55 21.73
C THR I 42 -28.12 43.61 21.24
N LYS I 43 -27.27 42.75 21.76
CA LYS I 43 -25.87 42.78 21.35
C LYS I 43 -25.73 42.06 20.02
N LEU I 44 -25.15 42.73 19.04
CA LEU I 44 -24.96 42.12 17.74
C LEU I 44 -23.63 42.59 17.20
N SER I 45 -22.92 41.70 16.51
CA SER I 45 -21.66 42.15 15.94
C SER I 45 -21.98 43.04 14.76
N LEU I 46 -21.24 44.13 14.65
CA LEU I 46 -21.50 45.06 13.58
C LEU I 46 -20.18 45.56 13.01
N PRO I 47 -20.15 45.80 11.70
CA PRO I 47 -18.95 46.34 11.05
C PRO I 47 -18.51 47.68 11.61
N LEU I 48 -17.18 47.83 11.73
CA LEU I 48 -16.57 49.03 12.30
C LEU I 48 -17.00 50.29 11.57
N TRP I 49 -17.09 50.25 10.24
CA TRP I 49 -17.48 51.44 9.50
C TRP I 49 -18.85 51.96 9.93
N LEU I 50 -19.87 51.12 9.89
CA LEU I 50 -21.19 51.57 10.31
C LEU I 50 -21.26 51.85 11.81
N ALA I 51 -20.93 50.86 12.64
CA ALA I 51 -21.00 50.98 14.09
C ALA I 51 -20.13 52.07 14.67
N ARG I 52 -19.07 52.44 13.96
CA ARG I 52 -18.19 53.52 14.37
C ARG I 52 -18.95 54.81 14.58
N ILE I 53 -19.70 55.21 13.57
CA ILE I 53 -20.45 56.45 13.69
C ILE I 53 -21.91 56.23 14.07
N LEU I 54 -22.36 54.98 14.23
CA LEU I 54 -23.75 54.72 14.64
C LEU I 54 -24.12 55.42 15.93
N ALA I 55 -23.28 55.30 16.96
CA ALA I 55 -23.58 55.94 18.22
C ALA I 55 -23.14 57.40 18.26
N ILE I 56 -22.34 57.83 17.29
CA ILE I 56 -21.89 59.21 17.24
C ILE I 56 -23.08 60.16 17.04
N VAL I 57 -24.14 59.66 16.45
CA VAL I 57 -25.34 60.47 16.23
C VAL I 57 -26.31 60.18 17.36
N GLY I 58 -27.00 61.23 17.80
CA GLY I 58 -27.97 61.14 18.87
C GLY I 58 -29.29 61.77 18.48
N PRO I 68 -28.61 64.09 22.47
CA PRO I 68 -27.20 63.78 22.22
C PRO I 68 -26.82 62.40 22.72
N VAL I 69 -27.82 61.64 23.16
CA VAL I 69 -27.55 60.31 23.69
C VAL I 69 -27.13 59.38 22.56
N PRO I 70 -26.01 58.67 22.69
CA PRO I 70 -25.56 57.74 21.65
C PRO I 70 -26.55 56.64 21.34
N PHE I 71 -26.55 56.22 20.08
CA PHE I 71 -27.45 55.17 19.62
C PHE I 71 -27.00 53.77 20.00
N VAL I 72 -25.72 53.60 20.36
CA VAL I 72 -25.15 52.29 20.66
C VAL I 72 -24.40 52.34 21.98
N GLU I 73 -24.54 51.29 22.79
CA GLU I 73 -23.86 51.20 24.07
C GLU I 73 -22.34 51.08 23.90
N LEU I 74 -21.89 50.45 22.82
CA LEU I 74 -20.47 50.24 22.51
C LEU I 74 -19.80 49.44 23.63
N LEU I 75 -20.24 48.19 23.72
CA LEU I 75 -19.76 47.27 24.72
C LEU I 75 -18.28 46.99 24.46
N PRO I 76 -17.47 46.79 25.52
CA PRO I 76 -16.02 46.60 25.35
C PRO I 76 -15.67 45.37 24.53
N PRO I 77 -14.65 45.50 23.68
CA PRO I 77 -14.25 44.40 22.80
C PRO I 77 -13.73 43.21 23.56
N ASP I 78 -14.10 42.03 23.07
CA ASP I 78 -13.61 40.80 23.65
C ASP I 78 -12.13 40.62 23.36
N MET I 79 -11.70 41.13 22.20
CA MET I 79 -10.30 41.11 21.79
C MET I 79 -9.44 41.96 22.71
N PHE I 80 -10.02 42.93 23.38
CA PHE I 80 -9.31 43.83 24.27
C PHE I 80 -9.42 43.46 25.73
N SER I 81 -9.91 42.25 26.02
CA SER I 81 -10.07 41.73 27.38
C SER I 81 -8.80 41.85 28.19
N THR I 82 -9.00 42.06 29.49
CA THR I 82 -7.88 42.18 30.42
C THR I 82 -6.98 40.98 30.37
N LYS I 83 -7.55 39.82 30.11
CA LYS I 83 -6.75 38.62 29.96
C LYS I 83 -5.90 38.72 28.72
N VAL I 84 -6.44 39.33 27.68
CA VAL I 84 -5.68 39.50 26.46
C VAL I 84 -4.60 40.55 26.67
N MET I 85 -5.01 41.70 27.18
CA MET I 85 -4.09 42.81 27.38
C MET I 85 -2.95 42.47 28.34
N ASN I 86 -3.22 41.75 29.42
CA ASN I 86 -2.07 41.45 30.26
C ASN I 86 -1.24 40.34 29.65
N ALA I 87 -1.91 39.38 29.01
CA ALA I 87 -1.21 38.31 28.32
C ALA I 87 -0.21 38.88 27.33
N ILE I 88 -0.61 39.91 26.59
CA ILE I 88 0.33 40.55 25.68
C ILE I 88 1.38 41.34 26.45
N LYS I 89 1.03 41.91 27.62
CA LYS I 89 2.03 42.61 28.43
C LYS I 89 3.11 41.68 28.92
N THR I 90 2.85 40.38 28.93
CA THR I 90 3.83 39.46 29.49
C THR I 90 5.05 39.18 28.62
N ASP I 91 4.85 38.46 27.54
CA ASP I 91 5.93 38.00 26.66
C ASP I 91 5.55 38.21 25.22
N PRO I 92 5.74 39.41 24.71
CA PRO I 92 5.36 39.72 23.33
C PRO I 92 5.89 38.83 22.22
N VAL I 93 7.16 38.39 22.28
CA VAL I 93 7.76 37.56 21.24
C VAL I 93 6.94 36.32 20.94
N ALA I 94 6.44 35.68 21.95
CA ALA I 94 5.67 34.48 21.68
C ALA I 94 4.21 34.69 21.34
N LEU I 95 3.59 35.79 21.74
CA LEU I 95 2.16 35.97 21.50
C LEU I 95 1.81 35.97 20.02
N ASP I 96 0.68 35.32 19.69
CA ASP I 96 0.16 35.22 18.32
C ASP I 96 -1.01 36.17 18.12
N LEU I 97 -0.76 37.18 17.34
CA LEU I 97 -1.81 38.09 17.03
C LEU I 97 -2.68 37.59 15.88
N HIS I 98 -2.13 36.77 14.99
CA HIS I 98 -2.88 36.31 13.82
C HIS I 98 -4.17 35.54 14.10
N SER I 99 -4.30 34.82 15.21
CA SER I 99 -5.56 34.11 15.35
C SER I 99 -6.68 34.98 15.87
N ILE I 100 -6.36 35.82 16.83
CA ILE I 100 -7.35 36.65 17.49
C ILE I 100 -8.01 37.71 16.61
N ASN I 101 -7.29 38.43 15.72
CA ASN I 101 -8.02 39.48 15.00
C ASN I 101 -8.10 39.43 13.48
N SER I 102 -7.03 39.41 12.65
CA SER I 102 -5.59 39.41 12.84
C SER I 102 -5.16 40.84 12.70
N HIS I 103 -6.08 41.68 12.24
CA HIS I 103 -5.76 43.09 12.10
C HIS I 103 -5.81 43.65 13.50
N PHE I 104 -4.69 44.12 14.00
CA PHE I 104 -4.62 44.52 15.39
C PHE I 104 -4.24 45.97 15.58
N PHE I 105 -3.03 46.38 15.19
CA PHE I 105 -2.61 47.76 15.41
C PHE I 105 -3.47 48.72 14.63
N SER I 106 -3.68 48.40 13.37
CA SER I 106 -4.52 49.18 12.49
C SER I 106 -5.97 49.17 12.92
N LEU I 107 -6.39 48.16 13.68
CA LEU I 107 -7.77 48.07 14.14
C LEU I 107 -7.90 48.79 15.46
N ALA I 108 -7.05 48.40 16.43
CA ALA I 108 -7.04 48.99 17.76
C ALA I 108 -6.92 50.50 17.73
N ILE I 109 -6.15 51.05 16.79
CA ILE I 109 -6.05 52.51 16.71
C ILE I 109 -7.41 53.13 16.41
N LYS I 110 -8.20 52.47 15.57
CA LYS I 110 -9.52 52.97 15.25
C LYS I 110 -10.44 52.87 16.47
N TRP I 111 -10.46 51.69 17.11
CA TRP I 111 -11.26 51.52 18.32
C TRP I 111 -10.86 52.50 19.41
N ILE I 112 -9.56 52.61 19.65
CA ILE I 112 -9.05 53.52 20.66
C ILE I 112 -9.33 54.97 20.29
N MET I 113 -9.50 55.28 19.01
CA MET I 113 -9.89 56.64 18.68
C MET I 113 -11.31 56.88 19.12
N LEU I 114 -12.16 55.90 18.88
CA LEU I 114 -13.55 56.02 19.29
C LEU I 114 -13.65 56.15 20.80
N PHE I 115 -13.04 55.22 21.53
CA PHE I 115 -13.18 55.24 22.98
C PHE I 115 -12.28 56.25 23.68
N SER I 116 -11.13 56.59 23.10
CA SER I 116 -10.16 57.61 23.60
C SER I 116 -9.48 57.31 24.95
N GLU I 117 -9.01 56.09 25.17
CA GLU I 117 -8.26 55.73 26.40
C GLU I 117 -6.76 55.92 26.13
N LYS I 118 -6.04 56.52 27.08
CA LYS I 118 -4.61 56.77 26.93
C LYS I 118 -3.68 55.65 27.43
N GLU I 119 -4.13 54.82 28.37
CA GLU I 119 -3.28 53.81 28.98
C GLU I 119 -2.80 52.71 28.05
N LEU I 120 -3.73 51.96 27.47
CA LEU I 120 -3.35 50.82 26.64
C LEU I 120 -2.59 51.23 25.40
N ALA I 121 -2.79 52.46 24.91
CA ALA I 121 -2.01 52.94 23.77
C ALA I 121 -0.55 52.91 24.15
N ASN I 122 -0.25 53.51 25.31
CA ASN I 122 1.07 53.52 25.90
C ASN I 122 1.57 52.11 26.16
N VAL I 123 0.66 51.15 26.27
CA VAL I 123 1.08 49.78 26.48
C VAL I 123 1.51 49.17 25.15
N VAL I 124 0.56 49.09 24.22
CA VAL I 124 0.71 48.49 22.91
C VAL I 124 1.93 49.02 22.17
N SER I 125 2.25 50.31 22.34
CA SER I 125 3.41 50.90 21.65
C SER I 125 4.71 50.17 21.95
N GLU I 126 4.92 49.80 23.20
CA GLU I 126 6.13 49.10 23.54
C GLU I 126 6.17 47.73 22.90
N LEU I 127 5.00 47.07 22.92
CA LEU I 127 4.85 45.76 22.29
C LEU I 127 5.26 45.82 20.85
N LEU I 128 4.74 46.83 20.17
CA LEU I 128 5.10 47.06 18.78
C LEU I 128 6.59 47.27 18.63
N LEU I 129 7.22 48.01 19.57
CA LEU I 129 8.65 48.26 19.46
C LEU I 129 9.46 46.97 19.52
N GLN I 130 9.20 46.15 20.53
CA GLN I 130 9.89 44.86 20.60
C GLN I 130 9.61 43.98 19.39
N ARG I 131 8.36 43.98 18.91
CA ARG I 131 8.04 43.22 17.71
C ARG I 131 8.90 43.67 16.57
N ALA I 132 9.06 44.98 16.46
CA ALA I 132 9.91 45.57 15.43
C ALA I 132 11.34 45.06 15.56
N GLN I 133 11.87 45.08 16.80
CA GLN I 133 13.21 44.62 17.08
C GLN I 133 13.39 43.22 16.55
N GLU I 134 12.49 42.37 16.97
CA GLU I 134 12.53 40.97 16.61
C GLU I 134 12.34 40.76 15.11
N LEU I 135 11.36 41.44 14.52
CA LEU I 135 11.10 41.29 13.10
C LEU I 135 12.29 41.74 12.30
N ASN I 136 13.01 42.75 12.75
CA ASN I 136 14.21 43.10 12.03
C ASN I 136 15.29 42.06 12.26
N HIS I 137 15.26 41.36 13.40
CA HIS I 137 16.29 40.34 13.60
C HIS I 137 16.12 39.17 12.65
N HIS I 138 14.87 38.74 12.37
CA HIS I 138 14.74 37.68 11.37
C HIS I 138 15.04 38.22 9.98
N ALA I 139 14.91 39.54 9.80
CA ALA I 139 15.09 40.16 8.50
C ALA I 139 16.46 39.92 7.89
N SER I 140 17.52 39.77 8.67
CA SER I 140 18.76 39.53 7.97
C SER I 140 18.79 38.07 7.56
N SER I 141 19.31 37.82 6.37
CA SER I 141 19.45 36.48 5.84
C SER I 141 20.87 36.37 5.35
N THR I 162 12.98 28.85 10.22
CA THR I 162 12.76 30.19 10.77
C THR I 162 12.13 30.47 12.19
N SER I 163 11.14 29.74 12.72
CA SER I 163 10.43 28.67 12.08
C SER I 163 8.95 28.89 11.93
N THR I 164 8.22 28.84 13.03
CA THR I 164 6.79 28.98 12.97
C THR I 164 6.29 30.38 13.29
N PHE I 165 7.12 31.23 13.88
CA PHE I 165 6.69 32.57 14.22
C PHE I 165 6.38 33.41 13.03
N LEU I 166 7.20 33.28 11.98
CA LEU I 166 7.09 34.10 10.80
C LEU I 166 5.70 34.07 10.17
N LEU I 167 4.91 33.04 10.49
CA LEU I 167 3.55 32.83 10.04
C LEU I 167 2.51 33.65 10.80
N LYS I 168 2.69 33.88 12.10
CA LYS I 168 1.70 34.57 12.93
C LYS I 168 1.70 36.10 12.85
N LEU I 169 2.61 36.73 12.10
CA LEU I 169 2.71 38.20 12.05
C LEU I 169 1.52 38.85 11.36
N GLU I 170 1.17 40.02 11.85
CA GLU I 170 0.11 40.82 11.28
C GLU I 170 0.53 41.35 9.91
N GLU I 171 -0.46 41.79 9.14
CA GLU I 171 -0.28 42.23 7.76
C GLU I 171 0.75 43.33 7.54
N MET I 172 0.63 44.44 8.27
CA MET I 172 1.54 45.57 8.10
C MET I 172 3.01 45.22 8.29
N GLU I 173 3.30 44.45 9.31
CA GLU I 173 4.66 44.01 9.55
C GLU I 173 5.13 43.06 8.45
N LYS I 174 4.20 42.35 7.82
CA LYS I 174 4.59 41.42 6.78
C LYS I 174 5.04 42.19 5.57
N GLU I 175 4.26 43.19 5.20
CA GLU I 175 4.61 44.01 4.05
C GLU I 175 5.96 44.68 4.24
N ILE I 176 6.20 45.24 5.44
CA ILE I 176 7.50 45.84 5.71
C ILE I 176 8.61 44.80 5.62
N TYR I 177 8.31 43.57 6.01
CA TYR I 177 9.32 42.53 5.96
C TYR I 177 9.74 42.24 4.54
N LYS I 178 8.78 42.16 3.62
CA LYS I 178 9.12 41.96 2.21
C LYS I 178 10.03 43.05 1.70
N LYS I 179 9.67 44.29 2.02
CA LYS I 179 10.49 45.41 1.56
C LYS I 179 11.91 45.33 2.12
N SER I 180 12.02 45.00 3.39
CA SER I 180 13.34 44.96 4.00
C SER I 180 14.16 43.84 3.42
N HIS I 181 13.52 42.70 3.16
CA HIS I 181 14.21 41.56 2.57
C HIS I 181 14.81 41.92 1.22
N GLU I 182 14.01 42.52 0.33
CA GLU I 182 14.57 42.89 -0.97
C GLU I 182 15.63 43.94 -0.87
N SER I 183 15.51 44.80 0.13
CA SER I 183 16.53 45.80 0.34
C SER I 183 17.88 45.14 0.63
N TYR I 184 17.90 44.20 1.56
CA TYR I 184 19.20 43.60 1.83
C TYR I 184 19.68 42.62 0.78
N LYS I 185 18.77 41.86 0.18
CA LYS I 185 19.17 40.94 -0.87
C LYS I 185 19.82 41.69 -1.98
N ASP I 186 19.15 42.74 -2.42
CA ASP I 186 19.66 43.56 -3.48
C ASP I 186 20.92 44.28 -3.06
N THR I 187 21.06 44.65 -1.79
CA THR I 187 22.28 45.32 -1.33
C THR I 187 23.49 44.42 -1.52
N LYS I 188 23.43 43.21 -0.99
CA LYS I 188 24.58 42.31 -1.11
C LYS I 188 24.77 41.92 -2.57
N ARG I 189 23.67 41.78 -3.30
CA ARG I 189 23.79 41.51 -4.71
C ARG I 189 24.40 42.70 -5.42
N TRP I 190 24.16 43.88 -4.87
CA TRP I 190 24.69 45.07 -5.48
C TRP I 190 26.19 45.07 -5.27
N MET I 191 26.66 44.48 -4.16
CA MET I 191 28.09 44.36 -3.91
C MET I 191 28.80 43.68 -5.08
N PHE I 192 28.21 42.61 -5.61
CA PHE I 192 28.79 41.90 -6.76
C PHE I 192 27.68 41.45 -7.69
N LYS I 193 27.70 42.02 -8.89
CA LYS I 193 26.81 41.73 -9.99
C LYS I 193 25.33 41.82 -9.66
N VAL J 54 23.84 80.95 -11.62
CA VAL J 54 23.76 80.99 -13.07
C VAL J 54 24.94 80.17 -13.62
N SER J 55 25.85 79.82 -12.72
CA SER J 55 27.03 79.04 -13.09
C SER J 55 26.65 77.59 -13.36
N PRO J 56 26.99 77.05 -14.54
CA PRO J 56 26.65 75.65 -14.89
C PRO J 56 27.06 74.63 -13.85
N GLN J 57 28.19 74.86 -13.18
CA GLN J 57 28.67 74.00 -12.11
C GLN J 57 27.65 73.97 -10.99
N GLN J 58 27.31 75.16 -10.49
CA GLN J 58 26.31 75.27 -9.46
C GLN J 58 24.93 74.88 -9.96
N ASP J 59 24.60 75.17 -11.22
CA ASP J 59 23.33 74.76 -11.79
C ASP J 59 23.18 73.25 -11.76
N PHE J 60 24.24 72.55 -12.07
CA PHE J 60 24.24 71.11 -12.10
C PHE J 60 24.22 70.57 -10.68
N SER J 61 24.91 71.28 -9.79
CA SER J 61 24.91 70.94 -8.36
C SER J 61 23.50 71.01 -7.82
N ASP J 62 22.84 72.13 -8.10
CA ASP J 62 21.47 72.34 -7.68
C ASP J 62 20.53 71.40 -8.40
N LEU J 63 20.90 70.97 -9.59
CA LEU J 63 20.09 70.01 -10.32
C LEU J 63 19.99 68.71 -9.53
N MET J 64 21.15 68.13 -9.20
CA MET J 64 21.14 66.88 -8.42
C MET J 64 20.56 67.11 -7.04
N LYS J 65 20.81 68.29 -6.49
CA LYS J 65 20.28 68.70 -5.21
C LYS J 65 18.77 68.65 -5.22
N SER J 66 18.16 69.40 -6.15
CA SER J 66 16.72 69.48 -6.29
C SER J 66 16.11 68.13 -6.65
N TRP J 67 16.87 67.30 -7.35
CA TRP J 67 16.40 65.95 -7.69
C TRP J 67 16.26 65.10 -6.44
N LYS J 68 17.27 65.16 -5.58
CA LYS J 68 17.25 64.45 -4.32
C LYS J 68 16.13 64.95 -3.43
N ASN J 69 16.01 66.29 -3.35
CA ASN J 69 14.98 66.94 -2.57
C ASN J 69 13.61 66.56 -3.03
N GLU J 70 13.48 66.43 -4.35
CA GLU J 70 12.24 66.08 -4.98
C GLU J 70 11.82 64.68 -4.55
N ARG J 71 12.68 63.71 -4.84
CA ARG J 71 12.41 62.31 -4.53
C ARG J 71 12.17 62.05 -3.05
N CYS J 72 12.86 62.76 -2.16
CA CYS J 72 12.62 62.55 -0.75
C CYS J 72 11.30 63.15 -0.28
N SER J 73 10.96 64.35 -0.76
CA SER J 73 9.75 65.05 -0.33
C SER J 73 8.49 64.25 -0.61
N PRO J 74 7.62 64.08 0.37
CA PRO J 74 6.37 63.37 0.17
C PRO J 74 5.36 64.11 -0.67
N GLU J 75 5.37 65.43 -0.70
CA GLU J 75 4.36 66.17 -1.44
C GLU J 75 5.02 67.27 -2.29
N LEU J 76 4.19 67.92 -3.12
CA LEU J 76 4.64 68.86 -4.14
C LEU J 76 5.46 70.04 -3.59
N LEU J 77 6.28 70.56 -4.50
CA LEU J 77 7.23 71.65 -4.35
C LEU J 77 7.08 72.66 -5.49
N PRO J 78 7.58 73.90 -5.33
CA PRO J 78 7.46 74.90 -6.41
C PRO J 78 8.13 74.47 -7.71
N TYR J 79 7.49 74.79 -8.82
CA TYR J 79 8.05 74.43 -10.11
C TYR J 79 9.13 75.44 -10.48
N PRO J 80 10.36 75.00 -10.74
CA PRO J 80 11.46 75.92 -11.06
C PRO J 80 11.66 76.17 -12.54
N HIS J 81 10.62 76.70 -13.20
CA HIS J 81 10.68 77.01 -14.63
C HIS J 81 11.78 78.00 -14.98
N GLN J 82 12.05 78.94 -14.07
CA GLN J 82 13.11 79.96 -14.22
C GLN J 82 14.48 79.35 -14.48
N LEU J 83 14.67 78.12 -14.04
CA LEU J 83 15.89 77.36 -14.14
C LEU J 83 15.71 76.21 -15.11
N MET J 84 14.65 75.43 -14.95
CA MET J 84 14.33 74.32 -15.82
C MET J 84 14.36 74.71 -17.29
N LYS J 85 13.82 75.88 -17.62
CA LYS J 85 13.78 76.37 -18.99
C LYS J 85 15.18 76.65 -19.54
N ARG J 86 15.97 77.47 -18.82
CA ARG J 86 17.31 77.84 -19.25
C ARG J 86 18.20 76.60 -19.42
N LEU J 87 17.99 75.58 -18.58
CA LEU J 87 18.78 74.38 -18.73
C LEU J 87 18.31 73.57 -19.94
N LEU J 88 16.98 73.43 -20.13
CA LEU J 88 16.45 72.71 -21.29
C LEU J 88 16.91 73.35 -22.59
N ASN J 89 17.18 74.64 -22.56
CA ASN J 89 17.69 75.28 -23.75
C ASN J 89 19.17 75.03 -23.91
N ARG J 90 19.92 75.15 -22.81
CA ARG J 90 21.37 74.95 -22.87
C ARG J 90 21.73 73.55 -23.31
N ILE J 91 20.98 72.56 -22.85
CA ILE J 91 21.23 71.18 -23.25
C ILE J 91 20.94 71.00 -24.73
N SER J 92 19.92 71.69 -25.24
CA SER J 92 19.63 71.54 -26.66
C SER J 92 20.71 72.23 -27.49
N MET J 93 21.36 73.23 -26.89
CA MET J 93 22.43 73.94 -27.58
C MET J 93 23.62 73.00 -27.74
N GLN J 94 24.14 72.51 -26.62
CA GLN J 94 25.28 71.58 -26.66
C GLN J 94 24.90 70.31 -27.42
N SER J 95 23.64 69.86 -27.25
CA SER J 95 23.12 68.68 -27.93
C SER J 95 23.24 68.80 -29.43
N GLN J 96 22.85 69.94 -29.97
CA GLN J 96 23.01 70.14 -31.40
C GLN J 96 24.48 70.29 -31.73
N LEU J 97 25.19 71.04 -30.90
CA LEU J 97 26.61 71.30 -30.98
C LEU J 97 27.45 70.05 -30.98
N GLU J 99 27.71 67.11 -31.97
CA GLU J 99 27.03 66.41 -33.03
C GLU J 99 27.39 66.97 -34.39
N ASN J 100 27.47 68.30 -34.48
CA ASN J 100 27.78 68.91 -35.76
C ASN J 100 29.22 68.68 -36.15
N ILE J 101 30.13 68.79 -35.19
CA ILE J 101 31.53 68.54 -35.46
C ILE J 101 31.73 67.06 -35.81
N SER J 102 30.94 66.18 -35.19
CA SER J 102 31.02 64.76 -35.51
C SER J 102 30.53 64.47 -36.92
N MET J 103 29.48 65.15 -37.37
CA MET J 103 29.01 64.93 -38.73
C MET J 103 29.99 65.53 -39.73
N GLY J 104 30.59 66.66 -39.39
CA GLY J 104 31.57 67.26 -40.26
C GLY J 104 32.90 66.52 -40.26
N PHE J 105 33.08 65.61 -39.31
CA PHE J 105 34.33 64.85 -39.26
C PHE J 105 34.39 63.78 -40.33
N LEU J 106 33.25 63.22 -40.75
CA LEU J 106 33.26 62.22 -41.81
C LEU J 106 33.57 62.81 -43.17
N ASP J 107 33.35 64.12 -43.32
CA ASP J 107 33.57 64.82 -44.57
C ASP J 107 35.04 64.92 -44.95
N MET J 108 35.94 65.00 -43.98
CA MET J 108 37.37 65.11 -44.30
C MET J 108 37.97 63.84 -44.89
N GLN J 109 37.25 62.73 -44.94
CA GLN J 109 37.77 61.49 -45.50
C GLN J 109 37.46 61.47 -46.98
N ASN J 110 38.52 61.66 -47.79
CA ASN J 110 38.56 61.75 -49.27
C ASN J 110 37.29 62.09 -50.05
N GLU J 121 39.81 61.17 -34.50
CA GLU J 121 40.92 60.47 -33.89
C GLU J 121 40.63 60.27 -32.41
N SER J 122 40.61 61.36 -31.65
CA SER J 122 40.31 61.28 -30.22
C SER J 122 38.84 61.65 -30.08
N LYS J 123 38.02 60.63 -29.90
CA LYS J 123 36.58 60.71 -29.71
C LYS J 123 36.21 60.57 -28.25
N LEU J 124 37.24 60.51 -27.41
CA LEU J 124 37.05 60.36 -25.97
C LEU J 124 36.14 61.43 -25.37
N PRO J 125 36.42 62.75 -25.52
CA PRO J 125 35.48 63.72 -24.95
C PRO J 125 34.18 63.76 -25.71
N LEU J 126 34.20 63.31 -26.97
CA LEU J 126 33.01 63.27 -27.81
C LEU J 126 31.94 62.39 -27.18
N LEU J 127 32.25 61.12 -27.02
CA LEU J 127 31.26 60.25 -26.41
C LEU J 127 31.12 60.55 -24.93
N CYS J 128 32.15 61.11 -24.29
CA CYS J 128 32.00 61.51 -22.90
C CYS J 128 30.95 62.62 -22.76
N MET J 129 31.00 63.56 -23.70
CA MET J 129 30.07 64.67 -23.78
C MET J 129 28.65 64.15 -23.97
N GLU J 130 28.50 63.30 -24.98
CA GLU J 130 27.24 62.65 -25.29
C GLU J 130 26.71 61.86 -24.11
N THR J 131 27.62 61.21 -23.42
CA THR J 131 27.31 60.40 -22.27
C THR J 131 26.71 61.24 -21.18
N GLU J 132 27.42 62.31 -20.82
CA GLU J 132 26.93 63.19 -19.77
C GLU J 132 25.61 63.82 -20.15
N LEU J 133 25.42 64.07 -21.45
CA LEU J 133 24.17 64.63 -21.94
C LEU J 133 23.03 63.72 -21.58
N GLU J 134 23.09 62.50 -22.08
CA GLU J 134 22.04 61.55 -21.80
C GLU J 134 21.96 61.19 -20.33
N ARG J 135 23.10 61.25 -19.65
CA ARG J 135 23.18 60.94 -18.24
C ARG J 135 22.35 61.93 -17.44
N LEU J 136 22.60 63.22 -17.69
CA LEU J 136 21.84 64.29 -17.07
C LEU J 136 20.39 64.23 -17.53
N LYS J 137 20.20 63.76 -18.75
CA LYS J 137 18.87 63.62 -19.28
C LYS J 137 18.13 62.55 -18.51
N PHE J 138 18.86 61.56 -18.03
CA PHE J 138 18.25 60.52 -17.20
C PHE J 138 17.76 61.13 -15.92
N VAL J 139 18.65 61.91 -15.31
CA VAL J 139 18.34 62.57 -14.04
C VAL J 139 17.06 63.36 -14.14
N ILE J 140 16.96 64.16 -15.20
CA ILE J 140 15.78 64.97 -15.33
C ILE J 140 14.58 64.11 -15.65
N ARG J 141 14.79 62.95 -16.30
CA ARG J 141 13.64 62.08 -16.60
C ARG J 141 13.01 61.56 -15.33
N SER J 142 13.85 61.11 -14.42
CA SER J 142 13.35 60.61 -13.15
C SER J 142 12.66 61.73 -12.39
N TYR J 143 13.25 62.91 -12.47
CA TYR J 143 12.72 64.06 -11.77
C TYR J 143 11.30 64.39 -12.24
N ILE J 144 11.15 64.58 -13.55
CA ILE J 144 9.84 64.94 -14.08
C ILE J 144 8.82 63.83 -13.88
N ARG J 145 9.16 62.58 -14.25
CA ARG J 145 8.23 61.47 -14.09
C ARG J 145 7.81 61.29 -12.65
N CYS J 146 8.72 61.62 -11.74
CA CYS J 146 8.40 61.54 -10.34
C CYS J 146 7.37 62.59 -9.97
N ARG J 147 7.57 63.82 -10.46
CA ARG J 147 6.59 64.86 -10.20
C ARG J 147 5.23 64.49 -10.74
N LEU J 148 5.19 63.93 -11.95
CA LEU J 148 3.95 63.48 -12.56
C LEU J 148 3.25 62.46 -11.70
N SER J 149 4.01 61.54 -11.15
CA SER J 149 3.46 60.49 -10.31
C SER J 149 2.81 61.07 -9.08
N LYS J 150 3.56 61.94 -8.41
CA LYS J 150 3.07 62.62 -7.22
C LYS J 150 1.76 63.33 -7.50
N ILE J 151 1.69 64.01 -8.65
CA ILE J 151 0.47 64.71 -9.04
C ILE J 151 -0.68 63.73 -9.22
N ASP J 152 -0.39 62.58 -9.84
CA ASP J 152 -1.44 61.56 -10.02
C ASP J 152 -2.01 61.10 -8.71
N LYS J 153 -1.17 61.02 -7.71
CA LYS J 153 -1.68 60.58 -6.43
C LYS J 153 -2.36 61.71 -5.69
N PHE J 154 -1.93 62.94 -5.91
CA PHE J 154 -2.46 64.08 -5.18
C PHE J 154 -3.52 64.88 -5.93
N SER J 155 -3.84 64.48 -7.15
CA SER J 155 -4.67 65.20 -8.11
C SER J 155 -5.97 65.81 -7.59
N LEU J 156 -6.78 65.03 -6.87
CA LEU J 156 -8.05 65.55 -6.34
C LEU J 156 -7.80 66.70 -5.37
N TYR J 157 -6.95 66.46 -4.38
CA TYR J 157 -6.63 67.48 -3.39
C TYR J 157 -5.93 68.68 -4.00
N LEU J 158 -5.07 68.49 -5.00
CA LEU J 158 -4.38 69.63 -5.62
C LEU J 158 -5.36 70.52 -6.37
N ARG J 159 -6.37 69.92 -7.00
CA ARG J 159 -7.35 70.75 -7.66
C ARG J 159 -8.19 71.47 -6.62
N GLN J 160 -8.54 70.76 -5.53
CA GLN J 160 -9.26 71.40 -4.43
C GLN J 160 -8.43 72.52 -3.83
N LEU J 161 -7.09 72.39 -3.86
CA LEU J 161 -6.20 73.42 -3.35
C LEU J 161 -6.16 74.58 -4.34
N ASN J 162 -6.43 74.29 -5.60
CA ASN J 162 -6.49 75.33 -6.60
C ASN J 162 -7.76 76.14 -6.36
N GLU J 163 -8.83 75.47 -5.92
CA GLU J 163 -10.11 76.13 -5.63
C GLU J 163 -9.98 77.17 -4.52
N ASP J 164 -9.21 76.86 -3.48
CA ASP J 164 -9.01 77.77 -2.36
C ASP J 164 -8.16 78.98 -2.73
N GLU J 165 -8.56 80.13 -2.19
CA GLU J 165 -7.90 81.43 -2.35
C GLU J 165 -6.46 81.42 -1.88
N ASN J 166 -6.26 81.25 -0.58
CA ASN J 166 -4.94 81.18 0.02
C ASN J 166 -4.37 79.77 -0.11
N SER J 167 -3.04 79.65 -0.19
CA SER J 167 -2.05 80.73 -0.20
C SER J 167 -1.51 80.94 -1.58
N LEU J 168 -0.82 79.92 -2.05
CA LEU J 168 -0.22 79.92 -3.37
C LEU J 168 -1.01 78.96 -4.25
N ILE J 169 -1.50 79.49 -5.36
CA ILE J 169 -2.28 78.70 -6.30
C ILE J 169 -1.34 77.75 -7.04
N SER J 170 -1.93 76.67 -7.59
CA SER J 170 -1.25 75.67 -8.39
C SER J 170 -0.45 76.28 -9.51
N LEU J 171 -1.16 76.96 -10.41
CA LEU J 171 -0.74 77.69 -11.60
C LEU J 171 0.56 77.27 -12.28
N THR J 172 1.60 78.10 -12.22
CA THR J 172 2.84 77.72 -12.88
C THR J 172 4.02 77.85 -11.95
N ASP J 173 3.92 78.79 -11.01
CA ASP J 173 4.95 78.99 -10.01
C ASP J 173 5.18 77.69 -9.27
N LEU J 174 4.15 77.24 -8.56
CA LEU J 174 4.21 75.96 -7.85
C LEU J 174 4.16 74.80 -8.84
N LEU J 175 3.47 74.97 -9.97
CA LEU J 175 3.33 73.92 -10.97
C LEU J 175 3.71 74.38 -12.37
N LYS J 177 3.90 73.35 -16.73
CA LYS J 177 2.91 73.51 -17.78
C LYS J 177 2.51 72.18 -18.29
N ASP J 178 3.51 71.33 -18.43
CA ASP J 178 3.27 69.97 -18.86
C ASP J 178 2.46 69.26 -17.80
N GLU J 179 2.77 69.61 -16.55
CA GLU J 179 2.12 69.06 -15.38
C GLU J 179 0.65 69.38 -15.38
N ILE J 180 0.30 70.66 -15.49
CA ILE J 180 -1.11 71.05 -15.46
C ILE J 180 -1.89 70.43 -16.60
N LYS J 181 -1.25 70.32 -17.77
CA LYS J 181 -1.92 69.69 -18.90
C LYS J 181 -2.21 68.24 -18.60
N TYR J 182 -1.18 67.49 -18.19
CA TYR J 182 -1.36 66.10 -17.84
C TYR J 182 -2.33 65.92 -16.70
N HIS J 183 -2.30 66.84 -15.75
CA HIS J 183 -3.18 66.85 -14.61
C HIS J 183 -4.64 66.91 -15.03
N ASP J 184 -5.01 68.01 -15.69
CA ASP J 184 -6.40 68.21 -16.10
C ASP J 184 -6.88 67.14 -17.07
N THR J 185 -6.08 66.84 -18.09
CA THR J 185 -6.45 65.82 -19.05
C THR J 185 -6.63 64.45 -18.42
N HIS J 186 -5.63 64.02 -17.63
CA HIS J 186 -5.68 62.73 -16.96
C HIS J 186 -6.88 62.66 -16.04
N SER J 187 -7.10 63.70 -15.26
CA SER J 187 -8.23 63.77 -14.35
C SER J 187 -9.55 63.73 -15.10
N LEU J 188 -9.56 64.37 -16.27
CA LEU J 188 -10.72 64.40 -17.14
C LEU J 188 -11.10 62.98 -17.54
N ILE J 189 -10.18 62.30 -18.26
CA ILE J 189 -10.44 60.95 -18.73
C ILE J 189 -10.65 60.01 -17.57
N TRP J 190 -10.03 60.30 -16.43
CA TRP J 190 -10.23 59.54 -15.22
C TRP J 190 -11.67 59.66 -14.77
N LEU J 191 -12.21 60.87 -14.82
CA LEU J 191 -13.58 61.10 -14.43
C LEU J 191 -14.50 60.39 -15.40
N LYS J 192 -14.11 60.38 -16.66
CA LYS J 192 -14.89 59.63 -17.63
C LYS J 192 -14.82 58.14 -17.36
N LEU J 193 -13.73 57.66 -16.80
CA LEU J 193 -13.57 56.24 -16.54
C LEU J 193 -14.31 55.83 -15.27
N VAL J 194 -14.30 56.67 -14.26
CA VAL J 194 -15.02 56.27 -13.06
C VAL J 194 -16.50 56.50 -13.28
N ASN J 195 -16.83 57.62 -13.92
CA ASN J 195 -18.20 58.01 -14.20
C ASN J 195 -18.92 56.97 -15.03
N ASP J 196 -18.40 56.65 -16.23
CA ASP J 196 -19.09 55.68 -17.08
C ASP J 196 -19.18 54.28 -16.47
N SER J 197 -18.31 53.96 -15.55
CA SER J 197 -18.33 52.63 -14.96
C SER J 197 -19.24 52.54 -13.75
N ILE J 198 -18.84 53.15 -12.65
CA ILE J 198 -19.63 53.03 -11.43
C ILE J 198 -20.70 54.10 -11.31
N LEU J 199 -20.47 55.34 -11.68
CA LEU J 199 -21.52 56.32 -11.44
C LEU J 199 -22.42 56.45 -12.65
N LYS J 200 -23.44 55.61 -12.68
CA LYS J 200 -24.43 55.56 -13.74
C LYS J 200 -25.88 55.57 -13.25
N TYR J 201 -26.36 54.78 -12.26
CA TYR J 201 -25.81 53.95 -11.13
C TYR J 201 -25.10 54.95 -10.23
N MET J 202 -25.57 56.18 -10.34
CA MET J 202 -25.04 57.33 -9.62
C MET J 202 -26.18 57.89 -8.78
N PRO J 203 -26.36 57.39 -7.57
CA PRO J 203 -27.39 57.92 -6.66
C PRO J 203 -27.21 59.41 -6.44
N GLU J 204 -28.35 60.09 -6.27
CA GLU J 204 -28.47 61.55 -6.14
C GLU J 204 -27.44 62.16 -5.20
N GLU J 205 -27.33 61.62 -4.01
CA GLU J 205 -26.37 62.14 -3.06
C GLU J 205 -24.96 61.70 -3.42
N LEU J 206 -24.85 60.53 -4.04
CA LEU J 206 -23.57 59.97 -4.43
C LEU J 206 -22.98 60.60 -5.67
N GLN J 207 -23.73 61.50 -6.33
CA GLN J 207 -23.27 62.15 -7.55
C GLN J 207 -21.97 62.93 -7.36
N ALA J 208 -21.70 63.40 -6.15
CA ALA J 208 -20.49 64.15 -5.90
C ALA J 208 -19.31 63.24 -5.65
N ILE J 209 -18.19 63.53 -6.29
CA ILE J 209 -16.98 62.76 -6.02
C ILE J 209 -16.02 63.69 -5.32
N ASN J 210 -16.12 63.71 -3.99
CA ASN J 210 -15.33 64.51 -3.05
C ASN J 210 -15.79 64.19 -1.64
N ASP J 211 -15.20 64.87 -0.65
CA ASP J 211 -15.54 64.68 0.76
C ASP J 211 -17.03 64.89 1.05
N THR J 212 -17.65 63.93 1.72
CA THR J 212 -19.05 64.04 2.06
C THR J 212 -19.25 65.01 3.21
N GLU J 213 -18.94 64.62 4.43
CA GLU J 213 -17.77 64.04 5.06
C GLU J 213 -18.09 62.70 5.71
N GLY J 214 -17.16 61.76 5.61
CA GLY J 214 -17.34 60.44 6.17
C GLY J 214 -17.37 59.30 5.19
N SER J 215 -16.25 58.62 4.95
CA SER J 215 -14.97 58.88 5.60
C SER J 215 -13.81 58.59 4.64
N VAL J 216 -13.36 59.60 3.88
CA VAL J 216 -13.92 60.94 3.93
C VAL J 216 -14.47 61.23 2.56
N ASN J 217 -13.66 61.57 1.59
CA ASN J 217 -12.49 61.15 0.85
C ASN J 217 -12.03 62.37 0.08
N MET J 218 -11.13 62.13 -0.88
CA MET J 218 -10.55 63.16 -1.76
C MET J 218 -10.08 64.33 -0.90
N ILE J 219 -9.32 63.99 0.13
CA ILE J 219 -8.82 64.97 1.05
C ILE J 219 -7.39 64.58 1.31
N ASP J 220 -7.05 63.37 0.93
CA ASP J 220 -5.73 62.82 1.12
C ASP J 220 -4.78 63.31 0.04
N GLU J 221 -3.48 63.50 0.38
CA GLU J 221 -2.85 63.25 1.68
C GLU J 221 -1.88 64.38 1.98
N PRO J 222 -2.38 65.45 2.55
CA PRO J 222 -1.53 66.59 2.89
C PRO J 222 -0.68 66.42 4.13
N ASP J 223 -0.52 65.19 4.64
CA ASP J 223 0.25 64.88 5.85
C ASP J 223 1.67 65.46 5.92
N TRP J 224 1.87 66.49 6.74
CA TRP J 224 3.19 67.07 6.93
C TRP J 224 3.84 66.49 8.17
N ASN J 225 3.08 65.79 8.99
CA ASN J 225 3.50 65.21 10.25
C ASN J 225 4.43 64.01 10.12
N LYS J 226 4.41 63.34 8.97
CA LYS J 226 5.19 62.13 8.75
C LYS J 226 6.69 62.31 8.96
N PHE J 227 7.32 61.31 9.56
CA PHE J 227 8.76 61.43 9.76
C PHE J 227 9.47 61.08 8.48
N VAL J 228 10.59 61.76 8.28
CA VAL J 228 11.47 61.60 7.14
C VAL J 228 12.87 61.96 7.58
N PHE J 229 13.84 61.44 6.89
CA PHE J 229 15.24 61.77 7.18
C PHE J 229 15.54 63.19 6.75
N ILE J 230 16.35 63.90 7.56
CA ILE J 230 16.74 65.26 7.24
C ILE J 230 18.18 65.48 7.68
N HIS J 231 18.85 66.44 7.04
CA HIS J 231 20.26 66.75 7.34
C HIS J 231 20.48 68.24 7.42
N VAL J 232 20.88 68.72 8.60
CA VAL J 232 21.11 70.16 8.81
C VAL J 232 22.30 70.68 8.01
N ASN J 233 22.03 71.63 7.12
CA ASN J 233 23.05 72.34 6.34
C ASN J 233 22.48 73.71 6.03
N GLY J 234 23.26 74.77 6.24
CA GLY J 234 22.77 76.11 5.98
C GLY J 234 23.86 77.10 5.65
N PRO J 235 23.49 78.19 4.98
CA PRO J 235 24.47 79.21 4.56
C PRO J 235 25.16 79.87 5.74
N PRO J 236 26.49 79.87 5.75
CA PRO J 236 27.23 80.46 6.87
C PRO J 236 27.31 81.98 6.83
N ASP J 237 27.34 82.57 8.03
CA ASP J 237 27.49 84.01 8.15
C ASP J 237 28.83 84.49 7.62
N GLY J 238 29.86 83.65 7.74
CA GLY J 238 31.19 83.96 7.26
C GLY J 238 31.97 82.71 6.93
N GLU J 248 23.58 84.34 12.20
CA GLU J 248 22.14 84.60 12.18
C GLU J 248 21.47 83.90 13.34
N ASN J 249 20.95 82.72 13.06
CA ASN J 249 20.27 81.87 14.04
C ASN J 249 21.21 80.91 14.77
N GLU J 250 22.51 81.08 14.65
CA GLU J 250 23.47 80.19 15.30
C GLU J 250 23.67 80.79 16.68
N PHE J 251 23.13 80.12 17.70
CA PHE J 251 23.26 80.67 19.05
C PHE J 251 24.34 80.00 19.88
N GLY J 252 24.94 78.94 19.40
CA GLY J 252 25.98 78.29 20.15
C GLY J 252 25.42 77.37 21.23
N LYS J 253 26.30 76.69 21.96
CA LYS J 253 27.76 76.64 21.79
C LYS J 253 28.22 75.90 20.50
N PRO J 254 27.87 74.59 20.28
CA PRO J 254 28.36 73.97 19.04
C PRO J 254 27.74 74.46 17.74
N CYS J 255 26.41 74.53 17.62
CA CYS J 255 25.73 74.87 16.37
C CYS J 255 24.26 75.21 16.61
N TYR J 256 23.63 75.60 15.51
CA TYR J 256 22.25 76.00 15.27
C TYR J 256 21.38 74.75 15.10
N THR J 257 20.05 74.85 15.27
CA THR J 257 19.20 75.99 15.60
C THR J 257 18.29 75.49 16.67
N VAL J 258 17.35 76.31 17.12
CA VAL J 258 16.34 75.85 18.05
C VAL J 258 15.34 74.95 17.31
N ILE J 260 11.13 72.26 16.78
CA ILE J 260 10.25 72.99 17.66
C ILE J 260 8.86 72.32 17.57
N PRO J 261 8.66 71.17 18.22
CA PRO J 261 7.36 70.50 18.16
C PRO J 261 6.28 71.31 18.86
N ASP J 262 5.02 70.98 18.53
CA ASP J 262 3.90 71.66 19.17
C ASP J 262 3.73 71.24 20.63
N LEU J 263 3.79 69.94 20.89
CA LEU J 263 3.60 69.41 22.22
C LEU J 263 4.90 69.06 22.94
N LYS J 264 6.04 69.17 22.29
CA LYS J 264 7.31 68.83 22.91
C LYS J 264 8.30 69.92 22.52
N GLU J 265 9.45 69.97 23.18
CA GLU J 265 10.42 71.00 22.88
C GLU J 265 11.52 70.56 21.92
N GLU J 266 12.39 71.52 21.66
CA GLU J 266 13.55 71.40 20.80
C GLU J 266 14.53 70.34 21.31
N VAL J 267 15.24 69.74 20.36
CA VAL J 267 16.17 68.66 20.67
C VAL J 267 17.66 69.07 20.85
N GLU J 268 18.37 69.72 19.92
CA GLU J 268 18.00 70.30 18.63
C GLU J 268 18.55 69.87 17.26
N LEU J 269 19.76 70.34 16.95
CA LEU J 269 20.36 70.07 15.65
C LEU J 269 21.84 70.43 15.65
N THR J 270 22.56 69.82 14.71
CA THR J 270 23.98 69.99 14.42
C THR J 270 24.16 69.74 12.94
N ILE J 271 25.09 70.48 12.31
CA ILE J 271 25.33 70.31 10.88
C ILE J 271 25.91 68.95 10.50
N GLY J 272 26.61 68.28 11.40
CA GLY J 272 27.17 66.99 11.05
C GLY J 272 26.30 65.75 11.21
N SER J 273 25.10 65.86 11.77
CA SER J 273 24.32 64.64 11.98
C SER J 273 22.87 64.80 11.60
N ILE J 274 22.34 63.75 11.01
CA ILE J 274 20.97 63.67 10.55
C ILE J 274 20.03 63.35 11.71
N TYR J 275 18.99 64.15 11.86
CA TYR J 275 18.04 63.93 12.94
C TYR J 275 16.68 63.77 12.27
N VAL J 276 16.11 62.59 12.37
CA VAL J 276 14.84 62.32 11.74
C VAL J 276 13.73 62.82 12.65
N MET J 277 12.81 63.57 12.07
CA MET J 277 11.70 64.10 12.84
C MET J 277 10.59 64.44 11.87
N ARG J 278 9.56 65.06 12.41
CA ARG J 278 8.37 65.47 11.69
C ARG J 278 8.68 66.39 10.51
N TYR J 279 8.13 66.05 9.36
CA TYR J 279 8.34 66.84 8.15
C TYR J 279 7.71 68.22 8.23
N GLU J 280 6.74 68.42 9.12
CA GLU J 280 6.07 69.71 9.22
C GLU J 280 6.95 70.79 9.82
N VAL J 281 7.57 70.50 10.97
CA VAL J 281 8.40 71.50 11.63
C VAL J 281 9.58 71.92 10.78
N ILE J 282 10.07 71.04 9.91
CA ILE J 282 11.19 71.40 9.06
C ILE J 282 10.76 72.01 7.73
N ARG J 283 9.45 72.04 7.42
CA ARG J 283 8.92 72.60 6.16
C ARG J 283 9.41 74.01 5.89
N ASP J 284 9.40 74.84 6.94
CA ASP J 284 9.88 76.21 6.84
C ASP J 284 11.32 76.24 6.38
N LEU J 285 12.11 75.28 6.86
CA LEU J 285 13.52 75.25 6.52
C LEU J 285 13.70 74.80 5.09
N LEU J 286 12.86 73.87 4.62
CA LEU J 286 12.92 73.47 3.21
C LEU J 286 12.53 74.62 2.31
N ARG J 287 11.61 75.46 2.76
CA ARG J 287 11.27 76.61 1.95
C ARG J 287 12.41 77.59 1.99
N ASP J 288 13.07 77.66 3.13
CA ASP J 288 14.25 78.48 3.34
C ASP J 288 15.51 77.80 2.84
N ASP J 289 15.44 76.51 2.49
CA ASP J 289 16.56 75.68 2.04
C ASP J 289 17.56 75.51 3.18
N LYS J 290 17.07 75.47 4.42
CA LYS J 290 17.97 75.33 5.55
C LYS J 290 18.17 73.91 6.04
N VAL J 291 17.58 72.88 5.42
CA VAL J 291 17.87 71.52 5.88
C VAL J 291 17.82 70.58 4.68
N ALA J 292 18.87 69.76 4.53
CA ALA J 292 18.92 68.77 3.47
C ALA J 292 18.03 67.57 3.82
N LEU J 293 17.73 66.75 2.82
CA LEU J 293 16.86 65.60 3.00
C LEU J 293 17.53 64.26 2.72
N SER K 6 52.38 38.90 -46.22
CA SER K 6 52.73 40.24 -45.74
C SER K 6 52.84 40.25 -44.21
N GLN K 7 53.64 41.16 -43.67
CA GLN K 7 53.80 41.26 -42.21
C GLN K 7 52.52 41.59 -41.49
N PHE K 8 52.30 40.86 -40.40
CA PHE K 8 51.11 40.97 -39.58
C PHE K 8 50.94 42.34 -38.94
N SER K 9 52.03 42.94 -38.46
CA SER K 9 52.00 44.22 -37.74
C SER K 9 51.32 45.36 -38.51
N GLU K 10 51.81 45.67 -39.71
CA GLU K 10 51.23 46.76 -40.49
C GLU K 10 49.79 46.48 -40.90
N ALA K 11 49.50 45.22 -41.24
CA ALA K 11 48.14 44.80 -41.57
C ALA K 11 47.21 45.03 -40.40
N TYR K 12 47.71 44.69 -39.21
CA TYR K 12 46.98 44.89 -37.98
C TYR K 12 46.70 46.36 -37.76
N ASN K 13 47.70 47.19 -38.01
CA ASN K 13 47.52 48.63 -37.86
C ASN K 13 46.50 49.15 -38.86
N LYS K 14 46.51 48.56 -40.05
CA LYS K 14 45.58 48.92 -41.10
C LYS K 14 44.16 48.59 -40.71
N ILE K 15 43.95 47.47 -40.02
CA ILE K 15 42.59 47.16 -39.60
C ILE K 15 42.20 48.09 -38.48
N LEU K 16 43.17 48.53 -37.65
CA LEU K 16 42.87 49.49 -36.60
C LEU K 16 42.38 50.79 -37.20
N ARG K 17 43.04 51.21 -38.27
CA ARG K 17 42.68 52.43 -38.99
C ARG K 17 41.32 52.31 -39.62
N ASN K 18 40.95 51.11 -40.04
CA ASN K 18 39.66 50.83 -40.64
C ASN K 18 38.61 50.42 -39.62
N SER K 19 38.95 50.42 -38.34
CA SER K 19 38.04 49.94 -37.31
C SER K 19 37.01 50.94 -36.81
N SER K 20 37.46 51.98 -36.09
CA SER K 20 36.55 52.93 -35.46
C SER K 20 35.77 53.75 -36.45
N SER K 21 34.45 53.66 -36.34
CA SER K 21 33.55 54.36 -37.23
C SER K 21 32.22 54.56 -36.51
N HIS K 22 31.51 55.62 -36.88
CA HIS K 22 30.20 55.91 -36.34
C HIS K 22 29.33 56.39 -37.50
N SER K 23 28.32 55.61 -37.94
CA SER K 23 27.94 54.27 -37.46
C SER K 23 28.94 53.15 -37.76
N SER K 24 29.09 52.29 -36.76
CA SER K 24 30.01 51.16 -36.75
C SER K 24 29.64 50.10 -37.79
N CYS K 25 30.62 49.31 -38.23
CA CYS K 25 32.06 49.35 -37.86
C CYS K 25 33.00 49.46 -39.11
N GLN K 26 32.99 48.59 -40.14
CA GLN K 26 32.17 47.38 -40.31
C GLN K 26 33.04 46.27 -40.90
N LEU K 27 33.21 45.22 -40.12
CA LEU K 27 33.98 44.06 -40.55
C LEU K 27 33.31 42.77 -40.07
N CYS K 33 33.47 26.26 -35.96
CA CYS K 33 32.60 25.40 -35.19
C CYS K 33 33.36 24.41 -34.34
N LEU K 34 34.07 23.48 -34.97
CA LEU K 34 34.74 22.48 -34.15
C LEU K 34 36.11 22.86 -33.60
N ASN K 35 36.99 23.50 -34.37
CA ASN K 35 38.34 23.77 -33.85
C ASN K 35 38.43 24.73 -32.69
N ILE K 36 39.10 24.25 -31.65
CA ILE K 36 39.32 25.05 -30.45
C ILE K 36 40.52 25.97 -30.67
N ASP K 37 41.44 25.54 -31.55
CA ASP K 37 42.64 26.29 -31.87
C ASP K 37 42.32 27.68 -32.38
N ALA K 38 41.23 27.79 -33.10
CA ALA K 38 40.83 29.10 -33.55
C ALA K 38 40.20 29.90 -32.42
N LEU K 39 39.37 29.26 -31.58
CA LEU K 39 38.67 29.93 -30.48
C LEU K 39 39.63 30.65 -29.55
N CYS K 40 40.75 30.01 -29.22
CA CYS K 40 41.74 30.66 -28.36
C CYS K 40 42.23 31.97 -28.97
N ALA K 41 42.64 31.91 -30.24
CA ALA K 41 43.11 33.10 -30.94
C ALA K 41 42.05 34.17 -31.02
N THR K 42 40.79 33.75 -31.17
CA THR K 42 39.68 34.70 -31.24
C THR K 42 39.49 35.39 -29.91
N LYS K 43 39.48 34.60 -28.85
CA LYS K 43 39.23 35.12 -27.53
C LYS K 43 40.32 36.09 -27.12
N MET K 44 41.59 35.71 -27.31
CA MET K 44 42.70 36.60 -26.97
C MET K 44 42.69 37.91 -27.75
N LEU K 45 42.53 37.84 -29.09
CA LEU K 45 42.51 39.08 -29.86
C LEU K 45 41.24 39.89 -29.56
N SER K 46 40.10 39.19 -29.45
CA SER K 46 38.81 39.77 -29.10
C SER K 46 38.92 40.53 -27.81
N LEU K 47 39.60 39.94 -26.84
CA LEU K 47 39.80 40.57 -25.56
C LEU K 47 40.69 41.79 -25.72
N LEU K 48 41.71 41.70 -26.60
CA LEU K 48 42.58 42.84 -26.87
C LEU K 48 41.79 44.02 -27.43
N PHE K 49 40.96 43.76 -28.45
CA PHE K 49 40.17 44.84 -29.05
C PHE K 49 39.07 45.36 -28.14
N LYS K 50 38.44 44.50 -27.32
CA LYS K 50 37.45 45.01 -26.36
C LYS K 50 38.15 45.88 -25.34
N LYS K 51 39.39 45.52 -24.97
CA LYS K 51 40.19 46.34 -24.08
C LYS K 51 40.42 47.70 -24.72
N GLN K 52 40.57 47.72 -26.04
CA GLN K 52 40.71 48.97 -26.77
C GLN K 52 39.36 49.49 -27.24
N LEU K 53 38.28 48.78 -26.89
CA LEU K 53 36.88 49.08 -27.23
C LEU K 53 36.65 49.17 -28.73
N VAL K 54 37.14 48.17 -29.45
CA VAL K 54 36.96 48.11 -30.89
C VAL K 54 35.82 47.14 -31.13
N GLN K 55 34.68 47.68 -31.51
CA GLN K 55 33.51 46.87 -31.81
C GLN K 55 33.64 46.25 -33.19
N SER K 56 33.01 45.09 -33.39
CA SER K 56 33.04 44.36 -34.65
C SER K 56 32.09 43.17 -34.58
N GLN K 57 31.81 42.62 -35.74
CA GLN K 57 30.90 41.48 -35.85
C GLN K 57 31.59 40.16 -35.51
N ILE K 58 30.78 39.23 -35.01
CA ILE K 58 31.17 37.88 -34.62
C ILE K 58 30.31 36.92 -35.41
N VAL K 59 30.95 36.14 -36.27
CA VAL K 59 30.23 35.21 -37.14
C VAL K 59 30.56 33.78 -36.74
N PRO K 60 29.58 33.02 -36.26
CA PRO K 60 29.71 31.58 -35.88
C PRO K 60 29.43 30.72 -37.11
N ILE K 61 30.39 30.67 -38.04
CA ILE K 61 30.22 29.93 -39.28
C ILE K 61 29.92 28.44 -39.04
N PHE K 62 28.91 27.91 -39.75
CA PHE K 62 28.57 26.49 -39.67
C PHE K 62 28.64 25.83 -41.04
N GLY K 63 27.73 26.17 -41.94
CA GLY K 63 27.63 25.70 -43.31
C GLY K 63 28.73 26.11 -44.26
N TYR K 64 29.28 25.18 -45.04
CA TYR K 64 30.30 25.55 -46.00
C TYR K 64 29.70 26.43 -47.09
N SER K 65 28.51 26.07 -47.59
CA SER K 65 27.84 26.85 -48.62
C SER K 65 26.84 27.87 -48.09
N GLU K 66 26.51 27.83 -46.80
CA GLU K 66 25.57 28.77 -46.20
C GLU K 66 26.11 30.20 -46.21
N LEU K 67 27.44 30.31 -46.18
CA LEU K 67 28.14 31.60 -46.18
C LEU K 67 27.76 32.45 -47.38
N ARG K 68 27.55 31.81 -48.53
CA ARG K 68 27.07 32.53 -49.70
C ARG K 68 25.66 33.05 -49.49
N ARG K 69 24.83 32.29 -48.74
CA ARG K 69 23.47 32.72 -48.46
C ARG K 69 23.42 33.85 -47.46
N HIS K 70 24.52 34.11 -46.76
CA HIS K 70 24.47 35.20 -45.79
C HIS K 70 25.30 36.41 -46.21
N TYR K 71 26.61 36.25 -46.46
CA TYR K 71 27.45 37.36 -46.89
C TYR K 71 26.90 38.11 -48.09
N SER K 72 26.44 37.38 -49.08
CA SER K 72 25.85 38.00 -50.26
C SER K 72 24.43 38.50 -50.02
N GLN K 73 23.86 38.27 -48.84
CA GLN K 73 22.48 38.71 -48.62
C GLN K 73 22.46 40.10 -48.00
N LEU K 74 22.90 40.22 -46.75
CA LEU K 74 22.91 41.53 -46.11
C LEU K 74 24.33 42.02 -45.84
N ASP K 75 24.86 42.83 -46.76
CA ASP K 75 26.15 43.49 -46.60
C ASP K 75 26.03 44.83 -47.31
N ASP K 76 26.15 45.94 -46.57
CA ASP K 76 26.01 47.26 -47.18
C ASP K 76 27.19 48.19 -46.99
N ASN K 77 27.46 48.59 -45.76
CA ASN K 77 28.50 49.55 -45.44
C ASN K 77 29.82 48.90 -45.06
N ILE K 78 29.89 47.57 -45.07
CA ILE K 78 31.08 46.84 -44.66
C ILE K 78 32.28 47.23 -45.51
N ASN K 79 33.25 47.86 -44.86
CA ASN K 79 34.47 48.30 -45.52
C ASN K 79 35.63 47.35 -45.31
N SER K 80 35.50 46.40 -44.39
CA SER K 80 36.60 45.49 -44.13
C SER K 80 36.09 44.21 -43.46
N GLY K 85 40.21 28.74 -39.79
CA GLY K 85 39.96 27.34 -40.04
C GLY K 85 39.31 27.04 -41.37
N PHE K 86 38.87 28.08 -42.07
CA PHE K 86 38.15 27.91 -43.33
C PHE K 86 38.86 28.69 -44.43
N GLY K 87 38.50 28.37 -45.68
CA GLY K 87 39.03 29.07 -46.84
C GLY K 87 40.32 28.55 -47.46
N GLY K 88 41.07 27.67 -46.80
CA GLY K 88 42.29 27.16 -47.41
C GLY K 88 42.08 26.21 -48.55
N VAL K 89 40.83 25.87 -48.83
CA VAL K 89 40.42 24.92 -49.85
C VAL K 89 39.50 25.54 -50.87
N ILE K 90 38.40 26.07 -50.40
CA ILE K 90 37.39 26.62 -51.30
C ILE K 90 37.71 28.09 -51.53
N ASP K 91 37.62 28.54 -52.77
CA ASP K 91 37.88 29.93 -53.06
C ASP K 91 36.59 30.68 -52.82
N LEU K 92 36.66 31.78 -52.09
CA LEU K 92 35.44 32.51 -51.87
C LEU K 92 35.16 33.47 -53.01
N GLU K 93 36.16 33.76 -53.84
CA GLU K 93 35.96 34.65 -54.97
C GLU K 93 34.96 34.06 -55.95
N ALA K 94 35.00 32.75 -56.12
CA ALA K 94 34.02 32.10 -56.98
C ALA K 94 32.73 31.86 -56.22
N PHE K 95 32.86 31.58 -54.93
CA PHE K 95 31.76 31.27 -54.04
C PHE K 95 30.90 32.48 -53.71
N LEU K 96 31.38 33.67 -53.94
CA LEU K 96 30.73 34.93 -53.62
C LEU K 96 30.45 35.76 -54.85
N GLU K 97 31.37 35.78 -55.83
CA GLU K 97 31.40 36.48 -57.12
C GLU K 97 31.80 37.95 -57.06
N ILE K 98 32.79 38.25 -56.23
CA ILE K 98 33.45 39.55 -56.08
C ILE K 98 34.73 39.50 -56.91
N ASP K 99 34.61 39.78 -58.17
CA ASP K 99 34.33 40.76 -59.20
C ASP K 99 34.99 42.04 -58.70
N PRO K 100 36.28 42.23 -58.96
CA PRO K 100 36.98 43.43 -58.46
C PRO K 100 36.37 44.72 -58.97
N GLN K 101 36.04 45.59 -58.03
CA GLN K 101 35.45 46.89 -58.30
C GLN K 101 36.31 47.98 -57.67
N GLU K 102 36.92 48.79 -58.53
CA GLU K 102 37.84 49.89 -58.17
C GLU K 102 38.96 49.47 -57.23
N GLN K 114 42.77 50.09 -57.78
CA GLN K 114 43.34 50.00 -56.45
C GLN K 114 42.31 50.51 -55.45
N SER K 115 42.65 50.42 -54.16
CA SER K 115 41.81 50.87 -53.04
C SER K 115 40.40 50.27 -53.03
N PHE K 116 40.32 48.94 -53.08
CA PHE K 116 39.03 48.26 -53.08
C PHE K 116 38.27 48.55 -51.80
N ARG K 117 36.94 48.66 -51.93
CA ARG K 117 36.11 49.05 -50.79
C ARG K 117 36.01 48.03 -49.67
N ARG K 118 36.10 46.73 -49.93
CA ARG K 118 35.91 45.78 -48.83
C ARG K 118 36.95 44.66 -48.88
N ASP K 119 37.33 44.19 -47.68
CA ASP K 119 38.31 43.12 -47.50
C ASP K 119 37.74 42.04 -46.60
N ILE K 120 38.16 40.79 -46.82
CA ILE K 120 37.66 39.68 -46.02
C ILE K 120 38.84 38.89 -45.47
N TYR K 121 38.95 38.84 -44.14
CA TYR K 121 40.01 38.08 -43.48
C TYR K 121 39.72 36.60 -43.46
N VAL K 122 40.72 35.83 -43.88
CA VAL K 122 40.62 34.39 -43.96
C VAL K 122 41.65 33.82 -43.00
N LEU K 123 41.18 33.25 -41.91
CA LEU K 123 42.05 32.66 -40.92
C LEU K 123 42.03 31.16 -41.14
N ASP K 124 43.14 30.58 -41.59
CA ASP K 124 43.17 29.13 -41.77
C ASP K 124 44.56 28.56 -41.59
N ALA K 125 44.64 27.44 -40.87
CA ALA K 125 45.90 26.73 -40.64
C ALA K 125 46.14 25.53 -41.55
N HIS K 126 45.20 25.17 -42.41
CA HIS K 126 45.40 24.00 -43.25
C HIS K 126 46.22 24.30 -44.47
N ARG K 127 47.03 23.33 -44.85
CA ARG K 127 47.85 23.39 -46.04
C ARG K 127 47.54 22.16 -46.88
N PRO K 128 47.71 22.21 -48.22
CA PRO K 128 48.15 23.31 -49.09
C PRO K 128 47.08 24.38 -49.24
N TRP K 129 47.59 25.58 -49.46
CA TRP K 129 46.76 26.77 -49.64
C TRP K 129 46.00 26.65 -50.95
N ASN K 130 44.84 27.30 -51.02
CA ASN K 130 44.11 27.34 -52.28
C ASN K 130 44.93 28.21 -53.25
N LEU K 131 44.88 27.84 -54.53
CA LEU K 131 45.62 28.59 -55.56
C LEU K 131 45.17 30.04 -55.66
N ASP K 132 43.87 30.27 -55.49
CA ASP K 132 43.34 31.61 -55.61
C ASP K 132 43.62 32.44 -54.39
N ASN K 133 44.06 31.81 -53.30
CA ASN K 133 44.38 32.52 -52.08
C ASN K 133 45.57 33.45 -52.25
N ILE K 134 46.76 32.88 -52.44
CA ILE K 134 47.97 33.70 -52.53
C ILE K 134 47.94 34.52 -53.80
N PHE K 135 47.96 33.86 -54.95
CA PHE K 135 47.91 34.60 -56.19
C PHE K 135 46.46 34.83 -56.53
N GLY K 136 46.22 35.90 -57.27
CA GLY K 136 44.88 36.34 -57.61
C GLY K 136 44.36 36.85 -56.27
N SER K 137 45.18 37.70 -55.67
CA SER K 137 44.90 38.30 -54.37
C SER K 137 43.79 39.34 -54.51
N GLN K 138 42.68 39.13 -53.83
CA GLN K 138 41.58 40.08 -53.90
C GLN K 138 41.20 40.54 -52.49
N ILE K 139 40.68 39.66 -51.65
CA ILE K 139 40.38 40.00 -50.27
C ILE K 139 41.62 39.84 -49.42
N ILE K 140 42.53 39.01 -49.87
CA ILE K 140 43.77 38.79 -49.14
C ILE K 140 44.82 39.76 -49.62
N GLN K 141 45.69 40.34 -48.73
CA GLN K 141 45.81 40.23 -47.25
C GLN K 141 46.07 38.79 -46.78
N CYS K 142 47.11 38.21 -47.40
CA CYS K 142 47.46 36.83 -47.09
C CYS K 142 47.86 36.65 -45.64
N PHE K 143 47.31 35.60 -45.04
CA PHE K 143 47.47 35.23 -43.65
C PHE K 143 48.61 34.23 -43.46
N ASP K 144 49.29 33.90 -44.56
CA ASP K 144 50.40 32.95 -44.58
C ASP K 144 51.53 33.32 -43.62
N ASP K 145 51.78 34.61 -43.43
CA ASP K 145 52.80 35.05 -42.49
C ASP K 145 52.45 34.66 -41.07
N GLY K 146 53.44 34.21 -40.31
CA GLY K 146 54.82 33.97 -40.75
C GLY K 146 55.05 32.47 -40.80
N THR K 147 53.96 31.74 -41.05
CA THR K 147 53.93 30.28 -41.00
C THR K 147 54.58 29.44 -42.10
N VAL K 148 54.03 29.47 -43.31
CA VAL K 148 54.55 28.62 -44.38
C VAL K 148 55.21 29.49 -45.42
N ASP K 149 56.55 29.49 -45.46
CA ASP K 149 57.25 30.32 -46.44
C ASP K 149 57.11 29.76 -47.88
N ASP K 150 57.44 28.47 -48.17
CA ASP K 150 58.03 27.39 -47.36
C ASP K 150 59.53 27.19 -47.73
N THR K 151 59.98 26.89 -48.96
CA THR K 151 59.27 26.79 -50.26
C THR K 151 59.16 25.30 -50.62
N LEU K 152 58.13 24.77 -51.31
CA LEU K 152 56.88 25.33 -51.92
C LEU K 152 57.16 26.30 -53.09
N GLY K 153 58.21 26.01 -53.87
CA GLY K 153 58.48 26.85 -55.02
C GLY K 153 57.63 26.50 -56.24
N GLU K 154 56.68 25.58 -56.06
CA GLU K 154 55.80 25.12 -57.14
C GLU K 154 54.74 26.14 -57.52
N GLN K 155 54.23 26.95 -56.58
CA GLN K 155 53.21 27.93 -56.96
C GLN K 155 53.82 29.04 -57.82
N LYS K 156 55.14 29.21 -57.74
CA LYS K 156 55.85 30.19 -58.56
C LYS K 156 55.73 29.82 -60.03
N GLU K 157 55.82 28.53 -60.33
CA GLU K 157 55.65 28.14 -61.71
C GLU K 157 54.19 27.90 -62.01
N ALA K 158 53.36 27.86 -60.98
CA ALA K 158 51.93 27.71 -61.21
C ALA K 158 51.27 29.02 -61.57
N TYR K 159 51.97 30.12 -61.36
CA TYR K 159 51.44 31.44 -61.72
C TYR K 159 52.37 32.22 -62.64
N TYR K 160 53.60 32.53 -62.20
CA TYR K 160 54.54 33.31 -63.01
C TYR K 160 54.78 32.69 -64.39
N LYS K 161 54.80 31.37 -64.46
CA LYS K 161 54.93 30.71 -65.75
C LYS K 161 53.57 30.64 -66.45
N LEU K 162 52.52 30.29 -65.69
CA LEU K 162 51.16 30.17 -66.23
C LEU K 162 50.64 31.48 -66.81
N LEU K 163 51.07 32.60 -66.25
CA LEU K 163 50.62 33.89 -66.75
C LEU K 163 51.76 34.45 -67.58
N GLU K 164 51.45 35.05 -68.73
CA GLU K 164 50.11 35.21 -69.28
C GLU K 164 49.75 34.13 -70.29
N LEU K 165 50.69 33.20 -70.50
CA LEU K 165 50.59 32.11 -71.49
C LEU K 165 50.17 32.57 -72.89
N ASN K 218 59.53 27.80 -87.68
CA ASN K 218 60.29 27.92 -86.44
C ASN K 218 59.38 28.18 -85.26
N ASP K 219 58.33 28.98 -85.49
CA ASP K 219 57.40 29.30 -84.42
C ASP K 219 56.58 28.08 -84.01
N LEU K 220 56.36 27.11 -84.90
CA LEU K 220 55.61 25.93 -84.52
C LEU K 220 56.40 25.04 -83.57
N SER K 221 57.73 25.01 -83.70
CA SER K 221 58.55 24.18 -82.82
C SER K 221 58.60 24.78 -81.42
N LYS K 222 58.84 26.09 -81.33
CA LYS K 222 58.87 26.73 -80.03
C LYS K 222 57.47 26.80 -79.44
N ARG K 223 56.44 26.79 -80.29
CA ARG K 223 55.07 26.81 -79.81
C ARG K 223 54.69 25.46 -79.22
N LYS K 224 55.13 24.37 -79.86
CA LYS K 224 54.84 23.05 -79.32
C LYS K 224 55.69 22.81 -78.07
N GLN K 225 56.88 23.43 -78.04
CA GLN K 225 57.75 23.34 -76.87
C GLN K 225 57.13 24.09 -75.71
N ARG K 226 56.47 25.21 -76.02
CA ARG K 226 55.83 26.01 -75.00
C ARG K 226 54.60 25.29 -74.46
N LYS K 227 53.77 24.74 -75.35
CA LYS K 227 52.58 24.00 -74.93
C LYS K 227 52.96 22.78 -74.10
N LYS K 228 54.01 22.08 -74.51
CA LYS K 228 54.49 20.93 -73.75
C LYS K 228 54.95 21.32 -72.35
N GLN K 229 55.72 22.41 -72.26
CA GLN K 229 56.16 22.90 -70.94
C GLN K 229 54.97 23.35 -70.09
N ILE K 230 53.95 23.96 -70.73
CA ILE K 230 52.75 24.36 -70.01
C ILE K 230 52.04 23.16 -69.41
N HIS K 231 51.81 22.13 -70.23
CA HIS K 231 51.17 20.91 -69.73
C HIS K 231 52.02 20.22 -68.68
N GLU K 232 53.35 20.38 -68.78
CA GLU K 232 54.27 19.81 -67.80
C GLU K 232 54.08 20.48 -66.44
N TYR K 233 53.99 21.80 -66.45
CA TYR K 233 53.83 22.52 -65.20
C TYR K 233 52.42 22.31 -64.65
N GLU K 234 51.43 22.17 -65.54
CA GLU K 234 50.07 21.86 -65.14
C GLU K 234 50.03 20.50 -64.46
N GLY K 235 50.78 19.54 -65.01
CA GLY K 235 50.88 18.22 -64.41
C GLY K 235 51.51 18.28 -63.04
N VAL K 236 52.50 19.16 -62.88
CA VAL K 236 53.13 19.33 -61.57
C VAL K 236 52.11 19.91 -60.60
N LEU K 237 51.45 20.98 -61.02
CA LEU K 237 50.43 21.66 -60.24
C LEU K 237 49.22 20.77 -59.93
N GLU K 238 48.99 19.72 -60.72
CA GLU K 238 47.86 18.84 -60.47
C GLU K 238 48.04 18.14 -59.12
N GLU K 239 49.30 17.83 -58.78
CA GLU K 239 49.62 17.25 -57.49
C GLU K 239 49.25 18.23 -56.40
N TYR K 240 49.68 19.47 -56.57
CA TYR K 240 49.35 20.53 -55.64
C TYR K 240 47.84 20.75 -55.67
N TYR K 241 47.30 21.14 -54.52
CA TYR K 241 45.89 21.43 -54.23
C TYR K 241 45.02 20.17 -54.28
N SER K 242 45.51 19.05 -54.85
CA SER K 242 44.79 17.79 -54.82
C SER K 242 45.66 16.83 -54.00
N GLN K 243 45.33 16.72 -52.72
CA GLN K 243 46.00 15.96 -51.66
C GLN K 243 45.21 16.29 -50.40
N GLY K 244 45.34 15.45 -49.38
CA GLY K 244 44.62 15.67 -48.13
C GLY K 244 45.04 16.88 -47.31
N THR K 245 44.06 17.72 -46.96
CA THR K 245 44.25 18.93 -46.15
C THR K 245 44.36 18.63 -44.65
N THR K 246 45.45 19.11 -44.01
CA THR K 246 45.71 18.91 -42.58
C THR K 246 46.37 20.14 -42.00
N VAL K 247 46.15 20.38 -40.71
CA VAL K 247 46.76 21.52 -40.04
C VAL K 247 48.25 21.27 -39.86
N VAL K 248 49.04 22.31 -40.09
CA VAL K 248 50.49 22.25 -39.94
C VAL K 248 50.88 22.51 -38.49
N ASN K 249 50.62 23.72 -37.98
CA ASN K 249 51.00 24.08 -36.62
C ASN K 249 49.94 24.95 -35.93
N SER K 250 50.04 24.99 -34.60
CA SER K 250 49.14 25.78 -33.74
C SER K 250 49.23 27.26 -34.04
N ILE K 251 48.10 27.89 -34.39
CA ILE K 251 48.10 29.33 -34.70
C ILE K 251 48.45 30.16 -33.48
N SER K 252 48.00 29.70 -32.31
CA SER K 252 48.19 30.39 -31.04
C SER K 252 49.64 30.69 -30.73
N ALA K 253 50.55 29.82 -31.17
CA ALA K 253 51.98 30.04 -30.94
C ALA K 253 52.45 31.33 -31.59
N GLN K 254 52.23 31.45 -32.90
CA GLN K 254 52.63 32.65 -33.62
C GLN K 254 51.86 33.88 -33.17
N ILE K 255 50.58 33.72 -32.87
CA ILE K 255 49.79 34.85 -32.42
C ILE K 255 50.28 35.34 -31.07
N TYR K 256 50.65 34.41 -30.19
CA TYR K 256 51.18 34.80 -28.91
C TYR K 256 52.54 35.44 -29.05
N SER K 257 53.37 34.91 -29.95
CA SER K 257 54.68 35.50 -30.23
C SER K 257 54.53 36.92 -30.74
N LEU K 258 53.56 37.10 -31.63
CA LEU K 258 53.23 38.40 -32.19
C LEU K 258 52.75 39.36 -31.12
N LEU K 259 51.85 38.89 -30.26
CA LEU K 259 51.33 39.70 -29.17
C LEU K 259 52.43 40.05 -28.17
N SER K 260 53.31 39.08 -27.89
CA SER K 260 54.42 39.29 -26.98
C SER K 260 55.45 40.22 -27.60
N ALA K 261 55.50 40.26 -28.92
CA ALA K 261 56.39 41.20 -29.62
C ALA K 261 55.97 42.61 -29.25
N ILE K 262 54.65 42.84 -29.19
CA ILE K 262 54.11 44.12 -28.78
C ILE K 262 54.28 44.32 -27.27
N GLY K 263 54.69 43.27 -26.55
CA GLY K 263 54.97 43.35 -25.14
C GLY K 263 53.91 42.81 -24.20
N GLU K 264 52.66 42.64 -24.65
CA GLU K 264 51.62 42.11 -23.75
C GLU K 264 51.88 40.67 -23.36
N THR K 265 51.82 40.39 -22.06
CA THR K 265 51.90 39.03 -21.52
C THR K 265 50.78 39.00 -20.50
N ASN K 266 49.76 38.23 -20.79
CA ASN K 266 48.63 38.10 -19.90
C ASN K 266 48.61 36.68 -19.39
N LEU K 267 48.55 36.55 -18.07
CA LEU K 267 48.52 35.25 -17.42
C LEU K 267 47.39 34.39 -17.97
N SER K 268 46.21 35.02 -18.11
CA SER K 268 45.04 34.38 -18.69
C SER K 268 45.36 33.89 -20.09
N ASN K 269 45.66 34.84 -20.99
CA ASN K 269 46.00 34.58 -22.37
C ASN K 269 47.09 33.53 -22.56
N LEU K 270 48.16 33.56 -21.74
CA LEU K 270 49.21 32.56 -21.85
C LEU K 270 48.69 31.17 -21.58
N TRP K 271 47.93 31.03 -20.49
CA TRP K 271 47.33 29.74 -20.18
C TRP K 271 46.42 29.27 -21.31
N LEU K 272 45.65 30.20 -21.90
CA LEU K 272 44.78 29.87 -23.02
C LEU K 272 45.59 29.39 -24.24
N ASN K 273 46.76 30.00 -24.47
CA ASN K 273 47.65 29.56 -25.56
C ASN K 273 48.03 28.12 -25.36
N ILE K 274 48.42 27.81 -24.13
CA ILE K 274 48.72 26.46 -23.72
C ILE K 274 47.51 25.53 -23.95
N LEU K 275 46.30 26.03 -23.65
CA LEU K 275 45.07 25.26 -23.84
C LEU K 275 44.88 24.86 -25.31
N GLY K 276 44.98 25.86 -26.19
CA GLY K 276 44.84 25.60 -27.61
C GLY K 276 45.86 24.60 -28.14
N THR K 277 47.12 24.75 -27.72
CA THR K 277 48.16 23.80 -28.13
C THR K 277 47.84 22.39 -27.65
N THR K 278 47.33 22.27 -26.41
CA THR K 278 46.98 20.96 -25.89
C THR K 278 45.80 20.35 -26.63
N SER K 279 44.90 21.19 -27.12
CA SER K 279 43.70 20.75 -27.82
C SER K 279 43.99 19.83 -29.00
N LEU K 280 44.99 20.16 -29.81
CA LEU K 280 45.27 19.36 -30.99
C LEU K 280 46.22 18.20 -30.80
N ASP K 281 46.70 17.95 -29.57
CA ASP K 281 47.67 16.90 -29.25
C ASP K 281 47.31 15.52 -29.77
N ILE K 282 46.02 15.26 -30.06
CA ILE K 282 45.58 14.00 -30.66
C ILE K 282 46.32 13.81 -31.97
N ALA K 283 46.62 14.88 -32.65
CA ALA K 283 47.48 14.86 -33.82
C ALA K 283 48.72 15.35 -33.09
N TYR K 284 49.63 14.43 -32.85
CA TYR K 284 50.85 14.52 -32.07
C TYR K 284 51.39 15.84 -31.53
N ALA K 285 52.47 16.37 -32.06
CA ALA K 285 52.88 17.64 -31.53
C ALA K 285 53.00 18.62 -32.71
N GLN K 286 53.85 18.44 -33.74
CA GLN K 286 55.03 17.59 -33.87
C GLN K 286 56.12 18.56 -33.47
N VAL K 287 55.98 19.78 -34.02
CA VAL K 287 56.87 20.90 -33.74
C VAL K 287 56.71 21.30 -32.28
N TYR K 288 55.52 21.05 -31.73
CA TYR K 288 55.15 21.34 -30.34
C TYR K 288 56.18 20.78 -29.35
N ASN K 289 56.83 19.66 -29.71
CA ASN K 289 57.90 19.11 -28.90
C ASN K 289 59.02 20.12 -28.71
N ARG K 290 59.33 20.90 -29.74
CA ARG K 290 60.35 21.92 -29.57
C ARG K 290 59.74 23.24 -29.17
N LEU K 291 58.41 23.31 -29.17
CA LEU K 291 57.70 24.51 -28.74
C LEU K 291 57.49 24.52 -27.24
N TYR K 292 57.77 23.38 -26.60
CA TYR K 292 57.72 23.30 -25.13
C TYR K 292 58.61 24.37 -24.49
N PRO K 293 59.93 24.48 -24.81
CA PRO K 293 60.73 25.55 -24.18
C PRO K 293 60.16 26.94 -24.40
N LEU K 294 59.59 27.18 -25.57
CA LEU K 294 58.96 28.47 -25.87
C LEU K 294 57.87 28.82 -24.86
N LEU K 295 57.09 27.83 -24.42
CA LEU K 295 56.07 28.11 -23.41
C LEU K 295 56.73 28.21 -22.04
N GLN K 296 57.74 27.37 -21.82
CA GLN K 296 58.51 27.36 -20.58
C GLN K 296 59.19 28.69 -20.33
N ASP K 297 59.64 29.35 -21.39
CA ASP K 297 60.26 30.66 -21.29
C ASP K 297 59.28 31.65 -20.71
N GLU K 298 58.02 31.56 -21.15
CA GLU K 298 56.97 32.41 -20.65
C GLU K 298 56.72 32.12 -19.19
N VAL K 299 56.78 30.83 -18.83
CA VAL K 299 56.64 30.44 -17.43
C VAL K 299 57.78 31.03 -16.60
N LYS K 300 58.94 31.26 -17.22
CA LYS K 300 60.03 31.90 -16.50
C LYS K 300 59.92 33.42 -16.45
N ARG K 301 59.42 34.03 -17.54
CA ARG K 301 59.25 35.48 -17.65
C ARG K 301 58.20 36.05 -16.71
N LEU K 302 57.32 35.22 -16.19
CA LEU K 302 56.29 35.64 -15.27
C LEU K 302 56.45 34.72 -14.08
N THR K 303 56.67 35.30 -12.91
CA THR K 303 56.91 34.51 -11.71
C THR K 303 55.96 35.02 -10.64
N PRO K 304 54.81 34.34 -10.47
CA PRO K 304 53.79 34.74 -9.48
C PRO K 304 54.35 35.00 -8.09
N SER K 305 55.30 34.18 -7.65
CA SER K 305 55.96 34.44 -6.39
C SER K 305 57.30 33.73 -6.39
N SER K 306 58.26 34.31 -5.67
CA SER K 306 59.57 33.69 -5.53
C SER K 306 59.52 32.56 -4.53
N ARG K 307 58.72 32.77 -3.49
CA ARG K 307 58.47 31.90 -2.35
C ARG K 307 57.10 32.30 -1.85
N ASN K 308 56.46 31.43 -1.08
CA ASN K 308 55.16 31.77 -0.55
C ASN K 308 55.32 32.90 0.46
N SER K 309 54.46 33.95 0.43
CA SER K 309 53.29 34.34 -0.41
C SER K 309 52.21 33.31 -0.31
N VAL K 310 52.06 32.83 0.90
CA VAL K 310 51.04 31.86 1.21
C VAL K 310 49.74 32.61 1.44
N LYS K 311 48.63 32.16 0.85
CA LYS K 311 48.55 31.01 -0.06
C LYS K 311 49.08 31.23 -1.50
N THR K 312 48.79 32.29 -2.25
CA THR K 312 47.94 33.46 -1.98
C THR K 312 46.52 33.11 -2.29
N PRO K 313 45.58 33.86 -1.70
CA PRO K 313 44.17 33.66 -2.04
C PRO K 313 43.85 33.77 -3.52
N ASP K 314 44.66 34.50 -4.30
CA ASP K 314 44.46 34.62 -5.74
C ASP K 314 45.72 34.15 -6.44
N THR K 315 45.56 33.15 -7.31
CA THR K 315 46.63 32.49 -8.10
C THR K 315 47.84 32.06 -7.27
N LEU K 318 50.03 29.16 -12.68
CA LEU K 318 50.24 27.88 -13.34
C LEU K 318 51.53 27.25 -12.87
N ASN K 319 51.65 25.93 -13.06
CA ASN K 319 52.90 25.28 -12.71
C ASN K 319 53.08 24.00 -13.53
N ILE K 320 54.33 23.61 -13.75
CA ILE K 320 54.63 22.38 -14.48
C ILE K 320 54.46 21.18 -13.54
N GLN K 321 53.95 20.06 -14.05
CA GLN K 321 53.80 18.86 -13.22
C GLN K 321 54.05 17.59 -14.04
N PRO K 322 54.41 16.47 -13.37
CA PRO K 322 54.59 15.22 -14.13
C PRO K 322 53.28 14.54 -14.54
N ASP K 323 52.67 15.07 -15.61
CA ASP K 323 51.40 14.59 -16.16
C ASP K 323 51.51 13.22 -16.83
N TYR K 324 50.34 12.57 -16.96
CA TYR K 324 50.19 11.25 -17.55
C TYR K 324 49.06 11.29 -18.56
N TYR K 325 49.15 10.43 -19.58
CA TYR K 325 48.12 10.34 -20.61
C TYR K 325 46.78 9.81 -20.13
N LEU K 326 46.72 9.28 -18.92
CA LEU K 326 45.49 8.78 -18.36
C LEU K 326 44.40 9.86 -18.34
N PHE K 327 43.18 9.42 -18.61
CA PHE K 327 42.01 10.25 -18.79
C PHE K 327 41.10 10.35 -17.57
N LEU K 328 40.52 11.55 -17.38
CA LEU K 328 39.62 11.93 -16.25
C LEU K 328 40.30 11.69 -14.92
N LEU K 329 41.58 12.05 -14.86
CA LEU K 329 42.44 11.84 -13.71
C LEU K 329 41.90 12.48 -12.43
N ARG K 330 41.79 13.80 -12.41
CA ARG K 330 41.42 14.48 -11.18
C ARG K 330 39.98 14.32 -10.71
N HIS K 331 38.99 14.16 -11.56
CA HIS K 331 37.64 14.05 -11.00
C HIS K 331 37.12 12.64 -10.87
N SER K 332 37.94 11.62 -11.10
CA SER K 332 37.40 10.27 -11.02
C SER K 332 38.42 9.27 -10.49
N SER K 333 37.88 8.10 -10.10
CA SER K 333 38.65 6.97 -9.58
C SER K 333 39.66 6.44 -10.58
N LEU K 334 40.88 6.14 -10.09
CA LEU K 334 41.99 5.64 -10.92
C LEU K 334 41.56 4.37 -11.67
N TYR K 335 40.70 3.59 -11.02
CA TYR K 335 40.06 2.42 -11.58
C TYR K 335 39.30 2.79 -12.85
N ASP K 336 38.31 3.68 -12.73
CA ASP K 336 37.54 4.11 -13.90
C ASP K 336 38.42 4.80 -14.92
N SER K 337 39.48 5.46 -14.46
CA SER K 337 40.40 6.14 -15.36
C SER K 337 41.03 5.16 -16.32
N PHE K 338 41.54 4.05 -15.81
CA PHE K 338 42.05 3.04 -16.73
C PHE K 338 40.92 2.36 -17.48
N TYR K 339 39.81 2.06 -16.78
CA TYR K 339 38.66 1.40 -17.36
C TYR K 339 38.17 2.09 -18.62
N TYR K 340 38.12 3.40 -18.58
CA TYR K 340 37.70 4.17 -19.72
C TYR K 340 38.87 4.69 -20.54
N SER K 341 40.11 4.35 -20.15
CA SER K 341 41.26 4.86 -20.89
C SER K 341 41.38 4.31 -22.28
N ASN K 342 41.51 5.24 -23.23
CA ASN K 342 41.61 4.85 -24.62
C ASN K 342 42.98 4.25 -24.90
N TYR K 343 44.05 4.90 -24.41
CA TYR K 343 45.41 4.38 -24.62
C TYR K 343 45.61 3.02 -23.98
N VAL K 344 45.11 2.83 -22.76
CA VAL K 344 45.25 1.56 -22.08
C VAL K 344 44.42 0.46 -22.72
N ASN K 345 43.34 0.84 -23.41
CA ASN K 345 42.34 -0.05 -23.98
C ASN K 345 42.84 -1.20 -24.83
N ALA K 346 43.46 -0.92 -25.96
CA ALA K 346 43.87 -2.01 -26.83
C ALA K 346 45.02 -2.82 -26.25
N LYS K 347 46.00 -2.15 -25.65
CA LYS K 347 47.13 -2.84 -25.04
C LYS K 347 46.69 -3.82 -23.97
N LEU K 348 45.71 -3.45 -23.17
CA LEU K 348 45.25 -4.35 -22.13
C LEU K 348 44.04 -5.15 -22.53
N SER K 349 43.46 -4.87 -23.70
CA SER K 349 42.29 -5.54 -24.22
C SER K 349 41.16 -5.56 -23.19
N LEU K 350 40.85 -4.36 -22.72
CA LEU K 350 39.86 -4.19 -21.67
C LEU K 350 38.48 -4.72 -22.03
N TRP K 351 38.10 -4.72 -23.32
CA TRP K 351 36.76 -5.22 -23.66
C TRP K 351 36.66 -6.70 -23.35
N ASN K 352 37.73 -7.44 -23.62
CA ASN K 352 37.81 -8.86 -23.34
C ASN K 352 38.11 -9.10 -21.87
N GLU K 353 37.77 -10.29 -21.43
CA GLU K 353 37.99 -10.66 -20.05
C GLU K 353 39.44 -10.99 -19.69
N ASN K 354 40.29 -11.35 -20.66
CA ASN K 354 41.68 -11.72 -20.39
C ASN K 354 42.45 -10.62 -19.69
N GLY K 355 42.40 -9.42 -20.22
CA GLY K 355 43.12 -8.35 -19.59
C GLY K 355 42.52 -7.83 -18.31
N LYS K 356 41.27 -8.18 -17.98
CA LYS K 356 40.62 -7.73 -16.75
C LYS K 356 41.47 -8.09 -15.54
N LYS K 357 41.77 -9.38 -15.40
CA LYS K 357 42.66 -9.82 -14.34
C LYS K 357 44.04 -9.17 -14.49
N ARG K 358 44.47 -8.89 -15.72
CA ARG K 358 45.76 -8.24 -15.92
C ARG K 358 45.73 -6.82 -15.33
N LEU K 359 44.58 -6.18 -15.41
CA LEU K 359 44.39 -4.84 -14.83
C LEU K 359 44.48 -4.92 -13.31
N HIS K 360 43.73 -5.86 -12.73
CA HIS K 360 43.81 -6.06 -11.28
C HIS K 360 45.23 -6.44 -10.90
N LYS K 361 45.93 -7.15 -11.78
CA LYS K 361 47.32 -7.52 -11.59
C LYS K 361 48.18 -6.29 -11.53
N MET K 362 47.86 -5.28 -12.33
CA MET K 362 48.62 -4.05 -12.24
C MET K 362 48.39 -3.40 -10.89
N PHE K 363 47.14 -3.45 -10.41
CA PHE K 363 46.87 -2.92 -9.06
C PHE K 363 47.51 -3.79 -7.98
N ALA K 364 47.61 -5.09 -8.22
CA ALA K 364 48.27 -5.96 -7.26
C ALA K 364 49.74 -5.62 -7.21
N ARG K 365 50.27 -5.11 -8.30
CA ARG K 365 51.64 -4.66 -8.25
C ARG K 365 51.68 -3.36 -7.50
N MET K 366 50.65 -2.56 -7.68
CA MET K 366 50.58 -1.29 -6.97
C MET K 366 50.27 -1.45 -5.49
N GLY K 367 49.83 -2.63 -5.05
CA GLY K 367 49.48 -2.84 -3.66
C GLY K 367 48.31 -2.00 -3.20
N ILE K 368 47.41 -1.71 -4.12
CA ILE K 368 46.25 -0.89 -3.84
C ILE K 368 45.01 -1.76 -3.65
N PRO K 369 44.30 -1.63 -2.56
CA PRO K 369 43.03 -2.33 -2.35
C PRO K 369 41.99 -1.86 -3.34
N LEU K 370 41.15 -2.79 -3.78
CA LEU K 370 40.08 -2.48 -4.72
C LEU K 370 39.18 -1.36 -4.20
N SER K 371 38.83 -1.42 -2.92
CA SER K 371 38.01 -0.38 -2.30
C SER K 371 38.75 0.96 -2.28
N THR K 372 40.08 0.92 -2.15
CA THR K 372 40.88 2.14 -2.19
C THR K 372 40.82 2.77 -3.58
N ALA K 373 40.80 1.94 -4.62
CA ALA K 373 40.70 2.49 -5.96
C ALA K 373 39.35 3.13 -6.21
N GLN K 374 38.28 2.60 -5.63
CA GLN K 374 36.96 3.23 -5.83
C GLN K 374 36.74 4.58 -5.16
N GLU K 375 37.54 4.98 -4.17
CA GLU K 375 37.35 6.26 -3.49
C GLU K 375 37.69 7.43 -4.43
N THR K 376 37.10 8.60 -4.17
CA THR K 376 37.36 9.81 -4.95
C THR K 376 38.80 10.26 -4.70
N TRP K 377 39.43 10.90 -5.71
CA TRP K 377 40.82 11.33 -5.60
C TRP K 377 41.05 12.27 -4.43
N LEU K 378 40.05 13.06 -4.08
CA LEU K 378 40.17 13.96 -2.96
C LEU K 378 40.38 13.26 -1.62
N TYR K 379 39.69 12.15 -1.36
CA TYR K 379 39.80 11.62 0.00
C TYR K 379 40.87 10.54 0.17
N MET K 380 41.55 10.12 -0.89
CA MET K 380 42.64 9.15 -0.81
C MET K 380 43.79 9.66 0.07
N ASP K 381 44.43 8.76 0.83
CA ASP K 381 45.54 9.09 1.72
C ASP K 381 46.73 9.77 1.04
N HIS K 382 47.36 10.67 1.80
CA HIS K 382 48.53 11.44 1.37
C HIS K 382 49.71 10.57 0.97
N SER K 383 49.88 9.43 1.65
CA SER K 383 50.95 8.50 1.31
C SER K 383 50.76 7.98 -0.10
N ILE K 384 49.53 7.54 -0.39
CA ILE K 384 49.14 7.06 -1.70
C ILE K 384 49.34 8.14 -2.74
N LYS K 385 49.24 9.40 -2.33
CA LYS K 385 49.42 10.49 -3.28
C LYS K 385 50.88 10.62 -3.63
N ARG K 386 51.71 10.93 -2.63
CA ARG K 386 53.14 11.14 -2.84
C ARG K 386 53.83 9.95 -3.46
N GLU K 387 53.41 8.76 -3.13
CA GLU K 387 54.08 7.60 -3.67
C GLU K 387 53.55 7.14 -5.01
N LEU K 388 52.50 7.78 -5.54
CA LEU K 388 51.88 7.38 -6.80
C LEU K 388 52.87 7.27 -7.97
N GLY K 389 53.67 8.31 -8.19
CA GLY K 389 54.61 8.25 -9.30
C GLY K 389 55.72 7.22 -9.15
N ILE K 390 56.20 7.01 -7.92
CA ILE K 390 57.23 6.00 -7.71
C ILE K 390 56.66 4.62 -7.97
N ILE K 391 55.44 4.38 -7.47
CA ILE K 391 54.71 3.15 -7.71
C ILE K 391 54.47 2.93 -9.19
N PHE K 392 54.15 3.99 -9.93
CA PHE K 392 53.94 3.88 -11.36
C PHE K 392 55.24 3.46 -12.04
N ASP K 393 56.34 4.08 -11.62
CA ASP K 393 57.67 3.77 -12.12
C ASP K 393 58.09 2.34 -11.79
N LYS K 394 57.61 1.83 -10.67
CA LYS K 394 57.95 0.51 -10.20
C LYS K 394 56.98 -0.59 -10.66
N ASN K 395 55.87 -0.23 -11.29
CA ASN K 395 54.91 -1.26 -11.71
C ASN K 395 54.53 -1.28 -13.19
N LEU K 396 53.99 -0.15 -13.68
CA LEU K 396 53.46 -0.04 -15.06
C LEU K 396 54.42 -0.47 -16.17
N ASP K 397 55.74 -0.39 -15.94
CA ASP K 397 56.75 -0.77 -16.93
C ASP K 397 56.59 -2.22 -17.38
N ARG K 398 56.06 -3.07 -16.49
CA ARG K 398 55.82 -4.47 -16.79
C ARG K 398 54.94 -4.65 -18.02
N TYR K 399 54.02 -3.72 -18.25
CA TYR K 399 53.13 -3.85 -19.38
C TYR K 399 53.60 -3.00 -20.57
N GLY K 400 54.80 -2.44 -20.50
CA GLY K 400 55.35 -1.61 -21.57
C GLY K 400 54.94 -0.16 -21.58
N LEU K 401 54.35 0.33 -20.50
CA LEU K 401 53.87 1.67 -20.28
C LEU K 401 54.95 2.66 -19.85
N GLN K 402 56.23 2.28 -19.96
CA GLN K 402 57.35 3.12 -19.52
C GLN K 402 57.38 4.55 -20.06
N ASP K 403 56.94 4.79 -21.27
CA ASP K 403 56.91 6.15 -21.77
C ASP K 403 55.51 6.73 -21.59
N ILE K 404 55.28 7.34 -20.43
CA ILE K 404 53.99 7.97 -20.14
C ILE K 404 54.18 9.33 -19.46
N ILE K 405 54.92 9.34 -18.33
CA ILE K 405 55.16 10.54 -17.52
C ILE K 405 55.70 11.72 -18.33
N ARG K 406 54.98 12.84 -18.32
CA ARG K 406 55.34 14.04 -19.06
C ARG K 406 55.23 15.26 -18.17
N ASP K 407 56.02 16.28 -18.50
CA ASP K 407 56.13 17.51 -17.73
C ASP K 407 55.08 18.56 -18.04
N GLY K 408 53.95 18.17 -18.65
CA GLY K 408 52.85 19.06 -19.02
C GLY K 408 52.39 20.05 -17.96
N PHE K 409 51.90 21.19 -18.43
CA PHE K 409 51.57 22.31 -17.56
C PHE K 409 50.29 22.11 -16.79
N VAL K 410 50.23 22.74 -15.61
CA VAL K 410 49.09 22.69 -14.70
C VAL K 410 48.81 24.07 -14.15
N ARG K 411 47.60 24.56 -14.38
CA ARG K 411 47.13 25.85 -13.93
C ARG K 411 46.89 25.94 -12.44
N THR K 412 47.24 27.08 -11.85
CA THR K 412 46.97 27.29 -10.43
C THR K 412 46.02 28.48 -10.28
N LEU K 413 44.76 28.18 -9.98
CA LEU K 413 43.70 29.14 -9.71
C LEU K 413 43.49 29.26 -8.21
N GLY K 414 44.38 28.63 -7.47
CA GLY K 414 44.46 28.52 -6.03
C GLY K 414 43.40 27.70 -5.32
N TYR K 415 42.58 28.35 -4.51
CA TYR K 415 41.53 27.73 -3.71
C TYR K 415 40.58 26.69 -4.29
N ARG K 416 40.23 26.70 -5.56
CA ARG K 416 39.33 25.65 -6.04
C ARG K 416 40.04 24.45 -6.64
N GLY K 417 41.35 24.43 -6.67
CA GLY K 417 42.16 23.32 -7.14
C GLY K 417 42.62 23.44 -8.58
N SER K 418 43.78 22.84 -8.84
CA SER K 418 44.45 22.79 -10.12
C SER K 418 43.91 21.71 -11.05
N ILE K 419 44.02 21.95 -12.37
CA ILE K 419 43.58 21.01 -13.39
C ILE K 419 44.54 21.12 -14.57
N SER K 420 44.93 19.98 -15.14
CA SER K 420 45.75 19.98 -16.35
C SER K 420 44.89 20.42 -17.50
N ALA K 421 45.49 21.23 -18.39
CA ALA K 421 44.78 21.79 -19.54
C ALA K 421 44.03 20.77 -20.37
N SER K 422 44.59 19.57 -20.50
CA SER K 422 43.98 18.48 -21.25
C SER K 422 42.58 18.14 -20.76
N GLU K 423 42.42 18.00 -19.44
CA GLU K 423 41.13 17.61 -18.88
C GLU K 423 40.06 18.67 -19.10
N PHE K 424 40.42 19.92 -18.91
CA PHE K 424 39.48 21.03 -19.14
C PHE K 424 39.08 21.06 -20.60
N VAL K 425 40.03 20.72 -21.48
CA VAL K 425 39.75 20.69 -22.91
C VAL K 425 38.70 19.62 -23.20
N GLU K 426 38.92 18.41 -22.68
CA GLU K 426 37.95 17.33 -22.89
C GLU K 426 36.57 17.69 -22.36
N ALA K 427 36.51 18.34 -21.20
CA ALA K 427 35.23 18.74 -20.64
C ALA K 427 34.55 19.80 -21.50
N LEU K 428 35.29 20.82 -21.95
CA LEU K 428 34.69 21.86 -22.79
C LEU K 428 34.22 21.33 -24.13
N THR K 429 34.98 20.41 -24.74
CA THR K 429 34.53 19.85 -26.00
C THR K 429 33.31 18.98 -25.77
N ALA K 430 33.25 18.36 -24.60
CA ALA K 430 32.07 17.56 -24.29
C ALA K 430 30.90 18.49 -24.09
N LEU K 431 31.18 19.67 -23.55
CA LEU K 431 30.16 20.68 -23.39
C LEU K 431 29.70 21.12 -24.75
N LEU K 432 30.58 21.04 -25.74
CA LEU K 432 30.19 21.40 -27.10
C LEU K 432 29.21 20.36 -27.62
N GLU K 433 29.43 19.09 -27.32
CA GLU K 433 28.55 18.09 -27.91
C GLU K 433 27.30 17.75 -27.12
N VAL K 434 27.13 18.23 -25.91
CA VAL K 434 25.93 17.89 -25.14
C VAL K 434 25.78 19.00 -24.13
N GLY K 435 24.72 19.02 -23.34
CA GLY K 435 24.56 20.13 -22.44
C GLY K 435 23.78 21.25 -23.06
N ASN K 436 23.23 21.02 -24.23
CA ASN K 436 22.43 21.94 -25.01
C ASN K 436 21.26 22.55 -24.28
N SER K 462 10.83 18.25 -44.12
CA SER K 462 11.96 17.56 -44.74
C SER K 462 13.29 18.05 -44.16
N ALA K 463 14.00 18.86 -44.94
CA ALA K 463 15.28 19.42 -44.54
C ALA K 463 15.16 20.43 -43.40
N GLN K 464 13.95 20.91 -43.09
CA GLN K 464 13.83 21.90 -42.02
C GLN K 464 14.20 21.35 -40.65
N LYS K 465 13.97 20.07 -40.42
CA LYS K 465 14.35 19.51 -39.13
C LYS K 465 15.86 19.39 -39.02
N LEU K 466 16.52 18.96 -40.11
CA LEU K 466 17.98 18.83 -40.06
C LEU K 466 18.62 20.19 -39.89
N THR K 467 18.15 21.20 -40.62
CA THR K 467 18.66 22.55 -40.45
C THR K 467 18.35 23.09 -39.06
N ASN K 468 17.20 22.70 -38.50
CA ASN K 468 16.80 23.12 -37.15
C ASN K 468 17.76 22.54 -36.13
N LEU K 469 18.19 21.32 -36.38
CA LEU K 469 19.13 20.67 -35.49
C LEU K 469 20.51 21.30 -35.64
N ARG K 470 20.87 21.66 -36.89
CA ARG K 470 22.13 22.37 -37.15
C ARG K 470 22.13 23.70 -36.41
N LYS K 471 20.96 24.34 -36.38
CA LYS K 471 20.78 25.59 -35.66
C LYS K 471 20.99 25.35 -34.17
N ARG K 472 20.50 24.21 -33.67
CA ARG K 472 20.70 23.87 -32.28
C ARG K 472 22.18 23.62 -31.96
N TRP K 473 22.94 23.03 -32.92
CA TRP K 473 24.39 22.86 -32.73
C TRP K 473 25.09 24.22 -32.59
N VAL K 474 24.65 25.19 -33.39
CA VAL K 474 25.25 26.51 -33.28
C VAL K 474 24.79 27.16 -31.97
N SER K 475 23.56 26.87 -31.54
CA SER K 475 23.03 27.35 -30.26
C SER K 475 23.88 26.87 -29.10
N ASN K 476 24.38 25.64 -29.19
CA ASN K 476 25.22 25.10 -28.13
C ASN K 476 26.61 25.74 -28.14
N PHE K 477 27.02 26.33 -29.28
CA PHE K 477 28.34 26.98 -29.30
C PHE K 477 28.41 28.15 -28.31
N TRP K 478 27.39 29.04 -28.27
CA TRP K 478 27.48 30.18 -27.35
C TRP K 478 27.55 29.75 -25.89
N LEU K 479 26.92 28.63 -25.53
CA LEU K 479 27.05 28.11 -24.18
C LEU K 479 28.51 27.78 -23.93
N SER K 480 29.21 27.30 -24.97
CA SER K 480 30.64 27.04 -24.81
C SER K 480 31.49 28.32 -24.75
N TRP K 481 31.16 29.30 -25.58
CA TRP K 481 31.91 30.56 -25.61
C TRP K 481 31.78 31.25 -24.25
N ASP K 482 30.60 31.15 -23.67
CA ASP K 482 30.33 31.64 -22.33
C ASP K 482 31.07 30.80 -21.31
N ALA K 483 31.19 29.51 -21.58
CA ALA K 483 31.89 28.60 -20.71
C ALA K 483 33.38 28.83 -20.64
N LEU K 484 33.96 29.59 -21.55
CA LEU K 484 35.40 29.77 -21.46
C LEU K 484 35.91 30.54 -20.22
N ASP K 485 35.07 31.34 -19.53
CA ASP K 485 35.49 32.06 -18.32
C ASP K 485 35.80 31.16 -17.14
N ASP K 486 36.70 31.63 -16.29
CA ASP K 486 37.14 30.87 -15.13
C ASP K 486 36.12 30.89 -14.00
N ARG K 487 35.51 32.05 -13.75
CA ARG K 487 34.56 32.28 -12.67
C ARG K 487 33.19 31.63 -12.78
N LYS K 488 32.79 31.13 -13.93
CA LYS K 488 31.43 30.66 -14.13
C LYS K 488 31.22 29.17 -13.88
N VAL K 489 32.04 28.57 -13.05
CA VAL K 489 32.17 27.16 -12.70
C VAL K 489 30.88 26.32 -12.66
N GLU K 490 29.76 26.95 -12.27
CA GLU K 490 28.46 26.30 -12.16
C GLU K 490 28.08 25.48 -13.39
N LEU K 491 28.16 26.10 -14.55
CA LEU K 491 27.87 25.39 -15.78
C LEU K 491 28.96 24.39 -16.14
N LEU K 492 30.23 24.75 -15.85
CA LEU K 492 31.36 23.91 -16.21
C LEU K 492 31.31 22.54 -15.58
N ASN K 493 30.90 22.44 -14.30
CA ASN K 493 30.85 21.13 -13.67
C ASN K 493 29.86 20.17 -14.33
N ARG K 494 28.76 20.71 -14.89
CA ARG K 494 27.80 19.85 -15.58
C ARG K 494 28.47 19.18 -16.77
N GLY K 495 29.12 19.96 -17.64
CA GLY K 495 29.84 19.40 -18.76
C GLY K 495 30.96 18.46 -18.34
N ILE K 496 31.64 18.78 -17.24
CA ILE K 496 32.70 17.91 -16.72
C ILE K 496 32.15 16.54 -16.41
N GLN K 497 30.99 16.48 -15.79
CA GLN K 497 30.46 15.17 -15.49
C GLN K 497 29.85 14.49 -16.73
N LEU K 498 29.18 15.25 -17.60
CA LEU K 498 28.62 14.66 -18.82
C LEU K 498 29.68 14.02 -19.72
N ALA K 499 30.93 14.53 -19.66
CA ALA K 499 32.04 13.92 -20.38
C ALA K 499 32.20 12.46 -19.96
N GLN K 500 32.03 12.19 -18.67
CA GLN K 500 32.06 10.82 -18.20
C GLN K 500 30.92 10.04 -18.77
N ASP K 501 29.74 10.69 -18.92
CA ASP K 501 28.58 9.93 -19.44
C ASP K 501 28.82 9.50 -20.88
N LEU K 502 29.41 10.38 -21.67
CA LEU K 502 29.79 10.03 -23.04
C LEU K 502 30.79 8.90 -23.07
N GLN K 503 31.96 9.07 -22.41
CA GLN K 503 33.00 8.05 -22.42
C GLN K 503 32.46 6.68 -21.99
N ARG K 504 31.47 6.66 -21.09
CA ARG K 504 30.82 5.42 -20.72
C ARG K 504 30.11 4.80 -21.91
N ALA K 505 29.36 5.63 -22.66
CA ALA K 505 28.63 5.07 -23.79
C ALA K 505 29.55 4.66 -24.92
N ILE K 506 30.65 5.40 -25.08
CA ILE K 506 31.65 5.10 -26.10
C ILE K 506 32.20 3.70 -25.89
N PHE K 507 32.81 3.49 -24.73
CA PHE K 507 33.41 2.20 -24.41
C PHE K 507 32.38 1.06 -24.39
N ASN K 508 31.10 1.37 -24.10
CA ASN K 508 30.08 0.33 -24.09
C ASN K 508 29.78 -0.14 -25.51
N THR K 509 29.34 0.78 -26.37
CA THR K 509 29.05 0.45 -27.77
C THR K 509 30.29 -0.18 -28.42
N GLY K 510 31.48 0.29 -28.02
CA GLY K 510 32.72 -0.28 -28.50
C GLY K 510 32.81 -1.78 -28.26
N VAL K 511 32.46 -2.23 -27.04
CA VAL K 511 32.49 -3.67 -26.74
C VAL K 511 31.48 -4.41 -27.61
N ALA K 512 30.31 -3.79 -27.83
CA ALA K 512 29.27 -4.37 -28.68
C ALA K 512 29.81 -4.62 -30.10
N ILE K 513 30.54 -3.64 -30.64
CA ILE K 513 31.17 -3.79 -31.96
C ILE K 513 32.24 -4.86 -31.91
N LEU K 514 32.95 -4.97 -30.80
CA LEU K 514 34.00 -5.97 -30.72
C LEU K 514 33.45 -7.40 -30.81
N GLU K 515 32.27 -7.67 -30.22
CA GLU K 515 31.75 -9.04 -30.32
C GLU K 515 31.33 -9.46 -31.73
N LYS K 516 30.65 -8.61 -32.49
CA LYS K 516 30.20 -9.06 -33.80
C LYS K 516 31.27 -9.12 -34.87
N LYS K 517 32.36 -8.39 -34.69
CA LYS K 517 33.49 -8.32 -35.62
C LYS K 517 33.02 -7.99 -37.04
N LEU K 518 32.35 -6.85 -37.16
CA LEU K 518 31.79 -6.45 -38.44
C LEU K 518 32.83 -5.90 -39.39
N ILE K 519 34.07 -5.77 -38.94
CA ILE K 519 35.16 -5.26 -39.76
C ILE K 519 35.40 -6.15 -40.97
N LYS K 520 35.53 -5.55 -42.14
CA LYS K 520 35.87 -6.27 -43.36
C LYS K 520 37.37 -5.96 -43.53
N HIS K 521 38.20 -6.92 -43.15
CA HIS K 521 39.65 -6.77 -43.21
C HIS K 521 40.08 -6.93 -44.67
N LEU K 522 39.92 -5.87 -45.45
CA LEU K 522 40.29 -5.88 -46.86
C LEU K 522 41.69 -5.31 -46.99
N ARG K 523 42.36 -5.62 -48.12
CA ARG K 523 43.72 -5.13 -48.33
C ARG K 523 43.74 -3.63 -48.67
N ILE K 524 42.79 -3.17 -49.48
CA ILE K 524 42.69 -1.78 -49.89
C ILE K 524 42.49 -0.89 -48.67
N TYR K 525 41.40 -1.12 -47.95
CA TYR K 525 41.08 -0.36 -46.75
C TYR K 525 40.06 -1.15 -45.95
N ARG K 526 40.05 -0.94 -44.65
CA ARG K 526 39.01 -1.57 -43.85
C ARG K 526 37.73 -0.79 -43.98
N LEU K 527 36.61 -1.50 -44.01
CA LEU K 527 35.33 -0.85 -44.17
C LEU K 527 34.36 -1.42 -43.13
N CYS K 528 33.57 -0.52 -42.58
CA CYS K 528 32.58 -0.87 -41.58
C CYS K 528 31.42 0.07 -41.72
N VAL K 529 30.32 -0.34 -41.14
CA VAL K 529 29.13 0.48 -41.11
C VAL K 529 28.34 0.04 -39.90
N LEU K 530 27.74 0.98 -39.19
CA LEU K 530 26.89 0.63 -38.08
C LEU K 530 25.52 0.95 -38.62
N GLN K 531 24.79 -0.07 -39.00
CA GLN K 531 23.45 0.19 -39.50
C GLN K 531 22.41 0.22 -38.40
N ASP K 532 22.68 -0.38 -37.23
CA ASP K 532 21.68 -0.37 -36.16
C ASP K 532 22.41 -0.58 -34.83
N GLY K 533 21.82 -0.06 -33.75
CA GLY K 533 22.37 -0.19 -32.41
C GLY K 533 21.66 0.72 -31.42
N PRO K 534 21.81 0.48 -30.11
CA PRO K 534 21.20 1.35 -29.12
C PRO K 534 21.94 2.67 -28.94
N ASP K 535 21.15 3.71 -28.63
CA ASP K 535 21.58 5.10 -28.38
C ASP K 535 22.25 5.74 -29.61
N LEU K 536 21.56 5.66 -30.74
CA LEU K 536 22.06 6.25 -31.98
C LEU K 536 21.94 7.76 -32.05
N ASP K 537 21.14 8.40 -31.20
CA ASP K 537 21.00 9.86 -31.23
C ASP K 537 22.32 10.58 -30.99
N LEU K 538 23.13 10.07 -30.07
CA LEU K 538 24.43 10.67 -29.79
C LEU K 538 25.36 10.64 -30.99
N TYR K 539 25.12 9.74 -31.93
CA TYR K 539 25.95 9.62 -33.11
C TYR K 539 25.70 10.70 -34.16
N ARG K 540 24.71 11.59 -33.96
CA ARG K 540 24.42 12.64 -34.95
C ARG K 540 25.58 13.63 -35.11
N ASN K 541 26.22 13.99 -34.02
CA ASN K 541 27.36 14.88 -34.07
C ASN K 541 28.52 14.23 -34.78
N PRO K 542 29.08 14.89 -35.78
CA PRO K 542 30.28 14.36 -36.45
C PRO K 542 31.42 14.15 -35.48
N LEU K 543 31.59 15.07 -34.52
CA LEU K 543 32.67 14.95 -33.53
C LEU K 543 32.56 13.68 -32.70
N THR K 544 31.33 13.21 -32.47
CA THR K 544 31.11 11.96 -31.75
C THR K 544 31.78 10.85 -32.49
N LEU K 545 31.51 10.80 -33.77
CA LEU K 545 32.12 9.81 -34.62
C LEU K 545 33.59 10.09 -34.88
N LEU K 546 34.04 11.33 -34.72
CA LEU K 546 35.44 11.65 -34.90
C LEU K 546 36.26 10.95 -33.83
N ARG K 547 35.96 11.28 -32.58
CA ARG K 547 36.64 10.59 -31.48
C ARG K 547 36.30 9.12 -31.45
N LEU K 548 35.08 8.73 -31.84
CA LEU K 548 34.68 7.33 -31.85
C LEU K 548 35.56 6.55 -32.79
N GLY K 549 35.70 7.07 -34.01
CA GLY K 549 36.60 6.50 -34.99
C GLY K 549 38.02 6.42 -34.48
N ASN K 550 38.48 7.50 -33.82
CA ASN K 550 39.81 7.51 -33.22
C ASN K 550 39.97 6.41 -32.18
N TRP K 551 38.93 6.21 -31.37
CA TRP K 551 38.88 5.20 -30.32
C TRP K 551 38.91 3.82 -30.91
N LEU K 552 38.42 3.69 -32.13
CA LEU K 552 38.46 2.40 -32.78
C LEU K 552 39.83 2.21 -33.41
N ILE K 553 40.23 3.19 -34.22
CA ILE K 553 41.49 3.19 -34.97
C ILE K 553 42.69 2.84 -34.10
N GLU K 554 42.74 3.36 -32.89
CA GLU K 554 43.86 2.93 -32.08
C GLU K 554 43.62 1.55 -31.49
N CYS K 555 42.35 1.19 -31.30
CA CYS K 555 42.04 -0.12 -30.70
C CYS K 555 42.32 -1.30 -31.63
N CYS K 556 41.76 -1.28 -32.85
CA CYS K 556 41.93 -2.38 -33.79
C CYS K 556 43.37 -2.57 -34.19
N ALA K 557 44.12 -1.48 -34.27
CA ALA K 557 45.52 -1.57 -34.63
C ALA K 557 46.30 -0.74 -33.65
N GLU K 558 47.16 -1.40 -32.88
CA GLU K 558 47.99 -0.70 -31.92
C GLU K 558 49.03 0.19 -32.61
N SER K 559 49.82 -0.29 -33.61
CA SER K 559 49.97 -1.60 -34.31
C SER K 559 50.75 -2.63 -33.48
N GLU K 560 50.59 -3.97 -33.59
CA GLU K 560 49.77 -4.85 -34.46
C GLU K 560 50.08 -4.73 -35.98
N ASP K 561 51.30 -5.13 -36.30
CA ASP K 561 51.80 -5.15 -37.67
C ASP K 561 50.99 -6.15 -38.51
N LYS K 562 50.82 -5.89 -39.81
CA LYS K 562 51.35 -4.79 -40.61
C LYS K 562 50.29 -4.04 -41.41
N GLN K 563 50.73 -2.90 -41.93
CA GLN K 563 49.98 -2.04 -42.85
C GLN K 563 48.67 -1.52 -42.28
N LEU K 564 48.81 -0.49 -41.48
CA LEU K 564 47.71 0.27 -40.89
C LEU K 564 46.73 0.64 -41.99
N LEU K 565 45.43 0.45 -41.75
CA LEU K 565 44.49 0.75 -42.82
C LEU K 565 43.36 1.65 -42.35
N PRO K 566 42.82 2.47 -43.26
CA PRO K 566 41.69 3.35 -42.89
C PRO K 566 40.41 2.60 -42.65
N MET K 567 39.60 3.16 -41.76
CA MET K 567 38.33 2.61 -41.35
C MET K 567 37.19 3.44 -41.95
N VAL K 568 36.10 2.78 -42.27
CA VAL K 568 34.90 3.42 -42.79
C VAL K 568 33.83 3.35 -41.72
N LEU K 569 33.05 4.42 -41.55
CA LEU K 569 31.98 4.44 -40.56
C LEU K 569 30.79 5.29 -40.98
N ALA K 570 29.58 4.83 -40.62
CA ALA K 570 28.34 5.53 -40.92
C ALA K 570 27.19 5.06 -40.03
N SER K 571 26.17 5.93 -39.91
CA SER K 571 24.95 5.65 -39.17
C SER K 571 23.84 6.58 -39.64
N ILE K 572 22.60 6.13 -39.54
CA ILE K 572 21.44 6.94 -39.93
C ILE K 572 20.21 6.43 -39.18
N ASP K 573 19.28 7.36 -38.91
CA ASP K 573 18.02 7.03 -38.24
C ASP K 573 16.82 7.45 -39.08
N GLU K 574 16.73 8.72 -39.44
CA GLU K 574 15.61 9.24 -40.19
C GLU K 574 16.19 10.15 -41.27
N ASN K 575 15.32 10.93 -41.89
CA ASN K 575 15.66 11.87 -42.95
C ASN K 575 16.16 11.17 -44.18
N THR K 576 15.62 9.97 -44.43
CA THR K 576 15.85 9.14 -45.61
C THR K 576 17.31 8.78 -45.82
N ASP K 577 17.84 7.94 -44.93
CA ASP K 577 19.19 7.36 -45.07
C ASP K 577 20.30 8.40 -45.23
N THR K 578 20.45 9.26 -44.20
CA THR K 578 21.48 10.29 -44.27
C THR K 578 22.87 9.70 -44.33
N TYR K 579 23.13 8.71 -43.45
CA TYR K 579 24.35 7.93 -43.32
C TYR K 579 25.62 8.75 -43.43
N LEU K 580 25.87 9.63 -42.47
CA LEU K 580 27.09 10.43 -42.49
C LEU K 580 28.30 9.51 -42.47
N VAL K 581 29.18 9.68 -43.43
CA VAL K 581 30.36 8.85 -43.52
C VAL K 581 31.55 9.77 -43.41
N ALA K 582 32.29 9.66 -42.33
CA ALA K 582 33.43 10.51 -42.12
C ALA K 582 34.72 9.74 -42.33
N GLY K 583 35.69 10.40 -42.97
CA GLY K 583 36.97 9.79 -43.19
C GLY K 583 37.70 9.57 -41.89
N LEU K 584 38.56 8.56 -41.87
CA LEU K 584 39.31 8.20 -40.68
C LEU K 584 40.71 7.80 -41.10
N THR K 585 41.70 8.16 -40.29
CA THR K 585 43.08 7.87 -40.63
C THR K 585 43.82 7.15 -39.50
N PRO K 586 44.74 6.23 -39.83
CA PRO K 586 45.48 5.48 -38.81
C PRO K 586 46.37 6.33 -37.90
N ARG K 587 46.53 5.88 -36.66
CA ARG K 587 47.35 6.56 -35.65
C ARG K 587 48.61 5.75 -35.36
N TYR K 588 49.82 6.35 -35.57
CA TYR K 588 51.04 5.59 -35.23
C TYR K 588 51.38 5.68 -33.74
N PRO K 589 51.82 4.57 -33.12
CA PRO K 589 52.24 4.65 -31.70
C PRO K 589 53.70 5.05 -31.49
N ARG K 590 54.13 6.17 -32.07
CA ARG K 590 55.50 6.71 -31.91
C ARG K 590 56.58 5.72 -32.37
N GLY K 591 56.30 5.01 -33.45
CA GLY K 591 57.23 4.04 -33.98
C GLY K 591 57.02 3.75 -35.46
N THR K 597 55.04 11.69 -36.79
CA THR K 597 55.03 11.85 -38.23
C THR K 597 56.26 11.17 -38.80
N LYS K 598 56.19 9.85 -38.96
CA LYS K 598 57.35 9.17 -39.53
C LYS K 598 57.48 9.58 -40.99
N LYS K 599 56.34 9.73 -41.67
CA LYS K 599 56.24 10.15 -43.06
C LYS K 599 55.11 11.16 -43.23
N PRO K 600 55.22 12.05 -44.23
CA PRO K 600 54.18 13.04 -44.51
C PRO K 600 52.83 12.51 -45.04
N ILE K 601 52.41 11.29 -44.74
CA ILE K 601 51.16 10.67 -45.22
C ILE K 601 49.88 11.50 -45.25
N LEU K 602 49.57 12.21 -44.16
CA LEU K 602 48.43 13.09 -43.93
C LEU K 602 47.02 12.54 -44.21
N ASN K 603 46.51 12.63 -45.45
CA ASN K 603 45.18 12.15 -45.85
C ASN K 603 45.20 11.69 -47.30
N ASN K 604 44.07 11.16 -47.74
CA ASN K 604 43.89 10.69 -49.11
C ASN K 604 42.61 11.18 -49.80
N PHE K 605 41.48 10.97 -49.14
CA PHE K 605 40.12 11.22 -49.61
C PHE K 605 39.60 12.44 -50.36
N SER K 606 40.20 13.62 -50.21
CA SER K 606 39.68 14.81 -50.91
C SER K 606 39.59 14.63 -52.41
N MET K 607 40.63 14.05 -53.01
CA MET K 607 40.64 13.82 -54.44
C MET K 607 39.62 12.77 -54.83
N ALA K 608 39.48 11.72 -54.01
CA ALA K 608 38.52 10.65 -54.30
C ALA K 608 37.08 11.16 -54.21
N PHE K 609 36.82 12.02 -53.22
CA PHE K 609 35.51 12.62 -53.09
C PHE K 609 35.21 13.48 -54.30
N GLN K 610 36.23 14.17 -54.82
CA GLN K 610 36.02 14.98 -55.99
C GLN K 610 35.76 14.12 -57.22
N GLN K 611 36.40 12.96 -57.31
CA GLN K 611 36.17 12.07 -58.45
C GLN K 611 34.79 11.44 -58.43
N ILE K 612 34.34 10.97 -57.27
CA ILE K 612 33.03 10.31 -57.24
C ILE K 612 31.89 11.31 -57.24
N THR K 613 32.09 12.47 -56.62
CA THR K 613 31.06 13.48 -56.65
C THR K 613 30.93 14.09 -58.03
N ALA K 614 31.94 13.93 -58.89
CA ALA K 614 31.87 14.41 -60.26
C ALA K 614 31.07 13.48 -61.15
N GLU K 615 30.72 12.27 -60.67
CA GLU K 615 29.90 11.33 -61.43
C GLU K 615 28.42 11.74 -61.23
N THR K 616 27.47 10.84 -61.52
CA THR K 616 26.02 11.07 -61.47
C THR K 616 25.50 11.73 -60.21
N ASP K 617 26.20 11.59 -59.08
CA ASP K 617 26.00 12.22 -57.76
C ASP K 617 24.56 12.44 -57.33
N ALA K 618 23.69 11.47 -57.58
CA ALA K 618 22.28 11.61 -57.23
C ALA K 618 22.09 11.47 -55.74
N LYS K 619 21.45 12.47 -55.13
CA LYS K 619 21.08 12.63 -53.71
C LYS K 619 22.27 12.94 -52.83
N VAL K 620 23.49 12.98 -53.37
CA VAL K 620 24.68 13.27 -52.59
C VAL K 620 24.64 14.71 -52.10
N ARG K 621 25.04 14.93 -50.84
CA ARG K 621 25.06 16.26 -50.26
C ARG K 621 26.43 16.48 -49.63
N ILE K 622 27.14 17.51 -50.09
CA ILE K 622 28.45 17.89 -49.61
C ILE K 622 28.26 18.97 -48.55
N ASP K 623 27.01 19.15 -48.09
CA ASP K 623 26.62 20.17 -47.09
C ASP K 623 27.52 20.25 -45.86
N ASN K 624 28.19 19.16 -45.48
CA ASN K 624 29.11 19.18 -44.37
C ASN K 624 30.30 20.06 -44.69
N PHE K 625 30.59 20.99 -43.79
CA PHE K 625 31.72 21.90 -43.91
C PHE K 625 33.05 21.17 -44.00
N GLU K 626 33.24 20.10 -43.23
CA GLU K 626 34.48 19.36 -43.29
C GLU K 626 34.42 18.38 -44.45
N SER K 627 35.49 18.40 -45.26
CA SER K 627 35.58 17.54 -46.44
C SER K 627 35.54 16.05 -46.13
N SER K 628 36.02 15.63 -44.96
CA SER K 628 36.05 14.20 -44.65
C SER K 628 34.68 13.54 -44.45
N ILE K 629 33.64 14.27 -44.08
CA ILE K 629 32.32 13.68 -43.84
C ILE K 629 31.34 14.09 -44.94
N ILE K 630 30.52 13.14 -45.38
CA ILE K 630 29.53 13.38 -46.42
C ILE K 630 28.29 12.55 -46.14
N GLU K 631 27.15 13.09 -46.54
CA GLU K 631 25.87 12.43 -46.40
C GLU K 631 25.62 11.68 -47.70
N ILE K 632 25.12 10.45 -47.60
CA ILE K 632 24.87 9.62 -48.76
C ILE K 632 23.76 8.63 -48.48
N ARG K 633 22.99 8.30 -49.52
CA ARG K 633 21.95 7.28 -49.39
C ARG K 633 22.62 5.93 -49.37
N ARG K 634 22.13 5.02 -48.51
CA ARG K 634 22.67 3.67 -48.40
C ARG K 634 22.57 2.91 -49.72
N GLU K 635 21.47 3.17 -50.45
CA GLU K 635 21.19 2.59 -51.74
C GLU K 635 22.30 2.96 -52.70
N ASP K 636 22.71 4.21 -52.63
CA ASP K 636 23.79 4.75 -53.40
C ASP K 636 25.11 4.71 -52.64
N LEU K 637 25.09 4.28 -51.37
CA LEU K 637 26.37 4.20 -50.67
C LEU K 637 27.09 2.96 -51.10
N SER K 638 26.35 1.89 -51.32
CA SER K 638 26.96 0.65 -51.82
C SER K 638 27.77 0.86 -53.11
N PRO K 639 27.23 1.45 -54.19
CA PRO K 639 28.09 1.71 -55.36
C PRO K 639 29.18 2.70 -55.07
N PHE K 640 28.91 3.67 -54.18
CA PHE K 640 29.92 4.61 -53.76
C PHE K 640 31.10 3.85 -53.18
N LEU K 641 30.81 2.79 -52.44
CA LEU K 641 31.85 1.92 -51.91
C LEU K 641 32.55 1.19 -53.04
N GLU K 642 31.76 0.66 -53.98
CA GLU K 642 32.34 -0.06 -55.13
C GLU K 642 33.31 0.82 -55.90
N LYS K 643 32.92 2.06 -56.12
CA LYS K 643 33.77 3.02 -56.80
C LYS K 643 34.92 3.44 -55.91
N LEU K 644 34.74 3.33 -54.61
CA LEU K 644 35.79 3.68 -53.69
C LEU K 644 36.88 2.61 -53.70
N THR K 645 36.47 1.35 -53.68
CA THR K 645 37.41 0.23 -53.74
C THR K 645 38.20 0.27 -55.04
N LEU K 646 37.49 0.47 -56.15
CA LEU K 646 38.15 0.58 -57.42
C LEU K 646 37.44 1.64 -58.25
N SER K 647 38.19 2.56 -58.86
CA SER K 647 39.64 2.58 -58.78
C SER K 647 40.09 3.27 -57.52
N GLY K 648 40.87 2.52 -56.75
CA GLY K 648 41.44 3.05 -55.54
C GLY K 648 42.49 4.06 -55.91
N LEU K 649 42.39 5.25 -55.36
CA LEU K 649 43.39 6.25 -55.68
C LEU K 649 44.69 5.97 -54.94
N LEU K 650 44.63 5.25 -53.82
CA LEU K 650 45.80 4.92 -53.05
C LEU K 650 46.22 3.47 -53.30
N VAL O 10 1.16 52.90 -33.20
CA VAL O 10 2.49 52.48 -33.60
C VAL O 10 3.55 53.31 -32.85
N LYS O 11 4.68 52.69 -32.52
CA LYS O 11 5.75 53.38 -31.81
C LYS O 11 6.98 53.53 -32.69
N ILE O 12 7.56 54.75 -32.70
CA ILE O 12 8.77 55.08 -33.44
C ILE O 12 9.48 56.20 -32.73
N GLN O 13 10.74 56.39 -33.07
CA GLN O 13 11.43 57.51 -32.50
C GLN O 13 11.79 58.35 -33.72
N PRO O 14 11.25 59.55 -33.84
CA PRO O 14 11.61 60.41 -34.97
C PRO O 14 13.06 60.92 -34.92
N PRO O 15 13.68 61.16 -33.73
CA PRO O 15 15.10 61.59 -33.76
C PRO O 15 16.03 60.56 -34.32
N LEU O 16 15.71 59.29 -34.16
CA LEU O 16 16.52 58.23 -34.73
C LEU O 16 16.28 58.18 -36.23
N LEU O 17 15.02 58.36 -36.58
CA LEU O 17 14.55 58.33 -37.94
C LEU O 17 15.20 59.41 -38.79
N ARG O 18 15.37 60.61 -38.24
CA ARG O 18 15.88 61.73 -39.02
C ARG O 18 17.27 61.58 -39.65
N PRO O 19 18.33 61.07 -39.01
CA PRO O 19 19.60 60.93 -39.76
C PRO O 19 19.50 59.91 -40.87
N LEU O 20 18.66 58.89 -40.70
CA LEU O 20 18.45 57.90 -41.75
C LEU O 20 17.81 58.57 -42.94
N ALA O 21 16.81 59.39 -42.67
CA ALA O 21 16.11 60.16 -43.67
C ALA O 21 17.05 61.16 -44.33
N TYR O 22 18.00 61.68 -43.55
CA TYR O 22 18.97 62.68 -44.00
C TYR O 22 19.82 62.19 -45.18
N ARG O 23 20.28 60.94 -45.19
CA ARG O 23 21.07 60.49 -46.35
C ARG O 23 20.32 60.47 -47.68
N SER O 32 20.31 68.42 -50.32
CA SER O 32 19.68 68.59 -49.02
C SER O 32 18.18 68.36 -49.10
N ILE O 33 17.56 68.16 -47.93
CA ILE O 33 16.13 67.91 -47.82
C ILE O 33 15.60 68.88 -46.78
N LYS O 34 14.45 69.48 -47.07
CA LYS O 34 13.90 70.42 -46.11
C LYS O 34 13.33 69.64 -44.92
N SER O 35 13.30 70.32 -43.78
CA SER O 35 12.77 69.74 -42.55
C SER O 35 11.29 69.48 -42.69
N ASP O 36 10.58 70.37 -43.39
CA ASP O 36 9.13 70.22 -43.54
C ASP O 36 8.80 68.98 -44.34
N GLY O 37 9.52 68.74 -45.44
CA GLY O 37 9.26 67.56 -46.24
C GLY O 37 9.63 66.29 -45.51
N LEU O 38 10.80 66.27 -44.88
CA LEU O 38 11.27 65.09 -44.14
C LEU O 38 10.36 64.78 -42.98
N SER O 39 9.95 65.81 -42.25
CA SER O 39 9.07 65.65 -41.11
C SER O 39 7.70 65.16 -41.55
N ALA O 40 7.20 65.72 -42.65
CA ALA O 40 5.89 65.33 -43.18
C ALA O 40 5.91 63.87 -43.59
N LEU O 41 6.95 63.46 -44.31
CA LEU O 41 7.01 62.06 -44.74
C LEU O 41 7.22 61.14 -43.56
N ALA O 42 7.96 61.61 -42.53
CA ALA O 42 8.17 60.80 -41.35
C ALA O 42 6.85 60.53 -40.66
N GLU O 43 6.03 61.57 -40.54
CA GLU O 43 4.71 61.46 -39.92
C GLU O 43 3.79 60.54 -40.69
N PHE O 44 3.73 60.74 -42.01
CA PHE O 44 2.82 59.97 -42.85
C PHE O 44 3.22 58.51 -42.94
N VAL O 45 4.51 58.23 -43.13
CA VAL O 45 5.00 56.86 -43.22
C VAL O 45 4.97 56.21 -41.83
N GLY O 46 4.85 57.03 -40.78
CA GLY O 46 4.87 56.56 -39.40
C GLY O 46 3.94 55.40 -39.07
N THR O 47 2.73 55.37 -39.67
CA THR O 47 1.83 54.25 -39.37
C THR O 47 2.41 52.93 -39.88
N ASN O 48 2.93 52.92 -41.10
CA ASN O 48 3.58 51.74 -41.64
C ASN O 48 4.87 51.50 -40.85
N ILE O 49 5.12 50.27 -40.41
CA ILE O 49 6.36 50.03 -39.69
C ILE O 49 6.92 48.69 -40.15
N GLY O 50 8.23 48.55 -39.99
CA GLY O 50 8.93 47.34 -40.24
C GLY O 50 9.23 46.67 -38.92
N ALA O 51 10.19 45.76 -38.95
CA ALA O 51 10.64 45.04 -37.75
C ALA O 51 11.44 45.91 -36.78
N PRO O 57 14.14 47.79 -38.66
CA PRO O 57 12.93 47.58 -39.45
C PRO O 57 13.01 47.68 -40.97
N ALA O 58 11.93 47.21 -41.63
CA ALA O 58 11.70 47.26 -43.08
C ALA O 58 11.52 48.68 -43.56
N THR O 59 11.30 49.58 -42.59
CA THR O 59 11.10 51.00 -42.81
C THR O 59 12.19 51.59 -43.68
N ILE O 60 13.44 51.10 -43.51
CA ILE O 60 14.57 51.54 -44.34
C ILE O 60 14.34 51.15 -45.80
N LYS O 61 13.83 49.93 -46.03
CA LYS O 61 13.57 49.46 -47.39
C LYS O 61 12.49 50.28 -48.06
N PHE O 62 11.42 50.62 -47.33
CA PHE O 62 10.40 51.45 -47.95
C PHE O 62 10.88 52.89 -48.19
N LEU O 63 11.65 53.45 -47.24
CA LEU O 63 12.13 54.83 -47.38
C LEU O 63 13.12 55.00 -48.52
N GLU O 64 14.01 54.02 -48.73
CA GLU O 64 14.98 54.15 -49.80
C GLU O 64 14.32 54.15 -51.17
N GLN O 65 13.13 53.54 -51.29
CA GLN O 65 12.39 53.51 -52.54
C GLN O 65 12.02 54.92 -53.00
N PHE O 66 11.70 55.79 -52.06
CA PHE O 66 11.32 57.18 -52.28
C PHE O 66 12.39 58.02 -52.96
N ASP O 80 12.07 67.19 -58.09
CA ASP O 80 11.21 68.27 -57.63
C ASP O 80 10.50 67.85 -56.36
N GLN O 81 9.99 68.84 -55.62
CA GLN O 81 9.28 68.57 -54.37
C GLN O 81 8.01 67.78 -54.66
N SER O 82 7.36 68.10 -55.78
CA SER O 82 6.11 67.46 -56.19
C SER O 82 6.30 65.96 -56.39
N GLY O 83 7.42 65.57 -57.01
CA GLY O 83 7.66 64.16 -57.22
C GLY O 83 7.93 63.43 -55.91
N VAL O 84 8.70 64.05 -55.00
CA VAL O 84 8.99 63.39 -53.73
C VAL O 84 7.69 63.24 -52.94
N LYS O 85 6.86 64.29 -52.95
CA LYS O 85 5.57 64.30 -52.24
C LYS O 85 4.64 63.22 -52.76
N GLU O 86 4.60 63.02 -54.08
CA GLU O 86 3.75 61.99 -54.61
C GLU O 86 4.33 60.59 -54.37
N VAL O 87 5.65 60.46 -54.51
CA VAL O 87 6.32 59.16 -54.35
C VAL O 87 6.19 58.62 -52.93
N ILE O 88 6.28 59.49 -51.92
CA ILE O 88 6.21 59.05 -50.52
C ILE O 88 4.86 58.42 -50.14
N GLN O 89 3.76 58.84 -50.79
CA GLN O 89 2.41 58.38 -50.44
C GLN O 89 2.27 56.86 -50.45
N GLU O 90 2.87 56.18 -51.42
CA GLU O 90 2.82 54.73 -51.52
C GLU O 90 3.53 54.01 -50.36
N PHE O 170 -18.77 49.86 -48.84
CA PHE O 170 -19.93 49.36 -49.58
C PHE O 170 -19.63 48.10 -50.37
N LYS O 171 -20.02 46.93 -49.87
CA LYS O 171 -19.77 45.67 -50.57
C LYS O 171 -20.97 44.76 -50.41
N VAL O 172 -20.75 43.47 -50.68
CA VAL O 172 -21.69 42.37 -50.50
C VAL O 172 -20.96 41.28 -49.73
N ILE O 173 -21.56 40.74 -48.70
CA ILE O 173 -20.88 39.73 -47.88
C ILE O 173 -20.89 38.38 -48.57
N ASN O 174 -19.69 37.79 -48.71
CA ASN O 174 -19.49 36.48 -49.32
C ASN O 174 -19.67 35.43 -48.22
N ALA O 175 -20.68 34.56 -48.38
CA ALA O 175 -20.94 33.54 -47.39
C ALA O 175 -19.79 32.55 -47.27
N SER O 176 -19.21 32.17 -48.39
CA SER O 176 -18.10 31.24 -48.39
C SER O 176 -16.81 31.88 -47.89
N GLN O 177 -16.74 33.20 -47.86
CA GLN O 177 -15.54 33.90 -47.43
C GLN O 177 -15.74 34.68 -46.17
N GLN O 178 -16.79 34.40 -45.41
CA GLN O 178 -17.00 35.17 -44.20
C GLN O 178 -16.14 34.63 -43.07
N GLN O 179 -16.10 35.37 -41.98
CA GLN O 179 -15.33 35.03 -40.79
C GLN O 179 -16.09 34.02 -39.95
N ARG O 180 -15.63 33.83 -38.74
CA ARG O 180 -16.29 32.91 -37.84
C ARG O 180 -15.94 33.39 -36.44
N PHE O 181 -16.95 33.46 -35.60
CA PHE O 181 -16.88 33.92 -34.22
C PHE O 181 -17.59 32.91 -33.36
N SER O 182 -16.99 32.53 -32.25
CA SER O 182 -17.60 31.56 -31.35
C SER O 182 -17.95 32.19 -30.02
N TYR O 183 -19.09 31.79 -29.50
CA TYR O 183 -19.59 32.33 -28.26
C TYR O 183 -19.07 31.51 -27.11
N ASN O 184 -18.77 32.18 -26.02
CA ASN O 184 -18.26 31.54 -24.81
C ASN O 184 -19.24 31.89 -23.72
N PRO O 185 -19.87 30.92 -23.06
CA PRO O 185 -20.83 31.24 -22.01
C PRO O 185 -20.12 31.78 -20.79
N HIS O 186 -18.86 31.37 -20.59
CA HIS O 186 -18.12 31.85 -19.44
C HIS O 186 -17.69 33.30 -19.58
N LYS O 187 -17.11 33.68 -20.70
CA LYS O 187 -16.72 35.08 -20.90
C LYS O 187 -17.76 35.99 -21.53
N MET O 188 -18.83 35.43 -22.08
CA MET O 188 -19.90 36.15 -22.77
C MET O 188 -19.34 37.02 -23.88
N GLN O 189 -18.38 36.47 -24.62
CA GLN O 189 -17.77 37.23 -25.70
C GLN O 189 -17.33 36.26 -26.78
N PHE O 190 -16.94 36.83 -27.92
CA PHE O 190 -16.51 36.09 -29.10
C PHE O 190 -14.98 36.06 -29.26
N ILE O 191 -14.48 35.08 -30.02
CA ILE O 191 -13.03 34.93 -30.19
C ILE O 191 -12.69 34.97 -31.69
N PHE O 192 -11.41 35.20 -31.98
CA PHE O 192 -10.83 35.18 -33.34
C PHE O 192 -10.85 33.71 -33.75
N VAL O 193 -11.88 33.20 -34.41
CA VAL O 193 -11.82 31.76 -34.74
C VAL O 193 -10.91 31.41 -35.91
N PRO O 194 -11.00 32.02 -37.11
CA PRO O 194 -10.04 31.51 -38.08
C PRO O 194 -8.65 32.14 -37.91
N PHE O 207 -11.25 19.77 -46.64
CA PHE O 207 -12.29 20.79 -46.69
C PHE O 207 -13.47 20.70 -45.72
N LEU O 208 -14.10 19.51 -45.68
CA LEU O 208 -15.29 19.27 -44.88
C LEU O 208 -15.13 19.52 -43.39
N PRO O 209 -16.22 19.88 -42.72
CA PRO O 209 -16.17 20.18 -41.29
C PRO O 209 -15.90 18.97 -40.40
N ASP O 210 -15.98 19.15 -39.08
CA ASP O 210 -15.72 18.08 -38.14
C ASP O 210 -16.94 17.82 -37.26
N ILE O 211 -16.87 16.70 -36.58
CA ILE O 211 -17.94 16.23 -35.71
C ILE O 211 -18.12 17.15 -34.52
N GLU O 212 -17.01 17.64 -33.96
CA GLU O 212 -17.05 18.53 -32.81
C GLU O 212 -17.85 19.77 -33.12
N ASP O 213 -17.77 20.18 -34.38
CA ASP O 213 -18.51 21.32 -34.88
C ASP O 213 -20.00 21.04 -34.85
N LYS O 214 -20.39 19.82 -35.26
CA LYS O 214 -21.80 19.41 -35.28
C LYS O 214 -22.34 19.42 -33.87
N VAL O 215 -21.52 18.97 -32.93
CA VAL O 215 -21.96 18.93 -31.55
C VAL O 215 -22.11 20.36 -31.03
N GLN O 216 -21.09 21.21 -31.18
CA GLN O 216 -21.12 22.59 -30.73
C GLN O 216 -22.12 23.49 -31.49
N MET O 217 -22.73 22.99 -32.57
CA MET O 217 -23.76 23.70 -33.34
C MET O 217 -24.97 24.10 -32.52
N PHE O 218 -25.68 23.11 -32.00
CA PHE O 218 -26.87 23.38 -31.21
C PHE O 218 -26.55 24.03 -29.88
N LEU O 219 -25.35 23.79 -29.39
CA LEU O 219 -24.93 24.41 -28.15
C LEU O 219 -24.84 25.93 -28.28
N THR O 220 -24.30 26.40 -29.40
CA THR O 220 -24.16 27.82 -29.65
C THR O 220 -25.51 28.54 -29.76
N ARG O 221 -26.51 27.91 -30.37
CA ARG O 221 -27.83 28.54 -30.47
C ARG O 221 -28.48 28.76 -29.12
N TYR O 222 -28.43 27.74 -28.28
CA TYR O 222 -29.02 27.83 -26.96
C TYR O 222 -28.31 28.88 -26.13
N TYR O 223 -26.97 28.91 -26.19
CA TYR O 223 -26.27 29.93 -25.39
C TYR O 223 -26.50 31.36 -25.93
N LEU O 224 -26.70 31.53 -27.24
CA LEU O 224 -26.97 32.88 -27.73
C LEU O 224 -28.34 33.32 -27.23
N THR O 225 -29.31 32.39 -27.25
CA THR O 225 -30.65 32.66 -26.76
C THR O 225 -30.61 32.88 -25.25
N ASN O 226 -29.67 32.21 -24.59
CA ASN O 226 -29.47 32.33 -23.15
C ASN O 226 -29.08 33.77 -22.79
N ASP O 227 -28.10 34.32 -23.49
CA ASP O 227 -27.71 35.71 -23.22
C ASP O 227 -28.87 36.66 -23.56
N ARG O 228 -29.65 36.31 -24.59
CA ARG O 228 -30.80 37.14 -24.96
C ARG O 228 -31.85 37.13 -23.86
N VAL O 229 -31.96 36.02 -23.13
CA VAL O 229 -32.91 35.95 -22.04
C VAL O 229 -32.42 36.78 -20.87
N MET O 230 -31.10 36.75 -20.60
CA MET O 230 -30.59 37.54 -19.48
C MET O 230 -30.77 39.04 -19.71
N ARG O 231 -30.77 39.48 -20.97
CA ARG O 231 -31.01 40.90 -21.20
C ARG O 231 -32.45 41.32 -20.90
N ASN O 232 -33.41 40.39 -21.01
CA ASN O 232 -34.81 40.65 -20.70
C ASN O 232 -35.15 40.30 -19.26
N GLU O 233 -34.15 40.33 -18.38
CA GLU O 233 -34.26 40.02 -16.95
C GLU O 233 -34.80 38.62 -16.70
N ASN O 266 -40.59 32.53 -12.48
CA ASN O 266 -40.09 33.79 -12.99
C ASN O 266 -38.58 33.78 -12.87
N SER O 267 -37.95 32.69 -13.28
CA SER O 267 -36.49 32.62 -13.20
C SER O 267 -35.95 31.69 -14.29
N ILE O 268 -34.69 31.26 -14.12
CA ILE O 268 -33.93 30.39 -15.02
C ILE O 268 -33.44 29.18 -14.22
N THR O 269 -33.68 27.98 -14.73
CA THR O 269 -33.35 26.73 -14.08
C THR O 269 -33.30 25.64 -15.14
N PRO O 270 -32.33 24.74 -15.13
CA PRO O 270 -32.29 23.69 -16.15
C PRO O 270 -33.25 22.54 -15.82
N ILE O 271 -33.35 21.61 -16.77
CA ILE O 271 -34.27 20.47 -16.69
C ILE O 271 -33.89 19.45 -15.61
N LYS O 272 -32.61 19.15 -15.46
CA LYS O 272 -32.16 18.15 -14.47
C LYS O 272 -32.49 18.54 -13.04
N ASN O 273 -32.48 19.85 -12.77
CA ASN O 273 -32.81 20.35 -11.44
C ASN O 273 -34.26 20.08 -11.11
N LEU O 274 -35.17 20.18 -12.09
CA LEU O 274 -36.56 19.93 -11.77
C LEU O 274 -36.80 18.44 -11.72
N LEU O 275 -36.18 17.67 -12.60
CA LEU O 275 -36.39 16.24 -12.47
C LEU O 275 -35.67 15.72 -11.23
N GLY O 276 -34.66 16.46 -10.77
CA GLY O 276 -33.95 16.13 -9.56
C GLY O 276 -34.85 16.31 -8.36
N ARG O 277 -35.84 17.18 -8.49
CA ARG O 277 -36.81 17.39 -7.46
C ARG O 277 -37.99 16.49 -7.78
N ASP O 278 -39.02 16.60 -6.97
CA ASP O 278 -40.21 15.82 -7.22
C ASP O 278 -41.48 16.58 -6.90
N ALA O 279 -41.39 17.84 -6.50
CA ALA O 279 -42.59 18.58 -6.17
C ALA O 279 -42.49 19.92 -6.86
N GLN O 280 -43.34 20.84 -6.45
CA GLN O 280 -43.36 22.14 -7.07
C GLN O 280 -43.46 23.26 -6.04
N ASN O 281 -43.53 23.79 -11.07
CA ASN O 281 -43.70 25.23 -10.99
C ASN O 281 -42.63 26.06 -11.67
N PHE O 282 -42.43 25.85 -12.97
CA PHE O 282 -41.40 26.65 -13.63
C PHE O 282 -41.74 26.84 -15.10
N LEU O 283 -41.18 27.89 -15.68
CA LEU O 283 -41.32 28.24 -17.09
C LEU O 283 -40.00 27.81 -17.72
N LEU O 284 -39.96 26.55 -18.13
CA LEU O 284 -38.73 26.00 -18.69
C LEU O 284 -38.50 26.41 -20.15
N LEU O 285 -37.22 26.54 -20.50
CA LEU O 285 -36.75 26.93 -21.83
C LEU O 285 -36.11 25.74 -22.56
N GLY O 286 -36.55 25.43 -23.77
CA GLY O 286 -35.94 24.30 -24.47
C GLY O 286 -36.49 24.07 -25.87
N LEU O 287 -35.89 23.06 -26.55
CA LEU O 287 -36.27 22.68 -27.91
C LEU O 287 -37.35 21.60 -27.94
N LEU O 288 -38.46 21.88 -28.62
CA LEU O 288 -39.58 20.94 -28.78
C LEU O 288 -39.24 19.82 -29.75
N ASN O 289 -38.59 18.80 -29.24
CA ASN O 289 -38.26 17.70 -30.12
C ASN O 289 -39.26 16.60 -29.85
N LYS O 290 -39.07 15.46 -30.48
CA LYS O 290 -39.98 14.36 -30.26
C LYS O 290 -39.14 13.11 -30.53
N ASN O 291 -39.19 12.16 -29.60
CA ASN O 291 -38.49 10.89 -29.69
C ASN O 291 -39.38 9.70 -30.00
N PHE O 292 -40.53 9.60 -29.36
CA PHE O 292 -41.42 8.47 -29.61
C PHE O 292 -42.85 9.01 -29.65
N LYS O 293 -43.79 8.11 -29.98
CA LYS O 293 -45.21 8.44 -30.13
C LYS O 293 -45.82 8.96 -28.83
N GLY O 294 -46.17 10.25 -28.80
CA GLY O 294 -46.67 10.86 -27.61
C GLY O 294 -45.57 11.39 -26.72
N ASN O 295 -44.33 11.06 -27.07
CA ASN O 295 -43.10 11.43 -26.38
C ASN O 295 -42.47 12.73 -26.90
N TRP O 296 -43.19 13.84 -26.71
CA TRP O 296 -42.74 15.19 -27.09
C TRP O 296 -41.71 15.65 -26.06
N SER O 297 -40.44 15.53 -26.38
CA SER O 297 -39.37 15.91 -25.48
C SER O 297 -38.96 17.37 -25.60
N LEU O 298 -38.26 17.84 -24.57
CA LEU O 298 -37.76 19.21 -24.50
C LEU O 298 -36.30 19.07 -24.15
N GLU O 299 -35.44 19.89 -24.75
CA GLU O 299 -34.03 19.69 -24.46
C GLU O 299 -33.21 20.95 -24.32
N ASP O 300 -32.44 20.99 -23.25
CA ASP O 300 -31.47 21.97 -22.80
C ASP O 300 -30.13 21.23 -22.69
N PRO O 301 -28.98 21.86 -22.32
CA PRO O 301 -27.76 21.05 -22.22
C PRO O 301 -27.65 20.20 -20.96
N SER O 302 -28.70 19.97 -20.20
CA SER O 302 -28.56 19.14 -19.01
C SER O 302 -29.71 18.16 -18.88
N GLY O 303 -30.11 17.44 -19.92
CA GLY O 303 -31.20 16.50 -19.72
C GLY O 303 -32.40 16.74 -20.61
N SER O 304 -33.26 15.73 -20.61
CA SER O 304 -34.49 15.62 -21.38
C SER O 304 -35.69 15.40 -20.49
N VAL O 305 -36.86 15.78 -20.98
CA VAL O 305 -38.10 15.63 -20.24
C VAL O 305 -39.27 15.58 -21.22
N GLU O 306 -40.17 14.65 -20.96
CA GLU O 306 -41.35 14.48 -21.76
C GLU O 306 -42.31 15.58 -21.44
N ILE O 307 -42.92 16.12 -22.48
CA ILE O 307 -43.85 17.23 -22.32
C ILE O 307 -45.20 16.75 -22.83
N ASP O 308 -46.24 17.31 -22.22
CA ASP O 308 -47.62 17.03 -22.54
C ASP O 308 -48.38 18.32 -22.73
N ILE O 309 -49.39 18.28 -23.59
CA ILE O 309 -50.21 19.45 -23.84
C ILE O 309 -51.65 19.12 -23.52
N SER O 310 -51.85 18.18 -22.59
CA SER O 310 -53.19 17.77 -22.18
C SER O 310 -54.03 18.92 -21.64
N GLN O 311 -55.02 19.32 -22.44
CA GLN O 311 -55.96 20.40 -22.15
C GLN O 311 -55.20 21.71 -21.88
N THR O 312 -54.49 22.16 -22.90
CA THR O 312 -53.71 23.37 -22.80
C THR O 312 -54.33 24.42 -23.71
N ILE O 313 -54.40 25.65 -23.22
CA ILE O 313 -54.91 26.81 -23.92
C ILE O 313 -53.75 27.79 -24.05
N PRO O 314 -52.83 27.58 -24.99
CA PRO O 314 -51.68 28.48 -25.11
C PRO O 314 -52.05 29.79 -25.76
N THR O 315 -51.04 30.62 -25.95
CA THR O 315 -51.29 31.91 -26.56
C THR O 315 -51.42 31.79 -28.07
N GLN O 316 -51.86 32.88 -28.68
CA GLN O 316 -52.00 32.92 -30.13
C GLN O 316 -50.64 33.41 -30.62
N GLY O 317 -49.71 32.49 -30.58
CA GLY O 317 -48.34 32.72 -30.98
C GLY O 317 -48.17 32.90 -32.47
N HIS O 318 -46.93 33.22 -32.83
CA HIS O 318 -46.53 33.45 -34.21
C HIS O 318 -46.69 32.13 -34.95
N TYR O 319 -45.85 31.14 -34.63
CA TYR O 319 -45.97 29.82 -35.26
C TYR O 319 -45.28 28.79 -34.36
N TYR O 320 -46.06 28.08 -33.54
CA TYR O 320 -45.44 27.06 -32.69
C TYR O 320 -45.06 25.90 -33.60
N VAL O 321 -43.77 25.62 -33.74
CA VAL O 321 -43.32 24.55 -34.62
C VAL O 321 -42.30 23.73 -33.88
N PRO O 322 -42.08 22.47 -34.28
CA PRO O 322 -41.03 21.71 -33.62
C PRO O 322 -39.70 22.26 -34.09
N GLY O 323 -38.64 21.89 -33.39
CA GLY O 323 -37.33 22.41 -33.72
C GLY O 323 -37.23 23.89 -33.43
N CYS O 324 -37.98 24.36 -32.43
CA CYS O 324 -38.05 25.76 -32.01
C CYS O 324 -37.84 25.87 -30.51
N MET O 325 -37.06 26.85 -30.06
CA MET O 325 -36.82 27.03 -28.64
C MET O 325 -37.99 27.85 -28.10
N VAL O 326 -38.83 27.24 -27.27
CA VAL O 326 -39.99 27.92 -26.69
C VAL O 326 -40.01 27.94 -25.17
N LEU O 327 -41.07 28.52 -24.60
CA LEU O 327 -41.24 28.62 -23.15
C LEU O 327 -42.60 28.09 -22.74
N VAL O 328 -42.61 27.14 -21.81
CA VAL O 328 -43.84 26.54 -21.32
C VAL O 328 -43.83 26.46 -19.80
N GLU O 329 -44.94 26.83 -19.20
CA GLU O 329 -45.08 26.84 -17.76
C GLU O 329 -45.92 25.64 -17.33
N GLY O 330 -45.63 25.13 -16.13
CA GLY O 330 -46.38 24.00 -15.60
C GLY O 330 -45.68 23.36 -14.41
N ILE O 331 -46.00 22.09 -14.17
CA ILE O 331 -45.42 21.33 -13.07
C ILE O 331 -44.79 20.02 -13.55
N TYR O 332 -43.80 19.52 -12.80
CA TYR O 332 -43.10 18.30 -13.20
C TYR O 332 -43.94 17.06 -12.94
N TYR O 333 -44.29 16.82 -11.68
CA TYR O 333 -45.06 15.65 -11.23
C TYR O 333 -44.38 14.34 -11.62
N SER O 334 -43.22 14.09 -11.02
CA SER O 334 -42.40 12.90 -11.32
C SER O 334 -43.05 11.53 -11.08
N VAL O 335 -44.30 11.51 -10.59
CA VAL O 335 -45.04 10.28 -10.33
C VAL O 335 -45.31 9.54 -11.65
N GLY O 336 -45.57 10.30 -12.70
CA GLY O 336 -45.80 9.74 -14.00
C GLY O 336 -44.66 10.22 -14.86
N ASN O 337 -43.89 11.15 -14.29
CA ASN O 337 -42.74 11.77 -14.92
C ASN O 337 -43.13 12.46 -16.23
N LYS O 338 -44.26 13.16 -16.20
CA LYS O 338 -44.78 13.88 -17.35
C LYS O 338 -44.93 15.37 -17.04
N PHE O 339 -44.06 16.20 -17.63
CA PHE O 339 -44.13 17.63 -17.39
C PHE O 339 -45.41 18.16 -18.03
N HIS O 340 -46.13 19.03 -17.35
CA HIS O 340 -47.35 19.55 -17.94
C HIS O 340 -47.21 21.00 -18.39
N VAL O 341 -48.01 21.37 -19.40
CA VAL O 341 -47.97 22.70 -20.00
C VAL O 341 -49.21 23.48 -19.64
N THR O 342 -49.02 24.73 -19.22
CA THR O 342 -50.12 25.62 -18.94
C THR O 342 -50.44 26.40 -20.21
N SER O 343 -49.40 26.95 -20.82
CA SER O 343 -49.48 27.74 -22.02
C SER O 343 -48.14 27.77 -22.72
N MET O 344 -48.19 27.61 -24.03
CA MET O 344 -47.00 27.64 -24.84
C MET O 344 -46.86 29.08 -25.31
N THR O 345 -45.67 29.63 -25.13
CA THR O 345 -45.45 31.00 -25.56
C THR O 345 -44.09 31.12 -26.23
N LEU O 346 -43.97 32.09 -27.00
CA LEU O 346 -42.71 32.22 -27.67
C LEU O 346 -41.78 33.20 -26.98
N PRO O 347 -40.48 32.93 -27.03
CA PRO O 347 -39.50 33.83 -26.43
C PRO O 347 -39.44 35.13 -27.21
N PRO O 348 -39.60 36.26 -26.54
CA PRO O 348 -39.59 37.53 -27.24
C PRO O 348 -38.23 37.92 -27.78
N GLY O 349 -38.29 38.70 -28.85
CA GLY O 349 -37.12 39.21 -29.54
C GLY O 349 -37.08 40.72 -29.39
N GLU O 350 -35.92 41.25 -29.02
CA GLU O 350 -35.85 42.69 -28.85
C GLU O 350 -35.34 43.35 -30.13
N ARG O 351 -35.57 44.66 -30.22
CA ARG O 351 -35.20 45.48 -31.35
C ARG O 351 -33.71 45.54 -31.58
N ARG O 352 -33.40 45.91 -32.82
CA ARG O 352 -32.07 46.07 -33.35
C ARG O 352 -31.30 47.24 -32.77
N GLU O 353 -31.99 48.24 -32.25
CA GLU O 353 -31.31 49.42 -31.70
C GLU O 353 -30.50 49.08 -30.45
N ILE O 354 -31.18 48.60 -29.41
CA ILE O 354 -30.53 48.25 -28.16
C ILE O 354 -29.60 47.07 -28.35
N THR O 355 -29.94 46.18 -29.28
CA THR O 355 -29.10 45.03 -29.57
C THR O 355 -27.76 45.49 -30.10
N LEU O 356 -27.76 46.33 -31.13
CA LEU O 356 -26.51 46.86 -31.68
C LEU O 356 -25.81 47.78 -30.71
N GLU O 357 -26.53 48.29 -29.71
CA GLU O 357 -25.91 49.11 -28.69
C GLU O 357 -25.04 48.27 -27.79
N THR O 358 -25.49 47.05 -27.48
CA THR O 358 -24.84 46.11 -26.58
C THR O 358 -23.94 45.10 -27.27
N ILE O 359 -23.65 45.25 -28.56
CA ILE O 359 -22.78 44.24 -29.16
C ILE O 359 -21.37 44.45 -28.70
N GLY O 360 -21.03 45.69 -28.38
CA GLY O 360 -19.71 46.05 -27.95
C GLY O 360 -19.16 47.05 -28.93
N ASN O 361 -17.87 46.94 -29.20
CA ASN O 361 -17.17 47.81 -30.11
C ASN O 361 -16.22 47.01 -30.98
N LEU O 362 -16.75 45.98 -31.63
CA LEU O 362 -15.96 45.14 -32.52
C LEU O 362 -16.62 45.10 -33.89
N ASP O 363 -16.22 44.20 -34.77
CA ASP O 363 -16.79 44.13 -36.11
C ASP O 363 -17.59 42.86 -36.37
N LEU O 364 -18.86 43.05 -36.73
CA LEU O 364 -19.80 41.99 -37.09
C LEU O 364 -20.21 42.07 -38.54
N LEU O 365 -19.59 42.94 -39.32
CA LEU O 365 -20.01 43.00 -40.71
C LEU O 365 -18.88 43.08 -41.71
N GLY O 366 -17.71 43.55 -41.34
CA GLY O 366 -16.62 43.60 -42.28
C GLY O 366 -16.09 44.99 -42.58
N ILE O 367 -14.92 45.29 -42.03
CA ILE O 367 -14.23 46.56 -42.25
C ILE O 367 -12.73 46.26 -42.32
N ARG O 378 -9.60 45.03 -34.57
CA ARG O 378 -10.80 45.30 -35.35
C ARG O 378 -11.91 45.77 -34.42
N LEU O 379 -12.41 47.00 -34.65
CA LEU O 379 -13.45 47.54 -33.79
C LEU O 379 -14.69 48.01 -34.54
N ASP O 380 -15.53 48.77 -33.83
CA ASP O 380 -16.78 49.32 -34.36
C ASP O 380 -16.56 50.82 -34.53
N LYS O 381 -16.82 51.31 -35.75
CA LYS O 381 -16.66 52.73 -36.11
C LYS O 381 -17.83 53.23 -36.97
N ASP O 382 -19.07 52.93 -36.55
CA ASP O 382 -20.26 53.33 -37.29
C ASP O 382 -20.70 54.78 -36.98
N LEU O 383 -19.79 55.64 -36.53
CA LEU O 383 -20.11 57.02 -36.19
C LEU O 383 -19.91 58.00 -37.33
N LYS O 384 -20.22 57.64 -38.57
CA LYS O 384 -20.02 58.56 -39.69
C LYS O 384 -21.41 58.91 -40.20
N ILE O 385 -21.84 60.13 -39.87
CA ILE O 385 -23.14 60.66 -40.26
C ILE O 385 -23.19 60.91 -41.77
N ARG O 386 -22.03 61.00 -42.43
CA ARG O 386 -21.98 61.22 -43.87
C ARG O 386 -22.60 60.05 -44.61
N LEU O 387 -22.55 58.88 -44.00
CA LEU O 387 -23.15 57.67 -44.54
C LEU O 387 -24.66 57.86 -44.67
N HIS O 388 -25.29 58.23 -43.56
CA HIS O 388 -26.73 58.47 -43.52
C HIS O 388 -27.10 59.65 -44.41
N LEU O 389 -26.24 60.66 -44.44
CA LEU O 389 -26.47 61.85 -45.26
C LEU O 389 -26.41 61.51 -46.74
N LEU O 390 -25.36 60.79 -47.16
CA LEU O 390 -25.20 60.40 -48.56
C LEU O 390 -26.34 59.50 -49.00
N GLU O 391 -26.84 58.64 -48.11
CA GLU O 391 -27.97 57.80 -48.50
C GLU O 391 -29.19 58.68 -48.68
N LYS O 392 -29.32 59.67 -47.80
CA LYS O 392 -30.41 60.62 -47.89
C LYS O 392 -30.25 61.53 -49.10
N GLU O 393 -29.06 61.58 -49.70
CA GLU O 393 -28.78 62.38 -50.88
C GLU O 393 -28.62 61.57 -52.16
N LEU O 394 -27.81 60.52 -52.15
CA LEU O 394 -27.60 59.71 -53.35
C LEU O 394 -28.77 58.79 -53.62
N THR O 395 -29.73 59.28 -54.40
CA THR O 395 -30.88 58.45 -54.77
C THR O 395 -30.54 57.59 -55.98
N ASP O 396 -29.27 57.65 -56.39
CA ASP O 396 -28.61 57.00 -57.50
C ASP O 396 -28.50 55.51 -57.33
N HIS O 397 -28.75 55.02 -56.14
CA HIS O 397 -28.58 53.60 -55.89
C HIS O 397 -29.99 53.05 -55.74
N LYS O 398 -30.51 52.47 -56.81
CA LYS O 398 -31.85 51.91 -56.83
C LYS O 398 -31.75 50.41 -56.98
N PHE O 399 -32.66 49.70 -56.33
CA PHE O 399 -32.66 48.26 -56.36
C PHE O 399 -33.77 47.72 -57.25
N VAL O 400 -33.46 46.66 -58.01
CA VAL O 400 -34.41 46.03 -58.91
C VAL O 400 -34.50 44.56 -58.56
N ILE O 401 -35.70 44.07 -58.25
CA ILE O 401 -35.90 42.68 -57.88
C ILE O 401 -36.92 42.05 -58.80
N LEU O 402 -36.60 40.87 -59.31
CA LEU O 402 -37.49 40.18 -60.21
C LEU O 402 -38.22 39.05 -59.50
N ASN O 405 -38.54 33.85 -58.82
CA ASN O 405 -38.61 32.81 -59.83
C ASN O 405 -38.47 33.40 -61.22
N LEU O 406 -37.58 32.83 -62.04
CA LEU O 406 -37.36 33.35 -63.38
C LEU O 406 -36.70 32.25 -64.23
N PHE O 407 -37.44 31.72 -65.21
CA PHE O 407 -36.92 30.68 -66.09
C PHE O 407 -36.18 31.28 -67.29
N LEU O 408 -35.78 30.44 -68.25
CA LEU O 408 -35.06 30.89 -69.43
C LEU O 408 -35.48 30.25 -70.74
N ASP O 409 -36.27 29.19 -70.72
CA ASP O 409 -36.64 28.51 -71.95
C ASP O 409 -38.07 28.77 -72.40
N ASP O 410 -38.54 30.01 -72.31
CA ASP O 410 -39.89 30.30 -72.77
C ASP O 410 -39.85 31.62 -73.49
N LEU O 411 -40.71 31.75 -74.49
CA LEU O 411 -40.82 32.98 -75.25
C LEU O 411 -41.47 34.06 -74.42
N LYS O 412 -42.31 33.64 -73.46
CA LYS O 412 -42.97 34.58 -72.56
C LYS O 412 -41.94 35.31 -71.72
N ILE O 413 -40.91 34.57 -71.29
CA ILE O 413 -39.82 35.15 -70.52
C ILE O 413 -39.07 36.16 -71.36
N MET O 414 -38.85 35.81 -72.63
CA MET O 414 -38.16 36.67 -73.58
C MET O 414 -38.95 37.96 -73.83
N THR O 415 -40.27 37.83 -73.96
CA THR O 415 -41.16 38.96 -74.17
C THR O 415 -41.11 39.89 -72.96
N ALA O 416 -41.18 39.28 -71.77
CA ALA O 416 -41.12 40.02 -70.52
C ALA O 416 -39.81 40.76 -70.43
N LEU O 417 -38.70 40.08 -70.74
CA LEU O 417 -37.38 40.71 -70.73
C LEU O 417 -37.30 41.80 -71.76
N SER O 418 -38.02 41.66 -72.86
CA SER O 418 -38.01 42.70 -73.88
C SER O 418 -38.64 43.98 -73.35
N LYS O 419 -39.83 43.86 -72.74
CA LYS O 419 -40.45 45.06 -72.18
C LYS O 419 -39.70 45.58 -70.96
N ILE O 420 -39.12 44.68 -70.18
CA ILE O 420 -38.35 45.08 -69.00
C ILE O 420 -37.11 45.85 -69.42
N LEU O 421 -36.31 45.29 -70.34
CA LEU O 421 -35.13 45.96 -70.82
C LEU O 421 -35.51 47.22 -71.57
N GLN O 422 -36.73 47.28 -72.12
CA GLN O 422 -37.20 48.51 -72.72
C GLN O 422 -37.36 49.59 -71.66
N LYS O 423 -37.87 49.20 -70.49
CA LYS O 423 -37.98 50.15 -69.38
C LYS O 423 -36.65 50.42 -68.70
N LEU O 424 -35.66 49.55 -68.89
CA LEU O 424 -34.36 49.73 -68.23
C LEU O 424 -33.33 50.38 -69.13
N ASN O 425 -33.56 50.35 -70.43
CA ASN O 425 -32.63 51.00 -71.33
C ASN O 425 -32.81 52.49 -71.20
N ASP O 426 -34.02 52.90 -70.80
CA ASP O 426 -34.34 54.30 -70.61
C ASP O 426 -33.81 54.75 -69.27
N ASP O 427 -34.35 54.18 -68.20
CA ASP O 427 -33.90 54.50 -66.85
C ASP O 427 -32.75 53.59 -66.50
N PRO O 428 -31.55 54.11 -66.27
CA PRO O 428 -30.44 53.23 -65.91
C PRO O 428 -30.59 52.82 -64.46
N PRO O 429 -30.69 51.54 -64.19
CA PRO O 429 -30.84 51.11 -62.81
C PRO O 429 -29.46 51.03 -62.17
N THR O 430 -29.44 50.60 -60.94
CA THR O 430 -28.17 50.53 -60.26
C THR O 430 -27.86 49.15 -59.75
N LEU O 431 -28.83 48.46 -59.17
CA LEU O 431 -28.53 47.15 -58.62
C LEU O 431 -29.58 46.15 -59.06
N LEU O 432 -29.18 45.23 -59.94
CA LEU O 432 -30.08 44.20 -60.42
C LEU O 432 -30.03 43.00 -59.49
N ILE O 433 -31.20 42.44 -59.20
CA ILE O 433 -31.28 41.26 -58.36
C ILE O 433 -32.00 40.21 -59.20
N TRP O 434 -31.20 39.32 -59.77
CA TRP O 434 -31.70 38.22 -60.58
C TRP O 434 -32.01 37.06 -59.66
N GLN O 435 -33.28 36.70 -59.59
CA GLN O 435 -33.79 35.65 -58.73
C GLN O 435 -33.31 34.27 -59.15
N GLY O 436 -33.67 33.30 -58.33
CA GLY O 436 -33.28 31.93 -58.54
C GLY O 436 -34.22 31.23 -59.49
N SER O 437 -34.03 29.91 -59.55
CA SER O 437 -34.79 28.98 -60.40
C SER O 437 -34.68 29.32 -61.88
N PHE O 438 -33.46 29.23 -62.40
CA PHE O 438 -33.25 29.55 -63.81
C PHE O 438 -33.70 28.47 -64.79
N THR O 439 -34.31 27.37 -64.35
CA THR O 439 -34.72 26.33 -65.29
C THR O 439 -35.94 25.59 -64.78
N SER O 440 -36.85 25.25 -65.70
CA SER O 440 -38.05 24.49 -65.33
C SER O 440 -37.74 23.05 -64.93
N VAL O 441 -36.62 22.48 -65.38
CA VAL O 441 -36.32 21.08 -65.06
C VAL O 441 -35.04 20.89 -64.25
N PRO O 442 -34.93 19.83 -63.46
CA PRO O 442 -33.69 19.61 -62.73
C PRO O 442 -32.67 18.85 -63.55
N VAL O 443 -31.63 18.43 -62.87
CA VAL O 443 -30.51 17.62 -63.37
C VAL O 443 -30.87 16.14 -63.44
N PHE O 444 -29.82 15.32 -63.36
CA PHE O 444 -29.79 13.86 -63.37
C PHE O 444 -30.35 13.23 -64.65
N ALA O 445 -29.62 13.48 -65.72
CA ALA O 445 -29.97 12.94 -67.02
C ALA O 445 -29.53 11.48 -67.12
N SER O 446 -30.32 10.68 -67.83
CA SER O 446 -29.95 9.27 -67.99
C SER O 446 -30.23 8.71 -69.37
N MET O 447 -30.81 9.50 -70.27
CA MET O 447 -31.14 9.08 -71.64
C MET O 447 -30.53 10.02 -72.67
N SER O 448 -29.64 9.51 -73.52
CA SER O 448 -29.06 10.36 -74.57
C SER O 448 -29.79 10.21 -75.92
N SER O 449 -31.13 10.27 -75.92
CA SER O 449 -31.87 10.14 -77.17
C SER O 449 -31.87 11.43 -78.00
N ARG O 450 -32.22 12.56 -77.37
CA ARG O 450 -32.24 13.88 -78.00
C ARG O 450 -30.89 14.56 -78.00
N ASN O 451 -29.84 13.79 -77.77
CA ASN O 451 -28.44 14.20 -77.71
C ASN O 451 -28.17 15.33 -76.72
N ILE O 452 -28.99 15.45 -75.67
CA ILE O 452 -28.67 16.56 -74.78
C ILE O 452 -28.72 16.10 -73.33
N SER O 453 -28.50 17.05 -72.44
CA SER O 453 -28.54 16.80 -71.01
C SER O 453 -28.98 18.08 -70.35
N SER O 454 -29.11 18.02 -69.03
CA SER O 454 -29.46 19.21 -68.28
C SER O 454 -28.34 20.25 -68.37
N SER O 455 -27.09 19.77 -68.42
CA SER O 455 -25.91 20.64 -68.50
C SER O 455 -25.87 21.41 -69.79
N THR O 456 -25.98 20.71 -70.92
CA THR O 456 -25.93 21.37 -72.22
C THR O 456 -27.11 22.31 -72.40
N GLN O 457 -28.30 21.89 -71.93
CA GLN O 457 -29.49 22.72 -72.04
C GLN O 457 -29.36 23.99 -71.21
N PHE O 458 -28.82 23.85 -70.00
CA PHE O 458 -28.62 24.99 -69.11
C PHE O 458 -27.56 25.92 -69.65
N LYS O 459 -26.53 25.36 -70.30
CA LYS O 459 -25.49 26.17 -70.90
C LYS O 459 -26.08 27.00 -72.04
N ASN O 460 -26.91 26.37 -72.86
CA ASN O 460 -27.56 27.08 -73.95
C ASN O 460 -28.56 28.11 -73.44
N ASN O 461 -29.20 27.85 -72.31
CA ASN O 461 -30.11 28.84 -71.73
C ASN O 461 -29.33 30.06 -71.28
N PHE O 462 -28.14 29.85 -70.71
CA PHE O 462 -27.30 30.98 -70.33
C PHE O 462 -26.88 31.74 -71.58
N ASP O 463 -26.59 31.02 -72.66
CA ASP O 463 -26.19 31.67 -73.90
C ASP O 463 -27.32 32.52 -74.47
N ALA O 464 -28.56 32.02 -74.37
CA ALA O 464 -29.73 32.77 -74.84
C ALA O 464 -29.93 34.00 -73.98
N LEU O 465 -29.73 33.84 -72.67
CA LEU O 465 -29.87 34.96 -71.74
C LEU O 465 -28.78 35.98 -72.01
N ALA O 466 -27.59 35.51 -72.38
CA ALA O 466 -26.48 36.40 -72.70
C ALA O 466 -26.76 37.14 -73.98
N THR O 467 -27.47 36.49 -74.89
CA THR O 467 -27.83 37.12 -76.14
C THR O 467 -28.85 38.22 -75.90
N LEU O 468 -29.86 37.94 -75.06
CA LEU O 468 -30.85 38.94 -74.73
C LEU O 468 -30.23 40.08 -73.94
N LEU O 469 -29.24 39.77 -73.11
CA LEU O 469 -28.55 40.77 -72.33
C LEU O 469 -27.65 41.65 -73.19
N SER O 470 -27.08 41.06 -74.25
CA SER O 470 -26.20 41.77 -75.16
C SER O 470 -26.97 42.52 -76.23
N ARG O 471 -28.29 42.28 -76.32
CA ARG O 471 -29.09 43.01 -77.29
C ARG O 471 -29.14 44.50 -76.97
N PHE O 472 -28.99 44.86 -75.69
CA PHE O 472 -29.04 46.27 -75.28
C PHE O 472 -27.81 46.57 -74.43
N ASP O 473 -26.84 47.30 -74.98
CA ASP O 473 -25.63 47.60 -74.23
C ASP O 473 -25.72 48.82 -73.30
N ASN O 474 -26.91 49.41 -73.10
CA ASN O 474 -27.01 50.55 -72.18
C ASN O 474 -26.71 50.13 -70.75
N LEU O 475 -27.13 48.92 -70.42
CA LEU O 475 -26.93 48.29 -69.15
C LEU O 475 -25.48 47.82 -69.02
N THR O 476 -25.04 47.64 -67.76
CA THR O 476 -23.71 47.20 -67.28
C THR O 476 -22.67 48.34 -67.40
N GLU O 477 -23.05 49.41 -68.08
CA GLU O 477 -22.17 50.56 -68.22
C GLU O 477 -22.06 51.26 -66.88
N ASN O 478 -23.16 51.32 -66.14
CA ASN O 478 -23.21 51.97 -64.84
C ASN O 478 -24.09 51.19 -63.86
N THR O 479 -24.46 49.95 -64.18
CA THR O 479 -25.32 49.13 -63.33
C THR O 479 -24.60 47.84 -62.94
N THR O 480 -24.70 47.48 -61.66
CA THR O 480 -24.11 46.27 -61.10
C THR O 480 -25.17 45.17 -61.12
N MET O 481 -24.74 43.92 -61.26
CA MET O 481 -25.66 42.79 -61.34
C MET O 481 -25.38 41.77 -60.26
N ILE O 482 -26.41 40.96 -59.98
CA ILE O 482 -26.37 39.92 -58.96
C ILE O 482 -27.08 38.68 -59.44
N PHE O 483 -26.40 37.54 -59.36
CA PHE O 483 -26.99 36.27 -59.72
C PHE O 483 -27.43 35.55 -58.45
N ILE O 484 -28.49 34.76 -58.55
CA ILE O 484 -28.90 34.00 -57.38
C ILE O 484 -29.20 32.57 -57.80
N PRO O 485 -28.50 31.59 -57.25
CA PRO O 485 -28.77 30.21 -57.61
C PRO O 485 -30.06 29.73 -56.96
N GLY O 486 -30.84 28.97 -57.71
CA GLY O 486 -32.09 28.47 -57.22
C GLY O 486 -32.01 27.07 -56.65
N PRO O 487 -33.18 26.41 -56.60
CA PRO O 487 -33.27 25.04 -56.07
C PRO O 487 -32.99 23.97 -57.10
N ASN O 488 -32.67 24.34 -58.33
CA ASN O 488 -32.46 23.37 -59.41
C ASN O 488 -31.14 23.57 -60.11
N ASP O 489 -30.07 23.72 -59.35
CA ASP O 489 -28.73 23.92 -59.87
C ASP O 489 -27.80 22.81 -59.42
N LEU O 490 -26.59 22.86 -59.95
CA LEU O 490 -25.58 21.86 -59.65
C LEU O 490 -25.00 22.00 -58.24
N THR O 502 -31.25 21.63 -49.04
CA THR O 502 -29.94 21.70 -48.40
C THR O 502 -29.33 23.08 -48.46
N LEU O 503 -29.12 23.66 -47.30
CA LEU O 503 -28.55 24.98 -47.21
C LEU O 503 -27.26 24.94 -46.41
N PRO O 504 -26.28 25.82 -46.68
CA PRO O 504 -26.12 26.89 -47.65
C PRO O 504 -25.78 26.28 -48.97
N GLN O 505 -25.39 27.09 -49.95
CA GLN O 505 -25.07 26.54 -51.26
C GLN O 505 -24.10 27.42 -52.02
N ASP O 506 -23.01 26.82 -52.52
CA ASP O 506 -22.03 27.56 -53.29
C ASP O 506 -22.71 27.98 -54.61
N PRO O 507 -22.31 29.11 -55.22
CA PRO O 507 -23.03 29.51 -56.43
C PRO O 507 -22.85 28.65 -57.66
N ILE O 508 -23.49 29.11 -58.73
CA ILE O 508 -23.45 28.47 -60.04
C ILE O 508 -22.03 28.54 -60.59
N PRO O 509 -21.48 27.43 -61.07
CA PRO O 509 -20.09 27.44 -61.55
C PRO O 509 -19.84 28.39 -62.71
N SER O 510 -18.56 28.66 -62.90
CA SER O 510 -18.07 29.57 -63.95
C SER O 510 -18.28 28.98 -65.33
N ALA O 511 -18.31 27.65 -65.44
CA ALA O 511 -18.48 26.96 -66.70
C ALA O 511 -19.79 27.29 -67.41
N PHE O 512 -20.80 27.77 -66.71
CA PHE O 512 -22.04 28.11 -67.38
C PHE O 512 -22.23 29.61 -67.49
N THR O 513 -21.34 30.40 -66.90
CA THR O 513 -21.43 31.85 -66.96
C THR O 513 -20.22 32.45 -67.64
N LYS O 514 -19.44 31.64 -68.36
CA LYS O 514 -18.24 32.10 -69.04
C LYS O 514 -18.53 33.23 -70.02
N LYS O 515 -19.47 33.00 -70.95
CA LYS O 515 -19.79 33.99 -71.97
C LYS O 515 -20.40 35.26 -71.38
N ILE O 516 -21.22 35.11 -70.33
CA ILE O 516 -21.83 36.29 -69.72
C ILE O 516 -20.79 37.07 -68.96
N ASN O 517 -19.81 36.39 -68.36
CA ASN O 517 -18.74 37.06 -67.64
C ASN O 517 -17.79 37.74 -68.61
N LYS O 518 -17.69 37.21 -69.83
CA LYS O 518 -16.85 37.84 -70.83
C LYS O 518 -17.50 39.10 -71.36
N VAL O 519 -18.80 39.06 -71.61
CA VAL O 519 -19.50 40.23 -72.16
C VAL O 519 -19.65 41.32 -71.10
N CYS O 520 -20.17 40.97 -69.93
CA CYS O 520 -20.40 41.95 -68.89
C CYS O 520 -19.22 42.10 -67.92
N LYS O 521 -19.27 43.15 -67.07
CA LYS O 521 -18.21 43.40 -66.10
C LYS O 521 -18.67 43.76 -64.68
N ASN O 522 -19.97 43.79 -64.38
CA ASN O 522 -20.46 44.14 -63.03
C ASN O 522 -21.39 43.07 -62.50
N VAL O 523 -20.96 41.84 -62.63
CA VAL O 523 -21.71 40.65 -62.23
C VAL O 523 -21.11 40.09 -60.96
N VAL O 524 -21.90 39.26 -60.28
CA VAL O 524 -21.47 38.62 -59.05
C VAL O 524 -22.32 37.35 -58.90
N TRP O 525 -21.82 36.39 -58.11
CA TRP O 525 -22.48 35.11 -57.89
C TRP O 525 -22.50 34.85 -56.39
N SER O 526 -23.56 35.30 -55.74
CA SER O 526 -23.75 35.17 -54.31
C SER O 526 -24.43 33.87 -53.92
N SER O 527 -24.16 33.45 -52.69
CA SER O 527 -24.76 32.24 -52.16
C SER O 527 -26.18 32.54 -51.73
N ASN O 528 -26.96 31.50 -51.48
CA ASN O 528 -28.29 31.76 -50.99
C ASN O 528 -28.21 31.27 -49.58
N PRO O 529 -28.35 32.13 -48.60
CA PRO O 529 -28.58 33.56 -48.61
C PRO O 529 -27.32 34.35 -48.70
N THR O 530 -27.47 35.66 -48.80
CA THR O 530 -26.31 36.52 -48.82
C THR O 530 -26.68 37.82 -48.15
N ARG O 531 -25.66 38.63 -47.91
CA ARG O 531 -25.85 39.90 -47.25
C ARG O 531 -25.11 40.99 -48.01
N ILE O 532 -25.72 42.15 -48.17
CA ILE O 532 -25.05 43.25 -48.85
C ILE O 532 -24.39 44.10 -47.77
N ALA O 533 -23.08 44.26 -47.86
CA ALA O 533 -22.32 45.07 -46.90
C ALA O 533 -22.56 46.56 -47.12
N TYR O 534 -23.60 47.10 -46.50
CA TYR O 534 -23.93 48.51 -46.61
C TYR O 534 -23.32 49.24 -45.43
N LEU O 535 -22.56 50.29 -45.72
CA LEU O 535 -21.80 51.13 -44.78
C LEU O 535 -22.51 51.43 -43.46
N SER O 536 -23.85 51.48 -43.46
CA SER O 536 -24.59 51.71 -42.23
C SER O 536 -25.85 50.86 -42.12
N GLN O 537 -26.09 49.92 -43.01
CA GLN O 537 -27.30 49.12 -42.90
C GLN O 537 -26.94 47.67 -43.17
N GLU O 538 -27.84 46.78 -42.79
CA GLU O 538 -27.68 45.33 -42.91
C GLU O 538 -28.74 44.74 -43.84
N ILE O 539 -28.49 44.76 -45.15
CA ILE O 539 -29.46 44.21 -46.07
C ILE O 539 -29.04 42.78 -46.41
N VAL O 540 -29.98 41.85 -46.23
CA VAL O 540 -29.79 40.42 -46.46
C VAL O 540 -30.77 39.91 -47.52
N ILE O 541 -30.30 39.01 -48.39
CA ILE O 541 -31.16 38.44 -49.42
C ILE O 541 -31.18 36.93 -49.26
N PHE O 542 -32.39 36.33 -49.19
CA PHE O 542 -32.60 34.89 -48.99
C PHE O 542 -33.83 34.38 -49.72
N ARG O 543 -33.68 33.39 -50.59
CA ARG O 543 -34.83 32.86 -51.33
C ARG O 543 -35.21 31.43 -50.95
N ASP O 544 -36.45 31.25 -50.47
CA ASP O 544 -37.02 29.94 -50.13
C ASP O 544 -38.52 30.07 -49.90
N ASP O 545 -39.15 28.93 -49.63
CA ASP O 545 -40.57 28.78 -49.32
C ASP O 545 -40.79 28.42 -47.87
N LEU O 546 -41.01 29.42 -47.05
CA LEU O 546 -41.22 29.14 -45.65
C LEU O 546 -42.67 28.73 -45.39
N SER O 547 -43.61 29.49 -45.95
CA SER O 547 -45.03 29.24 -45.77
C SER O 547 -45.48 27.94 -46.39
N GLY O 548 -44.74 27.42 -47.35
CA GLY O 548 -45.17 26.16 -47.92
C GLY O 548 -44.89 24.96 -47.02
N ARG O 549 -44.22 25.20 -45.90
CA ARG O 549 -43.88 24.20 -44.92
C ARG O 549 -44.53 24.45 -43.58
N PHE O 550 -44.88 25.70 -43.28
CA PHE O 550 -45.51 25.99 -41.99
C PHE O 550 -46.92 25.45 -41.85
N LYS O 551 -47.71 25.34 -42.92
CA LYS O 551 -49.05 24.86 -42.69
C LYS O 551 -49.10 23.38 -42.36
N ARG O 552 -48.15 22.61 -42.86
CA ARG O 552 -48.06 21.18 -42.63
C ARG O 552 -47.22 20.77 -41.41
N HIS O 553 -46.86 21.68 -40.52
CA HIS O 553 -46.04 21.27 -39.37
C HIS O 553 -46.44 21.94 -38.07
N ARG O 554 -47.64 22.49 -37.98
CA ARG O 554 -48.07 23.14 -36.76
C ARG O 554 -48.61 22.13 -35.77
N LEU O 555 -48.40 22.44 -34.49
CA LEU O 555 -48.81 21.60 -33.37
C LEU O 555 -50.31 21.39 -33.41
N GLU O 556 -51.07 22.47 -33.20
CA GLU O 556 -52.52 22.39 -33.23
C GLU O 556 -53.06 23.79 -33.50
N GLU O 598 -51.19 36.66 -39.87
CA GLU O 598 -51.00 35.68 -40.94
C GLU O 598 -49.60 35.88 -41.44
N THR O 599 -49.52 36.91 -42.29
CA THR O 599 -48.25 37.31 -42.88
C THR O 599 -47.37 37.81 -41.75
N ARG O 600 -48.00 38.52 -40.82
CA ARG O 600 -47.32 39.04 -39.66
C ARG O 600 -46.90 37.90 -38.74
N LYS O 601 -47.65 36.79 -38.75
CA LYS O 601 -47.24 35.63 -37.96
C LYS O 601 -45.94 35.07 -38.50
N LEU O 602 -45.84 35.00 -39.82
CA LEU O 602 -44.64 34.51 -40.47
C LEU O 602 -43.43 35.40 -40.16
N VAL O 603 -43.62 36.70 -40.36
CA VAL O 603 -42.55 37.67 -40.12
C VAL O 603 -42.15 37.66 -38.66
N LYS O 604 -43.16 37.62 -37.78
CA LYS O 604 -42.97 37.58 -36.33
C LYS O 604 -42.15 36.37 -35.92
N THR O 605 -42.41 35.23 -36.57
CA THR O 605 -41.67 34.03 -36.25
C THR O 605 -40.21 34.18 -36.60
N ILE O 606 -39.94 34.59 -37.86
CA ILE O 606 -38.56 34.72 -38.31
C ILE O 606 -37.80 35.77 -37.54
N LEU O 607 -38.47 36.86 -37.19
CA LEU O 607 -37.73 37.88 -36.47
C LEU O 607 -37.55 37.55 -35.01
N ASP O 608 -38.53 36.92 -34.38
CA ASP O 608 -38.40 36.60 -32.96
C ASP O 608 -37.44 35.44 -32.75
N GLN O 609 -37.43 34.45 -33.63
CA GLN O 609 -36.49 33.36 -33.42
C GLN O 609 -35.05 33.71 -33.74
N GLY O 610 -34.79 34.79 -34.47
CA GLY O 610 -33.42 35.14 -34.79
C GLY O 610 -32.70 34.13 -35.64
N HIS O 611 -33.42 33.37 -36.46
CA HIS O 611 -32.82 32.36 -37.33
C HIS O 611 -33.65 32.14 -38.59
N LEU O 612 -32.94 31.79 -39.66
CA LEU O 612 -33.53 31.55 -40.97
C LEU O 612 -34.18 30.19 -41.10
N SER O 613 -33.60 29.17 -40.46
CA SER O 613 -34.06 27.79 -40.50
C SER O 613 -34.42 27.23 -39.14
N PRO O 614 -35.55 27.64 -38.53
CA PRO O 614 -35.83 27.00 -37.23
C PRO O 614 -36.39 25.59 -37.41
N PHE O 615 -35.53 24.66 -37.76
CA PHE O 615 -35.94 23.28 -37.98
C PHE O 615 -34.81 22.35 -37.59
N LEU O 616 -35.13 21.12 -37.23
CA LEU O 616 -34.10 20.15 -36.87
C LEU O 616 -33.25 19.76 -38.08
N ASP O 617 -32.01 19.32 -37.84
CA ASP O 617 -31.12 18.93 -38.94
C ASP O 617 -31.54 17.63 -39.60
N SER O 618 -32.46 16.90 -39.00
CA SER O 618 -32.98 15.69 -39.60
C SER O 618 -34.09 16.02 -40.58
N LEU O 619 -34.39 17.30 -40.74
CA LEU O 619 -35.38 17.83 -41.66
C LEU O 619 -34.66 18.63 -42.72
N ARG O 620 -33.86 19.59 -42.30
CA ARG O 620 -33.05 20.46 -43.15
C ARG O 620 -31.58 20.21 -42.87
N PRO O 621 -30.89 19.44 -43.71
CA PRO O 621 -29.47 19.14 -43.47
C PRO O 621 -28.62 20.38 -43.62
N ILE O 622 -28.15 20.86 -42.49
CA ILE O 622 -27.34 22.06 -42.43
C ILE O 622 -25.85 21.75 -42.44
N SER O 623 -25.09 22.48 -43.25
CA SER O 623 -23.65 22.31 -43.31
C SER O 623 -23.10 22.77 -41.97
N TRP O 624 -22.20 21.98 -41.41
CA TRP O 624 -21.66 22.31 -40.09
C TRP O 624 -20.86 23.61 -40.05
N ASP O 625 -20.13 23.96 -41.12
CA ASP O 625 -19.30 25.15 -41.07
C ASP O 625 -20.03 26.48 -41.03
N LEU O 626 -21.01 26.71 -41.88
CA LEU O 626 -21.58 28.06 -41.92
C LEU O 626 -22.91 28.29 -41.22
N ASP O 627 -23.18 27.72 -40.04
CA ASP O 627 -24.44 28.04 -39.38
C ASP O 627 -24.39 29.46 -38.86
N HIS O 628 -23.17 29.92 -38.56
CA HIS O 628 -22.95 31.27 -38.08
C HIS O 628 -23.40 32.29 -39.07
N THR O 629 -23.27 31.97 -40.35
CA THR O 629 -23.72 32.85 -41.39
C THR O 629 -25.23 32.98 -41.35
N LEU O 630 -25.91 31.86 -41.10
CA LEU O 630 -27.36 31.77 -41.04
C LEU O 630 -27.94 32.34 -39.77
N THR O 631 -27.10 32.58 -38.78
CA THR O 631 -27.55 33.11 -37.52
C THR O 631 -27.98 34.56 -37.73
N LEU O 632 -29.10 34.96 -37.14
CA LEU O 632 -29.48 36.35 -37.34
C LEU O 632 -28.94 37.26 -36.25
N CYS O 633 -27.62 37.20 -36.05
CA CYS O 633 -26.93 38.02 -35.07
C CYS O 633 -26.07 39.05 -35.77
N PRO O 634 -26.44 40.33 -35.78
CA PRO O 634 -27.68 40.80 -35.18
C PRO O 634 -28.84 40.87 -36.14
N ILE O 635 -29.82 41.65 -35.70
CA ILE O 635 -31.04 41.93 -36.44
C ILE O 635 -30.67 42.74 -37.67
N PRO O 636 -31.03 42.33 -38.87
CA PRO O 636 -30.67 43.09 -40.09
C PRO O 636 -31.57 44.30 -40.34
N SER O 637 -31.16 45.12 -41.32
CA SER O 637 -31.97 46.29 -41.65
C SER O 637 -33.13 45.92 -42.56
N THR O 638 -32.84 45.17 -43.62
CA THR O 638 -33.89 44.77 -44.56
C THR O 638 -33.51 43.41 -45.10
N MET O 639 -34.36 42.43 -44.89
CA MET O 639 -34.14 41.09 -45.37
C MET O 639 -34.97 40.78 -46.61
N VAL O 640 -34.31 40.46 -47.71
CA VAL O 640 -35.00 40.16 -48.96
C VAL O 640 -35.32 38.67 -48.99
N LEU O 641 -36.56 38.36 -48.64
CA LEU O 641 -37.10 37.01 -48.59
C LEU O 641 -38.00 36.78 -49.79
N CYS O 642 -37.47 36.11 -50.80
CA CYS O 642 -38.27 35.84 -51.99
C CYS O 642 -39.02 34.51 -51.89
N ASP O 643 -40.27 34.57 -51.45
CA ASP O 643 -41.11 33.40 -51.31
C ASP O 643 -41.82 33.04 -52.61
N THR O 644 -41.95 31.75 -52.91
CA THR O 644 -42.62 31.29 -54.12
C THR O 644 -44.02 30.75 -53.86
N THR O 645 -44.61 31.00 -52.72
CA THR O 645 -45.95 30.49 -52.48
C THR O 645 -46.88 31.43 -51.72
N SER O 646 -46.45 32.63 -51.41
CA SER O 646 -47.28 33.58 -50.70
C SER O 646 -47.34 34.85 -51.53
N ALA O 647 -48.34 35.68 -51.25
CA ALA O 647 -48.47 36.89 -52.04
C ALA O 647 -47.34 37.86 -51.70
N GLN O 648 -47.24 38.91 -52.48
CA GLN O 648 -46.21 39.91 -52.26
C GLN O 648 -46.64 40.94 -51.23
N PHE O 649 -45.72 41.33 -50.37
CA PHE O 649 -46.04 42.32 -49.35
C PHE O 649 -44.75 42.94 -48.85
N ASP O 650 -44.92 43.82 -47.87
CA ASP O 650 -43.82 44.51 -47.20
C ASP O 650 -44.42 45.08 -45.93
N LEU O 651 -43.99 44.61 -44.78
CA LEU O 651 -44.54 45.16 -43.56
C LEU O 651 -43.39 45.43 -42.61
N THR O 652 -43.68 46.21 -41.58
CA THR O 652 -42.68 46.55 -40.59
C THR O 652 -43.03 45.89 -39.26
N TYR O 653 -41.99 45.52 -38.51
CA TYR O 653 -42.20 44.90 -37.21
C TYR O 653 -40.93 45.10 -36.40
N ASN O 654 -40.98 46.04 -35.47
CA ASN O 654 -39.90 46.41 -34.56
C ASN O 654 -38.67 46.95 -35.31
N GLY O 655 -38.86 47.48 -36.51
CA GLY O 655 -37.78 48.04 -37.29
C GLY O 655 -37.27 47.31 -38.51
N CYS O 656 -37.10 46.00 -38.43
CA CYS O 656 -36.60 45.27 -39.60
C CYS O 656 -37.70 45.22 -40.66
N LYS O 657 -37.50 45.98 -41.74
CA LYS O 657 -38.49 46.00 -42.81
C LYS O 657 -38.44 44.70 -43.60
N VAL O 658 -39.45 43.87 -43.45
CA VAL O 658 -39.50 42.59 -44.13
C VAL O 658 -40.37 42.74 -45.36
N ILE O 659 -39.85 42.29 -46.49
CA ILE O 659 -40.53 42.40 -47.77
C ILE O 659 -40.87 41.03 -48.33
N ASN O 660 -41.54 41.03 -49.47
CA ASN O 660 -41.89 39.83 -50.18
C ASN O 660 -42.24 40.26 -51.58
N PRO O 661 -41.56 39.72 -52.60
CA PRO O 661 -41.88 40.07 -53.98
C PRO O 661 -42.88 39.11 -54.61
N GLY O 662 -43.11 37.97 -53.97
CA GLY O 662 -44.02 36.96 -54.48
C GLY O 662 -43.44 36.34 -55.75
N SER O 663 -44.34 35.81 -56.57
CA SER O 663 -43.96 35.21 -57.84
C SER O 663 -43.56 36.29 -58.83
N PHE O 664 -43.31 35.87 -60.03
CA PHE O 664 -42.90 36.83 -61.03
C PHE O 664 -43.59 36.64 -62.36
N ILE O 665 -44.07 35.45 -62.64
CA ILE O 665 -44.71 35.11 -63.89
C ILE O 665 -46.21 34.95 -63.71
N ASN O 667 -46.63 34.08 -62.79
CA ASN O 667 -48.05 33.78 -62.56
C ASN O 667 -48.78 34.92 -61.90
N ARG O 668 -48.08 35.98 -61.51
CA ARG O 668 -48.71 37.17 -60.99
C ARG O 668 -48.98 38.14 -62.12
N ARG O 669 -49.16 37.60 -63.33
CA ARG O 669 -49.41 38.35 -64.57
C ARG O 669 -48.32 39.39 -64.81
N ALA O 670 -47.10 38.88 -64.65
CA ALA O 670 -45.81 39.52 -64.89
C ALA O 670 -45.61 40.79 -64.06
N ARG O 671 -45.39 40.57 -62.76
CA ARG O 671 -45.13 41.63 -61.79
C ARG O 671 -43.72 41.50 -61.20
N TYR O 672 -43.17 42.65 -60.83
CA TYR O 672 -41.86 42.71 -60.19
C TYR O 672 -41.80 43.94 -59.31
N MET O 673 -40.71 44.04 -58.54
CA MET O 673 -40.55 45.11 -57.58
C MET O 673 -39.25 45.88 -57.78
N GLU O 674 -39.27 47.13 -57.34
CA GLU O 674 -38.13 48.04 -57.38
C GLU O 674 -38.13 48.78 -56.05
N TYR O 675 -37.02 48.70 -55.33
CA TYR O 675 -36.94 49.31 -54.00
C TYR O 675 -35.94 50.46 -53.90
N VAL O 676 -36.37 51.50 -53.20
CA VAL O 676 -35.61 52.72 -52.93
C VAL O 676 -35.10 52.62 -51.49
N PRO O 677 -33.78 52.55 -51.27
CA PRO O 677 -33.27 52.42 -49.89
C PRO O 677 -33.36 53.65 -49.01
N SER O 678 -33.23 54.86 -49.56
CA SER O 678 -33.27 56.05 -48.73
C SER O 678 -34.62 56.29 -48.09
N SER O 679 -35.65 56.53 -48.89
CA SER O 679 -36.97 56.77 -48.32
C SER O 679 -37.74 55.51 -48.00
N LYS O 680 -37.13 54.36 -48.28
CA LYS O 680 -37.70 53.03 -48.02
C LYS O 680 -39.06 52.84 -48.67
N LYS O 681 -39.20 53.39 -49.87
CA LYS O 681 -40.46 53.29 -50.61
C LYS O 681 -40.55 51.94 -51.30
N THR O 682 -41.78 51.46 -51.48
CA THR O 682 -42.03 50.17 -52.10
C THR O 682 -43.09 50.32 -53.16
N ILE O 683 -42.69 50.13 -54.41
CA ILE O 683 -43.57 50.27 -55.55
C ILE O 683 -43.59 48.99 -56.37
N GLN O 684 -44.77 48.66 -56.85
CA GLN O 684 -45.00 47.50 -57.70
C GLN O 684 -44.95 47.96 -59.14
N GLU O 685 -44.43 47.12 -60.01
CA GLU O 685 -44.37 47.45 -61.44
C GLU O 685 -44.81 46.23 -62.21
N GLU O 686 -45.86 46.42 -63.01
CA GLU O 686 -46.51 45.39 -63.81
C GLU O 686 -46.61 45.84 -65.26
N ILE O 687 -46.51 44.86 -66.17
CA ILE O 687 -46.59 45.10 -67.61
C ILE O 687 -47.96 44.70 -68.13
N TYR O 688 -48.75 43.99 -67.33
CA TYR O 688 -50.07 43.51 -67.71
C TYR O 688 -51.06 43.73 -66.57
N SER P 1 -69.03 25.69 -82.72
CA SER P 1 -67.92 24.91 -82.18
C SER P 1 -68.31 23.44 -82.11
N MET P 2 -69.27 23.08 -82.94
CA MET P 2 -69.76 21.71 -83.01
C MET P 2 -70.27 21.45 -84.42
N ILE P 3 -70.79 20.25 -84.62
CA ILE P 3 -71.30 19.88 -85.93
C ILE P 3 -72.76 19.43 -85.82
N ARG P 4 -73.02 18.38 -85.06
CA ARG P 4 -74.38 17.88 -84.94
C ARG P 4 -74.91 17.89 -83.50
N LYS P 5 -76.19 17.54 -83.42
CA LYS P 5 -77.01 17.45 -82.22
C LYS P 5 -77.15 16.03 -81.70
N GLN P 6 -76.42 15.07 -82.26
CA GLN P 6 -76.52 13.68 -81.82
C GLN P 6 -75.56 13.42 -80.67
N ALA P 7 -76.03 13.79 -79.47
CA ALA P 7 -75.26 13.60 -78.24
C ALA P 7 -75.26 12.16 -77.75
N GLU P 8 -75.85 11.24 -78.49
CA GLU P 8 -75.89 9.83 -78.13
C GLU P 8 -75.51 8.93 -79.29
N SER P 9 -75.53 9.42 -80.52
CA SER P 9 -75.13 8.67 -81.72
C SER P 9 -73.86 9.33 -82.25
N TYR P 10 -72.72 8.92 -81.68
CA TYR P 10 -71.44 9.48 -82.10
C TYR P 10 -71.08 9.06 -83.53
N ALA P 11 -70.54 10.02 -84.30
CA ALA P 11 -70.14 9.73 -85.67
C ALA P 11 -68.88 8.87 -85.70
N ASN P 12 -68.83 7.95 -86.65
CA ASN P 12 -67.71 7.01 -86.77
C ASN P 12 -66.43 7.68 -87.25
N SER P 13 -65.74 8.32 -86.31
CA SER P 13 -64.49 9.04 -86.54
C SER P 13 -63.36 8.46 -85.69
N THR P 14 -62.14 8.46 -86.21
CA THR P 14 -60.97 7.94 -85.52
C THR P 14 -59.96 9.08 -85.38
N TRP P 15 -59.46 9.30 -84.16
CA TRP P 15 -58.53 10.40 -83.94
C TRP P 15 -57.10 10.13 -84.39
N GLU P 16 -56.41 11.23 -84.72
CA GLU P 16 -55.02 11.18 -85.17
C GLU P 16 -54.05 11.99 -84.32
N VAL P 17 -54.27 13.29 -84.17
CA VAL P 17 -53.39 14.18 -83.40
C VAL P 17 -54.23 15.04 -82.46
N LEU P 18 -53.53 15.79 -81.61
CA LEU P 18 -54.18 16.70 -80.66
C LEU P 18 -53.18 17.75 -80.23
N GLN P 19 -53.40 18.98 -80.66
CA GLN P 19 -52.51 20.08 -80.31
C GLN P 19 -53.25 21.03 -79.38
N TYR P 20 -52.59 21.41 -78.29
CA TYR P 20 -53.15 22.30 -77.29
C TYR P 20 -52.56 23.68 -77.48
N LYS P 21 -53.43 24.69 -77.54
CA LYS P 21 -53.02 26.07 -77.68
C LYS P 21 -53.48 26.73 -76.38
N ASP P 22 -52.65 26.60 -75.34
CA ASP P 22 -53.03 27.14 -74.04
C ASP P 22 -52.99 28.66 -74.03
N SER P 23 -52.23 29.27 -74.94
CA SER P 23 -52.17 30.73 -74.96
C SER P 23 -53.50 31.34 -75.38
N GLY P 24 -54.33 30.60 -76.11
CA GLY P 24 -55.62 31.14 -76.50
C GLY P 24 -56.62 31.18 -75.34
N GLU P 25 -56.86 30.02 -74.72
CA GLU P 25 -57.77 29.87 -73.59
C GLU P 25 -57.24 28.74 -72.71
N PRO P 26 -57.49 28.79 -71.40
CA PRO P 26 -57.00 27.71 -70.53
C PRO P 26 -57.84 26.45 -70.71
N GLY P 27 -57.15 25.33 -70.88
CA GLY P 27 -57.80 24.03 -71.05
C GLY P 27 -58.65 23.87 -72.28
N VAL P 28 -58.20 24.36 -73.43
CA VAL P 28 -58.93 24.27 -74.68
C VAL P 28 -57.98 23.75 -75.74
N LEU P 29 -58.35 22.66 -76.42
CA LEU P 29 -57.47 22.11 -77.43
C LEU P 29 -58.31 21.66 -78.62
N GLU P 30 -57.62 21.17 -79.64
CA GLU P 30 -58.24 20.69 -80.85
C GLU P 30 -57.68 19.33 -81.21
N VAL P 31 -58.54 18.52 -81.81
CA VAL P 31 -58.18 17.18 -82.22
C VAL P 31 -58.52 17.07 -83.69
N PHE P 32 -57.62 16.45 -84.46
CA PHE P 32 -57.80 16.24 -85.88
C PHE P 32 -58.07 14.76 -86.03
N VAL P 33 -59.23 14.42 -86.60
CA VAL P 33 -59.67 13.04 -86.75
C VAL P 33 -59.86 12.69 -88.20
N THR P 34 -60.30 11.47 -88.46
CA THR P 34 -60.58 11.03 -89.82
C THR P 34 -61.97 10.41 -89.81
N ILE P 35 -62.70 10.67 -90.88
CA ILE P 35 -64.07 10.23 -91.09
C ILE P 35 -64.08 9.85 -92.56
N ASN P 36 -65.26 9.62 -93.16
CA ASN P 36 -65.39 9.30 -94.58
C ASN P 36 -64.75 10.35 -95.47
N GLY P 37 -64.68 11.61 -95.02
CA GLY P 37 -64.02 12.68 -95.76
C GLY P 37 -62.51 12.61 -95.57
N LYS P 38 -61.84 13.75 -95.70
CA LYS P 38 -60.39 13.79 -95.55
C LYS P 38 -59.97 13.97 -94.09
N VAL P 39 -60.17 15.18 -93.55
CA VAL P 39 -59.81 15.52 -92.17
C VAL P 39 -60.72 16.66 -91.70
N GLN P 40 -60.79 16.84 -90.39
CA GLN P 40 -61.56 17.91 -89.73
C GLN P 40 -60.92 18.20 -88.39
N ASN P 41 -61.38 19.28 -87.76
CA ASN P 41 -60.92 19.68 -86.43
C ASN P 41 -62.10 19.58 -85.46
N ILE P 42 -61.85 19.96 -84.22
CA ILE P 42 -62.89 19.91 -83.19
C ILE P 42 -62.53 20.92 -82.12
N THR P 43 -63.51 21.28 -81.31
CA THR P 43 -63.34 22.22 -80.21
C THR P 43 -63.52 21.41 -78.93
N PHE P 44 -62.42 21.12 -78.24
CA PHE P 44 -62.48 20.35 -77.01
C PHE P 44 -61.91 21.11 -75.84
N HIS P 45 -62.60 20.97 -74.73
CA HIS P 45 -62.28 21.57 -73.43
C HIS P 45 -62.80 20.67 -72.31
N ILE P 46 -61.92 19.82 -71.80
CA ILE P 46 -62.28 18.86 -70.74
C ILE P 46 -61.79 19.37 -69.39
N PRO P 47 -62.54 19.20 -68.30
CA PRO P 47 -62.11 19.67 -66.98
C PRO P 47 -61.21 18.70 -66.22
N LYS P 48 -60.49 19.24 -65.25
CA LYS P 48 -59.56 18.45 -64.45
C LYS P 48 -60.29 17.74 -63.31
N THR P 49 -59.52 17.18 -62.37
CA THR P 49 -60.06 16.47 -61.22
C THR P 49 -59.05 16.58 -60.10
N ILE P 50 -59.51 16.98 -58.92
CA ILE P 50 -58.60 17.12 -57.78
C ILE P 50 -59.17 16.33 -56.61
N TYR P 51 -58.57 16.45 -55.43
CA TYR P 51 -59.03 15.73 -54.25
C TYR P 51 -59.27 16.72 -53.13
N MET P 52 -60.48 16.74 -52.62
CA MET P 52 -60.82 17.65 -51.54
C MET P 52 -61.40 16.90 -50.35
N LYS P 53 -62.41 16.05 -50.60
CA LYS P 53 -63.17 15.22 -49.66
C LYS P 53 -64.12 16.10 -48.84
N PHE P 54 -63.99 17.43 -48.94
CA PHE P 54 -64.82 18.40 -48.24
C PHE P 54 -65.49 19.38 -49.18
N LYS P 55 -66.78 19.60 -49.00
CA LYS P 55 -67.50 20.53 -49.86
C LYS P 55 -68.56 21.29 -49.07
N SER P 56 -68.63 21.09 -47.75
CA SER P 56 -69.63 21.79 -46.97
C SER P 56 -69.32 23.28 -46.95
N GLN P 57 -68.17 23.65 -46.39
CA GLN P 57 -67.81 25.06 -46.40
C GLN P 57 -67.10 25.47 -47.70
N THR P 58 -66.75 24.52 -48.58
CA THR P 58 -66.10 24.91 -49.83
C THR P 58 -67.07 25.60 -50.79
N MET P 59 -68.36 25.33 -50.67
CA MET P 59 -69.39 25.99 -51.48
C MET P 59 -69.56 27.47 -51.07
N PRO P 60 -69.64 27.86 -49.79
CA PRO P 60 -69.69 29.30 -49.50
C PRO P 60 -68.36 30.01 -49.71
N LEU P 61 -67.28 29.28 -49.89
CA LEU P 61 -65.93 29.78 -50.10
C LEU P 61 -65.54 29.82 -51.57
N GLN P 62 -65.74 28.73 -52.31
CA GLN P 62 -65.35 28.72 -53.69
C GLN P 62 -66.47 28.57 -54.71
N LYS P 63 -67.68 28.17 -54.28
CA LYS P 63 -68.88 28.05 -55.13
C LYS P 63 -68.60 27.15 -56.33
N ILE P 64 -68.48 25.86 -56.00
CA ILE P 64 -68.22 24.87 -57.03
C ILE P 64 -69.41 24.80 -57.98
N LYS P 65 -69.12 24.91 -59.28
CA LYS P 65 -70.16 24.87 -60.31
C LYS P 65 -70.82 23.50 -60.44
N ASN P 66 -70.10 22.43 -60.12
CA ASN P 66 -70.60 21.06 -60.19
C ASN P 66 -70.23 20.38 -58.87
N CYS P 67 -71.17 20.38 -57.94
CA CYS P 67 -70.99 19.78 -56.62
C CYS P 67 -70.83 18.28 -56.75
N LEU P 68 -69.59 17.81 -56.60
CA LEU P 68 -69.24 16.40 -56.73
C LEU P 68 -68.51 16.01 -55.46
N ILE P 69 -69.19 15.27 -54.59
CA ILE P 69 -68.63 14.77 -53.34
C ILE P 69 -68.52 13.26 -53.49
N GLU P 70 -67.35 12.79 -53.86
CA GLU P 70 -67.26 11.36 -54.04
C GLU P 70 -66.93 10.64 -52.75
N LYS P 71 -67.18 9.35 -52.79
CA LYS P 71 -66.86 8.46 -51.69
C LYS P 71 -65.37 8.25 -51.86
N SER P 72 -64.55 8.81 -50.97
CA SER P 72 -63.10 8.70 -51.11
C SER P 72 -62.61 7.26 -50.97
N SER P 73 -61.71 6.84 -51.87
CA SER P 73 -61.06 5.53 -51.91
C SER P 73 -59.60 5.68 -52.33
N ALA P 74 -59.01 6.80 -51.93
CA ALA P 74 -57.64 7.25 -52.20
C ALA P 74 -56.61 6.38 -51.47
N SER P 75 -56.25 5.26 -52.11
CA SER P 75 -55.30 4.30 -51.57
C SER P 75 -53.86 4.73 -51.91
N LEU P 76 -53.53 5.90 -51.38
CA LEU P 76 -52.25 6.58 -51.55
C LEU P 76 -51.32 6.34 -50.37
N PRO P 77 -50.19 5.68 -50.58
CA PRO P 77 -49.27 5.37 -49.47
C PRO P 77 -48.44 6.51 -48.89
N ASN P 78 -48.99 7.32 -47.97
CA ASN P 78 -48.21 8.39 -47.36
C ASN P 78 -47.16 7.84 -46.39
N ASN P 79 -46.20 8.70 -46.02
CA ASN P 79 -45.18 8.29 -45.05
C ASN P 79 -45.68 8.44 -43.59
N PRO P 80 -46.31 9.59 -43.16
CA PRO P 80 -46.76 9.66 -41.75
C PRO P 80 -47.96 8.83 -41.38
N LYS P 81 -48.41 9.02 -40.14
CA LYS P 81 -49.54 8.33 -39.55
C LYS P 81 -50.83 9.07 -39.85
N THR P 82 -51.94 8.35 -39.62
CA THR P 82 -53.35 8.70 -39.82
C THR P 82 -53.65 8.88 -41.30
N SER P 83 -52.72 8.51 -42.16
CA SER P 83 -52.89 8.60 -43.59
C SER P 83 -52.07 7.43 -44.11
N ASN P 84 -52.70 6.26 -44.18
CA ASN P 84 -52.03 5.05 -44.61
C ASN P 84 -53.05 4.19 -45.33
N PRO P 85 -52.62 3.36 -46.29
CA PRO P 85 -53.57 2.50 -47.01
C PRO P 85 -54.12 1.40 -46.12
N GLU P 97 -63.70 13.95 -54.95
CA GLU P 97 -63.22 14.67 -56.11
C GLU P 97 -64.28 15.60 -56.62
N SER P 98 -63.87 16.85 -56.83
CA SER P 98 -64.72 17.92 -57.32
C SER P 98 -64.27 18.32 -58.71
N VAL P 99 -65.18 18.27 -59.67
CA VAL P 99 -64.89 18.62 -61.06
C VAL P 99 -65.95 19.61 -61.48
N PHE P 100 -65.60 20.90 -61.62
CA PHE P 100 -66.62 21.87 -62.03
C PHE P 100 -66.30 22.64 -63.30
N LEU P 101 -65.16 23.32 -63.37
CA LEU P 101 -64.68 24.20 -64.40
C LEU P 101 -63.33 24.67 -63.88
N GLU P 102 -62.49 25.21 -64.75
CA GLU P 102 -61.15 25.64 -64.36
C GLU P 102 -60.84 27.04 -64.85
N GLU P 103 -61.70 28.00 -64.50
CA GLU P 103 -61.51 29.40 -64.88
C GLU P 103 -60.29 30.02 -64.19
N LYS P 104 -60.00 29.60 -62.98
CA LYS P 104 -58.83 30.08 -62.28
C LYS P 104 -58.42 28.98 -61.33
N GLU P 105 -57.21 29.08 -60.81
CA GLU P 105 -56.74 28.04 -59.93
C GLU P 105 -56.26 28.67 -58.63
N ASN P 106 -57.23 28.91 -57.76
CA ASN P 106 -57.06 29.48 -56.43
C ASN P 106 -57.71 28.45 -55.52
N CYS P 107 -56.93 27.55 -54.93
CA CYS P 107 -57.55 26.56 -54.07
C CYS P 107 -57.76 27.16 -52.68
N THR P 108 -58.24 26.34 -51.75
CA THR P 108 -58.45 26.90 -50.43
C THR P 108 -57.10 27.14 -49.75
N SER P 109 -57.12 28.00 -48.75
CA SER P 109 -55.94 28.33 -48.00
C SER P 109 -56.16 28.06 -46.52
N ILE P 110 -57.37 27.67 -46.14
CA ILE P 110 -57.74 27.40 -44.76
C ILE P 110 -58.19 25.96 -44.61
N PHE P 111 -57.48 25.05 -45.32
CA PHE P 111 -57.77 23.61 -45.36
C PHE P 111 -58.19 22.98 -44.05
N ASN P 112 -59.26 22.20 -44.16
CA ASN P 112 -59.93 21.40 -43.18
C ASN P 112 -60.93 20.58 -43.97
N ASP P 113 -61.23 19.39 -43.49
CA ASP P 113 -62.13 18.55 -44.24
C ASP P 113 -63.24 17.90 -43.42
N GLU P 114 -63.26 18.12 -42.10
CA GLU P 114 -64.23 17.56 -41.15
C GLU P 114 -64.19 16.03 -41.26
N ASN P 115 -62.97 15.53 -41.43
CA ASN P 115 -62.68 14.12 -41.62
C ASN P 115 -61.38 13.81 -40.91
N VAL P 116 -60.70 12.77 -41.39
CA VAL P 116 -59.42 12.29 -40.91
C VAL P 116 -58.39 13.42 -40.89
N LEU P 117 -57.44 13.37 -39.95
CA LEU P 117 -56.39 14.37 -39.73
C LEU P 117 -55.37 14.33 -40.87
N GLY P 118 -55.52 15.20 -41.87
CA GLY P 118 -54.58 15.21 -42.97
C GLY P 118 -54.94 16.27 -43.98
N VAL P 119 -54.01 16.48 -44.91
CA VAL P 119 -54.16 17.45 -45.99
C VAL P 119 -53.82 16.74 -47.27
N PHE P 120 -54.74 16.71 -48.20
CA PHE P 120 -54.56 15.99 -49.44
C PHE P 120 -53.86 16.89 -50.44
N GLU P 121 -53.33 16.30 -51.50
CA GLU P 121 -52.74 17.17 -52.51
C GLU P 121 -53.85 17.61 -53.43
N GLY P 122 -54.44 16.66 -54.13
CA GLY P 122 -55.48 17.07 -55.02
C GLY P 122 -55.01 17.49 -56.38
N THR P 123 -54.50 16.52 -57.13
CA THR P 123 -54.03 16.73 -58.49
C THR P 123 -53.99 15.36 -59.13
N ILE P 124 -54.30 15.32 -60.42
CA ILE P 124 -54.27 14.04 -61.12
C ILE P 124 -53.40 13.97 -62.39
N THR P 125 -53.44 15.00 -63.30
CA THR P 125 -52.69 15.01 -64.56
C THR P 125 -52.76 16.35 -65.29
N PRO P 126 -51.72 16.71 -66.06
CA PRO P 126 -51.78 17.98 -66.78
C PRO P 126 -52.17 17.79 -68.24
N HIS P 127 -52.19 16.54 -68.69
CA HIS P 127 -52.57 16.24 -70.06
C HIS P 127 -53.23 14.86 -70.00
N GLN P 128 -53.14 14.09 -71.09
CA GLN P 128 -53.66 12.73 -71.25
C GLN P 128 -55.18 12.62 -71.15
N ARG P 129 -55.91 13.66 -71.50
CA ARG P 129 -57.36 13.56 -71.43
C ARG P 129 -57.96 12.66 -72.50
N ALA P 130 -57.24 12.43 -73.60
CA ALA P 130 -57.72 11.58 -74.69
C ALA P 130 -57.58 10.09 -74.40
N ILE P 131 -58.18 9.65 -73.29
CA ILE P 131 -58.17 8.25 -72.92
C ILE P 131 -59.59 7.90 -72.46
N MET P 132 -60.37 7.32 -73.37
CA MET P 132 -61.76 6.95 -73.07
C MET P 132 -62.03 5.52 -73.48
N LEU P 161 -67.66 15.32 -71.29
CA LEU P 161 -69.08 15.35 -71.58
C LEU P 161 -69.38 14.60 -72.87
N SER P 162 -68.37 14.54 -73.74
CA SER P 162 -68.53 13.87 -75.01
C SER P 162 -68.55 12.35 -74.84
N MET P 163 -68.65 11.67 -75.96
CA MET P 163 -68.72 10.21 -76.03
C MET P 163 -67.35 9.59 -76.34
N ALA P 164 -67.26 8.29 -76.13
CA ALA P 164 -66.06 7.51 -76.41
C ALA P 164 -66.12 6.98 -77.84
N GLU P 165 -65.20 6.06 -78.16
CA GLU P 165 -65.14 5.48 -79.49
C GLU P 165 -65.09 3.97 -79.39
N ASN P 166 -64.79 3.29 -80.51
CA ASN P 166 -64.69 1.84 -80.48
C ASN P 166 -63.28 1.39 -80.11
N GLU P 167 -62.28 2.20 -80.47
CA GLU P 167 -60.85 1.99 -80.16
C GLU P 167 -60.30 0.63 -80.61
N ARG P 168 -60.76 0.14 -81.77
CA ARG P 168 -60.31 -1.13 -82.30
C ARG P 168 -60.20 -1.08 -83.82
N TYR P 169 -59.23 -1.83 -84.35
CA TYR P 169 -58.97 -1.98 -85.79
C TYR P 169 -58.66 -0.64 -86.47
N LEU P 170 -57.44 -0.18 -86.19
CA LEU P 170 -56.90 1.06 -86.74
C LEU P 170 -56.83 0.98 -88.27
N SER P 171 -55.92 0.12 -88.77
CA SER P 171 -55.71 -0.15 -90.21
C SER P 171 -55.59 1.13 -91.04
N GLY P 172 -54.54 1.89 -90.74
CA GLY P 172 -54.26 3.18 -91.35
C GLY P 172 -53.72 3.33 -92.76
N PHE P 173 -54.63 3.24 -93.74
CA PHE P 173 -54.38 3.36 -95.17
C PHE P 173 -54.03 4.80 -95.57
N SER P 174 -52.90 5.36 -95.14
CA SER P 174 -52.60 6.73 -95.53
C SER P 174 -52.15 6.81 -96.99
N MET P 175 -52.54 7.91 -97.64
CA MET P 175 -52.19 8.07 -99.06
C MET P 175 -50.81 8.65 -99.31
N ASP P 176 -50.58 9.91 -98.95
CA ASP P 176 -49.31 10.58 -99.16
C ASP P 176 -48.76 11.10 -97.83
N ILE P 177 -47.57 11.69 -97.90
CA ILE P 177 -46.89 12.23 -96.71
C ILE P 177 -46.08 13.45 -97.12
N GLY P 178 -45.59 14.15 -96.11
CA GLY P 178 -44.73 15.29 -96.28
C GLY P 178 -43.42 14.85 -95.66
N TYR P 179 -42.30 15.28 -96.21
CA TYR P 179 -41.01 14.83 -95.67
C TYR P 179 -40.06 16.00 -95.50
N LEU P 180 -40.14 16.68 -94.37
CA LEU P 180 -39.25 17.79 -94.12
C LEU P 180 -38.11 17.32 -93.25
N LEU P 181 -36.92 17.89 -93.48
CA LEU P 181 -35.75 17.53 -92.71
C LEU P 181 -34.89 18.77 -92.48
N HIS P 182 -34.20 18.76 -91.35
CA HIS P 182 -33.28 19.80 -90.96
C HIS P 182 -32.11 19.14 -90.26
N PHE P 183 -30.94 19.74 -90.36
CA PHE P 183 -29.77 19.19 -89.70
C PHE P 183 -28.74 20.24 -89.32
N PRO P 184 -28.66 20.62 -88.05
CA PRO P 184 -27.62 21.55 -87.65
C PRO P 184 -26.31 20.77 -87.61
N THR P 185 -25.21 21.49 -87.75
CA THR P 185 -23.91 20.84 -87.78
C THR P 185 -22.90 21.73 -87.06
N SER P 186 -21.83 21.12 -86.53
CA SER P 186 -20.79 21.92 -85.90
C SER P 186 -20.13 22.78 -86.97
N ILE P 187 -19.87 22.19 -88.13
CA ILE P 187 -19.32 22.88 -89.28
C ILE P 187 -20.48 23.56 -90.00
N GLY P 188 -20.18 24.52 -90.86
CA GLY P 188 -21.28 25.19 -91.55
C GLY P 188 -22.00 24.44 -92.65
N TYR P 189 -22.53 23.24 -92.36
CA TYR P 189 -23.25 22.49 -93.39
C TYR P 189 -24.70 22.96 -93.47
N GLU P 190 -25.46 22.70 -92.40
CA GLU P 190 -26.87 23.08 -92.22
C GLU P 190 -27.73 22.61 -93.39
N PHE P 191 -27.86 21.29 -93.48
CA PHE P 191 -28.61 20.67 -94.57
C PHE P 191 -30.09 20.65 -94.21
N PHE P 192 -30.91 21.27 -95.04
CA PHE P 192 -32.36 21.34 -94.88
C PHE P 192 -33.01 20.69 -96.09
N SER P 193 -33.12 19.37 -96.08
CA SER P 193 -33.69 18.68 -97.22
C SER P 193 -35.19 18.46 -97.08
N LEU P 194 -35.84 18.26 -98.23
CA LEU P 194 -37.27 18.03 -98.29
C LEU P 194 -37.66 17.49 -99.65
N PHE P 195 -38.66 16.62 -99.63
CA PHE P 195 -39.26 16.03 -100.82
C PHE P 195 -40.62 15.57 -100.32
N LYS P 196 -41.48 15.12 -101.22
CA LYS P 196 -42.78 14.68 -100.77
C LYS P 196 -43.20 13.51 -101.63
N SER P 197 -44.50 13.26 -101.66
CA SER P 197 -45.04 12.22 -102.52
C SER P 197 -45.78 12.90 -103.66
N TRP P 198 -45.35 14.13 -103.94
CA TRP P 198 -45.92 14.98 -104.97
C TRP P 198 -44.93 15.31 -106.06
N GLY P 199 -43.81 15.93 -105.74
CA GLY P 199 -42.84 16.29 -106.75
C GLY P 199 -41.69 15.31 -106.80
N ASP P 200 -40.61 15.75 -107.44
CA ASP P 200 -39.42 14.91 -107.59
C ASP P 200 -38.17 15.73 -107.34
N THR P 201 -38.08 16.41 -106.20
CA THR P 201 -36.90 17.20 -105.97
C THR P 201 -36.58 17.33 -104.49
N ILE P 202 -35.35 17.76 -104.24
CA ILE P 202 -34.81 18.03 -102.92
C ILE P 202 -34.23 19.44 -102.93
N THR P 203 -33.72 19.86 -101.78
CA THR P 203 -33.16 21.20 -101.69
C THR P 203 -32.15 21.22 -100.55
N ILE P 204 -31.01 21.86 -100.75
CA ILE P 204 -29.99 22.03 -99.72
C ILE P 204 -29.68 23.51 -99.92
N LEU P 205 -30.29 24.36 -99.11
CA LEU P 205 -30.15 25.80 -99.34
C LEU P 205 -28.83 26.41 -98.92
N VAL P 206 -28.59 26.48 -97.63
CA VAL P 206 -27.42 27.17 -97.13
C VAL P 206 -26.28 26.21 -96.83
N LEU P 207 -25.09 26.79 -96.78
CA LEU P 207 -23.80 26.19 -96.49
C LEU P 207 -22.90 27.38 -96.26
N LYS P 208 -22.23 27.41 -95.12
CA LYS P 208 -21.38 28.53 -94.71
C LYS P 208 -20.06 28.84 -95.43
N PRO P 209 -19.31 27.92 -96.05
CA PRO P 209 -18.05 28.35 -96.69
C PRO P 209 -18.31 29.27 -97.87
N SER P 210 -17.52 30.35 -97.90
CA SER P 210 -17.62 31.38 -98.92
C SER P 210 -17.41 30.84 -100.33
N ASN P 211 -16.54 29.84 -100.47
CA ASN P 211 -16.28 29.26 -101.78
C ASN P 211 -16.26 27.74 -101.70
N GLN P 212 -17.31 27.15 -101.15
CA GLN P 212 -17.41 25.70 -101.04
C GLN P 212 -17.53 25.10 -102.44
N ALA P 213 -16.75 24.05 -102.69
CA ALA P 213 -16.78 23.35 -103.97
C ALA P 213 -17.21 21.92 -103.71
N GLN P 214 -18.49 21.64 -103.92
CA GLN P 214 -18.98 20.28 -103.72
C GLN P 214 -18.46 19.34 -104.81
N GLU P 215 -18.31 18.07 -104.43
CA GLU P 215 -17.81 17.04 -105.33
C GLU P 215 -18.77 16.82 -106.49
N ILE P 216 -19.96 16.29 -106.18
CA ILE P 216 -21.00 16.00 -107.15
C ILE P 216 -22.30 15.78 -106.38
N ASN P 217 -23.42 16.19 -106.99
CA ASN P 217 -24.73 16.01 -106.39
C ASN P 217 -25.68 15.41 -107.43
N ALA P 218 -25.40 15.67 -108.71
CA ALA P 218 -26.22 15.14 -109.77
C ALA P 218 -25.96 13.65 -109.98
N SER P 219 -24.75 13.19 -109.68
CA SER P 219 -24.39 11.79 -109.83
C SER P 219 -24.09 11.10 -108.52
N SER P 220 -24.01 11.83 -107.40
CA SER P 220 -23.73 11.18 -106.13
C SER P 220 -24.94 10.40 -105.63
N LEU P 221 -26.12 10.66 -106.20
CA LEU P 221 -27.34 9.98 -105.81
C LEU P 221 -27.82 9.01 -106.88
N GLY P 222 -27.99 9.48 -108.12
CA GLY P 222 -28.50 8.63 -109.19
C GLY P 222 -27.58 7.48 -109.56
N GLN P 223 -26.27 7.73 -109.57
CA GLN P 223 -25.33 6.67 -109.91
C GLN P 223 -25.10 5.70 -108.76
N ILE P 224 -25.44 6.09 -107.52
CA ILE P 224 -25.25 5.22 -106.37
C ILE P 224 -26.65 5.02 -105.79
N TYR P 225 -27.63 4.93 -106.68
CA TYR P 225 -29.02 4.73 -106.31
C TYR P 225 -29.37 3.25 -106.20
N LYS P 226 -29.18 2.52 -107.31
CA LYS P 226 -29.51 1.09 -107.42
C LYS P 226 -28.84 0.19 -106.38
N GLN P 227 -27.79 0.66 -105.69
CA GLN P 227 -27.13 -0.18 -104.69
C GLN P 227 -28.08 -0.44 -103.52
N MET P 228 -28.50 0.62 -102.83
CA MET P 228 -29.46 0.45 -101.76
C MET P 228 -30.85 0.20 -102.32
N PHE P 229 -31.10 0.70 -103.54
CA PHE P 229 -32.40 0.50 -104.19
C PHE P 229 -32.60 -0.98 -104.47
N GLU P 230 -31.50 -1.73 -104.62
CA GLU P 230 -31.59 -3.19 -104.81
C GLU P 230 -32.21 -3.80 -103.58
N LYS P 231 -32.01 -3.15 -102.44
CA LYS P 231 -32.62 -3.55 -101.19
C LYS P 231 -33.87 -2.73 -100.95
N LYS P 232 -33.90 -1.47 -101.42
CA LYS P 232 -35.08 -0.64 -101.23
C LYS P 232 -36.25 -1.12 -102.08
N LYS P 233 -35.99 -1.48 -103.34
CA LYS P 233 -37.06 -1.95 -104.23
C LYS P 233 -37.72 -3.21 -103.69
N GLY P 234 -36.93 -4.12 -103.13
CA GLY P 234 -37.52 -5.32 -102.54
C GLY P 234 -38.37 -4.95 -101.35
N LYS P 235 -37.93 -3.96 -100.58
CA LYS P 235 -38.73 -3.47 -99.47
C LYS P 235 -39.94 -2.70 -99.99
N ILE P 236 -39.78 -1.99 -101.10
CA ILE P 236 -40.92 -1.30 -101.68
C ILE P 236 -41.86 -2.32 -102.31
N GLU P 237 -41.33 -3.43 -102.84
CA GLU P 237 -42.19 -4.48 -103.37
C GLU P 237 -42.97 -5.14 -102.25
N THR P 238 -42.36 -5.22 -101.06
CA THR P 238 -43.03 -5.78 -99.90
C THR P 238 -43.86 -4.73 -99.18
N TYR P 239 -43.56 -3.44 -99.36
CA TYR P 239 -44.34 -2.41 -98.70
C TYR P 239 -44.72 -1.45 -99.81
N SER P 240 -45.75 -1.84 -100.57
CA SER P 240 -46.25 -1.05 -101.68
C SER P 240 -47.64 -0.50 -101.44
N TYR P 241 -48.49 -1.27 -100.76
CA TYR P 241 -49.86 -0.86 -100.43
C TYR P 241 -49.93 0.07 -99.23
N LEU P 242 -48.79 0.59 -98.79
CA LEU P 242 -48.66 1.47 -97.65
C LEU P 242 -48.65 2.92 -98.12
N VAL P 243 -47.76 3.24 -99.04
CA VAL P 243 -47.64 4.58 -99.61
C VAL P 243 -48.08 4.42 -101.06
N ASP P 244 -48.92 5.35 -101.52
CA ASP P 244 -49.43 5.25 -102.88
C ASP P 244 -48.36 5.47 -103.94
N ILE P 245 -47.37 6.31 -103.67
CA ILE P 245 -46.34 6.59 -104.66
C ILE P 245 -44.95 6.27 -104.11
N LYS P 246 -44.28 5.35 -104.79
CA LYS P 246 -42.91 4.93 -104.51
C LYS P 246 -42.37 4.57 -105.88
N GLU P 247 -41.48 5.38 -106.42
CA GLU P 247 -40.94 5.18 -107.77
C GLU P 247 -39.44 5.41 -107.73
N ASP P 248 -38.90 5.60 -108.92
CA ASP P 248 -37.48 5.87 -109.12
C ASP P 248 -37.24 7.25 -108.53
N ILE P 249 -36.68 7.26 -107.33
CA ILE P 249 -36.42 8.48 -106.57
C ILE P 249 -35.31 9.27 -107.25
N ASN P 250 -35.69 10.37 -107.90
CA ASN P 250 -34.78 11.27 -108.58
C ASN P 250 -34.88 12.64 -107.94
N PHE P 251 -33.72 13.27 -107.73
CA PHE P 251 -33.71 14.57 -107.08
C PHE P 251 -33.16 15.67 -107.99
N GLU P 252 -33.02 16.86 -107.40
CA GLU P 252 -32.49 18.03 -108.11
C GLU P 252 -31.99 18.99 -107.04
N PHE P 253 -30.67 19.03 -106.82
CA PHE P 253 -30.16 19.91 -105.79
C PHE P 253 -30.20 21.37 -106.25
N VAL P 254 -30.23 22.28 -105.27
CA VAL P 254 -30.25 23.72 -105.47
C VAL P 254 -29.79 24.36 -104.16
N TYR P 255 -28.89 25.34 -104.23
CA TYR P 255 -28.34 25.99 -103.05
C TYR P 255 -28.49 27.51 -103.08
N PHE P 256 -28.42 28.09 -101.88
CA PHE P 256 -28.52 29.54 -101.67
C PHE P 256 -27.93 29.84 -100.31
N THR P 257 -26.79 30.50 -100.30
CA THR P 257 -26.07 30.85 -99.06
C THR P 257 -26.55 32.19 -98.56
N ASP P 258 -27.35 32.15 -97.48
CA ASP P 258 -27.91 33.33 -96.83
C ASP P 258 -28.26 32.95 -95.40
N ILE P 259 -27.93 33.83 -94.46
CA ILE P 259 -28.18 33.58 -93.05
C ILE P 259 -29.68 33.70 -92.71
N SER P 260 -30.38 34.64 -93.32
CA SER P 260 -31.80 34.81 -93.02
C SER P 260 -32.73 34.08 -93.99
N LYS P 261 -32.38 34.05 -95.27
CA LYS P 261 -33.20 33.39 -96.28
C LYS P 261 -33.20 31.88 -96.19
N LEU P 262 -32.32 31.29 -95.37
CA LEU P 262 -32.31 29.83 -95.23
C LEU P 262 -33.61 29.34 -94.62
N TYR P 263 -34.17 30.09 -93.69
CA TYR P 263 -35.43 29.74 -93.04
C TYR P 263 -36.59 30.51 -93.64
N ARG P 264 -36.29 31.71 -94.13
CA ARG P 264 -37.30 32.57 -94.72
C ARG P 264 -37.82 31.99 -96.03
N ARG P 265 -36.92 31.66 -96.96
CA ARG P 265 -37.36 31.10 -98.24
C ARG P 265 -37.93 29.72 -98.06
N LEU P 266 -37.37 28.94 -97.12
CA LEU P 266 -37.87 27.60 -96.85
C LEU P 266 -39.31 27.64 -96.36
N SER P 267 -39.63 28.67 -95.56
CA SER P 267 -40.99 28.86 -95.07
C SER P 267 -41.93 29.14 -96.22
N GLN P 268 -41.46 29.90 -97.22
CA GLN P 268 -42.28 30.22 -98.38
C GLN P 268 -42.54 28.96 -99.19
N GLU P 269 -41.55 28.07 -99.22
CA GLU P 269 -41.66 26.81 -99.95
C GLU P 269 -42.69 25.91 -99.28
N THR P 270 -42.83 26.03 -97.96
CA THR P 270 -43.82 25.25 -97.23
C THR P 270 -45.23 25.76 -97.46
N THR P 271 -45.36 27.07 -97.71
CA THR P 271 -46.66 27.66 -97.99
C THR P 271 -47.20 27.21 -99.32
N LYS P 272 -46.34 26.71 -100.21
CA LYS P 272 -46.78 26.19 -101.48
C LYS P 272 -47.61 24.92 -101.27
N LEU P 273 -47.26 24.13 -100.26
CA LEU P 273 -48.06 22.96 -99.92
C LEU P 273 -49.36 23.36 -99.28
N LYS P 274 -49.35 24.50 -98.60
CA LYS P 274 -50.56 25.02 -98.01
C LYS P 274 -51.50 25.53 -99.10
N GLU P 275 -50.95 25.77 -100.29
CA GLU P 275 -51.68 26.17 -101.47
C GLU P 275 -51.98 25.01 -102.41
N GLU P 276 -50.98 24.14 -102.65
CA GLU P 276 -51.17 23.00 -103.54
C GLU P 276 -52.04 21.93 -102.91
N ARG P 277 -51.60 21.37 -101.78
CA ARG P 277 -52.40 20.35 -101.12
C ARG P 277 -53.57 21.01 -100.42
N GLY P 278 -53.33 22.13 -99.78
CA GLY P 278 -54.37 22.86 -99.10
C GLY P 278 -54.56 22.35 -97.69
N LEU P 279 -53.45 22.23 -96.96
CA LEU P 279 -53.42 21.76 -95.57
C LEU P 279 -54.12 20.40 -95.42
N GLN P 280 -53.68 19.44 -96.21
CA GLN P 280 -54.34 18.14 -96.17
C GLN P 280 -53.42 17.00 -95.76
N PHE P 281 -52.27 16.82 -96.42
CA PHE P 281 -51.41 15.69 -96.07
C PHE P 281 -50.44 16.06 -94.96
N LEU P 282 -50.16 15.06 -94.11
CA LEU P 282 -49.27 15.22 -92.98
C LEU P 282 -47.83 15.42 -93.44
N LEU P 283 -47.13 16.25 -92.70
CA LEU P 283 -45.75 16.63 -92.96
C LEU P 283 -44.89 15.95 -91.91
N LEU P 284 -44.40 14.76 -92.24
CA LEU P 284 -43.55 14.01 -91.34
C LEU P 284 -42.21 14.69 -91.19
N LEU P 285 -41.89 15.16 -89.98
CA LEU P 285 -40.60 15.76 -89.75
C LEU P 285 -39.61 14.60 -89.73
N GLN P 286 -38.82 14.50 -90.79
CA GLN P 286 -37.86 13.41 -90.99
C GLN P 286 -36.88 13.20 -89.85
N SER P 287 -36.00 14.17 -89.61
CA SER P 287 -34.99 14.05 -88.56
C SER P 287 -34.98 15.29 -87.67
N PRO P 288 -36.02 15.50 -86.85
CA PRO P 288 -35.96 16.70 -86.03
C PRO P 288 -35.03 16.55 -84.83
N PHE P 289 -33.82 17.11 -85.00
CA PHE P 289 -32.76 17.14 -83.99
C PHE P 289 -31.77 18.17 -84.52
N ILE P 290 -31.26 19.05 -83.66
CA ILE P 290 -31.56 19.09 -82.25
C ILE P 290 -32.25 20.39 -81.83
N THR P 291 -31.49 21.48 -81.91
CA THR P 291 -31.94 22.81 -81.50
C THR P 291 -32.89 23.49 -82.47
N LYS P 292 -32.93 23.06 -83.72
CA LYS P 292 -33.81 23.67 -84.70
C LYS P 292 -35.27 23.23 -84.57
N LEU P 293 -35.54 22.16 -83.81
CA LEU P 293 -36.90 21.72 -83.53
C LEU P 293 -37.65 22.77 -82.72
N LEU P 294 -37.04 23.17 -81.62
CA LEU P 294 -37.59 24.16 -80.71
C LEU P 294 -37.74 25.53 -81.37
N GLY P 295 -36.88 25.83 -82.33
CA GLY P 295 -36.86 27.08 -83.05
C GLY P 295 -37.76 27.12 -84.26
N THR P 296 -38.31 25.99 -84.68
CA THR P 296 -39.17 25.98 -85.85
C THR P 296 -40.55 26.52 -85.52
N ILE P 297 -40.97 27.49 -86.33
CA ILE P 297 -42.25 28.19 -86.25
C ILE P 297 -42.79 28.04 -87.66
N ARG P 298 -43.90 28.75 -87.96
CA ARG P 298 -44.59 28.89 -89.26
C ARG P 298 -45.29 27.63 -89.74
N LEU P 299 -45.07 26.49 -89.08
CA LEU P 299 -45.77 25.29 -89.55
C LEU P 299 -47.20 25.20 -89.07
N LEU P 300 -47.35 24.98 -87.76
CA LEU P 300 -48.60 24.86 -87.03
C LEU P 300 -49.58 23.94 -87.76
N ASN P 301 -49.13 22.71 -87.99
CA ASN P 301 -49.94 21.75 -88.74
C ASN P 301 -49.70 20.36 -88.19
N GLN P 302 -50.05 19.39 -89.02
CA GLN P 302 -49.92 17.97 -88.72
C GLN P 302 -48.42 17.67 -88.74
N MET P 303 -47.79 17.65 -87.58
CA MET P 303 -46.36 17.44 -87.64
C MET P 303 -45.86 16.57 -86.50
N PRO P 304 -45.25 15.46 -86.80
CA PRO P 304 -44.72 14.60 -85.74
C PRO P 304 -43.27 14.89 -85.47
N ILE P 305 -42.67 14.22 -84.48
CA ILE P 305 -41.27 14.40 -84.14
C ILE P 305 -40.70 13.03 -83.93
N VAL P 306 -39.52 12.79 -84.49
CA VAL P 306 -38.88 11.49 -84.39
C VAL P 306 -37.66 11.49 -83.47
N LYS P 307 -36.91 12.60 -83.38
CA LYS P 307 -35.70 12.74 -82.55
C LYS P 307 -34.63 11.74 -82.94
N LEU P 308 -33.94 11.96 -84.05
CA LEU P 308 -32.91 11.04 -84.51
C LEU P 308 -31.63 11.08 -83.68
N SER P 309 -30.55 10.56 -84.28
CA SER P 309 -29.25 10.41 -83.62
C SER P 309 -28.61 11.70 -83.10
N LEU P 310 -27.45 11.52 -82.47
CA LEU P 310 -26.73 12.63 -81.85
C LEU P 310 -26.25 13.67 -82.86
N ASN P 311 -25.35 13.28 -83.75
CA ASN P 311 -24.78 14.14 -84.80
C ASN P 311 -24.32 13.26 -85.95
N GLU P 312 -23.49 13.82 -86.83
CA GLU P 312 -22.95 13.14 -88.00
C GLU P 312 -21.44 13.23 -88.01
N VAL P 313 -20.83 12.90 -89.15
CA VAL P 313 -19.38 12.93 -89.30
C VAL P 313 -18.95 14.39 -89.20
N LEU P 314 -18.30 14.75 -88.10
CA LEU P 314 -17.84 16.12 -87.91
C LEU P 314 -16.37 16.24 -88.32
N LEU P 315 -16.12 15.88 -89.56
CA LEU P 315 -14.84 15.85 -90.24
C LEU P 315 -15.20 16.43 -91.61
N PRO P 316 -14.26 16.74 -92.53
CA PRO P 316 -14.70 17.21 -93.84
C PRO P 316 -15.49 16.13 -94.58
N GLN P 317 -16.60 16.55 -95.16
CA GLN P 317 -17.58 15.74 -95.86
C GLN P 317 -17.14 15.34 -97.25
N LEU P 318 -15.83 15.33 -97.56
CA LEU P 318 -15.31 14.97 -98.88
C LEU P 318 -15.74 13.58 -99.33
N ASN P 319 -16.10 12.69 -98.40
CA ASN P 319 -16.60 11.37 -98.73
C ASN P 319 -18.11 11.52 -98.46
N TRP P 320 -18.83 12.01 -99.48
CA TRP P 320 -20.27 12.23 -99.36
C TRP P 320 -21.10 10.97 -99.47
N GLN P 321 -20.62 9.98 -100.23
CA GLN P 321 -21.41 8.76 -100.39
C GLN P 321 -21.55 7.88 -99.13
N PRO P 322 -20.62 7.81 -98.16
CA PRO P 322 -20.92 6.96 -97.00
C PRO P 322 -21.61 7.68 -95.85
N THR P 323 -21.69 9.01 -95.85
CA THR P 323 -22.34 9.70 -94.75
C THR P 323 -23.64 10.41 -95.11
N LEU P 324 -23.82 10.88 -96.34
CA LEU P 324 -25.05 11.56 -96.68
C LEU P 324 -26.05 10.71 -97.45
N LEU P 325 -25.64 9.56 -97.98
CA LEU P 325 -26.57 8.72 -98.73
C LEU P 325 -27.50 7.99 -97.77
N LYS P 326 -26.92 7.21 -96.85
CA LYS P 326 -27.70 6.44 -95.87
C LYS P 326 -28.51 7.36 -94.98
N LYS P 327 -28.01 8.57 -94.79
CA LYS P 327 -28.72 9.54 -94.00
C LYS P 327 -29.95 10.03 -94.74
N LEU P 328 -29.88 10.10 -96.07
CA LEU P 328 -30.98 10.59 -96.87
C LEU P 328 -31.74 9.52 -97.65
N VAL P 329 -31.03 8.65 -98.37
CA VAL P 329 -31.67 7.64 -99.20
C VAL P 329 -32.24 6.50 -98.36
N ASN P 330 -31.43 5.94 -97.45
CA ASN P 330 -31.87 4.81 -96.66
C ASN P 330 -33.03 5.15 -95.74
N HIS P 331 -33.22 6.42 -95.38
CA HIS P 331 -34.36 6.72 -94.53
C HIS P 331 -35.65 6.70 -95.34
N VAL P 332 -35.54 6.83 -96.66
CA VAL P 332 -36.71 6.76 -97.53
C VAL P 332 -37.13 5.29 -97.63
N LEU P 333 -36.11 4.42 -97.65
CA LEU P 333 -36.33 2.97 -97.73
C LEU P 333 -37.18 2.53 -96.56
N SER P 334 -36.72 2.85 -95.35
CA SER P 334 -37.41 2.46 -94.13
C SER P 334 -38.66 3.25 -93.87
N SER P 335 -39.08 4.18 -94.74
CA SER P 335 -40.28 4.98 -94.51
C SER P 335 -41.53 4.12 -94.43
N GLY P 336 -41.68 3.16 -95.34
CA GLY P 336 -42.83 2.28 -95.30
C GLY P 336 -42.79 1.43 -94.06
N SER P 337 -41.59 1.03 -93.65
CA SER P 337 -41.44 0.26 -92.42
C SER P 337 -41.76 1.09 -91.21
N TRP P 338 -41.42 2.38 -91.27
CA TRP P 338 -41.69 3.31 -90.18
C TRP P 338 -43.20 3.42 -89.97
N ILE P 339 -43.92 3.75 -91.04
CA ILE P 339 -45.37 3.92 -90.95
C ILE P 339 -46.05 2.58 -90.67
N SER P 340 -45.47 1.47 -91.10
CA SER P 340 -46.06 0.16 -90.84
C SER P 340 -45.98 -0.11 -89.36
N HIS P 341 -44.81 0.17 -88.77
CA HIS P 341 -44.63 0.00 -87.34
C HIS P 341 -45.53 0.93 -86.58
N LEU P 342 -45.82 2.07 -87.17
CA LEU P 342 -46.69 3.02 -86.50
C LEU P 342 -48.14 2.59 -86.57
N ILE P 343 -48.63 2.09 -87.71
CA ILE P 343 -50.03 1.67 -87.75
C ILE P 343 -50.22 0.41 -86.94
N LYS P 344 -49.19 -0.45 -86.88
CA LYS P 344 -49.28 -1.64 -86.06
C LYS P 344 -49.10 -1.33 -84.60
N LEU P 345 -48.48 -0.19 -84.29
CA LEU P 345 -48.32 0.20 -82.90
C LEU P 345 -49.59 0.89 -82.42
N SER P 346 -50.13 1.77 -83.26
CA SER P 346 -51.36 2.49 -82.93
C SER P 346 -52.58 1.57 -82.87
N GLN P 347 -52.57 0.46 -83.62
CA GLN P 347 -53.71 -0.45 -83.55
C GLN P 347 -53.76 -1.15 -82.19
N TYR P 348 -52.62 -1.22 -81.53
CA TYR P 348 -52.56 -1.88 -80.23
C TYR P 348 -53.22 -0.99 -79.18
N SER P 349 -52.78 0.27 -79.04
CA SER P 349 -53.44 1.07 -78.02
C SER P 349 -53.51 2.57 -78.36
N ASN P 350 -54.55 2.92 -79.11
CA ASN P 350 -55.02 4.26 -79.44
C ASN P 350 -54.14 5.47 -79.79
N ILE P 351 -52.87 5.34 -80.17
CA ILE P 351 -52.14 6.58 -80.49
C ILE P 351 -51.30 6.48 -81.75
N PRO P 352 -51.64 7.25 -82.77
CA PRO P 352 -50.91 7.19 -84.04
C PRO P 352 -49.79 8.19 -84.33
N ILE P 353 -49.70 9.33 -83.65
CA ILE P 353 -48.64 10.28 -83.98
C ILE P 353 -47.79 10.65 -82.77
N CYS P 354 -48.43 10.82 -81.63
CA CYS P 354 -47.77 11.20 -80.37
C CYS P 354 -46.72 10.24 -79.82
N ASN P 355 -46.44 9.13 -80.50
CA ASN P 355 -45.43 8.18 -80.04
C ASN P 355 -44.02 8.75 -80.13
N LEU P 356 -43.08 8.09 -79.45
CA LEU P 356 -41.68 8.52 -79.49
C LEU P 356 -40.92 7.91 -80.66
N ARG P 357 -41.06 6.58 -80.84
CA ARG P 357 -40.47 5.81 -81.96
C ARG P 357 -39.01 6.09 -82.36
N LEU P 358 -38.03 5.60 -81.59
CA LEU P 358 -38.27 4.76 -80.42
C LEU P 358 -37.35 5.24 -79.33
N ASP P 359 -37.47 6.55 -79.10
CA ASP P 359 -36.71 7.31 -78.11
C ASP P 359 -36.60 6.64 -76.74
N SER P 360 -37.75 6.43 -76.09
CA SER P 360 -37.77 5.72 -74.81
C SER P 360 -39.00 4.84 -74.63
N MET P 361 -40.02 4.93 -75.50
CA MET P 361 -41.29 4.18 -75.52
C MET P 361 -41.97 3.90 -74.20
N ASP P 362 -41.76 4.79 -73.23
CA ASP P 362 -42.32 4.71 -71.89
C ASP P 362 -43.80 5.09 -71.83
N TYR P 363 -44.24 5.92 -72.77
CA TYR P 363 -45.62 6.40 -72.84
C TYR P 363 -46.61 5.27 -73.03
N ILE P 364 -46.23 4.21 -73.73
CA ILE P 364 -47.11 3.07 -73.88
C ILE P 364 -47.33 2.42 -72.53
N ILE P 365 -46.25 2.25 -71.78
CA ILE P 365 -46.30 1.63 -70.47
C ILE P 365 -47.11 2.47 -69.51
N ASP P 366 -46.97 3.78 -69.64
CA ASP P 366 -47.70 4.65 -68.73
C ASP P 366 -49.18 4.68 -69.05
N VAL P 367 -49.54 4.70 -70.34
CA VAL P 367 -50.96 4.71 -70.70
C VAL P 367 -51.56 3.35 -70.38
N LEU P 368 -50.78 2.30 -70.57
CA LEU P 368 -51.23 0.97 -70.28
C LEU P 368 -51.32 0.72 -68.79
N TYR P 369 -50.62 1.51 -67.99
CA TYR P 369 -50.76 1.27 -66.57
C TYR P 369 -51.92 2.02 -65.95
N ALA P 370 -52.15 3.25 -66.38
CA ALA P 370 -53.26 4.03 -65.86
C ALA P 370 -54.60 3.46 -66.31
N ARG P 371 -54.61 2.66 -67.38
CA ARG P 371 -55.85 2.05 -67.85
C ARG P 371 -56.35 1.01 -66.85
N LYS P 372 -55.46 0.45 -66.05
CA LYS P 372 -55.88 -0.54 -65.08
C LYS P 372 -55.88 0.04 -63.68
N LEU P 373 -56.02 1.34 -63.58
CA LEU P 373 -56.09 2.00 -62.28
C LEU P 373 -57.46 2.56 -62.02
N LYS P 374 -58.22 2.88 -63.05
CA LYS P 374 -59.56 3.36 -62.80
C LYS P 374 -60.45 2.16 -62.56
N LYS P 375 -60.05 1.02 -63.13
CA LYS P 375 -60.77 -0.22 -62.96
C LYS P 375 -60.66 -0.73 -61.54
N GLU P 376 -59.56 -0.37 -60.87
CA GLU P 376 -59.29 -0.72 -59.47
C GLU P 376 -58.83 0.55 -58.79
N ASN P 377 -59.78 1.33 -58.26
CA ASN P 377 -59.49 2.63 -57.63
C ASN P 377 -58.47 2.53 -56.50
N ILE P 378 -57.30 3.11 -56.74
CA ILE P 378 -56.25 3.16 -55.74
C ILE P 378 -55.97 4.63 -55.50
N VAL P 379 -55.24 5.21 -56.47
CA VAL P 379 -54.84 6.61 -56.67
C VAL P 379 -54.13 6.63 -58.03
N LEU P 380 -54.46 7.59 -58.91
CA LEU P 380 -53.78 7.70 -60.21
C LEU P 380 -52.65 8.74 -60.15
N TRP P 381 -51.42 8.28 -60.07
CA TRP P 381 -50.26 9.17 -59.95
C TRP P 381 -50.10 10.15 -61.13
N TRP P 382 -49.32 11.20 -60.88
CA TRP P 382 -48.95 12.30 -61.79
C TRP P 382 -47.75 11.92 -62.66
N ASN P 383 -47.47 12.74 -63.66
CA ASN P 383 -46.37 12.58 -64.63
C ASN P 383 -45.72 13.95 -64.86
N GLU P 384 -44.60 14.22 -64.22
CA GLU P 384 -44.04 15.56 -64.37
C GLU P 384 -42.54 15.55 -64.56
N LYS P 385 -41.94 16.72 -64.36
CA LYS P 385 -40.52 16.99 -64.55
C LYS P 385 -39.64 16.42 -63.44
N ALA P 386 -39.91 16.85 -62.22
CA ALA P 386 -39.18 16.45 -61.03
C ALA P 386 -39.24 14.95 -60.76
N PRO P 387 -38.38 14.42 -59.86
CA PRO P 387 -38.47 12.97 -59.62
C PRO P 387 -39.69 12.49 -58.86
N LEU P 388 -40.78 12.50 -59.59
CA LEU P 388 -42.15 12.05 -59.40
C LEU P 388 -42.75 12.04 -57.99
N PRO P 389 -42.92 13.16 -57.34
CA PRO P 389 -43.56 13.13 -56.02
C PRO P 389 -45.04 13.49 -56.12
N ASP P 390 -45.90 12.84 -55.34
CA ASP P 390 -47.32 13.16 -55.38
C ASP P 390 -47.93 13.16 -54.00
N HIS P 391 -47.16 13.62 -53.01
CA HIS P 391 -47.67 13.66 -51.66
C HIS P 391 -47.33 15.00 -51.00
N GLY P 392 -47.52 15.09 -49.69
CA GLY P 392 -47.16 16.28 -48.93
C GLY P 392 -45.65 16.41 -48.86
N GLY P 393 -44.98 15.28 -48.91
CA GLY P 393 -43.56 15.06 -48.88
C GLY P 393 -43.01 15.08 -50.28
N ILE P 394 -42.49 16.24 -50.65
CA ILE P 394 -41.91 16.44 -51.96
C ILE P 394 -40.47 16.83 -51.76
N GLN P 395 -40.24 17.99 -51.20
CA GLN P 395 -38.90 18.50 -50.91
C GLN P 395 -38.56 18.28 -49.45
N ASN P 396 -38.73 17.03 -48.92
CA ASN P 396 -38.50 16.80 -47.50
C ASN P 396 -37.67 15.57 -47.10
N ASN P 407 -27.37 0.58 -53.45
CA ASN P 407 -27.07 -0.61 -52.67
C ASN P 407 -26.38 -1.80 -53.35
N ASP P 408 -26.66 -2.11 -54.63
CA ASP P 408 -26.05 -3.24 -55.36
C ASP P 408 -26.20 -4.67 -54.77
N SER P 409 -26.61 -4.75 -53.50
CA SER P 409 -26.95 -5.80 -52.53
C SER P 409 -25.94 -6.82 -52.02
N GLU P 410 -25.01 -7.31 -52.85
CA GLU P 410 -23.97 -8.27 -52.46
C GLU P 410 -23.24 -8.75 -53.69
N PHE P 411 -21.97 -9.16 -53.56
CA PHE P 411 -21.20 -9.72 -54.66
C PHE P 411 -20.04 -10.53 -54.08
N PRO P 412 -20.21 -11.76 -53.62
CA PRO P 412 -19.06 -12.44 -53.04
C PRO P 412 -18.36 -13.36 -54.02
N LYS P 413 -17.17 -13.79 -53.61
CA LYS P 413 -16.38 -14.74 -54.38
C LYS P 413 -15.51 -15.54 -53.44
N ILE P 414 -15.35 -16.83 -53.73
CA ILE P 414 -14.50 -17.67 -52.90
C ILE P 414 -13.06 -17.72 -53.45
N ASN P 415 -12.84 -17.22 -54.67
CA ASN P 415 -11.55 -17.18 -55.35
C ASN P 415 -11.01 -18.58 -55.61
N ASN P 416 -11.78 -19.35 -56.38
CA ASN P 416 -11.38 -20.70 -56.74
C ASN P 416 -10.27 -20.63 -57.76
N SER P 417 -9.05 -20.58 -57.28
CA SER P 417 -7.92 -20.51 -58.20
C SER P 417 -7.69 -21.87 -58.79
N GLY P 418 -7.32 -22.82 -57.95
CA GLY P 418 -7.11 -24.14 -58.47
C GLY P 418 -8.32 -25.02 -58.27
N VAL P 419 -9.17 -25.11 -59.28
CA VAL P 419 -10.35 -25.96 -59.18
C VAL P 419 -9.87 -27.39 -59.35
N TYR P 420 -10.32 -28.28 -58.48
CA TYR P 420 -9.93 -29.68 -58.48
C TYR P 420 -10.62 -30.50 -59.56
N ASP P 421 -11.32 -29.86 -60.49
CA ASP P 421 -11.99 -30.57 -61.54
C ASP P 421 -12.15 -29.63 -62.72
N ASN P 422 -12.94 -30.06 -63.69
CA ASN P 422 -13.28 -29.30 -64.89
C ASN P 422 -14.78 -29.19 -64.73
N VAL P 423 -15.24 -28.02 -64.26
CA VAL P 423 -16.67 -27.91 -64.00
C VAL P 423 -17.38 -26.81 -64.79
N VAL P 424 -18.69 -26.73 -64.58
CA VAL P 424 -19.59 -25.82 -65.31
C VAL P 424 -19.63 -24.47 -64.60
N LEU P 425 -18.82 -23.55 -65.07
CA LEU P 425 -18.79 -22.24 -64.45
C LEU P 425 -19.35 -21.24 -65.45
N ASP P 426 -20.48 -21.55 -66.09
CA ASP P 426 -20.98 -20.64 -67.13
C ASP P 426 -22.51 -20.66 -67.23
N VAL P 427 -23.15 -19.66 -66.61
CA VAL P 427 -24.61 -19.47 -66.63
C VAL P 427 -24.93 -17.98 -66.81
N GLY P 428 -25.24 -17.53 -68.03
CA GLY P 428 -25.58 -16.13 -68.13
C GLY P 428 -27.07 -15.95 -67.94
N VAL P 429 -27.55 -15.72 -66.73
CA VAL P 429 -29.00 -15.56 -66.55
C VAL P 429 -29.42 -14.15 -66.93
N ASP P 430 -30.53 -14.07 -67.66
CA ASP P 430 -31.10 -12.83 -68.15
C ASP P 430 -32.53 -12.65 -67.67
N ASN P 431 -32.92 -11.38 -67.54
CA ASN P 431 -34.27 -10.94 -67.13
C ASN P 431 -34.67 -11.52 -65.78
N LEU P 432 -33.91 -11.14 -64.77
CA LEU P 432 -34.25 -11.68 -63.46
C LEU P 432 -35.48 -11.03 -62.89
N THR P 433 -35.59 -9.72 -63.05
CA THR P 433 -36.74 -8.99 -62.56
C THR P 433 -38.03 -9.36 -63.28
N VAL P 434 -37.93 -9.64 -64.58
CA VAL P 434 -39.07 -10.02 -65.39
C VAL P 434 -39.67 -11.29 -64.85
N ASN P 435 -38.82 -12.22 -64.48
CA ASN P 435 -39.30 -13.46 -63.92
C ASN P 435 -39.77 -13.20 -62.50
N THR P 436 -38.96 -12.47 -61.73
CA THR P 436 -39.21 -12.17 -60.32
C THR P 436 -40.53 -11.45 -60.08
N ILE P 437 -41.00 -10.66 -61.04
CA ILE P 437 -42.24 -9.93 -60.81
C ILE P 437 -43.49 -10.80 -60.94
N LEU P 438 -43.36 -12.10 -61.15
CA LEU P 438 -44.60 -12.87 -61.27
C LEU P 438 -45.16 -13.21 -59.90
N THR P 439 -44.43 -14.03 -59.11
CA THR P 439 -44.91 -14.45 -57.79
C THR P 439 -45.20 -13.26 -56.92
N SER P 440 -44.15 -12.50 -56.64
CA SER P 440 -44.22 -11.33 -55.82
C SER P 440 -44.67 -10.17 -56.71
N SER P 477 -45.14 -0.06 -51.14
CA SER P 477 -46.37 -0.26 -51.90
C SER P 477 -46.52 -1.70 -52.34
N ASN P 478 -47.69 -2.25 -52.08
CA ASN P 478 -47.95 -3.61 -52.50
C ASN P 478 -49.34 -3.82 -53.10
N ASP P 479 -50.31 -2.95 -52.83
CA ASP P 479 -51.65 -3.12 -53.36
C ASP P 479 -51.73 -2.86 -54.86
N ALA P 480 -50.72 -2.21 -55.44
CA ALA P 480 -50.73 -1.92 -56.87
C ALA P 480 -49.71 -2.76 -57.60
N LEU P 481 -48.91 -3.53 -56.88
CA LEU P 481 -47.93 -4.38 -57.52
C LEU P 481 -48.66 -5.56 -58.14
N ASN P 482 -49.86 -5.87 -57.60
CA ASN P 482 -50.67 -6.93 -58.14
C ASN P 482 -51.17 -6.57 -59.53
N VAL P 483 -51.39 -5.28 -59.78
CA VAL P 483 -51.79 -4.84 -61.11
C VAL P 483 -50.62 -4.99 -62.07
N LEU P 484 -49.42 -4.68 -61.58
CA LEU P 484 -48.21 -4.82 -62.37
C LEU P 484 -47.98 -6.28 -62.71
N ARG P 485 -48.19 -7.15 -61.72
CA ARG P 485 -48.05 -8.58 -61.93
C ARG P 485 -49.07 -9.08 -62.93
N GLY P 486 -50.32 -8.60 -62.84
CA GLY P 486 -51.34 -9.03 -63.77
C GLY P 486 -51.06 -8.59 -65.19
N MET P 487 -50.53 -7.38 -65.37
CA MET P 487 -50.21 -6.95 -66.73
C MET P 487 -48.98 -7.68 -67.29
N LEU P 488 -48.08 -8.10 -66.40
CA LEU P 488 -46.94 -8.88 -66.89
C LEU P 488 -47.44 -10.26 -67.29
N LYS P 489 -48.48 -10.74 -66.60
CA LYS P 489 -49.11 -12.01 -66.94
C LYS P 489 -49.74 -11.87 -68.31
N GLU P 490 -50.40 -10.71 -68.53
CA GLU P 490 -51.06 -10.38 -69.77
C GLU P 490 -50.06 -10.27 -70.92
N TRP P 491 -48.76 -10.13 -70.64
CA TRP P 491 -47.79 -9.98 -71.73
C TRP P 491 -46.88 -11.18 -71.93
N TRP P 492 -46.51 -11.89 -70.86
CA TRP P 492 -45.62 -13.03 -71.03
C TRP P 492 -46.28 -14.17 -71.78
N ASP P 493 -47.60 -14.22 -71.78
CA ASP P 493 -48.35 -15.23 -72.49
C ASP P 493 -48.64 -14.84 -73.92
N GLU P 494 -48.15 -13.68 -74.37
CA GLU P 494 -48.45 -13.23 -75.73
C GLU P 494 -47.67 -13.92 -76.82
N ALA P 495 -47.06 -15.07 -76.57
CA ALA P 495 -46.38 -15.79 -77.63
C ALA P 495 -47.37 -16.68 -78.40
N LEU P 496 -48.67 -16.42 -78.24
CA LEU P 496 -49.74 -17.18 -78.86
C LEU P 496 -49.71 -16.98 -80.36
N LYS P 497 -49.08 -17.94 -81.03
CA LYS P 497 -48.87 -18.14 -82.46
C LYS P 497 -47.97 -17.11 -83.14
N GLU P 498 -47.89 -15.89 -82.57
CA GLU P 498 -47.10 -14.72 -82.97
C GLU P 498 -47.45 -13.52 -82.12
N ASN P 499 -46.55 -12.53 -82.14
CA ASN P 499 -46.61 -11.19 -81.57
C ASN P 499 -45.28 -10.48 -81.79
N SER P 500 -45.33 -9.18 -81.92
CA SER P 500 -44.15 -8.35 -82.09
C SER P 500 -44.16 -7.17 -81.15
N THR P 501 -45.33 -6.54 -80.95
CA THR P 501 -45.42 -5.40 -80.04
C THR P 501 -45.18 -5.84 -78.61
N ALA P 502 -45.93 -6.84 -78.13
CA ALA P 502 -45.74 -7.32 -76.78
C ALA P 502 -44.39 -8.02 -76.63
N ASP P 503 -43.91 -8.61 -77.74
CA ASP P 503 -42.62 -9.29 -77.75
C ASP P 503 -41.48 -8.32 -77.51
N LEU P 504 -41.60 -7.12 -78.06
CA LEU P 504 -40.62 -6.08 -77.84
C LEU P 504 -40.93 -5.29 -76.58
N LEU P 505 -42.19 -5.36 -76.12
CA LEU P 505 -42.65 -4.65 -74.94
C LEU P 505 -42.25 -5.34 -73.66
N VAL P 506 -41.88 -6.61 -73.76
CA VAL P 506 -41.41 -7.28 -72.58
C VAL P 506 -40.02 -6.75 -72.23
N ASN P 507 -39.21 -6.47 -73.27
CA ASN P 507 -37.87 -5.92 -73.11
C ASN P 507 -37.87 -4.47 -72.64
N SER P 508 -39.03 -3.82 -72.65
CA SER P 508 -39.19 -2.45 -72.21
C SER P 508 -39.06 -2.27 -70.71
N LEU P 509 -39.49 -3.27 -69.94
CA LEU P 509 -39.46 -3.18 -68.49
C LEU P 509 -38.04 -3.15 -67.94
N ALA P 510 -37.08 -3.74 -68.67
CA ALA P 510 -35.68 -3.80 -68.26
C ALA P 510 -35.07 -2.43 -68.08
N SER P 511 -35.55 -1.44 -68.81
CA SER P 511 -35.02 -0.12 -68.62
C SER P 511 -36.08 0.81 -68.09
N TRP P 512 -37.36 0.38 -68.07
CA TRP P 512 -38.35 1.30 -67.54
C TRP P 512 -38.32 1.31 -66.03
N VAL P 513 -37.87 0.23 -65.42
CA VAL P 513 -37.80 0.21 -63.96
C VAL P 513 -36.60 0.97 -63.41
N GLN P 514 -35.83 1.66 -64.24
CA GLN P 514 -34.65 2.33 -63.72
C GLN P 514 -34.41 3.77 -64.19
N ASN P 515 -35.05 4.24 -65.26
CA ASN P 515 -34.82 5.62 -65.75
C ASN P 515 -35.57 6.63 -64.89
N PRO P 516 -34.86 7.55 -64.21
CA PRO P 516 -35.56 8.54 -63.38
C PRO P 516 -36.21 9.61 -64.22
N ASN P 517 -35.78 9.73 -65.47
CA ASN P 517 -36.35 10.72 -66.37
C ASN P 517 -37.76 10.31 -66.69
N ALA P 518 -37.97 9.03 -66.88
CA ALA P 518 -39.27 8.48 -67.19
C ALA P 518 -40.25 8.72 -66.05
N LYS P 519 -41.38 9.29 -66.42
CA LYS P 519 -42.51 9.70 -65.58
C LYS P 519 -43.18 8.52 -64.87
N LEU P 520 -44.21 8.83 -64.06
CA LEU P 520 -45.01 7.84 -63.31
C LEU P 520 -44.22 7.05 -62.27
N PHE P 521 -43.84 7.77 -61.20
CA PHE P 521 -43.20 7.20 -60.01
C PHE P 521 -42.00 6.30 -60.18
N ASP P 522 -40.86 6.91 -60.44
CA ASP P 522 -39.62 6.18 -60.51
C ASP P 522 -38.73 6.53 -59.31
N GLY P 523 -39.35 6.66 -58.14
CA GLY P 523 -38.65 7.00 -56.92
C GLY P 523 -38.67 6.01 -55.76
N LEU P 524 -39.63 5.10 -55.74
CA LEU P 524 -39.69 4.16 -54.63
C LEU P 524 -39.71 2.70 -55.03
N LEU P 525 -40.38 2.37 -56.15
CA LEU P 525 -40.48 1.00 -56.64
C LEU P 525 -39.09 0.40 -56.92
N ARG P 526 -38.06 1.25 -57.10
CA ARG P 526 -36.69 0.81 -57.32
C ARG P 526 -36.16 0.10 -56.10
N TYR P 527 -36.73 0.38 -54.94
CA TYR P 527 -36.32 -0.29 -53.72
C TYR P 527 -36.97 -1.66 -53.67
N HIS P 528 -38.23 -1.72 -54.12
CA HIS P 528 -38.94 -2.99 -54.17
C HIS P 528 -38.19 -3.94 -55.07
N VAL P 529 -37.81 -3.44 -56.24
CA VAL P 529 -37.10 -4.26 -57.20
C VAL P 529 -35.72 -4.66 -56.72
N HIS P 530 -34.99 -3.75 -56.08
CA HIS P 530 -33.65 -4.12 -55.63
C HIS P 530 -33.69 -5.12 -54.48
N ASN P 531 -34.71 -5.02 -53.64
CA ASN P 531 -34.82 -5.94 -52.52
C ASN P 531 -35.30 -7.29 -53.03
N LEU P 532 -36.24 -7.29 -53.98
CA LEU P 532 -36.68 -8.55 -54.56
C LEU P 532 -35.55 -9.20 -55.33
N THR P 533 -34.65 -8.39 -55.92
CA THR P 533 -33.51 -8.94 -56.62
C THR P 533 -32.55 -9.58 -55.65
N LYS P 534 -32.42 -8.99 -54.47
CA LYS P 534 -31.56 -9.58 -53.44
C LYS P 534 -32.13 -10.91 -52.96
N LYS P 535 -33.45 -10.93 -52.68
CA LYS P 535 -34.11 -12.14 -52.21
C LYS P 535 -34.04 -13.24 -53.25
N ALA P 536 -34.32 -12.89 -54.51
CA ALA P 536 -34.28 -13.86 -55.57
C ALA P 536 -32.85 -14.30 -55.85
N LEU P 537 -31.87 -13.42 -55.65
CA LEU P 537 -30.49 -13.78 -55.89
C LEU P 537 -30.01 -14.79 -54.89
N LEU P 538 -30.27 -14.54 -53.62
CA LEU P 538 -29.87 -15.52 -52.62
C LEU P 538 -30.72 -16.78 -52.71
N GLN P 539 -31.97 -16.67 -53.16
CA GLN P 539 -32.79 -17.85 -53.33
C GLN P 539 -32.26 -18.72 -54.45
N LEU P 540 -31.80 -18.09 -55.54
CA LEU P 540 -31.19 -18.85 -56.63
C LEU P 540 -29.86 -19.44 -56.19
N VAL P 541 -29.09 -18.71 -55.39
CA VAL P 541 -27.81 -19.22 -54.91
C VAL P 541 -28.01 -20.47 -54.06
N ASN P 542 -29.00 -20.43 -53.18
CA ASN P 542 -29.29 -21.56 -52.31
C ASN P 542 -29.87 -22.73 -53.10
N GLU P 543 -30.85 -22.44 -53.97
CA GLU P 543 -31.49 -23.49 -54.76
C GLU P 543 -30.55 -24.06 -55.80
N PHE P 544 -29.57 -23.27 -56.28
CA PHE P 544 -28.59 -23.83 -57.20
C PHE P 544 -27.66 -24.72 -56.40
N SER P 545 -27.51 -24.42 -55.11
CA SER P 545 -26.70 -25.28 -54.27
C SER P 545 -27.51 -26.43 -53.68
N ALA P 546 -28.64 -26.79 -54.27
CA ALA P 546 -29.44 -27.90 -53.74
C ALA P 546 -29.03 -29.20 -54.40
N LEU P 547 -27.72 -29.36 -54.50
CA LEU P 547 -26.98 -30.47 -55.06
C LEU P 547 -25.52 -30.15 -54.75
N GLY P 548 -24.63 -31.07 -55.13
CA GLY P 548 -23.24 -30.80 -54.88
C GLY P 548 -22.75 -29.80 -55.88
N SER P 549 -22.57 -28.57 -55.41
CA SER P 549 -22.13 -27.47 -56.25
C SER P 549 -21.47 -26.46 -55.34
N THR P 550 -20.87 -25.45 -55.94
CA THR P 550 -20.23 -24.40 -55.16
C THR P 550 -20.39 -23.10 -55.91
N ILE P 551 -21.08 -22.14 -55.29
CA ILE P 551 -21.28 -20.86 -55.95
C ILE P 551 -19.96 -20.11 -55.90
N VAL P 552 -19.53 -19.59 -57.03
CA VAL P 552 -18.26 -18.89 -57.13
C VAL P 552 -18.45 -17.40 -57.37
N TYR P 553 -19.36 -17.03 -58.25
CA TYR P 553 -19.56 -15.64 -58.62
C TYR P 553 -21.00 -15.34 -58.98
N ALA P 554 -21.61 -14.46 -58.20
CA ALA P 554 -22.98 -14.00 -58.41
C ALA P 554 -22.82 -12.52 -58.72
N ASP P 555 -23.14 -12.12 -59.94
CA ASP P 555 -22.97 -10.73 -60.36
C ASP P 555 -24.16 -10.21 -61.14
N ARG P 556 -25.37 -10.52 -60.63
CA ARG P 556 -26.71 -10.14 -61.12
C ARG P 556 -27.10 -10.86 -62.42
N ASN P 557 -26.14 -11.48 -63.09
CA ASN P 557 -26.47 -12.21 -64.30
C ASN P 557 -25.63 -13.46 -64.51
N GLN P 558 -24.75 -13.83 -63.58
CA GLN P 558 -23.93 -15.02 -63.74
C GLN P 558 -23.95 -15.89 -62.49
N ILE P 559 -23.81 -17.20 -62.72
CA ILE P 559 -23.78 -18.22 -61.69
C ILE P 559 -22.72 -19.23 -62.11
N LEU P 560 -21.86 -19.62 -61.16
CA LEU P 560 -20.76 -20.52 -61.45
C LEU P 560 -20.81 -21.60 -60.38
N ILE P 561 -20.92 -22.86 -60.80
CA ILE P 561 -21.01 -23.99 -59.89
C ILE P 561 -20.01 -25.09 -60.22
N LYS P 562 -20.13 -26.25 -59.54
CA LYS P 562 -19.23 -27.38 -59.70
C LYS P 562 -20.00 -28.70 -59.73
N THR P 563 -19.76 -29.58 -60.71
CA THR P 563 -20.47 -30.86 -60.69
C THR P 563 -19.58 -32.09 -60.58
N ASN P 564 -18.69 -32.36 -61.53
CA ASN P 564 -17.88 -33.58 -61.48
C ASN P 564 -16.54 -33.31 -62.17
N LYS P 565 -15.81 -34.39 -62.47
CA LYS P 565 -14.52 -34.30 -63.16
C LYS P 565 -14.52 -35.34 -64.30
N TYR P 566 -15.57 -35.31 -65.11
CA TYR P 566 -15.65 -36.26 -66.23
C TYR P 566 -16.51 -35.66 -67.32
N SER P 567 -15.95 -35.58 -68.54
CA SER P 567 -16.57 -35.07 -69.75
C SER P 567 -17.11 -33.68 -69.46
N PRO P 568 -16.20 -32.67 -69.49
CA PRO P 568 -16.47 -31.27 -69.10
C PRO P 568 -17.84 -30.61 -69.21
N GLU P 569 -18.59 -30.77 -70.29
CA GLU P 569 -19.86 -30.04 -70.28
C GLU P 569 -21.09 -30.89 -70.56
N ASN P 570 -20.96 -31.97 -71.32
CA ASN P 570 -22.11 -32.80 -71.60
C ASN P 570 -22.59 -33.54 -70.36
N CYS P 571 -21.70 -33.73 -69.37
CA CYS P 571 -22.06 -34.40 -68.13
C CYS P 571 -23.08 -33.61 -67.35
N TYR P 572 -23.10 -32.30 -67.57
CA TYR P 572 -24.02 -31.40 -66.91
C TYR P 572 -24.96 -30.72 -67.90
N ALA P 573 -24.73 -30.88 -69.21
CA ALA P 573 -25.59 -30.25 -70.22
C ALA P 573 -27.05 -30.67 -70.11
N TYR P 574 -27.31 -31.78 -69.43
CA TYR P 574 -28.66 -32.26 -69.22
C TYR P 574 -29.06 -32.10 -67.78
N SER P 575 -28.08 -32.04 -66.86
CA SER P 575 -28.48 -31.80 -65.49
C SER P 575 -28.87 -30.35 -65.31
N GLN P 576 -28.38 -29.46 -66.17
CA GLN P 576 -28.82 -28.07 -66.10
C GLN P 576 -30.28 -28.01 -66.50
N TYR P 577 -30.66 -28.85 -67.47
CA TYR P 577 -32.04 -28.92 -67.91
C TYR P 577 -32.92 -29.47 -66.81
N MET P 578 -32.37 -30.41 -66.05
CA MET P 578 -33.11 -30.97 -64.92
C MET P 578 -33.34 -29.91 -63.85
N MET P 579 -32.30 -29.13 -63.52
CA MET P 579 -32.55 -28.08 -62.54
C MET P 579 -33.27 -26.89 -63.16
N LYS P 580 -33.39 -26.86 -64.48
CA LYS P 580 -34.17 -25.85 -65.12
C LYS P 580 -35.62 -26.24 -65.01
N ALA P 581 -35.88 -27.55 -64.97
CA ALA P 581 -37.24 -28.00 -64.75
C ALA P 581 -37.56 -27.87 -63.27
N VAL P 582 -36.51 -27.82 -62.43
CA VAL P 582 -36.68 -27.59 -61.00
C VAL P 582 -37.12 -26.13 -60.81
N ARG P 583 -36.85 -25.27 -61.79
CA ARG P 583 -37.40 -23.94 -61.73
C ARG P 583 -38.88 -23.98 -62.05
N THR P 584 -39.19 -24.59 -63.19
CA THR P 584 -40.52 -24.73 -63.78
C THR P 584 -41.60 -25.34 -62.91
N ASN P 585 -41.46 -26.62 -62.60
CA ASN P 585 -42.52 -27.22 -61.81
C ASN P 585 -42.40 -26.87 -60.32
N PRO P 586 -41.22 -27.01 -59.62
CA PRO P 586 -41.20 -26.59 -58.21
C PRO P 586 -41.37 -25.10 -58.01
N MET P 587 -40.57 -24.21 -58.60
CA MET P 587 -40.90 -22.84 -58.26
C MET P 587 -41.99 -22.32 -59.21
N PHE P 588 -41.64 -21.87 -60.41
CA PHE P 588 -42.58 -21.31 -61.40
C PHE P 588 -41.85 -21.08 -62.72
N SER P 589 -42.50 -20.35 -63.62
CA SER P 589 -41.94 -19.97 -64.93
C SER P 589 -42.12 -18.45 -65.10
N TYR P 590 -41.16 -17.58 -64.70
CA TYR P 590 -39.82 -17.73 -64.06
C TYR P 590 -38.83 -18.61 -64.80
N LEU P 591 -38.97 -18.63 -66.13
CA LEU P 591 -38.10 -19.40 -67.00
C LEU P 591 -37.50 -18.52 -68.06
N ASP P 592 -36.37 -17.91 -67.74
CA ASP P 592 -35.68 -17.07 -68.70
C ASP P 592 -34.26 -16.98 -68.17
N LEU P 593 -33.31 -17.46 -68.97
CA LEU P 593 -31.89 -17.45 -68.66
C LEU P 593 -31.10 -18.01 -69.82
N ASN P 594 -29.77 -18.00 -69.70
CA ASN P 594 -28.89 -18.56 -70.71
C ASN P 594 -27.69 -19.21 -70.05
N ILE P 595 -27.18 -20.26 -70.69
CA ILE P 595 -26.08 -21.00 -70.11
C ILE P 595 -25.06 -21.30 -71.19
N LYS P 596 -24.09 -22.11 -70.81
CA LYS P 596 -23.00 -22.61 -71.64
C LYS P 596 -22.19 -21.47 -72.27
N ARG P 597 -21.53 -20.75 -71.41
CA ARG P 597 -20.70 -19.67 -71.89
C ARG P 597 -19.32 -20.29 -72.10
N TYR P 598 -18.30 -19.46 -72.21
CA TYR P 598 -16.96 -19.94 -72.49
C TYR P 598 -16.20 -20.20 -71.19
N TRP P 599 -16.63 -21.22 -70.44
CA TRP P 599 -15.85 -21.37 -69.22
C TRP P 599 -15.58 -22.82 -68.89
N ASP P 600 -14.34 -23.07 -68.45
CA ASP P 600 -13.85 -24.38 -68.03
C ASP P 600 -12.47 -24.22 -67.41
N LEU P 601 -12.24 -24.81 -66.22
CA LEU P 601 -10.95 -24.79 -65.51
C LEU P 601 -10.42 -23.35 -65.35
N LEU P 602 -11.18 -22.61 -64.57
CA LEU P 602 -10.96 -21.19 -64.32
C LEU P 602 -10.01 -20.88 -63.18
N ILE P 603 -9.40 -19.71 -63.29
CA ILE P 603 -8.49 -19.14 -62.30
C ILE P 603 -9.22 -17.88 -61.85
N TRP P 604 -9.17 -17.53 -60.55
CA TRP P 604 -9.92 -16.34 -60.14
C TRP P 604 -9.29 -15.48 -59.08
N MET P 605 -9.88 -14.29 -59.08
CA MET P 605 -9.82 -13.11 -58.26
C MET P 605 -11.23 -12.58 -58.43
N ASP P 606 -11.45 -11.28 -58.22
CA ASP P 606 -12.82 -10.82 -58.43
C ASP P 606 -13.26 -10.90 -59.90
N LYS P 607 -12.75 -10.03 -60.77
CA LYS P 607 -13.11 -10.14 -62.18
C LYS P 607 -12.01 -9.66 -63.11
N PHE P 608 -10.75 -9.69 -62.69
CA PHE P 608 -9.72 -9.19 -63.60
C PHE P 608 -8.79 -10.31 -64.03
N ASN P 609 -9.26 -11.54 -64.00
CA ASN P 609 -8.46 -12.65 -64.48
C ASN P 609 -9.41 -13.78 -64.89
N PHE P 610 -9.56 -13.93 -66.20
CA PHE P 610 -10.40 -14.96 -66.74
C PHE P 610 -9.56 -16.02 -67.42
N SER P 611 -8.24 -16.00 -67.16
CA SER P 611 -7.26 -16.90 -67.75
C SER P 611 -7.56 -18.35 -67.43
N GLY P 612 -7.97 -19.10 -68.45
CA GLY P 612 -8.29 -20.49 -68.29
C GLY P 612 -9.74 -20.70 -68.64
N LEU P 613 -9.96 -21.23 -69.84
CA LEU P 613 -11.29 -21.53 -70.36
C LEU P 613 -11.06 -22.41 -71.57
N ALA P 614 -11.74 -23.54 -71.63
CA ALA P 614 -11.58 -24.41 -72.77
C ALA P 614 -12.85 -25.21 -72.99
N CYS P 615 -13.82 -24.62 -73.70
CA CYS P 615 -15.08 -25.34 -73.94
C CYS P 615 -15.95 -24.60 -74.94
N ILE P 616 -16.62 -25.42 -75.74
CA ILE P 616 -17.63 -25.17 -76.75
C ILE P 616 -18.11 -26.58 -77.05
N GLU P 617 -19.41 -26.76 -77.27
CA GLU P 617 -19.89 -28.13 -77.47
C GLU P 617 -19.48 -28.68 -78.83
N ILE P 618 -18.52 -29.59 -78.83
CA ILE P 618 -18.10 -30.28 -80.05
C ILE P 618 -18.01 -31.73 -79.62
N GLU P 619 -18.07 -31.92 -78.30
CA GLU P 619 -18.07 -33.15 -77.52
C GLU P 619 -16.72 -33.87 -77.44
N GLU P 620 -15.68 -33.45 -78.18
CA GLU P 620 -14.44 -34.20 -78.04
C GLU P 620 -13.15 -33.39 -77.93
N LYS P 621 -13.02 -32.20 -78.52
CA LYS P 621 -11.76 -31.47 -78.51
C LYS P 621 -11.97 -29.97 -78.49
N GLU P 622 -11.01 -29.26 -79.09
CA GLU P 622 -11.00 -27.81 -79.26
C GLU P 622 -10.99 -27.13 -77.88
N ASN P 623 -9.86 -27.32 -77.23
CA ASN P 623 -9.61 -26.79 -75.90
C ASN P 623 -8.75 -25.55 -76.00
N GLN P 624 -9.38 -24.40 -75.88
CA GLN P 624 -8.69 -23.13 -75.99
C GLN P 624 -8.06 -22.74 -74.64
N ASP P 625 -7.66 -21.47 -74.53
CA ASP P 625 -7.04 -20.89 -73.34
C ASP P 625 -7.42 -19.43 -73.29
N TYR P 626 -6.82 -18.67 -72.37
CA TYR P 626 -7.11 -17.25 -72.22
C TYR P 626 -6.05 -16.67 -71.29
N THR P 627 -5.73 -15.38 -71.47
CA THR P 627 -4.72 -14.77 -70.59
C THR P 627 -5.02 -13.29 -70.43
N ALA P 628 -5.40 -12.95 -69.19
CA ALA P 628 -5.69 -11.63 -68.62
C ALA P 628 -5.22 -11.63 -67.18
N VAL P 629 -4.00 -12.12 -66.95
CA VAL P 629 -3.39 -12.33 -65.63
C VAL P 629 -3.61 -11.30 -64.54
N SER P 630 -3.32 -10.02 -64.77
CA SER P 630 -3.52 -9.08 -63.68
C SER P 630 -3.68 -7.64 -64.12
N GLN P 631 -4.54 -6.92 -63.40
CA GLN P 631 -4.71 -5.50 -63.63
C GLN P 631 -3.56 -4.72 -63.05
N TRP P 632 -2.73 -5.36 -62.21
CA TRP P 632 -1.58 -4.66 -61.63
C TRP P 632 -0.61 -4.27 -62.72
N GLN P 633 -0.65 -4.97 -63.87
CA GLN P 633 0.14 -4.63 -65.04
C GLN P 633 -0.23 -3.23 -65.55
N LEU P 634 -1.47 -2.79 -65.28
CA LEU P 634 -1.98 -1.46 -65.65
C LEU P 634 -2.01 -0.53 -64.45
N LYS P 635 -2.06 -1.08 -63.25
CA LYS P 635 -1.98 -0.27 -62.03
C LYS P 635 -0.59 0.33 -61.93
N LYS P 636 0.42 -0.46 -62.23
CA LYS P 636 1.78 -0.01 -62.33
C LYS P 636 1.85 0.74 -63.64
N PHE P 637 2.57 1.87 -63.62
CA PHE P 637 2.73 2.80 -64.74
C PHE P 637 3.40 1.93 -65.80
N LEU P 638 4.61 1.51 -65.56
CA LEU P 638 5.27 0.62 -66.49
C LEU P 638 6.07 -0.42 -65.74
N SER P 639 6.08 -0.38 -64.40
CA SER P 639 6.84 -1.22 -63.49
C SER P 639 8.30 -1.09 -63.89
N PRO P 640 8.95 0.04 -63.57
CA PRO P 640 10.34 0.30 -63.97
C PRO P 640 11.35 -0.77 -63.60
N ILE P 641 12.10 -1.29 -64.59
CA ILE P 641 12.10 -0.93 -66.03
C ILE P 641 10.97 -1.72 -66.65
N TYR P 642 10.27 -1.13 -67.63
CA TYR P 642 9.11 -1.74 -68.29
C TYR P 642 9.26 -3.17 -68.78
N GLN P 643 10.49 -3.69 -68.90
CA GLN P 643 10.76 -5.07 -69.30
C GLN P 643 10.14 -6.00 -68.26
N PRO P 644 9.99 -5.52 -67.01
CA PRO P 644 9.35 -6.33 -65.97
C PRO P 644 7.92 -6.67 -66.29
N GLU P 645 7.20 -5.77 -66.97
CA GLU P 645 5.82 -6.06 -67.36
C GLU P 645 5.78 -7.21 -68.35
N PHE P 646 6.74 -7.25 -69.27
CA PHE P 646 6.81 -8.36 -70.21
C PHE P 646 7.30 -9.64 -69.54
N GLU P 647 8.17 -9.52 -68.54
CA GLU P 647 8.63 -10.71 -67.83
C GLU P 647 7.51 -11.32 -66.99
N ASP P 648 6.63 -10.47 -66.45
CA ASP P 648 5.50 -11.01 -65.70
C ASP P 648 4.42 -11.52 -66.64
N TRP P 649 4.38 -11.00 -67.87
CA TRP P 649 3.40 -11.50 -68.82
C TRP P 649 3.85 -12.88 -69.26
N MET P 650 2.88 -13.78 -69.45
CA MET P 650 3.00 -15.19 -69.84
C MET P 650 3.63 -16.07 -68.77
N MET P 651 4.09 -15.49 -67.65
CA MET P 651 4.65 -16.29 -66.58
C MET P 651 3.55 -17.03 -65.85
N ILE P 652 2.44 -16.33 -65.58
CA ILE P 652 1.30 -16.97 -64.94
C ILE P 652 0.66 -17.92 -65.94
N ILE P 653 0.79 -17.65 -67.23
CA ILE P 653 0.24 -18.56 -68.24
C ILE P 653 1.06 -19.85 -68.25
N LEU P 654 2.39 -19.74 -68.07
CA LEU P 654 3.24 -20.93 -68.00
C LEU P 654 2.92 -21.72 -66.75
N ASP P 655 2.65 -21.02 -65.65
CA ASP P 655 2.29 -21.70 -64.41
C ASP P 655 0.94 -22.38 -64.53
N SER P 656 0.01 -21.75 -65.25
CA SER P 656 -1.31 -22.33 -65.46
C SER P 656 -1.20 -23.56 -66.35
N MET P 657 -0.32 -23.49 -67.36
CA MET P 657 -0.10 -24.63 -68.24
C MET P 657 0.53 -25.79 -67.49
N LEU P 658 1.45 -25.49 -66.56
CA LEU P 658 2.06 -26.55 -65.78
C LEU P 658 1.03 -27.16 -64.83
N LYS P 659 0.13 -26.34 -64.31
CA LYS P 659 -0.93 -26.84 -63.44
C LYS P 659 -1.91 -27.71 -64.22
N THR P 660 -2.24 -27.30 -65.45
CA THR P 660 -3.13 -28.07 -66.31
C THR P 660 -2.48 -29.39 -66.71
N LYS P 661 -1.16 -29.39 -66.90
CA LYS P 661 -0.46 -30.61 -67.26
C LYS P 661 -0.45 -31.58 -66.08
N GLN P 662 -0.18 -31.06 -64.88
CA GLN P 662 -0.17 -31.92 -63.70
C GLN P 662 -1.58 -32.37 -63.31
N SER P 663 -2.62 -31.65 -63.73
CA SER P 663 -3.99 -32.05 -63.40
C SER P 663 -4.40 -33.35 -64.10
N TYR P 664 -3.75 -33.70 -65.21
CA TYR P 664 -4.07 -34.93 -65.91
C TYR P 664 -3.54 -36.15 -65.18
N LEU P 665 -2.67 -35.96 -64.18
CA LEU P 665 -2.14 -37.08 -63.42
C LEU P 665 -3.26 -37.76 -62.64
N LYS P 666 -4.19 -36.97 -62.09
CA LYS P 666 -5.30 -37.55 -61.37
C LYS P 666 -6.32 -38.14 -62.33
N LEU P 667 -6.25 -37.75 -63.60
CA LEU P 667 -7.16 -38.27 -64.62
C LEU P 667 -6.67 -39.67 -64.97
N ASN P 668 -5.47 -39.74 -65.53
CA ASN P 668 -4.85 -41.00 -65.92
C ASN P 668 -3.39 -41.04 -65.46
N LYS P 685 -6.88 -31.97 -58.65
CA LYS P 685 -7.31 -32.80 -57.53
C LYS P 685 -6.70 -32.32 -56.22
N GLU P 686 -7.17 -32.86 -55.10
CA GLU P 686 -6.64 -32.49 -53.79
C GLU P 686 -5.50 -33.38 -53.37
N ASP P 687 -4.80 -33.97 -54.33
CA ASP P 687 -3.68 -34.84 -54.05
C ASP P 687 -2.41 -34.32 -54.69
N SER P 688 -2.47 -33.95 -55.97
CA SER P 688 -1.29 -33.43 -56.66
C SER P 688 -1.37 -31.92 -56.71
N VAL P 689 -1.91 -31.35 -55.64
CA VAL P 689 -2.03 -29.91 -55.58
C VAL P 689 -0.65 -29.30 -55.42
N GLU P 690 0.14 -29.85 -54.50
CA GLU P 690 1.48 -29.33 -54.30
C GLU P 690 2.40 -29.68 -55.45
N ASN P 691 2.00 -30.63 -56.31
CA ASN P 691 2.85 -30.97 -57.44
C ASN P 691 2.92 -29.82 -58.44
N SER P 692 1.92 -28.92 -58.39
CA SER P 692 1.87 -27.75 -59.25
C SER P 692 3.04 -26.83 -58.99
N LEU P 693 3.52 -26.80 -57.76
CA LEU P 693 4.67 -26.00 -57.41
C LEU P 693 5.91 -26.85 -57.26
N ASN P 694 5.76 -28.14 -56.99
CA ASN P 694 6.94 -28.97 -56.87
C ASN P 694 7.61 -29.11 -58.23
N GLY P 695 6.82 -29.38 -59.26
CA GLY P 695 7.43 -29.47 -60.57
C GLY P 695 7.72 -28.13 -61.18
N PHE P 696 7.15 -27.05 -60.62
CA PHE P 696 7.41 -25.72 -61.14
C PHE P 696 8.18 -24.88 -60.13
N SER P 697 8.95 -25.54 -59.27
CA SER P 697 9.75 -24.85 -58.28
C SER P 697 11.11 -24.57 -58.87
N HIS P 698 11.83 -25.62 -59.27
CA HIS P 698 13.14 -25.43 -59.87
C HIS P 698 13.01 -24.70 -61.19
N LEU P 699 11.91 -24.96 -61.90
CA LEU P 699 11.66 -24.29 -63.17
C LEU P 699 11.41 -22.81 -62.95
N PHE P 700 10.67 -22.44 -61.90
CA PHE P 700 10.51 -21.03 -61.67
C PHE P 700 11.77 -20.43 -61.06
N SER P 701 12.59 -21.25 -60.39
CA SER P 701 13.85 -20.77 -59.82
C SER P 701 14.83 -20.48 -60.92
N LYS P 702 14.66 -21.15 -62.04
CA LYS P 702 15.47 -20.98 -63.23
C LYS P 702 15.10 -19.61 -63.81
N PRO P 703 13.83 -19.20 -63.71
CA PRO P 703 13.47 -17.88 -64.22
C PRO P 703 13.76 -16.87 -63.14
N LEU P 704 13.74 -17.34 -61.89
CA LEU P 704 13.99 -16.45 -60.76
C LEU P 704 15.45 -16.05 -60.72
N MET P 705 16.37 -17.02 -60.74
CA MET P 705 17.79 -16.70 -60.73
C MET P 705 18.21 -15.92 -61.97
N LYS P 706 17.55 -16.17 -63.11
CA LYS P 706 17.87 -15.42 -64.32
C LYS P 706 17.45 -13.97 -64.19
N ARG P 707 16.24 -13.71 -63.66
CA ARG P 707 15.85 -12.34 -63.45
C ARG P 707 16.61 -11.70 -62.30
N VAL P 708 17.08 -12.50 -61.33
CA VAL P 708 17.88 -12.04 -60.20
C VAL P 708 19.31 -11.73 -60.57
N LYS P 709 19.70 -12.06 -61.75
CA LYS P 709 21.03 -11.74 -62.19
C LYS P 709 20.95 -10.71 -63.28
N LYS P 710 19.91 -10.75 -64.11
CA LYS P 710 19.77 -9.78 -65.18
C LYS P 710 19.38 -8.40 -64.62
N LEU P 711 18.50 -8.35 -63.61
CA LEU P 711 18.07 -7.08 -63.03
C LEU P 711 19.01 -6.57 -61.94
N PHE P 712 20.16 -7.21 -61.73
CA PHE P 712 21.08 -6.75 -60.69
C PHE P 712 21.64 -5.37 -61.00
N LYS P 713 21.92 -5.07 -62.26
CA LYS P 713 22.41 -3.74 -62.61
C LYS P 713 21.27 -2.80 -62.92
N ASN P 714 20.03 -3.29 -62.95
CA ASN P 714 18.84 -2.50 -63.23
C ASN P 714 18.52 -1.70 -61.97
N GLN P 715 19.20 -0.58 -61.84
CA GLN P 715 19.00 0.27 -60.67
C GLN P 715 19.10 1.75 -61.02
N GLN P 716 18.80 2.11 -62.28
CA GLN P 716 18.84 3.47 -62.83
C GLN P 716 20.23 4.06 -62.65
N GLU P 717 21.29 3.29 -62.90
CA GLU P 717 22.66 3.80 -62.74
C GLU P 717 23.14 4.60 -63.93
N PHE P 718 22.72 4.23 -65.14
CA PHE P 718 23.10 4.90 -66.37
C PHE P 718 21.83 5.42 -67.01
N ILE P 719 21.85 6.68 -67.45
CA ILE P 719 20.71 7.35 -68.05
C ILE P 719 20.01 6.59 -69.18
N LEU P 720 20.77 5.70 -69.83
CA LEU P 720 20.32 4.84 -70.93
C LEU P 720 19.18 3.92 -70.51
N ASP P 721 19.15 3.54 -69.25
CA ASP P 721 18.10 2.72 -68.70
C ASP P 721 17.36 3.45 -67.62
N PRO P 722 18.00 4.44 -66.99
CA PRO P 722 17.35 5.22 -65.96
C PRO P 722 16.17 5.99 -66.52
N GLN P 723 16.33 6.65 -67.68
CA GLN P 723 15.17 7.32 -68.23
C GLN P 723 14.17 6.34 -68.82
N TYR P 724 14.62 5.19 -69.30
CA TYR P 724 13.63 4.26 -69.81
C TYR P 724 12.98 3.42 -68.72
N GLU P 725 13.34 3.64 -67.46
CA GLU P 725 12.74 2.85 -66.39
C GLU P 725 11.30 3.29 -66.15
N ALA P 726 11.09 4.57 -65.83
CA ALA P 726 9.79 5.20 -65.53
C ALA P 726 9.06 4.50 -64.38
N SER P 736 13.21 -4.39 -60.44
CA SER P 736 11.91 -5.03 -60.54
C SER P 736 11.70 -5.86 -59.30
N HIS P 737 12.34 -5.39 -58.24
CA HIS P 737 12.28 -6.04 -56.95
C HIS P 737 10.85 -6.22 -56.46
N LEU P 738 10.07 -5.14 -56.45
CA LEU P 738 8.68 -5.21 -56.04
C LEU P 738 7.82 -5.95 -57.05
N ASN P 739 8.23 -5.89 -58.32
CA ASN P 739 7.45 -6.54 -59.37
C ASN P 739 7.67 -8.03 -59.38
N VAL P 740 8.61 -8.51 -58.59
CA VAL P 740 8.84 -9.93 -58.46
C VAL P 740 8.28 -10.38 -57.13
N LYS P 741 8.23 -9.48 -56.17
CA LYS P 741 7.73 -9.83 -54.87
C LYS P 741 6.22 -9.99 -54.80
N ASN P 742 5.49 -8.89 -55.01
CA ASN P 742 4.03 -8.97 -54.85
C ASN P 742 3.23 -9.83 -55.82
N PRO P 743 3.34 -9.71 -57.15
CA PRO P 743 2.48 -10.53 -58.02
C PRO P 743 2.74 -12.02 -58.01
N LEU P 744 4.00 -12.41 -58.08
CA LEU P 744 4.37 -13.82 -58.13
C LEU P 744 3.94 -14.52 -56.86
N LEU P 745 4.35 -14.00 -55.72
CA LEU P 745 3.96 -14.61 -54.46
C LEU P 745 2.46 -14.49 -54.23
N GLU P 746 1.81 -13.45 -54.79
CA GLU P 746 0.37 -13.28 -54.64
C GLU P 746 -0.35 -14.39 -55.39
N LEU P 747 0.17 -14.70 -56.57
CA LEU P 747 -0.37 -15.76 -57.39
C LEU P 747 -0.16 -17.08 -56.67
N VAL P 748 1.06 -17.30 -56.16
CA VAL P 748 1.41 -18.53 -55.46
C VAL P 748 0.53 -18.71 -54.23
N LYS P 749 0.23 -17.63 -53.52
CA LYS P 749 -0.63 -17.78 -52.35
C LYS P 749 -2.06 -18.08 -52.75
N SER P 750 -2.54 -17.55 -53.88
CA SER P 750 -3.91 -17.91 -54.21
C SER P 750 -4.00 -19.33 -54.74
N LEU P 751 -2.88 -19.86 -55.24
CA LEU P 751 -2.78 -21.22 -55.79
C LEU P 751 -3.18 -22.33 -54.81
N CYS P 752 -3.02 -22.16 -53.50
CA CYS P 752 -3.37 -23.25 -52.58
C CYS P 752 -4.35 -22.78 -51.53
N HIS P 753 -5.40 -22.14 -52.03
CA HIS P 753 -6.50 -21.58 -51.27
C HIS P 753 -7.43 -22.63 -50.66
N VAL P 754 6.81 -24.11 -47.89
CA VAL P 754 5.86 -24.35 -48.96
C VAL P 754 6.18 -23.46 -50.14
N MET P 755 6.46 -22.18 -49.90
CA MET P 755 6.70 -21.30 -51.03
C MET P 755 8.13 -20.87 -51.34
N LEU P 756 8.85 -20.14 -50.49
CA LEU P 756 10.19 -19.70 -50.85
C LEU P 756 10.91 -19.24 -49.59
N LEU P 757 12.18 -18.86 -49.76
CA LEU P 757 12.94 -18.30 -48.66
C LEU P 757 12.31 -16.94 -48.45
N SER P 758 11.34 -16.88 -47.56
CA SER P 758 10.61 -15.65 -47.32
C SER P 758 10.13 -15.66 -45.86
N LYS P 759 10.80 -14.92 -44.95
CA LYS P 759 10.29 -14.96 -43.57
C LYS P 759 10.15 -13.59 -42.90
N SER P 760 11.11 -12.70 -43.07
CA SER P 760 11.00 -11.39 -42.45
C SER P 760 10.31 -10.42 -43.37
N THR P 761 10.46 -10.64 -44.68
CA THR P 761 9.77 -9.73 -45.56
C THR P 761 8.27 -10.04 -45.64
N ILE P 762 7.85 -11.17 -45.06
CA ILE P 762 6.44 -11.57 -44.95
C ILE P 762 5.68 -10.52 -44.14
N LEU P 763 6.34 -9.90 -43.17
CA LEU P 763 5.71 -8.84 -42.42
C LEU P 763 6.11 -7.47 -42.94
N GLU P 764 7.37 -7.32 -43.41
CA GLU P 764 7.83 -6.01 -43.92
C GLU P 764 6.96 -5.55 -45.09
N ILE P 765 6.97 -6.28 -46.20
CA ILE P 765 6.17 -5.85 -47.32
C ILE P 765 4.96 -6.74 -47.49
N SER P 793 -10.24 3.30 -57.79
CA SER P 793 -11.09 2.13 -57.65
C SER P 793 -12.56 2.51 -57.74
N LEU P 794 -12.84 3.56 -58.51
CA LEU P 794 -14.20 4.03 -58.70
C LEU P 794 -15.00 3.10 -59.60
N VAL P 795 -16.31 3.08 -59.39
CA VAL P 795 -17.20 2.23 -60.19
C VAL P 795 -18.59 2.84 -60.25
N VAL P 796 -19.07 3.02 -61.47
CA VAL P 796 -20.38 3.61 -61.68
C VAL P 796 -21.48 2.61 -61.36
N PRO P 797 -22.42 2.95 -60.48
CA PRO P 797 -23.50 2.03 -60.12
C PRO P 797 -24.61 1.94 -61.19
N ASP P 798 -24.77 0.77 -61.81
CA ASP P 798 -25.81 0.43 -62.79
C ASP P 798 -25.93 1.36 -64.01
N PHE P 799 -24.92 1.31 -64.88
CA PHE P 799 -24.94 2.10 -66.11
C PHE P 799 -25.77 1.39 -67.19
N LEU P 800 -26.47 2.17 -68.02
CA LEU P 800 -27.32 1.60 -69.07
C LEU P 800 -26.64 1.47 -70.44
N CYS P 801 -27.45 1.21 -71.46
CA CYS P 801 -27.04 1.15 -72.87
C CYS P 801 -28.30 1.30 -73.71
N GLU P 802 -28.48 2.45 -74.37
CA GLU P 802 -29.68 2.74 -75.18
C GLU P 802 -29.84 1.92 -76.43
N TYR P 803 -28.84 1.18 -76.83
CA TYR P 803 -28.99 0.44 -78.05
C TYR P 803 -29.18 -1.03 -77.71
N CYS P 804 -28.28 -1.56 -76.91
CA CYS P 804 -28.34 -2.94 -76.51
C CYS P 804 -29.42 -3.27 -75.49
N PHE P 805 -29.98 -2.27 -74.77
CA PHE P 805 -31.01 -2.44 -73.73
C PHE P 805 -30.47 -3.38 -72.66
N PHE P 806 -29.23 -3.10 -72.26
CA PHE P 806 -28.50 -3.81 -71.23
C PHE P 806 -28.05 -2.85 -70.14
N ILE P 807 -27.94 -3.35 -68.91
CA ILE P 807 -27.53 -2.59 -67.74
C ILE P 807 -26.33 -3.30 -67.11
N SER P 808 -25.29 -2.53 -66.77
CA SER P 808 -24.11 -3.11 -66.12
C SER P 808 -23.32 -2.00 -65.42
N ASP P 809 -22.34 -2.43 -64.64
CA ASP P 809 -21.50 -1.48 -63.92
C ASP P 809 -20.27 -1.12 -64.73
N ILE P 810 -19.79 0.10 -64.52
CA ILE P 810 -18.62 0.61 -65.20
C ILE P 810 -17.51 0.91 -64.21
N ASP P 811 -16.41 0.20 -64.33
CA ASP P 811 -15.27 0.39 -63.48
C ASP P 811 -14.30 1.34 -64.12
N PHE P 812 -13.53 2.01 -63.29
CA PHE P 812 -12.53 2.95 -63.77
C PHE P 812 -11.15 2.43 -63.41
N CYS P 813 -10.97 1.16 -63.70
CA CYS P 813 -9.74 0.44 -63.48
C CYS P 813 -9.35 -0.39 -64.70
N LYS P 814 -10.15 -0.36 -65.76
CA LYS P 814 -9.88 -1.11 -66.98
C LYS P 814 -9.72 -0.23 -68.21
N PHE P 821 -15.22 4.11 -74.45
CA PHE P 821 -15.71 2.75 -74.24
C PHE P 821 -17.07 2.44 -74.86
N SER P 822 -17.66 1.32 -74.43
CA SER P 822 -18.95 0.88 -74.97
C SER P 822 -19.55 -0.22 -74.12
N CYS P 823 -20.75 -0.65 -74.53
CA CYS P 823 -21.56 -1.66 -73.90
C CYS P 823 -21.01 -3.06 -74.13
N VAL P 824 -21.54 -3.99 -73.34
CA VAL P 824 -21.13 -5.38 -73.39
C VAL P 824 -22.03 -6.18 -74.31
N ARG P 825 -23.35 -5.97 -74.24
CA ARG P 825 -24.27 -6.71 -75.11
C ARG P 825 -24.05 -6.32 -76.56
N CYS P 826 -24.18 -5.03 -76.88
CA CYS P 826 -23.89 -4.53 -78.21
C CYS P 826 -22.56 -3.83 -78.09
N HIS P 827 -22.19 -3.10 -79.14
CA HIS P 827 -20.93 -2.39 -79.07
C HIS P 827 -21.05 -0.96 -79.57
N LYS P 828 -22.19 -0.32 -79.31
CA LYS P 828 -22.34 1.07 -79.69
C LYS P 828 -21.59 1.87 -78.63
N ALA P 829 -20.96 2.95 -79.03
CA ALA P 829 -20.19 3.73 -78.08
C ALA P 829 -21.07 4.65 -77.25
N PHE P 830 -20.58 4.95 -76.07
CA PHE P 830 -21.27 5.83 -75.14
C PHE P 830 -20.83 7.28 -75.28
N ASN P 831 -21.73 8.17 -74.86
CA ASN P 831 -21.52 9.60 -74.86
C ASN P 831 -20.57 9.99 -73.74
N GLN P 832 -19.75 11.00 -74.00
CA GLN P 832 -18.82 11.48 -72.99
C GLN P 832 -19.41 12.56 -72.11
N VAL P 833 -20.73 12.59 -71.99
CA VAL P 833 -21.40 13.57 -71.16
C VAL P 833 -22.13 12.91 -70.01
N LEU P 834 -22.79 11.79 -70.28
CA LEU P 834 -23.52 11.09 -69.25
C LEU P 834 -22.57 10.51 -68.21
N LEU P 835 -21.40 10.06 -68.66
CA LEU P 835 -20.40 9.50 -67.74
C LEU P 835 -19.93 10.56 -66.77
N GLN P 836 -19.67 11.75 -67.30
CA GLN P 836 -19.25 12.87 -66.48
C GLN P 836 -20.37 13.28 -65.54
N GLU P 837 -21.60 13.24 -66.04
CA GLU P 837 -22.80 13.56 -65.26
C GLU P 837 -22.93 12.65 -64.06
N HIS P 838 -22.83 11.36 -64.29
CA HIS P 838 -22.95 10.42 -63.20
C HIS P 838 -21.77 10.52 -62.23
N LEU P 839 -20.55 10.83 -62.72
CA LEU P 839 -19.43 10.97 -61.79
C LEU P 839 -19.62 12.16 -60.86
N ILE P 840 -20.07 13.26 -61.44
CA ILE P 840 -20.31 14.47 -60.66
C ILE P 840 -21.46 14.25 -59.69
N GLN P 841 -22.50 13.53 -60.10
CA GLN P 841 -23.53 13.33 -59.11
C GLN P 841 -23.18 12.26 -58.11
N LYS P 842 -22.18 11.42 -58.37
CA LYS P 842 -21.79 10.52 -57.32
C LYS P 842 -21.03 11.28 -56.25
N LEU P 843 -20.27 12.30 -56.68
CA LEU P 843 -19.61 13.17 -55.71
C LEU P 843 -20.62 13.92 -54.85
N ARG P 844 -21.67 14.46 -55.49
CA ARG P 844 -22.72 15.17 -54.75
C ARG P 844 -23.38 14.25 -53.73
N SER P 845 -23.72 13.02 -54.17
CA SER P 845 -24.37 12.05 -53.28
C SER P 845 -23.46 11.65 -52.12
N ASP P 846 -22.16 11.44 -52.36
CA ASP P 846 -21.25 11.03 -51.29
C ASP P 846 -21.08 12.11 -50.23
N ILE P 847 -20.99 13.37 -50.66
CA ILE P 847 -20.85 14.44 -49.67
C ILE P 847 -22.13 14.55 -48.86
N GLU P 848 -23.30 14.42 -49.51
CA GLU P 848 -24.54 14.48 -48.76
C GLU P 848 -24.71 13.27 -47.86
N SER P 849 -24.11 12.14 -48.22
CA SER P 849 -24.16 10.94 -47.40
C SER P 849 -23.28 11.08 -46.18
N TYR P 850 -22.18 11.80 -46.34
CA TYR P 850 -21.29 12.00 -45.22
C TYR P 850 -21.88 13.01 -44.25
N LEU P 851 -22.55 14.02 -44.75
CA LEU P 851 -23.10 14.99 -43.81
C LEU P 851 -24.42 14.61 -43.20
N ILE P 852 -24.89 13.37 -43.25
CA ILE P 852 -26.17 13.07 -42.60
C ILE P 852 -25.94 11.78 -41.83
N GLN P 853 -24.68 11.38 -41.71
CA GLN P 853 -24.32 10.15 -41.01
C GLN P 853 -24.56 10.29 -39.52
N ASP P 854 -24.74 9.16 -38.86
CA ASP P 854 -25.02 9.20 -37.44
C ASP P 854 -23.70 9.17 -36.68
N LEU P 855 -23.76 9.16 -35.35
CA LEU P 855 -22.56 9.15 -34.53
C LEU P 855 -22.63 8.10 -33.45
N ARG P 856 -21.46 7.60 -33.07
CA ARG P 856 -21.36 6.58 -32.04
C ARG P 856 -20.15 6.90 -31.18
N CYS P 857 -19.68 5.87 -30.48
CA CYS P 857 -18.55 5.92 -29.57
C CYS P 857 -17.71 4.68 -29.75
N SER P 858 -16.57 4.65 -29.09
CA SER P 858 -15.76 3.46 -29.16
C SER P 858 -16.23 2.49 -28.10
N ARG P 859 -16.43 2.99 -26.89
CA ARG P 859 -16.90 2.14 -25.81
C ARG P 859 -18.34 1.75 -26.02
N CYS P 860 -19.23 2.72 -25.93
CA CYS P 860 -20.62 2.47 -26.17
C CYS P 860 -20.91 2.52 -27.66
N HIS P 861 -22.09 2.04 -28.04
CA HIS P 861 -22.48 2.07 -29.44
C HIS P 861 -23.93 2.48 -29.53
N LYS P 862 -24.35 3.39 -28.67
CA LYS P 862 -25.73 3.87 -28.66
C LYS P 862 -25.98 5.05 -29.60
N VAL P 863 -27.15 5.03 -30.23
CA VAL P 863 -27.57 6.11 -31.11
C VAL P 863 -27.92 7.31 -30.23
N LYS P 864 -27.48 8.49 -30.64
CA LYS P 864 -27.75 9.74 -29.95
C LYS P 864 -29.21 10.10 -30.13
N ARG P 865 -30.07 9.70 -29.20
CA ARG P 865 -31.49 9.98 -29.36
C ARG P 865 -31.92 11.24 -28.64
N ASP P 866 -31.01 12.21 -28.58
CA ASP P 866 -31.15 13.55 -28.01
C ASP P 866 -30.28 14.43 -28.90
N TYR P 867 -29.97 15.67 -28.51
CA TYR P 867 -29.19 16.46 -29.45
C TYR P 867 -28.12 17.33 -28.79
N MET P 868 -27.96 17.28 -27.46
CA MET P 868 -26.99 18.12 -26.74
C MET P 868 -26.14 17.36 -25.74
N SER P 869 -26.03 16.06 -25.83
CA SER P 869 -25.22 15.37 -24.85
C SER P 869 -23.77 15.52 -25.27
N ALA P 870 -22.95 15.98 -24.33
CA ALA P 870 -21.56 16.19 -24.63
C ALA P 870 -20.83 14.89 -24.87
N HIS P 871 -21.28 13.78 -24.28
CA HIS P 871 -20.58 12.53 -24.55
C HIS P 871 -21.45 11.32 -24.26
N CYS P 872 -20.79 10.16 -24.21
CA CYS P 872 -21.38 8.85 -23.95
C CYS P 872 -21.90 8.73 -22.52
N PRO P 873 -22.93 7.90 -22.30
CA PRO P 873 -23.39 7.69 -20.93
C PRO P 873 -22.34 6.92 -20.16
N CYS P 874 -21.48 6.23 -20.89
CA CYS P 874 -20.30 5.49 -20.46
C CYS P 874 -19.15 6.48 -20.44
N ALA P 875 -17.93 5.98 -20.41
CA ALA P 875 -16.75 6.83 -20.37
C ALA P 875 -16.20 7.19 -21.75
N GLY P 876 -17.04 7.27 -22.78
CA GLY P 876 -16.56 7.61 -24.09
C GLY P 876 -16.90 9.03 -24.51
N ALA P 877 -16.58 9.32 -25.76
CA ALA P 877 -16.81 10.59 -26.42
C ALA P 877 -17.46 10.26 -27.75
N TRP P 878 -17.93 11.26 -28.48
CA TRP P 878 -18.55 10.95 -29.76
C TRP P 878 -17.52 10.63 -30.82
N GLU P 879 -17.87 9.69 -31.68
CA GLU P 879 -17.03 9.23 -32.77
C GLU P 879 -17.89 9.03 -34.00
N GLY P 880 -17.30 9.28 -35.15
CA GLY P 880 -17.98 9.16 -36.42
C GLY P 880 -18.07 7.77 -37.03
N THR P 881 -18.89 7.70 -38.06
CA THR P 881 -19.08 6.47 -38.80
C THR P 881 -18.13 6.41 -39.95
N LEU P 882 -17.64 7.53 -40.36
CA LEU P 882 -16.72 7.50 -41.46
C LEU P 882 -15.91 8.76 -41.26
N PRO P 883 -14.62 8.61 -41.02
CA PRO P 883 -13.76 9.76 -40.77
C PRO P 883 -13.41 10.50 -42.04
N ARG P 884 -12.71 11.60 -41.83
CA ARG P 884 -12.27 12.46 -42.92
C ARG P 884 -11.29 11.78 -43.84
N GLU P 885 -10.58 10.77 -43.34
CA GLU P 885 -9.56 10.09 -44.12
C GLU P 885 -10.15 9.48 -45.39
N SER P 886 -11.33 8.87 -45.27
CA SER P 886 -12.00 8.25 -46.42
C SER P 886 -12.42 9.26 -47.47
N ILE P 887 -12.95 10.41 -47.03
CA ILE P 887 -13.36 11.42 -47.97
C ILE P 887 -12.14 11.99 -48.68
N VAL P 888 -11.03 12.14 -47.96
CA VAL P 888 -9.80 12.66 -48.58
C VAL P 888 -9.32 11.69 -49.66
N GLN P 889 -9.41 10.40 -49.37
CA GLN P 889 -9.05 9.38 -50.34
C GLN P 889 -9.94 9.44 -51.58
N LYS P 890 -11.25 9.57 -51.36
CA LYS P 890 -12.20 9.62 -52.47
C LYS P 890 -11.99 10.87 -53.32
N LEU P 891 -11.76 12.01 -52.67
CA LEU P 891 -11.53 13.22 -53.44
C LEU P 891 -10.23 13.15 -54.22
N ASN P 892 -9.20 12.49 -53.67
CA ASN P 892 -7.98 12.36 -54.47
C ASN P 892 -8.17 11.43 -55.64
N VAL P 893 -9.03 10.42 -55.49
CA VAL P 893 -9.28 9.54 -56.62
C VAL P 893 -10.07 10.29 -57.70
N PHE P 894 -11.00 11.15 -57.31
CA PHE P 894 -11.71 11.93 -58.32
C PHE P 894 -10.77 12.89 -59.04
N LYS P 895 -9.83 13.50 -58.31
CA LYS P 895 -8.85 14.39 -58.93
C LYS P 895 -7.96 13.65 -59.91
N GLN P 896 -7.50 12.47 -59.51
CA GLN P 896 -6.63 11.68 -60.36
C GLN P 896 -7.37 11.18 -61.60
N VAL P 897 -8.66 10.82 -61.47
CA VAL P 897 -9.40 10.37 -62.65
C VAL P 897 -9.55 11.52 -63.61
N ALA P 898 -9.77 12.73 -63.06
CA ALA P 898 -9.82 13.87 -63.95
C ALA P 898 -8.47 14.15 -64.56
N LYS P 899 -7.38 13.88 -63.84
CA LYS P 899 -6.03 14.09 -64.40
C LYS P 899 -5.76 13.12 -65.54
N TYR P 900 -6.17 11.86 -65.38
CA TYR P 900 -5.97 10.84 -66.43
C TYR P 900 -6.80 11.17 -67.66
N TYR P 901 -7.98 11.77 -67.50
CA TYR P 901 -8.82 12.00 -68.68
C TYR P 901 -9.10 13.46 -69.01
N GLY P 902 -9.58 14.25 -68.06
CA GLY P 902 -9.88 15.63 -68.30
C GLY P 902 -11.31 16.06 -68.51
N PHE P 903 -12.14 15.61 -67.58
CA PHE P 903 -13.53 16.00 -67.63
C PHE P 903 -13.63 17.45 -67.13
N ASP P 904 -14.19 18.30 -67.97
CA ASP P 904 -14.36 19.73 -67.78
C ASP P 904 -15.06 20.13 -66.49
N ILE P 905 -16.36 19.81 -66.43
CA ILE P 905 -17.19 20.15 -65.28
C ILE P 905 -16.73 19.42 -64.03
N LEU P 906 -16.07 18.26 -64.19
CA LEU P 906 -15.52 17.56 -63.04
C LEU P 906 -14.40 18.38 -62.42
N LEU P 907 -13.53 18.94 -63.27
CA LEU P 907 -12.46 19.82 -62.79
C LEU P 907 -13.05 21.09 -62.20
N SER P 908 -14.16 21.54 -62.79
CA SER P 908 -14.84 22.73 -62.32
C SER P 908 -15.33 22.56 -60.90
N CYS P 909 -16.05 21.48 -60.64
CA CYS P 909 -16.55 21.26 -59.28
C CYS P 909 -15.41 20.97 -58.30
N ILE P 910 -14.31 20.34 -58.77
CA ILE P 910 -13.18 20.09 -57.87
C ILE P 910 -12.52 21.41 -57.49
N ALA P 911 -12.38 22.33 -58.45
CA ALA P 911 -11.80 23.64 -58.14
C ALA P 911 -12.76 24.46 -57.30
N ASP P 912 -14.06 24.22 -57.44
CA ASP P 912 -15.03 24.95 -56.65
C ASP P 912 -15.01 24.49 -55.21
N LEU P 913 -14.56 23.26 -54.97
CA LEU P 913 -14.53 22.77 -53.60
C LEU P 913 -13.42 23.45 -52.83
N THR P 914 -12.18 23.25 -53.22
CA THR P 914 -11.08 23.89 -52.52
C THR P 914 -10.57 25.10 -53.28
#